data_9ON9
#
_entry.id   9ON9
#
loop_
_entity.id
_entity.type
_entity.pdbx_description
1 polymer 'Capsid protein p24'
2 non-polymer 1-{(2R)-2-(4-tert-butylphenyl)-2-[(2,3-dihydro-1H-inden-2-yl)amino]ethyl}-3-(trifluoromethyl)pyridin-2(1H)-one
3 non-polymer 'INOSITOL HEXAKISPHOSPHATE'
#
_entity_poly.entity_id   1
_entity_poly.type   'polypeptide(L)'
_entity_poly.pdbx_seq_one_letter_code
;GGSPTSILDIRQGPKEPFRDYVDRFYKTLRAEQASQEVKNWMTETLLVQNANPDCKTILKALGPGATLEEMMTACQGVGG
PGHKARVLAEAMSQVTNTATIM
;
_entity_poly.pdbx_strand_id   G,H,I,J,K,L
#
loop_
_chem_comp.id
_chem_comp.type
_chem_comp.name
_chem_comp.formula
A1CCY non-polymer 1-{(2R)-2-(4-tert-butylphenyl)-2-[(2,3-dihydro-1H-inden-2-yl)amino]ethyl}-3-(trifluoromethyl)pyridin-2(1H)-one 'C27 H29 F3 N2 O'
IHP non-polymer 'INOSITOL HEXAKISPHOSPHATE' 'C6 H18 O24 P6'
#
# COMPACT_ATOMS: atom_id res chain seq x y z
N GLY A 1 -33.43 8.56 -3.78
CA GLY A 1 -34.19 7.37 -3.33
C GLY A 1 -34.74 7.63 -2.00
N GLY A 2 -33.85 7.91 -1.10
CA GLY A 2 -34.23 8.23 0.21
C GLY A 2 -34.53 7.03 1.12
N SER A 3 -34.43 5.79 0.62
CA SER A 3 -34.76 4.66 1.50
C SER A 3 -33.61 4.48 2.51
N PRO A 4 -33.84 4.33 3.80
CA PRO A 4 -32.76 4.29 4.82
C PRO A 4 -31.51 3.51 4.45
N THR A 5 -30.37 4.23 4.59
CA THR A 5 -29.00 3.71 4.39
C THR A 5 -28.62 3.28 2.99
N SER A 6 -29.48 2.57 2.36
CA SER A 6 -29.12 1.94 1.16
C SER A 6 -28.74 2.78 -0.01
N ILE A 7 -29.50 3.79 -0.31
CA ILE A 7 -29.27 4.60 -1.51
C ILE A 7 -29.14 6.06 -1.31
N LEU A 8 -29.22 6.48 -0.13
CA LEU A 8 -28.97 7.83 0.07
C LEU A 8 -27.50 8.01 0.08
N ASP A 9 -26.76 7.11 0.81
CA ASP A 9 -25.37 7.29 0.76
C ASP A 9 -24.54 6.13 0.33
N ILE A 10 -25.04 5.07 -0.36
CA ILE A 10 -24.03 4.05 -0.49
C ILE A 10 -22.95 4.53 -1.47
N ARG A 11 -21.70 4.58 -0.98
CA ARG A 11 -20.61 5.11 -1.81
C ARG A 11 -19.40 4.17 -1.94
N GLN A 12 -18.76 4.29 -3.11
CA GLN A 12 -17.56 3.51 -3.47
C GLN A 12 -16.30 4.30 -3.12
N GLY A 13 -15.43 3.66 -2.37
CA GLY A 13 -14.22 4.28 -1.99
C GLY A 13 -13.43 4.63 -3.22
N PRO A 14 -12.27 5.21 -3.03
CA PRO A 14 -11.34 5.52 -4.13
C PRO A 14 -10.53 4.27 -4.51
N LYS A 15 -10.01 3.61 -3.46
CA LYS A 15 -9.28 2.34 -3.64
C LYS A 15 -10.27 1.14 -3.73
N GLU A 16 -11.53 1.39 -3.25
CA GLU A 16 -12.56 0.37 -3.27
C GLU A 16 -12.98 0.14 -4.74
N PRO A 17 -12.98 -1.08 -5.26
CA PRO A 17 -13.37 -1.35 -6.68
C PRO A 17 -14.86 -1.26 -6.93
N PHE A 18 -15.18 -1.27 -8.21
CA PHE A 18 -16.56 -1.21 -8.64
C PHE A 18 -17.38 -2.40 -8.06
N ARG A 19 -16.77 -3.62 -7.99
CA ARG A 19 -17.47 -4.79 -7.43
C ARG A 19 -17.66 -4.75 -5.89
N ASP A 20 -16.65 -4.33 -5.16
CA ASP A 20 -16.84 -4.30 -3.71
C ASP A 20 -17.99 -3.39 -3.35
N TYR A 21 -18.02 -2.20 -3.96
CA TYR A 21 -19.09 -1.22 -3.71
C TYR A 21 -20.41 -1.66 -4.29
N VAL A 22 -20.41 -2.14 -5.54
CA VAL A 22 -21.67 -2.55 -6.14
C VAL A 22 -22.33 -3.56 -5.23
N ASP A 23 -21.50 -4.38 -4.59
CA ASP A 23 -21.98 -5.40 -3.68
C ASP A 23 -22.64 -4.71 -2.50
N ARG A 24 -22.02 -3.58 -2.04
CA ARG A 24 -22.57 -2.78 -0.89
C ARG A 24 -23.89 -2.16 -1.25
N PHE A 25 -23.96 -1.70 -2.48
CA PHE A 25 -25.16 -1.08 -2.99
C PHE A 25 -26.22 -2.11 -3.16
N TYR A 26 -25.85 -3.29 -3.59
CA TYR A 26 -26.85 -4.31 -3.81
C TYR A 26 -27.38 -4.83 -2.49
N LYS A 27 -26.47 -5.37 -1.71
CA LYS A 27 -26.79 -5.92 -0.42
C LYS A 27 -27.50 -4.89 0.43
N THR A 28 -27.04 -3.66 0.44
CA THR A 28 -27.73 -2.70 1.25
C THR A 28 -29.15 -2.50 0.71
N LEU A 29 -29.38 -2.62 -0.61
CA LEU A 29 -30.77 -2.52 -1.07
C LEU A 29 -31.64 -3.59 -0.43
N ARG A 30 -31.13 -4.83 -0.30
CA ARG A 30 -31.94 -5.90 0.28
C ARG A 30 -32.48 -5.52 1.64
N ALA A 31 -31.76 -4.64 2.32
CA ALA A 31 -32.15 -4.21 3.69
C ALA A 31 -33.14 -3.07 3.73
N GLU A 32 -33.28 -2.33 2.68
CA GLU A 32 -34.22 -1.23 2.76
C GLU A 32 -35.62 -1.79 2.55
N GLN A 33 -36.66 -1.06 2.99
CA GLN A 33 -38.03 -1.51 2.80
C GLN A 33 -38.62 -0.78 1.60
N ALA A 34 -38.12 -1.19 0.44
CA ALA A 34 -38.51 -0.59 -0.84
C ALA A 34 -39.35 -1.54 -1.67
N SER A 35 -40.23 -0.96 -2.48
CA SER A 35 -41.07 -1.73 -3.39
C SER A 35 -40.17 -2.29 -4.48
N GLN A 36 -40.65 -3.26 -5.24
CA GLN A 36 -39.75 -3.82 -6.26
C GLN A 36 -39.29 -2.74 -7.23
N GLU A 37 -40.19 -1.88 -7.61
CA GLU A 37 -39.86 -0.77 -8.53
C GLU A 37 -39.01 0.28 -7.88
N VAL A 38 -39.21 0.52 -6.59
CA VAL A 38 -38.40 1.51 -5.90
C VAL A 38 -36.95 1.13 -6.07
N LYS A 39 -36.65 -0.11 -5.75
CA LYS A 39 -35.29 -0.58 -5.84
C LYS A 39 -34.77 -0.52 -7.26
N ASN A 40 -35.60 -0.84 -8.24
CA ASN A 40 -35.11 -0.87 -9.60
C ASN A 40 -34.62 0.51 -10.01
N TRP A 41 -35.39 1.51 -9.63
CA TRP A 41 -35.03 2.88 -9.89
C TRP A 41 -33.67 3.21 -9.22
N MET A 42 -33.55 2.78 -7.96
CA MET A 42 -32.33 2.99 -7.19
C MET A 42 -31.08 2.42 -7.89
N THR A 43 -31.18 1.24 -8.44
CA THR A 43 -29.99 0.66 -9.08
C THR A 43 -29.46 1.54 -10.19
N GLU A 44 -30.33 2.26 -10.86
CA GLU A 44 -29.89 3.09 -11.96
C GLU A 44 -29.33 4.44 -11.50
N THR A 45 -30.20 5.23 -10.87
CA THR A 45 -29.84 6.60 -10.49
C THR A 45 -28.66 6.73 -9.53
N LEU A 46 -28.71 5.96 -8.40
CA LEU A 46 -27.65 6.05 -7.37
C LEU A 46 -26.43 5.20 -7.63
N LEU A 47 -26.51 4.14 -8.45
CA LEU A 47 -25.30 3.32 -8.68
C LEU A 47 -24.22 4.10 -9.45
N VAL A 48 -24.64 4.93 -10.40
CA VAL A 48 -23.69 5.65 -11.25
C VAL A 48 -23.21 6.96 -10.61
N GLN A 49 -24.13 7.62 -9.92
CA GLN A 49 -23.86 8.93 -9.31
C GLN A 49 -22.94 8.93 -8.08
N ASN A 50 -23.20 8.05 -7.13
CA ASN A 50 -22.45 8.03 -5.87
C ASN A 50 -21.34 6.99 -5.83
N ALA A 51 -20.71 6.68 -6.97
CA ALA A 51 -19.72 5.62 -6.99
C ALA A 51 -18.37 5.94 -7.59
N ASN A 52 -17.36 6.22 -6.70
CA ASN A 52 -15.95 6.26 -7.15
C ASN A 52 -15.67 6.92 -8.48
N PRO A 53 -15.32 8.18 -8.56
CA PRO A 53 -15.09 8.85 -9.88
C PRO A 53 -14.29 8.01 -10.92
N ASP A 54 -13.49 7.00 -10.52
CA ASP A 54 -12.79 6.21 -11.53
C ASP A 54 -13.78 5.45 -12.35
N CYS A 55 -14.70 4.75 -11.61
CA CYS A 55 -15.73 3.97 -12.30
C CYS A 55 -16.83 4.89 -12.81
N LYS A 56 -17.23 5.90 -12.04
CA LYS A 56 -18.28 6.83 -12.52
C LYS A 56 -17.89 7.46 -13.86
N THR A 57 -16.64 7.85 -14.01
CA THR A 57 -16.23 8.42 -15.28
C THR A 57 -16.40 7.36 -16.36
N ILE A 58 -16.24 6.07 -15.97
CA ILE A 58 -16.41 4.94 -16.92
C ILE A 58 -17.85 4.70 -17.27
N LEU A 59 -18.72 4.74 -16.28
CA LEU A 59 -20.15 4.51 -16.48
C LEU A 59 -20.67 5.56 -17.42
N LYS A 60 -20.18 6.81 -17.29
CA LYS A 60 -20.59 7.90 -18.21
C LYS A 60 -19.95 7.68 -19.63
N ALA A 61 -18.76 7.08 -19.63
CA ALA A 61 -18.05 6.79 -20.89
C ALA A 61 -18.73 5.68 -21.67
N LEU A 62 -19.16 4.65 -20.97
CA LEU A 62 -19.83 3.56 -21.61
C LEU A 62 -21.12 4.14 -22.18
N GLY A 63 -21.71 4.99 -21.39
CA GLY A 63 -22.91 5.62 -21.77
C GLY A 63 -24.09 4.96 -21.05
N PRO A 64 -25.09 5.70 -20.62
CA PRO A 64 -26.29 5.09 -19.99
C PRO A 64 -26.95 4.17 -20.97
N GLY A 65 -27.53 3.13 -20.45
CA GLY A 65 -28.17 2.07 -21.26
C GLY A 65 -27.27 0.81 -21.24
N ALA A 66 -26.01 0.96 -20.85
CA ALA A 66 -25.16 -0.20 -20.78
C ALA A 66 -25.61 -1.03 -19.60
N THR A 67 -25.67 -2.32 -19.80
CA THR A 67 -26.07 -3.20 -18.75
C THR A 67 -24.99 -3.16 -17.65
N LEU A 68 -25.27 -3.71 -16.50
CA LEU A 68 -24.25 -3.71 -15.47
C LEU A 68 -23.15 -4.63 -15.84
N GLU A 69 -23.41 -5.58 -16.71
CA GLU A 69 -22.37 -6.49 -17.06
C GLU A 69 -21.30 -5.62 -17.69
N GLU A 70 -21.76 -4.65 -18.50
CA GLU A 70 -20.84 -3.74 -19.18
C GLU A 70 -20.16 -2.77 -18.23
N MET A 71 -20.93 -2.21 -17.30
CA MET A 71 -20.35 -1.29 -16.34
C MET A 71 -19.27 -2.02 -15.55
N MET A 72 -19.58 -3.26 -15.21
CA MET A 72 -18.71 -4.12 -14.41
C MET A 72 -17.39 -4.41 -15.11
N THR A 73 -17.46 -5.13 -16.22
CA THR A 73 -16.25 -5.50 -16.95
C THR A 73 -15.32 -4.31 -17.14
N ALA A 74 -15.89 -3.21 -17.62
CA ALA A 74 -15.12 -2.02 -17.85
C ALA A 74 -14.54 -1.46 -16.56
N CYS A 75 -15.37 -1.39 -15.54
CA CYS A 75 -14.91 -0.77 -14.31
C CYS A 75 -13.92 -1.66 -13.54
N GLN A 76 -13.80 -2.94 -13.89
CA GLN A 76 -12.86 -3.78 -13.16
C GLN A 76 -11.46 -3.25 -13.25
N GLY A 77 -11.13 -2.61 -14.35
CA GLY A 77 -9.79 -2.09 -14.50
C GLY A 77 -9.47 -1.02 -13.43
N VAL A 78 -10.54 -0.45 -12.79
CA VAL A 78 -10.40 0.60 -11.72
C VAL A 78 -9.42 0.01 -10.81
N GLY A 79 -8.36 0.77 -10.34
CA GLY A 79 -7.31 -0.03 -9.72
C GLY A 79 -5.96 0.44 -10.14
N GLY A 80 -4.85 -0.12 -9.65
CA GLY A 80 -3.65 0.50 -10.09
C GLY A 80 -3.13 0.23 -11.53
N PRO A 81 -3.03 -0.97 -11.96
CA PRO A 81 -2.48 -1.29 -13.32
C PRO A 81 -3.37 -0.97 -14.54
N GLY A 82 -4.68 -1.26 -14.44
CA GLY A 82 -5.61 -1.07 -15.56
C GLY A 82 -6.14 0.35 -15.74
N HIS A 83 -6.63 0.99 -14.69
CA HIS A 83 -7.18 2.34 -14.82
C HIS A 83 -6.18 3.42 -14.58
N LYS A 84 -5.35 3.23 -13.52
CA LYS A 84 -4.31 4.18 -13.12
C LYS A 84 -3.15 4.25 -14.07
N ALA A 85 -2.81 3.13 -14.71
CA ALA A 85 -1.70 3.18 -15.66
C ALA A 85 -2.03 4.20 -16.76
N ARG A 86 -3.29 4.21 -17.14
CA ARG A 86 -3.77 5.09 -18.20
C ARG A 86 -3.89 6.56 -17.79
N VAL A 87 -4.50 6.87 -16.64
CA VAL A 87 -4.70 8.28 -16.25
C VAL A 87 -3.42 8.98 -15.81
N LEU A 88 -2.55 8.32 -15.08
CA LEU A 88 -1.35 9.00 -14.64
C LEU A 88 -0.54 9.41 -15.85
N ALA A 89 -0.35 8.45 -16.75
CA ALA A 89 0.43 8.69 -17.95
C ALA A 89 -0.17 9.80 -18.84
N GLU A 90 -1.50 9.79 -18.99
CA GLU A 90 -2.19 10.78 -19.82
C GLU A 90 -2.18 12.18 -19.22
N ALA A 91 -2.47 12.26 -17.95
CA ALA A 91 -2.48 13.55 -17.27
C ALA A 91 -1.07 14.13 -17.27
N MET A 92 -0.10 13.25 -17.23
CA MET A 92 1.27 13.66 -17.20
C MET A 92 1.72 14.26 -18.53
N SER A 93 1.46 13.54 -19.64
CA SER A 93 1.90 14.01 -20.96
C SER A 93 0.92 14.97 -21.64
N GLN A 94 -0.28 15.05 -21.14
CA GLN A 94 -1.28 16.00 -21.70
C GLN A 94 -0.92 17.45 -21.30
N VAL A 95 -0.54 17.61 -20.02
CA VAL A 95 -0.17 18.92 -19.47
C VAL A 95 1.29 19.25 -19.74
N THR A 96 2.14 18.26 -19.93
CA THR A 96 3.53 18.57 -20.22
C THR A 96 3.59 19.38 -21.52
N ASN A 97 2.72 18.98 -22.44
CA ASN A 97 2.50 19.62 -23.73
C ASN A 97 1.73 20.97 -23.59
N THR A 98 1.45 21.40 -22.34
CA THR A 98 0.55 22.53 -21.96
C THR A 98 0.37 23.66 -22.88
N ALA A 99 1.28 23.97 -23.71
CA ALA A 99 1.02 25.10 -24.53
C ALA A 99 -0.17 24.77 -25.40
N THR A 100 -0.23 23.51 -25.82
CA THR A 100 -1.33 23.03 -26.60
C THR A 100 -2.07 21.88 -25.89
N ILE A 101 -3.38 22.07 -25.72
CA ILE A 101 -4.22 21.03 -25.12
C ILE A 101 -5.33 20.67 -26.10
N MET A 102 -5.47 19.38 -26.38
CA MET A 102 -6.50 18.93 -27.31
C MET A 102 -7.63 18.24 -26.56
N GLY B 1 -19.69 21.99 19.18
CA GLY B 1 -20.29 21.51 20.45
C GLY B 1 -19.21 21.25 21.49
N GLY B 2 -17.97 21.07 21.05
CA GLY B 2 -16.91 20.84 22.01
C GLY B 2 -17.28 19.63 22.84
N SER B 3 -17.85 18.64 22.15
CA SER B 3 -18.29 17.41 22.80
C SER B 3 -17.19 16.33 22.87
N PRO B 4 -16.99 15.61 23.99
CA PRO B 4 -15.94 14.55 24.10
C PRO B 4 -16.08 13.44 23.05
N THR B 5 -14.94 13.09 22.42
CA THR B 5 -14.83 12.03 21.37
C THR B 5 -15.41 12.41 20.00
N SER B 6 -16.37 13.30 19.96
CA SER B 6 -17.03 13.61 18.71
C SER B 6 -16.51 14.79 17.84
N ILE B 7 -16.06 15.86 18.44
CA ILE B 7 -15.65 17.07 17.69
C ILE B 7 -14.32 17.64 18.09
N LEU B 8 -14.09 17.66 19.34
CA LEU B 8 -12.89 18.16 19.87
C LEU B 8 -11.78 17.34 19.24
N ASP B 9 -11.95 15.96 19.08
CA ASP B 9 -10.94 15.29 18.34
C ASP B 9 -11.43 14.49 17.15
N ILE B 10 -12.69 14.59 16.61
CA ILE B 10 -12.84 13.63 15.54
C ILE B 10 -12.00 14.14 14.36
N ARG B 11 -11.15 13.28 13.73
CA ARG B 11 -10.28 13.74 12.62
C ARG B 11 -10.14 12.72 11.43
N GLN B 12 -10.37 13.16 10.15
CA GLN B 12 -10.23 12.24 8.96
C GLN B 12 -8.76 12.03 8.63
N GLY B 13 -8.46 10.77 8.42
CA GLY B 13 -7.12 10.35 8.15
C GLY B 13 -6.63 10.68 6.73
N PRO B 14 -5.36 10.42 6.47
CA PRO B 14 -4.70 10.71 5.14
C PRO B 14 -4.95 9.62 4.11
N LYS B 15 -4.62 8.41 4.51
CA LYS B 15 -5.00 7.26 3.73
C LYS B 15 -6.53 7.07 3.79
N GLU B 16 -7.20 7.89 4.65
CA GLU B 16 -8.57 7.73 4.93
C GLU B 16 -9.56 8.44 3.99
N PRO B 17 -10.72 7.82 3.68
CA PRO B 17 -11.74 8.46 2.81
C PRO B 17 -12.67 9.35 3.55
N PHE B 18 -13.15 10.32 2.83
CA PHE B 18 -14.08 11.24 3.36
C PHE B 18 -15.26 10.47 3.95
N ARG B 19 -15.57 9.31 3.43
CA ARG B 19 -16.72 8.56 3.95
C ARG B 19 -16.60 8.14 5.41
N ASP B 20 -15.61 7.29 5.70
CA ASP B 20 -15.41 6.74 7.04
C ASP B 20 -15.28 7.84 8.06
N TYR B 21 -14.59 8.93 7.74
CA TYR B 21 -14.55 9.99 8.71
C TYR B 21 -15.91 10.57 8.87
N VAL B 22 -16.58 10.90 7.76
CA VAL B 22 -17.93 11.47 7.84
C VAL B 22 -18.83 10.58 8.70
N ASP B 23 -18.56 9.28 8.62
CA ASP B 23 -19.28 8.29 9.40
C ASP B 23 -18.86 8.40 10.84
N ARG B 24 -17.57 8.63 11.09
CA ARG B 24 -17.09 8.75 12.44
C ARG B 24 -17.75 9.96 13.10
N PHE B 25 -17.61 11.10 12.45
CA PHE B 25 -18.20 12.32 12.92
C PHE B 25 -19.69 12.15 13.13
N TYR B 26 -20.38 11.64 12.14
CA TYR B 26 -21.82 11.49 12.25
C TYR B 26 -22.20 10.48 13.32
N LYS B 27 -21.77 9.25 13.11
CA LYS B 27 -22.09 8.15 13.99
C LYS B 27 -21.90 8.52 15.45
N THR B 28 -20.80 9.18 15.79
CA THR B 28 -20.54 9.52 17.20
C THR B 28 -21.39 10.70 17.74
N LEU B 29 -21.94 11.59 16.89
CA LEU B 29 -22.68 12.74 17.45
C LEU B 29 -23.83 12.25 18.33
N ARG B 30 -24.51 11.19 17.94
CA ARG B 30 -25.58 10.64 18.80
C ARG B 30 -24.96 10.27 20.13
N ALA B 31 -23.70 9.81 20.07
CA ALA B 31 -22.96 9.43 21.26
C ALA B 31 -22.68 10.62 22.18
N GLU B 32 -22.71 11.88 21.67
CA GLU B 32 -22.46 13.00 22.61
C GLU B 32 -23.74 13.46 23.29
N GLN B 33 -23.60 14.16 24.42
CA GLN B 33 -24.76 14.67 25.16
C GLN B 33 -25.00 16.15 24.86
N ALA B 34 -25.35 16.44 23.62
CA ALA B 34 -25.57 17.82 23.18
C ALA B 34 -27.03 18.13 22.85
N SER B 35 -27.25 19.42 22.55
CA SER B 35 -28.57 19.88 22.10
C SER B 35 -28.61 19.82 20.56
N GLN B 36 -29.79 19.83 19.97
CA GLN B 36 -29.88 19.68 18.51
C GLN B 36 -29.12 20.75 17.72
N GLU B 37 -29.23 22.02 18.09
CA GLU B 37 -28.53 23.08 17.36
C GLU B 37 -27.02 22.89 17.47
N VAL B 38 -26.61 22.38 18.62
CA VAL B 38 -25.21 22.16 18.81
C VAL B 38 -24.67 21.23 17.76
N LYS B 39 -25.32 20.09 17.60
CA LYS B 39 -24.83 19.12 16.65
C LYS B 39 -24.76 19.70 15.27
N ASN B 40 -25.82 20.35 14.86
CA ASN B 40 -25.80 20.99 13.54
C ASN B 40 -24.56 21.95 13.38
N TRP B 41 -24.24 22.72 14.45
CA TRP B 41 -23.09 23.64 14.46
C TRP B 41 -21.79 22.83 14.17
N MET B 42 -21.76 21.56 14.59
CA MET B 42 -20.57 20.69 14.40
C MET B 42 -20.43 20.17 12.95
N THR B 43 -21.55 19.76 12.35
CA THR B 43 -21.54 19.24 10.95
C THR B 43 -21.03 20.32 10.01
N GLU B 44 -21.38 21.58 10.31
CA GLU B 44 -20.92 22.71 9.48
C GLU B 44 -19.58 23.30 9.95
N THR B 45 -19.33 23.32 11.27
CA THR B 45 -18.08 23.92 11.78
C THR B 45 -16.88 22.99 11.80
N LEU B 46 -17.02 21.80 12.37
CA LEU B 46 -15.88 20.89 12.45
C LEU B 46 -15.64 20.08 11.13
N LEU B 47 -16.69 19.31 10.67
CA LEU B 47 -16.58 18.36 9.52
C LEU B 47 -15.60 18.80 8.44
N VAL B 48 -15.50 20.10 8.15
CA VAL B 48 -14.57 20.55 7.13
C VAL B 48 -13.15 20.78 7.69
N GLN B 49 -13.09 21.55 8.78
CA GLN B 49 -11.82 21.92 9.42
C GLN B 49 -10.94 20.77 9.95
N ASN B 50 -11.56 19.79 10.56
CA ASN B 50 -10.81 18.70 11.15
C ASN B 50 -10.77 17.46 10.23
N ALA B 51 -10.69 17.61 8.88
CA ALA B 51 -10.69 16.39 8.03
C ALA B 51 -9.79 16.33 6.73
N ASN B 52 -8.79 15.38 6.75
CA ASN B 52 -8.01 14.91 5.54
C ASN B 52 -7.59 15.92 4.51
N PRO B 53 -6.46 16.58 4.59
CA PRO B 53 -6.07 17.63 3.61
C PRO B 53 -6.41 17.37 2.15
N ASP B 54 -6.27 16.12 1.63
CA ASP B 54 -6.68 15.88 0.24
C ASP B 54 -8.07 16.36 0.07
N CYS B 55 -8.89 16.05 1.03
CA CYS B 55 -10.25 16.47 0.94
C CYS B 55 -10.49 17.88 1.55
N LYS B 56 -9.80 18.29 2.59
CA LYS B 56 -10.12 19.60 3.13
C LYS B 56 -9.84 20.68 2.09
N THR B 57 -8.72 20.55 1.40
CA THR B 57 -8.39 21.51 0.37
C THR B 57 -9.56 21.53 -0.64
N ILE B 58 -10.22 20.37 -0.81
CA ILE B 58 -11.37 20.32 -1.71
C ILE B 58 -12.54 21.06 -1.11
N LEU B 59 -12.88 20.76 0.14
CA LEU B 59 -14.04 21.39 0.74
C LEU B 59 -13.90 22.89 0.65
N LYS B 60 -12.70 23.41 0.94
CA LYS B 60 -12.47 24.85 0.83
C LYS B 60 -12.58 25.31 -0.63
N ALA B 61 -12.45 24.38 -1.59
CA ALA B 61 -12.53 24.69 -3.02
C ALA B 61 -13.99 24.68 -3.53
N LEU B 62 -14.71 23.58 -3.30
CA LEU B 62 -16.11 23.52 -3.69
C LEU B 62 -16.80 24.65 -2.94
N GLY B 63 -16.46 24.71 -1.65
CA GLY B 63 -16.93 25.78 -0.77
C GLY B 63 -17.99 25.35 0.29
N PRO B 64 -18.10 26.09 1.43
CA PRO B 64 -19.14 25.85 2.50
C PRO B 64 -20.57 26.11 1.99
N GLY B 65 -21.50 25.24 2.37
CA GLY B 65 -22.89 25.39 1.93
C GLY B 65 -23.18 24.53 0.69
N ALA B 66 -22.12 24.04 0.04
CA ALA B 66 -22.28 23.18 -1.13
C ALA B 66 -22.92 21.89 -0.68
N THR B 67 -23.79 21.36 -1.50
CA THR B 67 -24.46 20.15 -1.12
C THR B 67 -23.43 19.08 -0.88
N LEU B 68 -23.72 18.21 0.08
CA LEU B 68 -22.83 17.12 0.39
C LEU B 68 -22.66 16.25 -0.83
N GLU B 69 -23.59 16.29 -1.74
CA GLU B 69 -23.43 15.49 -2.91
C GLU B 69 -22.15 16.02 -3.58
N GLU B 70 -22.01 17.35 -3.59
CA GLU B 70 -20.81 17.96 -4.16
C GLU B 70 -19.55 17.70 -3.34
N MET B 71 -19.61 17.80 -2.00
CA MET B 71 -18.41 17.54 -1.20
C MET B 71 -17.93 16.08 -1.45
N MET B 72 -18.91 15.20 -1.32
CA MET B 72 -18.68 13.78 -1.42
C MET B 72 -17.84 13.45 -2.63
N THR B 73 -18.46 13.57 -3.79
CA THR B 73 -17.83 13.20 -5.05
C THR B 73 -16.42 13.74 -5.23
N ALA B 74 -16.22 15.01 -5.03
CA ALA B 74 -14.88 15.53 -5.23
C ALA B 74 -13.86 14.85 -4.29
N CYS B 75 -14.29 14.60 -3.04
CA CYS B 75 -13.44 14.00 -2.01
C CYS B 75 -13.42 12.50 -2.11
N GLN B 76 -14.33 11.91 -2.88
CA GLN B 76 -14.24 10.49 -3.08
C GLN B 76 -13.09 10.21 -4.04
N GLY B 77 -12.59 11.25 -4.76
CA GLY B 77 -11.47 11.03 -5.65
C GLY B 77 -10.20 10.86 -4.80
N VAL B 78 -10.20 11.47 -3.56
CA VAL B 78 -9.01 11.31 -2.53
C VAL B 78 -8.69 9.87 -2.51
N GLY B 79 -7.38 9.37 -2.35
CA GLY B 79 -7.30 7.93 -2.56
C GLY B 79 -6.69 7.79 -3.95
N GLY B 80 -5.91 6.75 -4.17
CA GLY B 80 -5.08 6.75 -5.35
C GLY B 80 -5.51 7.15 -6.72
N PRO B 81 -6.42 6.58 -7.33
CA PRO B 81 -6.73 6.98 -8.73
C PRO B 81 -7.40 8.36 -8.91
N GLY B 82 -8.18 8.82 -7.91
CA GLY B 82 -8.97 10.07 -8.08
C GLY B 82 -8.22 11.37 -7.84
N HIS B 83 -7.64 11.57 -6.65
CA HIS B 83 -6.93 12.80 -6.32
C HIS B 83 -5.49 12.59 -6.63
N LYS B 84 -5.03 11.40 -6.32
CA LYS B 84 -3.64 11.15 -6.46
C LYS B 84 -3.13 11.18 -7.88
N ALA B 85 -3.77 10.53 -8.84
CA ALA B 85 -3.31 10.56 -10.25
C ALA B 85 -2.91 11.99 -10.72
N ARG B 86 -3.49 12.98 -10.08
CA ARG B 86 -3.26 14.38 -10.46
C ARG B 86 -2.15 15.18 -9.73
N VAL B 87 -2.36 15.41 -8.40
CA VAL B 87 -1.52 16.40 -7.65
C VAL B 87 0.02 16.32 -7.56
N LEU B 88 0.62 15.29 -6.98
CA LEU B 88 2.10 15.34 -6.85
C LEU B 88 2.72 15.22 -8.18
N ALA B 89 2.10 14.38 -8.98
CA ALA B 89 2.58 14.12 -10.27
C ALA B 89 2.77 15.50 -10.99
N GLU B 90 1.88 16.47 -10.63
CA GLU B 90 1.92 17.87 -11.12
C GLU B 90 2.89 18.70 -10.30
N ALA B 91 3.04 18.30 -9.04
CA ALA B 91 3.98 18.95 -8.17
C ALA B 91 5.40 18.68 -8.69
N MET B 92 5.57 17.65 -9.52
CA MET B 92 6.88 17.36 -10.04
C MET B 92 7.34 18.52 -10.92
N SER B 93 6.42 18.97 -11.77
CA SER B 93 6.68 20.04 -12.74
C SER B 93 6.45 21.43 -12.19
N GLN B 94 5.90 21.56 -11.01
CA GLN B 94 5.72 22.87 -10.45
C GLN B 94 7.07 23.35 -9.89
N VAL B 95 7.81 22.42 -9.27
CA VAL B 95 9.11 22.76 -8.69
C VAL B 95 10.27 22.53 -9.68
N THR B 96 10.06 21.69 -10.69
CA THR B 96 11.08 21.54 -11.72
C THR B 96 11.16 22.91 -12.43
N ASN B 97 9.96 23.46 -12.65
CA ASN B 97 9.72 24.76 -13.25
C ASN B 97 10.03 25.91 -12.25
N THR B 98 10.37 25.58 -10.99
CA THR B 98 10.53 26.58 -9.91
C THR B 98 11.30 27.84 -10.28
N ALA B 99 12.02 27.88 -11.40
CA ALA B 99 12.69 29.13 -11.74
C ALA B 99 11.57 30.16 -11.90
N THR B 100 10.50 29.70 -12.54
CA THR B 100 9.30 30.48 -12.73
C THR B 100 8.11 29.73 -12.09
N ILE B 101 7.44 30.35 -11.13
CA ILE B 101 6.30 29.72 -10.47
C ILE B 101 5.06 30.58 -10.66
N MET B 102 3.97 29.98 -11.13
CA MET B 102 2.73 30.73 -11.34
C MET B 102 1.72 30.42 -10.24
N GLY C 1 12.65 10.01 30.45
CA GLY C 1 11.79 9.74 31.65
C GLY C 1 12.08 8.34 32.12
N GLY C 2 12.29 7.45 31.14
CA GLY C 2 12.65 6.08 31.37
C GLY C 2 11.56 5.22 32.02
N SER C 3 10.27 5.50 31.78
CA SER C 3 9.21 4.66 32.38
C SER C 3 8.81 3.51 31.44
N PRO C 4 8.45 2.32 31.98
CA PRO C 4 8.18 1.08 31.16
C PRO C 4 7.29 1.25 29.96
N THR C 5 7.81 0.77 28.82
CA THR C 5 7.10 0.75 27.53
C THR C 5 6.65 2.10 26.94
N SER C 6 6.39 3.13 27.73
CA SER C 6 5.87 4.34 27.12
C SER C 6 6.91 5.34 26.67
N ILE C 7 7.81 5.68 27.49
CA ILE C 7 8.84 6.67 27.15
C ILE C 7 10.18 6.05 26.77
N LEU C 8 10.32 4.77 27.08
CA LEU C 8 11.42 3.98 26.71
C LEU C 8 11.23 3.55 25.28
N ASP C 9 9.96 3.24 24.84
CA ASP C 9 9.84 3.08 23.42
C ASP C 9 8.52 3.51 22.81
N ILE C 10 7.65 4.45 23.37
CA ILE C 10 6.47 4.57 22.55
C ILE C 10 6.89 5.25 21.25
N ARG C 11 6.45 4.71 20.13
CA ARG C 11 6.93 5.20 18.82
C ARG C 11 5.84 5.49 17.77
N GLN C 12 6.17 6.37 16.80
CA GLN C 12 5.23 6.69 15.71
C GLN C 12 5.62 5.97 14.39
N GLY C 13 4.68 5.19 13.82
CA GLY C 13 4.91 4.44 12.57
C GLY C 13 4.99 5.38 11.33
N PRO C 14 5.69 4.96 10.28
CA PRO C 14 5.86 5.80 9.05
C PRO C 14 4.52 5.92 8.33
N LYS C 15 3.64 4.94 8.52
CA LYS C 15 2.30 5.02 7.98
C LYS C 15 1.32 5.50 9.08
N GLU C 16 1.70 5.28 10.35
CA GLU C 16 0.87 5.64 11.51
C GLU C 16 0.86 7.19 11.69
N PRO C 17 -0.27 7.87 11.66
CA PRO C 17 -0.30 9.38 11.75
C PRO C 17 0.03 9.88 13.14
N PHE C 18 0.33 11.16 13.20
CA PHE C 18 0.60 11.82 14.47
C PHE C 18 -0.52 11.54 15.48
N ARG C 19 -1.73 11.12 15.04
CA ARG C 19 -2.81 10.88 16.02
C ARG C 19 -2.80 9.49 16.64
N ASP C 20 -2.63 8.44 15.83
CA ASP C 20 -2.64 7.09 16.38
C ASP C 20 -1.53 6.93 17.41
N TYR C 21 -0.36 7.40 17.04
CA TYR C 21 0.77 7.36 17.93
C TYR C 21 0.48 8.17 19.19
N VAL C 22 -0.04 9.40 19.04
CA VAL C 22 -0.32 10.20 20.23
C VAL C 22 -1.22 9.42 21.20
N ASP C 23 -2.18 8.68 20.65
CA ASP C 23 -3.07 7.84 21.46
C ASP C 23 -2.24 6.79 22.19
N ARG C 24 -1.23 6.24 21.51
CA ARG C 24 -0.39 5.22 22.13
C ARG C 24 0.41 5.81 23.27
N PHE C 25 1.15 6.85 22.97
CA PHE C 25 1.93 7.56 23.98
C PHE C 25 1.04 7.90 25.16
N TYR C 26 -0.18 8.34 24.89
CA TYR C 26 -1.06 8.65 25.99
C TYR C 26 -1.55 7.40 26.65
N LYS C 27 -1.67 6.34 25.88
CA LYS C 27 -2.19 5.11 26.44
C LYS C 27 -1.19 4.40 27.31
N THR C 28 -0.06 3.98 26.77
CA THR C 28 0.86 3.25 27.62
C THR C 28 1.27 4.09 28.84
N LEU C 29 1.13 5.43 28.78
CA LEU C 29 1.41 6.28 29.97
C LEU C 29 0.49 5.90 31.15
N ARG C 30 -0.75 5.51 30.84
CA ARG C 30 -1.68 5.07 31.89
C ARG C 30 -1.22 3.73 32.48
N ALA C 31 -0.25 3.04 31.79
CA ALA C 31 0.29 1.76 32.25
C ALA C 31 1.54 1.94 33.15
N GLU C 32 2.18 3.13 33.13
CA GLU C 32 3.34 3.37 33.99
C GLU C 32 2.95 4.21 35.22
N GLN C 33 3.34 3.74 36.43
CA GLN C 33 3.02 4.45 37.68
C GLN C 33 3.57 5.86 37.63
N ALA C 34 2.70 6.77 37.21
CA ALA C 34 3.11 8.14 37.01
C ALA C 34 2.12 9.19 37.54
N SER C 35 2.74 10.23 38.13
CA SER C 35 2.05 11.40 38.64
C SER C 35 1.71 12.31 37.46
N GLN C 36 1.02 13.40 37.72
CA GLN C 36 0.67 14.32 36.64
C GLN C 36 1.95 14.89 35.98
N GLU C 37 2.93 15.28 36.82
CA GLU C 37 4.21 15.78 36.33
C GLU C 37 5.02 14.66 35.72
N VAL C 38 4.85 13.44 36.22
CA VAL C 38 5.59 12.35 35.63
C VAL C 38 5.21 12.25 34.17
N LYS C 39 3.94 12.47 33.87
CA LYS C 39 3.52 12.32 32.49
C LYS C 39 3.73 13.57 31.65
N ASN C 40 3.54 14.75 32.24
CA ASN C 40 3.71 15.97 31.44
C ASN C 40 5.15 16.09 30.87
N TRP C 41 6.15 15.73 31.68
CA TRP C 41 7.53 15.75 31.20
C TRP C 41 7.67 14.68 30.12
N MET C 42 7.07 13.52 30.37
CA MET C 42 7.13 12.42 29.42
C MET C 42 6.63 12.81 28.02
N THR C 43 5.67 13.72 27.95
CA THR C 43 5.10 14.09 26.66
C THR C 43 6.06 14.93 25.81
N GLU C 44 6.48 16.05 26.31
CA GLU C 44 7.35 16.95 25.56
C GLU C 44 8.69 16.33 25.14
N THR C 45 9.42 15.68 26.06
CA THR C 45 10.73 15.14 25.71
C THR C 45 10.72 13.91 24.77
N LEU C 46 9.83 12.96 24.97
CA LEU C 46 9.84 11.75 24.12
C LEU C 46 9.01 11.90 22.83
N LEU C 47 7.83 12.51 22.91
CA LEU C 47 6.93 12.60 21.75
C LEU C 47 7.68 13.13 20.53
N VAL C 48 8.38 14.25 20.70
CA VAL C 48 9.14 14.84 19.61
C VAL C 48 10.27 13.94 19.13
N GLN C 49 10.97 13.24 20.03
CA GLN C 49 12.11 12.43 19.60
C GLN C 49 11.77 11.03 19.07
N ASN C 50 11.05 10.26 19.87
CA ASN C 50 10.69 8.90 19.49
C ASN C 50 9.46 8.86 18.62
N ALA C 51 9.35 9.75 17.60
CA ALA C 51 8.08 9.73 16.81
C ALA C 51 8.15 10.14 15.34
N ASN C 52 8.33 9.15 14.45
CA ASN C 52 8.13 9.41 13.01
C ASN C 52 8.80 10.65 12.43
N PRO C 53 10.00 10.58 11.83
CA PRO C 53 10.69 11.78 11.27
C PRO C 53 9.72 12.75 10.57
N ASP C 54 8.56 12.27 10.04
CA ASP C 54 7.57 13.18 9.43
C ASP C 54 7.04 14.13 10.49
N CYS C 55 6.34 13.60 11.49
CA CYS C 55 5.82 14.53 12.51
C CYS C 55 7.02 15.16 13.22
N LYS C 56 8.02 14.37 13.57
CA LYS C 56 9.17 14.91 14.25
C LYS C 56 9.81 16.08 13.51
N THR C 57 9.80 16.04 12.18
CA THR C 57 10.36 17.16 11.40
C THR C 57 9.42 18.38 11.47
N ILE C 58 8.12 18.11 11.70
CA ILE C 58 7.09 19.15 11.88
C ILE C 58 7.12 19.74 13.29
N LEU C 59 7.33 18.91 14.32
CA LEU C 59 7.32 19.40 15.68
C LEU C 59 8.45 20.37 15.85
N LYS C 60 9.64 20.04 15.35
CA LYS C 60 10.74 20.99 15.43
C LYS C 60 10.36 22.22 14.60
N ALA C 61 9.71 21.97 13.47
CA ALA C 61 9.28 23.05 12.61
C ALA C 61 8.29 23.97 13.32
N LEU C 62 7.42 23.40 14.14
CA LEU C 62 6.46 24.19 14.87
C LEU C 62 7.20 25.11 15.81
N GLY C 63 8.37 24.65 16.28
CA GLY C 63 9.17 25.41 17.20
C GLY C 63 8.71 25.01 18.60
N PRO C 64 9.55 24.49 19.48
CA PRO C 64 9.09 24.06 20.84
C PRO C 64 8.29 25.16 21.52
N GLY C 65 7.31 24.75 22.31
CA GLY C 65 6.43 25.71 22.95
C GLY C 65 5.07 25.77 22.24
N ALA C 66 4.89 24.98 21.15
CA ALA C 66 3.64 24.96 20.44
C ALA C 66 2.78 23.90 21.03
N THR C 67 1.59 24.29 21.42
CA THR C 67 0.68 23.36 22.04
C THR C 67 0.51 22.17 21.13
N LEU C 68 0.15 21.06 21.75
CA LEU C 68 -0.10 19.86 20.98
C LEU C 68 -1.22 20.11 20.02
N GLU C 69 -2.03 21.16 20.25
CA GLU C 69 -3.10 21.39 19.34
C GLU C 69 -2.46 21.60 17.98
N GLU C 70 -1.33 22.33 17.98
CA GLU C 70 -0.57 22.57 16.75
C GLU C 70 0.16 21.30 16.25
N MET C 71 0.77 20.51 17.16
CA MET C 71 1.49 19.30 16.74
C MET C 71 0.47 18.35 16.09
N MET C 72 -0.75 18.41 16.59
CA MET C 72 -1.81 17.69 15.98
C MET C 72 -2.12 18.26 14.59
N THR C 73 -2.50 19.56 14.55
CA THR C 73 -2.94 20.22 13.30
C THR C 73 -1.90 20.16 12.17
N ALA C 74 -0.69 20.60 12.43
CA ALA C 74 0.36 20.61 11.41
C ALA C 74 0.68 19.20 10.97
N CYS C 75 0.74 18.31 11.94
CA CYS C 75 1.00 16.93 11.61
C CYS C 75 -0.32 16.23 11.25
N GLN C 76 -1.34 16.92 10.63
CA GLN C 76 -2.60 16.17 10.26
C GLN C 76 -2.43 15.57 8.90
N GLY C 77 -1.86 16.32 7.96
CA GLY C 77 -1.62 15.75 6.64
C GLY C 77 -0.63 14.62 6.87
N VAL C 78 0.21 14.67 8.02
CA VAL C 78 1.18 13.53 8.41
C VAL C 78 0.40 12.38 8.24
N GLY C 79 0.97 11.51 7.48
CA GLY C 79 0.00 10.73 6.95
C GLY C 79 0.35 9.71 6.07
N GLY C 80 -0.50 8.81 5.47
CA GLY C 80 0.25 7.85 4.85
C GLY C 80 0.88 8.46 3.71
N PRO C 81 0.22 8.84 2.67
CA PRO C 81 0.84 9.62 1.63
C PRO C 81 0.68 11.13 1.94
N GLY C 82 -0.29 11.49 2.81
CA GLY C 82 -0.62 12.90 3.12
C GLY C 82 0.45 13.93 3.30
N HIS C 83 1.25 13.88 4.33
CA HIS C 83 2.22 14.97 4.48
C HIS C 83 3.10 15.05 3.31
N LYS C 84 3.43 13.91 2.86
CA LYS C 84 4.31 13.76 1.80
C LYS C 84 4.01 14.48 0.50
N ALA C 85 2.82 15.04 0.33
CA ALA C 85 2.56 15.84 -0.88
C ALA C 85 3.71 16.92 -1.00
N ARG C 86 4.23 17.32 0.16
CA ARG C 86 5.38 18.19 0.26
C ARG C 86 6.72 17.36 0.33
N VAL C 87 6.72 16.14 0.87
CA VAL C 87 8.00 15.39 0.98
C VAL C 87 8.56 14.83 -0.34
N LEU C 88 7.75 14.14 -1.15
CA LEU C 88 8.30 13.55 -2.39
C LEU C 88 8.61 14.61 -3.48
N ALA C 89 7.70 15.56 -3.68
CA ALA C 89 7.87 16.60 -4.71
C ALA C 89 9.12 17.48 -4.50
N GLU C 90 9.64 17.53 -3.29
CA GLU C 90 10.82 18.36 -3.01
C GLU C 90 12.11 17.60 -3.29
N ALA C 91 12.16 16.40 -2.73
CA ALA C 91 13.30 15.53 -2.93
C ALA C 91 13.40 15.18 -4.41
N MET C 92 12.26 15.20 -5.10
CA MET C 92 12.22 14.88 -6.51
C MET C 92 12.43 16.09 -7.43
N SER C 93 12.54 17.32 -6.85
CA SER C 93 12.72 18.52 -7.71
C SER C 93 13.90 19.42 -7.30
N GLN C 94 14.47 19.18 -6.13
CA GLN C 94 15.63 19.96 -5.65
C GLN C 94 16.95 19.34 -6.18
N VAL C 95 16.98 18.00 -6.18
CA VAL C 95 18.14 17.23 -6.63
C VAL C 95 18.14 17.02 -8.16
N THR C 96 16.97 17.17 -8.76
CA THR C 96 16.79 16.92 -10.19
C THR C 96 17.57 17.80 -11.17
N ASN C 97 17.76 19.11 -10.97
CA ASN C 97 18.39 19.79 -12.11
C ASN C 97 19.79 19.28 -12.38
N THR C 98 20.82 19.65 -11.59
CA THR C 98 22.13 19.00 -11.76
C THR C 98 22.70 18.60 -10.43
N ALA C 99 23.02 19.65 -9.69
CA ALA C 99 23.61 19.56 -8.37
C ALA C 99 23.14 20.68 -7.43
N THR C 100 22.40 21.66 -7.94
CA THR C 100 22.04 22.82 -7.12
C THR C 100 21.06 22.48 -6.01
N ILE C 101 21.46 22.89 -4.81
CA ILE C 101 20.66 22.67 -3.62
C ILE C 101 20.48 24.00 -2.89
N MET C 102 19.23 24.36 -2.62
CA MET C 102 18.94 25.62 -1.95
C MET C 102 18.20 25.37 -0.64
N GLY D 1 24.07 -16.92 16.27
CA GLY D 1 23.48 -17.31 17.59
C GLY D 1 23.06 -18.75 17.46
N GLY D 2 22.21 -18.99 16.49
CA GLY D 2 21.76 -20.32 16.17
C GLY D 2 20.65 -20.86 17.10
N SER D 3 20.25 -20.14 18.15
CA SER D 3 19.24 -20.69 19.04
C SER D 3 17.86 -20.81 18.33
N PRO D 4 17.17 -21.98 18.31
CA PRO D 4 15.90 -22.20 17.52
C PRO D 4 14.87 -21.10 17.62
N THR D 5 14.40 -20.68 16.43
CA THR D 5 13.37 -19.62 16.25
C THR D 5 13.84 -18.23 16.62
N SER D 6 14.52 -18.10 17.74
CA SER D 6 14.82 -16.77 18.17
C SER D 6 15.77 -15.94 17.34
N ILE D 7 16.86 -16.44 16.79
CA ILE D 7 17.83 -15.58 16.04
C ILE D 7 18.43 -16.10 14.71
N LEU D 8 18.45 -17.40 14.51
CA LEU D 8 18.90 -17.94 13.27
C LEU D 8 18.03 -17.31 12.20
N ASP D 9 16.67 -17.14 12.44
CA ASP D 9 15.96 -16.45 11.42
C ASP D 9 15.28 -15.20 11.86
N ILE D 10 15.54 -14.54 13.05
CA ILE D 10 14.59 -13.47 13.26
C ILE D 10 14.90 -12.29 12.35
N ARG D 11 13.99 -12.07 11.39
CA ARG D 11 14.23 -11.06 10.37
C ARG D 11 13.13 -10.03 10.24
N GLN D 12 13.56 -8.88 9.71
CA GLN D 12 12.71 -7.69 9.51
C GLN D 12 12.30 -7.52 8.07
N GLY D 13 11.01 -7.50 7.83
CA GLY D 13 10.54 -7.30 6.47
C GLY D 13 10.91 -5.91 5.99
N PRO D 14 10.39 -5.50 4.86
CA PRO D 14 10.62 -4.12 4.31
C PRO D 14 9.63 -3.11 4.92
N LYS D 15 8.34 -3.49 4.98
CA LYS D 15 7.29 -2.66 5.64
C LYS D 15 7.37 -2.82 7.17
N GLU D 16 7.98 -3.92 7.63
CA GLU D 16 8.13 -4.18 9.06
C GLU D 16 9.21 -3.21 9.55
N PRO D 17 8.94 -2.28 10.45
CA PRO D 17 9.98 -1.30 10.85
C PRO D 17 11.06 -1.88 11.72
N PHE D 18 12.15 -1.15 11.76
CA PHE D 18 13.28 -1.52 12.56
C PHE D 18 12.83 -1.62 14.02
N ARG D 19 11.93 -0.71 14.40
CA ARG D 19 11.38 -0.64 15.77
C ARG D 19 10.49 -1.80 16.18
N ASP D 20 9.62 -2.24 15.29
CA ASP D 20 8.71 -3.32 15.61
C ASP D 20 9.49 -4.64 15.68
N TYR D 21 10.39 -4.81 14.70
CA TYR D 21 11.22 -6.02 14.57
C TYR D 21 12.14 -6.23 15.75
N VAL D 22 12.72 -5.16 16.35
CA VAL D 22 13.66 -5.42 17.43
C VAL D 22 12.92 -6.23 18.49
N ASP D 23 11.66 -5.91 18.71
CA ASP D 23 10.84 -6.70 19.62
C ASP D 23 10.77 -8.12 19.09
N ARG D 24 10.58 -8.28 17.78
CA ARG D 24 10.55 -9.63 17.23
C ARG D 24 11.85 -10.30 17.55
N PHE D 25 12.95 -9.55 17.62
CA PHE D 25 14.23 -10.14 17.97
C PHE D 25 14.37 -10.31 19.49
N TYR D 26 13.66 -9.50 20.28
CA TYR D 26 13.76 -9.62 21.75
C TYR D 26 12.76 -10.63 22.31
N LYS D 27 11.47 -10.32 22.11
CA LYS D 27 10.41 -11.17 22.58
C LYS D 27 10.67 -12.60 22.13
N THR D 28 11.24 -12.77 20.92
CA THR D 28 11.53 -14.10 20.49
C THR D 28 12.70 -14.66 21.33
N LEU D 29 13.80 -13.85 21.59
CA LEU D 29 14.91 -14.36 22.41
C LEU D 29 14.34 -14.90 23.71
N ARG D 30 13.38 -14.19 24.31
CA ARG D 30 12.80 -14.65 25.58
C ARG D 30 12.35 -16.09 25.43
N ALA D 31 11.90 -16.43 24.26
CA ALA D 31 11.47 -17.78 23.99
C ALA D 31 12.64 -18.77 23.93
N GLU D 32 13.83 -18.37 23.46
CA GLU D 32 14.92 -19.36 23.36
C GLU D 32 15.47 -19.66 24.75
N GLN D 33 15.92 -20.88 24.99
CA GLN D 33 16.53 -21.19 26.28
C GLN D 33 18.02 -20.91 26.22
N ALA D 34 18.38 -19.65 26.47
CA ALA D 34 19.78 -19.24 26.38
C ALA D 34 20.32 -18.60 27.66
N SER D 35 21.65 -18.54 27.72
CA SER D 35 22.31 -17.88 28.82
C SER D 35 22.28 -16.38 28.48
N GLN D 36 22.34 -15.51 29.46
CA GLN D 36 22.32 -14.09 29.14
C GLN D 36 23.48 -13.74 28.18
N GLU D 37 24.62 -14.38 28.35
CA GLU D 37 25.73 -14.13 27.43
C GLU D 37 25.34 -14.62 26.05
N VAL D 38 24.60 -15.72 26.00
CA VAL D 38 24.13 -16.24 24.72
C VAL D 38 23.19 -15.26 24.02
N LYS D 39 22.35 -14.57 24.80
CA LYS D 39 21.38 -13.62 24.23
C LYS D 39 22.01 -12.27 23.86
N ASN D 40 22.68 -11.65 24.81
CA ASN D 40 23.33 -10.39 24.55
C ASN D 40 24.22 -10.48 23.32
N TRP D 41 24.91 -11.62 23.16
CA TRP D 41 25.71 -11.77 21.95
C TRP D 41 24.74 -11.71 20.75
N MET D 42 23.64 -12.47 20.85
CA MET D 42 22.64 -12.50 19.78
C MET D 42 22.09 -11.11 19.43
N THR D 43 22.14 -10.18 20.38
CA THR D 43 21.62 -8.82 20.14
C THR D 43 22.62 -7.94 19.41
N GLU D 44 23.89 -8.29 19.51
CA GLU D 44 24.92 -7.50 18.84
C GLU D 44 25.20 -7.99 17.40
N THR D 45 25.42 -9.30 17.26
CA THR D 45 25.78 -9.86 15.96
C THR D 45 24.61 -10.09 15.02
N LEU D 46 23.66 -10.89 15.43
CA LEU D 46 22.55 -11.24 14.55
C LEU D 46 21.55 -10.12 14.38
N LEU D 47 21.45 -9.13 15.32
CA LEU D 47 20.45 -8.04 15.16
C LEU D 47 20.72 -7.21 13.89
N VAL D 48 21.93 -6.73 13.78
CA VAL D 48 22.29 -5.89 12.65
C VAL D 48 22.31 -6.69 11.37
N GLN D 49 22.86 -7.89 11.48
CA GLN D 49 23.05 -8.77 10.30
C GLN D 49 21.78 -9.34 9.67
N ASN D 50 20.81 -9.80 10.46
CA ASN D 50 19.59 -10.42 9.88
C ASN D 50 18.40 -9.46 9.90
N ALA D 51 18.64 -8.15 9.74
CA ALA D 51 17.52 -7.20 9.85
C ALA D 51 17.41 -6.13 8.75
N ASN D 52 16.36 -6.24 7.91
CA ASN D 52 16.00 -5.14 6.97
C ASN D 52 17.14 -4.39 6.23
N PRO D 53 17.61 -4.81 5.07
CA PRO D 53 18.73 -4.10 4.35
C PRO D 53 18.56 -2.55 4.28
N ASP D 54 17.34 -2.02 4.39
CA ASP D 54 17.20 -0.55 4.36
C ASP D 54 17.92 -0.05 5.57
N CYS D 55 17.71 -0.76 6.64
CA CYS D 55 18.32 -0.39 7.89
C CYS D 55 19.68 -0.98 8.05
N LYS D 56 20.00 -2.15 7.53
CA LYS D 56 21.37 -2.65 7.74
C LYS D 56 22.34 -1.65 7.12
N THR D 57 21.99 -1.15 5.94
CA THR D 57 22.80 -0.13 5.30
C THR D 57 22.96 1.07 6.28
N ILE D 58 21.94 1.24 7.18
CA ILE D 58 21.95 2.30 8.24
C ILE D 58 22.70 1.83 9.50
N LEU D 59 22.72 0.53 9.77
CA LEU D 59 23.38 0.00 10.94
C LEU D 59 24.88 0.03 10.69
N LYS D 60 25.29 -0.17 9.42
CA LYS D 60 26.72 -0.08 9.08
C LYS D 60 27.08 1.36 8.74
N ALA D 61 26.05 2.23 8.49
CA ALA D 61 26.34 3.65 8.25
C ALA D 61 26.58 4.30 9.62
N LEU D 62 25.62 4.11 10.50
CA LEU D 62 25.78 4.57 11.86
C LEU D 62 27.00 3.80 12.36
N GLY D 63 27.01 2.51 11.99
CA GLY D 63 28.09 1.62 12.33
C GLY D 63 27.91 1.05 13.72
N PRO D 64 28.69 0.07 14.07
CA PRO D 64 28.62 -0.52 15.43
C PRO D 64 28.93 0.54 16.48
N GLY D 65 28.49 0.30 17.70
CA GLY D 65 28.67 1.25 18.77
C GLY D 65 27.42 2.11 18.95
N ALA D 66 26.57 2.15 17.92
CA ALA D 66 25.34 2.86 18.03
C ALA D 66 24.50 2.08 18.98
N THR D 67 23.89 2.74 19.92
CA THR D 67 23.05 2.03 20.85
C THR D 67 21.84 1.68 20.03
N LEU D 68 20.97 0.84 20.49
CA LEU D 68 19.77 0.61 19.71
C LEU D 68 19.01 1.91 19.58
N GLU D 69 19.25 2.85 20.51
CA GLU D 69 18.57 4.11 20.46
C GLU D 69 19.10 4.86 19.21
N GLU D 70 20.35 4.58 18.83
CA GLU D 70 20.91 5.21 17.64
C GLU D 70 20.39 4.51 16.41
N MET D 71 20.43 3.18 16.38
CA MET D 71 19.87 2.48 15.22
C MET D 71 18.35 2.81 15.15
N MET D 72 17.76 3.18 16.30
CA MET D 72 16.33 3.51 16.38
C MET D 72 16.01 4.84 15.70
N THR D 73 16.65 5.92 16.12
CA THR D 73 16.30 7.21 15.54
C THR D 73 16.44 7.22 14.01
N ALA D 74 17.53 6.69 13.50
CA ALA D 74 17.77 6.67 12.06
C ALA D 74 16.90 5.67 11.29
N CYS D 75 16.80 4.45 11.80
CA CYS D 75 16.02 3.44 11.09
C CYS D 75 14.50 3.60 11.30
N GLN D 76 14.08 4.70 11.96
CA GLN D 76 12.65 5.05 12.14
C GLN D 76 12.00 5.53 10.87
N GLY D 77 12.78 6.24 10.08
CA GLY D 77 12.30 6.74 8.82
C GLY D 77 12.06 5.60 7.83
N VAL D 78 12.49 4.36 8.17
CA VAL D 78 12.29 3.18 7.26
C VAL D 78 10.85 3.23 7.03
N GLY D 79 10.40 3.30 5.75
CA GLY D 79 9.04 3.74 5.64
C GLY D 79 8.84 4.58 4.40
N GLY D 80 7.63 4.98 4.02
CA GLY D 80 7.68 5.68 2.78
C GLY D 80 8.38 7.06 2.80
N PRO D 81 8.28 7.92 3.82
CA PRO D 81 8.92 9.25 3.74
C PRO D 81 10.39 9.32 4.16
N GLY D 82 10.66 8.88 5.37
CA GLY D 82 12.00 8.97 5.92
C GLY D 82 13.06 8.35 5.03
N HIS D 83 12.95 7.08 4.79
CA HIS D 83 13.96 6.47 3.99
C HIS D 83 13.61 6.66 2.54
N LYS D 84 12.47 6.09 2.14
CA LYS D 84 12.06 6.11 0.74
C LYS D 84 12.20 7.45 0.05
N ALA D 85 12.01 8.57 0.74
CA ALA D 85 12.18 9.86 0.04
C ALA D 85 13.61 9.97 -0.44
N ARG D 86 14.54 9.52 0.42
CA ARG D 86 15.96 9.54 0.09
C ARG D 86 16.36 8.34 -0.80
N VAL D 87 15.62 7.22 -0.73
CA VAL D 87 15.98 6.02 -1.53
C VAL D 87 15.58 6.12 -3.02
N LEU D 88 14.45 6.74 -3.31
CA LEU D 88 14.02 6.84 -4.71
C LEU D 88 14.90 7.78 -5.52
N ALA D 89 15.21 8.94 -4.92
CA ALA D 89 16.03 9.98 -5.55
C ALA D 89 17.52 9.59 -5.67
N GLU D 90 18.03 8.75 -4.79
CA GLU D 90 19.46 8.38 -4.87
C GLU D 90 19.76 7.58 -6.13
N ALA D 91 18.96 6.57 -6.40
CA ALA D 91 19.18 5.79 -7.59
C ALA D 91 18.68 6.56 -8.83
N MET D 92 17.56 7.27 -8.66
CA MET D 92 16.96 8.03 -9.77
C MET D 92 17.85 9.15 -10.25
N SER D 93 18.42 9.89 -9.31
CA SER D 93 19.28 11.01 -9.66
C SER D 93 20.69 10.57 -9.96
N GLN D 94 21.03 9.31 -9.69
CA GLN D 94 22.39 8.83 -9.96
C GLN D 94 22.53 8.35 -11.38
N VAL D 95 21.72 7.36 -11.72
CA VAL D 95 21.76 6.78 -13.05
C VAL D 95 21.41 7.80 -14.11
N THR D 96 20.55 8.75 -13.81
CA THR D 96 20.23 9.77 -14.80
C THR D 96 21.55 10.47 -15.18
N ASN D 97 22.35 10.68 -14.14
CA ASN D 97 23.68 11.29 -14.22
C ASN D 97 24.76 10.29 -14.73
N THR D 98 24.38 9.02 -14.92
CA THR D 98 25.32 7.92 -15.26
C THR D 98 26.37 8.23 -16.32
N ALA D 99 26.27 9.32 -17.06
CA ALA D 99 27.35 9.60 -18.00
C ALA D 99 28.60 9.77 -17.14
N THR D 100 28.39 10.45 -16.01
CA THR D 100 29.40 10.62 -15.00
C THR D 100 28.88 10.07 -13.67
N ILE D 101 29.55 9.08 -13.10
CA ILE D 101 29.13 8.50 -11.82
C ILE D 101 30.18 8.79 -10.75
N MET D 102 29.76 9.40 -9.65
CA MET D 102 30.69 9.73 -8.57
C MET D 102 30.88 8.53 -7.64
N GLY E 1 7.43 -30.14 -9.71
CA GLY E 1 7.78 -31.34 -8.88
C GLY E 1 6.55 -32.24 -8.84
N GLY E 2 5.39 -31.64 -8.56
CA GLY E 2 4.11 -32.37 -8.56
C GLY E 2 3.71 -33.15 -7.24
N SER E 3 4.32 -32.91 -6.06
CA SER E 3 3.90 -33.66 -4.82
C SER E 3 2.66 -32.99 -4.14
N PRO E 4 1.92 -33.65 -3.23
CA PRO E 4 0.65 -33.05 -2.65
C PRO E 4 0.75 -31.60 -2.11
N THR E 5 -0.06 -30.70 -2.74
CA THR E 5 -0.22 -29.21 -2.41
C THR E 5 1.04 -28.46 -1.94
N SER E 6 2.22 -29.02 -2.15
CA SER E 6 3.43 -28.45 -1.62
C SER E 6 4.29 -27.78 -2.61
N ILE E 7 4.35 -28.43 -3.72
CA ILE E 7 5.15 -28.13 -4.86
C ILE E 7 4.39 -28.09 -6.19
N LEU E 8 3.08 -28.27 -6.10
CA LEU E 8 2.18 -28.23 -7.24
C LEU E 8 2.06 -26.84 -7.62
N ASP E 9 1.93 -26.00 -6.60
CA ASP E 9 1.98 -24.67 -6.90
C ASP E 9 2.46 -23.80 -5.77
N ILE E 10 3.32 -24.27 -4.80
CA ILE E 10 3.47 -23.29 -3.76
C ILE E 10 4.22 -22.08 -4.32
N ARG E 11 3.48 -20.94 -4.40
CA ARG E 11 4.01 -19.75 -5.05
C ARG E 11 4.03 -18.52 -4.19
N GLN E 12 5.14 -17.79 -4.31
CA GLN E 12 5.30 -16.56 -3.61
C GLN E 12 4.54 -15.47 -4.31
N GLY E 13 3.76 -14.73 -3.57
CA GLY E 13 3.03 -13.62 -4.16
C GLY E 13 4.01 -12.52 -4.59
N PRO E 14 3.65 -11.69 -5.57
CA PRO E 14 4.51 -10.58 -6.04
C PRO E 14 4.82 -9.64 -4.88
N LYS E 15 3.83 -9.47 -4.01
CA LYS E 15 4.00 -8.64 -2.81
C LYS E 15 4.32 -9.49 -1.59
N GLU E 16 4.32 -10.83 -1.74
CA GLU E 16 4.53 -11.68 -0.59
C GLU E 16 6.04 -11.82 -0.40
N PRO E 17 6.62 -11.48 0.74
CA PRO E 17 8.08 -11.60 0.89
C PRO E 17 8.57 -13.01 0.63
N PHE E 18 9.84 -13.11 0.30
CA PHE E 18 10.45 -14.38 0.08
C PHE E 18 10.30 -15.13 1.37
N ARG E 19 10.60 -14.43 2.47
CA ARG E 19 10.56 -15.06 3.79
C ARG E 19 9.19 -15.66 4.10
N ASP E 20 8.14 -14.89 3.91
CA ASP E 20 6.78 -15.36 4.20
C ASP E 20 6.37 -16.55 3.32
N TYR E 21 6.70 -16.47 2.06
CA TYR E 21 6.33 -17.55 1.15
C TYR E 21 7.11 -18.84 1.43
N VAL E 22 8.44 -18.72 1.54
CA VAL E 22 9.32 -19.86 1.72
C VAL E 22 8.77 -20.77 2.81
N ASP E 23 8.19 -20.17 3.89
CA ASP E 23 7.56 -21.00 4.96
C ASP E 23 6.45 -21.85 4.33
N ARG E 24 5.57 -21.20 3.57
CA ARG E 24 4.52 -21.90 2.85
C ARG E 24 5.15 -23.01 1.97
N PHE E 25 6.41 -22.82 1.58
CA PHE E 25 7.10 -23.86 0.80
C PHE E 25 7.69 -24.94 1.73
N TYR E 26 8.08 -24.52 2.94
CA TYR E 26 8.71 -25.42 3.92
C TYR E 26 7.71 -26.25 4.68
N LYS E 27 6.88 -25.57 5.43
CA LYS E 27 5.84 -26.20 6.20
C LYS E 27 4.98 -27.07 5.30
N THR E 28 4.82 -26.71 4.02
CA THR E 28 3.98 -27.52 3.17
C THR E 28 4.75 -28.82 2.88
N LEU E 29 6.07 -28.70 2.67
CA LEU E 29 6.85 -29.91 2.49
C LEU E 29 6.66 -30.75 3.74
N ARG E 30 6.71 -30.12 4.88
CA ARG E 30 6.46 -30.84 6.12
C ARG E 30 5.03 -31.42 6.10
N ALA E 31 4.13 -30.66 5.48
CA ALA E 31 2.71 -31.01 5.38
C ALA E 31 2.40 -32.13 4.42
N GLU E 32 3.28 -32.43 3.47
CA GLU E 32 2.98 -33.51 2.54
C GLU E 32 3.54 -34.84 3.06
N GLN E 33 3.16 -35.93 2.39
CA GLN E 33 3.64 -37.26 2.75
C GLN E 33 4.77 -37.68 1.79
N ALA E 34 5.86 -36.93 1.82
CA ALA E 34 7.01 -37.22 0.95
C ALA E 34 8.11 -37.90 1.74
N SER E 35 9.07 -38.47 1.00
CA SER E 35 10.22 -39.09 1.63
C SER E 35 11.27 -38.01 1.87
N GLN E 36 12.22 -38.30 2.71
CA GLN E 36 13.21 -37.32 2.99
C GLN E 36 13.93 -36.85 1.70
N GLU E 37 14.28 -37.78 0.77
CA GLU E 37 14.95 -37.33 -0.46
C GLU E 37 14.07 -36.43 -1.31
N VAL E 38 12.76 -36.72 -1.38
CA VAL E 38 11.88 -35.90 -2.24
C VAL E 38 11.96 -34.47 -1.80
N LYS E 39 11.76 -34.24 -0.49
CA LYS E 39 11.72 -32.87 0.03
C LYS E 39 13.02 -32.12 -0.18
N ASN E 40 14.14 -32.78 0.08
CA ASN E 40 15.41 -32.11 -0.16
C ASN E 40 15.47 -31.67 -1.63
N TRP E 41 15.06 -32.57 -2.52
CA TRP E 41 15.00 -32.23 -3.92
C TRP E 41 14.06 -31.03 -4.16
N MET E 42 12.85 -31.09 -3.59
CA MET E 42 11.86 -30.03 -3.74
C MET E 42 12.37 -28.70 -3.27
N THR E 43 13.39 -28.64 -2.49
CA THR E 43 13.78 -27.32 -2.03
C THR E 43 14.42 -26.50 -3.15
N GLU E 44 15.45 -27.07 -3.73
CA GLU E 44 16.18 -26.40 -4.79
C GLU E 44 15.39 -26.32 -6.11
N THR E 45 14.85 -27.44 -6.54
CA THR E 45 14.14 -27.50 -7.79
C THR E 45 12.92 -26.60 -7.79
N LEU E 46 12.15 -26.66 -6.71
CA LEU E 46 10.89 -25.90 -6.68
C LEU E 46 10.95 -24.51 -6.06
N LEU E 47 11.82 -24.25 -5.08
CA LEU E 47 11.76 -22.94 -4.45
C LEU E 47 12.04 -21.79 -5.44
N VAL E 48 12.97 -21.96 -6.37
CA VAL E 48 13.34 -20.86 -7.28
C VAL E 48 12.29 -20.60 -8.38
N GLN E 49 11.87 -21.65 -9.07
CA GLN E 49 10.93 -21.48 -10.18
C GLN E 49 9.59 -20.86 -9.75
N ASN E 50 9.07 -21.26 -8.60
CA ASN E 50 7.75 -20.77 -8.20
C ASN E 50 7.78 -19.58 -7.22
N ALA E 51 8.93 -18.96 -7.03
CA ALA E 51 9.03 -17.89 -6.06
C ALA E 51 9.11 -16.42 -6.56
N ASN E 52 7.96 -15.75 -6.87
CA ASN E 52 7.98 -14.26 -7.08
C ASN E 52 9.13 -13.66 -7.91
N PRO E 53 9.00 -13.36 -9.19
CA PRO E 53 10.15 -12.81 -9.99
C PRO E 53 11.03 -11.75 -9.27
N ASP E 54 10.54 -11.05 -8.23
CA ASP E 54 11.44 -10.14 -7.52
C ASP E 54 12.56 -10.96 -6.95
N CYS E 55 12.19 -12.12 -6.30
CA CYS E 55 13.25 -12.94 -5.66
C CYS E 55 13.74 -13.97 -6.64
N LYS E 56 12.87 -14.54 -7.47
CA LYS E 56 13.35 -15.50 -8.43
C LYS E 56 14.42 -14.84 -9.29
N THR E 57 14.39 -13.51 -9.41
CA THR E 57 15.42 -12.81 -10.15
C THR E 57 16.69 -12.68 -9.27
N ILE E 58 16.50 -12.57 -7.95
CA ILE E 58 17.62 -12.50 -6.98
C ILE E 58 18.33 -13.83 -6.85
N LEU E 59 17.57 -14.93 -6.83
CA LEU E 59 18.17 -16.23 -6.74
C LEU E 59 19.11 -16.34 -7.95
N LYS E 60 18.78 -15.65 -9.07
CA LYS E 60 19.67 -15.64 -10.25
C LYS E 60 20.86 -14.74 -9.95
N ALA E 61 20.60 -13.65 -9.21
CA ALA E 61 21.64 -12.68 -8.83
C ALA E 61 22.75 -13.31 -7.95
N LEU E 62 22.34 -14.10 -6.94
CA LEU E 62 23.31 -14.75 -6.09
C LEU E 62 24.15 -15.69 -6.87
N GLY E 63 23.52 -16.34 -7.81
CA GLY E 63 24.19 -17.31 -8.62
C GLY E 63 23.99 -18.65 -7.93
N PRO E 64 23.52 -19.69 -8.58
CA PRO E 64 23.30 -20.99 -7.89
C PRO E 64 24.53 -21.46 -7.13
N GLY E 65 24.24 -22.24 -6.10
CA GLY E 65 25.24 -22.79 -5.21
C GLY E 65 25.26 -21.98 -3.91
N ALA E 66 24.70 -20.77 -3.94
CA ALA E 66 24.65 -19.97 -2.74
C ALA E 66 23.80 -20.71 -1.72
N THR E 67 24.24 -20.70 -0.48
CA THR E 67 23.48 -21.35 0.55
C THR E 67 22.20 -20.58 0.67
N LEU E 68 21.16 -21.20 1.19
CA LEU E 68 19.93 -20.49 1.34
C LEU E 68 20.12 -19.32 2.23
N GLU E 69 21.15 -19.32 3.04
CA GLU E 69 21.33 -18.19 3.90
C GLU E 69 21.52 -16.99 2.95
N GLU E 70 22.24 -17.22 1.86
CA GLU E 70 22.44 -16.17 0.90
C GLU E 70 21.10 -15.81 0.26
N MET E 71 20.24 -16.81 -0.04
CA MET E 71 18.92 -16.52 -0.64
C MET E 71 18.10 -15.70 0.35
N MET E 72 18.28 -15.98 1.61
CA MET E 72 17.56 -15.26 2.64
C MET E 72 18.02 -13.82 2.69
N THR E 73 19.32 -13.59 2.79
CA THR E 73 19.75 -12.22 2.84
C THR E 73 19.37 -11.49 1.55
N ALA E 74 19.67 -12.13 0.42
CA ALA E 74 19.44 -11.54 -0.90
C ALA E 74 17.98 -11.26 -1.20
N CYS E 75 17.15 -12.25 -0.98
CA CYS E 75 15.74 -12.08 -1.22
C CYS E 75 15.14 -11.16 -0.15
N GLN E 76 15.83 -10.97 0.99
CA GLN E 76 15.33 -9.99 1.99
C GLN E 76 15.36 -8.61 1.36
N GLY E 77 16.26 -8.41 0.37
CA GLY E 77 16.30 -7.14 -0.33
C GLY E 77 14.96 -6.94 -1.08
N VAL E 78 14.24 -8.05 -1.36
CA VAL E 78 12.89 -7.97 -2.03
C VAL E 78 12.13 -7.05 -1.15
N GLY E 79 11.27 -6.14 -1.67
CA GLY E 79 10.80 -5.12 -0.71
C GLY E 79 10.74 -3.74 -1.33
N GLY E 80 10.19 -2.69 -0.71
CA GLY E 80 10.14 -1.53 -1.55
C GLY E 80 11.44 -0.72 -1.71
N PRO E 81 11.98 -0.22 -0.66
CA PRO E 81 13.23 0.61 -0.72
C PRO E 81 14.44 -0.14 -1.28
N GLY E 82 14.55 -1.41 -0.98
CA GLY E 82 15.73 -2.12 -1.46
C GLY E 82 15.58 -2.62 -2.89
N HIS E 83 14.64 -3.54 -3.13
CA HIS E 83 14.48 -4.10 -4.48
C HIS E 83 13.57 -3.26 -5.36
N LYS E 84 12.46 -2.72 -4.83
CA LYS E 84 11.56 -1.91 -5.69
C LYS E 84 12.18 -0.57 -6.09
N ALA E 85 12.92 0.07 -5.19
CA ALA E 85 13.54 1.35 -5.51
C ALA E 85 14.61 1.18 -6.61
N ARG E 86 15.08 -0.06 -6.80
CA ARG E 86 16.06 -0.33 -7.82
C ARG E 86 15.37 -0.57 -9.15
N VAL E 87 14.26 -1.34 -9.18
CA VAL E 87 13.51 -1.56 -10.44
C VAL E 87 12.73 -0.28 -10.84
N LEU E 88 12.38 0.51 -9.85
CA LEU E 88 11.70 1.76 -10.10
C LEU E 88 12.71 2.78 -10.64
N ALA E 89 13.89 2.81 -10.02
CA ALA E 89 14.95 3.76 -10.42
C ALA E 89 15.77 3.27 -11.65
N GLU E 90 15.78 1.94 -11.89
CA GLU E 90 16.52 1.39 -13.03
C GLU E 90 15.69 1.31 -14.30
N ALA E 91 14.62 0.52 -14.25
CA ALA E 91 13.79 0.30 -15.44
C ALA E 91 13.25 1.61 -16.00
N MET E 92 12.87 2.54 -15.11
CA MET E 92 12.36 3.85 -15.57
C MET E 92 13.37 4.68 -16.35
N SER E 93 14.61 4.74 -15.83
CA SER E 93 15.66 5.57 -16.44
C SER E 93 16.49 4.87 -17.49
N GLN E 94 16.28 3.58 -17.66
CA GLN E 94 17.03 2.85 -18.67
C GLN E 94 16.38 3.06 -20.03
N VAL E 95 15.13 2.66 -20.12
CA VAL E 95 14.38 2.83 -21.36
C VAL E 95 14.28 4.30 -21.72
N THR E 96 14.43 5.21 -20.75
CA THR E 96 14.39 6.64 -21.05
C THR E 96 15.53 6.94 -22.03
N ASN E 97 16.65 6.30 -21.74
CA ASN E 97 17.88 6.36 -22.52
C ASN E 97 17.75 5.58 -23.84
N THR E 98 16.58 4.97 -24.10
CA THR E 98 16.36 4.06 -25.27
C THR E 98 16.95 4.51 -26.60
N ALA E 99 17.39 5.75 -26.77
CA ALA E 99 18.01 6.09 -28.04
C ALA E 99 19.24 5.19 -28.15
N THR E 100 19.92 5.05 -27.01
CA THR E 100 21.06 4.15 -26.87
C THR E 100 20.83 3.20 -25.69
N ILE E 101 20.97 1.89 -25.92
CA ILE E 101 20.78 0.90 -24.85
C ILE E 101 21.99 -0.03 -24.71
N MET E 102 22.49 -0.16 -23.49
CA MET E 102 23.64 -1.04 -23.24
C MET E 102 23.18 -2.46 -22.94
N GLY F 1 -20.86 -17.57 -18.08
CA GLY F 1 -20.64 -18.76 -17.21
C GLY F 1 -21.99 -19.37 -16.83
N GLY F 2 -22.71 -18.66 -16.01
CA GLY F 2 -24.03 -19.08 -15.59
C GLY F 2 -24.04 -20.12 -14.46
N SER F 3 -22.92 -20.76 -14.14
CA SER F 3 -22.92 -21.69 -12.99
C SER F 3 -22.85 -20.83 -11.74
N PRO F 4 -23.27 -21.27 -10.58
CA PRO F 4 -23.29 -20.35 -9.37
C PRO F 4 -21.90 -19.91 -8.87
N THR F 5 -21.76 -18.55 -8.80
CA THR F 5 -20.58 -17.78 -8.32
C THR F 5 -19.26 -17.96 -9.08
N SER F 6 -18.91 -19.18 -9.36
CA SER F 6 -17.61 -19.50 -9.96
C SER F 6 -17.23 -18.97 -11.33
N ILE F 7 -18.05 -19.14 -12.31
CA ILE F 7 -17.72 -18.80 -13.71
C ILE F 7 -18.55 -17.75 -14.38
N LEU F 8 -19.58 -17.33 -13.71
CA LEU F 8 -20.41 -16.25 -14.22
C LEU F 8 -19.53 -15.11 -14.41
N ASP F 9 -18.62 -14.91 -13.43
CA ASP F 9 -17.64 -13.98 -13.78
C ASP F 9 -16.39 -13.87 -12.94
N ILE F 10 -16.12 -14.84 -11.99
CA ILE F 10 -15.09 -14.66 -10.90
C ILE F 10 -13.96 -13.61 -11.25
N ARG F 11 -13.71 -12.62 -10.30
CA ARG F 11 -12.84 -11.48 -10.66
C ARG F 11 -11.66 -11.22 -9.71
N GLN F 12 -10.59 -10.63 -10.29
CA GLN F 12 -9.37 -10.33 -9.55
C GLN F 12 -9.19 -8.83 -9.26
N GLY F 13 -8.86 -8.54 -8.01
CA GLY F 13 -8.61 -7.18 -7.59
C GLY F 13 -7.29 -6.71 -8.18
N PRO F 14 -6.92 -5.45 -8.08
CA PRO F 14 -5.66 -5.01 -8.72
C PRO F 14 -4.47 -5.59 -7.98
N LYS F 15 -4.54 -5.48 -6.67
CA LYS F 15 -3.52 -6.03 -5.79
C LYS F 15 -3.73 -7.53 -5.60
N GLU F 16 -4.96 -8.01 -5.85
CA GLU F 16 -5.25 -9.42 -5.69
C GLU F 16 -4.37 -10.23 -6.64
N PRO F 17 -3.41 -11.00 -6.18
CA PRO F 17 -2.56 -11.79 -7.07
C PRO F 17 -3.31 -12.95 -7.68
N PHE F 18 -2.64 -13.58 -8.61
CA PHE F 18 -3.17 -14.75 -9.26
C PHE F 18 -3.45 -15.82 -8.12
N ARG F 19 -2.82 -15.69 -6.95
CA ARG F 19 -3.05 -16.66 -5.87
C ARG F 19 -4.27 -16.36 -4.96
N ASP F 20 -4.79 -15.12 -5.02
CA ASP F 20 -5.96 -14.76 -4.24
C ASP F 20 -7.25 -14.82 -5.07
N TYR F 21 -7.13 -14.58 -6.38
CA TYR F 21 -8.27 -14.62 -7.31
C TYR F 21 -8.42 -15.97 -7.98
N VAL F 22 -7.32 -16.50 -8.47
CA VAL F 22 -7.44 -17.73 -9.20
C VAL F 22 -7.81 -18.80 -8.23
N ASP F 23 -7.21 -18.73 -7.04
CA ASP F 23 -7.46 -19.72 -6.03
C ASP F 23 -8.94 -19.79 -5.85
N ARG F 24 -9.56 -18.62 -5.86
CA ARG F 24 -10.99 -18.59 -5.76
C ARG F 24 -11.53 -19.36 -6.93
N PHE F 25 -11.12 -18.99 -8.14
CA PHE F 25 -11.57 -19.67 -9.32
C PHE F 25 -11.39 -21.17 -9.18
N TYR F 26 -10.44 -21.62 -8.38
CA TYR F 26 -10.27 -23.06 -8.24
C TYR F 26 -11.22 -23.65 -7.17
N LYS F 27 -11.09 -23.20 -5.93
CA LYS F 27 -11.94 -23.69 -4.85
C LYS F 27 -13.43 -23.60 -5.22
N THR F 28 -13.79 -22.47 -5.81
CA THR F 28 -15.18 -22.25 -6.21
C THR F 28 -15.64 -23.27 -7.28
N LEU F 29 -14.73 -23.73 -8.18
CA LEU F 29 -15.14 -24.71 -9.25
C LEU F 29 -15.56 -25.99 -8.60
N ARG F 30 -14.96 -26.31 -7.48
CA ARG F 30 -15.35 -27.49 -6.78
C ARG F 30 -16.77 -27.30 -6.26
N ALA F 31 -17.21 -26.03 -6.12
CA ALA F 31 -18.56 -25.80 -5.62
C ALA F 31 -19.59 -25.60 -6.72
N GLU F 32 -19.21 -24.97 -7.83
CA GLU F 32 -20.16 -24.76 -8.90
C GLU F 32 -20.77 -26.09 -9.30
N GLN F 33 -22.00 -26.05 -9.77
CA GLN F 33 -22.69 -27.28 -10.17
C GLN F 33 -22.46 -27.47 -11.66
N ALA F 34 -21.34 -28.13 -11.98
CA ALA F 34 -20.96 -28.32 -13.37
C ALA F 34 -20.60 -29.78 -13.68
N SER F 35 -20.85 -30.18 -14.92
CA SER F 35 -20.51 -31.53 -15.36
C SER F 35 -18.99 -31.59 -15.54
N GLN F 36 -18.40 -32.79 -15.53
CA GLN F 36 -16.95 -32.85 -15.58
C GLN F 36 -16.43 -32.10 -16.79
N GLU F 37 -17.10 -32.26 -17.93
CA GLU F 37 -16.73 -31.53 -19.13
C GLU F 37 -16.95 -30.03 -18.99
N VAL F 38 -18.04 -29.64 -18.32
CA VAL F 38 -18.31 -28.22 -18.16
C VAL F 38 -17.12 -27.58 -17.57
N LYS F 39 -16.76 -27.99 -16.37
CA LYS F 39 -15.63 -27.40 -15.68
C LYS F 39 -14.41 -27.35 -16.56
N ASN F 40 -14.12 -28.41 -17.29
CA ASN F 40 -12.96 -28.34 -18.15
C ASN F 40 -13.13 -27.19 -19.19
N TRP F 41 -14.36 -27.06 -19.70
CA TRP F 41 -14.67 -26.01 -20.66
C TRP F 41 -14.59 -24.63 -20.00
N MET F 42 -14.99 -24.55 -18.70
CA MET F 42 -15.02 -23.27 -17.98
C MET F 42 -13.68 -22.85 -17.37
N THR F 43 -12.80 -23.81 -17.08
CA THR F 43 -11.49 -23.49 -16.49
C THR F 43 -10.57 -22.78 -17.48
N GLU F 44 -10.86 -22.95 -18.76
CA GLU F 44 -10.05 -22.32 -19.79
C GLU F 44 -10.53 -20.91 -20.13
N THR F 45 -11.79 -20.86 -20.58
CA THR F 45 -12.42 -19.61 -21.04
C THR F 45 -12.53 -18.52 -19.96
N LEU F 46 -13.27 -18.80 -18.88
CA LEU F 46 -13.43 -17.79 -17.81
C LEU F 46 -12.10 -17.44 -17.14
N LEU F 47 -11.20 -18.40 -16.93
CA LEU F 47 -9.98 -18.04 -16.21
C LEU F 47 -9.24 -16.88 -16.86
N VAL F 48 -9.09 -16.89 -18.19
CA VAL F 48 -8.36 -15.82 -18.86
C VAL F 48 -9.10 -14.47 -18.95
N GLN F 49 -10.39 -14.52 -19.24
CA GLN F 49 -11.20 -13.31 -19.50
C GLN F 49 -11.54 -12.41 -18.31
N ASN F 50 -11.91 -13.00 -17.19
CA ASN F 50 -12.39 -12.23 -16.04
C ASN F 50 -11.37 -12.03 -14.95
N ALA F 51 -10.08 -11.87 -15.29
CA ALA F 51 -9.07 -11.77 -14.25
C ALA F 51 -7.95 -10.74 -14.39
N ASN F 52 -7.98 -9.69 -13.54
CA ASN F 52 -6.85 -8.74 -13.43
C ASN F 52 -6.24 -8.34 -14.76
N PRO F 53 -6.68 -7.28 -15.42
CA PRO F 53 -6.14 -6.94 -16.77
C PRO F 53 -4.63 -7.12 -16.96
N ASP F 54 -3.81 -7.07 -15.88
CA ASP F 54 -2.39 -7.33 -16.08
C ASP F 54 -2.20 -8.74 -16.50
N CYS F 55 -2.73 -9.65 -15.68
CA CYS F 55 -2.53 -11.05 -15.92
C CYS F 55 -3.38 -11.53 -17.03
N LYS F 56 -4.58 -10.95 -17.19
CA LYS F 56 -5.45 -11.35 -18.29
C LYS F 56 -4.76 -11.16 -19.59
N THR F 57 -4.01 -10.06 -19.70
CA THR F 57 -3.28 -9.82 -20.90
C THR F 57 -2.15 -10.86 -20.99
N ILE F 58 -1.62 -11.30 -19.83
CA ILE F 58 -0.54 -12.33 -19.84
C ILE F 58 -1.06 -13.69 -20.38
N LEU F 59 -2.18 -14.13 -19.85
CA LEU F 59 -2.72 -15.40 -20.26
C LEU F 59 -2.95 -15.39 -21.78
N LYS F 60 -3.53 -14.32 -22.33
CA LYS F 60 -3.76 -14.25 -23.80
C LYS F 60 -2.41 -14.18 -24.55
N ALA F 61 -1.50 -13.37 -23.99
CA ALA F 61 -0.17 -13.15 -24.54
C ALA F 61 0.68 -14.42 -24.65
N LEU F 62 0.65 -15.29 -23.64
CA LEU F 62 1.45 -16.51 -23.75
C LEU F 62 0.95 -17.23 -24.99
N GLY F 63 -0.36 -17.17 -25.16
CA GLY F 63 -1.00 -17.80 -26.31
C GLY F 63 -1.81 -19.00 -25.83
N PRO F 64 -3.00 -19.24 -26.32
CA PRO F 64 -3.80 -20.44 -25.89
C PRO F 64 -3.06 -21.76 -26.13
N GLY F 65 -3.52 -22.80 -25.43
CA GLY F 65 -2.88 -24.10 -25.52
C GLY F 65 -1.76 -24.24 -24.48
N ALA F 66 -1.34 -23.12 -23.89
CA ALA F 66 -0.32 -23.20 -22.88
C ALA F 66 -0.94 -23.85 -21.66
N THR F 67 -0.15 -24.62 -20.96
CA THR F 67 -0.69 -25.25 -19.77
C THR F 67 -0.99 -24.16 -18.80
N LEU F 68 -1.88 -24.39 -17.88
CA LEU F 68 -2.11 -23.35 -16.89
C LEU F 68 -0.83 -23.18 -16.14
N GLU F 69 -0.09 -24.27 -15.96
CA GLU F 69 1.14 -24.19 -15.23
C GLU F 69 2.00 -23.14 -15.91
N GLU F 70 1.88 -23.05 -17.25
CA GLU F 70 2.62 -22.04 -18.01
C GLU F 70 2.03 -20.64 -17.79
N MET F 71 0.75 -20.57 -17.44
CA MET F 71 0.10 -19.27 -17.16
C MET F 71 0.32 -18.88 -15.69
N MET F 72 0.59 -19.87 -14.84
CA MET F 72 0.78 -19.62 -13.41
C MET F 72 2.10 -18.94 -13.16
N THR F 73 3.20 -19.57 -13.47
CA THR F 73 4.50 -18.91 -13.30
C THR F 73 4.51 -17.57 -14.04
N ALA F 74 4.06 -17.64 -15.30
CA ALA F 74 3.96 -16.50 -16.19
C ALA F 74 3.05 -15.42 -15.66
N CYS F 75 2.05 -15.78 -14.83
CA CYS F 75 1.16 -14.76 -14.27
C CYS F 75 1.49 -14.49 -12.80
N GLN F 76 2.48 -15.22 -12.23
CA GLN F 76 2.95 -14.88 -10.89
C GLN F 76 3.82 -13.62 -10.98
N GLY F 77 4.26 -13.23 -12.22
CA GLY F 77 5.05 -12.02 -12.39
C GLY F 77 4.18 -10.77 -12.48
N VAL F 78 2.86 -10.91 -12.20
CA VAL F 78 1.91 -9.75 -12.15
C VAL F 78 2.29 -9.06 -10.87
N GLY F 79 2.03 -7.72 -10.55
CA GLY F 79 2.64 -7.26 -9.26
C GLY F 79 3.37 -5.95 -9.32
N GLY F 80 3.47 -5.14 -8.27
CA GLY F 80 4.07 -3.89 -8.65
C GLY F 80 5.57 -3.93 -8.93
N PRO F 81 6.34 -4.33 -8.00
CA PRO F 81 7.82 -4.46 -8.16
C PRO F 81 8.21 -5.24 -9.42
N GLY F 82 7.49 -6.32 -9.68
CA GLY F 82 7.76 -7.15 -10.84
C GLY F 82 7.05 -6.67 -12.10
N HIS F 83 5.72 -6.65 -12.06
CA HIS F 83 4.97 -6.27 -13.25
C HIS F 83 4.98 -4.77 -13.47
N LYS F 84 4.79 -3.97 -12.40
CA LYS F 84 4.76 -2.54 -12.59
C LYS F 84 6.12 -2.01 -12.87
N ALA F 85 7.17 -2.74 -12.48
CA ALA F 85 8.51 -2.24 -12.82
C ALA F 85 8.61 -2.13 -14.32
N ARG F 86 8.09 -3.15 -15.01
CA ARG F 86 8.13 -3.19 -16.46
C ARG F 86 7.18 -2.19 -17.13
N VAL F 87 5.89 -2.15 -16.74
CA VAL F 87 4.94 -1.22 -17.40
C VAL F 87 5.12 0.24 -16.96
N LEU F 88 5.56 0.46 -15.73
CA LEU F 88 5.78 1.83 -15.24
C LEU F 88 6.97 2.41 -15.97
N ALA F 89 7.95 1.55 -16.18
CA ALA F 89 9.17 1.93 -16.89
C ALA F 89 8.86 2.33 -18.32
N GLU F 90 7.93 1.62 -18.97
CA GLU F 90 7.59 1.88 -20.37
C GLU F 90 6.53 2.95 -20.62
N ALA F 91 5.43 2.92 -19.88
CA ALA F 91 4.32 3.84 -20.15
C ALA F 91 4.73 5.29 -20.07
N MET F 92 5.57 5.59 -19.10
CA MET F 92 6.02 6.96 -18.92
C MET F 92 6.78 7.51 -20.13
N SER F 93 7.71 6.72 -20.67
CA SER F 93 8.48 7.18 -21.81
C SER F 93 7.86 6.76 -23.14
N GLN F 94 6.89 5.87 -23.10
CA GLN F 94 6.24 5.44 -24.33
C GLN F 94 5.54 6.63 -24.91
N VAL F 95 4.93 7.39 -24.03
CA VAL F 95 4.19 8.57 -24.46
C VAL F 95 5.11 9.78 -24.55
N THR F 96 6.19 9.81 -23.77
CA THR F 96 7.13 10.93 -23.86
C THR F 96 7.66 10.97 -25.29
N ASN F 97 7.91 9.77 -25.80
CA ASN F 97 8.37 9.51 -27.16
C ASN F 97 7.30 9.85 -28.21
N THR F 98 6.10 10.25 -27.77
CA THR F 98 4.94 10.47 -28.68
C THR F 98 5.25 11.19 -29.98
N ALA F 99 6.39 11.87 -30.12
CA ALA F 99 6.65 12.49 -31.42
C ALA F 99 6.72 11.33 -32.41
N THR F 100 7.41 10.28 -31.97
CA THR F 100 7.52 9.04 -32.72
C THR F 100 7.02 7.86 -31.87
N ILE F 101 5.97 7.17 -32.32
CA ILE F 101 5.44 6.01 -31.57
C ILE F 101 5.61 4.75 -32.40
N MET F 102 6.26 3.73 -31.83
CA MET F 102 6.45 2.47 -32.53
C MET F 102 5.57 1.38 -31.95
C1 A1CCY G . 5.24 8.71 -2.39
C2 A1CCY G . 6.11 7.78 -2.87
C3 A1CCY G . 6.42 6.68 -2.04
C4 A1CCY G . 5.86 6.54 -0.79
C5 A1CCY G . 4.93 7.48 -0.33
C6 A1CCY G . 4.61 8.56 -1.09
C7 A1CCY G . 3.69 9.74 -0.77
C9 A1CCY G . 4.65 9.92 -3.00
N10 A1CCY G . 2.81 11.52 -2.36
C13 A1CCY G . 1.22 10.81 -4.18
C15 A1CCY G . 1.82 10.58 -6.55
C16 A1CCY G . 0.91 9.59 -6.77
C17 A1CCY G . 0.13 9.16 -5.67
C18 A1CCY G . 0.29 9.69 -4.39
C19 A1CCY G . 0.61 8.90 -8.09
C20 A1CCY G . 0.63 7.39 -7.88
C21 A1CCY G . 1.53 9.28 -9.27
C22 A1CCY G . -0.83 9.24 -8.42
C24 A1CCY G . -1.10 12.63 -1.32
C25 A1CCY G . -2.52 12.31 -1.19
C26 A1CCY G . -3.37 12.55 -2.21
C27 A1CCY G . -2.88 12.98 -3.38
C28 A1CCY G . -1.53 13.13 -3.55
C30 A1CCY G . -2.96 11.58 0.05
C11 A1CCY G . 1.40 11.53 -2.76
C14 A1CCY G . 2.04 11.15 -5.30
C12 A1CCY G . 0.88 12.98 -2.71
N23 A1CCY G . -0.65 13.07 -2.54
O29 A1CCY G . -0.27 12.56 -0.38
F31 A1CCY G . -2.23 10.58 0.33
F32 A1CCY G . -2.97 12.46 1.09
F33 A1CCY G . -4.17 11.09 -0.04
C8 A1CCY G . 3.38 10.12 -2.21
H2 A1CCY G . 6.61 8.02 -3.80
H3 A1CCY G . 7.19 5.96 -2.29
H4 A1CCY G . 6.13 5.68 -0.21
H5 A1CCY G . 4.37 7.38 0.58
H7B A1CCY G . 2.77 9.52 -0.19
H7A A1CCY G . 4.14 10.60 -0.25
H9A A1CCY G . 4.49 9.76 -4.07
H9B A1CCY G . 5.34 10.76 -2.79
H1 A1CCY G . 3.02 12.00 -1.49
H15 A1CCY G . 2.48 10.95 -7.33
H17 A1CCY G . -0.59 8.35 -5.66
H18 A1CCY G . -0.38 9.39 -3.60
H20B A1CCY G . 1.65 7.08 -7.59
H20C A1CCY G . 0.27 6.88 -8.81
H20A A1CCY G . 0.02 7.03 -7.02
H21C A1CCY G . 2.57 8.94 -9.04
H21A A1CCY G . 1.43 10.34 -9.58
H21B A1CCY G . 1.32 8.63 -10.14
H22B A1CCY G . -0.81 10.21 -8.95
H22C A1CCY G . -1.53 9.20 -7.57
H22A A1CCY G . -1.19 8.57 -9.23
H26 A1CCY G . -4.37 12.10 -2.22
H27 A1CCY G . -3.50 12.88 -4.26
H28 A1CCY G . -1.04 13.28 -4.51
H11 A1CCY G . 0.81 10.82 -2.13
H14 A1CCY G . 2.83 11.89 -5.21
H12B A1CCY G . 0.97 13.57 -3.63
H12A A1CCY G . 1.30 13.59 -1.88
H8 A1CCY G . 2.70 9.32 -2.47
C1 IHP H . -2.04 3.39 -2.36
C2 IHP H . -2.38 3.49 -0.82
C3 IHP H . -1.13 3.19 0.01
C4 IHP H . -0.09 4.20 -0.31
C5 IHP H . 0.35 3.78 -1.77
C6 IHP H . -0.88 4.29 -2.73
O11 IHP H . -3.22 3.66 -3.17
P1 IHP H . -4.07 2.42 -3.77
O21 IHP H . -3.53 1.18 -3.11
O31 IHP H . -5.60 2.70 -3.54
O41 IHP H . -3.74 2.44 -5.21
O12 IHP H . -2.84 4.88 -0.51
P2 IHP H . -4.20 5.14 0.23
O22 IHP H . -5.10 3.88 0.22
O32 IHP H . -4.86 6.26 -0.47
O42 IHP H . -3.91 5.49 1.61
O13 IHP H . -1.46 3.22 1.35
P3 IHP H . -1.03 2.08 2.34
O23 IHP H . -2.27 1.30 2.71
O33 IHP H . 0.12 1.28 1.74
O43 IHP H . -0.59 2.92 3.54
O14 IHP H . 0.99 4.09 0.60
P4 IHP H . 1.83 5.30 1.27
O24 IHP H . 2.63 5.92 0.16
O34 IHP H . 1.03 6.32 2.03
O44 IHP H . 2.78 4.66 2.27
O15 IHP H . 1.65 4.24 -2.12
P5 IHP H . 2.88 3.25 -2.30
O25 IHP H . 3.97 4.24 -2.79
O35 IHP H . 2.50 2.16 -3.25
O45 IHP H . 3.20 2.62 -0.99
O16 IHP H . -0.49 4.06 -4.13
P6 IHP H . -0.27 5.11 -5.22
O26 IHP H . 0.75 6.16 -4.80
O36 IHP H . 0.39 4.26 -6.30
O46 IHP H . -1.53 5.79 -5.61
H1 IHP H . -1.54 2.41 -2.48
H2 IHP H . -3.04 2.64 -0.55
H3 IHP H . -0.79 2.19 -0.33
H4 IHP H . -0.56 5.20 -0.36
H5 IHP H . 0.25 2.67 -1.91
H6 IHP H . -1.08 5.35 -2.48
N GLY A 1 -32.79 7.61 -4.05
CA GLY A 1 -33.46 6.41 -3.52
C GLY A 1 -34.10 6.77 -2.25
N GLY A 2 -33.28 7.17 -1.35
CA GLY A 2 -33.73 7.59 -0.06
C GLY A 2 -33.95 6.46 0.91
N SER A 3 -33.72 5.23 0.51
CA SER A 3 -33.92 4.13 1.46
C SER A 3 -32.78 4.14 2.50
N PRO A 4 -33.04 3.97 3.79
CA PRO A 4 -31.98 4.05 4.86
C PRO A 4 -30.83 3.10 4.69
N THR A 5 -29.60 3.62 4.88
CA THR A 5 -28.35 2.84 4.81
C THR A 5 -28.08 2.00 3.52
N SER A 6 -29.05 1.85 2.59
CA SER A 6 -28.83 1.03 1.48
C SER A 6 -28.30 1.72 0.30
N ILE A 7 -28.89 2.83 -0.02
CA ILE A 7 -28.53 3.66 -1.15
C ILE A 7 -28.28 5.10 -0.90
N LEU A 8 -28.80 5.63 0.15
CA LEU A 8 -28.56 7.02 0.41
C LEU A 8 -27.16 7.37 0.46
N ASP A 9 -26.32 6.54 1.15
CA ASP A 9 -24.96 6.86 1.11
C ASP A 9 -24.15 5.75 0.59
N ILE A 10 -24.69 4.74 -0.16
CA ILE A 10 -23.72 3.71 -0.38
C ILE A 10 -22.65 4.22 -1.35
N ARG A 11 -21.37 4.12 -0.98
CA ARG A 11 -20.29 4.64 -1.85
C ARG A 11 -19.06 3.72 -1.92
N GLN A 12 -18.34 3.83 -3.03
CA GLN A 12 -17.13 3.01 -3.23
C GLN A 12 -15.85 3.75 -2.85
N GLY A 13 -15.06 3.09 -2.00
CA GLY A 13 -13.80 3.67 -1.57
C GLY A 13 -12.89 3.85 -2.75
N PRO A 14 -11.97 4.83 -2.68
CA PRO A 14 -11.09 5.15 -3.83
C PRO A 14 -10.09 4.05 -4.09
N LYS A 15 -9.65 3.42 -3.02
CA LYS A 15 -8.78 2.28 -3.18
C LYS A 15 -9.65 1.02 -3.29
N GLU A 16 -10.87 1.10 -2.75
CA GLU A 16 -11.77 -0.03 -2.77
C GLU A 16 -12.21 -0.35 -4.21
N PRO A 17 -12.06 -1.57 -4.71
CA PRO A 17 -12.49 -1.93 -6.09
C PRO A 17 -13.98 -2.10 -6.23
N PHE A 18 -14.37 -2.17 -7.48
CA PHE A 18 -15.76 -2.30 -7.86
C PHE A 18 -16.41 -3.52 -7.18
N ARG A 19 -15.75 -4.66 -7.17
CA ARG A 19 -16.35 -5.84 -6.54
C ARG A 19 -16.78 -5.61 -5.07
N ASP A 20 -15.89 -5.09 -4.27
CA ASP A 20 -16.21 -4.87 -2.87
C ASP A 20 -17.41 -3.93 -2.70
N TYR A 21 -17.39 -2.81 -3.39
CA TYR A 21 -18.49 -1.87 -3.26
C TYR A 21 -19.80 -2.39 -3.82
N VAL A 22 -19.74 -3.05 -4.94
CA VAL A 22 -20.96 -3.57 -5.53
C VAL A 22 -21.67 -4.48 -4.49
N ASP A 23 -20.91 -5.30 -3.80
CA ASP A 23 -21.55 -6.17 -2.80
C ASP A 23 -22.20 -5.30 -1.70
N ARG A 24 -21.55 -4.20 -1.39
CA ARG A 24 -22.06 -3.31 -0.38
C ARG A 24 -23.34 -2.73 -0.84
N PHE A 25 -23.41 -2.39 -2.11
CA PHE A 25 -24.59 -1.79 -2.71
C PHE A 25 -25.68 -2.84 -2.96
N TYR A 26 -25.29 -4.11 -3.14
CA TYR A 26 -26.28 -5.13 -3.32
C TYR A 26 -26.78 -5.66 -1.96
N LYS A 27 -25.87 -6.25 -1.19
CA LYS A 27 -26.23 -6.84 0.09
C LYS A 27 -26.92 -5.81 0.97
N THR A 28 -26.65 -4.54 0.76
CA THR A 28 -27.31 -3.58 1.59
C THR A 28 -28.74 -3.37 1.11
N LEU A 29 -29.02 -3.58 -0.20
CA LEU A 29 -30.40 -3.42 -0.68
C LEU A 29 -31.40 -4.41 -0.07
N ARG A 30 -30.98 -5.61 0.32
CA ARG A 30 -31.96 -6.56 0.88
C ARG A 30 -32.52 -6.09 2.23
N ALA A 31 -31.72 -5.31 2.94
CA ALA A 31 -32.07 -4.79 4.28
C ALA A 31 -32.97 -3.56 4.25
N GLU A 32 -33.23 -3.02 3.07
CA GLU A 32 -34.10 -1.86 3.02
C GLU A 32 -35.54 -2.30 2.81
N GLN A 33 -36.49 -1.46 3.19
CA GLN A 33 -37.89 -1.78 2.97
C GLN A 33 -38.37 -1.11 1.68
N ALA A 34 -37.80 -1.57 0.55
CA ALA A 34 -38.15 -1.06 -0.79
C ALA A 34 -38.94 -2.13 -1.58
N SER A 35 -39.61 -1.72 -2.66
CA SER A 35 -40.37 -2.68 -3.45
C SER A 35 -39.45 -3.30 -4.48
N GLN A 36 -39.87 -4.39 -5.11
CA GLN A 36 -39.01 -5.07 -6.08
C GLN A 36 -38.62 -4.12 -7.23
N GLU A 37 -39.54 -3.28 -7.68
CA GLU A 37 -39.20 -2.35 -8.76
C GLU A 37 -38.35 -1.21 -8.23
N VAL A 38 -38.60 -0.85 -6.99
CA VAL A 38 -37.87 0.25 -6.39
C VAL A 38 -36.40 -0.06 -6.37
N LYS A 39 -36.01 -1.24 -5.85
CA LYS A 39 -34.60 -1.62 -5.79
C LYS A 39 -33.96 -1.69 -7.17
N ASN A 40 -34.72 -2.16 -8.15
CA ASN A 40 -34.20 -2.27 -9.52
C ASN A 40 -33.76 -0.91 -10.03
N TRP A 41 -34.57 0.10 -9.76
CA TRP A 41 -34.29 1.46 -10.18
C TRP A 41 -33.04 2.01 -9.47
N MET A 42 -32.84 1.60 -8.22
CA MET A 42 -31.71 2.09 -7.45
C MET A 42 -30.38 1.64 -8.07
N THR A 43 -30.33 0.37 -8.50
CA THR A 43 -29.10 -0.18 -8.99
C THR A 43 -28.53 0.60 -10.16
N GLU A 44 -29.40 1.21 -10.91
CA GLU A 44 -28.96 1.93 -12.07
C GLU A 44 -28.55 3.37 -11.75
N THR A 45 -29.46 4.10 -11.18
CA THR A 45 -29.21 5.48 -10.89
C THR A 45 -28.04 5.71 -9.91
N LEU A 46 -28.02 4.95 -8.78
CA LEU A 46 -27.02 5.15 -7.71
C LEU A 46 -25.71 4.38 -7.90
N LEU A 47 -25.75 3.24 -8.57
CA LEU A 47 -24.51 2.48 -8.67
C LEU A 47 -23.44 3.29 -9.45
N VAL A 48 -23.81 3.91 -10.54
CA VAL A 48 -22.83 4.62 -11.30
C VAL A 48 -22.48 5.96 -10.69
N GLN A 49 -23.49 6.66 -10.21
CA GLN A 49 -23.26 7.99 -9.71
C GLN A 49 -22.39 8.07 -8.46
N ASN A 50 -22.59 7.16 -7.48
CA ASN A 50 -21.87 7.28 -6.20
C ASN A 50 -20.76 6.23 -6.00
N ALA A 51 -20.15 5.77 -7.08
CA ALA A 51 -19.15 4.70 -6.97
C ALA A 51 -17.73 5.00 -7.46
N ASN A 52 -16.82 5.47 -6.58
CA ASN A 52 -15.40 5.57 -7.00
C ASN A 52 -15.14 6.28 -8.32
N PRO A 53 -14.85 7.56 -8.38
CA PRO A 53 -14.61 8.25 -9.67
C PRO A 53 -13.71 7.47 -10.65
N ASP A 54 -12.88 6.55 -10.14
CA ASP A 54 -11.99 5.74 -11.01
C ASP A 54 -12.79 4.94 -11.95
N CYS A 55 -13.76 4.25 -11.37
CA CYS A 55 -14.59 3.39 -12.14
C CYS A 55 -15.72 4.16 -12.70
N LYS A 56 -16.15 5.19 -12.01
CA LYS A 56 -17.27 5.98 -12.50
C LYS A 56 -16.90 6.55 -13.88
N THR A 57 -15.64 6.97 -14.01
CA THR A 57 -15.21 7.46 -15.32
C THR A 57 -15.23 6.31 -16.35
N ILE A 58 -15.19 5.06 -15.86
CA ILE A 58 -15.28 3.88 -16.73
C ILE A 58 -16.74 3.54 -17.04
N LEU A 59 -17.64 3.68 -16.05
CA LEU A 59 -19.05 3.34 -16.25
C LEU A 59 -19.69 4.25 -17.27
N LYS A 60 -19.30 5.52 -17.33
CA LYS A 60 -19.91 6.38 -18.36
C LYS A 60 -19.29 6.00 -19.70
N ALA A 61 -18.00 5.65 -19.65
CA ALA A 61 -17.27 5.30 -20.85
C ALA A 61 -17.83 4.09 -21.53
N LEU A 62 -18.06 3.03 -20.77
CA LEU A 62 -18.63 1.79 -21.38
C LEU A 62 -19.91 2.20 -22.00
N GLY A 63 -20.62 3.09 -21.29
CA GLY A 63 -21.80 3.69 -21.85
C GLY A 63 -23.05 3.22 -21.15
N PRO A 64 -24.09 4.03 -21.12
CA PRO A 64 -25.38 3.64 -20.49
C PRO A 64 -26.02 2.46 -21.20
N GLY A 65 -26.65 1.60 -20.41
CA GLY A 65 -27.35 0.41 -20.91
C GLY A 65 -26.48 -0.82 -20.83
N ALA A 66 -25.15 -0.62 -20.67
CA ALA A 66 -24.26 -1.76 -20.63
C ALA A 66 -24.68 -2.62 -19.50
N THR A 67 -24.66 -3.94 -19.70
CA THR A 67 -25.07 -4.80 -18.62
C THR A 67 -24.03 -4.72 -17.52
N LEU A 68 -24.43 -5.08 -16.33
CA LEU A 68 -23.47 -5.03 -15.21
C LEU A 68 -22.29 -5.92 -15.49
N GLU A 69 -22.49 -7.02 -16.21
CA GLU A 69 -21.40 -7.94 -16.44
C GLU A 69 -20.23 -7.15 -17.06
N GLU A 70 -20.58 -6.23 -17.94
CA GLU A 70 -19.56 -5.43 -18.59
C GLU A 70 -19.03 -4.36 -17.65
N MET A 71 -19.94 -3.72 -16.88
CA MET A 71 -19.50 -2.63 -15.99
C MET A 71 -18.48 -3.17 -15.05
N MET A 72 -18.84 -4.30 -14.48
CA MET A 72 -18.02 -5.01 -13.56
C MET A 72 -16.68 -5.32 -14.14
N THR A 73 -16.64 -6.13 -15.20
CA THR A 73 -15.33 -6.56 -15.75
C THR A 73 -14.34 -5.40 -15.94
N ALA A 74 -14.82 -4.33 -16.58
CA ALA A 74 -13.98 -3.19 -16.87
C ALA A 74 -13.46 -2.53 -15.63
N CYS A 75 -14.33 -2.35 -14.68
CA CYS A 75 -13.97 -1.65 -13.48
C CYS A 75 -13.07 -2.48 -12.56
N GLN A 76 -12.88 -3.76 -12.84
CA GLN A 76 -12.01 -4.54 -11.97
C GLN A 76 -10.57 -4.10 -12.13
N GLY A 77 -10.24 -3.48 -13.25
CA GLY A 77 -8.87 -3.04 -13.47
C GLY A 77 -8.43 -1.91 -12.50
N VAL A 78 -9.43 -1.19 -11.91
CA VAL A 78 -9.16 -0.02 -10.94
C VAL A 78 -8.10 -0.50 -10.06
N GLY A 79 -6.97 0.24 -9.82
CA GLY A 79 -5.90 -0.54 -9.20
C GLY A 79 -4.50 -0.13 -9.62
N GLY A 80 -3.42 -0.62 -8.99
CA GLY A 80 -2.16 -0.04 -9.40
C GLY A 80 -1.52 -0.41 -10.80
N PRO A 81 -1.50 -1.65 -11.17
CA PRO A 81 -0.93 -2.05 -12.49
C PRO A 81 -1.84 -1.73 -13.71
N GLY A 82 -3.16 -1.99 -13.58
CA GLY A 82 -4.08 -1.79 -14.71
C GLY A 82 -4.54 -0.36 -14.90
N HIS A 83 -5.32 0.16 -13.96
CA HIS A 83 -5.84 1.51 -14.13
C HIS A 83 -4.76 2.57 -13.86
N LYS A 84 -4.05 2.48 -12.76
CA LYS A 84 -3.08 3.52 -12.45
C LYS A 84 -2.01 3.68 -13.47
N ALA A 85 -1.57 2.60 -14.05
CA ALA A 85 -0.52 2.72 -15.05
C ALA A 85 -1.03 3.65 -16.16
N ARG A 86 -2.31 3.48 -16.49
CA ARG A 86 -2.94 4.29 -17.53
C ARG A 86 -3.24 5.73 -17.10
N VAL A 87 -3.63 5.99 -15.86
CA VAL A 87 -3.92 7.40 -15.53
C VAL A 87 -2.67 8.23 -15.30
N LEU A 88 -1.67 7.66 -14.65
CA LEU A 88 -0.46 8.40 -14.41
C LEU A 88 0.21 8.69 -15.72
N ALA A 89 0.35 7.69 -16.53
CA ALA A 89 1.09 7.87 -17.76
C ALA A 89 0.52 9.00 -18.58
N GLU A 90 -0.79 9.00 -18.69
CA GLU A 90 -1.46 10.03 -19.47
C GLU A 90 -1.28 11.40 -18.89
N ALA A 91 -1.53 11.53 -17.59
CA ALA A 91 -1.45 12.82 -16.93
C ALA A 91 -0.08 13.42 -17.11
N MET A 92 0.92 12.58 -17.01
CA MET A 92 2.27 13.05 -17.15
C MET A 92 2.52 13.54 -18.55
N SER A 93 1.96 12.84 -19.52
CA SER A 93 2.15 13.23 -20.89
C SER A 93 1.19 14.36 -21.30
N GLN A 94 0.22 14.67 -20.44
CA GLN A 94 -0.77 15.72 -20.78
C GLN A 94 -0.31 17.14 -20.49
N VAL A 95 0.20 17.34 -19.29
CA VAL A 95 0.73 18.65 -18.92
C VAL A 95 1.77 19.12 -19.92
N THR A 96 2.35 18.18 -20.62
CA THR A 96 3.37 18.48 -21.51
C THR A 96 2.72 19.40 -22.60
N ASN A 97 1.58 18.99 -23.15
CA ASN A 97 0.86 19.79 -24.17
C ASN A 97 0.27 21.09 -23.65
N THR A 98 -0.29 21.07 -22.47
CA THR A 98 -0.98 22.24 -22.00
C THR A 98 -0.11 23.42 -21.86
N ALA A 99 1.07 23.23 -21.27
CA ALA A 99 1.92 24.38 -21.11
C ALA A 99 3.16 24.31 -21.92
N THR A 100 4.13 23.56 -21.53
CA THR A 100 5.28 23.43 -22.36
C THR A 100 5.99 22.13 -22.17
N ILE A 101 6.75 21.75 -23.15
CA ILE A 101 7.51 20.58 -23.06
C ILE A 101 8.95 20.87 -23.39
N MET A 102 9.82 20.71 -22.42
CA MET A 102 11.23 20.91 -22.67
C MET A 102 12.04 19.82 -22.01
N GLY B 1 -14.11 22.56 20.42
CA GLY B 1 -15.15 21.49 20.52
C GLY B 1 -15.48 21.25 21.98
N GLY B 2 -14.61 20.55 22.66
CA GLY B 2 -14.83 20.28 24.07
C GLY B 2 -15.81 19.11 24.31
N SER B 3 -16.56 18.68 23.29
CA SER B 3 -17.51 17.58 23.48
C SER B 3 -16.76 16.21 23.53
N PRO B 4 -16.85 15.41 24.61
CA PRO B 4 -16.13 14.10 24.68
C PRO B 4 -16.24 13.25 23.41
N THR B 5 -15.06 12.78 22.95
CA THR B 5 -14.85 11.92 21.75
C THR B 5 -15.39 12.50 20.44
N SER B 6 -16.68 12.70 20.38
CA SER B 6 -17.29 13.12 19.16
C SER B 6 -16.60 14.31 18.48
N ILE B 7 -16.34 15.42 19.19
CA ILE B 7 -15.73 16.63 18.54
C ILE B 7 -14.47 17.24 19.12
N LEU B 8 -13.99 16.73 20.19
CA LEU B 8 -12.71 17.20 20.66
C LEU B 8 -11.66 16.92 19.65
N ASP B 9 -11.68 15.70 19.04
CA ASP B 9 -10.73 15.49 18.04
C ASP B 9 -11.12 14.61 16.91
N ILE B 10 -12.42 14.46 16.49
CA ILE B 10 -12.57 13.42 15.49
C ILE B 10 -11.76 13.81 14.22
N ARG B 11 -10.90 12.91 13.71
CA ARG B 11 -10.07 13.29 12.55
C ARG B 11 -9.91 12.17 11.50
N GLN B 12 -9.79 12.60 10.22
CA GLN B 12 -9.65 11.68 9.07
C GLN B 12 -8.18 11.52 8.68
N GLY B 13 -7.68 10.29 8.71
CA GLY B 13 -6.29 10.05 8.35
C GLY B 13 -6.04 10.31 6.86
N PRO B 14 -4.84 10.63 6.46
CA PRO B 14 -4.53 10.91 5.01
C PRO B 14 -4.87 9.76 4.04
N LYS B 15 -4.51 8.55 4.41
CA LYS B 15 -4.84 7.42 3.57
C LYS B 15 -6.36 7.17 3.66
N GLU B 16 -7.03 7.81 4.64
CA GLU B 16 -8.41 7.56 4.91
C GLU B 16 -9.41 8.38 4.08
N PRO B 17 -10.48 7.82 3.55
CA PRO B 17 -11.46 8.59 2.76
C PRO B 17 -12.55 9.29 3.54
N PHE B 18 -13.12 10.27 2.84
CA PHE B 18 -14.22 11.08 3.31
C PHE B 18 -15.37 10.20 3.87
N ARG B 19 -15.54 8.98 3.32
CA ARG B 19 -16.64 8.07 3.76
C ARG B 19 -16.63 7.50 5.18
N ASP B 20 -15.53 6.88 5.56
CA ASP B 20 -15.47 6.25 6.87
C ASP B 20 -15.46 7.33 7.94
N TYR B 21 -14.68 8.39 7.70
CA TYR B 21 -14.55 9.47 8.67
C TYR B 21 -15.82 10.26 8.86
N VAL B 22 -16.51 10.59 7.77
CA VAL B 22 -17.77 11.32 7.89
C VAL B 22 -18.77 10.52 8.71
N ASP B 23 -18.68 9.19 8.59
CA ASP B 23 -19.55 8.28 9.33
C ASP B 23 -19.10 8.31 10.78
N ARG B 24 -17.78 8.41 10.97
CA ARG B 24 -17.21 8.45 12.31
C ARG B 24 -17.65 9.68 13.07
N PHE B 25 -17.57 10.83 12.42
CA PHE B 25 -17.97 12.08 13.01
C PHE B 25 -19.46 12.17 13.19
N TYR B 26 -20.19 11.56 12.28
CA TYR B 26 -21.65 11.62 12.34
C TYR B 26 -22.22 10.66 13.35
N LYS B 27 -21.98 9.38 13.14
CA LYS B 27 -22.53 8.36 13.99
C LYS B 27 -22.19 8.62 15.46
N THR B 28 -20.97 9.10 15.72
CA THR B 28 -20.56 9.34 17.10
C THR B 28 -21.33 10.47 17.80
N LEU B 29 -21.85 11.45 17.05
CA LEU B 29 -22.52 12.59 17.70
C LEU B 29 -23.64 12.13 18.64
N ARG B 30 -24.45 11.14 18.28
CA ARG B 30 -25.53 10.73 19.22
C ARG B 30 -24.95 10.35 20.59
N ALA B 31 -23.67 9.93 20.61
CA ALA B 31 -23.01 9.53 21.86
C ALA B 31 -22.57 10.72 22.73
N GLU B 32 -22.78 11.94 22.25
CA GLU B 32 -22.42 13.11 23.03
C GLU B 32 -23.72 13.70 23.62
N GLN B 33 -23.66 14.38 24.76
CA GLN B 33 -24.88 14.96 25.36
C GLN B 33 -25.06 16.42 24.94
N ALA B 34 -25.36 16.60 23.67
CA ALA B 34 -25.51 17.94 23.10
C ALA B 34 -26.98 18.30 22.87
N SER B 35 -27.16 19.57 22.53
CA SER B 35 -28.46 20.09 22.16
C SER B 35 -28.60 19.91 20.65
N GLN B 36 -29.81 19.69 20.14
CA GLN B 36 -29.96 19.46 18.70
C GLN B 36 -29.30 20.57 17.88
N GLU B 37 -29.46 21.81 18.36
CA GLU B 37 -28.93 22.97 17.66
C GLU B 37 -27.41 23.02 17.80
N VAL B 38 -26.91 22.82 19.01
CA VAL B 38 -25.50 22.89 19.21
C VAL B 38 -24.83 21.90 18.28
N LYS B 39 -25.48 20.74 18.03
CA LYS B 39 -24.91 19.71 17.13
C LYS B 39 -24.77 20.24 15.71
N ASN B 40 -25.79 20.96 15.24
CA ASN B 40 -25.75 21.54 13.85
C ASN B 40 -24.38 22.20 13.56
N TRP B 41 -23.95 23.00 14.50
CA TRP B 41 -22.69 23.73 14.44
C TRP B 41 -21.52 22.75 14.34
N MET B 42 -21.53 21.74 15.20
CA MET B 42 -20.44 20.75 15.26
C MET B 42 -20.13 20.13 13.89
N THR B 43 -21.10 20.06 13.00
CA THR B 43 -20.81 19.45 11.72
C THR B 43 -19.97 20.34 10.81
N GLU B 44 -20.31 21.61 10.74
CA GLU B 44 -19.57 22.52 9.86
C GLU B 44 -18.29 23.03 10.48
N THR B 45 -18.21 23.00 11.80
CA THR B 45 -17.02 23.51 12.46
C THR B 45 -15.91 22.46 12.55
N LEU B 46 -16.24 21.23 13.01
CA LEU B 46 -15.17 20.21 13.21
C LEU B 46 -14.88 19.36 11.97
N LEU B 47 -15.91 18.97 11.22
CA LEU B 47 -15.69 18.13 10.05
C LEU B 47 -14.66 18.69 9.07
N VAL B 48 -15.04 19.78 8.35
CA VAL B 48 -14.18 20.35 7.28
C VAL B 48 -12.84 20.72 7.82
N GLN B 49 -12.83 21.40 8.96
CA GLN B 49 -11.58 21.83 9.54
C GLN B 49 -10.67 20.68 10.01
N ASN B 50 -11.22 19.64 10.64
CA ASN B 50 -10.36 18.55 11.18
C ASN B 50 -10.44 17.22 10.35
N ALA B 51 -10.42 17.33 8.96
CA ALA B 51 -10.53 16.13 8.09
C ALA B 51 -9.55 15.93 6.86
N ASN B 52 -8.49 15.07 6.98
CA ASN B 52 -7.70 14.59 5.78
C ASN B 52 -7.40 15.63 4.73
N PRO B 53 -6.31 16.34 4.75
CA PRO B 53 -6.04 17.37 3.71
C PRO B 53 -6.38 17.03 2.27
N ASP B 54 -6.18 15.80 1.78
CA ASP B 54 -6.59 15.50 0.42
C ASP B 54 -8.03 15.85 0.25
N CYS B 55 -8.81 15.54 1.28
CA CYS B 55 -10.22 15.82 1.21
C CYS B 55 -10.58 17.25 1.72
N LYS B 56 -10.05 17.68 2.85
CA LYS B 56 -10.35 19.00 3.40
C LYS B 56 -10.10 20.15 2.42
N THR B 57 -8.91 20.19 1.84
CA THR B 57 -8.57 21.26 0.90
C THR B 57 -9.66 21.42 -0.17
N ILE B 58 -10.19 20.30 -0.63
CA ILE B 58 -11.24 20.32 -1.63
C ILE B 58 -12.45 21.05 -1.11
N LEU B 59 -12.87 20.74 0.13
CA LEU B 59 -14.04 21.39 0.68
C LEU B 59 -13.85 22.90 0.61
N LYS B 60 -12.68 23.42 0.96
CA LYS B 60 -12.47 24.89 0.88
C LYS B 60 -12.61 25.39 -0.56
N ALA B 61 -12.46 24.49 -1.53
CA ALA B 61 -12.58 24.86 -2.96
C ALA B 61 -14.03 24.74 -3.47
N LEU B 62 -14.84 23.88 -2.84
CA LEU B 62 -16.23 23.71 -3.28
C LEU B 62 -17.12 24.87 -2.80
N GLY B 63 -16.58 25.79 -2.00
CA GLY B 63 -17.38 26.92 -1.51
C GLY B 63 -18.25 26.46 -0.29
N PRO B 64 -18.23 27.15 0.87
CA PRO B 64 -19.06 26.71 2.07
C PRO B 64 -20.57 26.67 1.80
N GLY B 65 -21.22 25.61 2.28
CA GLY B 65 -22.67 25.46 2.15
C GLY B 65 -23.09 24.54 1.01
N ALA B 66 -22.13 24.06 0.23
CA ALA B 66 -22.45 23.16 -0.86
C ALA B 66 -23.20 21.96 -0.30
N THR B 67 -24.24 21.49 -0.99
CA THR B 67 -24.97 20.34 -0.45
C THR B 67 -23.99 19.20 -0.26
N LEU B 68 -24.36 18.22 0.61
CA LEU B 68 -23.44 17.13 0.95
C LEU B 68 -23.10 16.30 -0.24
N GLU B 69 -23.97 16.30 -1.23
CA GLU B 69 -23.70 15.56 -2.42
C GLU B 69 -22.38 16.16 -2.97
N GLU B 70 -22.28 17.50 -2.86
CA GLU B 70 -21.07 18.19 -3.31
C GLU B 70 -19.87 17.99 -2.35
N MET B 71 -20.08 18.04 -1.00
CA MET B 71 -18.96 17.81 -0.06
C MET B 71 -18.46 16.34 -0.14
N MET B 72 -19.34 15.42 -0.59
CA MET B 72 -18.95 14.00 -0.67
C MET B 72 -18.18 13.64 -1.95
N THR B 73 -18.83 13.70 -3.13
CA THR B 73 -18.19 13.27 -4.41
C THR B 73 -16.89 13.99 -4.80
N ALA B 74 -16.89 15.29 -4.66
CA ALA B 74 -15.71 16.08 -4.99
C ALA B 74 -14.55 15.64 -4.15
N CYS B 75 -14.83 15.33 -2.86
CA CYS B 75 -13.78 14.91 -1.94
C CYS B 75 -13.59 13.39 -1.96
N GLN B 76 -14.57 12.66 -2.49
CA GLN B 76 -14.46 11.21 -2.62
C GLN B 76 -13.45 10.78 -3.66
N GLY B 77 -12.91 11.72 -4.42
CA GLY B 77 -11.89 11.36 -5.38
C GLY B 77 -10.58 11.05 -4.63
N VAL B 78 -10.45 11.54 -3.32
CA VAL B 78 -9.19 11.29 -2.44
C VAL B 78 -8.79 9.84 -2.60
N GLY B 79 -7.47 9.42 -2.44
CA GLY B 79 -7.30 8.01 -2.73
C GLY B 79 -6.68 7.81 -4.12
N GLY B 80 -5.87 6.74 -4.29
CA GLY B 80 -4.96 6.70 -5.39
C GLY B 80 -5.36 7.10 -6.84
N PRO B 81 -6.17 6.46 -7.50
CA PRO B 81 -6.45 6.88 -8.88
C PRO B 81 -7.26 8.18 -9.01
N GLY B 82 -8.03 8.52 -7.98
CA GLY B 82 -8.89 9.71 -8.07
C GLY B 82 -8.17 11.03 -7.85
N HIS B 83 -7.61 11.22 -6.65
CA HIS B 83 -6.94 12.48 -6.32
C HIS B 83 -5.50 12.40 -6.63
N LYS B 84 -4.96 11.25 -6.36
CA LYS B 84 -3.53 11.06 -6.48
C LYS B 84 -3.07 10.92 -7.89
N ALA B 85 -3.87 10.37 -8.78
CA ALA B 85 -3.45 10.34 -10.19
C ALA B 85 -3.13 11.78 -10.66
N ARG B 86 -3.73 12.78 -9.98
CA ARG B 86 -3.54 14.19 -10.26
C ARG B 86 -2.50 14.94 -9.35
N VAL B 87 -2.61 14.86 -7.97
CA VAL B 87 -1.74 15.72 -7.08
C VAL B 87 -0.24 15.57 -7.25
N LEU B 88 0.34 14.41 -6.95
CA LEU B 88 1.79 14.25 -7.15
C LEU B 88 2.05 14.54 -8.54
N ALA B 89 1.20 13.87 -9.30
CA ALA B 89 1.30 13.92 -10.64
C ALA B 89 1.46 15.44 -11.11
N GLU B 90 0.83 16.40 -10.37
CA GLU B 90 0.97 17.87 -10.63
C GLU B 90 2.23 18.48 -10.02
N ALA B 91 2.54 18.07 -8.78
CA ALA B 91 3.72 18.59 -8.07
C ALA B 91 5.01 18.31 -8.83
N MET B 92 5.00 17.27 -9.64
CA MET B 92 6.17 16.92 -10.40
C MET B 92 6.40 17.99 -11.46
N SER B 93 5.31 18.58 -11.94
CA SER B 93 5.43 19.66 -12.93
C SER B 93 5.61 21.04 -12.23
N GLN B 94 5.46 21.07 -10.90
CA GLN B 94 5.61 22.32 -10.15
C GLN B 94 7.07 22.71 -10.00
N VAL B 95 7.90 21.71 -9.69
CA VAL B 95 9.32 21.96 -9.52
C VAL B 95 9.92 22.56 -10.80
N THR B 96 9.21 22.47 -11.91
CA THR B 96 9.73 23.07 -13.11
C THR B 96 9.76 24.60 -12.98
N ASN B 97 8.72 25.15 -12.36
CA ASN B 97 8.58 26.61 -12.21
C ASN B 97 9.72 27.26 -11.39
N THR B 98 10.09 26.65 -10.27
CA THR B 98 11.17 27.20 -9.41
C THR B 98 12.52 26.51 -9.66
N ALA B 99 12.44 25.26 -10.10
CA ALA B 99 13.55 24.39 -10.34
C ALA B 99 13.64 23.99 -11.81
N THR B 100 13.69 24.98 -12.72
CA THR B 100 13.61 24.71 -14.16
C THR B 100 14.53 23.57 -14.55
N ILE B 101 13.81 22.55 -15.03
CA ILE B 101 14.37 21.27 -15.42
C ILE B 101 15.12 21.37 -16.74
N MET B 102 16.32 20.79 -16.80
CA MET B 102 17.11 20.82 -18.03
C MET B 102 17.40 19.40 -18.51
N GLY C 1 14.66 6.97 28.18
CA GLY C 1 13.23 6.70 28.55
C GLY C 1 13.16 6.18 29.98
N GLY C 2 13.77 5.05 30.21
CA GLY C 2 13.79 4.44 31.54
C GLY C 2 12.43 3.90 32.07
N SER C 3 11.36 4.67 32.02
CA SER C 3 10.07 4.19 32.52
C SER C 3 9.59 2.98 31.67
N PRO C 4 9.35 1.78 32.22
CA PRO C 4 8.96 0.54 31.42
C PRO C 4 7.54 0.49 30.86
N THR C 5 7.41 -0.27 29.76
CA THR C 5 6.11 -0.50 29.07
C THR C 5 5.49 0.74 28.44
N SER C 6 5.64 1.94 29.01
CA SER C 6 5.00 3.07 28.39
C SER C 6 5.83 3.79 27.35
N ILE C 7 7.07 4.11 27.67
CA ILE C 7 7.91 4.92 26.76
C ILE C 7 9.10 4.27 26.09
N LEU C 8 9.61 3.26 26.69
CA LEU C 8 10.71 2.57 26.13
C LEU C 8 10.30 2.06 24.81
N ASP C 9 9.01 1.54 24.65
CA ASP C 9 8.70 1.22 23.33
C ASP C 9 7.80 2.22 22.65
N ILE C 10 7.45 3.53 23.19
CA ILE C 10 6.47 4.22 22.33
C ILE C 10 7.10 5.03 21.20
N ARG C 11 6.80 4.61 19.97
CA ARG C 11 7.33 5.26 18.76
C ARG C 11 6.29 5.31 17.62
N GLN C 12 6.24 6.45 16.89
CA GLN C 12 5.27 6.65 15.77
C GLN C 12 5.73 5.99 14.45
N GLY C 13 4.79 5.25 13.82
CA GLY C 13 5.05 4.56 12.55
C GLY C 13 5.23 5.57 11.39
N PRO C 14 5.79 5.12 10.24
CA PRO C 14 6.07 5.97 9.07
C PRO C 14 4.82 6.13 8.17
N LYS C 15 3.84 5.23 8.37
CA LYS C 15 2.57 5.38 7.67
C LYS C 15 1.49 5.70 8.72
N GLU C 16 1.76 5.34 10.01
CA GLU C 16 0.84 5.61 11.11
C GLU C 16 0.87 7.13 11.41
N PRO C 17 -0.23 7.86 11.34
CA PRO C 17 -0.21 9.33 11.58
C PRO C 17 0.00 9.70 13.05
N PHE C 18 0.31 10.97 13.25
CA PHE C 18 0.54 11.53 14.58
C PHE C 18 -0.50 11.02 15.63
N ARG C 19 -1.80 11.26 15.43
CA ARG C 19 -2.83 10.83 16.41
C ARG C 19 -2.81 9.35 16.79
N ASP C 20 -2.65 8.47 15.82
CA ASP C 20 -2.67 7.04 16.11
C ASP C 20 -1.56 6.67 17.10
N TYR C 21 -0.46 7.39 17.04
CA TYR C 21 0.67 7.16 17.95
C TYR C 21 0.47 7.94 19.26
N VAL C 22 -0.04 9.15 19.17
CA VAL C 22 -0.24 9.91 20.39
C VAL C 22 -1.18 9.14 21.33
N ASP C 23 -2.31 8.65 20.80
CA ASP C 23 -3.23 7.90 21.65
C ASP C 23 -2.51 6.76 22.35
N ARG C 24 -1.45 6.24 21.72
CA ARG C 24 -0.67 5.14 22.31
C ARG C 24 0.21 5.66 23.43
N PHE C 25 0.86 6.78 23.14
CA PHE C 25 1.75 7.40 24.11
C PHE C 25 0.99 7.85 25.33
N TYR C 26 -0.30 8.17 25.17
CA TYR C 26 -1.06 8.64 26.33
C TYR C 26 -1.59 7.49 27.18
N LYS C 27 -2.37 6.63 26.56
CA LYS C 27 -2.95 5.49 27.28
C LYS C 27 -1.84 4.64 27.85
N THR C 28 -0.74 4.48 27.10
CA THR C 28 0.32 3.60 27.61
C THR C 28 0.93 4.23 28.86
N LEU C 29 0.86 5.58 28.96
CA LEU C 29 1.32 6.27 30.17
C LEU C 29 0.46 5.91 31.43
N ARG C 30 -0.86 5.69 31.29
CA ARG C 30 -1.64 5.33 32.51
C ARG C 30 -1.44 3.85 32.87
N ALA C 31 -0.68 3.09 32.05
CA ALA C 31 -0.47 1.67 32.32
C ALA C 31 0.75 1.40 33.19
N GLU C 32 1.67 2.36 33.29
CA GLU C 32 2.86 2.17 34.12
C GLU C 32 2.69 2.89 35.47
N GLN C 33 3.51 2.53 36.46
CA GLN C 33 3.41 3.15 37.84
C GLN C 33 4.31 4.43 38.00
N ALA C 34 4.04 5.45 37.17
CA ALA C 34 4.82 6.69 37.19
C ALA C 34 4.07 7.86 37.84
N SER C 35 4.80 8.67 38.62
CA SER C 35 4.22 9.83 39.30
C SER C 35 3.67 10.86 38.30
N GLN C 36 2.71 11.66 38.78
CA GLN C 36 2.01 12.60 37.91
C GLN C 36 2.97 13.40 37.02
N GLU C 37 3.99 14.05 37.59
CA GLU C 37 4.90 14.84 36.77
C GLU C 37 5.86 13.96 35.95
N VAL C 38 6.03 12.73 36.33
CA VAL C 38 6.87 11.87 35.55
C VAL C 38 6.22 11.77 34.20
N LYS C 39 4.94 11.57 34.16
CA LYS C 39 4.28 11.48 32.87
C LYS C 39 4.44 12.80 32.11
N ASN C 40 4.49 13.92 32.84
CA ASN C 40 4.70 15.20 32.15
C ASN C 40 6.05 15.19 31.37
N TRP C 41 7.07 14.67 32.04
CA TRP C 41 8.43 14.56 31.52
C TRP C 41 8.57 13.47 30.43
N MET C 42 7.85 12.37 30.63
CA MET C 42 7.87 11.27 29.71
C MET C 42 7.34 11.73 28.40
N THR C 43 6.37 12.60 28.47
CA THR C 43 5.77 13.09 27.26
C THR C 43 6.57 14.21 26.63
N GLU C 44 7.04 15.14 27.45
CA GLU C 44 7.79 16.28 26.90
C GLU C 44 9.08 15.92 26.18
N THR C 45 9.84 15.00 26.72
CA THR C 45 11.11 14.66 26.13
C THR C 45 11.01 13.61 25.04
N LEU C 46 10.34 12.52 25.31
CA LEU C 46 10.30 11.41 24.34
C LEU C 46 9.48 11.69 23.05
N LEU C 47 8.15 11.88 23.17
CA LEU C 47 7.24 12.06 21.99
C LEU C 47 7.89 12.78 20.81
N VAL C 48 8.33 14.01 21.02
CA VAL C 48 8.95 14.76 19.95
C VAL C 48 10.20 14.06 19.45
N GLN C 49 11.07 13.62 20.35
CA GLN C 49 12.32 12.98 19.94
C GLN C 49 12.17 11.52 19.40
N ASN C 50 11.06 10.81 19.69
CA ASN C 50 10.92 9.40 19.26
C ASN C 50 9.69 9.18 18.39
N ALA C 51 9.30 10.20 17.61
CA ALA C 51 8.07 10.06 16.80
C ALA C 51 8.18 10.37 15.30
N ASN C 52 8.20 9.32 14.44
CA ASN C 52 8.05 9.52 12.98
C ASN C 52 8.83 10.68 12.42
N PRO C 53 10.06 10.52 11.94
CA PRO C 53 10.87 11.66 11.41
C PRO C 53 10.03 12.64 10.57
N ASP C 54 8.96 12.13 9.93
CA ASP C 54 8.06 13.02 9.18
C ASP C 54 7.44 14.02 10.12
N CYS C 55 6.76 13.52 11.14
CA CYS C 55 6.14 14.45 12.08
C CYS C 55 7.17 15.12 12.98
N LYS C 56 8.22 14.42 13.33
CA LYS C 56 9.26 14.97 14.16
C LYS C 56 9.87 16.19 13.51
N THR C 57 10.10 16.12 12.18
CA THR C 57 10.67 17.27 11.49
C THR C 57 9.58 18.38 11.39
N ILE C 58 8.27 17.99 11.50
CA ILE C 58 7.18 18.98 11.55
C ILE C 58 7.18 19.68 12.89
N LEU C 59 7.45 18.89 13.94
CA LEU C 59 7.49 19.39 15.29
C LEU C 59 8.66 20.34 15.45
N LYS C 60 9.83 20.00 14.90
CA LYS C 60 10.96 20.91 14.99
C LYS C 60 10.56 22.19 14.23
N ALA C 61 9.88 21.98 13.12
CA ALA C 61 9.45 23.10 12.30
C ALA C 61 8.41 24.01 12.98
N LEU C 62 7.45 23.45 13.73
CA LEU C 62 6.42 24.29 14.34
C LEU C 62 7.01 25.20 15.44
N GLY C 63 8.27 24.99 15.80
CA GLY C 63 8.86 25.81 16.84
C GLY C 63 8.59 25.13 18.16
N PRO C 64 9.48 24.26 18.64
CA PRO C 64 9.29 23.53 19.94
C PRO C 64 8.64 24.37 21.04
N GLY C 65 7.72 23.74 21.75
CA GLY C 65 6.96 24.39 22.81
C GLY C 65 5.55 24.74 22.35
N ALA C 66 5.29 24.67 21.03
CA ALA C 66 3.96 24.97 20.52
C ALA C 66 3.02 23.92 21.05
N THR C 67 1.82 24.34 21.43
CA THR C 67 0.89 23.41 22.00
C THR C 67 0.70 22.23 21.11
N LEU C 68 0.37 21.12 21.74
CA LEU C 68 0.11 19.91 21.01
C LEU C 68 -1.01 20.12 20.04
N GLU C 69 -1.81 21.16 20.22
CA GLU C 69 -2.90 21.36 19.31
C GLU C 69 -2.27 21.51 17.92
N GLU C 70 -1.16 22.23 17.82
CA GLU C 70 -0.48 22.42 16.54
C GLU C 70 0.27 21.15 16.05
N MET C 71 0.99 20.44 16.95
CA MET C 71 1.74 19.26 16.52
C MET C 71 0.74 18.22 15.99
N MET C 72 -0.40 18.13 16.67
CA MET C 72 -1.43 17.21 16.23
C MET C 72 -2.07 17.66 14.95
N THR C 73 -2.56 18.87 14.91
CA THR C 73 -3.26 19.28 13.70
C THR C 73 -2.37 19.16 12.46
N ALA C 74 -1.13 19.64 12.56
CA ALA C 74 -0.21 19.64 11.42
C ALA C 74 0.27 18.25 10.94
N CYS C 75 0.63 17.42 11.88
CA CYS C 75 1.17 16.12 11.54
C CYS C 75 0.08 15.13 11.09
N GLN C 76 -1.19 15.49 11.24
CA GLN C 76 -2.30 14.63 10.79
C GLN C 76 -2.50 14.64 9.27
N GLY C 77 -1.74 15.47 8.56
CA GLY C 77 -1.85 15.60 7.11
C GLY C 77 -0.65 15.03 6.45
N VAL C 78 0.01 14.03 7.10
CA VAL C 78 1.27 13.42 6.48
C VAL C 78 0.70 13.00 5.16
N GLY C 79 1.05 13.71 4.10
CA GLY C 79 0.10 13.55 3.10
C GLY C 79 0.28 14.36 1.87
N GLY C 80 -0.41 14.16 0.81
CA GLY C 80 0.16 14.83 -0.33
C GLY C 80 -0.01 16.33 -0.40
N PRO C 81 -1.18 16.83 -0.22
CA PRO C 81 -1.31 18.23 -0.21
C PRO C 81 -0.40 18.85 0.84
N GLY C 82 -0.28 18.15 1.98
CA GLY C 82 0.58 18.62 3.03
C GLY C 82 2.03 18.15 3.03
N HIS C 83 2.27 16.88 3.43
CA HIS C 83 3.64 16.42 3.59
C HIS C 83 4.27 15.75 2.38
N LYS C 84 3.70 14.65 2.07
CA LYS C 84 4.12 13.78 1.04
C LYS C 84 4.53 14.47 -0.29
N ALA C 85 3.81 15.47 -0.74
CA ALA C 85 4.22 16.16 -1.97
C ALA C 85 5.49 16.94 -1.66
N ARG C 86 5.55 17.49 -0.46
CA ARG C 86 6.69 18.29 -0.02
C ARG C 86 8.01 17.48 0.05
N VAL C 87 8.02 16.31 0.65
CA VAL C 87 9.27 15.56 0.70
C VAL C 87 9.52 14.84 -0.61
N LEU C 88 8.45 14.37 -1.26
CA LEU C 88 8.59 13.67 -2.53
C LEU C 88 9.12 14.63 -3.62
N ALA C 89 8.47 15.74 -3.77
CA ALA C 89 8.83 16.66 -4.84
C ALA C 89 10.27 17.17 -4.73
N GLU C 90 10.61 17.62 -3.53
CA GLU C 90 11.93 18.21 -3.31
C GLU C 90 13.08 17.25 -3.56
N ALA C 91 12.96 16.03 -3.03
CA ALA C 91 14.04 15.05 -3.19
C ALA C 91 14.51 14.96 -4.62
N MET C 92 13.57 14.99 -5.54
CA MET C 92 13.89 14.95 -6.95
C MET C 92 14.56 16.25 -7.43
N SER C 93 14.02 17.36 -6.96
CA SER C 93 14.48 18.66 -7.40
C SER C 93 15.74 19.11 -6.68
N GLN C 94 16.14 18.40 -5.63
CA GLN C 94 17.35 18.77 -4.91
C GLN C 94 18.60 18.22 -5.58
N VAL C 95 18.55 16.94 -5.95
CA VAL C 95 19.72 16.36 -6.60
C VAL C 95 20.06 17.15 -7.83
N THR C 96 19.05 17.77 -8.42
CA THR C 96 19.25 18.51 -9.61
C THR C 96 20.24 19.63 -9.32
N ASN C 97 19.97 20.38 -8.25
CA ASN C 97 20.80 21.53 -7.85
C ASN C 97 22.13 21.18 -7.18
N THR C 98 22.31 19.96 -6.68
CA THR C 98 23.54 19.70 -5.94
C THR C 98 24.80 19.99 -6.77
N ALA C 99 24.89 19.47 -7.98
CA ALA C 99 26.05 19.78 -8.83
C ALA C 99 25.67 19.95 -10.28
N THR C 100 24.85 19.01 -10.75
CA THR C 100 24.41 19.00 -12.13
C THR C 100 22.91 19.11 -12.22
N ILE C 101 22.42 20.16 -12.86
CA ILE C 101 21.00 20.36 -13.02
C ILE C 101 20.60 19.92 -14.44
N MET C 102 20.04 18.70 -14.54
CA MET C 102 19.54 18.16 -15.81
C MET C 102 18.27 17.37 -15.54
N GLY D 1 24.51 -17.65 17.01
CA GLY D 1 23.82 -18.34 18.15
C GLY D 1 22.63 -19.12 17.62
N GLY D 2 21.46 -18.52 17.71
CA GLY D 2 20.26 -19.15 17.20
C GLY D 2 19.61 -20.21 18.11
N SER D 3 18.85 -19.82 19.10
CA SER D 3 18.10 -20.81 19.88
C SER D 3 16.71 -21.04 19.23
N PRO D 4 16.01 -22.15 19.52
CA PRO D 4 14.68 -22.46 18.85
C PRO D 4 13.73 -21.28 18.76
N THR D 5 13.32 -20.94 17.53
CA THR D 5 12.41 -19.82 17.25
C THR D 5 12.82 -18.54 17.95
N SER D 6 14.08 -18.45 18.37
CA SER D 6 14.52 -17.24 19.01
C SER D 6 15.34 -16.38 18.06
N ILE D 7 16.39 -16.98 17.53
CA ILE D 7 17.26 -16.28 16.60
C ILE D 7 17.65 -17.15 15.40
N LEU D 8 17.17 -18.34 15.33
CA LEU D 8 17.44 -19.18 14.18
C LEU D 8 16.89 -18.54 12.96
N ASP D 9 15.90 -17.64 13.13
CA ASP D 9 15.59 -16.88 11.99
C ASP D 9 14.94 -15.53 12.30
N ILE D 10 15.22 -14.79 13.46
CA ILE D 10 14.31 -13.68 13.61
C ILE D 10 14.63 -12.58 12.56
N ARG D 11 13.83 -12.53 11.48
CA ARG D 11 14.09 -11.62 10.36
C ARG D 11 13.09 -10.52 10.19
N GLN D 12 13.48 -9.47 9.41
CA GLN D 12 12.57 -8.33 9.26
C GLN D 12 11.85 -8.35 7.92
N GLY D 13 10.61 -7.94 7.96
CA GLY D 13 9.85 -7.82 6.74
C GLY D 13 10.26 -6.54 6.02
N PRO D 14 9.99 -6.38 4.74
CA PRO D 14 10.37 -5.14 3.99
C PRO D 14 9.47 -3.94 4.36
N LYS D 15 8.15 -4.14 4.41
CA LYS D 15 7.22 -3.08 4.85
C LYS D 15 7.20 -3.07 6.41
N GLU D 16 7.58 -4.22 7.03
CA GLU D 16 7.64 -4.31 8.50
C GLU D 16 8.85 -3.49 8.95
N PRO D 17 8.72 -2.36 9.64
CA PRO D 17 9.90 -1.48 10.03
C PRO D 17 10.81 -1.95 11.15
N PHE D 18 11.97 -1.23 11.25
CA PHE D 18 12.97 -1.43 12.30
C PHE D 18 12.28 -1.65 13.63
N ARG D 19 11.10 -0.90 13.81
CA ARG D 19 10.23 -0.89 15.04
C ARG D 19 9.54 -2.19 15.48
N ASP D 20 8.76 -2.80 14.60
CA ASP D 20 8.03 -4.01 15.01
C ASP D 20 9.00 -5.10 15.45
N TYR D 21 9.99 -5.27 14.60
CA TYR D 21 11.06 -6.25 14.73
C TYR D 21 11.88 -6.14 15.98
N VAL D 22 12.12 -4.93 16.48
CA VAL D 22 12.93 -4.80 17.70
C VAL D 22 12.31 -5.70 18.77
N ASP D 23 10.98 -5.58 18.84
CA ASP D 23 10.17 -6.34 19.76
C ASP D 23 10.28 -7.80 19.41
N ARG D 24 10.46 -8.10 18.13
CA ARG D 24 10.59 -9.49 17.73
C ARG D 24 11.92 -10.07 18.22
N PHE D 25 13.04 -9.51 17.82
CA PHE D 25 14.30 -10.12 18.22
C PHE D 25 14.47 -10.13 19.72
N TYR D 26 13.74 -9.25 20.44
CA TYR D 26 13.80 -9.25 21.91
C TYR D 26 12.81 -10.23 22.50
N LYS D 27 11.51 -9.97 22.26
CA LYS D 27 10.46 -10.81 22.81
C LYS D 27 10.73 -12.26 22.41
N THR D 28 11.10 -12.48 21.14
CA THR D 28 11.39 -13.84 20.69
C THR D 28 12.42 -14.46 21.60
N LEU D 29 13.31 -13.66 22.19
CA LEU D 29 14.34 -14.24 23.04
C LEU D 29 13.75 -15.03 24.21
N ARG D 30 12.78 -14.45 24.96
CA ARG D 30 12.27 -15.13 26.18
C ARG D 30 11.87 -16.57 25.93
N ALA D 31 11.44 -16.86 24.73
CA ALA D 31 10.98 -18.20 24.36
C ALA D 31 12.07 -19.25 24.29
N GLU D 32 13.30 -18.83 24.43
CA GLU D 32 14.41 -19.78 24.27
C GLU D 32 14.90 -20.34 25.62
N GLN D 33 15.70 -21.43 25.58
CA GLN D 33 16.25 -22.00 26.81
C GLN D 33 17.74 -21.61 26.93
N ALA D 34 17.98 -20.28 26.99
CA ALA D 34 19.36 -19.75 27.06
C ALA D 34 19.65 -19.03 28.36
N SER D 35 20.95 -18.98 28.67
CA SER D 35 21.45 -18.29 29.84
C SER D 35 21.49 -16.80 29.54
N GLN D 36 21.71 -15.98 30.58
CA GLN D 36 21.68 -14.51 30.42
C GLN D 36 22.75 -13.99 29.45
N GLU D 37 23.99 -14.44 29.61
CA GLU D 37 25.09 -13.97 28.73
C GLU D 37 24.92 -14.54 27.32
N VAL D 38 24.30 -15.72 27.25
CA VAL D 38 24.04 -16.37 25.97
C VAL D 38 23.12 -15.50 25.15
N LYS D 39 22.05 -15.04 25.78
CA LYS D 39 21.09 -14.20 25.10
C LYS D 39 21.67 -12.84 24.73
N ASN D 40 22.53 -12.26 25.60
CA ASN D 40 23.07 -10.93 25.30
C ASN D 40 23.82 -10.92 23.99
N TRP D 41 24.59 -11.96 23.73
CA TRP D 41 25.31 -12.03 22.47
C TRP D 41 24.33 -12.07 21.26
N MET D 42 23.26 -12.86 21.40
CA MET D 42 22.29 -13.05 20.30
C MET D 42 21.75 -11.73 19.74
N THR D 43 21.46 -10.79 20.64
CA THR D 43 20.91 -9.50 20.27
C THR D 43 21.84 -8.59 19.48
N GLU D 44 23.14 -8.72 19.63
CA GLU D 44 24.02 -7.83 18.91
C GLU D 44 24.33 -8.33 17.51
N THR D 45 24.90 -9.51 17.45
CA THR D 45 25.34 -10.08 16.19
C THR D 45 24.20 -10.37 15.18
N LEU D 46 23.28 -11.26 15.54
CA LEU D 46 22.19 -11.61 14.63
C LEU D 46 21.27 -10.42 14.34
N LEU D 47 21.22 -9.35 15.20
CA LEU D 47 20.31 -8.19 14.90
C LEU D 47 20.70 -7.41 13.63
N VAL D 48 21.95 -7.02 13.52
CA VAL D 48 22.34 -6.20 12.39
C VAL D 48 22.34 -6.94 11.09
N GLN D 49 22.60 -8.26 11.11
CA GLN D 49 22.67 -9.02 9.86
C GLN D 49 21.31 -9.41 9.28
N ASN D 50 20.39 -9.79 10.15
CA ASN D 50 19.12 -10.32 9.70
C ASN D 50 17.97 -9.34 9.88
N ALA D 51 18.26 -8.06 9.79
CA ALA D 51 17.22 -7.04 9.97
C ALA D 51 17.08 -6.04 8.80
N ASN D 52 16.08 -6.25 7.92
CA ASN D 52 15.74 -5.23 6.88
C ASN D 52 16.90 -4.54 6.10
N PRO D 53 17.33 -5.03 4.95
CA PRO D 53 18.45 -4.39 4.17
C PRO D 53 18.39 -2.84 4.13
N ASP D 54 17.20 -2.23 4.29
CA ASP D 54 17.14 -0.77 4.31
C ASP D 54 17.81 -0.31 5.54
N CYS D 55 17.37 -0.88 6.68
CA CYS D 55 17.90 -0.40 7.95
C CYS D 55 19.28 -0.86 8.19
N LYS D 56 19.58 -2.06 7.79
CA LYS D 56 20.92 -2.62 7.95
C LYS D 56 21.96 -1.70 7.30
N THR D 57 21.65 -1.25 6.08
CA THR D 57 22.55 -0.33 5.39
C THR D 57 22.74 0.93 6.26
N ILE D 58 21.76 1.21 7.17
CA ILE D 58 21.87 2.33 8.12
C ILE D 58 22.62 1.85 9.36
N LEU D 59 22.42 0.62 9.83
CA LEU D 59 23.15 0.15 11.01
C LEU D 59 24.64 0.15 10.72
N LYS D 60 25.06 -0.23 9.50
CA LYS D 60 26.50 -0.17 9.22
C LYS D 60 26.92 1.27 8.96
N ALA D 61 25.94 2.17 8.65
CA ALA D 61 26.27 3.58 8.43
C ALA D 61 26.57 4.23 9.79
N LEU D 62 25.66 4.01 10.73
CA LEU D 62 25.87 4.45 12.08
C LEU D 62 27.15 3.76 12.49
N GLY D 63 27.26 2.49 12.08
CA GLY D 63 28.45 1.74 12.31
C GLY D 63 28.47 1.04 13.67
N PRO D 64 29.59 0.45 14.01
CA PRO D 64 29.73 -0.27 15.29
C PRO D 64 29.84 0.64 16.55
N GLY D 65 29.33 0.10 17.68
CA GLY D 65 29.40 0.77 18.98
C GLY D 65 28.21 1.68 19.26
N ALA D 66 27.36 1.90 18.27
CA ALA D 66 26.21 2.77 18.47
C ALA D 66 25.10 2.04 19.21
N THR D 67 24.67 2.60 20.35
CA THR D 67 23.58 1.96 21.10
C THR D 67 22.38 1.84 20.21
N LEU D 68 21.49 0.93 20.54
CA LEU D 68 20.29 0.71 19.74
C LEU D 68 19.41 1.94 19.63
N GLU D 69 19.56 2.83 20.57
CA GLU D 69 18.76 4.04 20.54
C GLU D 69 19.11 4.73 19.24
N GLU D 70 20.41 4.79 18.90
CA GLU D 70 20.85 5.44 17.67
C GLU D 70 20.41 4.60 16.47
N MET D 71 20.55 3.29 16.56
CA MET D 71 20.09 2.45 15.46
C MET D 71 18.56 2.62 15.30
N MET D 72 17.89 3.04 16.36
CA MET D 72 16.44 3.21 16.32
C MET D 72 16.05 4.55 15.68
N THR D 73 16.59 5.65 16.22
CA THR D 73 16.27 6.98 15.72
C THR D 73 16.40 7.07 14.18
N ALA D 74 17.51 6.60 13.65
CA ALA D 74 17.78 6.66 12.21
C ALA D 74 16.87 5.74 11.39
N CYS D 75 16.67 4.53 11.86
CA CYS D 75 15.86 3.58 11.12
C CYS D 75 14.34 3.82 11.28
N GLN D 76 13.92 4.84 12.07
CA GLN D 76 12.46 5.14 12.16
C GLN D 76 11.93 5.60 10.81
N GLY D 77 12.74 6.39 10.11
CA GLY D 77 12.37 6.97 8.81
C GLY D 77 12.22 5.92 7.71
N VAL D 78 12.59 4.68 8.01
CA VAL D 78 12.44 3.59 6.99
C VAL D 78 10.98 3.63 6.76
N GLY D 79 10.49 3.66 5.48
CA GLY D 79 9.10 4.06 5.44
C GLY D 79 8.65 4.73 4.16
N GLY D 80 7.36 5.02 3.94
CA GLY D 80 7.11 5.54 2.63
C GLY D 80 7.44 7.05 2.35
N PRO D 81 6.97 7.96 3.13
CA PRO D 81 7.25 9.41 2.86
C PRO D 81 8.70 9.85 3.07
N GLY D 82 9.35 9.33 4.12
CA GLY D 82 10.70 9.80 4.40
C GLY D 82 11.80 9.05 3.64
N HIS D 83 12.06 7.79 4.01
CA HIS D 83 13.16 7.06 3.39
C HIS D 83 12.86 6.69 1.95
N LYS D 84 11.72 6.04 1.69
CA LYS D 84 11.40 5.61 0.31
C LYS D 84 11.53 6.74 -0.69
N ALA D 85 11.05 7.91 -0.36
CA ALA D 85 11.14 9.02 -1.29
C ALA D 85 12.60 9.28 -1.59
N ARG D 86 13.40 9.23 -0.55
CA ARG D 86 14.82 9.50 -0.71
C ARG D 86 15.47 8.41 -1.59
N VAL D 87 15.26 7.16 -1.25
CA VAL D 87 15.83 6.06 -2.01
C VAL D 87 15.45 6.16 -3.48
N LEU D 88 14.26 6.65 -3.78
CA LEU D 88 13.87 6.81 -5.16
C LEU D 88 14.81 7.80 -5.83
N ALA D 89 15.09 8.90 -5.11
CA ALA D 89 15.95 9.98 -5.61
C ALA D 89 17.42 9.55 -5.84
N GLU D 90 17.99 8.78 -4.90
CA GLU D 90 19.39 8.36 -5.06
C GLU D 90 19.58 7.52 -6.30
N ALA D 91 18.62 6.65 -6.57
CA ALA D 91 18.73 5.81 -7.75
C ALA D 91 18.55 6.63 -9.02
N MET D 92 17.60 7.57 -8.98
CA MET D 92 17.30 8.41 -10.15
C MET D 92 18.50 9.25 -10.60
N SER D 93 19.26 9.76 -9.65
CA SER D 93 20.38 10.63 -9.99
C SER D 93 21.67 9.88 -10.32
N GLN D 94 21.71 8.58 -10.06
CA GLN D 94 22.92 7.80 -10.35
C GLN D 94 22.97 7.36 -11.79
N VAL D 95 21.81 7.05 -12.33
CA VAL D 95 21.73 6.59 -13.70
C VAL D 95 22.01 7.71 -14.63
N THR D 96 21.73 8.91 -14.20
CA THR D 96 21.97 9.97 -15.09
C THR D 96 23.47 10.11 -15.31
N ASN D 97 24.25 10.24 -14.24
CA ASN D 97 25.71 10.43 -14.35
C ASN D 97 26.52 9.16 -14.65
N THR D 98 26.05 8.00 -14.24
CA THR D 98 26.85 6.80 -14.43
C THR D 98 27.15 6.47 -15.89
N ALA D 99 26.16 6.56 -16.81
CA ALA D 99 26.47 6.23 -18.22
C ALA D 99 25.96 7.26 -19.22
N THR D 100 24.69 7.64 -19.13
CA THR D 100 24.13 8.63 -20.06
C THR D 100 23.48 9.78 -19.31
N ILE D 101 23.92 10.99 -19.62
CA ILE D 101 23.34 12.16 -18.98
C ILE D 101 22.49 12.94 -19.99
N MET D 102 21.18 12.95 -19.78
CA MET D 102 20.26 13.66 -20.66
C MET D 102 19.06 14.17 -19.88
N GLY E 1 7.73 -31.24 -7.35
CA GLY E 1 7.16 -31.98 -6.19
C GLY E 1 5.85 -32.57 -6.62
N GLY E 2 4.82 -31.75 -6.65
CA GLY E 2 3.52 -32.22 -7.09
C GLY E 2 2.72 -32.97 -5.99
N SER E 3 3.17 -32.98 -4.72
CA SER E 3 2.40 -33.70 -3.66
C SER E 3 1.22 -32.83 -3.22
N PRO E 4 0.14 -33.40 -2.72
CA PRO E 4 -1.09 -32.61 -2.33
C PRO E 4 -0.82 -31.28 -1.62
N THR E 5 -1.42 -30.23 -2.24
CA THR E 5 -1.37 -28.82 -1.79
C THR E 5 -0.05 -28.30 -1.29
N SER E 6 1.05 -29.00 -1.48
CA SER E 6 2.27 -28.54 -0.94
C SER E 6 3.15 -27.75 -1.84
N ILE E 7 3.48 -28.31 -3.00
CA ILE E 7 4.42 -27.68 -3.95
C ILE E 7 3.99 -27.68 -5.43
N LEU E 8 2.94 -28.39 -5.72
CA LEU E 8 2.41 -28.50 -7.10
C LEU E 8 2.23 -27.11 -7.61
N ASP E 9 1.77 -26.21 -6.70
CA ASP E 9 1.75 -24.86 -7.09
C ASP E 9 2.27 -23.93 -6.01
N ILE E 10 3.16 -24.29 -5.04
CA ILE E 10 3.31 -23.25 -4.06
C ILE E 10 4.03 -22.03 -4.72
N ARG E 11 3.46 -20.78 -4.64
CA ARG E 11 4.13 -19.63 -5.32
C ARG E 11 4.23 -18.38 -4.47
N GLN E 12 5.45 -17.89 -4.37
CA GLN E 12 5.70 -16.68 -3.61
C GLN E 12 4.86 -15.59 -4.22
N GLY E 13 4.16 -14.87 -3.38
CA GLY E 13 3.31 -13.81 -3.86
C GLY E 13 4.15 -12.59 -4.36
N PRO E 14 3.74 -11.91 -5.43
CA PRO E 14 4.46 -10.71 -5.96
C PRO E 14 4.74 -9.71 -4.84
N LYS E 15 3.77 -9.52 -3.94
CA LYS E 15 3.99 -8.60 -2.81
C LYS E 15 4.35 -9.40 -1.56
N GLU E 16 4.29 -10.75 -1.62
CA GLU E 16 4.56 -11.55 -0.43
C GLU E 16 6.10 -11.73 -0.32
N PRO E 17 6.75 -11.33 0.76
CA PRO E 17 8.24 -11.47 0.84
C PRO E 17 8.70 -12.93 0.78
N PHE E 18 9.97 -13.11 0.49
CA PHE E 18 10.54 -14.42 0.43
C PHE E 18 10.26 -15.13 1.76
N ARG E 19 10.54 -14.48 2.90
CA ARG E 19 10.26 -15.11 4.20
C ARG E 19 8.91 -15.78 4.32
N ASP E 20 7.86 -14.97 4.17
CA ASP E 20 6.49 -15.44 4.33
C ASP E 20 6.16 -16.61 3.43
N TYR E 21 6.62 -16.53 2.22
CA TYR E 21 6.34 -17.61 1.29
C TYR E 21 7.07 -18.87 1.61
N VAL E 22 8.36 -18.74 1.87
CA VAL E 22 9.21 -19.89 2.13
C VAL E 22 8.55 -20.86 3.10
N ASP E 23 7.93 -20.31 4.18
CA ASP E 23 7.23 -21.16 5.13
C ASP E 23 6.09 -21.88 4.41
N ARG E 24 5.32 -21.13 3.62
CA ARG E 24 4.24 -21.73 2.83
C ARG E 24 4.82 -22.85 1.99
N PHE E 25 6.09 -22.73 1.65
CA PHE E 25 6.75 -23.76 0.87
C PHE E 25 7.33 -24.87 1.77
N TYR E 26 7.63 -24.53 3.06
CA TYR E 26 8.22 -25.52 3.98
C TYR E 26 7.20 -26.27 4.85
N LYS E 27 6.44 -25.52 5.65
CA LYS E 27 5.45 -26.12 6.56
C LYS E 27 4.46 -26.93 5.73
N THR E 28 4.12 -26.42 4.54
CA THR E 28 3.18 -27.13 3.70
C THR E 28 3.78 -28.48 3.31
N LEU E 29 5.14 -28.56 3.23
CA LEU E 29 5.75 -29.86 2.88
C LEU E 29 5.48 -30.86 4.03
N ARG E 30 5.10 -30.37 5.21
CA ARG E 30 4.86 -31.31 6.31
C ARG E 30 3.49 -31.94 6.24
N ALA E 31 2.58 -31.31 5.50
CA ALA E 31 1.23 -31.85 5.35
C ALA E 31 1.14 -32.89 4.23
N GLU E 32 2.26 -33.15 3.53
CA GLU E 32 2.24 -34.14 2.48
C GLU E 32 2.92 -35.46 2.96
N GLN E 33 2.44 -36.56 2.39
CA GLN E 33 2.98 -37.93 2.64
C GLN E 33 4.18 -38.21 1.70
N ALA E 34 5.31 -37.50 1.88
CA ALA E 34 6.49 -37.69 0.99
C ALA E 34 7.74 -38.18 1.72
N SER E 35 8.45 -39.11 1.06
CA SER E 35 9.68 -39.71 1.60
C SER E 35 10.60 -38.63 2.07
N GLN E 36 11.46 -38.98 3.01
CA GLN E 36 12.38 -38.00 3.52
C GLN E 36 13.30 -37.52 2.39
N GLU E 37 13.60 -38.41 1.44
CA GLU E 37 14.46 -38.02 0.32
C GLU E 37 13.65 -37.31 -0.78
N VAL E 38 12.33 -37.47 -0.78
CA VAL E 38 11.50 -36.78 -1.76
C VAL E 38 11.34 -35.32 -1.35
N LYS E 39 10.98 -35.08 -0.09
CA LYS E 39 10.81 -33.71 0.37
C LYS E 39 12.09 -32.94 0.11
N ASN E 40 13.23 -33.58 0.29
CA ASN E 40 14.48 -32.91 0.06
C ASN E 40 14.50 -32.29 -1.34
N TRP E 41 14.16 -33.13 -2.30
CA TRP E 41 14.13 -32.75 -3.70
C TRP E 41 13.12 -31.63 -3.97
N MET E 42 11.98 -31.68 -3.31
CA MET E 42 10.96 -30.66 -3.52
C MET E 42 11.52 -29.32 -3.09
N THR E 43 12.50 -29.30 -2.17
CA THR E 43 13.05 -28.00 -1.75
C THR E 43 14.15 -27.45 -2.68
N GLU E 44 14.84 -28.31 -3.42
CA GLU E 44 15.93 -27.81 -4.30
C GLU E 44 15.39 -27.44 -5.70
N THR E 45 14.52 -28.28 -6.23
CA THR E 45 13.96 -28.01 -7.53
C THR E 45 12.78 -27.02 -7.52
N LEU E 46 11.90 -27.10 -6.50
CA LEU E 46 10.66 -26.26 -6.52
C LEU E 46 10.79 -24.88 -5.80
N LEU E 47 11.79 -24.68 -4.95
CA LEU E 47 11.87 -23.38 -4.26
C LEU E 47 12.20 -22.18 -5.21
N VAL E 48 13.06 -22.38 -6.21
CA VAL E 48 13.49 -21.26 -7.05
C VAL E 48 12.51 -20.93 -8.22
N GLN E 49 12.02 -21.93 -8.90
CA GLN E 49 11.16 -21.68 -10.08
C GLN E 49 9.87 -20.90 -9.74
N ASN E 50 9.24 -21.21 -8.62
CA ASN E 50 7.95 -20.58 -8.29
C ASN E 50 8.04 -19.49 -7.21
N ALA E 51 9.18 -18.85 -7.08
CA ALA E 51 9.35 -17.86 -6.03
C ALA E 51 9.30 -16.36 -6.42
N ASN E 52 8.18 -15.80 -6.97
CA ASN E 52 8.13 -14.30 -7.14
C ASN E 52 9.24 -13.67 -7.99
N PRO E 53 9.05 -13.33 -9.25
CA PRO E 53 10.16 -12.77 -10.10
C PRO E 53 11.11 -11.76 -9.39
N ASP E 54 10.68 -11.07 -8.30
CA ASP E 54 11.62 -10.16 -7.61
C ASP E 54 12.77 -10.90 -6.99
N CYS E 55 12.49 -12.02 -6.30
CA CYS E 55 13.59 -12.78 -5.67
C CYS E 55 14.00 -13.87 -6.59
N LYS E 56 13.10 -14.36 -7.39
CA LYS E 56 13.47 -15.40 -8.32
C LYS E 56 14.57 -14.84 -9.21
N THR E 57 14.53 -13.52 -9.46
CA THR E 57 15.60 -12.94 -10.25
C THR E 57 16.87 -12.80 -9.37
N ILE E 58 16.66 -12.66 -8.04
CA ILE E 58 17.77 -12.56 -7.06
C ILE E 58 18.49 -13.90 -6.88
N LEU E 59 17.74 -15.00 -6.84
CA LEU E 59 18.31 -16.31 -6.71
C LEU E 59 19.23 -16.57 -7.91
N LYS E 60 18.87 -16.07 -9.11
CA LYS E 60 19.77 -16.25 -10.27
C LYS E 60 20.81 -15.15 -10.32
N ALA E 61 20.56 -14.02 -9.62
CA ALA E 61 21.57 -12.96 -9.58
C ALA E 61 22.78 -13.34 -8.67
N LEU E 62 22.48 -13.97 -7.47
CA LEU E 62 23.51 -14.43 -6.53
C LEU E 62 24.31 -15.59 -7.15
N GLY E 63 23.65 -16.33 -8.04
CA GLY E 63 24.29 -17.43 -8.74
C GLY E 63 24.04 -18.75 -8.01
N PRO E 64 23.86 -19.87 -8.72
CA PRO E 64 23.63 -21.18 -8.05
C PRO E 64 24.81 -21.62 -7.21
N GLY E 65 24.49 -22.50 -6.26
CA GLY E 65 25.43 -23.00 -5.29
C GLY E 65 25.35 -22.15 -4.01
N ALA E 66 24.73 -20.95 -4.11
CA ALA E 66 24.58 -20.08 -2.96
C ALA E 66 23.75 -20.78 -1.91
N THR E 67 24.28 -20.86 -0.71
CA THR E 67 23.54 -21.51 0.33
C THR E 67 22.32 -20.69 0.59
N LEU E 68 21.29 -21.35 1.12
CA LEU E 68 20.04 -20.69 1.40
C LEU E 68 20.27 -19.49 2.23
N GLU E 69 21.33 -19.50 3.02
CA GLU E 69 21.57 -18.37 3.83
C GLU E 69 21.74 -17.15 2.90
N GLU E 70 22.48 -17.29 1.81
CA GLU E 70 22.66 -16.14 0.94
C GLU E 70 21.36 -15.80 0.23
N MET E 71 20.70 -16.83 -0.35
CA MET E 71 19.45 -16.59 -1.09
C MET E 71 18.54 -15.83 -0.18
N MET E 72 18.35 -16.35 0.97
CA MET E 72 17.47 -15.75 1.95
C MET E 72 17.88 -14.37 2.40
N THR E 73 19.16 -14.07 2.50
CA THR E 73 19.53 -12.75 2.94
C THR E 73 19.12 -11.73 1.87
N ALA E 74 19.33 -12.11 0.60
CA ALA E 74 19.06 -11.23 -0.56
C ALA E 74 17.63 -11.29 -1.12
N CYS E 75 16.95 -12.40 -0.94
CA CYS E 75 15.59 -12.50 -1.39
C CYS E 75 14.73 -11.58 -0.55
N GLN E 76 15.23 -11.14 0.63
CA GLN E 76 14.50 -10.23 1.46
C GLN E 76 14.54 -8.83 0.83
N GLY E 77 15.31 -8.63 -0.24
CA GLY E 77 15.39 -7.29 -0.80
C GLY E 77 14.03 -6.84 -1.32
N VAL E 78 13.14 -7.81 -1.62
CA VAL E 78 11.76 -7.48 -2.13
C VAL E 78 11.22 -6.52 -1.12
N GLY E 79 10.48 -5.46 -1.57
CA GLY E 79 10.28 -4.40 -0.57
C GLY E 79 10.39 -3.04 -1.22
N GLY E 80 9.69 -1.98 -0.77
CA GLY E 80 9.78 -0.85 -1.65
C GLY E 80 11.15 -0.14 -1.81
N PRO E 81 11.76 0.27 -0.77
CA PRO E 81 13.08 0.96 -0.84
C PRO E 81 14.22 0.02 -1.22
N GLY E 82 14.04 -1.26 -1.01
CA GLY E 82 15.12 -2.18 -1.36
C GLY E 82 15.06 -2.61 -2.82
N HIS E 83 14.02 -3.39 -3.17
CA HIS E 83 13.92 -3.90 -4.55
C HIS E 83 13.19 -2.92 -5.46
N LYS E 84 11.96 -2.45 -5.09
CA LYS E 84 11.23 -1.51 -5.96
C LYS E 84 12.03 -0.24 -6.29
N ALA E 85 12.74 0.29 -5.33
CA ALA E 85 13.49 1.52 -5.56
C ALA E 85 14.50 1.31 -6.67
N ARG E 86 14.94 0.06 -6.86
CA ARG E 86 15.91 -0.24 -7.89
C ARG E 86 15.24 -0.63 -9.22
N VAL E 87 14.13 -1.43 -9.20
CA VAL E 87 13.47 -1.79 -10.49
C VAL E 87 12.76 -0.58 -11.07
N LEU E 88 12.26 0.26 -10.18
CA LEU E 88 11.60 1.50 -10.60
C LEU E 88 12.63 2.37 -11.29
N ALA E 89 13.84 2.35 -10.74
CA ALA E 89 14.94 3.17 -11.31
C ALA E 89 15.55 2.61 -12.64
N GLU E 90 15.83 1.32 -12.67
CA GLU E 90 16.47 0.74 -13.81
C GLU E 90 15.57 0.73 -15.00
N ALA E 91 14.34 0.33 -14.80
CA ALA E 91 13.38 0.26 -15.89
C ALA E 91 13.10 1.64 -16.52
N MET E 92 13.01 2.68 -15.71
CA MET E 92 12.74 4.02 -16.27
C MET E 92 13.91 4.54 -17.12
N SER E 93 15.15 4.21 -16.72
CA SER E 93 16.34 4.68 -17.43
C SER E 93 16.91 3.64 -18.41
N GLN E 94 16.42 2.40 -18.35
CA GLN E 94 16.94 1.34 -19.26
C GLN E 94 16.49 1.61 -20.66
N VAL E 95 15.27 2.10 -20.75
CA VAL E 95 14.67 2.43 -22.02
C VAL E 95 15.52 3.42 -22.81
N THR E 96 16.46 4.08 -22.14
CA THR E 96 17.27 5.10 -22.77
C THR E 96 18.01 4.62 -24.04
N ASN E 97 18.51 3.38 -24.09
CA ASN E 97 19.28 2.95 -25.26
C ASN E 97 18.42 2.73 -26.53
N THR E 98 17.26 2.09 -26.39
CA THR E 98 16.37 1.83 -27.56
C THR E 98 15.28 2.91 -27.74
N ALA E 99 15.06 3.69 -26.69
CA ALA E 99 14.04 4.73 -26.64
C ALA E 99 14.72 6.05 -26.28
N THR E 100 15.76 6.42 -27.05
CA THR E 100 16.60 7.56 -26.69
C THR E 100 15.78 8.76 -26.28
N ILE E 101 16.11 9.15 -25.05
CA ILE E 101 15.45 10.21 -24.32
C ILE E 101 16.12 11.56 -24.58
N MET E 102 15.36 12.53 -25.10
CA MET E 102 15.90 13.86 -25.34
C MET E 102 15.51 14.81 -24.22
N GLY F 1 -20.05 -21.97 -18.84
CA GLY F 1 -21.18 -22.78 -18.27
C GLY F 1 -22.01 -21.93 -17.40
N GLY F 2 -21.37 -21.01 -16.74
CA GLY F 2 -22.11 -20.14 -15.91
C GLY F 2 -22.67 -20.86 -14.70
N SER F 3 -21.84 -21.65 -14.01
CA SER F 3 -22.38 -22.35 -12.84
C SER F 3 -22.53 -21.34 -11.69
N PRO F 4 -23.50 -21.50 -10.80
CA PRO F 4 -23.76 -20.51 -9.69
C PRO F 4 -22.51 -20.09 -8.90
N THR F 5 -22.28 -18.76 -8.81
CA THR F 5 -21.14 -18.14 -8.07
C THR F 5 -19.74 -18.65 -8.46
N SER F 6 -19.65 -19.53 -9.48
CA SER F 6 -18.40 -20.14 -9.80
C SER F 6 -17.62 -19.51 -10.93
N ILE F 7 -18.38 -19.14 -11.98
CA ILE F 7 -17.89 -18.54 -13.25
C ILE F 7 -18.72 -17.38 -13.80
N LEU F 8 -19.92 -17.33 -13.39
CA LEU F 8 -20.81 -16.29 -13.77
C LEU F 8 -20.24 -14.96 -13.35
N ASP F 9 -19.62 -14.87 -12.10
CA ASP F 9 -18.92 -13.69 -11.83
C ASP F 9 -17.48 -13.94 -11.38
N ILE F 10 -16.79 -15.13 -11.61
CA ILE F 10 -15.52 -15.15 -10.89
C ILE F 10 -14.45 -14.27 -11.58
N ARG F 11 -13.92 -13.24 -10.83
CA ARG F 11 -12.87 -12.36 -11.41
C ARG F 11 -11.70 -12.09 -10.45
N GLN F 12 -10.47 -12.02 -11.04
CA GLN F 12 -9.22 -11.72 -10.26
C GLN F 12 -9.07 -10.20 -9.97
N GLY F 13 -8.89 -9.87 -8.67
CA GLY F 13 -8.75 -8.48 -8.17
C GLY F 13 -7.75 -7.67 -8.98
N PRO F 14 -7.55 -6.36 -8.73
CA PRO F 14 -6.61 -5.63 -9.59
C PRO F 14 -5.18 -6.02 -9.24
N LYS F 15 -4.92 -6.12 -7.94
CA LYS F 15 -3.60 -6.49 -7.45
C LYS F 15 -3.53 -7.99 -7.12
N GLU F 16 -4.70 -8.63 -6.97
CA GLU F 16 -4.75 -10.03 -6.57
C GLU F 16 -3.90 -10.85 -7.56
N PRO F 17 -2.93 -11.64 -7.12
CA PRO F 17 -2.11 -12.42 -8.07
C PRO F 17 -2.75 -13.71 -8.55
N PHE F 18 -2.12 -14.25 -9.58
CA PHE F 18 -2.54 -15.49 -10.20
C PHE F 18 -2.78 -16.65 -9.20
N ARG F 19 -2.30 -16.56 -7.94
CA ARG F 19 -2.54 -17.64 -6.96
C ARG F 19 -3.87 -17.51 -6.20
N ASP F 20 -4.02 -16.39 -5.48
CA ASP F 20 -5.21 -16.21 -4.64
C ASP F 20 -6.50 -16.39 -5.43
N TYR F 21 -6.70 -15.56 -6.45
CA TYR F 21 -7.92 -15.67 -7.24
C TYR F 21 -8.10 -17.07 -7.77
N VAL F 22 -7.09 -17.59 -8.40
CA VAL F 22 -7.21 -18.89 -9.00
C VAL F 22 -7.64 -19.99 -7.99
N ASP F 23 -7.13 -19.94 -6.77
CA ASP F 23 -7.54 -20.94 -5.80
C ASP F 23 -9.06 -20.80 -5.59
N ARG F 24 -9.57 -19.55 -5.70
CA ARG F 24 -11.02 -19.27 -5.53
C ARG F 24 -11.80 -19.96 -6.62
N PHE F 25 -11.56 -19.48 -7.86
CA PHE F 25 -12.19 -20.01 -9.06
C PHE F 25 -12.18 -21.50 -9.01
N TYR F 26 -11.07 -22.08 -8.55
CA TYR F 26 -10.99 -23.55 -8.46
C TYR F 26 -11.87 -24.10 -7.32
N LYS F 27 -11.80 -23.49 -6.15
CA LYS F 27 -12.52 -23.97 -4.98
C LYS F 27 -14.03 -23.96 -5.21
N THR F 28 -14.54 -22.91 -5.82
CA THR F 28 -15.98 -22.85 -6.10
C THR F 28 -16.38 -23.78 -7.27
N LEU F 29 -15.38 -24.25 -8.07
CA LEU F 29 -15.68 -25.19 -9.20
C LEU F 29 -15.92 -26.60 -8.66
N ARG F 30 -15.46 -26.91 -7.45
CA ARG F 30 -15.78 -28.22 -6.88
C ARG F 30 -17.15 -28.12 -6.14
N ALA F 31 -17.65 -26.88 -5.90
CA ALA F 31 -18.92 -26.63 -5.19
C ALA F 31 -20.10 -26.41 -6.13
N GLU F 32 -19.82 -26.22 -7.40
CA GLU F 32 -20.87 -26.01 -8.37
C GLU F 32 -21.35 -27.39 -8.83
N GLN F 33 -22.65 -27.59 -9.13
CA GLN F 33 -23.08 -28.95 -9.59
C GLN F 33 -22.96 -29.12 -11.16
N ALA F 34 -21.73 -29.02 -11.67
CA ALA F 34 -21.48 -29.12 -13.12
C ALA F 34 -20.80 -30.43 -13.51
N SER F 35 -21.11 -30.95 -14.71
CA SER F 35 -20.48 -32.19 -15.18
C SER F 35 -18.95 -31.97 -15.32
N GLN F 36 -18.17 -33.01 -14.98
CA GLN F 36 -16.72 -32.89 -15.01
C GLN F 36 -16.25 -32.28 -16.35
N GLU F 37 -17.04 -32.46 -17.43
CA GLU F 37 -16.67 -31.89 -18.74
C GLU F 37 -16.91 -30.36 -18.76
N VAL F 38 -17.97 -29.93 -18.09
CA VAL F 38 -18.29 -28.50 -17.97
C VAL F 38 -17.20 -27.79 -17.25
N LYS F 39 -16.79 -28.32 -16.10
CA LYS F 39 -15.78 -27.63 -15.36
C LYS F 39 -14.56 -27.48 -16.22
N ASN F 40 -14.28 -28.49 -17.06
CA ASN F 40 -13.12 -28.37 -17.91
C ASN F 40 -13.29 -27.10 -18.75
N TRP F 41 -14.35 -27.12 -19.56
CA TRP F 41 -14.71 -26.01 -20.42
C TRP F 41 -14.90 -24.65 -19.66
N MET F 42 -15.23 -24.66 -18.36
CA MET F 42 -15.34 -23.37 -17.65
C MET F 42 -13.96 -22.91 -17.15
N THR F 43 -13.13 -23.87 -16.75
CA THR F 43 -11.78 -23.61 -16.24
C THR F 43 -10.82 -23.13 -17.33
N GLU F 44 -11.08 -23.43 -18.61
CA GLU F 44 -10.13 -22.95 -19.62
C GLU F 44 -10.50 -21.54 -20.11
N THR F 45 -11.68 -21.44 -20.69
CA THR F 45 -12.17 -20.20 -21.29
C THR F 45 -12.36 -19.03 -20.30
N LEU F 46 -13.12 -19.26 -19.22
CA LEU F 46 -13.39 -18.19 -18.21
C LEU F 46 -12.15 -17.76 -17.39
N LEU F 47 -11.27 -18.70 -17.01
CA LEU F 47 -10.11 -18.32 -16.22
C LEU F 47 -9.33 -17.18 -16.92
N VAL F 48 -9.12 -17.32 -18.21
CA VAL F 48 -8.34 -16.33 -18.96
C VAL F 48 -9.07 -15.01 -19.20
N GLN F 49 -10.29 -15.07 -19.68
CA GLN F 49 -11.01 -13.85 -20.05
C GLN F 49 -11.46 -13.03 -18.87
N ASN F 50 -11.81 -13.70 -17.77
CA ASN F 50 -12.33 -12.98 -16.60
C ASN F 50 -11.29 -12.90 -15.46
N ALA F 51 -9.98 -12.65 -15.76
CA ALA F 51 -8.99 -12.61 -14.68
C ALA F 51 -7.92 -11.49 -14.73
N ASN F 52 -8.14 -10.34 -14.02
CA ASN F 52 -7.07 -9.31 -13.87
C ASN F 52 -6.34 -8.92 -15.14
N PRO F 53 -6.69 -7.87 -15.84
CA PRO F 53 -6.00 -7.52 -17.12
C PRO F 53 -4.45 -7.63 -17.05
N ASP F 54 -3.88 -7.57 -15.82
CA ASP F 54 -2.45 -7.73 -15.69
C ASP F 54 -2.04 -9.15 -16.03
N CYS F 55 -2.77 -10.14 -15.51
CA CYS F 55 -2.37 -11.51 -15.77
C CYS F 55 -3.00 -12.00 -17.02
N LYS F 56 -4.24 -11.58 -17.25
CA LYS F 56 -5.00 -11.95 -18.42
C LYS F 56 -4.19 -11.70 -19.67
N THR F 57 -3.64 -10.48 -19.79
CA THR F 57 -2.83 -10.19 -20.95
C THR F 57 -1.74 -11.23 -21.07
N ILE F 58 -1.21 -11.69 -19.93
CA ILE F 58 -0.17 -12.73 -19.94
C ILE F 58 -0.76 -14.08 -20.41
N LEU F 59 -1.93 -14.47 -19.90
CA LEU F 59 -2.50 -15.74 -20.34
C LEU F 59 -2.68 -15.76 -21.86
N LYS F 60 -3.07 -14.64 -22.47
CA LYS F 60 -3.23 -14.62 -23.95
C LYS F 60 -1.86 -14.52 -24.66
N ALA F 61 -0.97 -13.69 -24.12
CA ALA F 61 0.38 -13.49 -24.67
C ALA F 61 1.19 -14.79 -24.68
N LEU F 62 1.09 -15.58 -23.63
CA LEU F 62 1.77 -16.86 -23.61
C LEU F 62 1.19 -17.63 -24.79
N GLY F 63 -0.12 -17.43 -25.00
CA GLY F 63 -0.81 -18.06 -26.13
C GLY F 63 -1.70 -19.20 -25.66
N PRO F 64 -2.85 -19.43 -26.27
CA PRO F 64 -3.74 -20.58 -25.87
C PRO F 64 -3.04 -21.93 -26.05
N GLY F 65 -3.47 -22.94 -25.30
CA GLY F 65 -2.86 -24.28 -25.39
C GLY F 65 -1.76 -24.51 -24.33
N ALA F 66 -1.37 -23.45 -23.62
CA ALA F 66 -0.34 -23.57 -22.59
C ALA F 66 -0.91 -24.13 -21.30
N THR F 67 -0.22 -25.10 -20.72
CA THR F 67 -0.73 -25.66 -19.48
C THR F 67 -0.78 -24.60 -18.41
N LEU F 68 -1.73 -24.75 -17.52
CA LEU F 68 -1.85 -23.80 -16.43
C LEU F 68 -0.55 -23.70 -15.69
N GLU F 69 0.23 -24.75 -15.70
CA GLU F 69 1.46 -24.71 -14.95
C GLU F 69 2.28 -23.51 -15.50
N GLU F 70 2.35 -23.36 -16.84
CA GLU F 70 3.11 -22.26 -17.41
C GLU F 70 2.45 -20.92 -17.18
N MET F 71 1.11 -20.84 -17.37
CA MET F 71 0.37 -19.58 -17.15
C MET F 71 0.61 -19.11 -15.71
N MET F 72 0.63 -20.09 -14.82
CA MET F 72 0.84 -19.85 -13.39
C MET F 72 2.19 -19.28 -13.01
N THR F 73 3.25 -19.88 -13.48
CA THR F 73 4.57 -19.40 -13.11
C THR F 73 4.74 -17.94 -13.56
N ALA F 74 4.44 -17.70 -14.83
CA ALA F 74 4.57 -16.38 -15.41
C ALA F 74 3.70 -15.35 -14.74
N CYS F 75 2.43 -15.70 -14.52
CA CYS F 75 1.49 -14.73 -14.01
C CYS F 75 1.70 -14.35 -12.57
N GLN F 76 2.78 -14.86 -11.91
CA GLN F 76 3.08 -14.49 -10.53
C GLN F 76 3.60 -13.06 -10.37
N GLY F 77 4.24 -12.52 -11.39
CA GLY F 77 4.84 -11.17 -11.29
C GLY F 77 3.85 -10.00 -11.10
N VAL F 78 2.54 -10.20 -11.50
CA VAL F 78 1.48 -9.11 -11.45
C VAL F 78 1.62 -8.50 -10.11
N GLY F 79 1.78 -7.15 -9.96
CA GLY F 79 2.22 -6.77 -8.61
C GLY F 79 3.11 -5.58 -8.57
N GLY F 80 3.35 -4.93 -7.43
CA GLY F 80 4.10 -3.76 -7.67
C GLY F 80 5.56 -3.92 -8.12
N PRO F 81 6.36 -4.61 -7.40
CA PRO F 81 7.81 -4.78 -7.75
C PRO F 81 8.14 -5.42 -9.12
N GLY F 82 7.55 -6.57 -9.42
CA GLY F 82 7.86 -7.27 -10.66
C GLY F 82 7.11 -6.80 -11.91
N HIS F 83 5.79 -6.90 -11.93
CA HIS F 83 5.12 -6.54 -13.16
C HIS F 83 4.98 -5.03 -13.30
N LYS F 84 4.55 -4.35 -12.23
CA LYS F 84 4.36 -2.91 -12.32
C LYS F 84 5.65 -2.22 -12.69
N ALA F 85 6.77 -2.77 -12.23
CA ALA F 85 8.05 -2.14 -12.55
C ALA F 85 8.25 -2.04 -14.07
N ARG F 86 7.92 -3.11 -14.78
CA ARG F 86 8.08 -3.11 -16.22
C ARG F 86 7.06 -2.19 -16.90
N VAL F 87 5.79 -2.17 -16.41
CA VAL F 87 4.78 -1.28 -17.03
C VAL F 87 5.12 0.18 -16.77
N LEU F 88 5.74 0.47 -15.63
CA LEU F 88 6.11 1.86 -15.34
C LEU F 88 7.12 2.31 -16.38
N ALA F 89 7.93 1.36 -16.86
CA ALA F 89 8.94 1.63 -17.88
C ALA F 89 8.29 1.83 -19.26
N GLU F 90 7.41 0.90 -19.64
CA GLU F 90 6.75 0.96 -20.95
C GLU F 90 5.82 2.13 -21.10
N ALA F 91 5.05 2.39 -20.06
CA ALA F 91 4.09 3.48 -20.10
C ALA F 91 4.79 4.81 -20.24
N MET F 92 5.93 4.91 -19.57
CA MET F 92 6.67 6.15 -19.58
C MET F 92 7.61 6.21 -20.75
N SER F 93 8.01 5.07 -21.29
CA SER F 93 8.94 5.12 -22.43
C SER F 93 8.21 5.22 -23.76
N GLN F 94 6.92 4.98 -23.77
CA GLN F 94 6.16 5.08 -25.01
C GLN F 94 5.64 6.50 -25.23
N VAL F 95 5.02 7.06 -24.20
CA VAL F 95 4.44 8.41 -24.32
C VAL F 95 5.48 9.38 -24.78
N THR F 96 6.74 9.06 -24.50
CA THR F 96 7.77 9.92 -24.90
C THR F 96 7.73 9.95 -26.42
N ASN F 97 7.70 8.76 -27.02
CA ASN F 97 7.64 8.57 -28.48
C ASN F 97 6.27 8.82 -29.09
N THR F 98 5.22 8.78 -28.29
CA THR F 98 3.89 8.93 -28.85
C THR F 98 3.72 10.23 -29.63
N ALA F 99 4.14 11.37 -29.07
CA ALA F 99 4.02 12.63 -29.83
C ALA F 99 5.27 13.50 -29.73
N THR F 100 5.71 13.74 -28.50
CA THR F 100 6.87 14.59 -28.28
C THR F 100 7.92 13.89 -27.43
N ILE F 101 9.15 13.88 -27.90
CA ILE F 101 10.23 13.28 -27.13
C ILE F 101 11.23 14.36 -26.68
N MET F 102 11.16 14.76 -25.42
CA MET F 102 12.10 15.75 -24.87
C MET F 102 12.46 15.37 -23.43
C1 A1CCY G . 5.11 7.44 -2.45
C2 A1CCY G . 5.87 6.42 -2.94
C3 A1CCY G . 6.10 5.32 -2.10
C4 A1CCY G . 5.57 5.25 -0.83
C5 A1CCY G . 4.74 6.29 -0.36
C6 A1CCY G . 4.51 7.38 -1.14
C7 A1CCY G . 3.71 8.64 -0.81
C9 A1CCY G . 4.62 8.70 -3.07
N10 A1CCY G . 2.96 10.48 -2.42
C13 A1CCY G . 1.25 9.89 -4.17
C15 A1CCY G . 1.75 9.57 -6.56
C16 A1CCY G . 0.75 8.67 -6.72
C17 A1CCY G . -0.03 8.33 -5.59
C18 A1CCY G . 0.21 8.86 -4.33
C19 A1CCY G . 0.34 7.97 -8.02
C20 A1CCY G . 0.21 6.49 -7.78
C21 A1CCY G . 1.26 8.24 -9.23
C22 A1CCY G . -1.07 8.45 -8.32
C24 A1CCY G . -0.79 11.98 -1.29
C25 A1CCY G . -2.23 11.80 -1.10
C26 A1CCY G . -3.09 12.11 -2.10
C27 A1CCY G . -2.59 12.46 -3.29
C28 A1CCY G . -1.25 12.48 -3.51
C30 A1CCY G . -2.70 11.14 0.16
C11 A1CCY G . 1.54 10.61 -2.77
C14 A1CCY G . 2.07 10.14 -5.32
C12 A1CCY G . 1.18 12.11 -2.73
N23 A1CCY G . -0.33 12.35 -2.52
O29 A1CCY G . 0.07 11.86 -0.37
F31 A1CCY G . -2.06 10.08 0.44
F32 A1CCY G . -2.59 12.04 1.19
F33 A1CCY G . -3.96 10.77 0.11
C8 A1CCY G . 3.40 9.03 -2.24
H2 A1CCY G . 6.35 6.60 -3.89
H3 A1CCY G . 6.78 4.52 -2.35
H4 A1CCY G . 5.77 4.38 -0.24
H5 A1CCY G . 4.20 6.26 0.57
H7B A1CCY G . 2.80 8.53 -0.21
H7A A1CCY G . 4.26 9.47 -0.33
H9A A1CCY G . 4.42 8.53 -4.13
H9B A1CCY G . 5.38 9.47 -2.90
H1 A1CCY G . 3.24 10.96 -1.56
H15 A1CCY G . 2.42 9.85 -7.37
H17 A1CCY G . -0.82 7.59 -5.54
H18 A1CCY G . -0.46 8.65 -3.52
H20B A1CCY G . 1.22 6.08 -7.51
H20C A1CCY G . -0.22 5.99 -8.68
H20A A1CCY G . -0.40 6.20 -6.90
H21C A1CCY G . 2.26 7.81 -9.02
H21A A1CCY G . 1.25 9.30 -9.57
H21B A1CCY G . 0.96 7.61 -10.09
H22B A1CCY G . -0.97 9.41 -8.87
H22C A1CCY G . -1.75 8.50 -7.44
H22A A1CCY G . -1.53 7.80 -9.10
H26 A1CCY G . -4.12 11.75 -2.07
H27 A1CCY G . -3.24 12.42 -4.16
H28 A1CCY G . -0.76 12.56 -4.48
H11 A1CCY G . 0.91 9.99 -2.11
H14 A1CCY G . 2.93 10.79 -5.27
H12B A1CCY G . 1.29 12.68 -3.68
H12A A1CCY G . 1.68 12.69 -1.93
H8 A1CCY G . 2.62 8.30 -2.47
C1 IHP H . -2.22 2.64 -2.19
C2 IHP H . -2.82 3.06 -0.80
C3 IHP H . -1.76 2.91 0.30
C4 IHP H . -0.59 3.78 -0.03
C5 IHP H . 0.04 3.04 -1.28
C6 IHP H . -0.95 3.39 -2.52
O11 IHP H . -3.23 2.77 -3.24
P1 IHP H . -4.06 1.46 -3.73
O21 IHP H . -3.72 0.37 -2.75
O31 IHP H . -5.56 1.84 -3.84
O41 IHP H . -3.49 1.16 -5.06
O12 IHP H . -3.21 4.50 -0.86
P2 IHP H . -4.67 4.95 -0.45
O22 IHP H . -5.64 3.77 -0.37
O32 IHP H . -5.11 5.93 -1.46
O42 IHP H . -4.59 5.59 0.88
O13 IHP H . -2.30 3.22 1.51
P3 IHP H . -2.13 2.30 2.77
O23 IHP H . -3.47 1.66 3.05
O33 IHP H . -0.96 1.36 2.56
O43 IHP H . -1.84 3.35 3.84
O14 IHP H . 0.30 3.82 1.07
P4 IHP H . 1.09 5.13 1.62
O24 IHP H . 2.12 5.47 0.57
O34 IHP H . 0.25 6.30 1.99
O44 IHP H . 1.82 4.67 2.88
O15 IHP H . 1.41 3.39 -1.47
P5 IHP H . 2.60 2.34 -1.22
O25 IHP H . 3.81 3.16 -1.69
O35 IHP H . 2.30 1.08 -1.99
O45 IHP H . 2.64 1.99 0.22
O16 IHP H . -0.35 2.86 -3.76
P6 IHP H . 0.13 3.66 -4.97
O26 IHP H . 1.13 4.73 -4.60
O36 IHP H . 0.89 2.57 -5.73
O46 IHP H . -1.00 4.28 -5.71
H1 IHP H . -1.78 1.63 -2.03
H2 IHP H . -3.57 2.31 -0.49
H3 IHP H . -1.43 1.84 0.22
H4 IHP H . -0.98 4.77 -0.36
H5 IHP H . -0.11 1.95 -1.21
H6 IHP H . -1.13 4.49 -2.54
N GLY A 1 -37.25 5.81 -3.66
CA GLY A 1 -35.83 6.15 -3.77
C GLY A 1 -35.55 6.98 -2.58
N GLY A 2 -34.40 6.86 -2.03
CA GLY A 2 -34.08 7.63 -0.86
C GLY A 2 -34.48 6.95 0.47
N SER A 3 -34.30 5.61 0.55
CA SER A 3 -34.63 4.87 1.79
C SER A 3 -33.41 4.89 2.73
N PRO A 4 -33.60 4.86 4.04
CA PRO A 4 -32.46 4.95 5.02
C PRO A 4 -31.31 4.03 4.74
N THR A 5 -30.11 4.62 4.68
CA THR A 5 -28.83 3.92 4.46
C THR A 5 -28.60 3.34 3.04
N SER A 6 -29.65 3.02 2.34
CA SER A 6 -29.49 2.33 1.11
C SER A 6 -28.96 3.08 -0.11
N ILE A 7 -29.50 4.26 -0.37
CA ILE A 7 -29.22 5.08 -1.60
C ILE A 7 -28.81 6.51 -1.41
N LEU A 8 -29.27 7.01 -0.36
CA LEU A 8 -29.05 8.32 0.04
C LEU A 8 -27.55 8.46 0.31
N ASP A 9 -26.87 7.41 0.92
CA ASP A 9 -25.46 7.54 1.02
C ASP A 9 -24.69 6.34 0.60
N ILE A 10 -25.20 5.35 -0.22
CA ILE A 10 -24.29 4.27 -0.39
C ILE A 10 -23.22 4.73 -1.39
N ARG A 11 -21.96 4.72 -0.94
CA ARG A 11 -20.89 5.24 -1.76
C ARG A 11 -19.68 4.34 -1.86
N GLN A 12 -18.99 4.49 -2.98
CA GLN A 12 -17.75 3.75 -3.27
C GLN A 12 -16.56 4.61 -2.89
N GLY A 13 -15.62 3.99 -2.22
CA GLY A 13 -14.43 4.66 -1.82
C GLY A 13 -13.58 4.89 -3.05
N PRO A 14 -12.46 5.53 -2.90
CA PRO A 14 -11.56 5.76 -4.06
C PRO A 14 -10.78 4.49 -4.38
N LYS A 15 -10.25 3.86 -3.33
CA LYS A 15 -9.54 2.58 -3.47
C LYS A 15 -10.53 1.39 -3.50
N GLU A 16 -11.77 1.64 -3.07
CA GLU A 16 -12.75 0.59 -3.04
C GLU A 16 -13.19 0.34 -4.50
N PRO A 17 -13.08 -0.86 -5.05
CA PRO A 17 -13.48 -1.12 -6.47
C PRO A 17 -14.97 -1.10 -6.72
N PHE A 18 -15.29 -1.07 -8.01
CA PHE A 18 -16.67 -1.05 -8.45
C PHE A 18 -17.45 -2.26 -7.88
N ARG A 19 -16.82 -3.46 -7.80
CA ARG A 19 -17.47 -4.68 -7.25
C ARG A 19 -17.68 -4.63 -5.73
N ASP A 20 -16.68 -4.16 -4.98
CA ASP A 20 -16.85 -4.07 -3.54
C ASP A 20 -18.00 -3.17 -3.16
N TYR A 21 -18.12 -2.03 -3.83
CA TYR A 21 -19.20 -1.08 -3.55
C TYR A 21 -20.53 -1.54 -4.12
N VAL A 22 -20.53 -2.02 -5.36
CA VAL A 22 -21.78 -2.47 -5.96
C VAL A 22 -22.44 -3.50 -5.06
N ASP A 23 -21.60 -4.31 -4.42
CA ASP A 23 -22.08 -5.34 -3.52
C ASP A 23 -22.78 -4.65 -2.37
N ARG A 24 -22.18 -3.50 -1.90
CA ARG A 24 -22.76 -2.70 -0.77
C ARG A 24 -24.08 -2.13 -1.21
N PHE A 25 -24.12 -1.74 -2.47
CA PHE A 25 -25.30 -1.17 -3.04
C PHE A 25 -26.38 -2.19 -2.99
N TYR A 26 -26.06 -3.37 -3.41
CA TYR A 26 -27.08 -4.39 -3.47
C TYR A 26 -27.54 -4.82 -2.08
N LYS A 27 -26.59 -5.25 -1.27
CA LYS A 27 -26.86 -5.73 0.07
C LYS A 27 -27.58 -4.68 0.90
N THR A 28 -27.24 -3.41 0.75
CA THR A 28 -27.97 -2.44 1.55
C THR A 28 -29.39 -2.32 1.01
N LEU A 29 -29.61 -2.59 -0.29
CA LEU A 29 -30.99 -2.47 -0.83
C LEU A 29 -31.87 -3.49 -0.14
N ARG A 30 -31.38 -4.71 0.08
CA ARG A 30 -32.23 -5.73 0.74
C ARG A 30 -32.68 -5.28 2.12
N ALA A 31 -31.91 -4.39 2.71
CA ALA A 31 -32.21 -3.91 4.06
C ALA A 31 -33.28 -2.87 4.07
N GLU A 32 -33.58 -2.29 2.89
CA GLU A 32 -34.58 -1.23 2.88
C GLU A 32 -36.00 -1.78 2.68
N GLN A 33 -37.00 -1.03 3.14
CA GLN A 33 -38.39 -1.45 3.01
C GLN A 33 -38.98 -0.73 1.80
N ALA A 34 -38.59 -1.22 0.63
CA ALA A 34 -39.01 -0.62 -0.62
C ALA A 34 -39.71 -1.60 -1.53
N SER A 35 -40.58 -1.06 -2.39
CA SER A 35 -41.30 -1.85 -3.36
C SER A 35 -40.34 -2.39 -4.40
N GLN A 36 -40.75 -3.39 -5.14
CA GLN A 36 -39.82 -3.97 -6.12
C GLN A 36 -39.38 -2.91 -7.15
N GLU A 37 -40.31 -2.11 -7.62
CA GLU A 37 -39.97 -1.05 -8.59
C GLU A 37 -39.08 0.01 -7.99
N VAL A 38 -39.25 0.31 -6.70
CA VAL A 38 -38.42 1.31 -6.06
C VAL A 38 -36.99 0.93 -6.14
N LYS A 39 -36.72 -0.30 -5.74
CA LYS A 39 -35.37 -0.78 -5.72
C LYS A 39 -34.79 -0.75 -7.10
N ASN A 40 -35.58 -1.17 -8.09
CA ASN A 40 -35.07 -1.22 -9.46
C ASN A 40 -34.64 0.16 -9.92
N TRP A 41 -35.43 1.13 -9.56
CA TRP A 41 -35.12 2.51 -9.87
C TRP A 41 -33.79 2.93 -9.20
N MET A 42 -33.67 2.58 -7.92
CA MET A 42 -32.45 2.90 -7.17
C MET A 42 -31.19 2.34 -7.86
N THR A 43 -31.25 1.08 -8.31
CA THR A 43 -30.06 0.49 -8.93
C THR A 43 -29.54 1.33 -10.07
N GLU A 44 -30.43 1.89 -10.87
CA GLU A 44 -29.97 2.67 -11.99
C GLU A 44 -29.47 4.06 -11.58
N THR A 45 -30.38 4.85 -11.00
CA THR A 45 -30.08 6.25 -10.67
C THR A 45 -28.92 6.45 -9.70
N LEU A 46 -28.91 5.72 -8.56
CA LEU A 46 -27.84 5.89 -7.56
C LEU A 46 -26.61 5.08 -7.78
N LEU A 47 -26.67 3.96 -8.49
CA LEU A 47 -25.45 3.18 -8.62
C LEU A 47 -24.35 3.92 -9.35
N VAL A 48 -24.71 4.71 -10.34
CA VAL A 48 -23.72 5.42 -11.16
C VAL A 48 -23.21 6.71 -10.54
N GLN A 49 -24.13 7.54 -10.05
CA GLN A 49 -23.80 8.85 -9.50
C GLN A 49 -22.94 8.86 -8.23
N ASN A 50 -23.33 8.09 -7.22
CA ASN A 50 -22.63 8.08 -5.94
C ASN A 50 -21.53 7.04 -5.86
N ALA A 51 -20.86 6.76 -6.97
CA ALA A 51 -19.86 5.69 -6.96
C ALA A 51 -18.50 5.99 -7.58
N ASN A 52 -17.50 6.30 -6.72
CA ASN A 52 -16.09 6.35 -7.18
C ASN A 52 -15.82 6.95 -8.55
N PRO A 53 -15.52 8.22 -8.69
CA PRO A 53 -15.30 8.84 -10.03
C PRO A 53 -14.45 8.02 -11.04
N ASP A 54 -13.68 7.03 -10.61
CA ASP A 54 -12.91 6.22 -11.58
C ASP A 54 -13.87 5.43 -12.40
N CYS A 55 -14.79 4.73 -11.68
CA CYS A 55 -15.81 3.92 -12.35
C CYS A 55 -16.95 4.78 -12.87
N LYS A 56 -17.34 5.82 -12.14
CA LYS A 56 -18.43 6.69 -12.63
C LYS A 56 -18.11 7.25 -14.01
N THR A 57 -16.87 7.62 -14.25
CA THR A 57 -16.57 8.11 -15.54
C THR A 57 -16.80 6.95 -16.56
N ILE A 58 -16.51 5.72 -16.11
CA ILE A 58 -16.70 4.52 -16.97
C ILE A 58 -18.17 4.20 -17.21
N LEU A 59 -19.02 4.29 -16.19
CA LEU A 59 -20.42 3.99 -16.38
C LEU A 59 -20.99 4.91 -17.41
N LYS A 60 -20.58 6.15 -17.39
CA LYS A 60 -21.04 7.07 -18.43
C LYS A 60 -20.46 6.65 -19.81
N ALA A 61 -19.16 6.39 -19.83
CA ALA A 61 -18.49 6.04 -21.09
C ALA A 61 -19.13 4.82 -21.74
N LEU A 62 -19.43 3.80 -20.96
CA LEU A 62 -20.12 2.64 -21.51
C LEU A 62 -21.47 3.12 -22.07
N GLY A 63 -22.01 4.16 -21.43
CA GLY A 63 -23.22 4.77 -21.87
C GLY A 63 -24.39 4.21 -21.08
N PRO A 64 -25.45 4.93 -20.93
CA PRO A 64 -26.65 4.37 -20.26
C PRO A 64 -27.24 3.19 -21.06
N GLY A 65 -27.99 2.31 -20.39
CA GLY A 65 -28.56 1.12 -21.07
C GLY A 65 -27.61 -0.06 -20.97
N ALA A 66 -26.36 0.18 -20.53
CA ALA A 66 -25.43 -0.92 -20.40
C ALA A 66 -25.76 -1.72 -19.16
N THR A 67 -25.64 -3.03 -19.28
CA THR A 67 -25.92 -3.88 -18.14
C THR A 67 -24.73 -3.90 -17.19
N LEU A 68 -24.97 -4.32 -15.97
CA LEU A 68 -23.91 -4.38 -14.96
C LEU A 68 -22.81 -5.35 -15.38
N GLU A 69 -23.12 -6.24 -16.28
CA GLU A 69 -22.10 -7.11 -16.71
C GLU A 69 -21.10 -6.16 -17.42
N GLU A 70 -21.65 -5.21 -18.19
CA GLU A 70 -20.79 -4.23 -18.87
C GLU A 70 -20.16 -3.21 -17.90
N MET A 71 -20.91 -2.70 -16.94
CA MET A 71 -20.32 -1.73 -16.00
C MET A 71 -19.22 -2.43 -15.22
N MET A 72 -19.45 -3.70 -14.91
CA MET A 72 -18.51 -4.49 -14.16
C MET A 72 -17.21 -4.69 -14.92
N THR A 73 -17.29 -5.38 -16.04
CA THR A 73 -16.09 -5.69 -16.79
C THR A 73 -15.25 -4.45 -17.04
N ALA A 74 -15.88 -3.40 -17.51
CA ALA A 74 -15.13 -2.19 -17.78
C ALA A 74 -14.57 -1.58 -16.51
N CYS A 75 -15.36 -1.56 -15.44
CA CYS A 75 -14.87 -0.91 -14.23
C CYS A 75 -13.86 -1.79 -13.42
N GLN A 76 -13.72 -3.08 -13.76
CA GLN A 76 -12.75 -3.88 -13.00
C GLN A 76 -11.38 -3.31 -13.09
N GLY A 77 -11.07 -2.68 -14.23
CA GLY A 77 -9.75 -2.12 -14.40
C GLY A 77 -9.47 -1.02 -13.36
N VAL A 78 -10.57 -0.46 -12.76
CA VAL A 78 -10.46 0.62 -11.72
C VAL A 78 -9.50 0.07 -10.77
N GLY A 79 -8.45 0.83 -10.32
CA GLY A 79 -7.42 0.05 -9.66
C GLY A 79 -6.06 0.55 -10.00
N GLY A 80 -4.99 0.05 -9.43
CA GLY A 80 -3.78 0.74 -9.82
C GLY A 80 -3.20 0.41 -11.22
N PRO A 81 -2.97 -0.81 -11.55
CA PRO A 81 -2.34 -1.18 -12.86
C PRO A 81 -3.21 -0.95 -14.12
N GLY A 82 -4.49 -1.31 -14.01
CA GLY A 82 -5.42 -1.21 -15.13
C GLY A 82 -5.93 0.21 -15.44
N HIS A 83 -6.50 0.92 -14.45
CA HIS A 83 -7.08 2.24 -14.73
C HIS A 83 -6.08 3.37 -14.49
N LYS A 84 -5.31 3.26 -13.39
CA LYS A 84 -4.30 4.27 -13.05
C LYS A 84 -3.14 4.28 -14.02
N ALA A 85 -2.85 3.16 -14.66
CA ALA A 85 -1.74 3.17 -15.63
C ALA A 85 -2.06 4.18 -16.74
N ARG A 86 -3.32 4.15 -17.17
CA ARG A 86 -3.80 5.01 -18.25
C ARG A 86 -3.99 6.45 -17.82
N VAL A 87 -4.65 6.64 -16.67
CA VAL A 87 -5.00 7.98 -16.20
C VAL A 87 -3.79 8.87 -15.97
N LEU A 88 -2.81 8.37 -15.25
CA LEU A 88 -1.65 9.19 -14.95
C LEU A 88 -0.94 9.58 -16.21
N ALA A 89 -0.65 8.58 -17.03
CA ALA A 89 0.04 8.80 -18.26
C ALA A 89 -0.67 9.90 -19.05
N GLU A 90 -2.00 9.90 -19.05
CA GLU A 90 -2.77 10.93 -19.75
C GLU A 90 -2.52 12.30 -19.15
N ALA A 91 -2.57 12.36 -17.83
CA ALA A 91 -2.33 13.62 -17.13
C ALA A 91 -0.86 14.02 -17.29
N MET A 92 0.01 13.06 -17.60
CA MET A 92 1.43 13.36 -17.81
C MET A 92 1.70 13.81 -19.25
N SER A 93 0.73 13.62 -20.17
CA SER A 93 0.90 14.04 -21.57
C SER A 93 -0.01 15.25 -21.93
N GLN A 94 -0.99 15.58 -21.01
CA GLN A 94 -1.91 16.76 -21.12
C GLN A 94 -1.24 18.04 -20.55
N VAL A 95 -0.18 17.89 -19.80
CA VAL A 95 0.45 19.07 -19.21
C VAL A 95 1.48 19.67 -20.12
N THR A 96 2.11 18.79 -20.88
CA THR A 96 3.05 19.21 -21.89
C THR A 96 2.38 20.23 -22.87
N ASN A 97 1.04 20.19 -22.91
CA ASN A 97 0.11 20.91 -23.72
C ASN A 97 0.24 22.33 -23.86
N THR A 98 1.15 22.99 -23.15
CA THR A 98 1.33 24.40 -23.41
C THR A 98 1.61 24.54 -24.92
N ALA A 99 2.25 23.51 -25.50
CA ALA A 99 2.43 23.41 -26.86
C ALA A 99 1.99 22.01 -27.39
N THR A 100 2.24 20.92 -26.63
CA THR A 100 1.93 19.56 -27.14
C THR A 100 0.89 18.75 -26.36
N ILE A 101 -0.15 18.36 -27.09
CA ILE A 101 -1.23 17.57 -26.52
C ILE A 101 -1.13 16.13 -26.99
N MET A 102 -1.14 15.20 -26.05
CA MET A 102 -1.04 13.78 -26.38
C MET A 102 0.25 13.50 -27.13
N GLY B 1 -21.27 22.56 22.73
CA GLY B 1 -20.13 23.17 21.99
C GLY B 1 -18.82 22.58 22.50
N GLY B 2 -18.22 21.73 21.69
CA GLY B 2 -16.95 21.07 22.06
C GLY B 2 -17.16 19.81 22.91
N SER B 3 -17.86 18.84 22.35
CA SER B 3 -18.12 17.55 23.01
C SER B 3 -16.87 16.64 23.13
N PRO B 4 -16.74 15.81 24.20
CA PRO B 4 -15.56 14.88 24.37
C PRO B 4 -15.69 13.66 23.48
N THR B 5 -14.65 13.39 22.68
CA THR B 5 -14.60 12.28 21.68
C THR B 5 -15.36 12.64 20.40
N SER B 6 -16.30 13.58 20.46
CA SER B 6 -17.09 13.86 19.32
C SER B 6 -16.59 14.97 18.38
N ILE B 7 -16.16 16.11 18.89
CA ILE B 7 -15.69 17.24 18.03
C ILE B 7 -14.28 17.72 18.26
N LEU B 8 -13.90 17.88 19.47
CA LEU B 8 -12.61 18.35 19.70
C LEU B 8 -11.61 17.37 19.13
N ASP B 9 -11.82 15.99 19.21
CA ASP B 9 -10.86 15.19 18.50
C ASP B 9 -11.37 14.45 17.29
N ILE B 10 -12.60 14.68 16.67
CA ILE B 10 -12.82 13.74 15.57
C ILE B 10 -11.96 14.22 14.37
N ARG B 11 -11.17 13.29 13.74
CA ARG B 11 -10.27 13.69 12.62
C ARG B 11 -10.26 12.69 11.43
N GLN B 12 -10.31 13.19 10.17
CA GLN B 12 -10.23 12.31 8.96
C GLN B 12 -8.76 12.07 8.64
N GLY B 13 -8.40 10.82 8.49
CA GLY B 13 -7.03 10.51 8.19
C GLY B 13 -6.66 10.94 6.75
N PRO B 14 -5.52 11.46 6.47
CA PRO B 14 -5.15 11.81 5.06
C PRO B 14 -5.30 10.61 4.14
N LYS B 15 -4.82 9.44 4.57
CA LYS B 15 -5.06 8.21 3.79
C LYS B 15 -6.54 7.84 3.83
N GLU B 16 -7.23 8.32 4.86
CA GLU B 16 -8.60 7.97 5.09
C GLU B 16 -9.62 8.69 4.18
N PRO B 17 -10.66 8.01 3.69
CA PRO B 17 -11.67 8.66 2.83
C PRO B 17 -12.67 9.43 3.61
N PHE B 18 -13.15 10.44 2.99
CA PHE B 18 -14.12 11.28 3.59
C PHE B 18 -15.31 10.44 4.11
N ARG B 19 -15.57 9.30 3.49
CA ARG B 19 -16.72 8.49 3.94
C ARG B 19 -16.61 7.97 5.38
N ASP B 20 -15.55 7.22 5.66
CA ASP B 20 -15.38 6.63 6.99
C ASP B 20 -15.30 7.71 8.04
N TYR B 21 -14.60 8.80 7.74
CA TYR B 21 -14.54 9.88 8.71
C TYR B 21 -15.89 10.50 8.90
N VAL B 22 -16.58 10.82 7.82
CA VAL B 22 -17.91 11.42 7.92
C VAL B 22 -18.81 10.53 8.75
N ASP B 23 -18.57 9.22 8.63
CA ASP B 23 -19.32 8.24 9.40
C ASP B 23 -18.93 8.39 10.86
N ARG B 24 -17.63 8.66 11.11
CA ARG B 24 -17.17 8.84 12.48
C ARG B 24 -17.85 10.08 13.05
N PHE B 25 -17.81 11.19 12.31
CA PHE B 25 -18.45 12.40 12.74
C PHE B 25 -19.92 12.15 13.02
N TYR B 26 -20.55 11.39 12.15
CA TYR B 26 -21.97 11.11 12.30
C TYR B 26 -22.22 10.05 13.38
N LYS B 27 -21.21 9.28 13.73
CA LYS B 27 -21.40 8.27 14.75
C LYS B 27 -21.13 8.83 16.14
N THR B 28 -19.90 9.30 16.36
CA THR B 28 -19.48 9.84 17.66
C THR B 28 -20.39 10.96 18.22
N LEU B 29 -20.99 11.78 17.36
CA LEU B 29 -21.85 12.89 17.85
C LEU B 29 -23.00 12.27 18.64
N ARG B 30 -23.53 11.14 18.19
CA ARG B 30 -24.63 10.55 18.91
C ARG B 30 -24.17 10.25 20.34
N ALA B 31 -22.91 9.85 20.44
CA ALA B 31 -22.32 9.57 21.74
C ALA B 31 -22.23 10.82 22.63
N GLU B 32 -22.30 12.04 22.08
CA GLU B 32 -22.20 13.21 22.97
C GLU B 32 -23.59 13.63 23.48
N GLN B 33 -23.60 14.34 24.61
CA GLN B 33 -24.85 14.85 25.20
C GLN B 33 -25.00 16.35 24.90
N ALA B 34 -25.31 16.65 23.66
CA ALA B 34 -25.46 18.04 23.20
C ALA B 34 -26.90 18.40 22.91
N SER B 35 -27.07 19.67 22.55
CA SER B 35 -28.35 20.19 22.14
C SER B 35 -28.48 19.94 20.63
N GLN B 36 -29.67 19.95 20.09
CA GLN B 36 -29.80 19.70 18.67
C GLN B 36 -29.06 20.75 17.82
N GLU B 37 -29.17 22.04 18.17
CA GLU B 37 -28.48 23.10 17.41
C GLU B 37 -26.95 22.95 17.51
N VAL B 38 -26.49 22.56 18.70
CA VAL B 38 -25.07 22.35 18.89
C VAL B 38 -24.55 21.39 17.84
N LYS B 39 -25.21 20.26 17.69
CA LYS B 39 -24.72 19.26 16.75
C LYS B 39 -24.72 19.76 15.33
N ASN B 40 -25.80 20.35 14.89
CA ASN B 40 -25.81 20.88 13.52
C ASN B 40 -24.61 21.88 13.31
N TRP B 41 -24.34 22.70 14.33
CA TRP B 41 -23.22 23.65 14.30
C TRP B 41 -21.92 22.84 14.20
N MET B 42 -21.84 21.76 14.96
CA MET B 42 -20.67 20.90 14.96
C MET B 42 -20.36 20.29 13.60
N THR B 43 -21.38 19.84 12.90
CA THR B 43 -21.13 19.26 11.59
C THR B 43 -20.53 20.29 10.66
N GLU B 44 -21.30 21.36 10.40
CA GLU B 44 -20.84 22.44 9.49
C GLU B 44 -19.57 23.15 9.97
N THR B 45 -19.33 23.23 11.27
CA THR B 45 -18.13 23.95 11.72
C THR B 45 -16.88 23.06 11.78
N LEU B 46 -16.98 21.87 12.35
CA LEU B 46 -15.79 21.03 12.44
C LEU B 46 -15.54 20.17 11.17
N LEU B 47 -16.59 19.39 10.74
CA LEU B 47 -16.46 18.40 9.64
C LEU B 47 -15.52 18.83 8.52
N VAL B 48 -15.43 20.12 8.20
CA VAL B 48 -14.51 20.54 7.14
C VAL B 48 -13.08 20.75 7.69
N GLN B 49 -12.99 21.55 8.76
CA GLN B 49 -11.70 21.91 9.38
C GLN B 49 -10.85 20.74 9.92
N ASN B 50 -11.46 19.80 10.57
CA ASN B 50 -10.72 18.69 11.17
C ASN B 50 -10.67 17.45 10.26
N ALA B 51 -10.48 17.60 8.92
CA ALA B 51 -10.50 16.39 8.06
C ALA B 51 -9.60 16.37 6.78
N ASN B 52 -8.59 15.40 6.74
CA ASN B 52 -7.82 15.04 5.49
C ASN B 52 -7.33 16.16 4.58
N PRO B 53 -6.13 16.69 4.67
CA PRO B 53 -5.69 17.81 3.78
C PRO B 53 -6.11 17.71 2.34
N ASP B 54 -6.06 16.52 1.69
CA ASP B 54 -6.57 16.43 0.33
C ASP B 54 -8.06 16.73 0.31
N CYS B 55 -8.82 16.20 1.25
CA CYS B 55 -10.24 16.47 1.20
C CYS B 55 -10.57 17.92 1.68
N LYS B 56 -9.94 18.44 2.72
CA LYS B 56 -10.25 19.77 3.22
C LYS B 56 -9.97 20.83 2.18
N THR B 57 -8.82 20.74 1.54
CA THR B 57 -8.48 21.72 0.52
C THR B 57 -9.61 21.67 -0.52
N ILE B 58 -10.20 20.50 -0.73
CA ILE B 58 -11.32 20.39 -1.66
C ILE B 58 -12.58 21.03 -1.10
N LEU B 59 -12.93 20.73 0.17
CA LEU B 59 -14.13 21.29 0.75
C LEU B 59 -14.07 22.78 0.62
N LYS B 60 -12.91 23.36 0.89
CA LYS B 60 -12.76 24.80 0.70
C LYS B 60 -13.04 25.16 -0.75
N ALA B 61 -12.50 24.35 -1.66
CA ALA B 61 -12.67 24.61 -3.10
C ALA B 61 -14.14 24.59 -3.54
N LEU B 62 -14.91 23.66 -3.01
CA LEU B 62 -16.30 23.57 -3.40
C LEU B 62 -17.06 24.83 -3.03
N GLY B 63 -16.86 25.27 -1.81
CA GLY B 63 -17.55 26.44 -1.30
C GLY B 63 -18.48 26.00 -0.13
N PRO B 64 -18.34 26.53 1.11
CA PRO B 64 -19.21 26.11 2.24
C PRO B 64 -20.68 26.30 1.90
N GLY B 65 -21.50 25.32 2.24
CA GLY B 65 -22.92 25.39 1.95
C GLY B 65 -23.26 24.50 0.75
N ALA B 66 -22.24 24.04 -0.01
CA ALA B 66 -22.51 23.17 -1.12
C ALA B 66 -23.14 21.91 -0.56
N THR B 67 -24.15 21.37 -1.24
CA THR B 67 -24.80 20.19 -0.71
C THR B 67 -23.78 19.12 -0.51
N LEU B 68 -24.13 18.10 0.27
CA LEU B 68 -23.18 17.04 0.56
C LEU B 68 -22.88 16.26 -0.69
N GLU B 69 -23.76 16.31 -1.67
CA GLU B 69 -23.48 15.60 -2.89
C GLU B 69 -22.17 16.23 -3.40
N GLU B 70 -22.01 17.56 -3.18
CA GLU B 70 -20.77 18.24 -3.57
C GLU B 70 -19.59 17.91 -2.62
N MET B 71 -19.83 17.87 -1.29
CA MET B 71 -18.77 17.56 -0.30
C MET B 71 -18.30 16.07 -0.42
N MET B 72 -19.19 15.22 -0.98
CA MET B 72 -18.85 13.82 -1.13
C MET B 72 -18.01 13.56 -2.36
N THR B 73 -18.58 13.70 -3.55
CA THR B 73 -17.87 13.41 -4.82
C THR B 73 -16.50 14.08 -4.95
N ALA B 74 -16.41 15.36 -4.62
CA ALA B 74 -15.14 16.10 -4.75
C ALA B 74 -14.03 15.48 -3.90
N CYS B 75 -14.37 15.23 -2.61
CA CYS B 75 -13.47 14.61 -1.65
C CYS B 75 -13.35 13.11 -1.84
N GLN B 76 -14.35 12.53 -2.48
CA GLN B 76 -14.33 11.12 -2.80
C GLN B 76 -13.29 10.88 -3.85
N GLY B 77 -12.90 11.95 -4.58
CA GLY B 77 -11.83 11.83 -5.51
C GLY B 77 -10.55 11.70 -4.68
N VAL B 78 -10.55 12.21 -3.38
CA VAL B 78 -9.30 12.06 -2.44
C VAL B 78 -9.06 10.62 -2.55
N GLY B 79 -7.95 10.23 -3.17
CA GLY B 79 -8.09 8.89 -3.60
C GLY B 79 -7.08 8.31 -4.58
N GLY B 80 -6.59 7.03 -4.44
CA GLY B 80 -5.43 6.66 -5.26
C GLY B 80 -5.56 6.99 -6.78
N PRO B 81 -6.59 6.64 -7.43
CA PRO B 81 -6.78 7.05 -8.85
C PRO B 81 -7.35 8.48 -9.04
N GLY B 82 -8.18 8.88 -8.06
CA GLY B 82 -8.96 10.14 -8.15
C GLY B 82 -8.23 11.46 -7.97
N HIS B 83 -7.61 11.67 -6.81
CA HIS B 83 -6.97 12.93 -6.49
C HIS B 83 -5.50 12.93 -6.78
N LYS B 84 -4.91 11.81 -6.47
CA LYS B 84 -3.47 11.70 -6.62
C LYS B 84 -2.99 11.51 -8.01
N ALA B 85 -3.77 10.87 -8.87
CA ALA B 85 -3.34 10.71 -10.24
C ALA B 85 -2.98 12.08 -10.82
N ARG B 86 -3.67 13.10 -10.30
CA ARG B 86 -3.44 14.47 -10.71
C ARG B 86 -2.43 15.23 -9.85
N VAL B 87 -2.70 15.30 -8.51
CA VAL B 87 -1.94 16.22 -7.58
C VAL B 87 -0.40 16.16 -7.51
N LEU B 88 0.19 15.10 -7.03
CA LEU B 88 1.67 15.09 -6.97
C LEU B 88 2.17 14.97 -8.33
N ALA B 89 1.46 14.13 -9.08
CA ALA B 89 1.82 13.89 -10.39
C ALA B 89 1.92 15.28 -11.12
N GLU B 90 1.11 16.28 -10.65
CA GLU B 90 1.19 17.70 -11.09
C GLU B 90 2.34 18.43 -10.38
N ALA B 91 2.51 18.10 -9.09
CA ALA B 91 3.61 18.67 -8.27
C ALA B 91 4.97 18.37 -8.92
N MET B 92 5.00 17.37 -9.80
CA MET B 92 6.21 17.03 -10.52
C MET B 92 6.55 18.19 -11.41
N SER B 93 5.50 18.82 -11.97
CA SER B 93 5.70 19.94 -12.90
C SER B 93 5.86 21.28 -12.19
N GLN B 94 5.51 21.32 -10.91
CA GLN B 94 5.67 22.54 -10.16
C GLN B 94 7.16 22.78 -9.91
N VAL B 95 7.91 21.72 -9.68
CA VAL B 95 9.34 21.87 -9.48
C VAL B 95 10.01 22.38 -10.74
N THR B 96 9.39 22.11 -11.88
CA THR B 96 9.90 22.61 -13.13
C THR B 96 9.90 24.17 -13.09
N ASN B 97 9.17 24.78 -12.12
CA ASN B 97 9.01 26.23 -12.01
C ASN B 97 10.29 27.05 -12.16
N THR B 98 11.46 26.45 -12.03
CA THR B 98 12.66 27.26 -12.19
C THR B 98 12.65 27.93 -13.56
N ALA B 99 12.25 27.17 -14.59
CA ALA B 99 12.18 27.73 -15.94
C ALA B 99 10.83 27.47 -16.62
N THR B 100 10.31 26.25 -16.46
CA THR B 100 9.04 25.88 -17.10
C THR B 100 7.98 25.47 -16.09
N ILE B 101 6.79 26.03 -16.25
CA ILE B 101 5.66 25.74 -15.38
C ILE B 101 4.53 25.11 -16.20
N MET B 102 4.00 23.98 -15.74
CA MET B 102 2.93 23.30 -16.46
C MET B 102 3.31 23.13 -17.93
N GLY C 1 13.23 9.60 32.26
CA GLY C 1 12.76 8.40 32.97
C GLY C 1 12.41 7.29 31.99
N GLY C 2 11.13 7.13 31.87
CA GLY C 2 10.51 6.12 31.07
C GLY C 2 10.41 4.80 31.80
N SER C 3 9.20 4.53 32.21
CA SER C 3 8.84 3.30 32.88
C SER C 3 8.54 2.28 31.78
N PRO C 4 8.65 1.01 32.05
CA PRO C 4 8.47 -0.07 31.02
C PRO C 4 7.37 0.18 30.00
N THR C 5 7.80 0.02 28.72
CA THR C 5 6.92 0.15 27.52
C THR C 5 6.48 1.58 27.16
N SER C 6 6.40 2.49 28.13
CA SER C 6 5.82 3.79 27.80
C SER C 6 6.77 4.87 27.27
N ILE C 7 7.78 5.17 27.99
CA ILE C 7 8.75 6.23 27.60
C ILE C 7 10.17 5.72 27.41
N LEU C 8 10.31 4.43 27.50
CA LEU C 8 11.55 3.82 27.20
C LEU C 8 11.54 3.71 25.74
N ASP C 9 10.34 3.40 25.18
CA ASP C 9 10.31 3.51 23.78
C ASP C 9 8.99 3.79 23.15
N ILE C 10 7.93 4.51 23.69
CA ILE C 10 6.73 4.40 22.85
C ILE C 10 6.98 5.05 21.47
N ARG C 11 6.80 4.17 20.48
CA ARG C 11 7.14 4.40 19.07
C ARG C 11 6.01 4.81 18.13
N GLN C 12 6.32 5.76 17.20
CA GLN C 12 5.35 6.12 16.12
C GLN C 12 5.78 5.32 14.84
N GLY C 13 4.82 5.15 13.88
CA GLY C 13 5.03 4.39 12.62
C GLY C 13 5.03 5.34 11.38
N PRO C 14 5.73 4.96 10.31
CA PRO C 14 5.86 5.82 9.10
C PRO C 14 4.52 5.92 8.38
N LYS C 15 3.67 4.91 8.56
CA LYS C 15 2.34 4.98 8.01
C LYS C 15 1.35 5.44 9.09
N GLU C 16 1.70 5.19 10.36
CA GLU C 16 0.84 5.53 11.49
C GLU C 16 0.81 7.06 11.70
N PRO C 17 -0.32 7.71 11.81
CA PRO C 17 -0.36 9.20 11.98
C PRO C 17 0.17 9.59 13.31
N PHE C 18 0.53 10.85 13.42
CA PHE C 18 1.02 11.35 14.67
C PHE C 18 -0.01 11.03 15.74
N ARG C 19 -1.26 11.38 15.49
CA ARG C 19 -2.32 11.15 16.47
C ARG C 19 -2.41 9.73 16.98
N ASP C 20 -2.52 8.74 16.08
CA ASP C 20 -2.64 7.34 16.51
C ASP C 20 -1.53 7.01 17.50
N TYR C 21 -0.31 7.32 17.16
CA TYR C 21 0.77 7.09 18.08
C TYR C 21 0.56 7.89 19.35
N VAL C 22 0.11 9.13 19.25
CA VAL C 22 -0.11 9.94 20.45
C VAL C 22 -1.10 9.23 21.36
N ASP C 23 -2.11 8.59 20.78
CA ASP C 23 -3.09 7.85 21.56
C ASP C 23 -2.42 6.72 22.32
N ARG C 24 -1.51 6.01 21.63
CA ARG C 24 -0.76 4.92 22.25
C ARG C 24 0.10 5.42 23.37
N PHE C 25 0.70 6.52 23.08
CA PHE C 25 1.60 7.22 23.94
C PHE C 25 0.86 7.71 25.17
N TYR C 26 -0.35 8.18 25.02
CA TYR C 26 -1.06 8.64 26.19
C TYR C 26 -1.44 7.49 27.11
N LYS C 27 -1.97 6.46 26.49
CA LYS C 27 -2.43 5.28 27.22
C LYS C 27 -1.28 4.53 27.84
N THR C 28 -0.17 4.39 27.15
CA THR C 28 0.93 3.65 27.73
C THR C 28 1.32 4.32 29.05
N LEU C 29 1.28 5.68 29.08
CA LEU C 29 1.52 6.39 30.36
C LEU C 29 0.52 5.92 31.43
N ARG C 30 -0.69 5.52 31.04
CA ARG C 30 -1.67 5.06 32.03
C ARG C 30 -1.37 3.64 32.53
N ALA C 31 -0.45 2.94 31.86
CA ALA C 31 -0.08 1.56 32.25
C ALA C 31 1.13 1.53 33.18
N GLU C 32 1.90 2.58 33.18
CA GLU C 32 3.08 2.61 34.02
C GLU C 32 2.72 2.98 35.46
N GLN C 33 3.61 2.65 36.41
CA GLN C 33 3.42 2.99 37.85
C GLN C 33 4.28 4.23 38.28
N ALA C 34 3.97 5.40 37.67
CA ALA C 34 4.74 6.62 37.94
C ALA C 34 3.89 7.72 38.62
N SER C 35 4.59 8.75 39.15
CA SER C 35 3.89 9.87 39.82
C SER C 35 3.24 10.78 38.77
N GLN C 36 2.25 11.55 39.18
CA GLN C 36 1.53 12.37 38.22
C GLN C 36 2.48 13.20 37.39
N GLU C 37 3.40 13.87 38.07
CA GLU C 37 4.38 14.67 37.38
C GLU C 37 5.28 13.81 36.56
N VAL C 38 5.40 12.53 36.86
CA VAL C 38 6.29 11.77 36.05
C VAL C 38 5.82 11.75 34.62
N LYS C 39 4.56 11.64 34.45
CA LYS C 39 4.05 11.56 33.10
C LYS C 39 4.08 12.94 32.42
N ASN C 40 4.11 14.01 33.23
CA ASN C 40 4.18 15.37 32.70
C ASN C 40 5.53 15.63 31.93
N TRP C 41 6.57 15.02 32.44
CA TRP C 41 7.86 15.14 31.81
C TRP C 41 8.01 14.09 30.69
N MET C 42 7.66 12.82 31.01
CA MET C 42 7.77 11.68 30.06
C MET C 42 6.96 11.90 28.81
N THR C 43 5.76 12.44 28.98
CA THR C 43 4.92 12.71 27.83
C THR C 43 5.58 13.69 26.86
N GLU C 44 6.35 14.62 27.38
CA GLU C 44 6.95 15.62 26.50
C GLU C 44 8.25 15.19 25.85
N THR C 45 9.28 14.96 26.66
CA THR C 45 10.60 14.60 26.13
C THR C 45 10.56 13.46 25.08
N LEU C 46 9.85 12.35 25.41
CA LEU C 46 9.75 11.17 24.52
C LEU C 46 8.83 11.26 23.29
N LEU C 47 7.70 11.91 23.40
CA LEU C 47 6.80 12.03 22.23
C LEU C 47 7.56 12.57 21.00
N VAL C 48 8.09 13.77 21.12
CA VAL C 48 8.78 14.43 20.02
C VAL C 48 9.96 13.67 19.46
N GLN C 49 10.75 12.97 20.28
CA GLN C 49 11.95 12.28 19.76
C GLN C 49 11.73 10.83 19.30
N ASN C 50 11.16 9.99 20.17
CA ASN C 50 10.98 8.57 19.87
C ASN C 50 9.82 8.29 18.95
N ALA C 51 9.54 9.16 17.97
CA ALA C 51 8.38 8.89 17.13
C ALA C 51 8.35 9.48 15.70
N ASN C 52 8.58 8.60 14.71
CA ASN C 52 8.28 8.98 13.31
C ASN C 52 8.82 10.30 12.79
N PRO C 53 9.97 10.35 12.11
CA PRO C 53 10.55 11.61 11.56
C PRO C 53 9.52 12.57 10.86
N ASP C 54 8.29 12.11 10.52
CA ASP C 54 7.30 13.03 9.90
C ASP C 54 6.87 14.06 10.93
N CYS C 55 6.23 13.55 12.01
CA CYS C 55 5.77 14.41 13.08
C CYS C 55 6.98 15.01 13.72
N LYS C 56 8.10 14.34 13.70
CA LYS C 56 9.27 14.91 14.33
C LYS C 56 9.80 16.09 13.53
N THR C 57 9.79 15.98 12.19
CA THR C 57 10.26 17.08 11.35
C THR C 57 9.30 18.27 11.46
N ILE C 58 8.01 17.97 11.70
CA ILE C 58 6.96 18.99 11.91
C ILE C 58 7.11 19.65 13.28
N LEU C 59 7.41 18.82 14.28
CA LEU C 59 7.51 19.26 15.67
C LEU C 59 8.62 20.27 15.83
N LYS C 60 9.80 19.97 15.30
CA LYS C 60 10.86 20.94 15.36
C LYS C 60 10.41 22.18 14.60
N ALA C 61 9.72 21.95 13.50
CA ALA C 61 9.21 23.03 12.69
C ALA C 61 8.23 23.91 13.47
N LEU C 62 7.38 23.30 14.31
CA LEU C 62 6.41 24.09 15.04
C LEU C 62 7.10 25.10 15.91
N GLY C 63 8.20 24.68 16.49
CA GLY C 63 8.93 25.54 17.41
C GLY C 63 8.55 25.03 18.79
N PRO C 64 9.47 24.59 19.64
CA PRO C 64 9.08 24.01 20.97
C PRO C 64 8.05 24.81 21.74
N GLY C 65 7.52 24.18 22.78
CA GLY C 65 6.47 24.80 23.58
C GLY C 65 5.10 24.63 22.91
N ALA C 66 5.06 23.99 21.72
CA ALA C 66 3.78 23.78 21.05
C ALA C 66 3.05 22.66 21.76
N THR C 67 1.86 22.96 22.25
CA THR C 67 1.10 21.96 22.97
C THR C 67 0.56 20.93 22.01
N LEU C 68 0.16 19.80 22.54
CA LEU C 68 -0.42 18.76 21.72
C LEU C 68 -1.55 19.27 20.90
N GLU C 69 -2.30 20.23 21.42
CA GLU C 69 -3.42 20.71 20.63
C GLU C 69 -2.86 21.23 19.30
N GLU C 70 -1.76 21.99 19.37
CA GLU C 70 -1.12 22.51 18.16
C GLU C 70 -0.39 21.40 17.37
N MET C 71 0.32 20.47 18.08
CA MET C 71 1.11 19.41 17.39
C MET C 71 0.17 18.52 16.61
N MET C 72 -1.02 18.34 17.15
CA MET C 72 -2.02 17.55 16.48
C MET C 72 -2.33 18.16 15.14
N THR C 73 -2.63 19.45 15.17
CA THR C 73 -2.99 20.19 13.97
C THR C 73 -1.89 20.12 12.94
N ALA C 74 -0.69 20.29 13.42
CA ALA C 74 0.48 20.28 12.55
C ALA C 74 0.67 18.96 11.85
N CYS C 75 0.61 17.92 12.66
CA CYS C 75 0.84 16.62 12.13
C CYS C 75 -0.41 15.99 11.55
N GLN C 76 -1.49 16.80 11.20
CA GLN C 76 -2.74 16.18 10.59
C GLN C 76 -2.50 15.56 9.24
N GLY C 77 -1.75 16.20 8.35
CA GLY C 77 -1.48 15.57 7.04
C GLY C 77 -0.66 14.31 7.32
N VAL C 78 -0.10 14.13 8.56
CA VAL C 78 0.60 12.84 8.86
C VAL C 78 -0.53 11.88 8.68
N GLY C 79 -0.22 10.85 7.96
CA GLY C 79 -1.33 10.26 7.33
C GLY C 79 -0.82 9.40 6.28
N GLY C 80 -1.53 8.51 5.58
CA GLY C 80 -0.62 7.67 4.88
C GLY C 80 0.16 8.33 3.78
N PRO C 81 -0.34 8.69 2.71
CA PRO C 81 0.44 9.46 1.70
C PRO C 81 0.40 11.03 1.87
N GLY C 82 -0.62 11.57 2.57
CA GLY C 82 -0.82 13.04 2.68
C GLY C 82 0.32 13.92 3.10
N HIS C 83 0.85 13.71 4.27
CA HIS C 83 1.92 14.57 4.76
C HIS C 83 3.00 14.61 3.77
N LYS C 84 3.16 13.52 3.10
CA LYS C 84 4.17 13.41 2.19
C LYS C 84 4.01 14.20 0.85
N ALA C 85 2.80 14.66 0.53
CA ALA C 85 2.61 15.44 -0.71
C ALA C 85 3.68 16.61 -0.80
N ARG C 86 4.15 17.03 0.36
CA ARG C 86 5.20 18.00 0.48
C ARG C 86 6.59 17.30 0.46
N VAL C 87 6.69 16.17 1.14
CA VAL C 87 7.95 15.44 1.26
C VAL C 87 8.48 14.87 -0.06
N LEU C 88 7.64 14.14 -0.80
CA LEU C 88 8.06 13.54 -2.07
C LEU C 88 8.44 14.68 -3.02
N ALA C 89 7.67 15.76 -3.01
CA ALA C 89 7.96 16.87 -3.92
C ALA C 89 9.37 17.47 -3.70
N GLU C 90 9.79 17.65 -2.44
CA GLU C 90 11.11 18.24 -2.15
C GLU C 90 12.24 17.37 -2.67
N ALA C 91 12.08 16.08 -2.50
CA ALA C 91 13.08 15.14 -2.95
C ALA C 91 13.21 15.18 -4.47
N MET C 92 12.09 15.31 -5.19
CA MET C 92 12.11 15.34 -6.67
C MET C 92 12.70 16.67 -7.22
N SER C 93 12.58 17.74 -6.43
CA SER C 93 13.13 19.02 -6.86
C SER C 93 14.53 19.22 -6.27
N GLN C 94 14.93 18.35 -5.29
CA GLN C 94 16.26 18.45 -4.69
C GLN C 94 17.30 17.75 -5.56
N VAL C 95 16.86 16.87 -6.48
CA VAL C 95 17.84 16.15 -7.32
C VAL C 95 18.35 17.00 -8.44
N THR C 96 17.49 17.89 -8.89
CA THR C 96 17.85 18.80 -9.93
C THR C 96 18.99 19.72 -9.43
N ASN C 97 19.24 19.76 -8.09
CA ASN C 97 20.20 20.65 -7.46
C ASN C 97 21.56 20.69 -8.14
N THR C 98 21.91 19.71 -8.96
CA THR C 98 23.23 19.73 -9.61
C THR C 98 23.40 21.07 -10.34
N ALA C 99 22.30 21.57 -10.93
CA ALA C 99 22.33 22.87 -11.60
C ALA C 99 21.19 23.76 -11.11
N THR C 100 20.01 23.15 -10.93
CA THR C 100 18.83 23.89 -10.47
C THR C 100 18.31 23.36 -9.16
N ILE C 101 18.28 24.21 -8.15
CA ILE C 101 17.80 23.81 -6.84
C ILE C 101 16.40 24.38 -6.60
N MET C 102 15.48 23.53 -6.16
CA MET C 102 14.09 23.96 -5.92
C MET C 102 13.46 24.46 -7.22
N GLY D 1 23.59 -17.24 18.94
CA GLY D 1 23.86 -17.56 17.51
C GLY D 1 23.39 -18.97 17.22
N GLY D 2 22.46 -19.11 16.27
CA GLY D 2 21.96 -20.42 15.84
C GLY D 2 20.97 -21.11 16.81
N SER D 3 20.47 -20.44 17.87
CA SER D 3 19.53 -21.10 18.84
C SER D 3 18.11 -21.21 18.26
N PRO D 4 17.28 -22.13 18.73
CA PRO D 4 15.87 -22.33 18.18
C PRO D 4 14.97 -21.10 18.11
N THR D 5 14.46 -20.86 16.87
CA THR D 5 13.49 -19.79 16.48
C THR D 5 13.95 -18.35 16.68
N SER D 6 14.60 -18.07 17.78
CA SER D 6 14.94 -16.70 18.07
C SER D 6 16.00 -16.04 17.21
N ILE D 7 17.06 -16.76 16.89
CA ILE D 7 18.25 -16.23 16.11
C ILE D 7 18.66 -16.94 14.85
N LEU D 8 17.91 -17.82 14.47
CA LEU D 8 18.17 -18.54 13.27
C LEU D 8 17.66 -17.70 12.11
N ASP D 9 16.46 -17.12 12.32
CA ASP D 9 15.97 -16.30 11.33
C ASP D 9 15.20 -15.11 11.80
N ILE D 10 15.36 -14.54 13.05
CA ILE D 10 14.34 -13.54 13.28
C ILE D 10 14.62 -12.35 12.33
N ARG D 11 13.76 -12.19 11.33
CA ARG D 11 13.99 -11.21 10.29
C ARG D 11 12.91 -10.16 10.16
N GLN D 12 13.30 -9.13 9.44
CA GLN D 12 12.46 -7.99 9.21
C GLN D 12 11.93 -7.96 7.80
N GLY D 13 10.68 -7.70 7.67
CA GLY D 13 10.13 -7.55 6.36
C GLY D 13 10.59 -6.21 5.80
N PRO D 14 10.13 -5.81 4.63
CA PRO D 14 10.48 -4.48 4.05
C PRO D 14 9.56 -3.37 4.65
N LYS D 15 8.24 -3.65 4.74
CA LYS D 15 7.26 -2.73 5.36
C LYS D 15 7.34 -2.81 6.90
N GLU D 16 7.92 -3.91 7.43
CA GLU D 16 8.04 -4.10 8.89
C GLU D 16 9.21 -3.24 9.39
N PRO D 17 9.01 -2.27 10.28
CA PRO D 17 10.13 -1.35 10.68
C PRO D 17 11.20 -1.96 11.58
N PHE D 18 12.33 -1.26 11.63
CA PHE D 18 13.44 -1.62 12.48
C PHE D 18 12.95 -1.72 13.89
N ARG D 19 12.20 -0.71 14.26
CA ARG D 19 11.62 -0.58 15.58
C ARG D 19 10.67 -1.70 16.02
N ASP D 20 9.71 -2.05 15.19
CA ASP D 20 8.74 -3.06 15.56
C ASP D 20 9.45 -4.40 15.65
N TYR D 21 10.36 -4.58 14.69
CA TYR D 21 11.17 -5.80 14.55
C TYR D 21 12.01 -6.06 15.74
N VAL D 22 12.62 -4.99 16.32
CA VAL D 22 13.52 -5.21 17.42
C VAL D 22 12.82 -6.05 18.48
N ASP D 23 11.52 -5.85 18.65
CA ASP D 23 10.73 -6.66 19.61
C ASP D 23 10.70 -8.10 19.14
N ARG D 24 10.50 -8.30 17.83
CA ARG D 24 10.51 -9.65 17.31
C ARG D 24 11.85 -10.23 17.65
N PHE D 25 12.89 -9.39 17.63
CA PHE D 25 14.22 -9.83 17.98
C PHE D 25 14.36 -10.06 19.49
N TYR D 26 13.69 -9.24 20.28
CA TYR D 26 13.82 -9.33 21.74
C TYR D 26 12.87 -10.35 22.37
N LYS D 27 11.59 -10.08 22.24
CA LYS D 27 10.58 -10.95 22.78
C LYS D 27 10.83 -12.39 22.34
N THR D 28 11.17 -12.60 21.06
CA THR D 28 11.44 -13.97 20.61
C THR D 28 12.59 -14.56 21.43
N LEU D 29 13.63 -13.74 21.78
CA LEU D 29 14.77 -14.31 22.54
C LEU D 29 14.23 -14.97 23.79
N ARG D 30 13.28 -14.31 24.49
CA ARG D 30 12.76 -14.89 25.72
C ARG D 30 12.29 -16.32 25.48
N ALA D 31 11.80 -16.57 24.29
CA ALA D 31 11.38 -17.91 23.99
C ALA D 31 12.56 -18.89 23.95
N GLU D 32 13.75 -18.49 23.48
CA GLU D 32 14.87 -19.45 23.37
C GLU D 32 15.50 -19.68 24.75
N GLN D 33 15.98 -20.90 24.99
CA GLN D 33 16.64 -21.20 26.29
C GLN D 33 18.12 -20.85 26.20
N ALA D 34 18.42 -19.54 26.21
CA ALA D 34 19.81 -19.10 26.06
C ALA D 34 20.40 -18.47 27.32
N SER D 35 21.71 -18.66 27.45
CA SER D 35 22.45 -18.06 28.56
C SER D 35 22.40 -16.55 28.35
N GLN D 36 22.53 -15.77 29.40
CA GLN D 36 22.47 -14.33 29.22
C GLN D 36 23.58 -13.88 28.22
N GLU D 37 24.75 -14.50 28.30
CA GLU D 37 25.80 -14.14 27.35
C GLU D 37 25.33 -14.46 25.94
N VAL D 38 24.64 -15.59 25.80
CA VAL D 38 24.12 -15.94 24.49
C VAL D 38 23.11 -14.91 24.00
N LYS D 39 22.12 -14.54 24.83
CA LYS D 39 21.09 -13.58 24.41
C LYS D 39 21.67 -12.21 24.09
N ASN D 40 22.55 -11.73 24.94
CA ASN D 40 23.17 -10.43 24.72
C ASN D 40 24.01 -10.50 23.46
N TRP D 41 24.70 -11.64 23.30
CA TRP D 41 25.49 -11.85 22.11
C TRP D 41 24.54 -11.78 20.89
N MET D 42 23.37 -12.41 21.02
CA MET D 42 22.40 -12.42 19.92
C MET D 42 21.97 -11.02 19.49
N THR D 43 21.73 -10.13 20.46
CA THR D 43 21.30 -8.74 20.17
C THR D 43 22.35 -7.93 19.43
N GLU D 44 23.62 -8.26 19.58
CA GLU D 44 24.67 -7.51 18.90
C GLU D 44 24.99 -8.05 17.50
N THR D 45 25.10 -9.39 17.38
CA THR D 45 25.49 -9.98 16.11
C THR D 45 24.35 -10.20 15.13
N LEU D 46 23.39 -11.01 15.51
CA LEU D 46 22.31 -11.33 14.58
C LEU D 46 21.43 -10.12 14.30
N LEU D 47 21.28 -9.15 15.27
CA LEU D 47 20.36 -7.98 15.07
C LEU D 47 20.72 -7.12 13.85
N VAL D 48 21.97 -6.70 13.75
CA VAL D 48 22.35 -5.84 12.67
C VAL D 48 22.28 -6.55 11.34
N GLN D 49 22.69 -7.81 11.31
CA GLN D 49 22.73 -8.54 10.04
C GLN D 49 21.37 -8.98 9.49
N ASN D 50 20.59 -9.72 10.27
CA ASN D 50 19.30 -10.26 9.77
C ASN D 50 18.13 -9.30 9.97
N ALA D 51 18.39 -7.99 9.86
CA ALA D 51 17.32 -7.01 10.07
C ALA D 51 17.14 -5.96 8.96
N ASN D 52 16.19 -6.17 8.04
CA ASN D 52 15.82 -5.11 7.04
C ASN D 52 16.98 -4.35 6.33
N PRO D 53 17.50 -4.82 5.20
CA PRO D 53 18.63 -4.13 4.48
C PRO D 53 18.47 -2.58 4.33
N ASP D 54 17.25 -2.05 4.40
CA ASP D 54 17.11 -0.58 4.31
C ASP D 54 17.84 -0.04 5.50
N CYS D 55 17.61 -0.71 6.60
CA CYS D 55 18.19 -0.26 7.82
C CYS D 55 19.53 -0.84 8.08
N LYS D 56 19.86 -2.01 7.59
CA LYS D 56 21.21 -2.56 7.81
C LYS D 56 22.23 -1.61 7.21
N THR D 57 21.88 -1.10 6.03
CA THR D 57 22.73 -0.15 5.38
C THR D 57 22.91 1.08 6.33
N ILE D 58 21.90 1.30 7.22
CA ILE D 58 21.95 2.40 8.22
C ILE D 58 22.76 1.98 9.46
N LEU D 59 22.56 0.76 9.97
CA LEU D 59 23.27 0.30 11.15
C LEU D 59 24.73 0.33 10.85
N LYS D 60 25.07 -0.07 9.62
CA LYS D 60 26.46 -0.05 9.18
C LYS D 60 26.91 1.37 8.88
N ALA D 61 25.94 2.29 8.64
CA ALA D 61 26.26 3.69 8.34
C ALA D 61 26.32 4.56 9.60
N LEU D 62 25.70 4.11 10.68
CA LEU D 62 25.70 4.85 11.93
C LEU D 62 27.04 4.74 12.64
N GLY D 63 27.98 3.95 12.10
CA GLY D 63 29.27 3.78 12.77
C GLY D 63 29.10 2.69 13.86
N PRO D 64 29.76 1.52 13.78
CA PRO D 64 29.56 0.45 14.81
C PRO D 64 29.74 0.92 16.24
N GLY D 65 28.94 0.32 17.13
CA GLY D 65 28.96 0.70 18.54
C GLY D 65 27.79 1.63 18.89
N ALA D 66 26.82 1.75 17.99
CA ALA D 66 25.68 2.61 18.23
C ALA D 66 24.65 1.81 18.99
N THR D 67 24.00 2.42 19.98
CA THR D 67 23.01 1.67 20.74
C THR D 67 21.75 1.54 19.95
N LEU D 68 20.84 0.68 20.40
CA LEU D 68 19.56 0.56 19.73
C LEU D 68 18.91 1.89 19.62
N GLU D 69 19.22 2.80 20.51
CA GLU D 69 18.59 4.08 20.45
C GLU D 69 19.04 4.75 19.14
N GLU D 70 20.33 4.65 18.83
CA GLU D 70 20.82 5.24 17.59
C GLU D 70 20.32 4.48 16.37
N MET D 71 20.35 3.16 16.43
CA MET D 71 19.82 2.38 15.30
C MET D 71 18.31 2.67 15.21
N MET D 72 17.69 3.07 16.31
CA MET D 72 16.25 3.37 16.33
C MET D 72 15.93 4.73 15.70
N THR D 73 16.61 5.78 16.12
CA THR D 73 16.30 7.10 15.60
C THR D 73 16.42 7.15 14.07
N ALA D 74 17.52 6.65 13.56
CA ALA D 74 17.77 6.66 12.11
C ALA D 74 16.89 5.68 11.32
N CYS D 75 16.74 4.48 11.83
CA CYS D 75 15.96 3.48 11.12
C CYS D 75 14.43 3.63 11.33
N GLN D 76 14.01 4.74 11.97
CA GLN D 76 12.58 5.10 12.13
C GLN D 76 11.98 5.61 10.84
N GLY D 77 12.79 6.34 10.09
CA GLY D 77 12.37 6.88 8.81
C GLY D 77 12.18 5.76 7.76
N VAL D 78 12.49 4.50 8.13
CA VAL D 78 12.31 3.38 7.17
C VAL D 78 10.86 3.48 6.93
N GLY D 79 10.36 3.37 5.66
CA GLY D 79 8.97 3.77 5.53
C GLY D 79 8.85 4.74 4.37
N GLY D 80 7.66 5.19 3.97
CA GLY D 80 7.73 6.05 2.82
C GLY D 80 8.22 7.54 2.99
N PRO D 81 7.97 8.25 4.12
CA PRO D 81 8.34 9.72 4.21
C PRO D 81 9.81 10.09 4.31
N GLY D 82 10.54 9.48 5.23
CA GLY D 82 11.94 9.86 5.43
C GLY D 82 12.91 9.08 4.56
N HIS D 83 12.98 7.77 4.80
CA HIS D 83 13.92 6.93 4.09
C HIS D 83 13.57 6.77 2.61
N LYS D 84 12.33 6.43 2.31
CA LYS D 84 11.98 6.23 0.91
C LYS D 84 12.22 7.48 0.09
N ALA D 85 12.02 8.65 0.70
CA ALA D 85 12.23 9.91 -0.01
C ALA D 85 13.68 10.00 -0.47
N ARG D 86 14.57 9.57 0.40
CA ARG D 86 16.01 9.58 0.11
C ARG D 86 16.40 8.40 -0.83
N VAL D 87 15.62 7.31 -0.78
CA VAL D 87 15.90 6.09 -1.60
C VAL D 87 15.54 6.19 -3.11
N LEU D 88 14.41 6.81 -3.43
CA LEU D 88 13.99 6.92 -4.83
C LEU D 88 14.89 7.89 -5.62
N ALA D 89 15.23 9.00 -4.96
CA ALA D 89 16.08 10.05 -5.53
C ALA D 89 17.49 9.53 -5.84
N GLU D 90 18.05 8.70 -4.95
CA GLU D 90 19.40 8.17 -5.17
C GLU D 90 19.45 7.40 -6.47
N ALA D 91 18.41 6.64 -6.74
CA ALA D 91 18.37 5.90 -7.97
C ALA D 91 18.30 6.87 -9.15
N MET D 92 17.51 7.92 -8.98
CA MET D 92 17.31 8.93 -10.01
C MET D 92 18.61 9.69 -10.34
N SER D 93 19.40 10.00 -9.37
CA SER D 93 20.59 10.73 -9.66
C SER D 93 21.70 9.79 -10.15
N GLN D 94 21.49 8.46 -10.01
CA GLN D 94 22.48 7.50 -10.46
C GLN D 94 22.33 7.21 -11.94
N VAL D 95 21.11 7.26 -12.48
CA VAL D 95 20.96 6.97 -13.90
C VAL D 95 21.47 8.12 -14.71
N THR D 96 21.30 9.31 -14.18
CA THR D 96 21.79 10.50 -14.81
C THR D 96 23.33 10.40 -14.96
N ASN D 97 23.97 9.52 -14.15
CA ASN D 97 25.42 9.39 -14.12
C ASN D 97 26.04 9.23 -15.50
N THR D 98 25.26 8.89 -16.51
CA THR D 98 25.81 8.72 -17.85
C THR D 98 26.60 9.98 -18.22
N ALA D 99 26.07 11.13 -17.81
CA ALA D 99 26.77 12.39 -18.04
C ALA D 99 26.89 13.21 -16.76
N THR D 100 25.79 13.24 -15.98
CA THR D 100 25.79 14.00 -14.73
C THR D 100 25.50 13.11 -13.52
N ILE D 101 26.37 13.20 -12.54
CA ILE D 101 26.21 12.43 -11.31
C ILE D 101 25.90 13.41 -10.17
N MET D 102 24.86 13.11 -9.38
CA MET D 102 24.42 14.00 -8.30
C MET D 102 23.79 15.26 -8.89
N GLY E 1 7.65 -34.38 -5.51
CA GLY E 1 7.97 -33.31 -6.49
C GLY E 1 6.75 -33.09 -7.29
N GLY E 2 6.07 -32.02 -7.04
CA GLY E 2 4.83 -31.80 -7.74
C GLY E 2 3.68 -32.49 -6.99
N SER E 3 3.71 -32.39 -5.64
CA SER E 3 2.68 -32.99 -4.75
C SER E 3 1.55 -31.97 -4.44
N PRO E 4 0.30 -32.39 -4.22
CA PRO E 4 -0.83 -31.46 -3.93
C PRO E 4 -0.52 -30.50 -2.81
N THR E 5 -0.68 -29.22 -3.11
CA THR E 5 -0.43 -28.12 -2.16
C THR E 5 1.01 -28.01 -1.71
N SER E 6 1.89 -28.88 -2.15
CA SER E 6 3.22 -28.83 -1.63
C SER E 6 4.20 -27.98 -2.42
N ILE E 7 4.22 -28.24 -3.70
CA ILE E 7 5.16 -27.64 -4.64
C ILE E 7 4.56 -27.14 -5.93
N LEU E 8 3.56 -27.82 -6.33
CA LEU E 8 2.88 -27.60 -7.57
C LEU E 8 2.40 -26.19 -7.64
N ASP E 9 1.81 -25.69 -6.53
CA ASP E 9 1.52 -24.33 -6.56
C ASP E 9 2.22 -23.64 -5.44
N ILE E 10 3.27 -24.24 -4.77
CA ILE E 10 3.66 -23.44 -3.66
C ILE E 10 4.34 -22.21 -4.21
N ARG E 11 3.72 -21.03 -3.96
CA ARG E 11 4.26 -19.82 -4.54
C ARG E 11 4.36 -18.66 -3.61
N GLN E 12 5.16 -17.73 -4.08
CA GLN E 12 5.37 -16.49 -3.44
C GLN E 12 4.63 -15.42 -4.19
N GLY E 13 3.78 -14.71 -3.50
CA GLY E 13 3.05 -13.62 -4.12
C GLY E 13 4.01 -12.49 -4.53
N PRO E 14 3.62 -11.62 -5.47
CA PRO E 14 4.47 -10.48 -5.93
C PRO E 14 4.83 -9.60 -4.74
N LYS E 15 3.91 -9.56 -3.77
CA LYS E 15 4.14 -8.78 -2.54
C LYS E 15 4.44 -9.70 -1.35
N GLU E 16 4.55 -11.01 -1.59
CA GLU E 16 4.76 -11.91 -0.48
C GLU E 16 6.26 -12.07 -0.28
N PRO E 17 6.85 -11.69 0.82
CA PRO E 17 8.33 -11.81 0.93
C PRO E 17 8.79 -13.20 0.68
N PHE E 18 10.05 -13.30 0.31
CA PHE E 18 10.70 -14.57 0.08
C PHE E 18 10.43 -15.48 1.29
N ARG E 19 10.35 -14.83 2.49
CA ARG E 19 10.18 -15.51 3.80
C ARG E 19 8.87 -16.32 4.00
N ASP E 20 7.73 -15.71 3.72
CA ASP E 20 6.49 -16.41 3.98
C ASP E 20 6.38 -17.61 3.09
N TYR E 21 6.72 -17.37 1.87
CA TYR E 21 6.68 -18.38 0.84
C TYR E 21 7.66 -19.57 1.07
N VAL E 22 8.92 -19.27 1.35
CA VAL E 22 9.89 -20.33 1.58
C VAL E 22 9.38 -21.19 2.70
N ASP E 23 8.89 -20.54 3.76
CA ASP E 23 8.28 -21.28 4.86
C ASP E 23 7.09 -22.05 4.28
N ARG E 24 6.31 -21.40 3.42
CA ARG E 24 5.20 -22.13 2.80
C ARG E 24 5.73 -23.33 2.06
N PHE E 25 7.02 -23.30 1.67
CA PHE E 25 7.65 -24.43 0.97
C PHE E 25 8.03 -25.51 1.97
N TYR E 26 8.64 -25.09 3.07
CA TYR E 26 9.10 -26.00 4.10
C TYR E 26 7.97 -26.65 4.92
N LYS E 27 7.06 -25.84 5.41
CA LYS E 27 5.94 -26.33 6.17
C LYS E 27 5.05 -27.21 5.30
N THR E 28 4.82 -26.81 4.04
CA THR E 28 3.96 -27.62 3.21
C THR E 28 4.70 -28.92 2.89
N LEU E 29 6.03 -28.85 2.70
CA LEU E 29 6.74 -30.10 2.51
C LEU E 29 6.54 -30.95 3.75
N ARG E 30 6.61 -30.34 4.94
CA ARG E 30 6.32 -31.12 6.14
C ARG E 30 4.87 -31.63 6.07
N ALA E 31 4.01 -30.83 5.43
CA ALA E 31 2.59 -31.16 5.25
C ALA E 31 2.33 -32.28 4.27
N GLU E 32 3.24 -32.52 3.32
CA GLU E 32 2.98 -33.60 2.38
C GLU E 32 3.53 -34.89 2.94
N GLN E 33 3.14 -35.99 2.32
CA GLN E 33 3.63 -37.31 2.75
C GLN E 33 4.75 -37.75 1.81
N ALA E 34 5.82 -36.98 1.81
CA ALA E 34 6.97 -37.27 0.97
C ALA E 34 8.06 -37.96 1.75
N SER E 35 8.87 -38.75 1.06
CA SER E 35 9.97 -39.43 1.68
C SER E 35 11.03 -38.37 1.98
N GLN E 36 11.99 -38.69 2.78
CA GLN E 36 12.96 -37.69 3.08
C GLN E 36 13.64 -37.20 1.78
N GLU E 37 14.19 -38.13 0.97
CA GLU E 37 14.82 -37.72 -0.30
C GLU E 37 13.86 -36.93 -1.16
N VAL E 38 12.56 -37.27 -1.08
CA VAL E 38 11.56 -36.55 -1.89
C VAL E 38 11.53 -35.05 -1.54
N LYS E 39 11.70 -34.65 -0.28
CA LYS E 39 11.60 -33.20 0.08
C LYS E 39 12.89 -32.42 -0.15
N ASN E 40 14.02 -33.00 0.22
CA ASN E 40 15.30 -32.32 0.04
C ASN E 40 15.53 -31.95 -1.42
N TRP E 41 15.26 -32.88 -2.32
CA TRP E 41 15.39 -32.61 -3.73
C TRP E 41 14.38 -31.50 -4.09
N MET E 42 13.15 -31.60 -3.55
CA MET E 42 12.12 -30.57 -3.81
C MET E 42 12.59 -29.17 -3.37
N THR E 43 13.29 -29.08 -2.27
CA THR E 43 13.66 -27.75 -1.77
C THR E 43 14.59 -26.94 -2.67
N GLU E 44 15.62 -27.53 -3.20
CA GLU E 44 16.54 -26.75 -4.02
C GLU E 44 15.92 -26.29 -5.34
N THR E 45 15.21 -27.21 -5.98
CA THR E 45 14.62 -27.01 -7.30
C THR E 45 13.30 -26.22 -7.31
N LEU E 46 12.30 -26.75 -6.63
CA LEU E 46 10.98 -26.11 -6.69
C LEU E 46 10.95 -24.82 -5.88
N LEU E 47 11.91 -24.60 -5.00
CA LEU E 47 11.90 -23.35 -4.29
C LEU E 47 12.21 -22.16 -5.23
N VAL E 48 13.07 -22.36 -6.22
CA VAL E 48 13.50 -21.24 -7.06
C VAL E 48 12.51 -20.83 -8.16
N GLN E 49 12.04 -21.78 -8.94
CA GLN E 49 11.17 -21.47 -10.08
C GLN E 49 9.86 -20.74 -9.72
N ASN E 50 9.20 -21.14 -8.62
CA ASN E 50 7.87 -20.57 -8.30
C ASN E 50 7.87 -19.53 -7.16
N ALA E 51 8.95 -18.80 -6.99
CA ALA E 51 9.05 -17.85 -5.89
C ALA E 51 9.18 -16.35 -6.28
N ASN E 52 8.08 -15.62 -6.61
CA ASN E 52 8.19 -14.11 -6.80
C ASN E 52 9.39 -13.64 -7.67
N PRO E 53 9.25 -13.43 -8.97
CA PRO E 53 10.41 -13.03 -9.86
C PRO E 53 11.44 -12.02 -9.26
N ASP E 54 11.05 -11.18 -8.25
CA ASP E 54 12.03 -10.27 -7.62
C ASP E 54 13.14 -11.06 -6.96
N CYS E 55 12.75 -12.18 -6.33
CA CYS E 55 13.73 -12.98 -5.61
C CYS E 55 14.21 -13.98 -6.59
N LYS E 56 13.35 -14.43 -7.50
CA LYS E 56 13.82 -15.43 -8.46
C LYS E 56 14.97 -14.87 -9.25
N THR E 57 14.90 -13.58 -9.55
CA THR E 57 15.99 -12.95 -10.26
C THR E 57 17.27 -12.91 -9.38
N ILE E 58 17.07 -13.02 -8.05
CA ILE E 58 18.17 -13.03 -7.07
C ILE E 58 18.72 -14.46 -6.86
N LEU E 59 17.85 -15.50 -6.74
CA LEU E 59 18.36 -16.85 -6.55
C LEU E 59 19.22 -17.24 -7.75
N LYS E 60 18.76 -16.90 -8.97
CA LYS E 60 19.52 -17.21 -10.19
C LYS E 60 20.77 -16.34 -10.30
N ALA E 61 20.61 -15.05 -9.98
CA ALA E 61 21.73 -14.08 -10.02
C ALA E 61 22.87 -14.43 -9.05
N LEU E 62 22.53 -14.89 -7.83
CA LEU E 62 23.57 -15.26 -6.87
C LEU E 62 24.40 -16.31 -7.54
N GLY E 63 23.72 -17.17 -8.30
CA GLY E 63 24.37 -18.21 -9.02
C GLY E 63 24.21 -19.48 -8.23
N PRO E 64 24.04 -20.62 -8.87
CA PRO E 64 23.89 -21.89 -8.10
C PRO E 64 25.07 -22.14 -7.18
N GLY E 65 24.74 -22.81 -6.08
CA GLY E 65 25.66 -23.12 -5.01
C GLY E 65 25.43 -22.16 -3.83
N ALA E 66 24.75 -21.03 -4.08
CA ALA E 66 24.47 -20.09 -3.02
C ALA E 66 23.59 -20.79 -2.00
N THR E 67 24.04 -20.81 -0.76
CA THR E 67 23.24 -21.43 0.26
C THR E 67 22.03 -20.56 0.48
N LEU E 68 21.02 -21.09 1.15
CA LEU E 68 19.84 -20.30 1.44
C LEU E 68 20.22 -19.10 2.26
N GLU E 69 21.38 -19.14 2.89
CA GLU E 69 21.77 -18.01 3.65
C GLU E 69 21.95 -16.88 2.62
N GLU E 70 22.56 -17.23 1.48
CA GLU E 70 22.79 -16.26 0.42
C GLU E 70 21.47 -15.86 -0.26
N MET E 71 20.59 -16.84 -0.54
CA MET E 71 19.30 -16.53 -1.18
C MET E 71 18.48 -15.64 -0.25
N MET E 72 18.51 -15.96 1.00
CA MET E 72 17.79 -15.20 2.00
C MET E 72 18.33 -13.79 2.05
N THR E 73 19.58 -13.68 2.51
CA THR E 73 20.24 -12.40 2.68
C THR E 73 20.06 -11.54 1.45
N ALA E 74 20.26 -12.14 0.26
CA ALA E 74 20.10 -11.39 -0.99
C ALA E 74 18.64 -10.98 -1.25
N CYS E 75 17.74 -11.92 -1.08
CA CYS E 75 16.34 -11.67 -1.32
C CYS E 75 15.67 -10.87 -0.20
N GLN E 76 16.34 -10.62 0.93
CA GLN E 76 15.73 -9.76 1.95
C GLN E 76 15.53 -8.39 1.32
N GLY E 77 16.46 -8.02 0.42
CA GLY E 77 16.39 -6.74 -0.30
C GLY E 77 15.13 -6.69 -1.17
N VAL E 78 14.54 -7.86 -1.44
CA VAL E 78 13.26 -7.86 -2.21
C VAL E 78 12.38 -7.07 -1.31
N GLY E 79 11.59 -6.12 -1.86
CA GLY E 79 11.03 -5.17 -0.89
C GLY E 79 10.95 -3.81 -1.52
N GLY E 80 10.38 -2.74 -0.93
CA GLY E 80 10.29 -1.59 -1.82
C GLY E 80 11.54 -0.69 -1.96
N PRO E 81 12.01 -0.16 -0.89
CA PRO E 81 13.18 0.77 -0.93
C PRO E 81 14.44 0.03 -1.34
N GLY E 82 14.46 -1.26 -1.07
CA GLY E 82 15.62 -2.04 -1.40
C GLY E 82 15.69 -2.41 -2.87
N HIS E 83 14.69 -3.19 -3.35
CA HIS E 83 14.70 -3.68 -4.75
C HIS E 83 14.05 -2.65 -5.72
N LYS E 84 12.73 -2.42 -5.52
CA LYS E 84 11.99 -1.44 -6.35
C LYS E 84 12.76 -0.13 -6.52
N ALA E 85 13.48 0.31 -5.52
CA ALA E 85 14.21 1.57 -5.67
C ALA E 85 15.22 1.50 -6.80
N ARG E 86 16.02 0.44 -6.76
CA ARG E 86 17.05 0.22 -7.77
C ARG E 86 16.42 -0.06 -9.13
N VAL E 87 15.42 -0.90 -9.13
CA VAL E 87 14.74 -1.30 -10.36
C VAL E 87 14.15 -0.08 -11.04
N LEU E 88 13.53 0.79 -10.23
CA LEU E 88 12.89 1.99 -10.75
C LEU E 88 13.87 2.71 -11.65
N ALA E 89 15.18 2.59 -11.34
CA ALA E 89 16.24 3.23 -12.15
C ALA E 89 16.50 2.40 -13.39
N GLU E 90 16.49 1.09 -13.22
CA GLU E 90 16.72 0.18 -14.33
C GLU E 90 15.65 0.26 -15.42
N ALA E 91 14.40 0.45 -15.07
CA ALA E 91 13.35 0.50 -16.11
C ALA E 91 13.11 1.92 -16.63
N MET E 92 13.19 2.89 -15.75
CA MET E 92 13.00 4.29 -16.13
C MET E 92 14.18 4.77 -16.99
N SER E 93 15.37 4.16 -16.75
CA SER E 93 16.60 4.51 -17.47
C SER E 93 16.86 3.58 -18.67
N GLN E 94 16.08 2.51 -18.80
CA GLN E 94 16.23 1.61 -19.93
C GLN E 94 15.51 2.21 -21.12
N VAL E 95 14.57 3.11 -20.88
CA VAL E 95 13.88 3.71 -22.02
C VAL E 95 14.78 4.70 -22.72
N THR E 96 15.64 5.34 -21.95
CA THR E 96 16.57 6.30 -22.47
C THR E 96 17.46 5.64 -23.56
N ASN E 97 17.51 4.29 -23.56
CA ASN E 97 18.37 3.55 -24.46
C ASN E 97 18.30 3.98 -25.92
N THR E 98 17.26 4.70 -26.32
CA THR E 98 17.15 5.13 -27.71
C THR E 98 18.45 5.84 -28.12
N ALA E 99 18.99 6.65 -27.22
CA ALA E 99 20.24 7.33 -27.49
C ALA E 99 21.22 7.13 -26.33
N THR E 100 20.71 7.24 -25.11
CA THR E 100 21.54 7.07 -23.93
C THR E 100 21.05 5.94 -23.04
N ILE E 101 21.87 4.92 -22.87
CA ILE E 101 21.53 3.78 -22.03
C ILE E 101 22.14 4.00 -20.64
N MET E 102 21.33 3.89 -19.59
CA MET E 102 21.82 4.12 -18.24
C MET E 102 22.31 5.55 -18.08
N GLY F 1 -21.20 -24.10 -16.85
CA GLY F 1 -21.10 -22.65 -17.12
C GLY F 1 -22.18 -21.97 -16.44
N GLY F 2 -22.03 -20.69 -16.24
CA GLY F 2 -23.03 -19.93 -15.59
C GLY F 2 -23.40 -20.57 -14.23
N SER F 3 -22.46 -21.34 -13.63
CA SER F 3 -22.74 -22.02 -12.36
C SER F 3 -22.57 -21.05 -11.17
N PRO F 4 -23.52 -20.96 -10.21
CA PRO F 4 -23.47 -19.97 -9.08
C PRO F 4 -22.12 -19.70 -8.44
N THR F 5 -21.78 -18.39 -8.37
CA THR F 5 -20.54 -17.86 -7.72
C THR F 5 -19.22 -18.36 -8.34
N SER F 6 -19.27 -19.22 -9.36
CA SER F 6 -18.05 -19.80 -9.89
C SER F 6 -17.49 -19.18 -11.16
N ILE F 7 -18.37 -19.01 -12.14
CA ILE F 7 -18.03 -18.50 -13.47
C ILE F 7 -18.85 -17.29 -13.92
N LEU F 8 -19.99 -17.20 -13.38
CA LEU F 8 -20.90 -16.14 -13.67
C LEU F 8 -20.26 -14.83 -13.32
N ASP F 9 -19.54 -14.79 -12.14
CA ASP F 9 -18.80 -13.63 -11.90
C ASP F 9 -17.47 -13.82 -11.21
N ILE F 10 -16.72 -15.00 -11.26
CA ILE F 10 -15.60 -14.93 -10.31
C ILE F 10 -14.60 -13.83 -10.79
N ARG F 11 -13.85 -13.12 -9.85
CA ARG F 11 -12.93 -11.97 -10.28
C ARG F 11 -11.73 -11.70 -9.34
N GLN F 12 -10.61 -11.21 -9.94
CA GLN F 12 -9.31 -10.87 -9.24
C GLN F 12 -9.10 -9.37 -8.94
N GLY F 13 -8.68 -9.07 -7.69
CA GLY F 13 -8.43 -7.68 -7.30
C GLY F 13 -7.19 -7.12 -8.02
N PRO F 14 -6.86 -5.82 -7.93
CA PRO F 14 -5.66 -5.35 -8.67
C PRO F 14 -4.41 -5.87 -7.98
N LYS F 15 -4.49 -5.98 -6.64
CA LYS F 15 -3.39 -6.50 -5.82
C LYS F 15 -3.47 -8.04 -5.65
N GLU F 16 -4.66 -8.60 -5.86
CA GLU F 16 -4.79 -10.03 -5.74
C GLU F 16 -4.01 -10.66 -6.89
N PRO F 17 -2.98 -11.46 -6.67
CA PRO F 17 -2.21 -12.04 -7.82
C PRO F 17 -2.99 -13.09 -8.61
N PHE F 18 -2.49 -13.36 -9.85
CA PHE F 18 -3.13 -14.32 -10.76
C PHE F 18 -3.51 -15.59 -10.03
N ARG F 19 -2.50 -16.31 -9.50
CA ARG F 19 -2.72 -17.56 -8.75
C ARG F 19 -3.59 -17.44 -7.50
N ASP F 20 -3.54 -16.31 -6.74
CA ASP F 20 -4.39 -16.23 -5.52
C ASP F 20 -5.89 -16.17 -5.89
N TYR F 21 -6.22 -15.40 -6.93
CA TYR F 21 -7.61 -15.31 -7.40
C TYR F 21 -7.99 -16.59 -8.11
N VAL F 22 -7.07 -17.05 -8.93
CA VAL F 22 -7.30 -18.27 -9.66
C VAL F 22 -7.49 -19.37 -8.68
N ASP F 23 -6.79 -19.27 -7.54
CA ASP F 23 -6.96 -20.28 -6.53
C ASP F 23 -8.44 -20.25 -6.13
N ARG F 24 -9.03 -19.03 -6.06
CA ARG F 24 -10.48 -18.91 -5.74
C ARG F 24 -11.29 -19.53 -6.86
N PHE F 25 -10.87 -19.27 -8.12
CA PHE F 25 -11.57 -19.80 -9.28
C PHE F 25 -11.68 -21.31 -9.09
N TYR F 26 -10.58 -21.92 -8.67
CA TYR F 26 -10.55 -23.35 -8.43
C TYR F 26 -11.41 -23.79 -7.24
N LYS F 27 -11.20 -23.16 -6.09
CA LYS F 27 -11.95 -23.54 -4.90
C LYS F 27 -13.45 -23.51 -5.19
N THR F 28 -13.93 -22.44 -5.80
CA THR F 28 -15.36 -22.35 -6.09
C THR F 28 -15.80 -23.37 -7.19
N LEU F 29 -14.92 -23.68 -8.17
CA LEU F 29 -15.32 -24.62 -9.27
C LEU F 29 -15.65 -25.99 -8.68
N ARG F 30 -15.05 -26.32 -7.55
CA ARG F 30 -15.35 -27.60 -6.91
C ARG F 30 -16.76 -27.61 -6.36
N ALA F 31 -17.30 -26.42 -6.08
CA ALA F 31 -18.64 -26.31 -5.50
C ALA F 31 -19.69 -26.00 -6.51
N GLU F 32 -19.29 -25.33 -7.57
CA GLU F 32 -20.20 -24.99 -8.63
C GLU F 32 -20.93 -26.26 -9.06
N GLN F 33 -22.09 -26.13 -9.69
CA GLN F 33 -22.80 -27.33 -10.16
C GLN F 33 -22.52 -27.48 -11.66
N ALA F 34 -21.40 -28.15 -11.96
CA ALA F 34 -20.96 -28.35 -13.34
C ALA F 34 -20.61 -29.81 -13.66
N SER F 35 -20.85 -30.19 -14.92
CA SER F 35 -20.52 -31.53 -15.40
C SER F 35 -18.99 -31.62 -15.54
N GLN F 36 -18.45 -32.85 -15.58
CA GLN F 36 -17.00 -32.96 -15.63
C GLN F 36 -16.45 -32.16 -16.81
N GLU F 37 -17.11 -32.25 -17.96
CA GLU F 37 -16.72 -31.48 -19.13
C GLU F 37 -16.96 -29.99 -18.92
N VAL F 38 -18.06 -29.66 -18.25
CA VAL F 38 -18.36 -28.25 -18.05
C VAL F 38 -17.19 -27.58 -17.37
N LYS F 39 -16.75 -28.16 -16.27
CA LYS F 39 -15.66 -27.55 -15.52
C LYS F 39 -14.43 -27.37 -16.41
N ASN F 40 -14.10 -28.37 -17.20
CA ASN F 40 -12.94 -28.21 -18.04
C ASN F 40 -13.18 -27.00 -18.98
N TRP F 41 -14.36 -26.96 -19.61
CA TRP F 41 -14.70 -25.83 -20.46
C TRP F 41 -14.71 -24.55 -19.56
N MET F 42 -14.90 -24.67 -18.24
CA MET F 42 -14.94 -23.46 -17.37
C MET F 42 -13.54 -22.88 -17.11
N THR F 43 -12.61 -23.71 -16.62
CA THR F 43 -11.24 -23.25 -16.28
C THR F 43 -10.47 -22.65 -17.45
N GLU F 44 -10.82 -23.01 -18.66
CA GLU F 44 -10.09 -22.47 -19.81
C GLU F 44 -10.52 -21.05 -20.17
N THR F 45 -11.81 -20.91 -20.46
CA THR F 45 -12.37 -19.64 -20.92
C THR F 45 -12.48 -18.55 -19.84
N LEU F 46 -13.24 -18.82 -18.80
CA LEU F 46 -13.44 -17.82 -17.73
C LEU F 46 -12.18 -17.60 -16.93
N LEU F 47 -11.23 -18.49 -16.94
CA LEU F 47 -10.10 -18.16 -16.12
C LEU F 47 -9.39 -16.94 -16.71
N VAL F 48 -9.36 -16.85 -18.04
CA VAL F 48 -8.69 -15.75 -18.70
C VAL F 48 -9.53 -14.47 -18.91
N GLN F 49 -10.87 -14.53 -18.85
CA GLN F 49 -11.67 -13.33 -19.17
C GLN F 49 -12.06 -12.43 -17.99
N ASN F 50 -12.01 -12.95 -16.78
CA ASN F 50 -12.45 -12.19 -15.61
C ASN F 50 -11.36 -12.05 -14.58
N ALA F 51 -10.11 -11.95 -15.00
CA ALA F 51 -9.01 -11.93 -14.03
C ALA F 51 -7.92 -10.86 -14.20
N ASN F 52 -7.96 -9.82 -13.31
CA ASN F 52 -6.83 -8.86 -13.21
C ASN F 52 -6.21 -8.49 -14.54
N PRO F 53 -6.65 -7.49 -15.24
CA PRO F 53 -6.12 -7.15 -16.60
C PRO F 53 -4.59 -7.30 -16.77
N ASP F 54 -3.77 -7.22 -15.68
CA ASP F 54 -2.33 -7.41 -15.82
C ASP F 54 -2.03 -8.86 -16.17
N CYS F 55 -2.76 -9.77 -15.55
CA CYS F 55 -2.49 -11.17 -15.78
C CYS F 55 -3.27 -11.65 -16.95
N LYS F 56 -4.51 -11.14 -17.09
CA LYS F 56 -5.39 -11.51 -18.20
C LYS F 56 -4.74 -11.24 -19.53
N THR F 57 -3.76 -10.32 -19.54
CA THR F 57 -3.05 -10.03 -20.77
C THR F 57 -1.95 -11.08 -20.97
N ILE F 58 -1.41 -11.60 -19.85
CA ILE F 58 -0.38 -12.63 -19.88
C ILE F 58 -0.93 -13.96 -20.39
N LEU F 59 -2.10 -14.37 -19.92
CA LEU F 59 -2.65 -15.64 -20.40
C LEU F 59 -2.84 -15.58 -21.91
N LYS F 60 -3.39 -14.48 -22.42
CA LYS F 60 -3.60 -14.34 -23.87
C LYS F 60 -2.25 -14.29 -24.62
N ALA F 61 -1.33 -13.48 -24.06
CA ALA F 61 0.01 -13.29 -24.59
C ALA F 61 0.82 -14.60 -24.64
N LEU F 62 0.70 -15.48 -23.64
CA LEU F 62 1.43 -16.75 -23.71
C LEU F 62 0.93 -17.43 -24.95
N GLY F 63 -0.36 -17.31 -25.17
CA GLY F 63 -0.99 -17.91 -26.31
C GLY F 63 -1.81 -19.10 -25.82
N PRO F 64 -3.01 -19.34 -26.31
CA PRO F 64 -3.81 -20.51 -25.84
C PRO F 64 -3.07 -21.83 -26.06
N GLY F 65 -3.48 -22.87 -25.33
CA GLY F 65 -2.83 -24.17 -25.41
C GLY F 65 -1.78 -24.35 -24.29
N ALA F 66 -1.67 -23.36 -23.39
CA ALA F 66 -0.71 -23.44 -22.29
C ALA F 66 -1.35 -24.04 -21.04
N THR F 67 -0.55 -24.72 -20.26
CA THR F 67 -1.06 -25.30 -19.04
C THR F 67 -1.21 -24.25 -17.95
N LEU F 68 -2.00 -24.54 -16.96
CA LEU F 68 -2.12 -23.58 -15.90
C LEU F 68 -0.78 -23.47 -15.20
N GLU F 69 0.05 -24.51 -15.30
CA GLU F 69 1.33 -24.44 -14.72
C GLU F 69 2.07 -23.36 -15.55
N GLU F 70 1.80 -23.35 -16.87
CA GLU F 70 2.44 -22.36 -17.77
C GLU F 70 1.92 -20.95 -17.54
N MET F 71 0.61 -20.76 -17.35
CA MET F 71 0.07 -19.43 -17.06
C MET F 71 0.49 -19.04 -15.62
N MET F 72 0.69 -20.07 -14.76
CA MET F 72 1.05 -19.86 -13.33
C MET F 72 2.38 -19.14 -13.20
N THR F 73 3.47 -19.77 -13.57
CA THR F 73 4.78 -19.11 -13.45
C THR F 73 4.76 -17.74 -14.18
N ALA F 74 4.30 -17.78 -15.43
CA ALA F 74 4.21 -16.61 -16.28
C ALA F 74 3.41 -15.51 -15.69
N CYS F 75 2.34 -15.83 -14.96
CA CYS F 75 1.52 -14.79 -14.38
C CYS F 75 1.89 -14.53 -12.94
N GLN F 76 2.65 -15.40 -12.32
CA GLN F 76 3.11 -15.08 -10.96
C GLN F 76 3.90 -13.77 -10.97
N GLY F 77 4.38 -13.36 -12.15
CA GLY F 77 5.15 -12.12 -12.27
C GLY F 77 4.24 -10.92 -12.44
N VAL F 78 2.93 -11.07 -12.12
CA VAL F 78 1.95 -9.92 -12.18
C VAL F 78 2.27 -9.15 -10.94
N GLY F 79 2.16 -7.75 -10.80
CA GLY F 79 2.80 -7.33 -9.55
C GLY F 79 3.28 -5.93 -9.19
N GLY F 80 3.43 -5.49 -7.92
CA GLY F 80 3.89 -4.13 -7.88
C GLY F 80 5.41 -4.02 -8.24
N PRO F 81 6.24 -4.66 -7.53
CA PRO F 81 7.71 -4.68 -7.85
C PRO F 81 8.07 -5.27 -9.23
N GLY F 82 7.51 -6.44 -9.58
CA GLY F 82 7.85 -7.11 -10.83
C GLY F 82 7.07 -6.61 -12.07
N HIS F 83 5.76 -6.80 -12.10
CA HIS F 83 5.04 -6.41 -13.31
C HIS F 83 5.01 -4.90 -13.42
N LYS F 84 4.88 -4.21 -12.30
CA LYS F 84 4.78 -2.79 -12.36
C LYS F 84 6.11 -2.18 -12.67
N ALA F 85 7.20 -2.88 -12.35
CA ALA F 85 8.51 -2.32 -12.70
C ALA F 85 8.57 -2.16 -14.23
N ARG F 86 8.13 -3.20 -14.93
CA ARG F 86 8.14 -3.17 -16.39
C ARG F 86 7.09 -2.19 -16.94
N VAL F 87 5.89 -2.20 -16.35
CA VAL F 87 4.80 -1.32 -16.79
C VAL F 87 5.15 0.15 -16.60
N LEU F 88 5.84 0.47 -15.51
CA LEU F 88 6.24 1.85 -15.23
C LEU F 88 7.20 2.30 -16.32
N ALA F 89 8.05 1.37 -16.72
CA ALA F 89 9.04 1.62 -17.77
C ALA F 89 8.33 1.84 -19.12
N GLU F 90 7.41 0.93 -19.44
CA GLU F 90 6.68 0.96 -20.70
C GLU F 90 5.78 2.16 -20.84
N ALA F 91 5.05 2.48 -19.78
CA ALA F 91 4.11 3.58 -19.81
C ALA F 91 4.88 4.85 -20.05
N MET F 92 5.99 4.95 -19.35
CA MET F 92 6.85 6.09 -19.50
C MET F 92 7.51 6.06 -20.86
N SER F 93 7.59 4.88 -21.48
CA SER F 93 8.22 4.78 -22.78
C SER F 93 7.20 4.91 -23.92
N GLN F 94 5.91 4.81 -23.59
CA GLN F 94 4.87 4.97 -24.60
C GLN F 94 4.46 6.43 -24.73
N VAL F 95 4.74 7.23 -23.71
CA VAL F 95 4.34 8.64 -23.76
C VAL F 95 5.35 9.49 -24.49
N THR F 96 6.60 9.13 -24.33
CA THR F 96 7.67 9.81 -25.03
C THR F 96 7.41 9.74 -26.55
N ASN F 97 6.57 8.78 -26.99
CA ASN F 97 6.27 8.53 -28.38
C ASN F 97 5.92 9.78 -29.16
N THR F 98 5.55 10.88 -28.47
CA THR F 98 5.21 12.10 -29.20
C THR F 98 6.37 12.45 -30.13
N ALA F 99 7.60 12.20 -29.66
CA ALA F 99 8.77 12.43 -30.49
C ALA F 99 9.69 11.21 -30.49
N THR F 100 9.89 10.61 -29.31
CA THR F 100 10.77 9.45 -29.19
C THR F 100 10.06 8.24 -28.62
N ILE F 101 10.08 7.14 -29.35
CA ILE F 101 9.46 5.90 -28.90
C ILE F 101 10.53 4.93 -28.43
N MET F 102 10.43 4.44 -27.20
CA MET F 102 11.44 3.52 -26.67
C MET F 102 12.81 4.17 -26.75
C1 A1CCY G . 5.03 8.68 -2.16
C2 A1CCY G . 5.91 7.74 -2.60
C3 A1CCY G . 6.22 6.67 -1.75
C4 A1CCY G . 5.66 6.57 -0.48
C5 A1CCY G . 4.71 7.52 -0.07
C6 A1CCY G . 4.39 8.58 -0.87
C7 A1CCY G . 3.47 9.76 -0.59
C9 A1CCY G . 4.45 9.87 -2.81
N10 A1CCY G . 2.59 11.48 -2.24
C13 A1CCY G . 1.02 10.70 -4.05
C15 A1CCY G . 1.63 10.39 -6.42
C16 A1CCY G . 0.73 9.39 -6.59
C17 A1CCY G . -0.06 8.99 -5.48
C18 A1CCY G . 0.09 9.57 -4.22
C19 A1CCY G . 0.43 8.64 -7.89
C20 A1CCY G . 0.45 7.15 -7.64
C21 A1CCY G . 1.36 8.99 -9.08
C22 A1CCY G . -1.01 8.97 -8.25
C24 A1CCY G . -1.34 12.61 -1.27
C25 A1CCY G . -2.74 12.29 -1.14
C26 A1CCY G . -3.60 12.48 -2.17
C27 A1CCY G . -3.10 12.87 -3.35
C28 A1CCY G . -1.75 13.03 -3.52
C30 A1CCY G . -3.19 11.61 0.13
C11 A1CCY G . 1.18 11.46 -2.67
C14 A1CCY G . 1.84 11.01 -5.18
C12 A1CCY G . 0.66 12.91 -2.66
N23 A1CCY G . -0.87 13.02 -2.50
O29 A1CCY G . -0.51 12.57 -0.33
F31 A1CCY G . -2.47 10.62 0.45
F32 A1CCY G . -3.22 12.52 1.14
F33 A1CCY G . -4.41 11.10 0.04
C8 A1CCY G . 3.17 10.10 -2.04
H2 A1CCY G . 6.40 7.95 -3.55
H3 A1CCY G . 6.99 5.94 -1.95
H4 A1CCY G . 5.92 5.72 0.13
H5 A1CCY G . 4.15 7.44 0.85
H7B A1CCY G . 2.54 9.56 -0.02
H7A A1CCY G . 3.91 10.63 -0.10
H9A A1CCY G . 4.29 9.66 -3.88
H9B A1CCY G . 5.12 10.72 -2.64
H1 A1CCY G . 2.79 11.99 -1.39
H15 A1CCY G . 2.29 10.73 -7.20
H17 A1CCY G . -0.77 8.19 -5.45
H18 A1CCY G . -0.60 9.29 -3.44
H20B A1CCY G . 1.48 6.85 -7.33
H20C A1CCY G . 0.10 6.61 -8.54
H20A A1CCY G . -0.16 6.82 -6.76
H21C A1CCY G . 2.39 8.67 -8.84
H21A A1CCY G . 1.26 10.04 -9.43
H21B A1CCY G . 1.16 8.31 -9.94
H22B A1CCY G . -0.99 9.93 -8.81
H22C A1CCY G . -1.72 8.97 -7.40
H22A A1CCY G . -1.37 8.27 -9.04
H26 A1CCY G . -4.59 12.03 -2.17
H27 A1CCY G . -3.71 12.75 -4.24
H28 A1CCY G . -1.26 13.15 -4.48
H11 A1CCY G . 0.59 10.79 -2.01
H14 A1CCY G . 2.63 11.74 -5.11
H12B A1CCY G . 0.75 13.49 -3.60
H12A A1CCY G . 1.07 13.56 -1.85
H8 A1CCY G . 2.48 9.27 -2.28
C1 IHP H . -2.42 3.41 -2.20
C2 IHP H . -2.74 3.71 -0.69
C3 IHP H . -1.51 3.41 0.18
C4 IHP H . -0.38 4.28 -0.25
C5 IHP H . -0.01 3.66 -1.66
C6 IHP H . -1.18 4.17 -2.67
O11 IHP H . -3.58 3.69 -3.04
P1 IHP H . -4.53 2.46 -3.51
O21 IHP H . -4.10 1.27 -2.70
O31 IHP H . -6.03 2.90 -3.31
O41 IHP H . -4.22 2.29 -4.94
O12 IHP H . -3.07 5.16 -0.54
P2 IHP H . -4.40 5.62 0.17
O22 IHP H . -5.41 4.45 0.29
O32 IHP H . -4.98 6.71 -0.65
O42 IHP H . -4.08 6.09 1.51
O13 IHP H . -1.83 3.60 1.50
P3 IHP H . -1.49 2.55 2.62
O23 IHP H . -2.79 1.93 3.06
O33 IHP H . -0.42 1.60 2.11
O43 IHP H . -0.97 3.48 3.72
O14 IHP H . 0.68 4.17 0.67
P4 IHP H . 1.62 5.38 1.21
O24 IHP H . 2.47 5.81 0.04
O34 IHP H . 0.91 6.54 1.83
O44 IHP H . 2.53 4.77 2.27
O15 IHP H . 1.33 3.98 -2.06
P5 IHP H . 2.48 2.87 -2.12
O25 IHP H . 3.64 3.71 -2.71
O35 IHP H . 2.00 1.71 -2.94
O45 IHP H . 2.75 2.37 -0.75
O16 IHP H . -0.83 3.75 -4.04
P6 IHP H . -0.53 4.65 -5.23
O26 IHP H . 0.58 5.64 -4.93
O36 IHP H . 0.04 3.63 -6.21
O46 IHP H . -1.73 5.38 -5.70
H1 IHP H . -1.99 2.38 -2.21
H2 IHP H . -3.47 2.95 -0.33
H3 IHP H . -1.26 2.35 -0.05
H4 IHP H . -0.78 5.30 -0.41
H5 IHP H . -0.20 2.56 -1.67
H6 IHP H . -1.30 5.26 -2.54
N GLY A 1 -36.12 7.56 -5.18
CA GLY A 1 -35.63 6.63 -4.16
C GLY A 1 -35.54 7.41 -2.92
N GLY A 2 -34.38 7.41 -2.30
CA GLY A 2 -34.15 8.14 -1.08
C GLY A 2 -34.54 7.36 0.18
N SER A 3 -34.28 6.04 0.18
CA SER A 3 -34.58 5.23 1.36
C SER A 3 -33.40 5.23 2.33
N PRO A 4 -33.63 5.13 3.64
CA PRO A 4 -32.52 5.19 4.65
C PRO A 4 -31.41 4.21 4.38
N THR A 5 -30.17 4.70 4.51
CA THR A 5 -28.93 3.93 4.33
C THR A 5 -28.65 3.40 2.92
N SER A 6 -29.66 3.01 2.19
CA SER A 6 -29.40 2.38 0.94
C SER A 6 -28.92 3.20 -0.24
N ILE A 7 -29.47 4.39 -0.43
CA ILE A 7 -29.21 5.25 -1.62
C ILE A 7 -28.78 6.67 -1.38
N LEU A 8 -29.30 7.17 -0.37
CA LEU A 8 -29.05 8.48 0.03
C LEU A 8 -27.54 8.59 0.29
N ASP A 9 -26.86 7.53 0.90
CA ASP A 9 -25.44 7.65 0.97
C ASP A 9 -24.69 6.46 0.44
N ILE A 10 -25.26 5.49 -0.33
CA ILE A 10 -24.34 4.41 -0.56
C ILE A 10 -23.28 4.87 -1.54
N ARG A 11 -22.05 4.94 -1.03
CA ARG A 11 -20.96 5.48 -1.79
C ARG A 11 -19.75 4.54 -1.89
N GLN A 12 -19.09 4.62 -3.05
CA GLN A 12 -17.86 3.83 -3.34
C GLN A 12 -16.68 4.64 -2.92
N GLY A 13 -15.76 3.96 -2.27
CA GLY A 13 -14.59 4.59 -1.81
C GLY A 13 -13.66 4.91 -2.97
N PRO A 14 -12.63 5.66 -2.73
CA PRO A 14 -11.62 6.03 -3.78
C PRO A 14 -10.75 4.81 -4.18
N LYS A 15 -10.33 4.06 -3.16
CA LYS A 15 -9.57 2.83 -3.37
C LYS A 15 -10.52 1.62 -3.42
N GLU A 16 -11.83 1.82 -3.14
CA GLU A 16 -12.77 0.75 -3.13
C GLU A 16 -13.21 0.48 -4.57
N PRO A 17 -13.13 -0.73 -5.11
CA PRO A 17 -13.50 -1.00 -6.53
C PRO A 17 -14.99 -1.03 -6.77
N PHE A 18 -15.34 -0.99 -8.05
CA PHE A 18 -16.71 -1.03 -8.48
C PHE A 18 -17.42 -2.29 -7.88
N ARG A 19 -16.66 -3.42 -7.69
CA ARG A 19 -17.20 -4.68 -7.11
C ARG A 19 -17.56 -4.55 -5.62
N ASP A 20 -16.63 -4.02 -4.83
CA ASP A 20 -16.88 -3.86 -3.40
C ASP A 20 -18.05 -2.94 -3.10
N TYR A 21 -18.18 -1.86 -3.86
CA TYR A 21 -19.27 -0.93 -3.63
C TYR A 21 -20.57 -1.43 -4.23
N VAL A 22 -20.54 -1.90 -5.48
CA VAL A 22 -21.77 -2.37 -6.11
C VAL A 22 -22.45 -3.39 -5.23
N ASP A 23 -21.65 -4.21 -4.57
CA ASP A 23 -22.18 -5.21 -3.67
C ASP A 23 -22.87 -4.50 -2.52
N ARG A 24 -22.26 -3.38 -2.03
CA ARG A 24 -22.84 -2.60 -0.90
C ARG A 24 -24.16 -2.05 -1.32
N PHE A 25 -24.18 -1.58 -2.54
CA PHE A 25 -25.34 -1.02 -3.12
C PHE A 25 -26.40 -2.05 -3.15
N TYR A 26 -26.08 -3.22 -3.63
CA TYR A 26 -27.12 -4.21 -3.79
C TYR A 26 -27.64 -4.72 -2.45
N LYS A 27 -26.71 -5.13 -1.60
CA LYS A 27 -27.07 -5.68 -0.30
C LYS A 27 -27.89 -4.69 0.49
N THR A 28 -27.42 -3.43 0.60
CA THR A 28 -28.18 -2.46 1.36
C THR A 28 -29.57 -2.26 0.78
N LEU A 29 -29.73 -2.38 -0.54
CA LEU A 29 -31.09 -2.17 -1.10
C LEU A 29 -32.01 -3.16 -0.44
N ARG A 30 -31.58 -4.38 -0.24
CA ARG A 30 -32.48 -5.37 0.36
C ARG A 30 -32.96 -4.87 1.70
N ALA A 31 -32.10 -4.20 2.41
CA ALA A 31 -32.48 -3.70 3.71
C ALA A 31 -33.57 -2.63 3.61
N GLU A 32 -33.62 -1.85 2.53
CA GLU A 32 -34.62 -0.77 2.45
C GLU A 32 -36.02 -1.32 2.14
N GLN A 33 -37.03 -0.68 2.71
CA GLN A 33 -38.41 -1.09 2.47
C GLN A 33 -38.92 -0.38 1.22
N ALA A 34 -38.51 -0.85 0.05
CA ALA A 34 -38.91 -0.17 -1.22
C ALA A 34 -39.70 -1.09 -2.13
N SER A 35 -40.56 -0.47 -2.94
CA SER A 35 -41.34 -1.22 -3.89
C SER A 35 -40.37 -1.79 -4.91
N GLN A 36 -40.80 -2.78 -5.66
CA GLN A 36 -39.92 -3.42 -6.63
C GLN A 36 -39.42 -2.42 -7.69
N GLU A 37 -40.31 -1.59 -8.21
CA GLU A 37 -39.92 -0.54 -9.19
C GLU A 37 -39.05 0.49 -8.52
N VAL A 38 -39.31 0.73 -7.19
CA VAL A 38 -38.50 1.70 -6.44
C VAL A 38 -37.08 1.26 -6.38
N LYS A 39 -36.86 0.02 -6.03
CA LYS A 39 -35.50 -0.46 -5.95
C LYS A 39 -34.84 -0.44 -7.31
N ASN A 40 -35.59 -0.84 -8.35
CA ASN A 40 -35.01 -0.89 -9.68
C ASN A 40 -34.57 0.49 -10.09
N TRP A 41 -35.40 1.47 -9.77
CA TRP A 41 -35.10 2.84 -10.07
C TRP A 41 -33.78 3.25 -9.39
N MET A 42 -33.62 2.84 -8.13
CA MET A 42 -32.40 3.15 -7.39
C MET A 42 -31.13 2.56 -8.08
N THR A 43 -31.22 1.34 -8.58
CA THR A 43 -30.03 0.74 -9.21
C THR A 43 -29.48 1.55 -10.37
N GLU A 44 -30.33 2.21 -11.11
CA GLU A 44 -29.82 2.98 -12.22
C GLU A 44 -29.29 4.36 -11.80
N THR A 45 -30.20 5.17 -11.28
CA THR A 45 -29.92 6.57 -10.93
C THR A 45 -28.81 6.77 -9.92
N LEU A 46 -28.89 6.06 -8.82
CA LEU A 46 -27.91 6.25 -7.73
C LEU A 46 -26.63 5.50 -7.92
N LEU A 47 -26.67 4.33 -8.59
CA LEU A 47 -25.43 3.55 -8.71
C LEU A 47 -24.34 4.34 -9.45
N VAL A 48 -24.71 5.02 -10.52
CA VAL A 48 -23.74 5.75 -11.33
C VAL A 48 -23.27 7.04 -10.68
N GLN A 49 -24.20 7.79 -10.12
CA GLN A 49 -23.89 9.10 -9.54
C GLN A 49 -22.99 9.08 -8.28
N ASN A 50 -23.34 8.25 -7.30
CA ASN A 50 -22.61 8.21 -6.03
C ASN A 50 -21.51 7.16 -5.95
N ALA A 51 -20.83 6.87 -7.06
CA ALA A 51 -19.84 5.79 -7.06
C ALA A 51 -18.47 6.10 -7.66
N ASN A 52 -17.48 6.41 -6.80
CA ASN A 52 -16.07 6.47 -7.26
C ASN A 52 -15.81 7.12 -8.60
N PRO A 53 -15.50 8.41 -8.69
CA PRO A 53 -15.27 9.06 -10.01
C PRO A 53 -14.46 8.24 -11.04
N ASP A 54 -13.63 7.28 -10.61
CA ASP A 54 -12.87 6.46 -11.58
C ASP A 54 -13.83 5.63 -12.37
N CYS A 55 -14.76 4.96 -11.63
CA CYS A 55 -15.73 4.09 -12.32
C CYS A 55 -16.84 4.94 -12.89
N LYS A 56 -17.25 5.99 -12.16
CA LYS A 56 -18.31 6.89 -12.66
C LYS A 56 -17.94 7.48 -14.03
N THR A 57 -16.69 7.87 -14.18
CA THR A 57 -16.27 8.41 -15.46
C THR A 57 -16.41 7.30 -16.53
N ILE A 58 -16.37 6.02 -16.09
CA ILE A 58 -16.50 4.87 -17.02
C ILE A 58 -17.96 4.56 -17.31
N LEU A 59 -18.80 4.65 -16.30
CA LEU A 59 -20.24 4.37 -16.49
C LEU A 59 -20.79 5.36 -17.48
N LYS A 60 -20.37 6.62 -17.38
CA LYS A 60 -20.79 7.66 -18.36
C LYS A 60 -20.18 7.38 -19.77
N ALA A 61 -18.91 6.97 -19.77
CA ALA A 61 -18.18 6.68 -21.00
C ALA A 61 -18.79 5.54 -21.78
N LEU A 62 -19.15 4.49 -21.08
CA LEU A 62 -19.74 3.37 -21.76
C LEU A 62 -21.02 3.89 -22.45
N GLY A 63 -21.70 4.74 -21.70
CA GLY A 63 -22.92 5.34 -22.18
C GLY A 63 -24.12 4.76 -21.43
N PRO A 64 -25.12 5.54 -21.09
CA PRO A 64 -26.34 5.01 -20.38
C PRO A 64 -27.08 3.99 -21.20
N GLY A 65 -27.60 3.00 -20.54
CA GLY A 65 -28.28 1.87 -21.21
C GLY A 65 -27.38 0.61 -21.11
N ALA A 66 -26.09 0.79 -20.73
CA ALA A 66 -25.22 -0.34 -20.60
C ALA A 66 -25.59 -1.11 -19.35
N THR A 67 -25.64 -2.42 -19.48
CA THR A 67 -25.97 -3.26 -18.35
C THR A 67 -24.79 -3.32 -17.36
N LEU A 68 -25.08 -3.79 -16.17
CA LEU A 68 -24.05 -3.91 -15.16
C LEU A 68 -22.94 -4.79 -15.63
N GLU A 69 -23.24 -5.70 -16.51
CA GLU A 69 -22.21 -6.56 -16.96
C GLU A 69 -21.17 -5.67 -17.63
N GLU A 70 -21.66 -4.69 -18.39
CA GLU A 70 -20.77 -3.77 -19.09
C GLU A 70 -20.09 -2.78 -18.15
N MET A 71 -20.84 -2.18 -17.24
CA MET A 71 -20.25 -1.25 -16.30
C MET A 71 -19.17 -1.98 -15.51
N MET A 72 -19.47 -3.22 -15.18
CA MET A 72 -18.57 -4.07 -14.41
C MET A 72 -17.26 -4.30 -15.14
N THR A 73 -17.35 -5.02 -16.25
CA THR A 73 -16.16 -5.39 -17.03
C THR A 73 -15.19 -4.24 -17.19
N ALA A 74 -15.69 -3.11 -17.67
CA ALA A 74 -14.88 -1.93 -17.88
C ALA A 74 -14.30 -1.35 -16.60
N CYS A 75 -15.14 -1.27 -15.56
CA CYS A 75 -14.69 -0.66 -14.32
C CYS A 75 -13.72 -1.58 -13.54
N GLN A 76 -13.57 -2.86 -13.94
CA GLN A 76 -12.65 -3.73 -13.21
C GLN A 76 -11.27 -3.16 -13.18
N GLY A 77 -10.88 -2.51 -14.27
CA GLY A 77 -9.55 -1.94 -14.33
C GLY A 77 -9.35 -0.87 -13.25
N VAL A 78 -10.49 -0.32 -12.73
CA VAL A 78 -10.45 0.72 -11.64
C VAL A 78 -9.57 0.13 -10.64
N GLY A 79 -8.61 0.89 -10.06
CA GLY A 79 -7.62 0.13 -9.31
C GLY A 79 -6.31 0.63 -9.74
N GLY A 80 -5.19 0.28 -9.13
CA GLY A 80 -4.03 0.98 -9.63
C GLY A 80 -3.36 0.47 -10.91
N PRO A 81 -3.01 -0.75 -11.00
CA PRO A 81 -2.29 -1.24 -12.21
C PRO A 81 -3.03 -0.95 -13.51
N GLY A 82 -4.37 -1.20 -13.46
CA GLY A 82 -5.26 -1.03 -14.64
C GLY A 82 -5.67 0.40 -14.90
N HIS A 83 -6.36 1.04 -13.96
CA HIS A 83 -6.84 2.39 -14.27
C HIS A 83 -5.81 3.47 -13.95
N LYS A 84 -5.03 3.33 -12.87
CA LYS A 84 -4.04 4.37 -12.60
C LYS A 84 -2.91 4.35 -13.60
N ALA A 85 -2.63 3.19 -14.21
CA ALA A 85 -1.54 3.16 -15.20
C ALA A 85 -1.86 4.14 -16.36
N ARG A 86 -3.12 4.16 -16.77
CA ARG A 86 -3.55 5.00 -17.86
C ARG A 86 -3.74 6.47 -17.46
N VAL A 87 -4.36 6.72 -16.31
CA VAL A 87 -4.68 8.09 -15.89
C VAL A 87 -3.43 8.95 -15.66
N LEU A 88 -2.47 8.42 -14.96
CA LEU A 88 -1.29 9.21 -14.64
C LEU A 88 -0.56 9.62 -15.91
N ALA A 89 -0.34 8.64 -16.76
CA ALA A 89 0.41 8.86 -17.96
C ALA A 89 -0.24 9.94 -18.82
N GLU A 90 -1.57 9.91 -18.90
CA GLU A 90 -2.32 10.89 -19.67
C GLU A 90 -2.24 12.28 -19.08
N ALA A 91 -2.38 12.35 -17.77
CA ALA A 91 -2.29 13.63 -17.11
C ALA A 91 -0.85 14.14 -17.14
N MET A 92 0.11 13.22 -17.30
CA MET A 92 1.52 13.58 -17.31
C MET A 92 2.02 13.97 -18.70
N SER A 93 1.26 13.64 -19.74
CA SER A 93 1.67 13.98 -21.10
C SER A 93 0.81 15.10 -21.74
N GLN A 94 -0.31 15.41 -21.11
CA GLN A 94 -1.24 16.47 -21.57
C GLN A 94 -0.73 17.81 -21.08
N VAL A 95 -0.64 17.91 -19.79
CA VAL A 95 -0.13 19.12 -19.15
C VAL A 95 1.26 19.52 -19.64
N THR A 96 1.96 18.61 -20.34
CA THR A 96 3.27 18.71 -21.04
C THR A 96 3.32 19.80 -22.20
N ASN A 97 2.70 20.92 -21.97
CA ASN A 97 2.27 22.01 -22.83
C ASN A 97 2.48 22.09 -24.30
N THR A 98 3.49 21.62 -24.92
CA THR A 98 3.46 21.77 -26.34
C THR A 98 2.40 20.85 -26.91
N ALA A 99 2.19 19.72 -26.23
CA ALA A 99 1.22 18.73 -26.67
C ALA A 99 -0.06 18.72 -25.84
N THR A 100 -0.42 19.85 -25.24
CA THR A 100 -1.62 19.86 -24.41
C THR A 100 -2.84 19.66 -25.23
N ILE A 101 -3.66 18.77 -24.70
CA ILE A 101 -4.89 18.40 -25.32
C ILE A 101 -5.95 19.45 -25.02
N MET A 102 -6.53 19.99 -26.08
CA MET A 102 -7.57 20.99 -25.94
C MET A 102 -8.93 20.34 -25.95
N GLY B 1 -18.90 24.73 21.97
CA GLY B 1 -19.52 23.40 22.13
C GLY B 1 -18.42 22.38 22.32
N GLY B 2 -18.39 21.35 21.50
CA GLY B 2 -17.37 20.31 21.64
C GLY B 2 -17.77 19.34 22.73
N SER B 3 -19.00 18.87 22.63
CA SER B 3 -19.57 17.90 23.56
C SER B 3 -18.62 16.70 23.62
N PRO B 4 -18.69 15.90 24.66
CA PRO B 4 -17.77 14.73 24.83
C PRO B 4 -17.66 13.93 23.57
N THR B 5 -16.66 13.08 23.54
CA THR B 5 -16.35 12.22 22.40
C THR B 5 -15.63 12.98 21.34
N SER B 6 -15.28 12.19 20.38
CA SER B 6 -14.49 12.51 19.27
C SER B 6 -14.72 13.88 18.55
N ILE B 7 -15.61 14.85 18.93
CA ILE B 7 -15.80 16.10 18.11
C ILE B 7 -14.95 17.27 18.49
N LEU B 8 -14.34 17.21 19.61
CA LEU B 8 -13.39 18.20 19.92
C LEU B 8 -12.22 17.83 19.06
N ASP B 9 -11.89 16.48 18.98
CA ASP B 9 -10.85 16.12 18.05
C ASP B 9 -11.30 15.29 16.84
N ILE B 10 -12.47 15.46 16.12
CA ILE B 10 -12.72 14.35 15.17
C ILE B 10 -11.71 14.46 14.03
N ARG B 11 -10.97 13.41 13.63
CA ARG B 11 -9.91 13.60 12.59
C ARG B 11 -9.99 12.63 11.42
N GLN B 12 -10.30 13.14 10.19
CA GLN B 12 -10.31 12.26 9.01
C GLN B 12 -8.86 11.89 8.74
N GLY B 13 -8.59 10.60 8.85
CA GLY B 13 -7.26 10.12 8.70
C GLY B 13 -6.64 10.64 7.41
N PRO B 14 -5.35 10.59 7.30
CA PRO B 14 -4.65 11.11 6.09
C PRO B 14 -4.96 10.27 4.85
N LYS B 15 -4.77 8.96 4.98
CA LYS B 15 -5.14 8.04 3.91
C LYS B 15 -6.67 7.89 3.86
N GLU B 16 -7.37 8.40 4.89
CA GLU B 16 -8.78 8.21 5.06
C GLU B 16 -9.76 9.08 4.23
N PRO B 17 -10.87 8.51 3.71
CA PRO B 17 -11.86 9.30 2.87
C PRO B 17 -12.87 10.15 3.63
N PHE B 18 -13.46 11.00 2.82
CA PHE B 18 -14.51 11.91 3.20
C PHE B 18 -15.75 11.13 3.65
N ARG B 19 -15.78 9.82 3.46
CA ARG B 19 -16.98 9.07 3.86
C ARG B 19 -16.89 8.48 5.26
N ASP B 20 -15.95 7.54 5.43
CA ASP B 20 -15.76 6.82 6.70
C ASP B 20 -15.59 7.77 7.85
N TYR B 21 -14.81 8.81 7.68
CA TYR B 21 -14.66 9.79 8.74
C TYR B 21 -15.97 10.49 8.98
N VAL B 22 -16.63 10.89 7.90
CA VAL B 22 -17.95 11.53 8.02
C VAL B 22 -18.91 10.62 8.75
N ASP B 23 -18.72 9.32 8.60
CA ASP B 23 -19.56 8.33 9.30
C ASP B 23 -19.20 8.34 10.77
N ARG B 24 -17.93 8.66 11.07
CA ARG B 24 -17.49 8.74 12.47
C ARG B 24 -18.12 9.96 13.09
N PHE B 25 -18.12 11.01 12.31
CA PHE B 25 -18.67 12.27 12.74
C PHE B 25 -20.14 12.13 13.04
N TYR B 26 -20.83 11.55 12.04
CA TYR B 26 -22.28 11.35 12.04
C TYR B 26 -22.73 10.26 12.98
N LYS B 27 -21.93 9.24 13.14
CA LYS B 27 -22.33 8.16 14.00
C LYS B 27 -22.20 8.59 15.45
N THR B 28 -21.12 9.34 15.75
CA THR B 28 -20.86 9.75 17.13
C THR B 28 -21.69 10.96 17.62
N LEU B 29 -22.16 11.91 16.75
CA LEU B 29 -22.90 13.05 17.31
C LEU B 29 -24.12 12.63 18.11
N ARG B 30 -24.54 11.37 18.00
CA ARG B 30 -25.66 10.85 18.79
C ARG B 30 -25.13 10.37 20.13
N ALA B 31 -23.87 9.90 20.13
CA ALA B 31 -23.18 9.42 21.33
C ALA B 31 -22.82 10.54 22.30
N GLU B 32 -22.81 11.82 21.85
CA GLU B 32 -22.48 12.92 22.78
C GLU B 32 -23.74 13.64 23.28
N GLN B 33 -23.64 14.28 24.46
CA GLN B 33 -24.78 15.01 25.01
C GLN B 33 -24.76 16.46 24.54
N ALA B 34 -25.58 16.74 23.55
CA ALA B 34 -25.64 18.09 23.00
C ALA B 34 -27.08 18.56 22.83
N SER B 35 -27.19 19.81 22.43
CA SER B 35 -28.47 20.39 22.08
C SER B 35 -28.64 20.11 20.59
N GLN B 36 -29.84 20.24 20.05
CA GLN B 36 -30.01 19.99 18.63
C GLN B 36 -29.18 20.98 17.78
N GLU B 37 -29.22 22.28 18.14
CA GLU B 37 -28.48 23.32 17.41
C GLU B 37 -26.98 23.05 17.52
N VAL B 38 -26.58 22.60 18.68
CA VAL B 38 -25.18 22.32 18.87
C VAL B 38 -24.68 21.36 17.82
N LYS B 39 -25.39 20.25 17.66
CA LYS B 39 -24.98 19.23 16.70
C LYS B 39 -24.96 19.77 15.28
N ASN B 40 -26.05 20.38 14.85
CA ASN B 40 -26.06 20.94 13.49
C ASN B 40 -24.85 21.92 13.31
N TRP B 41 -24.57 22.66 14.37
CA TRP B 41 -23.44 23.56 14.41
C TRP B 41 -22.11 22.75 14.38
N MET B 42 -22.08 21.56 15.04
CA MET B 42 -20.85 20.71 15.05
C MET B 42 -20.44 20.29 13.67
N THR B 43 -21.38 20.02 12.81
CA THR B 43 -21.02 19.61 11.46
C THR B 43 -20.28 20.76 10.78
N GLU B 44 -20.92 21.91 10.75
CA GLU B 44 -20.33 23.08 10.12
C GLU B 44 -19.03 23.51 10.77
N THR B 45 -18.95 23.35 12.06
CA THR B 45 -17.75 23.79 12.75
C THR B 45 -16.64 22.72 12.79
N LEU B 46 -16.97 21.56 13.38
CA LEU B 46 -15.98 20.48 13.60
C LEU B 46 -15.78 19.47 12.45
N LEU B 47 -16.73 19.29 11.49
CA LEU B 47 -16.49 18.31 10.41
C LEU B 47 -15.35 18.73 9.42
N VAL B 48 -15.59 19.81 8.68
CA VAL B 48 -14.67 20.28 7.64
C VAL B 48 -13.31 20.71 8.16
N GLN B 49 -13.31 21.40 9.29
CA GLN B 49 -12.07 21.96 9.86
C GLN B 49 -11.00 20.92 10.15
N ASN B 50 -11.41 19.82 10.73
CA ASN B 50 -10.49 18.77 11.16
C ASN B 50 -10.56 17.48 10.31
N ALA B 51 -10.61 17.59 8.93
CA ALA B 51 -10.69 16.36 8.10
C ALA B 51 -9.77 16.25 6.81
N ASN B 52 -8.62 15.48 6.89
CA ASN B 52 -7.81 15.05 5.67
C ASN B 52 -7.33 16.12 4.70
N PRO B 53 -6.17 16.73 4.84
CA PRO B 53 -5.72 17.81 3.92
C PRO B 53 -6.05 17.70 2.44
N ASP B 54 -6.09 16.50 1.81
CA ASP B 54 -6.56 16.46 0.42
C ASP B 54 -8.03 16.82 0.33
N CYS B 55 -8.84 16.32 1.26
CA CYS B 55 -10.26 16.62 1.17
C CYS B 55 -10.65 17.94 1.89
N LYS B 56 -10.05 18.24 3.06
CA LYS B 56 -10.40 19.45 3.80
C LYS B 56 -10.31 20.63 2.87
N THR B 57 -9.17 20.73 2.21
CA THR B 57 -8.94 21.79 1.25
C THR B 57 -10.03 21.80 0.20
N ILE B 58 -10.62 20.64 -0.12
CA ILE B 58 -11.69 20.64 -1.11
C ILE B 58 -12.87 21.35 -0.53
N LEU B 59 -13.11 21.19 0.76
CA LEU B 59 -14.23 21.86 1.36
C LEU B 59 -14.01 23.36 1.11
N LYS B 60 -12.74 23.78 1.01
CA LYS B 60 -12.46 25.19 0.71
C LYS B 60 -12.64 25.44 -0.79
N ALA B 61 -12.43 24.39 -1.61
CA ALA B 61 -12.61 24.47 -3.07
C ALA B 61 -14.09 24.71 -3.42
N LEU B 62 -14.96 23.87 -2.86
CA LEU B 62 -16.40 24.06 -3.01
C LEU B 62 -16.70 25.33 -2.27
N GLY B 63 -16.07 25.43 -1.09
CA GLY B 63 -16.17 26.59 -0.23
C GLY B 63 -17.16 26.37 0.92
N PRO B 64 -17.19 27.27 1.86
CA PRO B 64 -18.13 27.19 3.01
C PRO B 64 -19.60 27.48 2.61
N GLY B 65 -20.53 26.88 3.39
CA GLY B 65 -21.97 27.08 3.18
C GLY B 65 -22.55 26.11 2.16
N ALA B 66 -21.69 25.43 1.41
CA ALA B 66 -22.15 24.47 0.44
C ALA B 66 -22.77 23.32 1.20
N THR B 67 -23.70 22.62 0.57
CA THR B 67 -24.33 21.48 1.23
C THR B 67 -23.48 20.23 1.07
N LEU B 68 -23.78 19.23 1.91
CA LEU B 68 -23.09 17.94 1.88
C LEU B 68 -23.16 17.30 0.55
N GLU B 69 -24.21 17.60 -0.19
CA GLU B 69 -24.37 17.00 -1.51
C GLU B 69 -23.08 17.30 -2.32
N GLU B 70 -22.45 18.46 -2.00
CA GLU B 70 -21.22 18.88 -2.67
C GLU B 70 -19.99 18.37 -1.93
N MET B 71 -19.99 18.50 -0.59
CA MET B 71 -18.84 18.08 0.23
C MET B 71 -18.52 16.60 -0.01
N MET B 72 -19.58 15.85 -0.27
CA MET B 72 -19.48 14.44 -0.58
C MET B 72 -19.04 14.22 -2.04
N THR B 73 -19.73 14.87 -2.99
CA THR B 73 -19.41 14.66 -4.40
C THR B 73 -17.97 15.03 -4.76
N ALA B 74 -17.53 16.24 -4.38
CA ALA B 74 -16.14 16.70 -4.71
C ALA B 74 -15.02 15.96 -3.96
N CYS B 75 -15.24 15.64 -2.67
CA CYS B 75 -14.19 15.00 -1.84
C CYS B 75 -14.07 13.52 -2.07
N GLN B 76 -15.08 12.89 -2.62
CA GLN B 76 -14.96 11.46 -2.89
C GLN B 76 -13.75 11.16 -3.73
N GLY B 77 -13.25 12.16 -4.49
CA GLY B 77 -12.06 11.95 -5.32
C GLY B 77 -10.77 11.77 -4.46
N VAL B 78 -10.77 12.31 -3.23
CA VAL B 78 -9.61 12.20 -2.24
C VAL B 78 -9.43 10.77 -1.99
N GLY B 79 -8.22 10.28 -1.53
CA GLY B 79 -8.17 8.84 -1.57
C GLY B 79 -7.38 8.57 -2.77
N GLY B 80 -7.03 7.33 -3.12
CA GLY B 80 -6.07 7.41 -4.11
C GLY B 80 -6.42 7.64 -5.62
N PRO B 81 -6.82 6.68 -6.35
CA PRO B 81 -7.04 6.85 -7.84
C PRO B 81 -7.73 8.10 -8.34
N GLY B 82 -8.58 8.73 -7.52
CA GLY B 82 -9.26 9.97 -7.96
C GLY B 82 -8.39 11.24 -7.82
N HIS B 83 -7.81 11.45 -6.61
CA HIS B 83 -7.05 12.66 -6.32
C HIS B 83 -5.57 12.55 -6.61
N LYS B 84 -4.96 11.41 -6.38
CA LYS B 84 -3.51 11.35 -6.56
C LYS B 84 -3.00 11.21 -7.95
N ALA B 85 -3.74 10.59 -8.83
CA ALA B 85 -3.28 10.47 -10.22
C ALA B 85 -2.93 11.86 -10.77
N ARG B 86 -3.61 12.87 -10.22
CA ARG B 86 -3.43 14.26 -10.64
C ARG B 86 -2.43 15.07 -9.79
N VAL B 87 -2.66 15.09 -8.47
CA VAL B 87 -1.96 16.02 -7.55
C VAL B 87 -0.41 16.10 -7.51
N LEU B 88 0.27 15.06 -7.11
CA LEU B 88 1.73 15.17 -6.97
C LEU B 88 2.39 15.11 -8.27
N ALA B 89 1.83 14.24 -9.08
CA ALA B 89 2.39 14.01 -10.36
C ALA B 89 2.61 15.40 -11.10
N GLU B 90 1.75 16.40 -10.75
CA GLU B 90 1.82 17.81 -11.23
C GLU B 90 2.73 18.63 -10.34
N ALA B 91 2.75 18.27 -9.06
CA ALA B 91 3.58 18.94 -8.09
C ALA B 91 5.04 18.79 -8.48
N MET B 92 5.36 17.62 -9.06
CA MET B 92 6.70 17.26 -9.47
C MET B 92 7.28 18.17 -10.54
N SER B 93 6.53 18.38 -11.60
CA SER B 93 7.00 19.25 -12.69
C SER B 93 6.69 20.71 -12.41
N GLN B 94 5.87 20.98 -11.41
CA GLN B 94 5.57 22.34 -11.07
C GLN B 94 6.78 22.98 -10.45
N VAL B 95 7.32 22.31 -9.45
CA VAL B 95 8.45 22.83 -8.72
C VAL B 95 9.79 22.54 -9.38
N THR B 96 9.85 21.68 -10.39
CA THR B 96 11.17 21.34 -10.88
C THR B 96 11.98 22.52 -11.41
N ASN B 97 11.65 23.10 -12.61
CA ASN B 97 12.48 24.24 -13.10
C ASN B 97 11.87 25.65 -13.14
N THR B 98 10.95 25.83 -14.09
CA THR B 98 10.32 27.13 -14.36
C THR B 98 8.84 27.17 -14.04
N ALA B 99 8.22 26.01 -14.01
CA ALA B 99 6.78 25.92 -13.80
C ALA B 99 6.36 26.14 -12.36
N THR B 100 7.25 26.64 -11.50
CA THR B 100 6.89 26.85 -10.11
C THR B 100 5.85 27.94 -10.05
N ILE B 101 4.73 27.58 -9.45
CA ILE B 101 3.61 28.47 -9.34
C ILE B 101 3.78 29.44 -8.19
N MET B 102 3.71 30.73 -8.51
CA MET B 102 3.87 31.78 -7.51
C MET B 102 2.52 32.14 -6.91
N GLY C 1 10.47 10.44 32.36
CA GLY C 1 11.87 10.18 32.68
C GLY C 1 12.22 8.82 32.14
N GLY C 2 12.00 8.63 30.85
CA GLY C 2 12.32 7.35 30.24
C GLY C 2 11.64 6.18 30.95
N SER C 3 10.32 6.03 30.74
CA SER C 3 9.58 4.91 31.35
C SER C 3 9.36 3.75 30.36
N PRO C 4 9.19 2.52 30.83
CA PRO C 4 8.98 1.33 29.93
C PRO C 4 7.60 1.27 29.27
N THR C 5 7.61 0.79 28.01
CA THR C 5 6.37 0.60 27.19
C THR C 5 5.70 1.90 26.73
N SER C 6 5.69 2.94 27.55
CA SER C 6 4.99 4.16 27.14
C SER C 6 5.83 5.27 26.49
N ILE C 7 7.12 5.27 26.74
CA ILE C 7 8.05 6.32 26.29
C ILE C 7 9.37 5.78 25.70
N LEU C 8 9.97 4.82 26.39
CA LEU C 8 11.16 4.22 25.94
C LEU C 8 10.81 3.50 24.69
N ASP C 9 9.60 2.80 24.61
CA ASP C 9 9.30 2.28 23.34
C ASP C 9 8.19 3.01 22.63
N ILE C 10 7.51 4.12 23.17
CA ILE C 10 6.45 4.55 22.29
C ILE C 10 7.02 5.35 21.15
N ARG C 11 6.71 4.90 19.94
CA ARG C 11 7.27 5.53 18.77
C ARG C 11 6.26 5.59 17.63
N GLN C 12 6.28 6.70 16.88
CA GLN C 12 5.38 6.90 15.76
C GLN C 12 5.90 6.19 14.50
N GLY C 13 5.02 5.43 13.89
CA GLY C 13 5.39 4.73 12.67
C GLY C 13 5.49 5.69 11.45
N PRO C 14 6.12 5.24 10.34
CA PRO C 14 6.29 6.04 9.09
C PRO C 14 4.97 6.03 8.28
N LYS C 15 4.19 4.97 8.47
CA LYS C 15 2.88 4.92 7.88
C LYS C 15 1.86 5.42 8.92
N GLU C 16 2.23 5.32 10.23
CA GLU C 16 1.33 5.69 11.31
C GLU C 16 1.36 7.23 11.54
N PRO C 17 0.25 7.97 11.42
CA PRO C 17 0.21 9.48 11.62
C PRO C 17 0.38 9.88 13.06
N PHE C 18 0.65 11.16 13.23
CA PHE C 18 0.79 11.76 14.54
C PHE C 18 -0.48 11.48 15.39
N ARG C 19 -1.60 11.07 14.77
CA ARG C 19 -2.83 10.82 15.53
C ARG C 19 -2.78 9.52 16.33
N ASP C 20 -2.53 8.40 15.65
CA ASP C 20 -2.53 7.09 16.33
C ASP C 20 -1.44 7.02 17.40
N TYR C 21 -0.23 7.42 17.01
CA TYR C 21 0.88 7.41 17.92
C TYR C 21 0.57 8.26 19.14
N VAL C 22 0.08 9.49 18.94
CA VAL C 22 -0.19 10.33 20.11
C VAL C 22 -1.14 9.61 21.05
N ASP C 23 -2.15 8.99 20.47
CA ASP C 23 -3.11 8.24 21.26
C ASP C 23 -2.44 7.07 21.99
N ARG C 24 -1.28 6.61 21.50
CA ARG C 24 -0.56 5.50 22.14
C ARG C 24 0.32 6.01 23.27
N PHE C 25 0.91 7.16 23.02
CA PHE C 25 1.78 7.81 23.98
C PHE C 25 1.00 7.99 25.25
N TYR C 26 -0.18 8.52 25.08
CA TYR C 26 -1.03 8.77 26.22
C TYR C 26 -1.62 7.49 26.76
N LYS C 27 -1.89 6.52 25.88
CA LYS C 27 -2.54 5.27 26.34
C LYS C 27 -1.64 4.45 27.22
N THR C 28 -0.44 4.19 26.76
CA THR C 28 0.46 3.39 27.57
C THR C 28 0.99 4.16 28.77
N LEU C 29 0.86 5.50 28.74
CA LEU C 29 1.19 6.29 29.93
C LEU C 29 0.32 5.90 31.14
N ARG C 30 -0.95 5.55 30.92
CA ARG C 30 -1.80 5.10 32.03
C ARG C 30 -1.29 3.76 32.58
N ALA C 31 -0.39 3.08 31.83
CA ALA C 31 0.17 1.81 32.25
C ALA C 31 1.43 1.98 33.12
N GLU C 32 2.07 3.15 33.06
CA GLU C 32 3.29 3.35 33.86
C GLU C 32 2.99 4.18 35.13
N GLN C 33 3.53 3.72 36.25
CA GLN C 33 3.35 4.41 37.55
C GLN C 33 4.27 5.64 37.59
N ALA C 34 3.97 6.62 36.74
CA ALA C 34 4.81 7.80 36.68
C ALA C 34 4.22 8.98 37.46
N SER C 35 5.11 9.68 38.16
CA SER C 35 4.74 10.89 38.89
C SER C 35 4.12 11.93 37.94
N GLN C 36 3.57 12.98 38.51
CA GLN C 36 2.85 13.98 37.70
C GLN C 36 3.74 14.65 36.65
N GLU C 37 4.93 15.06 37.01
CA GLU C 37 5.80 15.67 35.99
C GLU C 37 6.49 14.54 35.15
N VAL C 38 6.67 13.36 35.80
CA VAL C 38 7.26 12.22 35.10
C VAL C 38 6.41 11.93 33.90
N LYS C 39 5.13 12.31 33.88
CA LYS C 39 4.30 12.05 32.68
C LYS C 39 4.29 13.23 31.72
N ASN C 40 3.96 14.43 32.24
CA ASN C 40 3.89 15.63 31.36
C ASN C 40 5.26 15.93 30.67
N TRP C 41 6.33 15.77 31.41
CA TRP C 41 7.69 15.97 30.90
C TRP C 41 7.95 15.05 29.67
N MET C 42 7.18 13.98 29.57
CA MET C 42 7.30 13.05 28.46
C MET C 42 6.60 13.64 27.27
N THR C 43 5.42 14.19 27.51
CA THR C 43 4.62 14.74 26.41
C THR C 43 5.47 15.73 25.62
N GLU C 44 6.45 16.34 26.29
CA GLU C 44 7.35 17.25 25.63
C GLU C 44 8.64 16.56 25.12
N THR C 45 9.44 16.02 26.06
CA THR C 45 10.73 15.41 25.72
C THR C 45 10.62 14.18 24.78
N LEU C 46 9.61 13.36 24.96
CA LEU C 46 9.52 12.14 24.15
C LEU C 46 8.65 12.33 22.90
N LEU C 47 7.43 12.88 23.07
CA LEU C 47 6.48 13.00 21.93
C LEU C 47 7.18 13.64 20.72
N VAL C 48 8.22 14.43 20.99
CA VAL C 48 8.96 15.06 19.94
C VAL C 48 10.14 14.18 19.48
N GLN C 49 11.04 13.85 20.41
CA GLN C 49 12.26 13.09 20.10
C GLN C 49 12.06 11.66 19.52
N ASN C 50 11.13 10.87 20.06
CA ASN C 50 10.95 9.49 19.60
C ASN C 50 9.79 9.36 18.63
N ALA C 51 9.53 10.40 17.81
CA ALA C 51 8.36 10.32 16.90
C ALA C 51 8.52 10.78 15.44
N ASN C 52 8.42 9.81 14.49
CA ASN C 52 8.23 10.13 13.05
C ASN C 52 8.98 11.35 12.51
N PRO C 53 10.15 11.26 11.90
CA PRO C 53 10.87 12.47 11.37
C PRO C 53 9.90 13.47 10.65
N ASP C 54 8.75 12.96 10.13
CA ASP C 54 7.71 13.83 9.53
C ASP C 54 7.15 14.79 10.55
N CYS C 55 6.68 14.22 11.66
CA CYS C 55 6.13 15.05 12.76
C CYS C 55 7.27 15.54 13.64
N LYS C 56 8.44 14.97 13.53
CA LYS C 56 9.49 15.47 14.35
C LYS C 56 9.97 16.78 13.78
N THR C 57 10.00 16.82 12.40
CA THR C 57 10.44 18.02 11.65
C THR C 57 9.33 19.10 11.72
N ILE C 58 8.08 18.64 11.91
CA ILE C 58 6.96 19.56 12.11
C ILE C 58 7.00 20.09 13.51
N LEU C 59 7.27 19.21 14.47
CA LEU C 59 7.30 19.61 15.87
C LEU C 59 8.43 20.62 16.01
N LYS C 60 9.57 20.31 15.39
CA LYS C 60 10.68 21.25 15.43
C LYS C 60 10.26 22.54 14.75
N ALA C 61 9.40 22.41 13.70
CA ALA C 61 8.90 23.58 12.96
C ALA C 61 7.89 24.45 13.74
N LEU C 62 6.95 23.85 14.47
CA LEU C 62 6.00 24.64 15.20
C LEU C 62 6.75 25.53 16.16
N GLY C 63 7.80 24.95 16.72
CA GLY C 63 8.60 25.64 17.70
C GLY C 63 8.28 24.97 19.02
N PRO C 64 9.23 24.63 19.86
CA PRO C 64 8.88 23.92 21.11
C PRO C 64 7.82 24.64 21.94
N GLY C 65 7.20 23.89 22.84
CA GLY C 65 6.14 24.43 23.66
C GLY C 65 4.80 24.40 22.94
N ALA C 66 4.72 23.69 21.79
CA ALA C 66 3.47 23.61 21.06
C ALA C 66 2.56 22.57 21.70
N THR C 67 1.42 23.03 22.18
CA THR C 67 0.46 22.16 22.81
C THR C 67 0.06 21.04 21.85
N LEU C 68 -0.68 20.06 22.37
CA LEU C 68 -1.14 18.95 21.55
C LEU C 68 -2.16 19.40 20.57
N GLU C 69 -2.95 20.39 20.93
CA GLU C 69 -3.92 20.84 19.99
C GLU C 69 -3.15 21.34 18.75
N GLU C 70 -2.03 22.05 18.99
CA GLU C 70 -1.23 22.57 17.87
C GLU C 70 -0.43 21.46 17.12
N MET C 71 0.28 20.55 17.85
CA MET C 71 1.09 19.51 17.15
C MET C 71 0.14 18.56 16.41
N MET C 72 -1.07 18.44 16.93
CA MET C 72 -2.06 17.65 16.26
C MET C 72 -2.34 18.22 14.86
N THR C 73 -2.62 19.54 14.81
CA THR C 73 -3.01 20.21 13.56
C THR C 73 -1.95 20.20 12.46
N ALA C 74 -0.73 20.53 12.82
CA ALA C 74 0.36 20.60 11.85
C ALA C 74 0.72 19.26 11.28
N CYS C 75 0.74 18.31 12.16
CA CYS C 75 1.05 16.97 11.79
C CYS C 75 -0.21 16.23 11.31
N GLN C 76 -1.16 16.94 10.60
CA GLN C 76 -2.40 16.26 10.12
C GLN C 76 -2.18 15.60 8.80
N GLY C 77 -1.64 16.33 7.82
CA GLY C 77 -1.32 15.71 6.53
C GLY C 77 -0.24 14.66 6.81
N VAL C 78 0.45 14.71 8.03
CA VAL C 78 1.48 13.63 8.42
C VAL C 78 0.68 12.50 8.27
N GLY C 79 1.16 11.61 7.46
CA GLY C 79 0.12 10.86 6.99
C GLY C 79 0.30 9.80 6.11
N GLY C 80 -0.69 8.98 5.64
CA GLY C 80 -0.10 7.89 5.00
C GLY C 80 0.53 8.37 3.77
N PRO C 81 -0.07 8.75 2.73
CA PRO C 81 0.62 9.45 1.60
C PRO C 81 0.62 11.06 1.65
N GLY C 82 -0.38 11.70 2.34
CA GLY C 82 -0.55 13.21 2.40
C GLY C 82 0.71 14.06 2.54
N HIS C 83 1.26 14.05 3.72
CA HIS C 83 2.45 14.82 4.00
C HIS C 83 3.51 14.42 3.08
N LYS C 84 3.60 13.16 2.91
CA LYS C 84 4.65 12.68 2.07
C LYS C 84 4.75 13.34 0.64
N ALA C 85 3.70 14.11 0.23
CA ALA C 85 3.81 14.89 -1.01
C ALA C 85 4.99 15.91 -0.92
N ARG C 86 4.97 16.71 0.15
CA ARG C 86 5.97 17.75 0.34
C ARG C 86 7.35 17.15 0.41
N VAL C 87 7.43 15.96 0.95
CA VAL C 87 8.69 15.30 1.05
C VAL C 87 9.15 14.76 -0.32
N LEU C 88 8.22 14.18 -1.09
CA LEU C 88 8.58 13.62 -2.41
C LEU C 88 8.89 14.69 -3.49
N ALA C 89 8.00 15.66 -3.64
CA ALA C 89 8.17 16.72 -4.65
C ALA C 89 9.47 17.54 -4.50
N GLU C 90 10.11 17.52 -3.34
CA GLU C 90 11.33 18.32 -3.13
C GLU C 90 12.66 17.62 -3.43
N ALA C 91 12.93 16.56 -2.67
CA ALA C 91 14.21 15.83 -2.77
C ALA C 91 14.43 15.32 -4.16
N MET C 92 13.36 14.97 -4.82
CA MET C 92 13.44 14.50 -6.19
C MET C 92 14.14 15.54 -7.05
N SER C 93 13.82 16.80 -6.79
CA SER C 93 14.44 17.85 -7.56
C SER C 93 15.63 18.47 -6.81
N GLN C 94 15.77 18.17 -5.51
CA GLN C 94 16.88 18.73 -4.74
C GLN C 94 18.20 18.35 -5.37
N VAL C 95 18.25 17.12 -5.82
CA VAL C 95 19.43 16.56 -6.48
C VAL C 95 19.72 17.23 -7.84
N THR C 96 18.72 17.96 -8.39
CA THR C 96 18.77 18.75 -9.63
C THR C 96 19.65 20.05 -9.51
N ASN C 97 20.37 20.20 -8.35
CA ASN C 97 21.13 21.39 -7.86
C ASN C 97 21.79 22.35 -8.86
N THR C 98 21.91 22.02 -10.15
CA THR C 98 22.47 22.99 -11.10
C THR C 98 21.65 24.29 -10.96
N ALA C 99 20.35 24.10 -10.71
CA ALA C 99 19.44 25.21 -10.43
C ALA C 99 18.89 25.08 -9.01
N THR C 100 18.78 23.83 -8.55
CA THR C 100 18.23 23.55 -7.23
C THR C 100 19.24 23.85 -6.12
N ILE C 101 18.72 23.91 -4.92
CA ILE C 101 19.44 24.29 -3.74
C ILE C 101 20.54 23.32 -3.32
N MET C 102 21.65 23.92 -2.88
CA MET C 102 22.81 23.17 -2.41
C MET C 102 22.49 22.47 -1.10
N GLY D 1 24.51 -18.01 18.35
CA GLY D 1 23.19 -17.94 17.74
C GLY D 1 22.81 -19.33 17.38
N GLY D 2 22.03 -19.51 16.34
CA GLY D 2 21.65 -20.83 15.91
C GLY D 2 20.70 -21.54 16.89
N SER D 3 20.23 -20.83 17.93
CA SER D 3 19.31 -21.44 18.91
C SER D 3 17.90 -21.49 18.35
N PRO D 4 17.04 -22.38 18.83
CA PRO D 4 15.64 -22.53 18.29
C PRO D 4 14.84 -21.23 18.18
N THR D 5 14.32 -21.02 16.94
CA THR D 5 13.43 -19.91 16.48
C THR D 5 13.92 -18.48 16.67
N SER D 6 14.44 -18.14 17.81
CA SER D 6 14.77 -16.77 18.05
C SER D 6 15.81 -16.14 17.17
N ILE D 7 16.86 -16.86 16.87
CA ILE D 7 17.99 -16.35 16.11
C ILE D 7 18.39 -17.15 14.87
N LEU D 8 17.65 -18.15 14.58
CA LEU D 8 17.91 -18.94 13.39
C LEU D 8 17.73 -18.00 12.21
N ASP D 9 16.69 -17.13 12.31
CA ASP D 9 16.78 -16.03 11.42
C ASP D 9 16.11 -14.76 11.83
N ILE D 10 15.17 -14.84 12.82
CA ILE D 10 14.17 -13.78 13.14
C ILE D 10 14.31 -12.53 12.26
N ARG D 11 13.42 -12.43 11.28
CA ARG D 11 13.59 -11.43 10.23
C ARG D 11 12.59 -10.33 10.23
N GLN D 12 13.06 -9.23 9.67
CA GLN D 12 12.28 -8.05 9.51
C GLN D 12 11.88 -7.93 8.02
N GLY D 13 10.62 -7.67 7.78
CA GLY D 13 10.16 -7.53 6.42
C GLY D 13 10.61 -6.18 5.88
N PRO D 14 10.17 -5.78 4.70
CA PRO D 14 10.49 -4.43 4.11
C PRO D 14 9.59 -3.32 4.72
N LYS D 15 8.29 -3.64 4.90
CA LYS D 15 7.31 -2.72 5.54
C LYS D 15 7.40 -2.81 7.08
N GLU D 16 7.98 -3.91 7.58
CA GLU D 16 8.12 -4.10 9.03
C GLU D 16 9.24 -3.17 9.50
N PRO D 17 9.02 -2.19 10.38
CA PRO D 17 10.09 -1.25 10.77
C PRO D 17 11.10 -1.80 11.75
N PHE D 18 12.22 -1.11 11.80
CA PHE D 18 13.27 -1.46 12.72
C PHE D 18 12.70 -1.46 14.13
N ARG D 19 11.60 -0.67 14.37
CA ARG D 19 10.94 -0.59 15.70
C ARG D 19 10.20 -1.85 16.13
N ASP D 20 9.27 -2.31 15.30
CA ASP D 20 8.45 -3.46 15.66
C ASP D 20 9.28 -4.74 15.74
N TYR D 21 10.19 -4.90 14.77
CA TYR D 21 11.02 -6.10 14.67
C TYR D 21 11.98 -6.26 15.82
N VAL D 22 12.41 -5.15 16.49
CA VAL D 22 13.37 -5.31 17.59
C VAL D 22 12.78 -6.31 18.56
N ASP D 23 11.51 -6.05 18.87
CA ASP D 23 10.75 -6.93 19.71
C ASP D 23 10.67 -8.30 19.07
N ARG D 24 10.50 -8.37 17.75
CA ARG D 24 10.42 -9.70 17.14
C ARG D 24 11.68 -10.44 17.43
N PHE D 25 12.81 -9.74 17.46
CA PHE D 25 14.09 -10.33 17.81
C PHE D 25 14.21 -10.66 19.31
N TYR D 26 13.66 -9.75 20.16
CA TYR D 26 13.76 -9.84 21.64
C TYR D 26 12.73 -10.77 22.25
N LYS D 27 11.46 -10.46 22.03
CA LYS D 27 10.37 -11.27 22.55
C LYS D 27 10.58 -12.70 22.10
N THR D 28 11.03 -12.92 20.86
CA THR D 28 11.28 -14.29 20.46
C THR D 28 12.43 -14.83 21.32
N LEU D 29 13.46 -13.98 21.60
CA LEU D 29 14.53 -14.40 22.47
C LEU D 29 13.96 -14.83 23.83
N ARG D 30 12.97 -14.10 24.37
CA ARG D 30 12.39 -14.50 25.65
C ARG D 30 11.91 -15.95 25.61
N ALA D 31 11.67 -16.47 24.41
CA ALA D 31 11.22 -17.84 24.23
C ALA D 31 12.34 -18.87 24.11
N GLU D 32 13.57 -18.46 23.82
CA GLU D 32 14.64 -19.48 23.66
C GLU D 32 15.38 -19.78 24.96
N GLN D 33 15.75 -21.03 25.18
CA GLN D 33 16.51 -21.38 26.40
C GLN D 33 17.97 -21.03 26.18
N ALA D 34 18.30 -19.74 26.32
CA ALA D 34 19.69 -19.30 26.09
C ALA D 34 20.29 -18.60 27.31
N SER D 35 21.52 -19.01 27.62
CA SER D 35 22.28 -18.41 28.71
C SER D 35 22.22 -16.92 28.56
N GLN D 36 22.34 -16.19 29.65
CA GLN D 36 22.27 -14.75 29.59
C GLN D 36 23.32 -14.19 28.61
N GLU D 37 24.52 -14.78 28.60
CA GLU D 37 25.56 -14.35 27.65
C GLU D 37 25.15 -14.83 26.27
N VAL D 38 24.40 -15.93 26.19
CA VAL D 38 23.96 -16.35 24.87
C VAL D 38 23.03 -15.31 24.28
N LYS D 39 22.01 -14.94 25.06
CA LYS D 39 21.00 -13.99 24.59
C LYS D 39 21.61 -12.61 24.39
N ASN D 40 22.47 -12.19 25.30
CA ASN D 40 23.07 -10.88 25.14
C ASN D 40 23.87 -10.87 23.85
N TRP D 41 24.58 -11.96 23.62
CA TRP D 41 25.32 -12.08 22.37
C TRP D 41 24.33 -12.03 21.18
N MET D 42 23.24 -12.79 21.29
CA MET D 42 22.27 -12.83 20.19
C MET D 42 21.73 -11.45 19.80
N THR D 43 21.41 -10.62 20.79
CA THR D 43 20.90 -9.27 20.50
C THR D 43 21.82 -8.43 19.66
N GLU D 44 23.11 -8.66 19.75
CA GLU D 44 24.04 -7.85 18.99
C GLU D 44 24.32 -8.36 17.57
N THR D 45 24.86 -9.57 17.49
CA THR D 45 25.27 -10.13 16.20
C THR D 45 24.13 -10.34 15.19
N LEU D 46 23.17 -11.20 15.54
CA LEU D 46 22.08 -11.52 14.63
C LEU D 46 21.11 -10.37 14.44
N LEU D 47 20.96 -9.43 15.42
CA LEU D 47 19.98 -8.31 15.24
C LEU D 47 20.36 -7.49 13.97
N VAL D 48 21.63 -7.14 13.85
CA VAL D 48 22.10 -6.33 12.75
C VAL D 48 22.26 -7.09 11.43
N GLN D 49 22.33 -8.42 11.44
CA GLN D 49 22.54 -9.14 10.17
C GLN D 49 21.23 -9.58 9.48
N ASN D 50 20.23 -9.94 10.27
CA ASN D 50 18.98 -10.47 9.71
C ASN D 50 17.83 -9.48 9.87
N ALA D 51 18.16 -8.18 9.83
CA ALA D 51 17.12 -7.16 10.05
C ALA D 51 16.96 -6.09 8.96
N ASN D 52 15.94 -6.25 8.09
CA ASN D 52 15.51 -5.18 7.15
C ASN D 52 16.60 -4.31 6.60
N PRO D 53 17.19 -4.58 5.46
CA PRO D 53 18.27 -3.71 4.93
C PRO D 53 17.98 -2.18 5.05
N ASP D 54 16.73 -1.75 5.16
CA ASP D 54 16.50 -0.32 5.29
C ASP D 54 17.18 0.12 6.54
N CYS D 55 16.98 -0.70 7.57
CA CYS D 55 17.57 -0.41 8.85
C CYS D 55 18.97 -0.99 8.96
N LYS D 56 19.36 -1.95 8.10
CA LYS D 56 20.71 -2.52 8.19
C LYS D 56 21.73 -1.58 7.52
N THR D 57 21.40 -1.12 6.32
CA THR D 57 22.28 -0.19 5.60
C THR D 57 22.58 0.99 6.53
N ILE D 58 21.57 1.31 7.38
CA ILE D 58 21.71 2.32 8.41
C ILE D 58 22.62 1.81 9.51
N LEU D 59 22.37 0.58 9.96
CA LEU D 59 23.22 -0.01 11.01
C LEU D 59 24.67 0.01 10.54
N LYS D 60 24.91 -0.06 9.23
CA LYS D 60 26.29 -0.01 8.72
C LYS D 60 26.79 1.45 8.61
N ALA D 61 25.84 2.41 8.60
CA ALA D 61 26.20 3.85 8.50
C ALA D 61 26.49 4.41 9.89
N LEU D 62 25.53 4.23 10.81
CA LEU D 62 25.75 4.61 12.19
C LEU D 62 26.97 3.81 12.60
N GLY D 63 26.99 2.55 12.13
CA GLY D 63 28.08 1.67 12.38
C GLY D 63 27.94 1.01 13.72
N PRO D 64 28.78 0.08 14.00
CA PRO D 64 28.77 -0.62 15.30
C PRO D 64 28.95 0.38 16.45
N GLY D 65 28.45 0.03 17.62
CA GLY D 65 28.54 0.92 18.78
C GLY D 65 27.19 1.63 19.04
N ALA D 66 26.30 1.59 18.06
CA ALA D 66 25.00 2.22 18.23
C ALA D 66 24.08 1.29 18.98
N THR D 67 23.62 1.74 20.14
CA THR D 67 22.71 0.94 20.94
C THR D 67 21.35 0.91 20.28
N LEU D 68 20.43 0.14 20.81
CA LEU D 68 19.11 0.11 20.21
C LEU D 68 18.52 1.47 20.17
N GLU D 69 18.70 2.20 21.25
CA GLU D 69 18.21 3.53 21.28
C GLU D 69 18.82 4.29 20.11
N GLU D 70 20.09 4.05 19.81
CA GLU D 70 20.68 4.80 18.69
C GLU D 70 20.13 4.33 17.35
N MET D 71 20.40 3.06 17.01
CA MET D 71 19.94 2.45 15.75
C MET D 71 18.45 2.70 15.51
N MET D 72 17.73 2.96 16.59
CA MET D 72 16.29 3.23 16.53
C MET D 72 15.99 4.58 15.84
N THR D 73 16.62 5.64 16.33
CA THR D 73 16.35 7.00 15.85
C THR D 73 16.56 7.15 14.33
N ALA D 74 17.67 6.71 13.82
CA ALA D 74 17.97 6.79 12.39
C ALA D 74 17.02 5.91 11.58
N CYS D 75 16.77 4.72 12.11
CA CYS D 75 15.91 3.77 11.44
C CYS D 75 14.40 4.07 11.66
N GLN D 76 14.05 5.17 12.35
CA GLN D 76 12.61 5.49 12.57
C GLN D 76 11.95 5.66 11.22
N GLY D 77 12.66 6.39 10.37
CA GLY D 77 12.17 6.78 9.04
C GLY D 77 12.05 5.63 8.07
N VAL D 78 12.50 4.43 8.46
CA VAL D 78 12.43 3.23 7.53
C VAL D 78 11.02 3.18 7.14
N GLY D 79 10.68 3.37 5.83
CA GLY D 79 9.28 3.68 5.66
C GLY D 79 8.98 4.58 4.48
N GLY D 80 7.71 4.89 4.16
CA GLY D 80 7.62 5.69 2.99
C GLY D 80 8.05 7.20 3.13
N PRO D 81 7.92 7.91 4.29
CA PRO D 81 8.28 9.39 4.36
C PRO D 81 9.76 9.76 4.41
N GLY D 82 10.48 9.15 5.35
CA GLY D 82 11.88 9.51 5.57
C GLY D 82 12.86 8.71 4.74
N HIS D 83 12.92 7.41 4.99
CA HIS D 83 13.89 6.60 4.30
C HIS D 83 13.62 6.59 2.82
N LYS D 84 12.36 6.32 2.44
CA LYS D 84 12.00 6.23 1.04
C LYS D 84 12.24 7.50 0.25
N ALA D 85 12.02 8.66 0.85
CA ALA D 85 12.24 9.90 0.11
C ALA D 85 13.69 9.97 -0.35
N ARG D 86 14.60 9.61 0.57
CA ARG D 86 16.03 9.60 0.29
C ARG D 86 16.40 8.42 -0.63
N VAL D 87 15.71 7.27 -0.46
CA VAL D 87 16.02 6.07 -1.27
C VAL D 87 15.65 6.24 -2.73
N LEU D 88 14.53 6.90 -3.01
CA LEU D 88 14.09 7.14 -4.39
C LEU D 88 15.00 8.19 -5.10
N ALA D 89 15.40 9.20 -4.36
CA ALA D 89 16.23 10.26 -4.92
C ALA D 89 17.58 9.68 -5.41
N GLU D 90 18.16 8.76 -4.63
CA GLU D 90 19.47 8.18 -4.98
C GLU D 90 19.45 7.40 -6.28
N ALA D 91 18.41 6.63 -6.50
CA ALA D 91 18.32 5.87 -7.72
C ALA D 91 18.26 6.82 -8.91
N MET D 92 17.53 7.90 -8.71
CA MET D 92 17.35 8.93 -9.73
C MET D 92 18.66 9.65 -10.11
N SER D 93 19.50 9.95 -9.14
CA SER D 93 20.71 10.69 -9.46
C SER D 93 21.79 9.74 -10.01
N GLN D 94 21.58 8.42 -9.89
CA GLN D 94 22.55 7.44 -10.40
C GLN D 94 22.31 7.20 -11.88
N VAL D 95 21.04 7.23 -12.25
CA VAL D 95 20.65 7.02 -13.63
C VAL D 95 20.99 8.25 -14.54
N THR D 96 21.22 9.40 -13.89
CA THR D 96 21.63 10.71 -14.42
C THR D 96 22.97 10.73 -15.24
N ASN D 97 23.45 9.61 -15.83
CA ASN D 97 24.83 9.45 -16.39
C ASN D 97 25.57 10.72 -16.91
N THR D 98 24.95 11.76 -17.41
CA THR D 98 25.77 12.92 -17.78
C THR D 98 26.46 13.46 -16.50
N ALA D 99 25.71 13.45 -15.39
CA ALA D 99 26.18 13.91 -14.07
C ALA D 99 26.02 12.82 -12.98
N THR D 100 26.13 11.53 -13.35
CA THR D 100 25.92 10.44 -12.37
C THR D 100 26.97 10.41 -11.27
N ILE D 101 26.47 10.01 -10.12
CA ILE D 101 27.24 9.90 -8.92
C ILE D 101 28.18 8.69 -9.01
N MET D 102 29.49 8.93 -8.83
CA MET D 102 30.47 7.86 -8.87
C MET D 102 31.31 7.85 -7.60
N GLY E 1 9.48 -33.80 -6.92
CA GLY E 1 8.56 -32.99 -6.10
C GLY E 1 7.18 -33.10 -6.69
N GLY E 2 6.44 -32.01 -6.67
CA GLY E 2 5.11 -31.98 -7.24
C GLY E 2 4.09 -32.63 -6.31
N SER E 3 4.23 -32.41 -5.00
CA SER E 3 3.29 -33.00 -4.03
C SER E 3 2.08 -32.08 -3.86
N PRO E 4 0.90 -32.60 -3.51
CA PRO E 4 -0.34 -31.78 -3.34
C PRO E 4 -0.12 -30.60 -2.40
N THR E 5 -0.46 -29.41 -2.90
CA THR E 5 -0.32 -28.16 -2.16
C THR E 5 1.11 -27.85 -1.70
N SER E 6 2.10 -28.67 -2.05
CA SER E 6 3.43 -28.44 -1.51
C SER E 6 4.34 -27.63 -2.37
N ILE E 7 4.34 -28.01 -3.61
CA ILE E 7 5.19 -27.46 -4.66
C ILE E 7 4.46 -27.00 -5.87
N LEU E 8 3.51 -27.78 -6.17
CA LEU E 8 2.76 -27.62 -7.33
C LEU E 8 2.21 -26.24 -7.34
N ASP E 9 1.75 -25.72 -6.16
CA ASP E 9 1.41 -24.35 -6.18
C ASP E 9 2.13 -23.53 -5.18
N ILE E 10 3.20 -24.01 -4.44
CA ILE E 10 3.58 -23.03 -3.47
C ILE E 10 4.23 -21.86 -4.21
N ARG E 11 3.56 -20.68 -4.16
CA ARG E 11 4.02 -19.51 -4.93
C ARG E 11 3.99 -18.17 -4.17
N GLN E 12 5.16 -17.53 -4.10
CA GLN E 12 5.30 -16.26 -3.44
C GLN E 12 4.59 -15.18 -4.22
N GLY E 13 3.80 -14.38 -3.52
CA GLY E 13 3.11 -13.27 -4.14
C GLY E 13 4.10 -12.13 -4.38
N PRO E 14 3.77 -11.16 -5.20
CA PRO E 14 4.70 -10.02 -5.46
C PRO E 14 4.98 -9.23 -4.19
N LYS E 15 3.93 -8.94 -3.41
CA LYS E 15 4.10 -8.19 -2.15
C LYS E 15 4.50 -9.11 -1.00
N GLU E 16 4.27 -10.42 -1.18
CA GLU E 16 4.61 -11.37 -0.15
C GLU E 16 6.14 -11.56 -0.19
N PRO E 17 6.90 -11.21 0.83
CA PRO E 17 8.38 -11.35 0.75
C PRO E 17 8.83 -12.78 0.66
N PHE E 18 10.07 -12.92 0.25
CA PHE E 18 10.71 -14.22 0.13
C PHE E 18 10.47 -14.97 1.43
N ARG E 19 10.47 -14.20 2.55
CA ARG E 19 10.28 -14.77 3.91
C ARG E 19 8.97 -15.50 4.10
N ASP E 20 7.87 -14.77 3.94
CA ASP E 20 6.54 -15.33 4.17
C ASP E 20 6.29 -16.52 3.30
N TYR E 21 6.63 -16.41 2.06
CA TYR E 21 6.44 -17.53 1.18
C TYR E 21 7.32 -18.69 1.64
N VAL E 22 8.60 -18.41 1.89
CA VAL E 22 9.56 -19.44 2.32
C VAL E 22 9.12 -20.05 3.63
N ASP E 23 8.37 -19.27 4.42
CA ASP E 23 7.81 -19.78 5.66
C ASP E 23 6.72 -20.81 5.33
N ARG E 24 6.10 -20.67 4.14
CA ARG E 24 5.07 -21.60 3.65
C ARG E 24 5.73 -22.79 2.94
N PHE E 25 6.83 -22.54 2.21
CA PHE E 25 7.48 -23.62 1.46
C PHE E 25 7.82 -24.75 2.39
N TYR E 26 8.20 -24.43 3.61
CA TYR E 26 8.66 -25.46 4.55
C TYR E 26 7.54 -26.26 5.22
N LYS E 27 6.58 -25.56 5.81
CA LYS E 27 5.46 -26.24 6.46
C LYS E 27 4.71 -27.06 5.43
N THR E 28 4.58 -26.50 4.22
CA THR E 28 3.87 -27.20 3.17
C THR E 28 4.70 -28.39 2.67
N LEU E 29 6.00 -28.41 2.99
CA LEU E 29 6.82 -29.59 2.59
C LEU E 29 6.65 -30.61 3.71
N ARG E 30 6.52 -30.12 4.93
CA ARG E 30 6.28 -31.02 6.02
C ARG E 30 4.83 -31.56 5.89
N ALA E 31 3.95 -30.79 5.23
CA ALA E 31 2.55 -31.15 5.08
C ALA E 31 2.33 -32.24 4.06
N GLU E 32 3.30 -32.42 3.19
CA GLU E 32 3.15 -33.44 2.17
C GLU E 32 3.61 -34.78 2.76
N GLN E 33 3.26 -35.88 2.11
CA GLN E 33 3.72 -37.21 2.58
C GLN E 33 4.85 -37.68 1.70
N ALA E 34 5.96 -36.96 1.70
CA ALA E 34 7.09 -37.30 0.86
C ALA E 34 8.24 -37.91 1.63
N SER E 35 9.22 -38.36 0.86
CA SER E 35 10.43 -38.93 1.40
C SER E 35 11.37 -37.79 1.77
N GLN E 36 12.28 -38.01 2.67
CA GLN E 36 13.19 -36.95 3.02
C GLN E 36 13.94 -36.42 1.78
N GLU E 37 14.45 -37.34 0.93
CA GLU E 37 15.18 -36.91 -0.28
C GLU E 37 14.25 -36.14 -1.22
N VAL E 38 13.01 -36.58 -1.34
CA VAL E 38 12.11 -35.88 -2.23
C VAL E 38 12.02 -34.42 -1.80
N LYS E 39 11.83 -34.21 -0.48
CA LYS E 39 11.69 -32.86 0.07
C LYS E 39 12.96 -32.03 -0.10
N ASN E 40 14.10 -32.60 0.29
CA ASN E 40 15.37 -31.88 0.15
C ASN E 40 15.58 -31.53 -1.33
N TRP E 41 15.21 -32.46 -2.18
CA TRP E 41 15.29 -32.27 -3.61
C TRP E 41 14.33 -31.16 -4.04
N MET E 42 13.10 -31.15 -3.45
CA MET E 42 12.11 -30.12 -3.81
C MET E 42 12.62 -28.71 -3.58
N THR E 43 13.20 -28.47 -2.43
CA THR E 43 13.58 -27.11 -2.07
C THR E 43 14.35 -26.37 -3.16
N GLU E 44 15.41 -26.96 -3.62
CA GLU E 44 16.24 -26.31 -4.61
C GLU E 44 15.55 -26.12 -5.96
N THR E 45 15.07 -27.20 -6.50
CA THR E 45 14.45 -27.17 -7.81
C THR E 45 13.21 -26.29 -7.83
N LEU E 46 12.41 -26.40 -6.80
CA LEU E 46 11.11 -25.72 -6.79
C LEU E 46 11.11 -24.33 -6.18
N LEU E 47 11.77 -24.14 -5.06
CA LEU E 47 11.70 -22.83 -4.40
C LEU E 47 12.04 -21.69 -5.37
N VAL E 48 12.98 -21.90 -6.30
CA VAL E 48 13.41 -20.82 -7.20
C VAL E 48 12.38 -20.51 -8.28
N GLN E 49 12.01 -21.50 -9.06
CA GLN E 49 11.09 -21.28 -10.15
C GLN E 49 9.76 -20.66 -9.69
N ASN E 50 9.27 -21.08 -8.54
CA ASN E 50 7.95 -20.62 -8.10
C ASN E 50 7.96 -19.50 -7.05
N ALA E 51 9.00 -18.66 -6.98
CA ALA E 51 9.05 -17.63 -5.93
C ALA E 51 9.25 -16.16 -6.36
N ASN E 52 8.15 -15.37 -6.54
CA ASN E 52 8.29 -13.86 -6.73
C ASN E 52 9.46 -13.38 -7.61
N PRO E 53 9.30 -13.12 -8.90
CA PRO E 53 10.47 -12.73 -9.79
C PRO E 53 11.51 -11.76 -9.18
N ASP E 54 11.15 -10.95 -8.15
CA ASP E 54 12.17 -10.06 -7.51
C ASP E 54 13.27 -10.88 -6.86
N CYS E 55 12.87 -11.97 -6.23
CA CYS E 55 13.83 -12.81 -5.55
C CYS E 55 14.26 -13.86 -6.53
N LYS E 56 13.37 -14.26 -7.44
CA LYS E 56 13.76 -15.26 -8.40
C LYS E 56 14.94 -14.75 -9.19
N THR E 57 14.91 -13.45 -9.50
CA THR E 57 16.01 -12.86 -10.22
C THR E 57 17.29 -12.87 -9.34
N ILE E 58 17.10 -12.98 -8.00
CA ILE E 58 18.20 -13.03 -7.04
C ILE E 58 18.73 -14.48 -6.83
N LEU E 59 17.86 -15.48 -6.72
CA LEU E 59 18.34 -16.84 -6.53
C LEU E 59 19.19 -17.23 -7.77
N LYS E 60 18.73 -16.82 -8.95
CA LYS E 60 19.46 -17.09 -10.22
C LYS E 60 20.71 -16.21 -10.34
N ALA E 61 20.57 -14.92 -10.02
CA ALA E 61 21.71 -13.98 -10.10
C ALA E 61 22.86 -14.34 -9.14
N LEU E 62 22.53 -14.75 -7.89
CA LEU E 62 23.56 -15.15 -6.94
C LEU E 62 24.34 -16.25 -7.62
N GLY E 63 23.63 -17.06 -8.37
CA GLY E 63 24.23 -18.14 -9.08
C GLY E 63 24.06 -19.36 -8.24
N PRO E 64 23.91 -20.53 -8.82
CA PRO E 64 23.73 -21.74 -8.01
C PRO E 64 24.97 -22.04 -7.17
N GLY E 65 24.68 -22.74 -6.08
CA GLY E 65 25.63 -23.10 -5.06
C GLY E 65 25.43 -22.16 -3.86
N ALA E 66 24.77 -21.01 -4.08
CA ALA E 66 24.51 -20.09 -2.99
C ALA E 66 23.59 -20.78 -2.01
N THR E 67 23.99 -20.83 -0.77
CA THR E 67 23.15 -21.45 0.22
C THR E 67 21.96 -20.55 0.44
N LEU E 68 20.94 -21.04 1.12
CA LEU E 68 19.79 -20.20 1.40
C LEU E 68 20.23 -19.01 2.22
N GLU E 69 21.38 -19.10 2.87
CA GLU E 69 21.81 -17.99 3.61
C GLU E 69 22.01 -16.88 2.57
N GLU E 70 22.61 -17.26 1.45
CA GLU E 70 22.84 -16.32 0.36
C GLU E 70 21.53 -15.93 -0.33
N MET E 71 20.62 -16.89 -0.58
CA MET E 71 19.36 -16.55 -1.24
C MET E 71 18.59 -15.60 -0.34
N MET E 72 18.32 -16.02 0.86
CA MET E 72 17.61 -15.18 1.81
C MET E 72 18.30 -13.83 2.04
N THR E 73 19.58 -13.81 2.35
CA THR E 73 20.25 -12.54 2.64
C THR E 73 20.09 -11.56 1.49
N ALA E 74 20.33 -12.04 0.27
CA ALA E 74 20.19 -11.18 -0.92
C ALA E 74 18.72 -10.80 -1.17
N CYS E 75 17.86 -11.78 -1.00
CA CYS E 75 16.44 -11.61 -1.23
C CYS E 75 15.77 -10.81 -0.11
N GLN E 76 16.48 -10.52 0.99
CA GLN E 76 15.89 -9.65 2.01
C GLN E 76 15.63 -8.31 1.38
N GLY E 77 16.52 -7.93 0.43
CA GLY E 77 16.37 -6.66 -0.28
C GLY E 77 15.06 -6.65 -1.05
N VAL E 78 14.48 -7.86 -1.30
CA VAL E 78 13.14 -7.94 -1.99
C VAL E 78 12.29 -7.08 -1.12
N GLY E 79 11.49 -6.15 -1.69
CA GLY E 79 10.97 -5.16 -0.75
C GLY E 79 10.89 -3.82 -1.43
N GLY E 80 10.30 -2.74 -0.88
CA GLY E 80 10.24 -1.62 -1.80
C GLY E 80 11.50 -0.74 -1.90
N PRO E 81 11.94 -0.17 -0.84
CA PRO E 81 13.15 0.72 -0.87
C PRO E 81 14.39 -0.03 -1.33
N GLY E 82 14.44 -1.33 -1.06
CA GLY E 82 15.59 -2.08 -1.45
C GLY E 82 15.52 -2.56 -2.89
N HIS E 83 14.55 -3.44 -3.18
CA HIS E 83 14.45 -4.01 -4.53
C HIS E 83 13.64 -3.13 -5.48
N LYS E 84 12.46 -2.58 -5.04
CA LYS E 84 11.68 -1.69 -5.95
C LYS E 84 12.38 -0.37 -6.23
N ALA E 85 13.14 0.16 -5.30
CA ALA E 85 13.81 1.44 -5.54
C ALA E 85 14.73 1.30 -6.75
N ARG E 86 15.21 0.08 -6.97
CA ARG E 86 16.10 -0.17 -8.08
C ARG E 86 15.30 -0.57 -9.33
N VAL E 87 14.20 -1.39 -9.18
CA VAL E 87 13.42 -1.78 -10.37
C VAL E 87 12.69 -0.57 -10.96
N LEU E 88 12.30 0.36 -10.11
CA LEU E 88 11.66 1.59 -10.58
C LEU E 88 12.68 2.36 -11.40
N ALA E 89 13.92 2.29 -10.95
CA ALA E 89 15.02 3.01 -11.63
C ALA E 89 15.50 2.37 -12.96
N GLU E 90 15.67 1.06 -12.97
CA GLU E 90 16.17 0.38 -14.16
C GLU E 90 15.22 0.52 -15.34
N ALA E 91 13.95 0.29 -15.13
CA ALA E 91 13.00 0.38 -16.22
C ALA E 91 12.91 1.79 -16.80
N MET E 92 12.94 2.79 -15.94
CA MET E 92 12.85 4.18 -16.37
C MET E 92 14.10 4.60 -17.15
N SER E 93 15.27 4.07 -16.72
CA SER E 93 16.55 4.40 -17.34
C SER E 93 16.88 3.52 -18.57
N GLN E 94 16.12 2.43 -18.74
CA GLN E 94 16.34 1.52 -19.88
C GLN E 94 15.59 2.05 -21.08
N VAL E 95 14.45 2.66 -20.80
CA VAL E 95 13.60 3.22 -21.85
C VAL E 95 14.16 4.55 -22.44
N THR E 96 15.14 5.15 -21.73
CA THR E 96 15.92 6.38 -22.02
C THR E 96 16.67 6.42 -23.40
N ASN E 97 16.21 5.71 -24.46
CA ASN E 97 16.95 5.43 -25.73
C ASN E 97 18.04 6.40 -26.22
N THR E 98 18.05 7.67 -25.89
CA THR E 98 19.19 8.47 -26.31
C THR E 98 20.47 7.86 -25.65
N ALA E 99 20.31 7.46 -24.38
CA ALA E 99 21.38 6.86 -23.56
C ALA E 99 20.97 5.50 -22.95
N THR E 100 20.13 4.72 -23.64
CA THR E 100 19.64 3.43 -23.08
C THR E 100 20.70 2.38 -22.88
N ILE E 101 20.47 1.64 -21.80
CA ILE E 101 21.32 0.56 -21.40
C ILE E 101 21.14 -0.63 -22.34
N MET E 102 22.23 -1.07 -22.95
CA MET E 102 22.16 -2.21 -23.88
C MET E 102 22.57 -3.50 -23.18
N GLY F 1 -19.45 -20.31 -17.77
CA GLY F 1 -19.66 -21.20 -16.59
C GLY F 1 -21.10 -21.10 -16.20
N GLY F 2 -21.44 -19.95 -15.66
CA GLY F 2 -22.81 -19.70 -15.28
C GLY F 2 -23.21 -20.33 -13.94
N SER F 3 -22.29 -20.89 -13.17
CA SER F 3 -22.69 -21.44 -11.87
C SER F 3 -22.61 -20.34 -10.78
N PRO F 4 -23.47 -20.36 -9.76
CA PRO F 4 -23.46 -19.30 -8.69
C PRO F 4 -22.23 -19.41 -7.77
N THR F 5 -21.51 -18.26 -7.58
CA THR F 5 -20.29 -18.16 -6.75
C THR F 5 -19.06 -18.77 -7.43
N SER F 6 -19.27 -19.50 -8.53
CA SER F 6 -18.18 -20.19 -9.14
C SER F 6 -17.45 -19.46 -10.28
N ILE F 7 -18.22 -19.01 -11.27
CA ILE F 7 -17.71 -18.32 -12.48
C ILE F 7 -18.32 -16.97 -12.66
N LEU F 8 -19.58 -16.93 -12.42
CA LEU F 8 -20.28 -15.74 -12.61
C LEU F 8 -19.76 -14.63 -11.77
N ASP F 9 -19.44 -14.84 -10.42
CA ASP F 9 -18.78 -13.75 -9.78
C ASP F 9 -17.33 -14.03 -9.47
N ILE F 10 -16.60 -15.09 -10.08
CA ILE F 10 -15.26 -15.18 -9.56
C ILE F 10 -14.35 -14.15 -10.28
N ARG F 11 -13.77 -13.16 -9.51
CA ARG F 11 -12.91 -12.07 -10.09
C ARG F 11 -11.71 -11.64 -9.17
N GLN F 12 -10.59 -11.18 -9.82
CA GLN F 12 -9.31 -10.78 -9.11
C GLN F 12 -9.12 -9.27 -8.87
N GLY F 13 -8.77 -8.92 -7.62
CA GLY F 13 -8.54 -7.52 -7.24
C GLY F 13 -7.33 -6.95 -7.97
N PRO F 14 -7.01 -5.67 -7.89
CA PRO F 14 -5.85 -5.15 -8.66
C PRO F 14 -4.56 -5.62 -7.99
N LYS F 15 -4.62 -5.73 -6.66
CA LYS F 15 -3.50 -6.21 -5.86
C LYS F 15 -3.63 -7.72 -5.61
N GLU F 16 -4.84 -8.28 -5.82
CA GLU F 16 -5.02 -9.69 -5.60
C GLU F 16 -4.16 -10.46 -6.58
N PRO F 17 -3.21 -11.25 -6.18
CA PRO F 17 -2.38 -11.98 -7.14
C PRO F 17 -3.17 -13.06 -7.80
N PHE F 18 -2.56 -13.63 -8.81
CA PHE F 18 -3.20 -14.69 -9.51
C PHE F 18 -3.48 -15.88 -8.52
N ARG F 19 -2.54 -16.25 -7.67
CA ARG F 19 -2.81 -17.40 -6.80
C ARG F 19 -4.02 -17.21 -5.93
N ASP F 20 -4.12 -16.13 -5.20
CA ASP F 20 -5.26 -15.95 -4.32
C ASP F 20 -6.56 -16.07 -5.07
N TYR F 21 -6.79 -15.15 -6.02
CA TYR F 21 -8.01 -15.13 -6.82
C TYR F 21 -8.22 -16.40 -7.59
N VAL F 22 -7.23 -16.82 -8.31
CA VAL F 22 -7.40 -18.00 -9.10
C VAL F 22 -7.68 -19.13 -8.18
N ASP F 23 -7.12 -19.11 -6.98
CA ASP F 23 -7.38 -20.19 -6.07
C ASP F 23 -8.86 -20.18 -5.82
N ARG F 24 -9.43 -18.97 -5.77
CA ARG F 24 -10.84 -18.91 -5.61
C ARG F 24 -11.44 -19.57 -6.81
N PHE F 25 -10.88 -19.27 -8.01
CA PHE F 25 -11.34 -19.89 -9.26
C PHE F 25 -11.32 -21.38 -9.14
N TYR F 26 -10.36 -21.93 -8.44
CA TYR F 26 -10.34 -23.38 -8.33
C TYR F 26 -11.27 -23.90 -7.23
N LYS F 27 -11.01 -23.51 -5.99
CA LYS F 27 -11.81 -23.95 -4.86
C LYS F 27 -13.32 -23.79 -5.14
N THR F 28 -13.71 -22.69 -5.78
CA THR F 28 -15.13 -22.48 -6.04
C THR F 28 -15.67 -23.43 -7.15
N LEU F 29 -14.86 -23.76 -8.18
CA LEU F 29 -15.33 -24.63 -9.29
C LEU F 29 -15.71 -26.00 -8.77
N ARG F 30 -15.07 -26.42 -7.70
CA ARG F 30 -15.31 -27.76 -7.15
C ARG F 30 -16.70 -27.90 -6.51
N ALA F 31 -17.14 -26.84 -5.88
CA ALA F 31 -18.45 -26.83 -5.20
C ALA F 31 -19.58 -26.39 -6.13
N GLU F 32 -19.26 -25.98 -7.34
CA GLU F 32 -20.29 -25.54 -8.26
C GLU F 32 -21.00 -26.76 -8.83
N GLN F 33 -22.15 -26.51 -9.45
CA GLN F 33 -22.86 -27.59 -10.11
C GLN F 33 -22.59 -27.57 -11.61
N ALA F 34 -21.49 -28.22 -11.98
CA ALA F 34 -21.05 -28.33 -13.37
C ALA F 34 -20.65 -29.79 -13.73
N SER F 35 -21.01 -30.25 -14.93
CA SER F 35 -20.62 -31.58 -15.42
C SER F 35 -19.09 -31.61 -15.57
N GLN F 36 -18.49 -32.80 -15.68
CA GLN F 36 -17.04 -32.86 -15.74
C GLN F 36 -16.50 -31.98 -16.87
N GLU F 37 -17.11 -32.04 -18.07
CA GLU F 37 -16.69 -31.17 -19.18
C GLU F 37 -17.05 -29.72 -18.94
N VAL F 38 -18.18 -29.47 -18.31
CA VAL F 38 -18.61 -28.10 -18.03
C VAL F 38 -17.52 -27.41 -17.22
N LYS F 39 -16.98 -28.10 -16.20
CA LYS F 39 -15.94 -27.47 -15.38
C LYS F 39 -14.66 -27.24 -16.20
N ASN F 40 -14.31 -28.21 -17.07
CA ASN F 40 -13.11 -28.01 -17.87
C ASN F 40 -13.29 -26.72 -18.66
N TRP F 41 -14.49 -26.63 -19.27
CA TRP F 41 -14.91 -25.45 -20.01
C TRP F 41 -14.85 -24.17 -19.17
N MET F 42 -15.17 -24.28 -17.91
CA MET F 42 -15.13 -23.09 -17.07
C MET F 42 -13.74 -22.45 -16.94
N THR F 43 -12.72 -23.24 -16.60
CA THR F 43 -11.35 -22.68 -16.42
C THR F 43 -10.68 -22.15 -17.72
N GLU F 44 -10.86 -22.82 -18.83
CA GLU F 44 -10.21 -22.37 -20.04
C GLU F 44 -10.64 -20.98 -20.48
N THR F 45 -11.92 -20.75 -20.47
CA THR F 45 -12.48 -19.48 -20.94
C THR F 45 -12.53 -18.41 -19.86
N LEU F 46 -13.25 -18.69 -18.78
CA LEU F 46 -13.39 -17.71 -17.70
C LEU F 46 -12.10 -17.41 -17.00
N LEU F 47 -11.21 -18.39 -16.78
CA LEU F 47 -10.02 -18.04 -16.02
C LEU F 47 -9.25 -16.89 -16.67
N VAL F 48 -9.33 -16.78 -18.00
CA VAL F 48 -8.66 -15.71 -18.70
C VAL F 48 -9.49 -14.40 -18.80
N GLN F 49 -10.81 -14.46 -18.75
CA GLN F 49 -11.63 -13.25 -18.97
C GLN F 49 -11.99 -12.42 -17.74
N ASN F 50 -12.10 -13.04 -16.59
CA ASN F 50 -12.56 -12.34 -15.40
C ASN F 50 -11.47 -12.12 -14.38
N ALA F 51 -10.23 -11.90 -14.80
CA ALA F 51 -9.16 -11.79 -13.80
C ALA F 51 -8.06 -10.76 -14.02
N ASN F 52 -8.04 -9.74 -13.12
CA ASN F 52 -6.91 -8.80 -13.05
C ASN F 52 -6.36 -8.40 -14.43
N PRO F 53 -6.85 -7.34 -15.06
CA PRO F 53 -6.40 -6.96 -16.43
C PRO F 53 -4.88 -7.10 -16.66
N ASP F 54 -4.07 -7.02 -15.58
CA ASP F 54 -2.67 -7.25 -15.74
C ASP F 54 -2.47 -8.67 -16.24
N CYS F 55 -2.84 -9.63 -15.40
CA CYS F 55 -2.62 -11.03 -15.72
C CYS F 55 -3.45 -11.46 -16.87
N LYS F 56 -4.66 -10.90 -17.01
CA LYS F 56 -5.55 -11.27 -18.10
C LYS F 56 -4.94 -11.04 -19.45
N THR F 57 -4.23 -9.92 -19.60
CA THR F 57 -3.58 -9.66 -20.84
C THR F 57 -2.41 -10.65 -20.98
N ILE F 58 -1.81 -11.05 -19.85
CA ILE F 58 -0.72 -12.02 -19.92
C ILE F 58 -1.26 -13.37 -20.41
N LEU F 59 -2.43 -13.73 -19.90
CA LEU F 59 -3.01 -14.98 -20.30
C LEU F 59 -3.19 -15.00 -21.81
N LYS F 60 -3.73 -13.94 -22.39
CA LYS F 60 -3.90 -13.89 -23.84
C LYS F 60 -2.52 -13.94 -24.52
N ALA F 61 -1.60 -13.17 -23.97
CA ALA F 61 -0.24 -13.04 -24.49
C ALA F 61 0.55 -14.33 -24.54
N LEU F 62 0.42 -15.19 -23.53
CA LEU F 62 1.20 -16.43 -23.59
C LEU F 62 0.81 -17.18 -24.84
N GLY F 63 -0.46 -17.09 -25.16
CA GLY F 63 -0.98 -17.75 -26.33
C GLY F 63 -1.84 -18.94 -25.88
N PRO F 64 -3.05 -19.13 -26.40
CA PRO F 64 -3.89 -20.29 -25.98
C PRO F 64 -3.16 -21.63 -26.18
N GLY F 65 -3.71 -22.68 -25.60
CA GLY F 65 -3.02 -23.96 -25.65
C GLY F 65 -2.00 -24.03 -24.50
N ALA F 66 -1.72 -22.89 -23.84
CA ALA F 66 -0.82 -22.89 -22.74
C ALA F 66 -1.60 -23.34 -21.52
N THR F 67 -0.96 -24.14 -20.70
CA THR F 67 -1.59 -24.64 -19.49
C THR F 67 -1.48 -23.66 -18.33
N LEU F 68 -2.10 -24.03 -17.25
CA LEU F 68 -2.00 -23.23 -16.07
C LEU F 68 -0.59 -23.08 -15.65
N GLU F 69 0.30 -23.95 -16.10
CA GLU F 69 1.68 -23.85 -15.64
C GLU F 69 2.33 -22.63 -16.31
N GLU F 70 2.05 -22.48 -17.61
CA GLU F 70 2.58 -21.34 -18.38
C GLU F 70 1.93 -20.06 -17.90
N MET F 71 0.63 -20.13 -17.64
CA MET F 71 -0.12 -19.00 -17.12
C MET F 71 0.37 -18.70 -15.72
N MET F 72 0.68 -19.76 -14.98
CA MET F 72 1.19 -19.63 -13.62
C MET F 72 2.45 -18.82 -13.63
N THR F 73 3.39 -19.22 -14.46
CA THR F 73 4.69 -18.52 -14.47
C THR F 73 4.53 -17.07 -14.91
N ALA F 74 3.67 -16.86 -15.86
CA ALA F 74 3.46 -15.52 -16.42
C ALA F 74 2.49 -14.65 -15.62
N CYS F 75 1.65 -15.23 -14.80
CA CYS F 75 0.73 -14.43 -14.01
C CYS F 75 1.35 -14.13 -12.65
N GLN F 76 2.45 -14.89 -12.27
CA GLN F 76 3.18 -14.65 -10.98
C GLN F 76 3.90 -13.31 -10.96
N GLY F 77 4.46 -12.89 -12.10
CA GLY F 77 5.21 -11.63 -12.14
C GLY F 77 4.32 -10.40 -12.01
N VAL F 78 2.97 -10.58 -12.18
CA VAL F 78 1.94 -9.45 -11.99
C VAL F 78 2.23 -8.80 -10.64
N GLY F 79 1.88 -7.47 -10.32
CA GLY F 79 2.35 -7.02 -8.98
C GLY F 79 3.18 -5.75 -8.97
N GLY F 80 3.44 -5.08 -7.83
CA GLY F 80 4.12 -3.86 -8.08
C GLY F 80 5.60 -3.96 -8.49
N PRO F 81 6.41 -4.57 -7.70
CA PRO F 81 7.86 -4.73 -8.03
C PRO F 81 8.18 -5.35 -9.40
N GLY F 82 7.50 -6.46 -9.72
CA GLY F 82 7.79 -7.18 -10.95
C GLY F 82 7.09 -6.65 -12.21
N HIS F 83 5.77 -6.67 -12.24
CA HIS F 83 5.09 -6.25 -13.46
C HIS F 83 4.94 -4.75 -13.53
N LYS F 84 4.54 -4.10 -12.44
CA LYS F 84 4.36 -2.66 -12.51
C LYS F 84 5.67 -2.01 -12.78
N ALA F 85 6.74 -2.54 -12.24
CA ALA F 85 8.03 -1.90 -12.50
C ALA F 85 8.30 -1.86 -14.03
N ARG F 86 7.95 -2.94 -14.74
CA ARG F 86 8.14 -2.93 -16.19
C ARG F 86 7.17 -1.95 -16.87
N VAL F 87 5.93 -1.90 -16.38
CA VAL F 87 4.93 -1.01 -16.98
C VAL F 87 5.22 0.49 -16.72
N LEU F 88 5.82 0.80 -15.58
CA LEU F 88 6.06 2.21 -15.18
C LEU F 88 6.84 2.97 -16.25
N ALA F 89 7.85 2.33 -16.80
CA ALA F 89 8.65 2.97 -17.83
C ALA F 89 7.99 2.87 -19.21
N GLU F 90 7.49 1.67 -19.51
CA GLU F 90 6.86 1.44 -20.80
C GLU F 90 5.73 2.38 -21.06
N ALA F 91 4.98 2.74 -20.03
CA ALA F 91 3.87 3.65 -20.24
C ALA F 91 4.29 5.11 -20.17
N MET F 92 4.97 5.46 -19.09
CA MET F 92 5.40 6.84 -18.86
C MET F 92 6.38 7.35 -19.90
N SER F 93 7.35 6.55 -20.28
CA SER F 93 8.35 7.02 -21.23
C SER F 93 7.88 6.95 -22.67
N GLN F 94 6.77 6.29 -22.92
CA GLN F 94 6.24 6.19 -24.27
C GLN F 94 5.53 7.48 -24.65
N VAL F 95 4.48 7.73 -23.91
CA VAL F 95 3.61 8.85 -24.16
C VAL F 95 4.22 10.20 -23.82
N THR F 96 5.36 10.26 -23.12
CA THR F 96 5.80 11.59 -22.74
C THR F 96 6.02 12.55 -23.91
N ASN F 97 7.10 12.40 -24.73
CA ASN F 97 7.28 13.36 -25.86
C ASN F 97 7.07 12.88 -27.30
N THR F 98 8.04 12.09 -27.76
CA THR F 98 8.06 11.58 -29.13
C THR F 98 7.93 10.07 -29.21
N ALA F 99 8.24 9.40 -28.12
CA ALA F 99 8.26 7.94 -28.10
C ALA F 99 6.86 7.31 -27.99
N THR F 100 5.81 8.03 -28.36
CA THR F 100 4.49 7.45 -28.29
C THR F 100 4.41 6.36 -29.35
N ILE F 101 4.04 5.16 -28.92
CA ILE F 101 3.99 4.04 -29.81
C ILE F 101 2.64 3.99 -30.54
N MET F 102 2.71 3.99 -31.87
CA MET F 102 1.51 3.95 -32.69
C MET F 102 0.99 2.52 -32.81
C1 A1CCY G . 5.31 8.95 -2.22
C2 A1CCY G . 6.22 8.05 -2.66
C3 A1CCY G . 6.60 7.02 -1.78
C4 A1CCY G . 6.06 6.92 -0.52
C5 A1CCY G . 5.09 7.82 -0.10
C6 A1CCY G . 4.70 8.85 -0.92
C7 A1CCY G . 3.71 9.98 -0.65
C9 A1CCY G . 4.64 10.11 -2.89
N10 A1CCY G . 2.72 11.62 -2.32
C13 A1CCY G . 1.16 10.73 -4.08
C15 A1CCY G . 1.76 10.41 -6.45
C16 A1CCY G . 0.90 9.36 -6.60
C17 A1CCY G . 0.16 8.94 -5.47
C18 A1CCY G . 0.29 9.55 -4.22
C19 A1CCY G . 0.63 8.56 -7.87
C20 A1CCY G . 0.73 7.08 -7.59
C21 A1CCY G . 1.52 8.93 -9.09
C22 A1CCY G . -0.84 8.80 -8.22
C24 A1CCY G . -1.24 12.55 -1.31
C25 A1CCY G . -2.64 12.17 -1.14
C26 A1CCY G . -3.51 12.31 -2.16
C27 A1CCY G . -3.05 12.70 -3.36
C28 A1CCY G . -1.72 12.92 -3.56
C30 A1CCY G . -3.03 11.49 0.14
C11 A1CCY G . 1.31 11.53 -2.71
C14 A1CCY G . 1.95 11.05 -5.23
C12 A1CCY G . 0.71 12.95 -2.72
N23 A1CCY G . -0.82 12.97 -2.55
O29 A1CCY G . -0.40 12.60 -0.37
F31 A1CCY G . -2.24 10.55 0.47
F32 A1CCY G . -3.09 12.42 1.14
F33 A1CCY G . -4.21 10.92 0.09
C8 A1CCY G . 3.38 10.27 -2.10
H2 A1CCY G . 6.70 8.28 -3.61
H3 A1CCY G . 7.41 6.33 -1.99
H4 A1CCY G . 6.39 6.11 0.11
H5 A1CCY G . 4.54 7.75 0.82
H7B A1CCY G . 2.81 9.76 -0.06
H7A A1CCY G . 4.11 10.90 -0.18
H9A A1CCY G . 4.49 9.86 -3.96
H9B A1CCY G . 5.28 10.99 -2.74
H1 A1CCY G . 2.91 12.16 -1.48
H15 A1CCY G . 2.38 10.77 -7.25
H17 A1CCY G . -0.51 8.09 -5.41
H18 A1CCY G . -0.36 9.25 -3.41
H20B A1CCY G . 1.77 6.84 -7.30
H20C A1CCY G . 0.39 6.51 -8.48
H20A A1CCY G . 0.15 6.74 -6.70
H21C A1CCY G . 2.57 8.67 -8.85
H21A A1CCY G . 1.35 9.97 -9.45
H21B A1CCY G . 1.34 8.24 -9.92
H22B A1CCY G . -0.87 9.75 -8.80
H22C A1CCY G . -1.53 8.78 -7.35
H22A A1CCY G . -1.17 8.08 -8.98
H26 A1CCY G . -4.48 11.80 -2.14
H27 A1CCY G . -3.67 12.52 -4.23
H28 A1CCY G . -1.25 13.05 -4.53
H11 A1CCY G . 0.76 10.83 -2.04
H14 A1CCY G . 2.70 11.83 -5.19
H12B A1CCY G . 0.76 13.50 -3.69
H12A A1CCY G . 1.10 13.63 -1.94
H8 A1CCY G . 2.73 9.41 -2.32
C1 IHP H . -1.98 3.52 -2.05
C2 IHP H . -2.28 3.90 -0.55
C3 IHP H . -1.04 3.61 0.31
C4 IHP H . 0.09 4.43 -0.19
C5 IHP H . 0.44 3.73 -1.56
C6 IHP H . -0.75 4.21 -2.58
O11 IHP H . -3.15 3.78 -2.88
P1 IHP H . -4.14 2.54 -3.27
O21 IHP H . -3.71 1.38 -2.43
O31 IHP H . -5.63 3.03 -3.08
O41 IHP H . -3.86 2.30 -4.70
O12 IHP H . -2.58 5.36 -0.48
P2 IHP H . -3.89 5.87 0.23
O22 IHP H . -4.92 4.75 0.43
O32 IHP H . -4.45 6.95 -0.64
O42 IHP H . -3.53 6.42 1.54
O13 IHP H . -1.34 3.88 1.62
P3 IHP H . -1.00 2.88 2.78
O23 IHP H . -2.31 2.31 3.28
O33 IHP H . 0.03 1.87 2.31
O43 IHP H . -0.45 3.85 3.83
O14 IHP H . 1.17 4.35 0.72
P4 IHP H . 2.15 5.56 1.18
O24 IHP H . 2.99 5.91 -0.02
O34 IHP H . 1.48 6.77 1.76
O44 IHP H . 3.05 4.99 2.26
O15 IHP H . 1.77 4.00 -1.99
P5 IHP H . 2.90 2.86 -2.02
O25 IHP H . 4.05 3.63 -2.67
O35 IHP H . 2.38 1.68 -2.77
O45 IHP H . 3.17 2.42 -0.63
O16 IHP H . -0.42 3.72 -3.93
P6 IHP H . -0.12 4.55 -5.18
O26 IHP H . 1.01 5.53 -4.94
O36 IHP H . 0.41 3.47 -6.11
O46 IHP H . -1.32 5.29 -5.66
H1 IHP H . -1.59 2.48 -2.02
H2 IHP H . -3.02 3.18 -0.14
H3 IHP H . -0.82 2.53 0.12
H4 IHP H . -0.28 5.46 -0.39
H5 IHP H . 0.22 2.64 -1.52
H6 IHP H . -0.83 5.32 -2.50
N GLY A 1 -35.27 -2.79 -0.70
CA GLY A 1 -34.52 -1.92 -1.63
C GLY A 1 -34.30 -0.53 -1.09
N GLY A 2 -33.10 -0.19 -0.74
CA GLY A 2 -32.82 1.14 -0.21
C GLY A 2 -32.98 1.22 1.31
N SER A 3 -32.43 0.23 2.00
CA SER A 3 -32.38 0.18 3.46
C SER A 3 -31.81 1.37 3.99
N PRO A 4 -31.93 1.56 5.28
CA PRO A 4 -31.34 2.72 5.86
C PRO A 4 -29.92 2.37 5.60
N THR A 5 -29.19 3.28 4.93
CA THR A 5 -27.78 3.05 4.50
C THR A 5 -27.58 2.28 3.16
N SER A 6 -28.61 2.13 2.33
CA SER A 6 -28.47 1.28 1.16
C SER A 6 -28.10 1.85 -0.16
N ILE A 7 -28.75 2.96 -0.44
CA ILE A 7 -28.75 3.75 -1.69
C ILE A 7 -28.57 5.19 -1.43
N LEU A 8 -29.18 5.62 -0.36
CA LEU A 8 -29.15 6.97 0.02
C LEU A 8 -27.72 7.34 0.31
N ASP A 9 -26.91 6.43 0.97
CA ASP A 9 -25.52 6.74 1.02
C ASP A 9 -24.61 5.63 0.51
N ILE A 10 -25.05 4.62 -0.32
CA ILE A 10 -24.01 3.62 -0.54
C ILE A 10 -22.96 4.12 -1.50
N ARG A 11 -21.69 4.08 -1.06
CA ARG A 11 -20.60 4.65 -1.85
C ARG A 11 -19.34 3.75 -2.05
N GLN A 12 -18.77 3.86 -3.26
CA GLN A 12 -17.59 3.07 -3.63
C GLN A 12 -16.29 3.74 -3.23
N GLY A 13 -15.47 2.96 -2.53
CA GLY A 13 -14.22 3.45 -2.09
C GLY A 13 -13.31 3.72 -3.29
N PRO A 14 -12.35 4.63 -3.13
CA PRO A 14 -11.41 4.97 -4.25
C PRO A 14 -10.63 3.74 -4.66
N LYS A 15 -10.14 3.01 -3.64
CA LYS A 15 -9.39 1.78 -3.91
C LYS A 15 -10.38 0.58 -4.08
N GLU A 16 -11.58 0.73 -3.47
CA GLU A 16 -12.59 -0.28 -3.53
C GLU A 16 -13.04 -0.48 -5.01
N PRO A 17 -13.03 -1.68 -5.57
CA PRO A 17 -13.43 -1.88 -6.99
C PRO A 17 -14.91 -1.72 -7.21
N PHE A 18 -15.22 -1.62 -8.48
CA PHE A 18 -16.58 -1.46 -8.88
C PHE A 18 -17.38 -2.62 -8.34
N ARG A 19 -16.81 -3.84 -8.36
CA ARG A 19 -17.52 -5.02 -7.84
C ARG A 19 -17.75 -4.99 -6.32
N ASP A 20 -16.74 -4.63 -5.54
CA ASP A 20 -16.97 -4.66 -4.10
C ASP A 20 -18.11 -3.75 -3.71
N TYR A 21 -18.14 -2.58 -4.32
CA TYR A 21 -19.19 -1.60 -4.05
C TYR A 21 -20.51 -1.98 -4.65
N VAL A 22 -20.48 -2.45 -5.90
CA VAL A 22 -21.73 -2.85 -6.52
C VAL A 22 -22.34 -3.91 -5.64
N ASP A 23 -21.50 -4.81 -5.11
CA ASP A 23 -21.99 -5.83 -4.21
C ASP A 23 -22.59 -5.12 -2.97
N ARG A 24 -21.94 -4.06 -2.51
CA ARG A 24 -22.49 -3.32 -1.38
C ARG A 24 -23.78 -2.65 -1.76
N PHE A 25 -23.97 -2.39 -3.02
CA PHE A 25 -25.14 -1.75 -3.47
C PHE A 25 -26.28 -2.75 -3.53
N TYR A 26 -26.03 -3.89 -4.12
CA TYR A 26 -27.06 -4.87 -4.28
C TYR A 26 -27.44 -5.54 -2.97
N LYS A 27 -26.46 -5.94 -2.20
CA LYS A 27 -26.76 -6.64 -0.98
C LYS A 27 -27.57 -5.74 -0.09
N THR A 28 -27.10 -4.52 0.11
CA THR A 28 -27.83 -3.62 1.00
C THR A 28 -29.19 -3.30 0.46
N LEU A 29 -29.47 -3.49 -0.83
CA LEU A 29 -30.84 -3.23 -1.22
C LEU A 29 -31.79 -4.15 -0.45
N ARG A 30 -31.42 -5.39 -0.24
CA ARG A 30 -32.32 -6.34 0.43
C ARG A 30 -32.75 -6.00 1.85
N ALA A 31 -32.09 -5.09 2.51
CA ALA A 31 -32.47 -4.82 3.89
C ALA A 31 -33.79 -4.04 4.06
N GLU A 32 -34.31 -3.26 3.06
CA GLU A 32 -35.58 -2.52 3.31
C GLU A 32 -36.72 -3.11 2.52
N GLN A 33 -37.93 -2.77 2.94
CA GLN A 33 -39.11 -3.15 2.20
C GLN A 33 -39.46 -2.03 1.17
N ALA A 34 -38.94 -2.13 -0.05
CA ALA A 34 -39.19 -1.12 -1.09
C ALA A 34 -39.90 -1.70 -2.28
N SER A 35 -40.75 -0.89 -2.90
CA SER A 35 -41.48 -1.34 -4.07
C SER A 35 -40.48 -1.85 -5.08
N GLN A 36 -40.89 -2.82 -5.88
CA GLN A 36 -40.01 -3.44 -6.88
C GLN A 36 -39.45 -2.40 -7.87
N GLU A 37 -40.33 -1.57 -8.44
CA GLU A 37 -39.88 -0.48 -9.38
C GLU A 37 -39.02 0.48 -8.62
N VAL A 38 -39.36 0.71 -7.32
CA VAL A 38 -38.55 1.60 -6.49
C VAL A 38 -37.14 1.07 -6.37
N LYS A 39 -36.97 -0.22 -6.14
CA LYS A 39 -35.61 -0.72 -6.03
C LYS A 39 -34.91 -0.56 -7.37
N ASN A 40 -35.61 -0.90 -8.46
CA ASN A 40 -34.98 -0.86 -9.78
C ASN A 40 -34.52 0.56 -10.11
N TRP A 41 -35.36 1.50 -9.74
CA TRP A 41 -35.08 2.90 -9.93
C TRP A 41 -33.75 3.21 -9.22
N MET A 42 -33.63 2.72 -8.00
CA MET A 42 -32.40 2.92 -7.25
C MET A 42 -31.17 2.29 -7.98
N THR A 43 -31.31 1.09 -8.51
CA THR A 43 -30.16 0.47 -9.16
C THR A 43 -29.61 1.36 -10.27
N GLU A 44 -30.49 1.93 -11.06
CA GLU A 44 -30.02 2.76 -12.13
C GLU A 44 -29.46 4.09 -11.63
N THR A 45 -30.35 4.84 -11.02
CA THR A 45 -30.04 6.18 -10.55
C THR A 45 -28.94 6.24 -9.52
N LEU A 46 -28.96 5.38 -8.47
CA LEU A 46 -27.93 5.47 -7.43
C LEU A 46 -26.66 4.70 -7.69
N LEU A 47 -26.68 3.67 -8.50
CA LEU A 47 -25.44 2.93 -8.70
C LEU A 47 -24.35 3.76 -9.37
N VAL A 48 -24.71 4.59 -10.33
CA VAL A 48 -23.71 5.34 -11.10
C VAL A 48 -23.19 6.59 -10.42
N GLN A 49 -24.12 7.38 -9.88
CA GLN A 49 -23.83 8.66 -9.26
C GLN A 49 -22.95 8.61 -8.01
N ASN A 50 -23.29 7.73 -7.09
CA ASN A 50 -22.57 7.67 -5.81
C ASN A 50 -21.45 6.64 -5.81
N ALA A 51 -20.77 6.42 -6.94
CA ALA A 51 -19.77 5.37 -6.99
C ALA A 51 -18.40 5.70 -7.58
N ASN A 52 -17.39 5.93 -6.68
CA ASN A 52 -15.98 5.98 -7.12
C ASN A 52 -15.68 6.71 -8.42
N PRO A 53 -15.32 7.96 -8.45
CA PRO A 53 -15.07 8.66 -9.74
C PRO A 53 -14.23 7.87 -10.80
N ASP A 54 -13.46 6.80 -10.43
CA ASP A 54 -12.74 6.05 -11.49
C ASP A 54 -13.74 5.33 -12.34
N CYS A 55 -14.66 4.59 -11.66
CA CYS A 55 -15.71 3.87 -12.38
C CYS A 55 -16.80 4.82 -12.83
N LYS A 56 -17.18 5.81 -12.03
CA LYS A 56 -18.24 6.74 -12.48
C LYS A 56 -17.87 7.40 -13.81
N THR A 57 -16.62 7.79 -13.96
CA THR A 57 -16.21 8.38 -15.22
C THR A 57 -16.36 7.33 -16.34
N ILE A 58 -16.23 6.04 -15.96
CA ILE A 58 -16.38 4.90 -16.92
C ILE A 58 -17.82 4.64 -17.29
N LEU A 59 -18.71 4.65 -16.31
CA LEU A 59 -20.12 4.40 -16.56
C LEU A 59 -20.64 5.47 -17.49
N LYS A 60 -20.16 6.72 -17.30
CA LYS A 60 -20.53 7.85 -18.20
C LYS A 60 -19.86 7.66 -19.61
N ALA A 61 -18.64 7.14 -19.59
CA ALA A 61 -17.89 6.90 -20.82
C ALA A 61 -18.52 5.80 -21.67
N LEU A 62 -18.99 4.76 -21.02
CA LEU A 62 -19.61 3.68 -21.74
C LEU A 62 -20.84 4.25 -22.44
N GLY A 63 -21.52 5.11 -21.72
CA GLY A 63 -22.72 5.70 -22.22
C GLY A 63 -23.92 5.09 -21.47
N PRO A 64 -24.83 5.88 -20.91
CA PRO A 64 -25.99 5.29 -20.18
C PRO A 64 -26.76 4.39 -21.09
N GLY A 65 -27.38 3.42 -20.50
CA GLY A 65 -28.13 2.39 -21.22
C GLY A 65 -27.31 1.09 -21.24
N ALA A 66 -26.01 1.17 -20.94
CA ALA A 66 -25.23 -0.03 -20.91
C ALA A 66 -25.64 -0.85 -19.71
N THR A 67 -25.73 -2.14 -19.90
CA THR A 67 -26.11 -3.01 -18.82
C THR A 67 -24.97 -3.10 -17.80
N LEU A 68 -25.22 -3.76 -16.72
CA LEU A 68 -24.19 -3.95 -15.73
C LEU A 68 -23.13 -4.85 -16.27
N GLU A 69 -23.49 -5.71 -17.19
CA GLU A 69 -22.51 -6.62 -17.72
C GLU A 69 -21.43 -5.73 -18.33
N GLU A 70 -21.83 -4.61 -18.91
CA GLU A 70 -20.86 -3.70 -19.51
C GLU A 70 -20.16 -2.80 -18.48
N MET A 71 -20.93 -2.24 -17.55
CA MET A 71 -20.34 -1.36 -16.55
C MET A 71 -19.27 -2.12 -15.76
N MET A 72 -19.57 -3.38 -15.45
CA MET A 72 -18.66 -4.24 -14.69
C MET A 72 -17.37 -4.47 -15.44
N THR A 73 -17.48 -5.17 -16.58
CA THR A 73 -16.30 -5.51 -17.40
C THR A 73 -15.31 -4.34 -17.52
N ALA A 74 -15.83 -3.19 -17.98
CA ALA A 74 -15.03 -2.01 -18.15
C ALA A 74 -14.47 -1.49 -16.83
N CYS A 75 -15.31 -1.48 -15.79
CA CYS A 75 -14.85 -0.91 -14.54
C CYS A 75 -13.92 -1.85 -13.77
N GLN A 76 -13.85 -3.10 -14.18
CA GLN A 76 -12.94 -4.01 -13.48
C GLN A 76 -11.51 -3.50 -13.54
N GLY A 77 -11.19 -2.76 -14.57
CA GLY A 77 -9.83 -2.23 -14.72
C GLY A 77 -9.50 -1.23 -13.61
N VAL A 78 -10.58 -0.67 -12.96
CA VAL A 78 -10.45 0.34 -11.89
C VAL A 78 -9.47 -0.27 -10.99
N GLY A 79 -8.42 0.49 -10.59
CA GLY A 79 -7.31 -0.29 -10.05
C GLY A 79 -6.04 0.28 -10.63
N GLY A 80 -4.85 -0.15 -10.20
CA GLY A 80 -3.74 0.55 -10.74
C GLY A 80 -3.21 0.18 -12.13
N PRO A 81 -2.94 -1.05 -12.41
CA PRO A 81 -2.39 -1.41 -13.73
C PRO A 81 -3.32 -1.09 -14.89
N GLY A 82 -4.59 -1.44 -14.75
CA GLY A 82 -5.54 -1.24 -15.82
C GLY A 82 -6.05 0.18 -15.96
N HIS A 83 -6.56 0.76 -14.87
CA HIS A 83 -7.14 2.10 -14.93
C HIS A 83 -6.16 3.23 -14.62
N LYS A 84 -5.20 3.04 -13.63
CA LYS A 84 -4.23 4.12 -13.31
C LYS A 84 -3.06 4.18 -14.27
N ALA A 85 -2.74 3.07 -14.90
CA ALA A 85 -1.61 3.12 -15.83
C ALA A 85 -1.93 4.14 -16.91
N ARG A 86 -3.19 4.14 -17.32
CA ARG A 86 -3.66 5.05 -18.35
C ARG A 86 -3.84 6.48 -17.86
N VAL A 87 -4.44 6.65 -16.70
CA VAL A 87 -4.72 8.00 -16.21
C VAL A 87 -3.48 8.80 -15.84
N LEU A 88 -2.58 8.21 -15.06
CA LEU A 88 -1.39 8.94 -14.63
C LEU A 88 -0.57 9.32 -15.84
N ALA A 89 -0.35 8.35 -16.70
CA ALA A 89 0.47 8.59 -17.89
C ALA A 89 -0.13 9.70 -18.77
N GLU A 90 -1.45 9.68 -18.95
CA GLU A 90 -2.12 10.68 -19.77
C GLU A 90 -2.10 12.07 -19.17
N ALA A 91 -2.35 12.14 -17.89
CA ALA A 91 -2.32 13.42 -17.21
C ALA A 91 -0.87 13.93 -17.15
N MET A 92 0.08 13.00 -17.17
CA MET A 92 1.50 13.33 -17.06
C MET A 92 2.10 13.84 -18.36
N SER A 93 1.53 13.46 -19.50
CA SER A 93 2.09 13.90 -20.78
C SER A 93 1.19 14.88 -21.50
N GLN A 94 -0.07 14.95 -21.10
CA GLN A 94 -1.02 15.90 -21.70
C GLN A 94 -0.69 17.35 -21.25
N VAL A 95 -0.57 17.52 -19.95
CA VAL A 95 -0.25 18.83 -19.37
C VAL A 95 1.18 19.22 -19.68
N THR A 96 2.10 18.28 -19.66
CA THR A 96 3.49 18.64 -19.90
C THR A 96 3.71 19.26 -21.30
N ASN A 97 3.20 18.62 -22.34
CA ASN A 97 3.39 19.11 -23.72
C ASN A 97 2.42 20.23 -24.06
N THR A 98 1.20 20.00 -23.64
CA THR A 98 0.06 20.87 -23.89
C THR A 98 -0.24 21.79 -22.71
N ALA A 99 0.77 22.15 -21.92
CA ALA A 99 0.55 22.92 -20.69
C ALA A 99 -0.39 24.08 -20.87
N THR A 100 -0.53 24.58 -22.08
CA THR A 100 -1.51 25.61 -22.30
C THR A 100 -2.78 24.94 -22.81
N ILE A 101 -3.81 24.95 -21.99
CA ILE A 101 -5.08 24.34 -22.37
C ILE A 101 -6.19 25.39 -22.31
N MET A 102 -6.92 25.55 -23.41
CA MET A 102 -8.00 26.51 -23.47
C MET A 102 -9.36 25.82 -23.44
N GLY B 1 -22.60 16.73 20.50
CA GLY B 1 -21.90 17.94 20.01
C GLY B 1 -20.59 18.21 20.79
N GLY B 2 -19.47 17.69 20.29
CA GLY B 2 -18.17 17.89 20.93
C GLY B 2 -17.93 16.98 22.14
N SER B 3 -18.36 15.73 22.06
CA SER B 3 -18.12 14.78 23.16
C SER B 3 -16.65 14.61 23.26
N PRO B 4 -16.18 14.08 24.35
CA PRO B 4 -14.78 13.71 24.39
C PRO B 4 -14.75 12.60 23.35
N THR B 5 -13.80 12.67 22.41
CA THR B 5 -13.68 11.70 21.30
C THR B 5 -14.59 11.98 20.10
N SER B 6 -15.59 12.84 20.22
CA SER B 6 -16.51 13.01 19.10
C SER B 6 -16.27 14.08 18.05
N ILE B 7 -15.98 15.33 18.44
CA ILE B 7 -15.78 16.49 17.49
C ILE B 7 -14.51 17.31 17.78
N LEU B 8 -14.27 17.63 19.03
CA LEU B 8 -13.10 18.39 19.34
C LEU B 8 -11.88 17.61 18.92
N ASP B 9 -11.83 16.23 19.06
CA ASP B 9 -10.72 15.59 18.44
C ASP B 9 -11.11 14.88 17.16
N ILE B 10 -12.30 15.17 16.45
CA ILE B 10 -12.53 14.20 15.37
C ILE B 10 -11.71 14.51 14.11
N ARG B 11 -10.85 13.56 13.70
CA ARG B 11 -9.98 13.82 12.53
C ARG B 11 -9.83 12.64 11.55
N GLN B 12 -9.90 13.00 10.24
CA GLN B 12 -9.73 12.05 9.10
C GLN B 12 -8.27 12.03 8.65
N GLY B 13 -7.74 10.86 8.33
CA GLY B 13 -6.34 10.74 7.88
C GLY B 13 -6.22 10.87 6.35
N PRO B 14 -5.11 11.29 5.80
CA PRO B 14 -5.00 11.43 4.32
C PRO B 14 -5.27 10.11 3.64
N LYS B 15 -4.78 9.00 4.21
CA LYS B 15 -5.10 7.68 3.64
C LYS B 15 -6.58 7.38 3.79
N GLU B 16 -7.20 8.03 4.76
CA GLU B 16 -8.55 7.76 5.09
C GLU B 16 -9.61 8.41 4.16
N PRO B 17 -10.71 7.74 3.83
CA PRO B 17 -11.74 8.36 2.96
C PRO B 17 -12.68 9.24 3.72
N PHE B 18 -13.18 10.19 3.00
CA PHE B 18 -14.14 11.10 3.53
C PHE B 18 -15.35 10.31 4.07
N ARG B 19 -15.55 9.09 3.57
CA ARG B 19 -16.68 8.27 4.02
C ARG B 19 -16.60 7.83 5.48
N ASP B 20 -15.55 7.09 5.80
CA ASP B 20 -15.37 6.58 7.13
C ASP B 20 -15.28 7.71 8.12
N TYR B 21 -14.61 8.79 7.76
CA TYR B 21 -14.55 9.90 8.67
C TYR B 21 -15.89 10.56 8.80
N VAL B 22 -16.57 10.85 7.68
CA VAL B 22 -17.89 11.46 7.78
C VAL B 22 -18.78 10.59 8.66
N ASP B 23 -18.55 9.29 8.57
CA ASP B 23 -19.28 8.31 9.37
C ASP B 23 -18.84 8.46 10.82
N ARG B 24 -17.54 8.69 11.02
CA ARG B 24 -17.02 8.86 12.38
C ARG B 24 -17.66 10.07 13.02
N PHE B 25 -17.63 11.19 12.33
CA PHE B 25 -18.17 12.45 12.81
C PHE B 25 -19.61 12.32 13.26
N TYR B 26 -20.42 11.68 12.46
CA TYR B 26 -21.83 11.55 12.77
C TYR B 26 -22.09 10.49 13.82
N LYS B 27 -21.50 9.33 13.59
CA LYS B 27 -21.66 8.21 14.49
C LYS B 27 -21.16 8.54 15.89
N THR B 28 -20.10 9.31 15.98
CA THR B 28 -19.51 9.61 17.28
C THR B 28 -20.23 10.70 18.04
N LEU B 29 -20.89 11.68 17.37
CA LEU B 29 -21.64 12.73 18.11
C LEU B 29 -22.73 12.10 18.97
N ARG B 30 -23.11 10.87 18.68
CA ARG B 30 -24.11 10.22 19.50
C ARG B 30 -23.56 10.01 20.94
N ALA B 31 -22.24 10.23 21.14
CA ALA B 31 -21.60 10.05 22.42
C ALA B 31 -21.94 11.10 23.48
N GLU B 32 -22.12 12.39 23.10
CA GLU B 32 -22.47 13.43 24.09
C GLU B 32 -23.88 14.01 23.96
N GLN B 33 -24.21 14.85 24.96
CA GLN B 33 -25.47 15.58 24.99
C GLN B 33 -25.27 17.08 24.66
N ALA B 34 -25.61 17.49 23.44
CA ALA B 34 -25.46 18.90 23.04
C ALA B 34 -26.75 19.47 22.48
N SER B 35 -26.90 20.79 22.52
CA SER B 35 -28.10 21.41 21.93
C SER B 35 -28.08 21.16 20.43
N GLN B 36 -29.23 21.12 19.80
CA GLN B 36 -29.26 20.83 18.39
C GLN B 36 -28.46 21.88 17.63
N GLU B 37 -28.75 23.16 17.88
CA GLU B 37 -28.01 24.21 17.22
C GLU B 37 -26.52 24.01 17.47
N VAL B 38 -26.18 23.57 18.68
CA VAL B 38 -24.79 23.28 19.03
C VAL B 38 -24.22 22.10 18.20
N LYS B 39 -25.02 21.05 17.91
CA LYS B 39 -24.48 19.87 17.17
C LYS B 39 -24.25 20.10 15.68
N ASN B 40 -25.27 20.58 14.99
CA ASN B 40 -25.14 20.84 13.54
C ASN B 40 -24.05 21.92 13.29
N TRP B 41 -23.91 22.82 14.27
CA TRP B 41 -22.86 23.87 14.31
C TRP B 41 -21.51 23.18 14.03
N MET B 42 -21.41 21.88 14.40
CA MET B 42 -20.21 21.05 14.21
C MET B 42 -20.16 20.37 12.86
N THR B 43 -21.29 19.84 12.44
CA THR B 43 -21.32 19.18 11.14
C THR B 43 -20.90 20.21 10.11
N GLU B 44 -21.27 21.50 10.37
CA GLU B 44 -20.88 22.63 9.48
C GLU B 44 -19.54 23.30 9.87
N THR B 45 -19.28 23.49 11.16
CA THR B 45 -18.02 24.17 11.55
C THR B 45 -16.84 23.21 11.73
N LEU B 46 -17.04 22.03 12.28
CA LEU B 46 -15.91 21.12 12.44
C LEU B 46 -15.64 20.25 11.18
N LEU B 47 -16.68 19.45 10.74
CA LEU B 47 -16.52 18.44 9.63
C LEU B 47 -15.53 18.85 8.56
N VAL B 48 -15.47 20.13 8.22
CA VAL B 48 -14.55 20.58 7.19
C VAL B 48 -13.15 20.88 7.74
N GLN B 49 -13.11 21.64 8.84
CA GLN B 49 -11.84 22.08 9.47
C GLN B 49 -10.91 20.95 9.97
N ASN B 50 -11.49 19.93 10.54
CA ASN B 50 -10.71 18.83 11.10
C ASN B 50 -10.68 17.56 10.22
N ALA B 51 -10.53 17.66 8.85
CA ALA B 51 -10.55 16.39 8.06
C ALA B 51 -9.71 16.29 6.75
N ASN B 52 -8.72 15.32 6.72
CA ASN B 52 -8.01 14.87 5.47
C ASN B 52 -7.55 15.89 4.47
N PRO B 53 -6.33 16.38 4.43
CA PRO B 53 -5.92 17.37 3.38
C PRO B 53 -6.43 17.06 1.97
N ASP B 54 -6.40 15.80 1.52
CA ASP B 54 -6.97 15.49 0.21
C ASP B 54 -8.39 15.97 0.15
N CYS B 55 -9.15 15.75 1.20
CA CYS B 55 -10.52 16.19 1.15
C CYS B 55 -10.63 17.69 1.53
N LYS B 56 -10.07 18.15 2.66
CA LYS B 56 -10.19 19.55 3.06
C LYS B 56 -9.77 20.50 1.94
N THR B 57 -8.67 20.21 1.28
CA THR B 57 -8.21 21.06 0.18
C THR B 57 -9.34 21.20 -0.85
N ILE B 58 -10.17 20.14 -0.95
CA ILE B 58 -11.35 20.17 -1.82
C ILE B 58 -12.46 20.96 -1.16
N LEU B 59 -12.79 20.64 0.11
CA LEU B 59 -13.91 21.31 0.79
C LEU B 59 -13.79 22.84 0.64
N LYS B 60 -12.61 23.39 0.95
CA LYS B 60 -12.38 24.83 0.81
C LYS B 60 -12.55 25.30 -0.65
N ALA B 61 -12.41 24.35 -1.58
CA ALA B 61 -12.52 24.64 -3.02
C ALA B 61 -13.96 24.58 -3.56
N LEU B 62 -14.67 23.48 -3.29
CA LEU B 62 -16.04 23.36 -3.74
C LEU B 62 -16.78 24.53 -3.15
N GLY B 63 -16.57 24.72 -1.86
CA GLY B 63 -17.15 25.83 -1.16
C GLY B 63 -18.06 25.39 0.04
N PRO B 64 -18.08 26.14 1.18
CA PRO B 64 -18.99 25.85 2.33
C PRO B 64 -20.46 26.10 1.96
N GLY B 65 -21.33 25.18 2.30
CA GLY B 65 -22.74 25.32 1.99
C GLY B 65 -23.14 24.50 0.79
N ALA B 66 -22.16 24.02 0.01
CA ALA B 66 -22.47 23.18 -1.12
C ALA B 66 -23.08 21.90 -0.57
N THR B 67 -24.08 21.36 -1.24
CA THR B 67 -24.71 20.16 -0.72
C THR B 67 -23.66 19.09 -0.55
N LEU B 68 -24.00 18.09 0.26
CA LEU B 68 -23.05 17.02 0.51
C LEU B 68 -22.87 16.22 -0.74
N GLU B 69 -23.80 16.28 -1.66
CA GLU B 69 -23.58 15.54 -2.85
C GLU B 69 -22.35 16.19 -3.50
N GLU B 70 -22.28 17.52 -3.44
CA GLU B 70 -21.10 18.20 -3.99
C GLU B 70 -19.84 17.76 -3.24
N MET B 71 -19.93 17.61 -1.90
CA MET B 71 -18.76 17.13 -1.13
C MET B 71 -18.53 15.62 -1.39
N MET B 72 -19.37 14.79 -0.84
CA MET B 72 -19.26 13.34 -1.00
C MET B 72 -19.03 12.87 -2.44
N THR B 73 -19.43 13.60 -3.44
CA THR B 73 -19.18 13.11 -4.78
C THR B 73 -17.75 13.47 -5.16
N ALA B 74 -17.28 14.59 -4.65
CA ALA B 74 -15.94 15.02 -4.95
C ALA B 74 -14.90 14.31 -4.09
N CYS B 75 -15.11 14.32 -2.76
CA CYS B 75 -14.17 13.76 -1.80
C CYS B 75 -14.01 12.29 -1.96
N GLN B 76 -14.94 11.64 -2.63
CA GLN B 76 -14.74 10.24 -2.88
C GLN B 76 -13.48 10.07 -3.69
N GLY B 77 -13.08 11.12 -4.44
CA GLY B 77 -11.89 11.00 -5.24
C GLY B 77 -10.69 10.84 -4.33
N VAL B 78 -10.79 11.39 -3.07
CA VAL B 78 -9.66 11.28 -2.03
C VAL B 78 -9.34 9.85 -2.01
N GLY B 79 -8.02 9.39 -1.93
CA GLY B 79 -7.89 7.94 -2.14
C GLY B 79 -6.91 7.68 -3.21
N GLY B 80 -6.42 6.46 -3.44
CA GLY B 80 -5.32 6.41 -4.40
C GLY B 80 -5.53 6.74 -5.87
N PRO B 81 -6.43 6.17 -6.55
CA PRO B 81 -6.54 6.46 -8.01
C PRO B 81 -7.04 7.87 -8.36
N GLY B 82 -8.15 8.24 -7.75
CA GLY B 82 -8.84 9.52 -8.07
C GLY B 82 -8.10 10.80 -7.76
N HIS B 83 -7.67 10.94 -6.51
CA HIS B 83 -7.06 12.17 -6.05
C HIS B 83 -5.62 12.24 -6.43
N LYS B 84 -5.01 11.10 -6.38
CA LYS B 84 -3.60 11.06 -6.56
C LYS B 84 -3.08 11.01 -7.96
N ALA B 85 -3.74 10.33 -8.89
CA ALA B 85 -3.29 10.34 -10.29
C ALA B 85 -3.01 11.78 -10.79
N ARG B 86 -3.71 12.73 -10.18
CA ARG B 86 -3.62 14.13 -10.50
C ARG B 86 -2.60 14.97 -9.71
N VAL B 87 -2.83 15.10 -8.39
CA VAL B 87 -2.09 16.05 -7.53
C VAL B 87 -0.55 16.10 -7.49
N LEU B 88 0.14 15.07 -7.05
CA LEU B 88 1.61 15.16 -6.99
C LEU B 88 2.13 15.09 -8.35
N ALA B 89 1.56 14.14 -9.04
CA ALA B 89 1.95 13.89 -10.33
C ALA B 89 1.89 15.24 -11.16
N GLU B 90 1.00 16.20 -10.74
CA GLU B 90 0.88 17.53 -11.39
C GLU B 90 1.94 18.54 -10.94
N ALA B 91 2.18 18.69 -9.65
CA ALA B 91 3.20 19.64 -9.25
C ALA B 91 4.56 19.16 -9.82
N MET B 92 4.72 17.83 -9.80
CA MET B 92 5.94 17.19 -10.30
C MET B 92 6.32 17.75 -11.66
N SER B 93 5.36 17.82 -12.56
CA SER B 93 5.65 18.37 -13.87
C SER B 93 5.50 19.89 -13.87
N GLN B 94 4.89 20.46 -12.82
CA GLN B 94 4.75 21.91 -12.74
C GLN B 94 6.07 22.58 -12.37
N VAL B 95 6.61 22.26 -11.20
CA VAL B 95 7.86 22.88 -10.79
C VAL B 95 8.91 22.58 -11.84
N THR B 96 8.89 21.36 -12.32
CA THR B 96 9.82 20.93 -13.34
C THR B 96 9.66 21.73 -14.63
N ASN B 97 8.46 22.30 -14.89
CA ASN B 97 8.28 22.97 -16.18
C ASN B 97 9.26 24.10 -16.46
N THR B 98 9.43 25.10 -15.56
CA THR B 98 10.46 26.11 -15.86
C THR B 98 11.65 25.96 -14.94
N ALA B 99 11.53 26.43 -13.69
CA ALA B 99 12.55 26.19 -12.69
C ALA B 99 12.03 26.45 -11.30
N THR B 100 11.52 27.69 -11.21
CA THR B 100 11.00 28.30 -9.99
C THR B 100 9.58 28.80 -10.20
N ILE B 101 8.80 28.86 -9.13
CA ILE B 101 7.44 29.35 -9.22
C ILE B 101 7.22 30.47 -8.20
N MET B 102 6.82 31.64 -8.68
CA MET B 102 6.59 32.78 -7.79
C MET B 102 5.13 32.82 -7.34
N GLY C 1 1.54 7.46 34.53
CA GLY C 1 2.57 8.11 33.68
C GLY C 1 3.59 7.08 33.28
N GLY C 2 3.75 6.79 32.00
CA GLY C 2 4.75 5.78 31.65
C GLY C 2 4.23 4.36 31.92
N SER C 3 4.62 3.44 31.05
CA SER C 3 4.39 1.98 31.10
C SER C 3 5.73 1.43 31.25
N PRO C 4 5.87 0.21 31.65
CA PRO C 4 7.15 -0.39 31.43
C PRO C 4 6.88 -0.52 29.92
N THR C 5 7.70 0.15 29.07
CA THR C 5 7.50 0.28 27.56
C THR C 5 6.87 1.63 27.01
N SER C 6 6.54 2.64 27.80
CA SER C 6 5.96 3.88 27.16
C SER C 6 6.96 4.96 26.84
N ILE C 7 7.82 5.20 27.70
CA ILE C 7 8.87 6.22 27.52
C ILE C 7 10.19 5.57 27.41
N LEU C 8 10.30 4.48 28.08
CA LEU C 8 11.38 3.68 28.01
C LEU C 8 11.36 3.21 26.58
N ASP C 9 10.12 2.86 25.96
CA ASP C 9 10.18 2.69 24.52
C ASP C 9 9.00 3.08 23.64
N ILE C 10 8.04 4.02 23.96
CA ILE C 10 6.96 4.06 22.95
C ILE C 10 7.51 4.65 21.68
N ARG C 11 7.05 4.16 20.55
CA ARG C 11 7.57 4.65 19.29
C ARG C 11 6.48 4.80 18.25
N GLN C 12 6.67 5.79 17.39
CA GLN C 12 5.74 6.06 16.30
C GLN C 12 6.21 5.34 15.03
N GLY C 13 5.22 4.93 14.23
CA GLY C 13 5.47 4.27 12.97
C GLY C 13 5.72 5.30 11.83
N PRO C 14 6.21 4.82 10.64
CA PRO C 14 6.47 5.67 9.44
C PRO C 14 5.21 5.73 8.51
N LYS C 15 4.26 4.83 8.74
CA LYS C 15 2.99 4.87 8.04
C LYS C 15 1.94 5.37 9.04
N GLU C 16 2.22 5.18 10.38
CA GLU C 16 1.29 5.56 11.44
C GLU C 16 1.34 7.11 11.69
N PRO C 17 0.20 7.81 11.73
CA PRO C 17 0.17 9.29 11.90
C PRO C 17 0.34 9.74 13.32
N PHE C 18 0.60 11.03 13.44
CA PHE C 18 0.77 11.67 14.72
C PHE C 18 -0.46 11.43 15.60
N ARG C 19 -1.64 11.08 15.06
CA ARG C 19 -2.78 10.89 15.97
C ARG C 19 -2.79 9.51 16.64
N ASP C 20 -2.60 8.47 15.86
CA ASP C 20 -2.59 7.12 16.43
C ASP C 20 -1.47 7.04 17.47
N TYR C 21 -0.32 7.57 17.07
CA TYR C 21 0.83 7.60 17.93
C TYR C 21 0.54 8.36 19.20
N VAL C 22 -0.07 9.55 19.08
CA VAL C 22 -0.31 10.31 20.30
C VAL C 22 -1.12 9.46 21.27
N ASP C 23 -2.05 8.70 20.73
CA ASP C 23 -2.81 7.79 21.56
C ASP C 23 -1.87 6.72 22.10
N ARG C 24 -0.91 6.30 21.28
CA ARG C 24 0.05 5.28 21.67
C ARG C 24 1.04 5.75 22.67
N PHE C 25 1.25 7.03 22.75
CA PHE C 25 2.16 7.57 23.71
C PHE C 25 1.40 7.72 25.02
N TYR C 26 0.34 8.48 24.94
CA TYR C 26 -0.48 8.79 26.11
C TYR C 26 -1.15 7.60 26.75
N LYS C 27 -1.66 6.69 25.94
CA LYS C 27 -2.40 5.54 26.49
C LYS C 27 -1.56 4.65 27.36
N THR C 28 -0.44 4.29 26.83
CA THR C 28 0.46 3.42 27.54
C THR C 28 0.94 4.16 28.82
N LEU C 29 0.83 5.48 28.86
CA LEU C 29 1.23 6.17 30.10
C LEU C 29 0.40 5.71 31.32
N ARG C 30 -0.70 5.00 31.09
CA ARG C 30 -1.52 4.49 32.20
C ARG C 30 -1.09 3.08 32.71
N ALA C 31 -0.05 2.45 32.10
CA ALA C 31 0.35 1.09 32.55
C ALA C 31 1.37 1.05 33.71
N GLU C 32 2.30 2.02 33.84
CA GLU C 32 3.26 2.02 34.98
C GLU C 32 2.85 3.18 35.87
N GLN C 33 3.42 3.27 37.07
CA GLN C 33 3.14 4.39 37.99
C GLN C 33 4.28 5.44 38.02
N ALA C 34 4.00 6.68 37.58
CA ALA C 34 5.01 7.75 37.59
C ALA C 34 4.50 9.01 38.34
N SER C 35 5.44 9.93 38.69
CA SER C 35 5.09 11.17 39.40
C SER C 35 4.53 12.17 38.40
N GLN C 36 3.84 13.20 38.90
CA GLN C 36 3.19 14.19 38.03
C GLN C 36 4.17 14.96 37.11
N GLU C 37 5.28 15.55 37.61
CA GLU C 37 6.14 16.21 36.62
C GLU C 37 6.91 15.15 35.85
N VAL C 38 7.02 13.90 36.41
CA VAL C 38 7.65 12.82 35.67
C VAL C 38 6.81 12.50 34.42
N LYS C 39 5.45 12.38 34.56
CA LYS C 39 4.56 12.14 33.38
C LYS C 39 4.68 13.33 32.41
N ASN C 40 4.87 14.52 32.95
CA ASN C 40 5.07 15.69 32.07
C ASN C 40 6.41 15.57 31.30
N TRP C 41 7.39 15.09 32.04
CA TRP C 41 8.77 14.83 31.56
C TRP C 41 8.75 13.64 30.56
N MET C 42 7.74 12.76 30.73
CA MET C 42 7.55 11.61 29.85
C MET C 42 7.07 12.05 28.48
N THR C 43 5.98 12.79 28.42
CA THR C 43 5.47 13.26 27.15
C THR C 43 6.36 14.33 26.55
N GLU C 44 6.85 15.22 27.39
CA GLU C 44 7.66 16.34 26.88
C GLU C 44 9.00 15.99 26.20
N THR C 45 9.83 15.19 26.85
CA THR C 45 11.14 14.90 26.30
C THR C 45 11.12 13.82 25.24
N LEU C 46 10.34 12.77 25.46
CA LEU C 46 10.30 11.64 24.52
C LEU C 46 9.52 11.94 23.21
N LEU C 47 8.20 12.14 23.35
CA LEU C 47 7.25 12.31 22.19
C LEU C 47 7.88 13.00 20.98
N VAL C 48 8.45 14.19 21.18
CA VAL C 48 9.12 14.91 20.09
C VAL C 48 10.29 14.09 19.50
N GLN C 49 11.20 13.57 20.36
CA GLN C 49 12.38 12.80 19.89
C GLN C 49 12.12 11.34 19.43
N ASN C 50 11.52 10.51 20.30
CA ASN C 50 11.24 9.09 20.01
C ASN C 50 10.05 8.92 19.04
N ALA C 51 9.86 9.83 18.04
CA ALA C 51 8.69 9.68 17.19
C ALA C 51 8.73 10.16 15.74
N ASN C 52 8.63 9.16 14.82
CA ASN C 52 8.34 9.45 13.41
C ASN C 52 9.00 10.63 12.79
N PRO C 53 10.12 10.55 12.12
CA PRO C 53 10.75 11.74 11.49
C PRO C 53 9.72 12.64 10.74
N ASP C 54 8.55 12.09 10.35
CA ASP C 54 7.49 12.91 9.74
C ASP C 54 7.06 13.96 10.73
N CYS C 55 6.49 13.50 11.86
CA CYS C 55 6.06 14.44 12.88
C CYS C 55 7.27 15.11 13.49
N LYS C 56 8.31 14.38 13.82
CA LYS C 56 9.46 15.00 14.44
C LYS C 56 9.99 16.15 13.62
N THR C 57 9.99 16.02 12.27
CA THR C 57 10.48 17.11 11.42
C THR C 57 9.52 18.33 11.48
N ILE C 58 8.26 18.07 11.86
CA ILE C 58 7.21 19.12 12.00
C ILE C 58 7.21 19.71 13.40
N LEU C 59 7.50 18.89 14.40
CA LEU C 59 7.49 19.32 15.79
C LEU C 59 8.60 20.33 15.94
N LYS C 60 9.79 20.03 15.42
CA LYS C 60 10.86 21.02 15.44
C LYS C 60 10.41 22.22 14.61
N ALA C 61 9.74 21.94 13.51
CA ALA C 61 9.27 23.00 12.64
C ALA C 61 8.29 23.93 13.35
N LEU C 62 7.44 23.36 14.21
CA LEU C 62 6.49 24.18 14.93
C LEU C 62 7.22 25.11 15.87
N GLY C 63 8.43 24.73 16.26
CA GLY C 63 9.18 25.53 17.21
C GLY C 63 8.75 25.00 18.56
N PRO C 64 9.60 24.42 19.40
CA PRO C 64 9.15 23.84 20.70
C PRO C 64 8.22 24.76 21.49
N GLY C 65 7.48 24.18 22.39
CA GLY C 65 6.51 24.92 23.18
C GLY C 65 5.11 24.78 22.58
N ALA C 66 5.00 24.26 21.34
CA ALA C 66 3.70 24.07 20.74
C ALA C 66 3.07 22.85 21.38
N THR C 67 1.98 23.08 22.06
CA THR C 67 1.30 22.00 22.77
C THR C 67 0.73 20.98 21.81
N LEU C 68 0.37 19.83 22.36
CA LEU C 68 -0.22 18.77 21.56
C LEU C 68 -1.37 19.26 20.76
N GLU C 69 -2.17 20.16 21.34
CA GLU C 69 -3.30 20.69 20.59
C GLU C 69 -2.78 21.25 19.26
N GLU C 70 -1.62 21.89 19.30
CA GLU C 70 -1.01 22.42 18.07
C GLU C 70 -0.32 21.32 17.23
N MET C 71 0.54 20.44 17.88
CA MET C 71 1.31 19.38 17.13
C MET C 71 0.34 18.45 16.41
N MET C 72 -0.83 18.31 16.98
CA MET C 72 -1.83 17.52 16.36
C MET C 72 -2.19 18.15 15.05
N THR C 73 -2.46 19.47 15.07
CA THR C 73 -2.87 20.19 13.87
C THR C 73 -1.85 20.15 12.73
N ALA C 74 -0.60 20.37 13.07
CA ALA C 74 0.49 20.41 12.08
C ALA C 74 0.75 19.10 11.40
N CYS C 75 0.80 18.07 12.21
CA CYS C 75 1.08 16.75 11.71
C CYS C 75 -0.20 16.04 11.23
N GLN C 76 -1.19 16.77 10.63
CA GLN C 76 -2.43 16.05 10.18
C GLN C 76 -2.26 15.43 8.85
N GLY C 77 -1.69 16.17 7.91
CA GLY C 77 -1.40 15.56 6.63
C GLY C 77 -0.34 14.49 6.92
N VAL C 78 0.38 14.52 8.13
CA VAL C 78 1.33 13.40 8.47
C VAL C 78 0.38 12.32 8.45
N GLY C 79 0.64 11.41 7.57
CA GLY C 79 -0.49 10.68 7.21
C GLY C 79 -0.22 9.85 6.07
N GLY C 80 -0.99 8.72 5.92
CA GLY C 80 -0.43 7.69 5.08
C GLY C 80 0.26 8.12 3.83
N PRO C 81 -0.26 8.59 2.82
CA PRO C 81 0.51 9.26 1.71
C PRO C 81 0.52 10.88 1.75
N GLY C 82 -0.55 11.56 2.36
CA GLY C 82 -0.73 13.07 2.38
C GLY C 82 0.48 13.93 2.59
N HIS C 83 1.02 13.88 3.78
CA HIS C 83 2.20 14.68 4.09
C HIS C 83 3.25 14.32 3.20
N LYS C 84 3.37 13.06 3.03
CA LYS C 84 4.39 12.59 2.21
C LYS C 84 4.46 13.28 0.78
N ALA C 85 3.43 14.07 0.35
CA ALA C 85 3.57 14.77 -0.95
C ALA C 85 4.79 15.71 -0.91
N ARG C 86 4.72 16.66 0.00
CA ARG C 86 5.76 17.67 0.18
C ARG C 86 7.14 17.04 0.27
N VAL C 87 7.17 15.79 0.70
CA VAL C 87 8.40 15.06 0.81
C VAL C 87 8.89 14.58 -0.57
N LEU C 88 7.99 13.93 -1.34
CA LEU C 88 8.38 13.40 -2.65
C LEU C 88 8.67 14.51 -3.69
N ALA C 89 7.75 15.47 -3.81
CA ALA C 89 7.90 16.56 -4.80
C ALA C 89 9.17 17.42 -4.59
N GLU C 90 9.76 17.38 -3.40
CA GLU C 90 10.94 18.20 -3.13
C GLU C 90 12.29 17.54 -3.41
N ALA C 91 12.57 16.46 -2.68
CA ALA C 91 13.88 15.78 -2.76
C ALA C 91 14.15 15.20 -4.13
N MET C 92 13.10 14.69 -4.73
CA MET C 92 13.21 14.11 -6.04
C MET C 92 13.83 15.12 -6.97
N SER C 93 13.41 16.36 -6.80
CA SER C 93 13.94 17.40 -7.65
C SER C 93 15.06 18.17 -6.96
N GLN C 94 15.28 17.96 -5.67
CA GLN C 94 16.30 18.73 -4.94
C GLN C 94 17.69 18.32 -5.35
N VAL C 95 17.92 17.03 -5.39
CA VAL C 95 19.20 16.51 -5.80
C VAL C 95 19.40 16.85 -7.27
N THR C 96 18.31 16.74 -8.01
CA THR C 96 18.28 16.96 -9.45
C THR C 96 18.30 18.46 -9.87
N ASN C 97 17.88 19.40 -9.02
CA ASN C 97 17.78 20.79 -9.50
C ASN C 97 19.04 21.38 -10.11
N THR C 98 20.21 21.38 -9.43
CA THR C 98 21.40 21.91 -10.11
C THR C 98 22.34 20.78 -10.47
N ALA C 99 23.08 20.28 -9.48
CA ALA C 99 23.87 19.09 -9.69
C ALA C 99 24.26 18.47 -8.36
N THR C 100 24.88 19.37 -7.59
CA THR C 100 25.43 19.12 -6.27
C THR C 100 24.89 20.12 -5.26
N ILE C 101 24.83 19.72 -4.00
CA ILE C 101 24.37 20.62 -2.95
C ILE C 101 25.42 20.70 -1.84
N MET C 102 25.93 21.91 -1.60
CA MET C 102 26.94 22.14 -0.58
C MET C 102 26.31 22.34 0.80
N GLY D 1 17.40 -17.35 24.13
CA GLY D 1 17.93 -16.86 22.85
C GLY D 1 18.66 -17.96 22.15
N GLY D 2 18.81 -17.85 20.83
CA GLY D 2 19.46 -18.87 20.02
C GLY D 2 18.47 -20.00 19.75
N SER D 3 17.16 -19.73 19.89
CA SER D 3 16.16 -20.75 19.67
C SER D 3 16.04 -20.95 18.21
N PRO D 4 15.46 -22.03 17.78
CA PRO D 4 15.10 -22.12 16.37
C PRO D 4 14.02 -21.04 16.33
N THR D 5 13.94 -20.20 15.29
CA THR D 5 12.93 -19.07 15.20
C THR D 5 13.36 -17.82 15.90
N SER D 6 14.14 -17.96 16.95
CA SER D 6 14.41 -16.79 17.71
C SER D 6 15.55 -15.89 17.27
N ILE D 7 16.70 -16.43 16.91
CA ILE D 7 17.86 -15.56 16.57
C ILE D 7 18.52 -15.98 15.27
N LEU D 8 18.66 -17.27 15.17
CA LEU D 8 19.24 -17.90 14.04
C LEU D 8 18.43 -17.54 12.83
N ASP D 9 17.02 -17.48 12.87
CA ASP D 9 16.36 -16.97 11.71
C ASP D 9 15.53 -15.77 11.99
N ILE D 10 15.77 -14.93 13.08
CA ILE D 10 14.78 -13.89 13.16
C ILE D 10 15.14 -12.89 12.10
N ARG D 11 14.14 -12.44 11.32
CA ARG D 11 14.42 -11.54 10.18
C ARG D 11 13.35 -10.46 10.09
N GLN D 12 13.70 -9.39 9.38
CA GLN D 12 12.79 -8.24 9.21
C GLN D 12 12.11 -8.33 7.86
N GLY D 13 11.07 -7.54 7.67
CA GLY D 13 10.39 -7.51 6.38
C GLY D 13 10.81 -6.26 5.63
N PRO D 14 10.59 -6.16 4.35
CA PRO D 14 10.98 -4.94 3.59
C PRO D 14 10.13 -3.74 4.01
N LYS D 15 8.80 -3.98 4.07
CA LYS D 15 7.78 -2.97 4.50
C LYS D 15 7.61 -2.97 6.03
N GLU D 16 8.01 -4.09 6.67
CA GLU D 16 7.88 -4.24 8.12
C GLU D 16 8.97 -3.40 8.79
N PRO D 17 8.64 -2.34 9.51
CA PRO D 17 9.70 -1.49 10.11
C PRO D 17 10.56 -2.21 11.09
N PHE D 18 11.71 -1.60 11.31
CA PHE D 18 12.67 -2.08 12.25
C PHE D 18 11.91 -2.33 13.58
N ARG D 19 10.83 -1.51 13.86
CA ARG D 19 10.03 -1.64 15.12
C ARG D 19 9.34 -2.99 15.28
N ASP D 20 8.62 -3.40 14.26
CA ASP D 20 7.93 -4.68 14.32
C ASP D 20 8.90 -5.85 14.42
N TYR D 21 9.99 -5.76 13.68
CA TYR D 21 10.99 -6.81 13.67
C TYR D 21 11.86 -6.80 14.94
N VAL D 22 12.08 -5.64 15.54
CA VAL D 22 12.97 -5.64 16.70
C VAL D 22 12.42 -6.45 17.83
N ASP D 23 11.14 -6.28 18.13
CA ASP D 23 10.56 -7.08 19.17
C ASP D 23 10.71 -8.51 18.70
N ARG D 24 10.50 -8.72 17.40
CA ARG D 24 10.63 -10.08 16.88
C ARG D 24 12.01 -10.58 17.17
N PHE D 25 13.00 -9.72 17.34
CA PHE D 25 14.32 -10.22 17.73
C PHE D 25 14.31 -10.53 19.21
N TYR D 26 13.98 -9.53 20.01
CA TYR D 26 14.02 -9.63 21.48
C TYR D 26 13.00 -10.59 22.10
N LYS D 27 11.71 -10.35 21.87
CA LYS D 27 10.66 -11.16 22.48
C LYS D 27 10.94 -12.64 22.31
N THR D 28 11.25 -13.04 21.08
CA THR D 28 11.53 -14.43 20.82
C THR D 28 12.74 -14.95 21.56
N LEU D 29 13.71 -14.07 22.01
CA LEU D 29 14.89 -14.61 22.76
C LEU D 29 14.40 -15.52 23.90
N ARG D 30 13.48 -14.99 24.69
CA ARG D 30 12.93 -15.71 25.84
C ARG D 30 12.28 -17.01 25.43
N ALA D 31 12.00 -17.17 24.14
CA ALA D 31 11.38 -18.38 23.72
C ALA D 31 12.28 -19.56 24.06
N GLU D 32 13.66 -19.42 23.95
CA GLU D 32 14.56 -20.52 24.38
C GLU D 32 15.43 -20.21 25.61
N GLN D 33 15.56 -21.23 26.48
CA GLN D 33 16.39 -21.12 27.70
C GLN D 33 17.89 -21.16 27.34
N ALA D 34 18.52 -20.00 27.37
CA ALA D 34 19.93 -19.84 27.04
C ALA D 34 20.61 -19.02 28.12
N SER D 35 21.91 -19.16 28.25
CA SER D 35 22.61 -18.39 29.24
C SER D 35 22.35 -16.93 28.97
N GLN D 36 22.51 -16.11 29.99
CA GLN D 36 22.28 -14.67 29.84
C GLN D 36 23.30 -14.06 28.85
N GLU D 37 24.56 -14.54 28.89
CA GLU D 37 25.63 -14.07 27.96
C GLU D 37 25.38 -14.68 26.58
N VAL D 38 24.87 -15.90 26.57
CA VAL D 38 24.53 -16.49 25.30
C VAL D 38 23.44 -15.63 24.65
N LYS D 39 22.48 -15.18 25.48
CA LYS D 39 21.38 -14.30 25.00
C LYS D 39 21.83 -12.88 24.67
N ASN D 40 22.74 -12.31 25.47
CA ASN D 40 23.24 -10.95 25.24
C ASN D 40 23.98 -10.89 23.92
N TRP D 41 24.73 -11.95 23.68
CA TRP D 41 25.53 -12.10 22.47
C TRP D 41 24.69 -11.90 21.22
N MET D 42 23.56 -12.59 21.23
CA MET D 42 22.60 -12.63 20.12
C MET D 42 21.97 -11.28 19.74
N THR D 43 21.55 -10.54 20.75
CA THR D 43 20.90 -9.27 20.51
C THR D 43 21.76 -8.32 19.67
N GLU D 44 23.06 -8.43 19.79
CA GLU D 44 23.93 -7.55 19.03
C GLU D 44 24.31 -8.09 17.65
N THR D 45 25.03 -9.23 17.67
CA THR D 45 25.58 -9.82 16.45
C THR D 45 24.54 -10.20 15.43
N LEU D 46 23.52 -10.93 15.82
CA LEU D 46 22.50 -11.36 14.88
C LEU D 46 21.47 -10.25 14.56
N LEU D 47 21.28 -9.19 15.42
CA LEU D 47 20.25 -8.11 15.11
C LEU D 47 20.61 -7.29 13.84
N VAL D 48 21.83 -6.78 13.77
CA VAL D 48 22.21 -5.95 12.65
C VAL D 48 22.34 -6.71 11.36
N GLN D 49 22.98 -7.88 11.45
CA GLN D 49 23.27 -8.72 10.29
C GLN D 49 22.06 -9.37 9.59
N ASN D 50 21.08 -9.89 10.34
CA ASN D 50 19.93 -10.57 9.69
C ASN D 50 18.70 -9.68 9.58
N ALA D 51 18.89 -8.36 9.44
CA ALA D 51 17.71 -7.46 9.39
C ALA D 51 17.67 -6.35 8.32
N ASN D 52 16.63 -6.43 7.48
CA ASN D 52 16.24 -5.33 6.52
C ASN D 52 17.36 -4.52 5.85
N PRO D 53 17.89 -4.85 4.68
CA PRO D 53 18.97 -4.03 4.05
C PRO D 53 18.72 -2.49 4.10
N ASP D 54 17.45 -2.03 4.17
CA ASP D 54 17.24 -0.58 4.29
C ASP D 54 17.89 -0.13 5.56
N CYS D 55 17.63 -0.91 6.60
CA CYS D 55 18.14 -0.57 7.89
C CYS D 55 19.56 -1.02 8.07
N LYS D 56 19.96 -2.15 7.54
CA LYS D 56 21.34 -2.61 7.71
C LYS D 56 22.30 -1.61 7.10
N THR D 57 21.89 -1.04 5.98
CA THR D 57 22.70 -0.02 5.36
C THR D 57 22.87 1.13 6.39
N ILE D 58 21.84 1.28 7.32
CA ILE D 58 21.85 2.28 8.41
C ILE D 58 22.59 1.77 9.66
N LEU D 59 22.47 0.51 10.01
CA LEU D 59 23.13 0.00 11.19
C LEU D 59 24.61 0.09 10.94
N LYS D 60 24.98 -0.22 9.70
CA LYS D 60 26.36 -0.16 9.28
C LYS D 60 26.81 1.28 9.17
N ALA D 61 25.92 2.17 8.64
CA ALA D 61 26.27 3.61 8.49
C ALA D 61 26.52 4.24 9.85
N LEU D 62 25.57 4.03 10.72
CA LEU D 62 25.70 4.47 12.09
C LEU D 62 26.95 3.77 12.59
N GLY D 63 27.08 2.50 12.19
CA GLY D 63 28.21 1.68 12.54
C GLY D 63 27.93 0.95 13.84
N PRO D 64 28.60 -0.13 14.12
CA PRO D 64 28.41 -0.84 15.40
C PRO D 64 28.73 0.11 16.55
N GLY D 65 28.25 -0.22 17.74
CA GLY D 65 28.45 0.64 18.90
C GLY D 65 27.25 1.57 19.10
N ALA D 66 26.42 1.71 18.07
CA ALA D 66 25.25 2.53 18.20
C ALA D 66 24.26 1.76 19.03
N THR D 67 23.77 2.34 20.10
CA THR D 67 22.81 1.60 20.89
C THR D 67 21.59 1.41 20.05
N LEU D 68 20.65 0.63 20.53
CA LEU D 68 19.42 0.52 19.79
C LEU D 68 18.82 1.87 19.64
N GLU D 69 19.08 2.75 20.57
CA GLU D 69 18.48 4.06 20.48
C GLU D 69 18.95 4.70 19.17
N GLU D 70 20.24 4.60 18.87
CA GLU D 70 20.73 5.18 17.63
C GLU D 70 20.21 4.42 16.41
N MET D 71 20.17 3.10 16.48
CA MET D 71 19.69 2.34 15.33
C MET D 71 18.20 2.58 15.11
N MET D 72 17.47 2.92 16.17
CA MET D 72 16.04 3.15 16.03
C MET D 72 15.77 4.58 15.55
N THR D 73 16.46 5.58 16.10
CA THR D 73 16.19 6.94 15.67
C THR D 73 16.35 7.07 14.14
N ALA D 74 17.42 6.51 13.61
CA ALA D 74 17.70 6.55 12.18
C ALA D 74 16.83 5.59 11.35
N CYS D 75 16.68 4.35 11.82
CA CYS D 75 15.89 3.38 11.07
C CYS D 75 14.37 3.60 11.23
N GLN D 76 13.96 4.60 12.04
CA GLN D 76 12.52 4.95 12.19
C GLN D 76 11.96 5.62 10.95
N GLY D 77 12.79 6.37 10.27
CA GLY D 77 12.35 6.98 9.02
C GLY D 77 12.13 5.91 7.93
N VAL D 78 12.55 4.64 8.22
CA VAL D 78 12.36 3.51 7.24
C VAL D 78 10.93 3.53 6.96
N GLY D 79 10.46 3.26 5.68
CA GLY D 79 9.03 3.54 5.51
C GLY D 79 8.83 4.52 4.36
N GLY D 80 7.60 4.86 3.95
CA GLY D 80 7.63 5.69 2.79
C GLY D 80 8.30 7.08 2.95
N PRO D 81 8.18 7.82 4.05
CA PRO D 81 8.83 9.18 4.09
C PRO D 81 10.33 9.27 4.33
N GLY D 82 10.77 8.76 5.47
CA GLY D 82 12.14 8.91 5.88
C GLY D 82 13.15 8.34 4.94
N HIS D 83 13.09 7.05 4.74
CA HIS D 83 14.09 6.48 3.90
C HIS D 83 13.68 6.61 2.45
N LYS D 84 12.46 6.12 2.12
CA LYS D 84 12.01 6.14 0.73
C LYS D 84 12.21 7.46 0.04
N ALA D 85 12.04 8.58 0.74
CA ALA D 85 12.23 9.88 0.10
C ALA D 85 13.66 9.98 -0.41
N ARG D 86 14.58 9.49 0.41
CA ARG D 86 15.99 9.49 0.07
C ARG D 86 16.35 8.31 -0.86
N VAL D 87 15.56 7.21 -0.84
CA VAL D 87 15.88 6.03 -1.68
C VAL D 87 15.52 6.15 -3.18
N LEU D 88 14.35 6.69 -3.50
CA LEU D 88 13.96 6.82 -4.92
C LEU D 88 14.86 7.82 -5.63
N ALA D 89 15.09 8.94 -4.94
CA ALA D 89 15.92 10.02 -5.45
C ALA D 89 17.40 9.62 -5.58
N GLU D 90 17.96 8.91 -4.62
CA GLU D 90 19.37 8.54 -4.71
C GLU D 90 19.64 7.62 -5.86
N ALA D 91 18.77 6.67 -6.08
CA ALA D 91 18.96 5.77 -7.17
C ALA D 91 18.60 6.46 -8.51
N MET D 92 17.87 7.60 -8.44
CA MET D 92 17.47 8.31 -9.65
C MET D 92 18.48 9.40 -10.12
N SER D 93 18.85 10.32 -9.24
CA SER D 93 19.76 11.40 -9.67
C SER D 93 21.23 11.02 -9.59
N GLN D 94 21.55 9.95 -8.88
CA GLN D 94 22.92 9.51 -8.84
C GLN D 94 23.30 8.89 -10.19
N VAL D 95 22.35 8.11 -10.74
CA VAL D 95 22.55 7.41 -12.01
C VAL D 95 22.20 8.27 -13.25
N THR D 96 21.18 9.13 -13.19
CA THR D 96 20.83 9.88 -14.40
C THR D 96 21.97 10.79 -14.91
N ASN D 97 22.55 11.61 -14.04
CA ASN D 97 23.64 12.51 -14.45
C ASN D 97 25.01 11.82 -14.44
N THR D 98 25.23 11.07 -13.36
CA THR D 98 26.48 10.35 -13.09
C THR D 98 26.43 8.94 -13.67
N ALA D 99 25.56 8.69 -14.63
CA ALA D 99 25.39 7.32 -15.15
C ALA D 99 26.73 6.68 -15.50
N THR D 100 27.75 7.48 -15.76
CA THR D 100 29.06 6.90 -16.00
C THR D 100 29.74 6.79 -14.63
N ILE D 101 29.91 5.56 -14.15
CA ILE D 101 30.53 5.34 -12.85
C ILE D 101 31.70 4.36 -12.96
N MET D 102 32.84 4.75 -12.41
CA MET D 102 34.02 3.90 -12.44
C MET D 102 34.20 3.16 -11.12
N GLY E 1 6.00 -32.89 0.40
CA GLY E 1 6.49 -33.72 -0.73
C GLY E 1 5.58 -33.57 -1.94
N GLY E 2 5.27 -32.37 -2.34
CA GLY E 2 4.39 -32.26 -3.48
C GLY E 2 2.95 -32.63 -3.10
N SER E 3 2.65 -32.67 -1.80
CA SER E 3 1.29 -32.94 -1.29
C SER E 3 0.31 -32.15 -2.05
N PRO E 4 -0.96 -32.48 -1.93
CA PRO E 4 -1.97 -31.59 -2.47
C PRO E 4 -1.79 -30.35 -1.59
N THR E 5 -1.68 -29.18 -2.21
CA THR E 5 -1.43 -27.88 -1.54
C THR E 5 0.00 -27.58 -1.20
N SER E 6 0.90 -28.50 -1.47
CA SER E 6 2.27 -28.31 -1.06
C SER E 6 3.31 -27.73 -1.98
N ILE E 7 3.40 -28.19 -3.17
CA ILE E 7 4.49 -27.77 -4.08
C ILE E 7 4.13 -27.62 -5.53
N LEU E 8 3.04 -28.17 -5.88
CA LEU E 8 2.62 -28.19 -7.24
C LEU E 8 2.23 -26.82 -7.58
N ASP E 9 1.61 -26.11 -6.60
CA ASP E 9 1.43 -24.73 -6.82
C ASP E 9 2.03 -23.90 -5.70
N ILE E 10 2.95 -24.40 -4.80
CA ILE E 10 3.22 -23.42 -3.77
C ILE E 10 4.00 -22.26 -4.37
N ARG E 11 3.41 -21.09 -4.29
CA ARG E 11 3.98 -19.93 -4.92
C ARG E 11 4.17 -18.78 -4.01
N GLN E 12 5.08 -17.98 -4.44
CA GLN E 12 5.41 -16.80 -3.79
C GLN E 12 4.68 -15.66 -4.46
N GLY E 13 3.96 -14.87 -3.69
CA GLY E 13 3.24 -13.73 -4.24
C GLY E 13 4.18 -12.50 -4.39
N PRO E 14 4.08 -11.70 -5.45
CA PRO E 14 4.96 -10.50 -5.61
C PRO E 14 4.92 -9.58 -4.40
N LYS E 15 3.82 -9.59 -3.68
CA LYS E 15 3.76 -8.80 -2.46
C LYS E 15 4.16 -9.65 -1.25
N GLU E 16 4.02 -10.98 -1.39
CA GLU E 16 4.32 -11.87 -0.29
C GLU E 16 5.85 -12.13 -0.19
N PRO E 17 6.52 -11.82 0.91
CA PRO E 17 7.97 -12.04 1.00
C PRO E 17 8.37 -13.45 0.64
N PHE E 18 9.66 -13.57 0.37
CA PHE E 18 10.28 -14.84 0.07
C PHE E 18 10.16 -15.76 1.27
N ARG E 19 10.14 -15.15 2.48
CA ARG E 19 10.09 -15.90 3.76
C ARG E 19 8.74 -16.60 4.02
N ASP E 20 7.64 -15.91 3.73
CA ASP E 20 6.34 -16.51 3.98
C ASP E 20 6.17 -17.66 3.04
N TYR E 21 6.56 -17.38 1.83
CA TYR E 21 6.48 -18.35 0.76
C TYR E 21 7.37 -19.59 0.98
N VAL E 22 8.63 -19.35 1.42
CA VAL E 22 9.56 -20.46 1.65
C VAL E 22 9.02 -21.40 2.71
N ASP E 23 8.37 -20.84 3.73
CA ASP E 23 7.77 -21.65 4.80
C ASP E 23 6.56 -22.33 4.20
N ARG E 24 5.76 -21.55 3.49
CA ARG E 24 4.62 -22.11 2.77
C ARG E 24 5.08 -23.27 1.89
N PHE E 25 6.32 -23.18 1.44
CA PHE E 25 6.94 -24.18 0.61
C PHE E 25 7.55 -25.32 1.46
N TYR E 26 8.04 -24.99 2.68
CA TYR E 26 8.68 -25.95 3.61
C TYR E 26 7.67 -26.64 4.55
N LYS E 27 6.99 -25.86 5.38
CA LYS E 27 6.00 -26.40 6.30
C LYS E 27 5.01 -27.28 5.57
N THR E 28 4.84 -27.05 4.28
CA THR E 28 3.87 -27.83 3.54
C THR E 28 4.53 -29.09 2.99
N LEU E 29 5.85 -29.14 2.83
CA LEU E 29 6.42 -30.41 2.39
C LEU E 29 6.10 -31.46 3.45
N ARG E 30 5.96 -31.03 4.72
CA ARG E 30 5.58 -31.94 5.80
C ARG E 30 4.12 -32.38 5.64
N ALA E 31 3.32 -31.61 4.84
CA ALA E 31 1.86 -31.84 4.62
C ALA E 31 1.53 -33.19 4.00
N GLU E 32 2.41 -33.76 3.16
CA GLU E 32 2.16 -35.12 2.63
C GLU E 32 3.09 -36.14 3.26
N GLN E 33 2.76 -37.41 3.07
CA GLN E 33 3.61 -38.46 3.60
C GLN E 33 4.57 -38.94 2.52
N ALA E 34 5.56 -38.11 2.22
CA ALA E 34 6.56 -38.43 1.22
C ALA E 34 7.75 -39.11 1.87
N SER E 35 8.69 -39.51 1.04
CA SER E 35 9.91 -40.12 1.52
C SER E 35 10.81 -38.99 2.05
N GLN E 36 11.94 -39.32 2.60
CA GLN E 36 12.82 -38.28 3.06
C GLN E 36 13.45 -37.56 1.86
N GLU E 37 14.15 -38.32 1.00
CA GLU E 37 14.75 -37.74 -0.20
C GLU E 37 13.68 -37.12 -1.07
N VAL E 38 12.49 -37.73 -1.10
CA VAL E 38 11.41 -37.21 -1.94
C VAL E 38 11.11 -35.75 -1.61
N LYS E 39 11.02 -35.37 -0.35
CA LYS E 39 10.76 -33.97 -0.09
C LYS E 39 11.98 -33.11 -0.28
N ASN E 40 13.17 -33.62 0.09
CA ASN E 40 14.35 -32.78 -0.06
C ASN E 40 14.45 -32.35 -1.53
N TRP E 41 14.09 -33.30 -2.40
CA TRP E 41 14.08 -33.13 -3.86
C TRP E 41 13.09 -32.03 -4.23
N MET E 42 11.99 -31.96 -3.48
CA MET E 42 11.04 -30.92 -3.74
C MET E 42 11.45 -29.62 -3.06
N THR E 43 12.28 -29.67 -2.01
CA THR E 43 12.62 -28.40 -1.39
C THR E 43 13.36 -27.46 -2.38
N GLU E 44 14.19 -28.04 -3.22
CA GLU E 44 14.97 -27.20 -4.13
C GLU E 44 14.33 -26.91 -5.50
N THR E 45 14.18 -27.96 -6.29
CA THR E 45 13.67 -27.85 -7.66
C THR E 45 12.46 -26.93 -7.74
N LEU E 46 11.71 -26.92 -6.68
CA LEU E 46 10.48 -26.16 -6.63
C LEU E 46 10.68 -24.74 -6.04
N LEU E 47 11.61 -24.56 -5.10
CA LEU E 47 11.74 -23.23 -4.48
C LEU E 47 12.13 -22.15 -5.49
N VAL E 48 13.01 -22.44 -6.42
CA VAL E 48 13.41 -21.40 -7.37
C VAL E 48 12.42 -21.29 -8.56
N GLN E 49 12.00 -22.45 -9.07
CA GLN E 49 11.10 -22.50 -10.25
C GLN E 49 9.72 -21.87 -10.06
N ASN E 50 9.08 -22.07 -8.90
CA ASN E 50 7.69 -21.57 -8.70
C ASN E 50 7.58 -20.47 -7.65
N ALA E 51 8.60 -19.59 -7.54
CA ALA E 51 8.59 -18.58 -6.48
C ALA E 51 8.64 -17.08 -6.87
N ASN E 52 7.55 -16.39 -7.31
CA ASN E 52 7.62 -14.88 -7.46
C ASN E 52 8.82 -14.31 -8.25
N PRO E 53 8.71 -13.97 -9.53
CA PRO E 53 9.87 -13.42 -10.32
C PRO E 53 10.76 -12.42 -9.55
N ASP E 54 10.25 -11.72 -8.50
CA ASP E 54 11.15 -10.82 -7.76
C ASP E 54 12.25 -11.62 -7.16
N CYS E 55 11.91 -12.74 -6.50
CA CYS E 55 12.97 -13.51 -5.90
C CYS E 55 13.55 -14.37 -6.96
N LYS E 56 12.76 -14.98 -7.82
CA LYS E 56 13.34 -15.80 -8.86
C LYS E 56 14.35 -14.99 -9.70
N THR E 57 14.25 -13.65 -9.66
CA THR E 57 15.25 -12.85 -10.34
C THR E 57 16.50 -12.67 -9.40
N ILE E 58 16.25 -12.56 -8.08
CA ILE E 58 17.32 -12.46 -7.06
C ILE E 58 18.14 -13.74 -6.90
N LEU E 59 17.46 -14.90 -6.83
CA LEU E 59 18.12 -16.18 -6.68
C LEU E 59 19.08 -16.33 -7.86
N LYS E 60 18.68 -15.81 -9.03
CA LYS E 60 19.56 -15.84 -10.22
C LYS E 60 20.69 -14.83 -10.02
N ALA E 61 20.37 -13.74 -9.31
CA ALA E 61 21.34 -12.68 -8.99
C ALA E 61 22.48 -13.18 -8.08
N LEU E 62 22.12 -13.95 -7.03
CA LEU E 62 23.13 -14.50 -6.13
C LEU E 62 23.99 -15.51 -6.84
N GLY E 63 23.43 -16.14 -7.85
CA GLY E 63 24.18 -17.13 -8.59
C GLY E 63 24.00 -18.48 -7.92
N PRO E 64 23.37 -19.49 -8.55
CA PRO E 64 23.18 -20.83 -7.92
C PRO E 64 24.41 -21.33 -7.17
N GLY E 65 24.15 -22.20 -6.21
CA GLY E 65 25.17 -22.77 -5.33
C GLY E 65 25.23 -21.97 -4.03
N ALA E 66 24.70 -20.73 -4.05
CA ALA E 66 24.67 -19.94 -2.86
C ALA E 66 23.79 -20.65 -1.87
N THR E 67 24.20 -20.64 -0.62
CA THR E 67 23.40 -21.29 0.36
C THR E 67 22.15 -20.51 0.54
N LEU E 68 21.12 -21.19 1.05
CA LEU E 68 19.86 -20.55 1.29
C LEU E 68 20.03 -19.42 2.22
N GLU E 69 21.10 -19.39 2.98
CA GLU E 69 21.26 -18.29 3.86
C GLU E 69 21.37 -17.06 2.94
N GLU E 70 22.16 -17.20 1.88
CA GLU E 70 22.30 -16.11 0.93
C GLU E 70 20.98 -15.80 0.26
N MET E 71 20.21 -16.84 -0.17
CA MET E 71 18.90 -16.58 -0.82
C MET E 71 18.07 -15.81 0.16
N MET E 72 18.17 -16.18 1.39
CA MET E 72 17.43 -15.53 2.43
C MET E 72 17.86 -14.10 2.54
N THR E 73 19.15 -13.82 2.57
CA THR E 73 19.59 -12.44 2.66
C THR E 73 19.12 -11.59 1.47
N ALA E 74 19.35 -12.07 0.25
CA ALA E 74 18.99 -11.33 -0.96
C ALA E 74 17.49 -11.24 -1.25
N CYS E 75 16.82 -12.36 -1.12
CA CYS E 75 15.40 -12.39 -1.40
C CYS E 75 14.65 -11.53 -0.42
N GLN E 76 15.26 -11.12 0.72
CA GLN E 76 14.54 -10.19 1.60
C GLN E 76 14.33 -8.92 0.82
N GLY E 77 15.22 -8.63 -0.13
CA GLY E 77 15.06 -7.39 -0.84
C GLY E 77 13.73 -7.37 -1.53
N VAL E 78 13.13 -8.57 -1.78
CA VAL E 78 11.78 -8.64 -2.46
C VAL E 78 10.91 -7.76 -1.65
N GLY E 79 9.96 -6.96 -2.25
CA GLY E 79 9.35 -5.97 -1.35
C GLY E 79 9.48 -4.60 -1.97
N GLY E 80 8.86 -3.51 -1.47
CA GLY E 80 9.07 -2.32 -2.27
C GLY E 80 10.36 -1.53 -1.97
N PRO E 81 10.56 -1.11 -0.76
CA PRO E 81 11.81 -0.37 -0.42
C PRO E 81 13.03 -1.16 -0.82
N GLY E 82 12.88 -2.48 -0.83
CA GLY E 82 13.98 -3.35 -1.20
C GLY E 82 14.11 -3.54 -2.70
N HIS E 83 13.06 -4.09 -3.28
CA HIS E 83 13.12 -4.43 -4.67
C HIS E 83 12.71 -3.23 -5.54
N LYS E 84 11.62 -2.55 -5.17
CA LYS E 84 11.16 -1.39 -5.94
C LYS E 84 12.13 -0.23 -5.99
N ALA E 85 12.87 0.00 -4.93
CA ALA E 85 13.78 1.11 -4.96
C ALA E 85 14.75 0.97 -6.17
N ARG E 86 15.11 -0.28 -6.45
CA ARG E 86 16.04 -0.56 -7.53
C ARG E 86 15.35 -0.69 -8.89
N VAL E 87 14.23 -1.47 -8.97
CA VAL E 87 13.52 -1.64 -10.28
C VAL E 87 12.75 -0.39 -10.70
N LEU E 88 12.33 0.44 -9.78
CA LEU E 88 11.64 1.64 -10.18
C LEU E 88 12.67 2.70 -10.60
N ALA E 89 13.77 2.80 -9.85
CA ALA E 89 14.84 3.79 -10.16
C ALA E 89 15.67 3.41 -11.42
N GLU E 90 15.98 2.11 -11.58
CA GLU E 90 16.77 1.63 -12.71
C GLU E 90 15.98 1.43 -14.01
N ALA E 91 14.94 0.62 -13.95
CA ALA E 91 14.16 0.31 -15.15
C ALA E 91 13.53 1.56 -15.78
N MET E 92 13.04 2.46 -14.94
CA MET E 92 12.39 3.69 -15.44
C MET E 92 13.29 4.59 -16.26
N SER E 93 14.52 4.82 -15.78
CA SER E 93 15.42 5.76 -16.44
C SER E 93 16.35 5.14 -17.48
N GLN E 94 16.48 3.82 -17.45
CA GLN E 94 17.33 3.17 -18.44
C GLN E 94 16.70 3.24 -19.82
N VAL E 95 15.47 2.75 -19.90
CA VAL E 95 14.72 2.77 -21.15
C VAL E 95 14.54 4.23 -21.60
N THR E 96 14.50 5.18 -20.66
CA THR E 96 14.29 6.57 -21.05
C THR E 96 15.46 7.13 -21.90
N ASN E 97 16.71 6.98 -21.44
CA ASN E 97 17.86 7.47 -22.19
C ASN E 97 18.33 6.44 -23.22
N THR E 98 18.37 5.22 -22.73
CA THR E 98 18.81 4.04 -23.46
C THR E 98 17.69 3.40 -24.27
N ALA E 99 16.64 4.16 -24.56
CA ALA E 99 15.46 3.59 -25.23
C ALA E 99 15.83 2.80 -26.47
N THR E 100 17.00 3.05 -27.04
CA THR E 100 17.39 2.23 -28.17
C THR E 100 18.21 1.07 -27.62
N ILE E 101 17.63 -0.14 -27.65
CA ILE E 101 18.31 -1.31 -27.11
C ILE E 101 18.37 -2.41 -28.17
N MET E 102 19.56 -2.95 -28.41
CA MET E 102 19.72 -4.01 -29.40
C MET E 102 20.04 -5.35 -28.72
N GLY F 1 -19.35 -30.21 -9.36
CA GLY F 1 -18.43 -29.32 -10.09
C GLY F 1 -18.99 -27.92 -10.36
N GLY F 2 -18.13 -26.86 -10.41
CA GLY F 2 -18.64 -25.51 -10.63
C GLY F 2 -19.42 -25.09 -9.38
N SER F 3 -19.16 -24.03 -8.58
CA SER F 3 -20.08 -23.67 -7.42
C SER F 3 -21.14 -22.76 -7.93
N PRO F 4 -22.26 -22.48 -7.28
CA PRO F 4 -23.14 -21.45 -7.86
C PRO F 4 -22.26 -20.22 -7.74
N THR F 5 -22.01 -19.53 -8.90
CA THR F 5 -21.02 -18.42 -9.05
C THR F 5 -19.61 -18.97 -9.41
N SER F 6 -19.51 -20.25 -9.85
CA SER F 6 -18.20 -20.88 -10.07
C SER F 6 -17.35 -19.99 -10.94
N ILE F 7 -18.00 -19.68 -11.98
CA ILE F 7 -17.60 -18.98 -13.15
C ILE F 7 -18.75 -18.10 -13.73
N LEU F 8 -19.90 -18.20 -13.15
CA LEU F 8 -21.00 -17.46 -13.53
C LEU F 8 -20.65 -16.08 -13.13
N ASP F 9 -19.94 -15.93 -11.94
CA ASP F 9 -19.34 -14.66 -11.72
C ASP F 9 -17.94 -14.73 -11.09
N ILE F 10 -17.06 -15.86 -11.16
CA ILE F 10 -15.87 -15.69 -10.28
C ILE F 10 -14.79 -14.75 -10.83
N ARG F 11 -14.46 -13.68 -10.07
CA ARG F 11 -13.46 -12.68 -10.57
C ARG F 11 -12.34 -12.36 -9.58
N GLN F 12 -11.23 -11.90 -10.18
CA GLN F 12 -9.95 -11.54 -9.48
C GLN F 12 -9.80 -10.03 -9.19
N GLY F 13 -8.95 -9.70 -8.18
CA GLY F 13 -8.69 -8.29 -7.78
C GLY F 13 -7.83 -7.53 -8.78
N PRO F 14 -7.60 -6.17 -8.68
CA PRO F 14 -6.73 -5.54 -9.70
C PRO F 14 -5.30 -5.99 -9.41
N LYS F 15 -5.01 -6.10 -8.10
CA LYS F 15 -3.68 -6.50 -7.61
C LYS F 15 -3.61 -8.00 -7.27
N GLU F 16 -4.78 -8.60 -7.02
CA GLU F 16 -4.84 -9.98 -6.57
C GLU F 16 -3.96 -10.86 -7.41
N PRO F 17 -3.20 -11.79 -6.84
CA PRO F 17 -2.39 -12.65 -7.71
C PRO F 17 -3.27 -13.47 -8.60
N PHE F 18 -2.76 -13.80 -9.78
CA PHE F 18 -3.54 -14.58 -10.72
C PHE F 18 -3.87 -15.90 -10.14
N ARG F 19 -2.82 -16.68 -9.85
CA ARG F 19 -3.00 -18.00 -9.29
C ARG F 19 -3.81 -17.93 -8.02
N ASP F 20 -3.56 -16.87 -7.15
CA ASP F 20 -4.31 -16.72 -5.86
C ASP F 20 -5.79 -16.78 -6.18
N TYR F 21 -6.24 -15.82 -6.99
CA TYR F 21 -7.60 -15.83 -7.45
C TYR F 21 -7.91 -17.17 -8.05
N VAL F 22 -6.98 -17.76 -8.78
CA VAL F 22 -7.26 -19.03 -9.42
C VAL F 22 -7.51 -20.15 -8.40
N ASP F 23 -6.97 -19.94 -7.18
CA ASP F 23 -7.25 -20.86 -6.10
C ASP F 23 -8.74 -20.68 -5.79
N ARG F 24 -9.27 -19.43 -5.93
CA ARG F 24 -10.70 -19.13 -5.70
C ARG F 24 -11.54 -19.65 -6.86
N PHE F 25 -11.01 -19.50 -8.08
CA PHE F 25 -11.67 -19.93 -9.30
C PHE F 25 -11.92 -21.41 -9.23
N TYR F 26 -10.85 -22.10 -8.79
CA TYR F 26 -10.84 -23.56 -8.62
C TYR F 26 -11.65 -24.00 -7.42
N LYS F 27 -11.41 -23.35 -6.29
CA LYS F 27 -12.10 -23.71 -5.09
C LYS F 27 -13.61 -23.58 -5.32
N THR F 28 -14.03 -22.50 -5.96
CA THR F 28 -15.46 -22.33 -6.25
C THR F 28 -15.89 -23.43 -7.24
N LEU F 29 -15.03 -23.91 -8.12
CA LEU F 29 -15.45 -25.05 -8.96
C LEU F 29 -15.84 -26.34 -8.17
N ARG F 30 -15.76 -26.38 -6.85
CA ARG F 30 -16.07 -27.64 -6.12
C ARG F 30 -17.55 -27.82 -5.59
N ALA F 31 -18.51 -26.84 -5.70
CA ALA F 31 -19.86 -27.01 -5.00
C ALA F 31 -21.20 -27.21 -5.78
N GLU F 32 -21.33 -26.84 -7.03
CA GLU F 32 -22.64 -26.95 -7.77
C GLU F 32 -22.45 -28.17 -8.63
N GLN F 33 -23.44 -28.61 -9.40
CA GLN F 33 -23.22 -29.78 -10.27
C GLN F 33 -22.88 -29.33 -11.69
N ALA F 34 -21.61 -29.43 -12.02
CA ALA F 34 -21.12 -29.11 -13.35
C ALA F 34 -20.51 -30.39 -13.89
N SER F 35 -21.10 -30.88 -14.97
CA SER F 35 -20.64 -32.09 -15.62
C SER F 35 -19.14 -32.05 -15.76
N GLN F 36 -18.52 -33.22 -15.90
CA GLN F 36 -17.07 -33.30 -15.99
C GLN F 36 -16.60 -32.33 -17.07
N GLU F 37 -17.26 -32.36 -18.23
CA GLU F 37 -16.96 -31.42 -19.31
C GLU F 37 -17.50 -30.03 -19.01
N VAL F 38 -18.74 -29.91 -18.53
CA VAL F 38 -19.29 -28.58 -18.20
C VAL F 38 -18.34 -27.87 -17.23
N LYS F 39 -17.55 -28.63 -16.49
CA LYS F 39 -16.56 -28.00 -15.64
C LYS F 39 -15.40 -27.48 -16.45
N ASN F 40 -14.72 -28.42 -17.16
CA ASN F 40 -13.53 -28.07 -17.96
C ASN F 40 -13.84 -26.82 -18.77
N TRP F 41 -14.99 -26.89 -19.42
CA TRP F 41 -15.59 -25.82 -20.24
C TRP F 41 -15.44 -24.52 -19.50
N MET F 42 -15.83 -24.53 -18.24
CA MET F 42 -15.68 -23.35 -17.42
C MET F 42 -14.19 -23.04 -17.09
N THR F 43 -13.41 -24.09 -16.76
CA THR F 43 -12.00 -23.94 -16.36
C THR F 43 -11.12 -23.37 -17.46
N GLU F 44 -11.51 -23.57 -18.71
CA GLU F 44 -10.70 -23.04 -19.80
C GLU F 44 -11.10 -21.62 -20.16
N THR F 45 -12.32 -21.51 -20.70
CA THR F 45 -12.88 -20.26 -21.20
C THR F 45 -13.03 -19.14 -20.14
N LEU F 46 -13.61 -19.46 -18.99
CA LEU F 46 -13.83 -18.44 -17.95
C LEU F 46 -12.61 -18.16 -17.11
N LEU F 47 -11.64 -19.05 -17.06
CA LEU F 47 -10.47 -18.72 -16.29
C LEU F 47 -9.81 -17.50 -16.90
N VAL F 48 -9.78 -17.47 -18.22
CA VAL F 48 -9.15 -16.38 -18.91
C VAL F 48 -10.10 -15.19 -19.09
N GLN F 49 -11.40 -15.42 -19.06
CA GLN F 49 -12.34 -14.31 -19.31
C GLN F 49 -12.62 -13.41 -18.10
N ASN F 50 -12.92 -14.02 -16.98
CA ASN F 50 -13.27 -13.26 -15.78
C ASN F 50 -12.06 -13.10 -14.85
N ALA F 51 -10.83 -13.00 -15.42
CA ALA F 51 -9.62 -12.95 -14.56
C ALA F 51 -8.71 -11.70 -14.55
N ASN F 52 -9.06 -10.58 -13.79
CA ASN F 52 -8.07 -9.45 -13.54
C ASN F 52 -7.32 -8.97 -14.76
N PRO F 53 -7.71 -7.92 -15.45
CA PRO F 53 -7.03 -7.51 -16.72
C PRO F 53 -5.48 -7.61 -16.74
N ASP F 54 -4.77 -7.59 -15.58
CA ASP F 54 -3.29 -7.73 -15.63
C ASP F 54 -2.92 -9.08 -16.22
N CYS F 55 -3.30 -10.15 -15.49
CA CYS F 55 -3.04 -11.52 -15.92
C CYS F 55 -3.90 -11.90 -17.09
N LYS F 56 -5.09 -11.36 -17.19
CA LYS F 56 -5.92 -11.72 -18.32
C LYS F 56 -5.19 -11.34 -19.61
N THR F 57 -4.52 -10.20 -19.62
CA THR F 57 -3.77 -9.83 -20.79
C THR F 57 -2.58 -10.79 -20.94
N ILE F 58 -2.06 -11.29 -19.80
CA ILE F 58 -0.95 -12.24 -19.86
C ILE F 58 -1.34 -13.57 -20.50
N LEU F 59 -2.48 -14.14 -20.12
CA LEU F 59 -2.88 -15.41 -20.72
C LEU F 59 -3.00 -15.23 -22.22
N LYS F 60 -3.60 -14.12 -22.67
CA LYS F 60 -3.73 -13.88 -24.10
C LYS F 60 -2.33 -13.90 -24.74
N ALA F 61 -1.40 -13.23 -24.07
CA ALA F 61 -0.02 -13.13 -24.52
C ALA F 61 0.70 -14.47 -24.57
N LEU F 62 0.51 -15.34 -23.56
CA LEU F 62 1.23 -16.62 -23.59
C LEU F 62 0.81 -17.34 -24.85
N GLY F 63 -0.45 -17.18 -25.18
CA GLY F 63 -1.01 -17.82 -26.34
C GLY F 63 -1.83 -19.02 -25.87
N PRO F 64 -3.03 -19.25 -26.37
CA PRO F 64 -3.84 -20.43 -25.92
C PRO F 64 -3.11 -21.77 -26.13
N GLY F 65 -3.60 -22.80 -25.46
CA GLY F 65 -2.96 -24.11 -25.54
C GLY F 65 -1.85 -24.24 -24.49
N ALA F 66 -1.45 -23.12 -23.88
CA ALA F 66 -0.44 -23.19 -22.86
C ALA F 66 -1.04 -23.85 -21.65
N THR F 67 -0.25 -24.67 -20.98
CA THR F 67 -0.76 -25.30 -19.79
C THR F 67 -1.00 -24.23 -18.79
N LEU F 68 -1.82 -24.50 -17.82
CA LEU F 68 -2.03 -23.51 -16.80
C LEU F 68 -0.72 -23.23 -16.15
N GLU F 69 0.12 -24.25 -16.06
CA GLU F 69 1.41 -24.09 -15.42
C GLU F 69 2.12 -22.92 -16.09
N GLU F 70 1.87 -22.73 -17.40
CA GLU F 70 2.45 -21.61 -18.15
C GLU F 70 1.72 -20.30 -17.83
N MET F 71 0.43 -20.40 -17.49
CA MET F 71 -0.37 -19.23 -17.08
C MET F 71 -0.08 -18.87 -15.61
N MET F 72 0.45 -19.84 -14.85
CA MET F 72 0.72 -19.68 -13.42
C MET F 72 1.91 -18.79 -13.18
N THR F 73 3.06 -19.28 -13.56
CA THR F 73 4.30 -18.56 -13.37
C THR F 73 4.24 -17.18 -14.03
N ALA F 74 3.78 -17.19 -15.28
CA ALA F 74 3.67 -15.97 -16.10
C ALA F 74 2.68 -14.97 -15.56
N CYS F 75 1.77 -15.43 -14.69
CA CYS F 75 0.82 -14.50 -14.10
C CYS F 75 1.13 -14.36 -12.59
N GLN F 76 2.22 -15.04 -12.08
CA GLN F 76 2.65 -14.91 -10.67
C GLN F 76 3.42 -13.65 -10.39
N GLY F 77 3.80 -12.90 -11.40
CA GLY F 77 4.48 -11.63 -11.14
C GLY F 77 3.45 -10.48 -10.95
N VAL F 78 2.19 -10.71 -11.45
CA VAL F 78 1.09 -9.68 -11.42
C VAL F 78 1.08 -9.11 -10.04
N GLY F 79 1.19 -7.77 -9.94
CA GLY F 79 1.59 -7.31 -8.63
C GLY F 79 2.46 -6.11 -8.85
N GLY F 80 2.97 -5.34 -7.85
CA GLY F 80 3.67 -4.16 -8.33
C GLY F 80 5.18 -4.23 -8.63
N PRO F 81 5.99 -4.58 -7.69
CA PRO F 81 7.49 -4.64 -7.90
C PRO F 81 7.98 -5.37 -9.18
N GLY F 82 7.51 -6.59 -9.46
CA GLY F 82 7.95 -7.29 -10.66
C GLY F 82 7.12 -6.91 -11.91
N HIS F 83 5.82 -7.19 -11.87
CA HIS F 83 4.98 -6.89 -13.02
C HIS F 83 4.90 -5.39 -13.26
N LYS F 84 4.62 -4.59 -12.22
CA LYS F 84 4.49 -3.16 -12.49
C LYS F 84 5.81 -2.47 -12.74
N ALA F 85 6.96 -3.04 -12.35
CA ALA F 85 8.23 -2.35 -12.63
C ALA F 85 8.37 -2.17 -14.15
N ARG F 86 8.09 -3.25 -14.86
CA ARG F 86 8.13 -3.27 -16.32
C ARG F 86 7.10 -2.31 -16.91
N VAL F 87 5.89 -2.36 -16.35
CA VAL F 87 4.77 -1.51 -16.81
C VAL F 87 5.04 -0.02 -16.58
N LEU F 88 5.66 0.31 -15.46
CA LEU F 88 5.93 1.70 -15.12
C LEU F 88 7.02 2.20 -16.02
N ALA F 89 7.95 1.32 -16.35
CA ALA F 89 9.04 1.68 -17.24
C ALA F 89 8.52 1.82 -18.67
N GLU F 90 7.62 0.92 -19.07
CA GLU F 90 7.07 0.90 -20.44
C GLU F 90 6.04 1.98 -20.72
N ALA F 91 5.05 2.07 -19.86
CA ALA F 91 3.98 3.03 -20.06
C ALA F 91 4.57 4.40 -20.08
N MET F 92 5.54 4.58 -19.20
CA MET F 92 6.20 5.86 -19.10
C MET F 92 7.29 6.07 -20.16
N SER F 93 8.02 5.03 -20.57
CA SER F 93 9.11 5.29 -21.53
C SER F 93 8.62 5.28 -22.98
N GLN F 94 7.40 4.79 -23.20
CA GLN F 94 6.84 4.80 -24.53
C GLN F 94 6.16 6.15 -24.82
N VAL F 95 5.23 6.55 -23.97
CA VAL F 95 4.46 7.79 -24.19
C VAL F 95 5.35 9.05 -24.24
N THR F 96 6.36 9.15 -23.40
CA THR F 96 7.15 10.39 -23.42
C THR F 96 7.83 10.63 -24.78
N ASN F 97 8.50 9.62 -25.32
CA ASN F 97 9.19 9.75 -26.61
C ASN F 97 8.24 9.57 -27.80
N THR F 98 7.37 8.58 -27.67
CA THR F 98 6.40 8.20 -28.71
C THR F 98 5.03 8.81 -28.48
N ALA F 99 4.92 9.91 -27.72
CA ALA F 99 3.61 10.47 -27.39
C ALA F 99 2.74 10.62 -28.64
N THR F 100 3.33 10.73 -29.80
CA THR F 100 2.52 10.76 -31.00
C THR F 100 2.40 9.32 -31.49
N ILE F 101 1.20 8.75 -31.36
CA ILE F 101 0.98 7.36 -31.78
C ILE F 101 -0.15 7.30 -32.81
N MET F 102 0.11 6.63 -33.93
CA MET F 102 -0.90 6.50 -34.98
C MET F 102 -1.45 5.08 -35.02
C1 A1CCY G . 5.19 8.69 -2.35
C2 A1CCY G . 6.09 7.78 -2.81
C3 A1CCY G . 6.42 6.71 -1.97
C4 A1CCY G . 5.86 6.58 -0.72
C5 A1CCY G . 4.89 7.48 -0.29
C6 A1CCY G . 4.54 8.55 -1.06
C7 A1CCY G . 3.59 9.70 -0.76
C9 A1CCY G . 4.55 9.88 -2.98
N10 A1CCY G . 2.66 11.43 -2.38
C13 A1CCY G . 1.10 10.64 -4.20
C15 A1CCY G . 1.72 10.40 -6.57
C16 A1CCY G . 0.86 9.39 -6.77
C17 A1CCY G . 0.08 8.94 -5.66
C18 A1CCY G . 0.22 9.50 -4.39
C19 A1CCY G . 0.58 8.65 -8.08
C20 A1CCY G . 0.64 7.16 -7.85
C21 A1CCY G . 1.50 9.05 -9.26
C22 A1CCY G . -0.88 8.95 -8.43
C24 A1CCY G . -1.29 12.44 -1.38
C25 A1CCY G . -2.69 12.07 -1.25
C26 A1CCY G . -3.55 12.28 -2.27
C27 A1CCY G . -3.06 12.70 -3.45
C28 A1CCY G . -1.72 12.89 -3.62
C30 A1CCY G . -3.12 11.36 0.00
C11 A1CCY G . 1.26 11.39 -2.79
C14 A1CCY G . 1.92 11.00 -5.32
C12 A1CCY G . 0.70 12.81 -2.76
N23 A1CCY G . -0.84 12.87 -2.59
O29 A1CCY G . -0.46 12.41 -0.44
F31 A1CCY G . -2.36 10.38 0.30
F32 A1CCY G . -3.17 12.25 1.03
F33 A1CCY G . -4.32 10.82 -0.10
C8 A1CCY G . 3.29 10.06 -2.20
H2 A1CCY G . 6.57 8.03 -3.75
H3 A1CCY G . 7.21 6.01 -2.20
H4 A1CCY G . 6.15 5.72 -0.13
H5 A1CCY G . 4.33 7.39 0.63
H7B A1CCY G . 2.67 9.47 -0.19
H7A A1CCY G . 4.01 10.58 -0.25
H9A A1CCY G . 4.41 9.69 -4.06
H9B A1CCY G . 5.21 10.75 -2.79
H1 A1CCY G . 2.86 11.93 -1.51
H15 A1CCY G . 2.38 10.78 -7.34
H17 A1CCY G . -0.61 8.12 -5.65
H18 A1CCY G . -0.46 9.19 -3.62
H20B A1CCY G . 1.67 6.88 -7.55
H20C A1CCY G . 0.30 6.63 -8.78
H20A A1CCY G . 0.04 6.79 -6.98
H21C A1CCY G . 2.53 8.75 -9.02
H21A A1CCY G . 1.36 10.10 -9.59
H21B A1CCY G . 1.31 8.38 -10.13
H22B A1CCY G . -0.88 9.92 -8.97
H22C A1CCY G . -1.58 8.92 -7.57
H22A A1CCY G . -1.21 8.25 -9.23
H26 A1CCY G . -4.52 11.79 -2.28
H27 A1CCY G . -3.67 12.57 -4.34
H28 A1CCY G . -1.23 13.05 -4.57
H11 A1CCY G . 0.68 10.68 -2.15
H14 A1CCY G . 2.70 11.76 -5.24
H12B A1CCY G . 0.77 13.41 -3.69
H12A A1CCY G . 1.10 13.47 -1.94
H8 A1CCY G . 2.61 9.22 -2.47
C1 IHP H . -2.20 3.28 -2.22
C2 IHP H . -2.48 3.44 -0.68
C3 IHP H . -1.19 3.17 0.11
C4 IHP H . -0.16 4.15 -0.30
C5 IHP H . 0.20 3.68 -1.76
C6 IHP H . -1.06 4.16 -2.67
O11 IHP H . -3.42 3.52 -2.99
P1 IHP H . -4.30 2.25 -3.51
O21 IHP H . -3.73 1.04 -2.82
O31 IHP H . -5.81 2.55 -3.23
O41 IHP H . -4.04 2.21 -4.96
O12 IHP H . -2.92 4.84 -0.41
P2 IHP H . -4.25 5.13 0.38
O22 IHP H . -5.15 3.87 0.47
O32 IHP H . -4.94 6.23 -0.33
O42 IHP H . -3.90 5.53 1.74
O13 IHP H . -1.47 3.24 1.45
P3 IHP H . -0.99 2.14 2.47
O23 IHP H . -2.21 1.38 2.91
O33 IHP H . 0.13 1.32 1.85
O43 IHP H . -0.49 3.03 3.62
O14 IHP H . 0.95 4.08 0.57
P4 IHP H . 1.82 5.32 1.15
O24 IHP H . 2.58 5.89 -0.01
O34 IHP H . 1.06 6.37 1.90
O44 IHP H . 2.82 4.71 2.14
O15 IHP H . 1.49 4.13 -2.19
P5 IHP H . 2.72 3.13 -2.38
O25 IHP H . 3.77 4.10 -2.96
O35 IHP H . 2.29 2.00 -3.28
O45 IHP H . 3.09 2.55 -1.06
O16 IHP H . -0.73 3.87 -4.09
P6 IHP H . -0.56 4.88 -5.23
O26 IHP H . 0.47 5.94 -4.90
O36 IHP H . 0.04 3.98 -6.30
O46 IHP H . -1.84 5.55 -5.58
H1 IHP H . -1.70 2.29 -2.33
H2 IHP H . -3.13 2.60 -0.35
H3 IHP H . -0.87 2.15 -0.21
H4 IHP H . -0.64 5.16 -0.37
H5 IHP H . 0.09 2.57 -1.86
H6 IHP H . -1.25 5.23 -2.47
N GLY A 1 -32.69 8.51 -4.05
CA GLY A 1 -33.58 7.39 -3.60
C GLY A 1 -33.98 7.60 -2.17
N GLY A 2 -33.03 7.96 -1.36
CA GLY A 2 -33.29 8.25 -0.01
C GLY A 2 -33.41 7.03 0.89
N SER A 3 -33.26 5.85 0.38
CA SER A 3 -33.51 4.72 1.23
C SER A 3 -32.36 4.51 2.24
N PRO A 4 -32.64 4.09 3.48
CA PRO A 4 -31.61 3.98 4.58
C PRO A 4 -30.42 3.16 4.20
N THR A 5 -29.22 3.74 4.39
CA THR A 5 -27.94 3.08 4.08
C THR A 5 -27.73 2.44 2.66
N SER A 6 -28.77 2.29 1.82
CA SER A 6 -28.60 1.59 0.61
C SER A 6 -28.26 2.47 -0.58
N ILE A 7 -28.93 3.60 -0.70
CA ILE A 7 -28.73 4.56 -1.80
C ILE A 7 -28.46 5.95 -1.41
N LEU A 8 -28.74 6.26 -0.15
CA LEU A 8 -28.45 7.55 0.33
C LEU A 8 -27.04 7.84 0.22
N ASP A 9 -26.20 6.87 0.59
CA ASP A 9 -24.86 7.12 0.36
C ASP A 9 -24.09 5.95 -0.08
N ILE A 10 -24.59 4.93 -0.82
CA ILE A 10 -23.60 3.86 -0.94
C ILE A 10 -22.39 4.37 -1.77
N ARG A 11 -21.15 4.01 -1.38
CA ARG A 11 -19.97 4.59 -2.06
C ARG A 11 -18.88 3.58 -2.31
N GLN A 12 -18.11 3.84 -3.37
CA GLN A 12 -16.96 3.01 -3.70
C GLN A 12 -15.70 3.66 -3.17
N GLY A 13 -14.85 2.84 -2.59
CA GLY A 13 -13.59 3.31 -2.05
C GLY A 13 -12.59 3.65 -3.16
N PRO A 14 -11.67 4.59 -2.91
CA PRO A 14 -10.70 5.02 -3.93
C PRO A 14 -9.80 3.89 -4.34
N LYS A 15 -9.41 3.08 -3.36
CA LYS A 15 -8.57 1.92 -3.66
C LYS A 15 -9.46 0.69 -3.91
N GLU A 16 -10.70 0.74 -3.37
CA GLU A 16 -11.66 -0.32 -3.50
C GLU A 16 -12.13 -0.45 -4.99
N PRO A 17 -12.04 -1.60 -5.64
CA PRO A 17 -12.51 -1.75 -7.05
C PRO A 17 -14.01 -1.75 -7.19
N PHE A 18 -14.40 -1.51 -8.44
CA PHE A 18 -15.80 -1.39 -8.90
C PHE A 18 -16.70 -2.54 -8.44
N ARG A 19 -16.17 -3.77 -8.46
CA ARG A 19 -16.94 -4.94 -8.04
C ARG A 19 -17.28 -4.91 -6.55
N ASP A 20 -16.28 -4.70 -5.72
CA ASP A 20 -16.48 -4.72 -4.27
C ASP A 20 -17.62 -3.80 -3.89
N TYR A 21 -17.60 -2.64 -4.46
CA TYR A 21 -18.63 -1.64 -4.19
C TYR A 21 -19.97 -2.01 -4.78
N VAL A 22 -19.97 -2.54 -5.99
CA VAL A 22 -21.23 -2.98 -6.62
C VAL A 22 -21.90 -3.96 -5.67
N ASP A 23 -21.07 -4.85 -5.02
CA ASP A 23 -21.61 -5.83 -4.09
C ASP A 23 -22.24 -5.10 -2.90
N ARG A 24 -21.63 -4.01 -2.48
CA ARG A 24 -22.15 -3.21 -1.37
C ARG A 24 -23.41 -2.51 -1.77
N PHE A 25 -23.48 -2.15 -3.03
CA PHE A 25 -24.61 -1.46 -3.55
C PHE A 25 -25.71 -2.44 -3.82
N TYR A 26 -25.37 -3.67 -4.10
CA TYR A 26 -26.41 -4.64 -4.41
C TYR A 26 -26.96 -5.25 -3.14
N LYS A 27 -26.06 -5.79 -2.34
CA LYS A 27 -26.48 -6.47 -1.12
C LYS A 27 -27.23 -5.47 -0.24
N THR A 28 -26.75 -4.21 -0.18
CA THR A 28 -27.42 -3.21 0.65
C THR A 28 -28.84 -2.92 0.15
N LEU A 29 -29.13 -3.15 -1.16
CA LEU A 29 -30.49 -2.90 -1.63
C LEU A 29 -31.44 -3.83 -0.91
N ARG A 30 -31.08 -5.12 -0.74
CA ARG A 30 -32.03 -6.05 -0.09
C ARG A 30 -32.43 -5.61 1.30
N ALA A 31 -31.64 -4.73 1.89
CA ALA A 31 -31.94 -4.26 3.24
C ALA A 31 -32.83 -3.02 3.26
N GLU A 32 -33.14 -2.47 2.10
CA GLU A 32 -33.99 -1.28 2.08
C GLU A 32 -35.43 -1.65 1.73
N GLN A 33 -36.43 -0.97 2.34
CA GLN A 33 -37.84 -1.31 2.06
C GLN A 33 -38.39 -0.62 0.79
N ALA A 34 -37.84 -1.00 -0.36
CA ALA A 34 -38.26 -0.41 -1.64
C ALA A 34 -39.09 -1.37 -2.49
N SER A 35 -39.93 -0.80 -3.36
CA SER A 35 -40.74 -1.60 -4.29
C SER A 35 -39.81 -2.12 -5.39
N GLN A 36 -40.27 -3.08 -6.17
CA GLN A 36 -39.39 -3.69 -7.15
C GLN A 36 -38.85 -2.66 -8.15
N GLU A 37 -39.72 -1.76 -8.61
CA GLU A 37 -39.28 -0.75 -9.58
C GLU A 37 -38.33 0.19 -8.91
N VAL A 38 -38.62 0.49 -7.64
CA VAL A 38 -37.81 1.41 -6.88
C VAL A 38 -36.32 1.06 -6.87
N LYS A 39 -36.01 -0.19 -6.71
CA LYS A 39 -34.61 -0.56 -6.65
C LYS A 39 -34.00 -0.47 -8.05
N ASN A 40 -34.80 -0.73 -9.05
CA ASN A 40 -34.30 -0.71 -10.42
C ASN A 40 -33.75 0.68 -10.73
N TRP A 41 -34.59 1.65 -10.43
CA TRP A 41 -34.23 3.03 -10.61
C TRP A 41 -32.96 3.36 -9.81
N MET A 42 -32.80 2.72 -8.65
CA MET A 42 -31.62 2.94 -7.81
C MET A 42 -30.33 2.45 -8.42
N THR A 43 -30.37 1.36 -9.19
CA THR A 43 -29.12 0.82 -9.75
C THR A 43 -28.51 1.67 -10.82
N GLU A 44 -29.33 2.39 -11.52
CA GLU A 44 -28.81 3.20 -12.57
C GLU A 44 -28.34 4.55 -12.07
N THR A 45 -29.20 5.25 -11.38
CA THR A 45 -28.89 6.61 -10.94
C THR A 45 -27.73 6.71 -9.91
N LEU A 46 -27.73 5.86 -8.86
CA LEU A 46 -26.71 5.93 -7.78
C LEU A 46 -25.42 5.07 -8.09
N LEU A 47 -25.54 4.00 -8.90
CA LEU A 47 -24.36 3.21 -9.14
C LEU A 47 -23.30 4.07 -9.87
N VAL A 48 -23.71 4.89 -10.84
CA VAL A 48 -22.73 5.68 -11.60
C VAL A 48 -22.34 6.98 -10.92
N GLN A 49 -23.27 7.62 -10.23
CA GLN A 49 -22.94 8.93 -9.62
C GLN A 49 -22.03 8.86 -8.37
N ASN A 50 -22.24 7.86 -7.50
CA ASN A 50 -21.46 7.77 -6.20
C ASN A 50 -20.48 6.60 -6.16
N ALA A 51 -19.82 6.27 -7.29
CA ALA A 51 -18.91 5.12 -7.30
C ALA A 51 -17.46 5.35 -7.79
N ASN A 52 -16.54 5.84 -6.95
CA ASN A 52 -15.13 5.89 -7.41
C ASN A 52 -14.86 6.66 -8.70
N PRO A 53 -14.51 7.92 -8.66
CA PRO A 53 -14.26 8.69 -9.91
C PRO A 53 -13.39 7.93 -10.93
N ASP A 54 -12.61 6.93 -10.54
CA ASP A 54 -11.82 6.21 -11.56
C ASP A 54 -12.73 5.51 -12.52
N CYS A 55 -13.67 4.74 -11.98
CA CYS A 55 -14.61 4.02 -12.85
C CYS A 55 -15.72 4.95 -13.34
N LYS A 56 -16.05 5.98 -12.56
CA LYS A 56 -17.13 6.89 -12.96
C LYS A 56 -16.81 7.54 -14.28
N THR A 57 -15.53 7.90 -14.46
CA THR A 57 -15.11 8.47 -15.75
C THR A 57 -15.20 7.37 -16.84
N ILE A 58 -15.19 6.07 -16.42
CA ILE A 58 -15.35 4.91 -17.38
C ILE A 58 -16.82 4.62 -17.71
N LEU A 59 -17.72 4.68 -16.72
CA LEU A 59 -19.13 4.42 -16.97
C LEU A 59 -19.62 5.45 -17.99
N LYS A 60 -19.19 6.70 -17.83
CA LYS A 60 -19.60 7.74 -18.80
C LYS A 60 -19.03 7.45 -20.19
N ALA A 61 -17.76 7.07 -20.22
CA ALA A 61 -17.06 6.78 -21.49
C ALA A 61 -17.66 5.57 -22.26
N LEU A 62 -17.98 4.48 -21.54
CA LEU A 62 -18.55 3.31 -22.19
C LEU A 62 -19.81 3.78 -22.85
N GLY A 63 -20.51 4.67 -22.17
CA GLY A 63 -21.73 5.22 -22.69
C GLY A 63 -22.92 4.69 -21.87
N PRO A 64 -23.93 5.49 -21.63
CA PRO A 64 -25.11 4.99 -20.86
C PRO A 64 -25.74 3.80 -21.57
N GLY A 65 -26.61 3.07 -20.86
CA GLY A 65 -27.30 1.93 -21.46
C GLY A 65 -26.43 0.68 -21.51
N ALA A 66 -25.18 0.77 -21.06
CA ALA A 66 -24.30 -0.39 -21.10
C ALA A 66 -24.63 -1.28 -19.94
N THR A 67 -24.79 -2.56 -20.20
CA THR A 67 -25.15 -3.46 -19.11
C THR A 67 -24.00 -3.62 -18.12
N LEU A 68 -24.33 -4.08 -16.94
CA LEU A 68 -23.29 -4.23 -15.95
C LEU A 68 -22.20 -5.12 -16.44
N GLU A 69 -22.50 -5.97 -17.38
CA GLU A 69 -21.48 -6.81 -17.88
C GLU A 69 -20.38 -5.88 -18.48
N GLU A 70 -20.80 -4.86 -19.23
CA GLU A 70 -19.85 -3.92 -19.83
C GLU A 70 -19.23 -2.94 -18.81
N MET A 71 -20.01 -2.48 -17.83
CA MET A 71 -19.45 -1.56 -16.83
C MET A 71 -18.41 -2.34 -15.96
N MET A 72 -18.77 -3.55 -15.67
CA MET A 72 -17.89 -4.41 -14.89
C MET A 72 -16.53 -4.59 -15.56
N THR A 73 -16.51 -5.23 -16.73
CA THR A 73 -15.26 -5.53 -17.43
C THR A 73 -14.34 -4.32 -17.54
N ALA A 74 -14.88 -3.20 -18.00
CA ALA A 74 -14.10 -1.97 -18.18
C ALA A 74 -13.57 -1.37 -16.88
N CYS A 75 -14.31 -1.51 -15.79
CA CYS A 75 -13.86 -0.94 -14.53
C CYS A 75 -13.08 -1.96 -13.70
N GLN A 76 -12.87 -3.16 -14.20
CA GLN A 76 -12.01 -4.09 -13.44
C GLN A 76 -10.58 -3.55 -13.38
N GLY A 77 -10.21 -2.87 -14.46
CA GLY A 77 -8.85 -2.35 -14.62
C GLY A 77 -8.55 -1.24 -13.66
N VAL A 78 -9.56 -0.75 -12.91
CA VAL A 78 -9.30 0.31 -11.87
C VAL A 78 -8.24 -0.35 -11.00
N GLY A 79 -7.15 0.40 -10.48
CA GLY A 79 -6.09 -0.43 -9.91
C GLY A 79 -4.71 0.03 -10.35
N GLY A 80 -3.60 -0.54 -9.86
CA GLY A 80 -2.40 0.11 -10.30
C GLY A 80 -1.84 -0.17 -11.75
N PRO A 81 -1.70 -1.35 -12.13
CA PRO A 81 -1.14 -1.64 -13.48
C PRO A 81 -2.08 -1.31 -14.61
N GLY A 82 -3.37 -1.57 -14.41
CA GLY A 82 -4.32 -1.37 -15.49
C GLY A 82 -4.69 0.09 -15.73
N HIS A 83 -5.32 0.69 -14.74
CA HIS A 83 -5.79 2.04 -14.92
C HIS A 83 -4.66 3.08 -14.59
N LYS A 84 -4.01 2.94 -13.42
CA LYS A 84 -3.03 3.93 -13.02
C LYS A 84 -1.90 4.04 -14.00
N ALA A 85 -1.56 2.95 -14.63
CA ALA A 85 -0.52 3.01 -15.62
C ALA A 85 -0.94 4.01 -16.67
N ARG A 86 -2.24 4.05 -16.97
CA ARG A 86 -2.76 4.98 -17.98
C ARG A 86 -3.00 6.43 -17.42
N VAL A 87 -3.54 6.58 -16.23
CA VAL A 87 -3.79 7.93 -15.77
C VAL A 87 -2.52 8.64 -15.42
N LEU A 88 -1.62 7.93 -14.76
CA LEU A 88 -0.39 8.55 -14.38
C LEU A 88 0.42 8.86 -15.59
N ALA A 89 0.51 7.90 -16.48
CA ALA A 89 1.34 8.10 -17.68
C ALA A 89 0.87 9.28 -18.53
N GLU A 90 -0.42 9.43 -18.71
CA GLU A 90 -0.91 10.52 -19.55
C GLU A 90 -0.78 11.85 -18.87
N ALA A 91 -1.18 11.91 -17.63
CA ALA A 91 -1.16 13.17 -16.96
C ALA A 91 0.24 13.73 -16.96
N MET A 92 1.21 12.89 -16.72
CA MET A 92 2.58 13.35 -16.67
C MET A 92 3.04 13.95 -17.99
N SER A 93 2.69 13.27 -19.10
CA SER A 93 3.13 13.71 -20.44
C SER A 93 2.18 14.70 -21.10
N GLN A 94 1.02 14.94 -20.50
CA GLN A 94 0.08 15.89 -21.07
C GLN A 94 0.49 17.29 -20.67
N VAL A 95 0.80 17.45 -19.39
CA VAL A 95 1.20 18.75 -18.89
C VAL A 95 2.58 19.16 -19.38
N THR A 96 3.50 18.21 -19.54
CA THR A 96 4.84 18.58 -19.95
C THR A 96 4.97 18.83 -21.48
N ASN A 97 4.53 17.88 -22.32
CA ASN A 97 4.71 18.04 -23.77
C ASN A 97 3.59 18.81 -24.50
N THR A 98 2.34 18.44 -24.27
CA THR A 98 1.20 19.05 -24.97
C THR A 98 0.80 20.39 -24.39
N ALA A 99 0.81 20.43 -23.09
CA ALA A 99 0.35 21.58 -22.35
C ALA A 99 1.47 22.25 -21.58
N THR A 100 2.64 22.39 -22.19
CA THR A 100 3.76 22.95 -21.46
C THR A 100 3.37 24.29 -20.88
N ILE A 101 3.41 24.33 -19.56
CA ILE A 101 3.00 25.49 -18.81
C ILE A 101 4.23 26.30 -18.39
N MET A 102 4.26 27.56 -18.79
CA MET A 102 5.38 28.43 -18.44
C MET A 102 4.96 29.48 -17.42
N GLY B 1 -13.89 22.30 20.57
CA GLY B 1 -14.96 21.25 20.61
C GLY B 1 -15.33 20.97 22.06
N GLY B 2 -14.48 20.24 22.74
CA GLY B 2 -14.74 19.95 24.14
C GLY B 2 -15.75 18.81 24.36
N SER B 3 -16.32 18.26 23.27
CA SER B 3 -17.28 17.16 23.43
C SER B 3 -16.51 15.80 23.42
N PRO B 4 -16.65 14.92 24.41
CA PRO B 4 -15.84 13.66 24.44
C PRO B 4 -16.00 12.80 23.19
N THR B 5 -14.82 12.49 22.58
CA THR B 5 -14.66 11.68 21.34
C THR B 5 -15.27 12.25 20.08
N SER B 6 -16.47 12.70 20.16
CA SER B 6 -17.15 13.14 18.99
C SER B 6 -16.57 14.39 18.33
N ILE B 7 -16.42 15.49 19.06
CA ILE B 7 -15.93 16.75 18.48
C ILE B 7 -14.65 17.34 19.02
N LEU B 8 -14.13 16.81 20.09
CA LEU B 8 -12.83 17.28 20.53
C LEU B 8 -11.82 17.04 19.48
N ASP B 9 -11.83 15.86 18.86
CA ASP B 9 -10.88 15.72 17.83
C ASP B 9 -11.18 14.74 16.74
N ILE B 10 -12.46 14.53 16.29
CA ILE B 10 -12.64 13.42 15.36
C ILE B 10 -11.62 13.50 14.17
N ARG B 11 -11.07 12.39 13.66
CA ARG B 11 -9.96 12.47 12.66
C ARG B 11 -10.14 11.68 11.34
N GLN B 12 -9.72 12.26 10.19
CA GLN B 12 -9.79 11.52 8.89
C GLN B 12 -8.40 10.95 8.61
N GLY B 13 -8.27 9.63 8.75
CA GLY B 13 -7.00 9.01 8.56
C GLY B 13 -6.36 9.43 7.24
N PRO B 14 -5.01 9.36 7.13
CA PRO B 14 -4.23 9.75 5.86
C PRO B 14 -4.61 8.91 4.62
N LYS B 15 -4.57 7.58 4.74
CA LYS B 15 -4.99 6.72 3.62
C LYS B 15 -6.51 6.63 3.57
N GLU B 16 -7.21 7.38 4.42
CA GLU B 16 -8.59 7.23 4.55
C GLU B 16 -9.43 8.22 3.75
N PRO B 17 -10.54 7.82 3.14
CA PRO B 17 -11.42 8.78 2.41
C PRO B 17 -12.39 9.56 3.30
N PHE B 18 -12.63 10.78 2.83
CA PHE B 18 -13.51 11.76 3.43
C PHE B 18 -14.77 11.18 4.08
N ARG B 19 -15.65 10.56 3.30
CA ARG B 19 -16.90 10.02 3.83
C ARG B 19 -16.79 9.02 4.97
N ASP B 20 -15.92 8.04 4.85
CA ASP B 20 -15.75 7.01 5.91
C ASP B 20 -15.60 7.69 7.26
N TYR B 21 -14.68 8.62 7.30
CA TYR B 21 -14.42 9.44 8.48
C TYR B 21 -15.64 10.30 8.81
N VAL B 22 -16.30 10.83 7.78
CA VAL B 22 -17.50 11.63 8.01
C VAL B 22 -18.50 10.77 8.76
N ASP B 23 -18.48 9.47 8.48
CA ASP B 23 -19.37 8.54 9.15
C ASP B 23 -18.94 8.47 10.61
N ARG B 24 -17.63 8.52 10.83
CA ARG B 24 -17.09 8.44 12.19
C ARG B 24 -17.50 9.65 12.99
N PHE B 25 -17.44 10.82 12.37
CA PHE B 25 -17.83 12.06 13.01
C PHE B 25 -19.31 12.15 13.24
N TYR B 26 -20.08 11.59 12.33
CA TYR B 26 -21.52 11.65 12.45
C TYR B 26 -22.07 10.62 13.40
N LYS B 27 -21.82 9.37 13.08
CA LYS B 27 -22.37 8.28 13.86
C LYS B 27 -22.03 8.47 15.34
N THR B 28 -20.86 9.03 15.64
CA THR B 28 -20.46 9.22 17.03
C THR B 28 -21.24 10.36 17.74
N LEU B 29 -21.71 11.37 17.01
CA LEU B 29 -22.40 12.50 17.66
C LEU B 29 -23.53 12.00 18.58
N ARG B 30 -24.26 10.94 18.20
CA ARG B 30 -25.37 10.47 19.07
C ARG B 30 -24.82 10.20 20.47
N ALA B 31 -23.58 9.72 20.50
CA ALA B 31 -22.89 9.38 21.73
C ALA B 31 -22.58 10.59 22.62
N GLU B 32 -22.58 11.81 22.07
CA GLU B 32 -22.29 12.98 22.93
C GLU B 32 -23.62 13.59 23.45
N GLN B 33 -23.61 14.19 24.65
CA GLN B 33 -24.83 14.77 25.25
C GLN B 33 -25.00 16.28 24.91
N ALA B 34 -25.25 16.54 23.64
CA ALA B 34 -25.40 17.92 23.14
C ALA B 34 -26.85 18.29 22.86
N SER B 35 -26.99 19.54 22.43
CA SER B 35 -28.28 20.05 21.99
C SER B 35 -28.38 19.68 20.49
N GLN B 36 -29.58 19.43 20.01
CA GLN B 36 -29.76 19.03 18.63
C GLN B 36 -29.20 20.07 17.66
N GLU B 37 -29.36 21.36 17.99
CA GLU B 37 -28.88 22.43 17.12
C GLU B 37 -27.34 22.60 17.28
N VAL B 38 -26.84 22.19 18.45
CA VAL B 38 -25.40 22.24 18.69
C VAL B 38 -24.65 21.32 17.73
N LYS B 39 -25.23 20.16 17.48
CA LYS B 39 -24.61 19.18 16.60
C LYS B 39 -24.50 19.73 15.18
N ASN B 40 -25.55 20.35 14.73
CA ASN B 40 -25.55 20.94 13.39
C ASN B 40 -24.30 21.84 13.14
N TRP B 41 -23.97 22.65 14.15
CA TRP B 41 -22.81 23.55 14.15
C TRP B 41 -21.51 22.77 14.03
N MET B 42 -21.47 21.64 14.70
CA MET B 42 -20.28 20.78 14.72
C MET B 42 -19.95 20.19 13.35
N THR B 43 -20.93 20.00 12.51
CA THR B 43 -20.64 19.36 11.25
C THR B 43 -19.72 20.22 10.37
N GLU B 44 -19.92 21.52 10.39
CA GLU B 44 -19.11 22.40 9.55
C GLU B 44 -17.81 22.80 10.22
N THR B 45 -17.72 22.70 11.53
CA THR B 45 -16.50 23.12 12.20
C THR B 45 -15.44 22.00 12.29
N LEU B 46 -15.78 20.93 12.98
CA LEU B 46 -14.83 19.86 13.18
C LEU B 46 -14.61 19.03 11.93
N LEU B 47 -15.60 18.91 11.08
CA LEU B 47 -15.38 18.08 9.93
C LEU B 47 -14.20 18.56 9.07
N VAL B 48 -14.36 19.73 8.44
CA VAL B 48 -13.35 20.23 7.51
C VAL B 48 -12.01 20.54 8.18
N GLN B 49 -11.94 20.70 9.51
CA GLN B 49 -10.64 21.08 10.05
C GLN B 49 -9.64 19.91 10.19
N ASN B 50 -10.01 18.89 10.91
CA ASN B 50 -9.11 17.78 11.15
C ASN B 50 -9.23 16.59 10.18
N ALA B 51 -9.48 16.86 8.85
CA ALA B 51 -9.71 15.75 7.91
C ALA B 51 -8.82 15.61 6.62
N ASN B 52 -7.79 14.73 6.67
CA ASN B 52 -7.06 14.34 5.43
C ASN B 52 -6.72 15.47 4.45
N PRO B 53 -5.62 16.16 4.61
CA PRO B 53 -5.24 17.28 3.72
C PRO B 53 -5.60 17.18 2.24
N ASP B 54 -5.70 15.99 1.62
CA ASP B 54 -6.18 15.95 0.24
C ASP B 54 -7.63 16.33 0.13
N CYS B 55 -8.44 15.86 1.06
CA CYS B 55 -9.85 16.13 0.94
C CYS B 55 -10.21 17.54 1.46
N LYS B 56 -9.50 18.01 2.48
CA LYS B 56 -9.78 19.28 3.07
C LYS B 56 -9.55 20.41 2.08
N THR B 57 -8.41 20.37 1.42
CA THR B 57 -8.10 21.38 0.43
C THR B 57 -9.23 21.41 -0.61
N ILE B 58 -9.95 20.29 -0.76
CA ILE B 58 -11.10 20.27 -1.69
C ILE B 58 -12.28 21.00 -1.06
N LEU B 59 -12.58 20.73 0.22
CA LEU B 59 -13.73 21.37 0.84
C LEU B 59 -13.64 22.88 0.71
N LYS B 60 -12.46 23.49 0.94
CA LYS B 60 -12.36 24.96 0.79
C LYS B 60 -12.62 25.35 -0.67
N ALA B 61 -12.15 24.52 -1.61
CA ALA B 61 -12.32 24.80 -3.05
C ALA B 61 -13.79 24.79 -3.47
N LEU B 62 -14.49 23.73 -3.08
CA LEU B 62 -15.91 23.64 -3.32
C LEU B 62 -16.57 24.80 -2.59
N GLY B 63 -16.06 25.04 -1.40
CA GLY B 63 -16.48 26.11 -0.53
C GLY B 63 -17.49 25.60 0.53
N PRO B 64 -17.70 26.34 1.61
CA PRO B 64 -18.69 25.95 2.68
C PRO B 64 -20.16 26.20 2.25
N GLY B 65 -21.04 25.27 2.59
CA GLY B 65 -22.47 25.41 2.29
C GLY B 65 -22.92 24.55 1.11
N ALA B 66 -21.97 24.00 0.37
CA ALA B 66 -22.32 23.12 -0.76
C ALA B 66 -23.00 21.87 -0.23
N THR B 67 -24.06 21.39 -0.89
CA THR B 67 -24.73 20.20 -0.39
C THR B 67 -23.72 19.07 -0.33
N LEU B 68 -24.03 18.04 0.47
CA LEU B 68 -23.11 16.94 0.68
C LEU B 68 -22.84 16.23 -0.63
N GLU B 69 -23.75 16.35 -1.58
CA GLU B 69 -23.55 15.72 -2.85
C GLU B 69 -22.21 16.29 -3.38
N GLU B 70 -21.99 17.60 -3.10
CA GLU B 70 -20.73 18.25 -3.51
C GLU B 70 -19.54 17.93 -2.57
N MET B 71 -19.76 17.86 -1.24
CA MET B 71 -18.66 17.53 -0.30
C MET B 71 -18.23 16.03 -0.43
N MET B 72 -19.13 15.21 -1.01
CA MET B 72 -18.84 13.78 -1.17
C MET B 72 -17.98 13.50 -2.40
N THR B 73 -18.59 13.68 -3.56
CA THR B 73 -18.01 13.34 -4.85
C THR B 73 -16.62 13.89 -5.08
N ALA B 74 -16.42 15.16 -4.87
CA ALA B 74 -15.12 15.74 -5.10
C ALA B 74 -14.04 15.09 -4.22
N CYS B 75 -14.46 14.72 -2.97
CA CYS B 75 -13.54 14.14 -2.00
C CYS B 75 -13.51 12.62 -2.07
N GLN B 76 -14.48 11.99 -2.78
CA GLN B 76 -14.40 10.55 -2.92
C GLN B 76 -13.24 10.19 -3.82
N GLY B 77 -12.73 11.16 -4.62
CA GLY B 77 -11.63 10.84 -5.50
C GLY B 77 -10.35 10.64 -4.71
N VAL B 78 -10.29 11.28 -3.50
CA VAL B 78 -9.06 11.22 -2.55
C VAL B 78 -8.61 9.85 -2.58
N GLY B 79 -7.27 9.56 -2.92
CA GLY B 79 -7.08 8.18 -3.17
C GLY B 79 -6.15 7.85 -4.24
N GLY B 80 -5.93 6.54 -4.46
CA GLY B 80 -4.91 6.22 -5.42
C GLY B 80 -5.07 6.45 -6.95
N PRO B 81 -5.98 5.91 -7.58
CA PRO B 81 -6.05 6.15 -9.02
C PRO B 81 -6.54 7.53 -9.44
N GLY B 82 -7.50 8.12 -8.71
CA GLY B 82 -8.06 9.43 -9.12
C GLY B 82 -7.37 10.69 -8.57
N HIS B 83 -7.47 10.92 -7.24
CA HIS B 83 -6.92 12.15 -6.61
C HIS B 83 -5.47 12.22 -6.80
N LYS B 84 -4.84 11.07 -6.58
CA LYS B 84 -3.39 11.01 -6.65
C LYS B 84 -2.77 10.82 -7.97
N ALA B 85 -3.41 10.12 -8.91
CA ALA B 85 -2.83 10.10 -10.26
C ALA B 85 -2.70 11.56 -10.77
N ARG B 86 -3.53 12.47 -10.20
CA ARG B 86 -3.54 13.85 -10.58
C ARG B 86 -2.60 14.82 -9.72
N VAL B 87 -2.87 15.01 -8.40
CA VAL B 87 -2.13 16.03 -7.58
C VAL B 87 -0.64 15.98 -7.45
N LEU B 88 -0.06 14.97 -6.86
CA LEU B 88 1.37 15.05 -6.74
C LEU B 88 2.04 14.77 -8.02
N ALA B 89 1.46 13.80 -8.71
CA ALA B 89 1.96 13.40 -9.96
C ALA B 89 2.16 14.70 -10.82
N GLU B 90 1.22 15.70 -10.62
CA GLU B 90 1.35 17.05 -11.24
C GLU B 90 2.48 17.85 -10.62
N ALA B 91 2.58 17.83 -9.31
CA ALA B 91 3.62 18.58 -8.62
C ALA B 91 4.99 18.26 -9.24
N MET B 92 5.12 17.07 -9.78
CA MET B 92 6.37 16.69 -10.42
C MET B 92 6.57 17.47 -11.71
N SER B 93 5.49 17.69 -12.44
CA SER B 93 5.60 18.46 -13.69
C SER B 93 5.50 19.96 -13.41
N GLN B 94 5.16 20.36 -12.17
CA GLN B 94 5.09 21.77 -11.83
C GLN B 94 6.46 22.26 -11.42
N VAL B 95 6.97 21.65 -10.37
CA VAL B 95 8.27 22.04 -9.82
C VAL B 95 9.34 22.00 -10.90
N THR B 96 9.32 20.98 -11.76
CA THR B 96 10.36 20.89 -12.79
C THR B 96 10.24 21.92 -13.92
N ASN B 97 9.06 22.06 -14.56
CA ASN B 97 8.94 23.03 -15.67
C ASN B 97 8.54 24.45 -15.23
N THR B 98 7.47 24.52 -14.44
CA THR B 98 6.90 25.80 -14.00
C THR B 98 7.71 26.53 -12.93
N ALA B 99 8.22 25.77 -11.99
CA ALA B 99 8.93 26.33 -10.84
C ALA B 99 10.35 25.81 -10.71
N THR B 100 11.10 25.69 -11.82
CA THR B 100 12.45 25.14 -11.72
C THR B 100 13.23 25.95 -10.71
N ILE B 101 13.67 25.26 -9.66
CA ILE B 101 14.37 25.90 -8.58
C ILE B 101 15.88 25.69 -8.70
N MET B 102 16.64 26.78 -8.62
CA MET B 102 18.10 26.69 -8.72
C MET B 102 18.77 27.31 -7.50
N GLY C 1 12.24 8.74 29.47
CA GLY C 1 11.60 8.47 30.78
C GLY C 1 12.09 7.15 31.33
N GLY C 2 12.06 6.14 30.48
CA GLY C 2 12.52 4.83 30.84
C GLY C 2 11.49 4.03 31.68
N SER C 3 10.19 4.40 31.64
CA SER C 3 9.17 3.68 32.44
C SER C 3 8.61 2.46 31.65
N PRO C 4 8.33 1.31 32.30
CA PRO C 4 7.92 0.05 31.61
C PRO C 4 7.01 0.22 30.41
N THR C 5 7.47 -0.44 29.32
CA THR C 5 6.83 -0.47 27.96
C THR C 5 6.54 0.90 27.36
N SER C 6 5.65 1.60 27.99
CA SER C 6 5.22 2.80 27.46
C SER C 6 6.28 3.79 27.01
N ILE C 7 7.14 4.36 27.90
CA ILE C 7 8.12 5.41 27.48
C ILE C 7 9.64 5.03 27.39
N LEU C 8 9.90 3.80 27.57
CA LEU C 8 11.24 3.28 27.35
C LEU C 8 11.54 3.55 25.93
N ASP C 9 10.50 3.40 25.08
CA ASP C 9 10.76 3.81 23.76
C ASP C 9 9.57 4.20 22.95
N ILE C 10 8.45 4.79 23.55
CA ILE C 10 7.20 4.87 22.77
C ILE C 10 7.43 5.29 21.29
N ARG C 11 6.91 4.45 20.41
CA ARG C 11 7.19 4.51 18.96
C ARG C 11 6.06 5.02 18.04
N GLN C 12 6.42 5.91 17.08
CA GLN C 12 5.42 6.36 16.07
C GLN C 12 5.71 5.73 14.64
N GLY C 13 4.74 4.93 14.12
CA GLY C 13 4.84 4.24 12.81
C GLY C 13 4.94 5.19 11.59
N PRO C 14 5.65 4.80 10.52
CA PRO C 14 5.86 5.68 9.34
C PRO C 14 4.56 5.85 8.58
N LYS C 15 3.66 4.86 8.69
CA LYS C 15 2.37 5.01 8.06
C LYS C 15 1.35 5.46 9.14
N GLU C 16 1.66 5.18 10.42
CA GLU C 16 0.79 5.54 11.54
C GLU C 16 0.84 7.08 11.77
N PRO C 17 -0.25 7.81 11.74
CA PRO C 17 -0.21 9.31 11.91
C PRO C 17 0.14 9.70 13.32
N PHE C 18 0.53 10.96 13.46
CA PHE C 18 0.86 11.49 14.77
C PHE C 18 -0.29 11.16 15.73
N ARG C 19 -1.52 11.35 15.33
CA ARG C 19 -2.63 11.11 16.27
C ARG C 19 -2.72 9.67 16.80
N ASP C 20 -2.63 8.69 15.95
CA ASP C 20 -2.74 7.34 16.46
C ASP C 20 -1.66 7.08 17.51
N TYR C 21 -0.43 7.42 17.18
CA TYR C 21 0.67 7.26 18.12
C TYR C 21 0.45 8.14 19.34
N VAL C 22 -0.15 9.32 19.16
CA VAL C 22 -0.40 10.15 20.34
C VAL C 22 -1.24 9.39 21.33
N ASP C 23 -2.27 8.72 20.83
CA ASP C 23 -3.13 7.94 21.69
C ASP C 23 -2.31 6.83 22.36
N ARG C 24 -1.15 6.47 21.76
CA ARG C 24 -0.33 5.44 22.36
C ARG C 24 0.39 5.93 23.57
N PHE C 25 1.35 6.86 23.41
CA PHE C 25 2.09 7.33 24.56
C PHE C 25 1.16 7.77 25.71
N TYR C 26 -0.07 8.22 25.42
CA TYR C 26 -0.90 8.66 26.54
C TYR C 26 -1.52 7.53 27.33
N LYS C 27 -2.30 6.69 26.65
CA LYS C 27 -2.96 5.58 27.33
C LYS C 27 -1.92 4.67 27.95
N THR C 28 -0.81 4.40 27.23
CA THR C 28 0.21 3.49 27.79
C THR C 28 0.90 4.16 28.99
N LEU C 29 0.81 5.51 29.08
CA LEU C 29 1.26 6.20 30.28
C LEU C 29 0.40 5.84 31.52
N ARG C 30 -0.92 5.60 31.39
CA ARG C 30 -1.68 5.23 32.61
C ARG C 30 -1.47 3.76 33.00
N ALA C 31 -0.67 3.01 32.22
CA ALA C 31 -0.40 1.61 32.56
C ALA C 31 0.93 1.38 33.28
N GLU C 32 1.82 2.39 33.36
CA GLU C 32 3.10 2.22 34.06
C GLU C 32 3.09 2.93 35.44
N GLN C 33 3.74 2.32 36.45
CA GLN C 33 3.77 2.86 37.88
C GLN C 33 4.55 4.21 38.10
N ALA C 34 4.05 5.28 37.48
CA ALA C 34 4.72 6.59 37.56
C ALA C 34 3.87 7.68 38.24
N SER C 35 4.56 8.50 39.04
CA SER C 35 3.95 9.63 39.75
C SER C 35 3.43 10.69 38.74
N GLN C 36 2.49 11.50 39.20
CA GLN C 36 1.84 12.45 38.32
C GLN C 36 2.79 13.27 37.41
N GLU C 37 3.81 13.94 37.95
CA GLU C 37 4.65 14.79 37.09
C GLU C 37 5.53 13.99 36.13
N VAL C 38 5.77 12.76 36.47
CA VAL C 38 6.60 11.90 35.63
C VAL C 38 5.99 11.91 34.23
N LYS C 39 4.70 12.01 34.16
CA LYS C 39 4.07 11.95 32.87
C LYS C 39 4.17 13.33 32.22
N ASN C 40 4.19 14.36 33.05
CA ASN C 40 4.37 15.71 32.53
C ASN C 40 5.72 15.79 31.76
N TRP C 41 6.76 15.12 32.29
CA TRP C 41 8.08 15.13 31.66
C TRP C 41 8.25 14.05 30.57
N MET C 42 7.78 12.83 30.88
CA MET C 42 7.91 11.67 29.97
C MET C 42 7.22 11.89 28.64
N THR C 43 6.21 12.73 28.62
CA THR C 43 5.52 13.02 27.36
C THR C 43 6.26 14.03 26.48
N GLU C 44 6.59 15.16 27.04
CA GLU C 44 7.22 16.19 26.20
C GLU C 44 8.62 15.81 25.65
N THR C 45 9.54 15.50 26.56
CA THR C 45 10.92 15.22 26.17
C THR C 45 11.07 14.00 25.26
N LEU C 46 10.35 12.91 25.53
CA LEU C 46 10.49 11.73 24.67
C LEU C 46 9.71 11.87 23.33
N LEU C 47 8.37 12.08 23.42
CA LEU C 47 7.47 12.14 22.22
C LEU C 47 8.12 12.78 20.96
N VAL C 48 8.67 14.00 21.09
CA VAL C 48 9.28 14.69 19.94
C VAL C 48 10.49 13.95 19.42
N GLN C 49 11.37 13.49 20.32
CA GLN C 49 12.58 12.79 19.88
C GLN C 49 12.31 11.36 19.32
N ASN C 50 11.62 10.54 20.10
CA ASN C 50 11.37 9.16 19.73
C ASN C 50 10.11 8.95 18.88
N ALA C 51 9.81 9.86 17.93
CA ALA C 51 8.59 9.64 17.15
C ALA C 51 8.53 10.14 15.69
N ASN C 52 8.63 9.19 14.75
CA ASN C 52 8.33 9.50 13.33
C ASN C 52 9.02 10.71 12.72
N PRO C 53 10.14 10.59 12.03
CA PRO C 53 10.82 11.77 11.43
C PRO C 53 9.83 12.75 10.74
N ASP C 54 8.64 12.27 10.34
CA ASP C 54 7.63 13.17 9.74
C ASP C 54 7.11 14.12 10.77
N CYS C 55 6.40 13.62 11.79
CA CYS C 55 5.90 14.54 12.80
C CYS C 55 7.08 15.18 13.47
N LYS C 56 8.11 14.42 13.77
CA LYS C 56 9.28 14.95 14.42
C LYS C 56 9.88 16.11 13.63
N THR C 57 9.92 16.05 12.30
CA THR C 57 10.45 17.19 11.55
C THR C 57 9.41 18.35 11.58
N ILE C 58 8.12 18.02 11.88
CA ILE C 58 7.03 19.04 12.04
C ILE C 58 7.12 19.67 13.43
N LEU C 59 7.43 18.89 14.49
CA LEU C 59 7.49 19.45 15.84
C LEU C 59 8.64 20.41 15.89
N LYS C 60 9.75 20.03 15.27
CA LYS C 60 10.88 20.94 15.21
C LYS C 60 10.44 22.21 14.47
N ALA C 61 9.74 22.02 13.35
CA ALA C 61 9.28 23.15 12.56
C ALA C 61 8.29 24.06 13.28
N LEU C 62 7.34 23.49 14.01
CA LEU C 62 6.36 24.30 14.69
C LEU C 62 7.07 25.20 15.70
N GLY C 63 8.29 24.80 16.12
CA GLY C 63 9.05 25.59 17.05
C GLY C 63 8.70 25.12 18.45
N PRO C 64 9.63 24.99 19.37
CA PRO C 64 9.28 24.52 20.74
C PRO C 64 8.24 25.44 21.36
N GLY C 65 7.41 24.88 22.20
CA GLY C 65 6.37 25.65 22.86
C GLY C 65 5.02 25.38 22.21
N ALA C 66 5.00 24.74 21.02
CA ALA C 66 3.73 24.42 20.42
C ALA C 66 3.13 23.28 21.22
N THR C 67 2.03 23.55 21.90
CA THR C 67 1.41 22.54 22.74
C THR C 67 0.87 21.40 21.94
N LEU C 68 0.58 20.31 22.63
CA LEU C 68 0.01 19.14 21.98
C LEU C 68 -1.18 19.52 21.14
N GLU C 69 -1.96 20.49 21.59
CA GLU C 69 -3.11 20.90 20.80
C GLU C 69 -2.56 21.40 19.45
N GLU C 70 -1.52 22.23 19.48
CA GLU C 70 -0.95 22.74 18.23
C GLU C 70 -0.25 21.63 17.41
N MET C 71 0.55 20.69 18.06
CA MET C 71 1.26 19.61 17.28
C MET C 71 0.23 18.64 16.74
N MET C 72 -0.91 18.55 17.42
CA MET C 72 -1.97 17.67 17.00
C MET C 72 -2.50 18.10 15.64
N THR C 73 -2.92 19.39 15.52
CA THR C 73 -3.50 19.90 14.29
C THR C 73 -2.51 19.84 13.16
N ALA C 74 -1.31 20.27 13.48
CA ALA C 74 -0.24 20.36 12.51
C ALA C 74 0.34 19.02 12.07
N CYS C 75 0.17 17.96 12.87
CA CYS C 75 0.73 16.67 12.49
C CYS C 75 -0.39 15.70 12.04
N GLN C 76 -1.61 16.23 11.78
CA GLN C 76 -2.72 15.36 11.29
C GLN C 76 -2.42 14.75 9.92
N GLY C 77 -1.92 15.57 8.95
CA GLY C 77 -1.56 15.12 7.55
C GLY C 77 -0.29 14.31 7.56
N VAL C 78 0.38 14.14 8.76
CA VAL C 78 1.59 13.27 8.86
C VAL C 78 0.98 12.07 8.37
N GLY C 79 1.53 11.36 7.32
CA GLY C 79 0.59 10.37 6.75
C GLY C 79 0.51 10.72 5.35
N GLY C 80 -0.22 10.00 4.50
CA GLY C 80 -0.13 10.35 3.16
C GLY C 80 -0.40 11.84 2.83
N PRO C 81 -1.48 12.40 3.15
CA PRO C 81 -1.79 13.76 2.66
C PRO C 81 -0.93 14.93 3.01
N GLY C 82 -0.70 15.21 4.25
CA GLY C 82 0.03 16.41 4.48
C GLY C 82 1.46 16.24 4.18
N HIS C 83 2.00 15.36 4.93
CA HIS C 83 3.39 15.16 4.90
C HIS C 83 3.93 14.36 3.77
N LYS C 84 3.27 13.33 3.43
CA LYS C 84 3.78 12.50 2.38
C LYS C 84 3.79 13.19 1.02
N ALA C 85 2.99 14.24 0.87
CA ALA C 85 2.99 15.00 -0.36
C ALA C 85 4.16 15.97 -0.43
N ARG C 86 4.26 16.86 0.52
CA ARG C 86 5.34 17.82 0.50
C ARG C 86 6.75 17.17 0.41
N VAL C 87 6.99 16.03 1.03
CA VAL C 87 8.34 15.44 0.99
C VAL C 87 8.74 14.77 -0.33
N LEU C 88 7.85 14.07 -1.03
CA LEU C 88 8.28 13.39 -2.28
C LEU C 88 8.56 14.40 -3.42
N ALA C 89 7.66 15.36 -3.59
CA ALA C 89 7.80 16.34 -4.67
C ALA C 89 9.11 17.14 -4.60
N GLU C 90 9.53 17.50 -3.40
CA GLU C 90 10.74 18.31 -3.21
C GLU C 90 12.04 17.56 -3.40
N ALA C 91 12.14 16.41 -2.78
CA ALA C 91 13.38 15.63 -2.76
C ALA C 91 13.81 15.14 -4.15
N MET C 92 12.85 14.67 -4.89
CA MET C 92 13.13 14.16 -6.21
C MET C 92 13.78 15.23 -7.01
N SER C 93 13.27 16.44 -6.81
CA SER C 93 13.79 17.57 -7.55
C SER C 93 14.91 18.31 -6.81
N GLN C 94 15.15 18.01 -5.54
CA GLN C 94 16.15 18.79 -4.81
C GLN C 94 17.52 18.36 -5.27
N VAL C 95 17.68 17.06 -5.30
CA VAL C 95 18.92 16.47 -5.73
C VAL C 95 19.16 16.81 -7.20
N THR C 96 18.10 16.82 -8.01
CA THR C 96 18.25 17.06 -9.45
C THR C 96 18.42 18.52 -9.91
N ASN C 97 17.51 19.45 -9.55
CA ASN C 97 17.62 20.84 -10.05
C ASN C 97 18.49 21.83 -9.23
N THR C 98 18.28 21.89 -7.91
CA THR C 98 19.00 22.87 -7.08
C THR C 98 20.31 22.33 -6.53
N ALA C 99 20.23 21.10 -6.13
CA ALA C 99 21.36 20.36 -5.59
C ALA C 99 21.82 19.40 -6.66
N THR C 100 21.78 19.90 -7.91
CA THR C 100 22.09 19.08 -9.06
C THR C 100 23.45 18.45 -8.91
N ILE C 101 23.44 17.13 -9.03
CA ILE C 101 24.64 16.33 -8.88
C ILE C 101 25.15 15.84 -10.23
N MET C 102 26.38 16.22 -10.58
CA MET C 102 26.97 15.80 -11.84
C MET C 102 28.14 14.86 -11.60
N GLY D 1 23.74 -16.99 16.12
CA GLY D 1 23.26 -17.56 17.42
C GLY D 1 22.93 -19.02 17.22
N GLY D 2 22.22 -19.30 16.15
CA GLY D 2 21.88 -20.66 15.80
C GLY D 2 20.88 -21.33 16.77
N SER D 3 20.23 -20.58 17.66
CA SER D 3 19.24 -21.22 18.56
C SER D 3 17.85 -21.22 17.89
N PRO D 4 17.01 -22.24 18.07
CA PRO D 4 15.64 -22.30 17.43
C PRO D 4 14.89 -20.98 17.39
N THR D 5 14.32 -20.71 16.19
CA THR D 5 13.49 -19.54 15.79
C THR D 5 14.01 -18.20 16.15
N SER D 6 14.08 -17.96 17.39
CA SER D 6 14.40 -16.69 17.92
C SER D 6 15.53 -15.96 17.24
N ILE D 7 16.71 -16.55 17.06
CA ILE D 7 17.89 -15.85 16.47
C ILE D 7 18.65 -16.59 15.35
N LEU D 8 18.06 -17.65 14.88
CA LEU D 8 18.62 -18.43 13.74
C LEU D 8 18.83 -17.47 12.67
N ASP D 9 17.88 -16.56 12.55
CA ASP D 9 18.24 -15.48 11.76
C ASP D 9 17.35 -14.28 11.85
N ILE D 10 16.40 -14.25 12.91
CA ILE D 10 15.25 -13.32 12.89
C ILE D 10 15.34 -12.11 11.95
N ARG D 11 14.67 -12.32 10.82
CA ARG D 11 14.70 -11.44 9.66
C ARG D 11 13.48 -10.52 9.62
N GLN D 12 13.71 -9.28 9.18
CA GLN D 12 12.66 -8.26 9.15
C GLN D 12 11.92 -8.23 7.82
N GLY D 13 10.72 -7.73 7.87
CA GLY D 13 9.97 -7.60 6.64
C GLY D 13 10.34 -6.29 5.97
N PRO D 14 9.86 -6.03 4.78
CA PRO D 14 10.14 -4.73 4.08
C PRO D 14 9.26 -3.54 4.57
N LYS D 15 7.92 -3.75 4.68
CA LYS D 15 7.01 -2.70 5.19
C LYS D 15 7.13 -2.67 6.74
N GLU D 16 7.62 -3.79 7.35
CA GLU D 16 7.75 -3.88 8.83
C GLU D 16 9.03 -3.19 9.29
N PRO D 17 8.99 -2.11 10.08
CA PRO D 17 10.22 -1.38 10.48
C PRO D 17 11.06 -2.04 11.56
N PHE D 18 12.29 -1.56 11.63
CA PHE D 18 13.29 -1.99 12.60
C PHE D 18 12.77 -1.85 14.00
N ARG D 19 12.03 -0.78 14.27
CA ARG D 19 11.42 -0.56 15.58
C ARG D 19 10.48 -1.69 16.02
N ASP D 20 9.62 -2.14 15.11
CA ASP D 20 8.65 -3.18 15.43
C ASP D 20 9.37 -4.53 15.57
N TYR D 21 10.34 -4.75 14.67
CA TYR D 21 11.14 -5.99 14.59
C TYR D 21 12.09 -6.12 15.76
N VAL D 22 12.45 -4.99 16.45
CA VAL D 22 13.38 -5.10 17.55
C VAL D 22 12.83 -6.15 18.51
N ASP D 23 11.56 -5.99 18.83
CA ASP D 23 10.87 -6.95 19.68
C ASP D 23 10.88 -8.32 19.00
N ARG D 24 10.70 -8.35 17.69
CA ARG D 24 10.73 -9.65 17.03
C ARG D 24 12.07 -10.30 17.27
N PHE D 25 13.12 -9.51 17.51
CA PHE D 25 14.42 -10.11 17.83
C PHE D 25 14.57 -10.31 19.35
N TYR D 26 13.94 -9.46 20.17
CA TYR D 26 14.06 -9.56 21.63
C TYR D 26 12.98 -10.45 22.26
N LYS D 27 11.73 -10.03 22.11
CA LYS D 27 10.62 -10.76 22.68
C LYS D 27 10.73 -12.23 22.24
N THR D 28 11.23 -12.47 21.01
CA THR D 28 11.37 -13.85 20.54
C THR D 28 12.44 -14.58 21.37
N LEU D 29 13.51 -13.86 21.76
CA LEU D 29 14.57 -14.47 22.57
C LEU D 29 14.02 -15.02 23.88
N ARG D 30 13.07 -14.32 24.54
CA ARG D 30 12.52 -14.83 25.82
C ARG D 30 12.10 -16.29 25.67
N ALA D 31 11.71 -16.65 24.46
CA ALA D 31 11.31 -18.00 24.20
C ALA D 31 12.47 -18.96 24.02
N GLU D 32 13.64 -18.53 23.53
CA GLU D 32 14.72 -19.51 23.35
C GLU D 32 15.39 -19.77 24.70
N GLN D 33 15.78 -21.01 24.92
CA GLN D 33 16.44 -21.40 26.16
C GLN D 33 17.94 -21.05 26.11
N ALA D 34 18.26 -19.76 26.27
CA ALA D 34 19.67 -19.32 26.19
C ALA D 34 20.14 -18.63 27.47
N SER D 35 21.44 -18.75 27.73
CA SER D 35 22.03 -18.12 28.90
C SER D 35 22.08 -16.61 28.66
N GLN D 36 22.15 -15.88 29.75
CA GLN D 36 22.16 -14.43 29.69
C GLN D 36 23.23 -13.91 28.72
N GLU D 37 24.43 -14.51 28.76
CA GLU D 37 25.49 -14.09 27.84
C GLU D 37 25.26 -14.76 26.48
N VAL D 38 24.51 -15.86 26.46
CA VAL D 38 24.21 -16.47 25.18
C VAL D 38 23.37 -15.50 24.36
N LYS D 39 22.41 -14.81 25.02
CA LYS D 39 21.50 -13.88 24.30
C LYS D 39 22.14 -12.54 23.93
N ASN D 40 22.72 -11.87 24.91
CA ASN D 40 23.33 -10.54 24.67
C ASN D 40 24.16 -10.52 23.39
N TRP D 41 24.94 -11.59 23.18
CA TRP D 41 25.74 -11.70 21.97
C TRP D 41 24.83 -11.70 20.75
N MET D 42 23.80 -12.55 20.81
CA MET D 42 22.87 -12.70 19.71
C MET D 42 22.28 -11.37 19.28
N THR D 43 22.28 -10.39 20.18
CA THR D 43 21.73 -9.08 19.85
C THR D 43 22.67 -8.26 18.99
N GLU D 44 23.92 -8.16 19.38
CA GLU D 44 24.82 -7.35 18.60
C GLU D 44 25.18 -7.98 17.26
N THR D 45 25.31 -9.30 17.22
CA THR D 45 25.71 -9.95 15.96
C THR D 45 24.56 -10.20 14.98
N LEU D 46 23.57 -10.98 15.36
CA LEU D 46 22.50 -11.33 14.43
C LEU D 46 21.57 -10.17 14.12
N LEU D 47 21.50 -9.12 14.97
CA LEU D 47 20.54 -8.00 14.71
C LEU D 47 20.83 -7.22 13.43
N VAL D 48 22.02 -6.64 13.33
CA VAL D 48 22.34 -5.82 12.18
C VAL D 48 22.35 -6.62 10.88
N GLN D 49 22.96 -7.81 10.93
CA GLN D 49 23.10 -8.63 9.72
C GLN D 49 21.79 -9.13 9.08
N ASN D 50 20.84 -9.62 9.88
CA ASN D 50 19.62 -10.18 9.26
C ASN D 50 18.45 -9.21 9.21
N ALA D 51 18.67 -7.98 9.60
CA ALA D 51 17.56 -7.02 9.65
C ALA D 51 17.38 -6.03 8.48
N ASN D 52 16.23 -6.15 7.77
CA ASN D 52 15.80 -5.12 6.75
C ASN D 52 16.90 -4.39 5.95
N PRO D 53 17.35 -4.84 4.77
CA PRO D 53 18.48 -4.15 4.04
C PRO D 53 18.39 -2.60 4.05
N ASP D 54 17.20 -2.03 4.21
CA ASP D 54 17.11 -0.56 4.27
C ASP D 54 17.87 -0.13 5.48
N CYS D 55 17.51 -0.75 6.61
CA CYS D 55 18.08 -0.37 7.88
C CYS D 55 19.49 -0.84 8.05
N LYS D 56 19.79 -1.99 7.51
CA LYS D 56 21.12 -2.58 7.63
C LYS D 56 22.17 -1.65 7.04
N THR D 57 21.85 -1.10 5.89
CA THR D 57 22.75 -0.17 5.27
C THR D 57 22.89 1.08 6.18
N ILE D 58 21.85 1.38 7.02
CA ILE D 58 21.97 2.56 7.92
C ILE D 58 22.80 2.18 9.13
N LEU D 59 22.64 0.95 9.62
CA LEU D 59 23.40 0.51 10.77
C LEU D 59 24.88 0.62 10.42
N LYS D 60 25.32 0.17 9.22
CA LYS D 60 26.76 0.33 8.83
C LYS D 60 27.09 1.80 8.58
N ALA D 61 26.07 2.64 8.39
CA ALA D 61 26.31 4.06 8.12
C ALA D 61 26.46 4.84 9.43
N LEU D 62 25.78 4.37 10.48
CA LEU D 62 25.79 5.04 11.80
C LEU D 62 27.12 4.86 12.53
N GLY D 63 28.05 4.12 11.95
CA GLY D 63 29.33 3.90 12.64
C GLY D 63 29.12 2.81 13.72
N PRO D 64 29.94 1.74 13.79
CA PRO D 64 29.75 0.64 14.80
C PRO D 64 29.80 1.06 16.27
N GLY D 65 29.31 0.15 17.13
CA GLY D 65 29.30 0.38 18.57
C GLY D 65 28.16 1.25 19.06
N ALA D 66 27.33 1.73 18.13
CA ALA D 66 26.22 2.60 18.48
C ALA D 66 25.07 1.86 19.11
N THR D 67 24.64 2.35 20.27
CA THR D 67 23.51 1.72 20.97
C THR D 67 22.28 1.77 20.09
N LEU D 68 21.30 0.96 20.43
CA LEU D 68 20.07 0.88 19.65
C LEU D 68 19.30 2.18 19.58
N GLU D 69 19.58 3.07 20.50
CA GLU D 69 18.89 4.34 20.51
C GLU D 69 19.28 5.03 19.20
N GLU D 70 20.57 4.95 18.85
CA GLU D 70 21.05 5.56 17.61
C GLU D 70 20.50 4.79 16.42
N MET D 71 20.52 3.46 16.52
CA MET D 71 19.99 2.65 15.43
C MET D 71 18.46 2.88 15.31
N MET D 72 17.82 3.39 16.38
CA MET D 72 16.37 3.65 16.38
C MET D 72 16.07 4.98 15.66
N THR D 73 16.70 6.09 16.10
CA THR D 73 16.43 7.38 15.47
C THR D 73 16.52 7.32 13.96
N ALA D 74 17.61 6.77 13.47
CA ALA D 74 17.86 6.67 12.03
C ALA D 74 16.86 5.73 11.31
N CYS D 75 16.64 4.58 11.92
CA CYS D 75 15.76 3.59 11.31
C CYS D 75 14.25 3.93 11.39
N GLN D 76 13.84 4.87 12.25
CA GLN D 76 12.40 5.23 12.31
C GLN D 76 11.91 5.68 10.93
N GLY D 77 12.81 6.36 10.19
CA GLY D 77 12.50 6.89 8.85
C GLY D 77 12.29 5.83 7.81
N VAL D 78 12.51 4.57 8.15
CA VAL D 78 12.30 3.48 7.14
C VAL D 78 10.86 3.64 6.83
N GLY D 79 10.42 3.56 5.53
CA GLY D 79 9.06 4.05 5.31
C GLY D 79 9.19 5.12 4.25
N GLY D 80 8.12 5.74 3.69
CA GLY D 80 8.44 6.64 2.60
C GLY D 80 8.86 8.12 2.85
N PRO D 81 8.15 8.90 3.63
CA PRO D 81 8.53 10.32 3.81
C PRO D 81 9.94 10.44 4.33
N GLY D 82 10.38 9.43 5.08
CA GLY D 82 11.73 9.43 5.61
C GLY D 82 12.76 8.79 4.68
N HIS D 83 12.66 7.47 4.49
CA HIS D 83 13.68 6.80 3.69
C HIS D 83 13.36 6.74 2.19
N LYS D 84 12.15 6.24 1.79
CA LYS D 84 11.91 6.09 0.36
C LYS D 84 12.04 7.40 -0.38
N ALA D 85 11.95 8.52 0.34
CA ALA D 85 12.13 9.84 -0.27
C ALA D 85 13.59 10.00 -0.71
N ARG D 86 14.48 9.53 0.17
CA ARG D 86 15.92 9.61 -0.06
C ARG D 86 16.42 8.42 -0.93
N VAL D 87 15.66 7.31 -0.94
CA VAL D 87 16.06 6.11 -1.70
C VAL D 87 15.66 6.12 -3.20
N LEU D 88 14.49 6.69 -3.50
CA LEU D 88 14.03 6.76 -4.89
C LEU D 88 14.88 7.79 -5.65
N ALA D 89 15.16 8.89 -4.97
CA ALA D 89 15.96 9.97 -5.53
C ALA D 89 17.44 9.59 -5.74
N GLU D 90 18.04 8.84 -4.81
CA GLU D 90 19.46 8.50 -4.95
C GLU D 90 19.73 7.64 -6.18
N ALA D 91 18.88 6.65 -6.41
CA ALA D 91 19.07 5.83 -7.57
C ALA D 91 18.63 6.57 -8.85
N MET D 92 17.54 7.33 -8.74
CA MET D 92 16.99 8.05 -9.88
C MET D 92 17.91 9.13 -10.40
N SER D 93 18.54 9.88 -9.50
CA SER D 93 19.41 10.96 -9.93
C SER D 93 20.83 10.49 -10.24
N GLN D 94 21.16 9.27 -9.88
CA GLN D 94 22.52 8.78 -10.14
C GLN D 94 22.69 8.35 -11.55
N VAL D 95 21.85 7.41 -11.92
CA VAL D 95 21.85 6.86 -13.25
C VAL D 95 21.60 7.93 -14.33
N THR D 96 20.74 8.91 -14.06
CA THR D 96 20.44 9.89 -15.12
C THR D 96 21.45 11.06 -15.32
N ASN D 97 21.82 11.81 -14.26
CA ASN D 97 22.72 12.98 -14.46
C ASN D 97 24.23 12.69 -14.43
N THR D 98 24.68 11.99 -13.41
CA THR D 98 26.12 11.74 -13.20
C THR D 98 26.60 10.46 -13.87
N ALA D 99 25.77 9.46 -13.79
CA ALA D 99 26.09 8.15 -14.32
C ALA D 99 25.31 7.87 -15.59
N THR D 100 25.09 8.87 -16.45
CA THR D 100 24.27 8.62 -17.63
C THR D 100 24.87 7.47 -18.43
N ILE D 101 24.08 6.40 -18.48
CA ILE D 101 24.49 5.16 -19.14
C ILE D 101 24.06 5.18 -20.60
N MET D 102 24.95 4.71 -21.49
CA MET D 102 24.64 4.68 -22.92
C MET D 102 24.65 3.25 -23.44
N GLY E 1 6.18 -30.41 -10.19
CA GLY E 1 5.87 -30.47 -8.76
C GLY E 1 4.76 -31.48 -8.53
N GLY E 2 3.62 -30.95 -8.16
CA GLY E 2 2.38 -31.73 -8.00
C GLY E 2 2.12 -32.55 -6.68
N SER E 3 2.72 -32.20 -5.53
CA SER E 3 2.44 -32.95 -4.26
C SER E 3 1.23 -32.35 -3.50
N PRO E 4 0.35 -33.14 -2.84
CA PRO E 4 -0.90 -32.61 -2.17
C PRO E 4 -0.69 -31.29 -1.47
N THR E 5 -1.35 -30.25 -2.04
CA THR E 5 -1.31 -28.84 -1.61
C THR E 5 0.05 -28.28 -1.16
N SER E 6 1.16 -29.00 -1.40
CA SER E 6 2.45 -28.59 -0.94
C SER E 6 3.33 -28.00 -2.00
N ILE E 7 3.26 -28.60 -3.17
CA ILE E 7 4.14 -28.25 -4.29
C ILE E 7 3.50 -28.11 -5.66
N LEU E 8 2.27 -28.44 -5.77
CA LEU E 8 1.57 -28.30 -7.03
C LEU E 8 1.63 -26.88 -7.42
N ASP E 9 1.43 -25.99 -6.44
CA ASP E 9 1.62 -24.64 -6.74
C ASP E 9 2.20 -23.79 -5.62
N ILE E 10 3.02 -24.30 -4.65
CA ILE E 10 3.27 -23.34 -3.63
C ILE E 10 4.11 -22.20 -4.26
N ARG E 11 3.56 -21.00 -4.33
CA ARG E 11 4.25 -19.91 -5.03
C ARG E 11 4.28 -18.68 -4.17
N GLN E 12 5.28 -17.85 -4.41
CA GLN E 12 5.40 -16.63 -3.68
C GLN E 12 4.59 -15.57 -4.39
N GLY E 13 3.93 -14.72 -3.62
CA GLY E 13 3.17 -13.65 -4.22
C GLY E 13 4.10 -12.45 -4.57
N PRO E 14 3.80 -11.69 -5.63
CA PRO E 14 4.62 -10.49 -6.01
C PRO E 14 4.83 -9.55 -4.82
N LYS E 15 3.79 -9.35 -4.00
CA LYS E 15 3.93 -8.45 -2.86
C LYS E 15 4.31 -9.23 -1.61
N GLU E 16 4.06 -10.55 -1.62
CA GLU E 16 4.37 -11.36 -0.45
C GLU E 16 5.90 -11.56 -0.37
N PRO E 17 6.59 -11.13 0.68
CA PRO E 17 8.07 -11.31 0.72
C PRO E 17 8.49 -12.76 0.59
N PHE E 18 9.75 -12.93 0.27
CA PHE E 18 10.33 -14.25 0.13
C PHE E 18 10.18 -14.96 1.47
N ARG E 19 10.34 -14.23 2.58
CA ARG E 19 10.27 -14.85 3.91
C ARG E 19 8.95 -15.54 4.19
N ASP E 20 7.84 -14.80 4.08
CA ASP E 20 6.51 -15.33 4.36
C ASP E 20 6.19 -16.50 3.47
N TYR E 21 6.55 -16.37 2.24
CA TYR E 21 6.27 -17.42 1.29
C TYR E 21 7.00 -18.69 1.61
N VAL E 22 8.31 -18.59 1.86
CA VAL E 22 9.13 -19.76 2.15
C VAL E 22 8.44 -20.69 3.14
N ASP E 23 7.86 -20.12 4.25
CA ASP E 23 7.16 -20.96 5.22
C ASP E 23 6.01 -21.71 4.55
N ARG E 24 5.29 -21.02 3.65
CA ARG E 24 4.22 -21.66 2.88
C ARG E 24 4.82 -22.85 2.11
N PHE E 25 6.08 -22.70 1.74
CA PHE E 25 6.80 -23.73 1.06
C PHE E 25 7.43 -24.75 2.02
N TYR E 26 7.63 -24.40 3.30
CA TYR E 26 8.29 -25.33 4.24
C TYR E 26 7.33 -26.17 5.09
N LYS E 27 6.40 -25.50 5.76
CA LYS E 27 5.44 -26.17 6.63
C LYS E 27 4.49 -27.02 5.77
N THR E 28 4.08 -26.46 4.61
CA THR E 28 3.15 -27.20 3.75
C THR E 28 3.75 -28.57 3.43
N LEU E 29 5.10 -28.64 3.34
CA LEU E 29 5.74 -29.92 3.02
C LEU E 29 5.45 -30.94 4.14
N ARG E 30 5.46 -30.50 5.41
CA ARG E 30 5.22 -31.45 6.50
C ARG E 30 3.87 -32.16 6.27
N ALA E 31 2.88 -31.38 5.76
CA ALA E 31 1.50 -31.87 5.51
C ALA E 31 1.34 -32.92 4.42
N GLU E 32 2.36 -33.18 3.60
CA GLU E 32 2.23 -34.22 2.58
C GLU E 32 2.86 -35.56 3.08
N GLN E 33 2.40 -36.68 2.50
CA GLN E 33 2.93 -38.02 2.84
C GLN E 33 4.13 -38.40 1.92
N ALA E 34 5.20 -37.58 1.92
CA ALA E 34 6.37 -37.86 1.03
C ALA E 34 7.63 -38.34 1.77
N SER E 35 8.32 -39.33 1.16
CA SER E 35 9.55 -39.89 1.75
C SER E 35 10.52 -38.78 2.11
N GLN E 36 11.39 -39.07 3.06
CA GLN E 36 12.33 -38.07 3.53
C GLN E 36 13.22 -37.57 2.39
N GLU E 37 13.47 -38.40 1.37
CA GLU E 37 14.29 -37.91 0.27
C GLU E 37 13.40 -37.20 -0.78
N VAL E 38 12.11 -37.61 -0.92
CA VAL E 38 11.20 -36.92 -1.88
C VAL E 38 11.06 -35.46 -1.48
N LYS E 39 10.86 -35.19 -0.19
CA LYS E 39 10.70 -33.81 0.23
C LYS E 39 11.97 -33.03 -0.03
N ASN E 40 13.11 -33.63 0.26
CA ASN E 40 14.36 -32.92 0.06
C ASN E 40 14.44 -32.43 -1.36
N TRP E 41 13.99 -33.28 -2.28
CA TRP E 41 13.98 -32.96 -3.70
C TRP E 41 13.05 -31.78 -3.99
N MET E 42 11.87 -31.81 -3.39
CA MET E 42 10.93 -30.77 -3.62
C MET E 42 11.34 -29.47 -2.96
N THR E 43 12.10 -29.51 -1.86
CA THR E 43 12.47 -28.26 -1.24
C THR E 43 13.21 -27.35 -2.23
N GLU E 44 14.06 -27.96 -3.07
CA GLU E 44 14.86 -27.17 -4.01
C GLU E 44 14.15 -26.85 -5.35
N THR E 45 13.82 -27.87 -6.09
CA THR E 45 13.24 -27.69 -7.43
C THR E 45 12.06 -26.73 -7.43
N LEU E 46 11.19 -26.82 -6.45
CA LEU E 46 10.04 -25.93 -6.44
C LEU E 46 10.30 -24.59 -5.80
N LEU E 47 11.30 -24.47 -4.94
CA LEU E 47 11.53 -23.16 -4.27
C LEU E 47 11.98 -22.02 -5.25
N VAL E 48 12.85 -22.30 -6.26
CA VAL E 48 13.33 -21.20 -7.12
C VAL E 48 12.39 -20.92 -8.32
N GLN E 49 11.83 -21.96 -8.91
CA GLN E 49 10.95 -21.77 -10.06
C GLN E 49 9.69 -20.92 -9.71
N ASN E 50 9.09 -21.15 -8.51
CA ASN E 50 7.85 -20.45 -8.14
C ASN E 50 7.99 -19.38 -7.04
N ALA E 51 9.14 -18.75 -6.98
CA ALA E 51 9.39 -17.76 -5.94
C ALA E 51 9.35 -16.24 -6.35
N ASN E 52 8.26 -15.67 -6.94
CA ASN E 52 8.26 -14.17 -7.11
C ASN E 52 9.41 -13.54 -7.93
N PRO E 53 9.26 -13.19 -9.21
CA PRO E 53 10.39 -12.60 -10.01
C PRO E 53 11.32 -11.59 -9.25
N ASP E 54 10.87 -10.91 -8.15
CA ASP E 54 11.77 -10.01 -7.40
C ASP E 54 12.97 -10.77 -6.80
N CYS E 55 12.68 -11.91 -6.13
CA CYS E 55 13.75 -12.72 -5.50
C CYS E 55 14.13 -13.84 -6.42
N LYS E 56 13.22 -14.27 -7.25
CA LYS E 56 13.58 -15.30 -8.19
C LYS E 56 14.68 -14.76 -9.09
N THR E 57 14.63 -13.47 -9.42
CA THR E 57 15.71 -12.92 -10.21
C THR E 57 17.00 -12.86 -9.35
N ILE E 58 16.83 -12.84 -8.00
CA ILE E 58 17.97 -12.82 -7.05
C ILE E 58 18.61 -14.20 -6.90
N LEU E 59 17.78 -15.25 -6.87
CA LEU E 59 18.33 -16.56 -6.80
C LEU E 59 19.18 -16.77 -8.07
N LYS E 60 18.90 -16.02 -9.19
CA LYS E 60 19.73 -16.13 -10.43
C LYS E 60 20.89 -15.13 -10.37
N ALA E 61 20.71 -13.99 -9.71
CA ALA E 61 21.79 -12.99 -9.62
C ALA E 61 22.97 -13.47 -8.71
N LEU E 62 22.62 -14.08 -7.54
CA LEU E 62 23.60 -14.62 -6.59
C LEU E 62 24.34 -15.77 -7.27
N GLY E 63 23.62 -16.49 -8.08
CA GLY E 63 24.19 -17.59 -8.82
C GLY E 63 23.99 -18.89 -8.05
N PRO E 64 23.83 -20.02 -8.71
CA PRO E 64 23.62 -21.31 -8.00
C PRO E 64 24.84 -21.72 -7.18
N GLY E 65 24.54 -22.59 -6.22
CA GLY E 65 25.50 -23.08 -5.26
C GLY E 65 25.40 -22.25 -3.98
N ALA E 66 24.77 -21.06 -4.05
CA ALA E 66 24.61 -20.23 -2.86
C ALA E 66 23.71 -20.93 -1.88
N THR E 67 24.21 -21.14 -0.67
CA THR E 67 23.39 -21.78 0.31
C THR E 67 22.21 -20.88 0.57
N LEU E 68 21.18 -21.41 1.22
CA LEU E 68 20.00 -20.62 1.47
C LEU E 68 20.40 -19.39 2.21
N GLU E 69 21.47 -19.51 3.02
CA GLU E 69 21.98 -18.40 3.76
C GLU E 69 22.15 -17.23 2.79
N GLU E 70 22.62 -17.47 1.56
CA GLU E 70 22.74 -16.32 0.69
C GLU E 70 21.39 -15.91 0.12
N MET E 71 20.65 -16.89 -0.45
CA MET E 71 19.33 -16.62 -1.06
C MET E 71 18.53 -15.75 -0.12
N MET E 72 18.25 -16.26 1.05
CA MET E 72 17.53 -15.49 2.06
C MET E 72 18.14 -14.09 2.25
N THR E 73 19.43 -14.00 2.46
CA THR E 73 20.02 -12.69 2.69
C THR E 73 19.69 -11.69 1.59
N ALA E 74 19.75 -12.13 0.31
CA ALA E 74 19.50 -11.20 -0.82
C ALA E 74 18.04 -11.07 -1.21
N CYS E 75 17.27 -12.09 -0.97
CA CYS E 75 15.85 -12.09 -1.25
C CYS E 75 15.24 -11.03 -0.35
N GLN E 76 15.79 -10.87 0.85
CA GLN E 76 15.32 -9.83 1.80
C GLN E 76 15.15 -8.46 1.14
N GLY E 77 15.82 -8.23 0.01
CA GLY E 77 15.74 -6.93 -0.68
C GLY E 77 14.34 -6.62 -1.23
N VAL E 78 13.52 -7.67 -1.44
CA VAL E 78 12.11 -7.48 -1.98
C VAL E 78 11.53 -6.48 -1.06
N GLY E 79 10.81 -5.41 -1.56
CA GLY E 79 10.58 -4.35 -0.59
C GLY E 79 10.48 -2.93 -1.14
N GLY E 80 9.74 -2.00 -0.54
CA GLY E 80 9.67 -0.78 -1.30
C GLY E 80 11.00 0.00 -1.52
N PRO E 81 11.80 0.23 -0.54
CA PRO E 81 13.10 0.99 -0.69
C PRO E 81 14.23 0.15 -1.29
N GLY E 82 14.15 -1.16 -1.08
CA GLY E 82 15.22 -2.02 -1.53
C GLY E 82 15.10 -2.52 -2.95
N HIS E 83 14.07 -3.33 -3.23
CA HIS E 83 13.95 -3.92 -4.57
C HIS E 83 13.21 -2.98 -5.53
N LYS E 84 12.08 -2.32 -5.06
CA LYS E 84 11.37 -1.39 -5.95
C LYS E 84 12.21 -0.18 -6.26
N ALA E 85 12.96 0.27 -5.29
CA ALA E 85 13.73 1.47 -5.53
C ALA E 85 14.66 1.26 -6.70
N ARG E 86 15.06 0.02 -6.92
CA ARG E 86 15.99 -0.26 -8.02
C ARG E 86 15.25 -0.60 -9.34
N VAL E 87 14.15 -1.43 -9.34
CA VAL E 87 13.46 -1.68 -10.63
C VAL E 87 12.66 -0.45 -11.07
N LEU E 88 12.22 0.32 -10.10
CA LEU E 88 11.55 1.57 -10.41
C LEU E 88 12.62 2.53 -10.95
N ALA E 89 13.83 2.46 -10.37
CA ALA E 89 14.95 3.35 -10.80
C ALA E 89 15.64 2.95 -12.14
N GLU E 90 15.72 1.66 -12.46
CA GLU E 90 16.45 1.25 -13.66
C GLU E 90 15.60 1.24 -14.89
N ALA E 91 14.49 0.54 -14.78
CA ALA E 91 13.58 0.38 -15.91
C ALA E 91 13.08 1.72 -16.42
N MET E 92 12.80 2.65 -15.53
CA MET E 92 12.31 3.96 -15.99
C MET E 92 13.42 4.73 -16.71
N SER E 93 14.64 4.63 -16.20
CA SER E 93 15.76 5.38 -16.77
C SER E 93 16.49 4.63 -17.88
N GLN E 94 16.13 3.37 -18.12
CA GLN E 94 16.76 2.62 -19.18
C GLN E 94 16.04 2.94 -20.45
N VAL E 95 14.75 2.69 -20.42
CA VAL E 95 13.93 2.93 -21.60
C VAL E 95 14.10 4.36 -22.08
N THR E 96 14.23 5.32 -21.16
CA THR E 96 14.38 6.71 -21.61
C THR E 96 15.79 7.11 -22.07
N ASN E 97 16.81 6.87 -21.24
CA ASN E 97 18.19 7.30 -21.59
C ASN E 97 19.09 6.34 -22.40
N THR E 98 19.17 5.06 -22.02
CA THR E 98 20.10 4.12 -22.71
C THR E 98 19.48 3.43 -23.90
N ALA E 99 18.27 3.02 -23.71
CA ALA E 99 17.48 2.31 -24.70
C ALA E 99 16.42 3.24 -25.26
N THR E 100 16.77 4.50 -25.46
CA THR E 100 15.79 5.48 -25.88
C THR E 100 15.10 5.00 -27.14
N ILE E 101 13.79 4.83 -26.96
CA ILE E 101 12.92 4.32 -28.00
C ILE E 101 12.20 5.50 -28.67
N MET E 102 12.41 5.67 -29.98
CA MET E 102 11.76 6.77 -30.69
C MET E 102 10.53 6.28 -31.44
N GLY F 1 -20.21 -20.00 -17.67
CA GLY F 1 -20.30 -21.19 -16.76
C GLY F 1 -21.72 -21.28 -16.19
N GLY F 2 -22.11 -20.25 -15.46
CA GLY F 2 -23.45 -20.21 -14.89
C GLY F 2 -23.61 -21.04 -13.59
N SER F 3 -22.55 -21.64 -13.07
CA SER F 3 -22.71 -22.42 -11.83
C SER F 3 -22.56 -21.46 -10.64
N PRO F 4 -23.13 -21.72 -9.48
CA PRO F 4 -23.09 -20.75 -8.31
C PRO F 4 -21.69 -20.34 -7.82
N THR F 5 -21.49 -19.01 -7.69
CA THR F 5 -20.25 -18.38 -7.18
C THR F 5 -18.97 -19.02 -7.69
N SER F 6 -19.03 -19.75 -8.81
CA SER F 6 -17.85 -20.42 -9.27
C SER F 6 -17.06 -19.67 -10.32
N ILE F 7 -17.79 -19.23 -11.33
CA ILE F 7 -17.33 -18.48 -12.53
C ILE F 7 -18.18 -17.24 -12.94
N LEU F 8 -19.25 -17.07 -12.23
CA LEU F 8 -20.23 -16.01 -12.42
C LEU F 8 -19.59 -14.67 -12.16
N ASP F 9 -18.76 -14.63 -11.14
CA ASP F 9 -18.01 -13.50 -10.96
C ASP F 9 -16.60 -13.85 -10.50
N ILE F 10 -15.95 -15.10 -10.85
CA ILE F 10 -14.67 -15.28 -10.18
C ILE F 10 -13.57 -14.52 -10.91
N ARG F 11 -12.90 -13.59 -10.18
CA ARG F 11 -11.92 -12.71 -10.85
C ARG F 11 -10.70 -12.46 -10.00
N GLN F 12 -9.70 -11.87 -10.62
CA GLN F 12 -8.47 -11.50 -9.93
C GLN F 12 -8.51 -9.97 -9.59
N GLY F 13 -8.45 -9.63 -8.27
CA GLY F 13 -8.47 -8.22 -7.83
C GLY F 13 -7.30 -7.43 -8.42
N PRO F 14 -7.19 -6.11 -8.26
CA PRO F 14 -6.06 -5.40 -8.91
C PRO F 14 -4.78 -5.62 -8.11
N LYS F 15 -4.92 -5.84 -6.81
CA LYS F 15 -3.76 -6.08 -5.97
C LYS F 15 -3.65 -7.58 -5.62
N GLU F 16 -4.72 -8.36 -5.87
CA GLU F 16 -4.69 -9.78 -5.60
C GLU F 16 -3.97 -10.45 -6.77
N PRO F 17 -2.82 -11.10 -6.59
CA PRO F 17 -2.10 -11.71 -7.75
C PRO F 17 -2.81 -12.92 -8.39
N PHE F 18 -2.36 -13.21 -9.62
CA PHE F 18 -2.86 -14.34 -10.40
C PHE F 18 -2.71 -15.64 -9.59
N ARG F 19 -1.82 -15.62 -8.57
CA ARG F 19 -1.63 -16.81 -7.74
C ARG F 19 -2.75 -17.00 -6.70
N ASP F 20 -2.96 -16.01 -5.85
CA ASP F 20 -4.00 -16.11 -4.83
C ASP F 20 -5.40 -16.34 -5.42
N TYR F 21 -5.69 -15.64 -6.53
CA TYR F 21 -6.98 -15.73 -7.23
C TYR F 21 -7.27 -17.15 -7.73
N VAL F 22 -6.30 -17.77 -8.39
CA VAL F 22 -6.52 -19.10 -8.95
C VAL F 22 -7.08 -20.11 -7.94
N ASP F 23 -6.62 -20.11 -6.71
CA ASP F 23 -7.18 -21.04 -5.75
C ASP F 23 -8.69 -20.72 -5.62
N ARG F 24 -9.06 -19.43 -5.71
CA ARG F 24 -10.48 -19.03 -5.62
C ARG F 24 -11.24 -19.63 -6.80
N PHE F 25 -10.65 -19.47 -7.97
CA PHE F 25 -11.19 -19.99 -9.23
C PHE F 25 -11.30 -21.48 -9.23
N TYR F 26 -10.38 -22.16 -8.56
CA TYR F 26 -10.47 -23.61 -8.51
C TYR F 26 -11.35 -24.07 -7.35
N LYS F 27 -10.92 -23.75 -6.13
CA LYS F 27 -11.63 -24.19 -4.94
C LYS F 27 -13.13 -23.90 -5.08
N THR F 28 -13.50 -22.88 -5.86
CA THR F 28 -14.92 -22.58 -6.06
C THR F 28 -15.57 -23.56 -7.09
N LEU F 29 -14.82 -23.95 -8.13
CA LEU F 29 -15.33 -24.90 -9.15
C LEU F 29 -15.68 -26.30 -8.58
N ARG F 30 -15.19 -26.69 -7.38
CA ARG F 30 -15.51 -28.05 -6.84
C ARG F 30 -16.92 -28.13 -6.27
N ALA F 31 -17.36 -27.02 -5.68
CA ALA F 31 -18.68 -26.93 -5.04
C ALA F 31 -19.79 -26.47 -5.99
N GLU F 32 -19.45 -26.25 -7.24
CA GLU F 32 -20.44 -25.78 -8.19
C GLU F 32 -21.21 -26.98 -8.75
N GLN F 33 -22.41 -26.73 -9.34
CA GLN F 33 -23.18 -27.83 -9.96
C GLN F 33 -22.98 -27.90 -11.49
N ALA F 34 -21.73 -28.19 -11.86
CA ALA F 34 -21.32 -28.33 -13.27
C ALA F 34 -20.79 -29.77 -13.59
N SER F 35 -21.06 -30.30 -14.81
CA SER F 35 -20.57 -31.64 -15.18
C SER F 35 -19.03 -31.59 -15.39
N GLN F 36 -18.35 -32.74 -15.19
CA GLN F 36 -16.89 -32.79 -15.26
C GLN F 36 -16.38 -32.07 -16.52
N GLU F 37 -17.10 -32.19 -17.64
CA GLU F 37 -16.71 -31.49 -18.87
C GLU F 37 -17.09 -30.00 -18.80
N VAL F 38 -18.21 -29.70 -18.18
CA VAL F 38 -18.66 -28.33 -18.03
C VAL F 38 -17.61 -27.52 -17.26
N LYS F 39 -16.90 -28.17 -16.30
CA LYS F 39 -15.84 -27.47 -15.53
C LYS F 39 -14.60 -27.31 -16.38
N ASN F 40 -14.29 -28.39 -17.14
CA ASN F 40 -13.13 -28.38 -18.00
C ASN F 40 -13.19 -27.12 -18.84
N TRP F 41 -14.37 -26.92 -19.41
CA TRP F 41 -14.61 -25.75 -20.18
C TRP F 41 -14.52 -24.48 -19.29
N MET F 42 -14.96 -24.52 -18.03
CA MET F 42 -14.85 -23.27 -17.25
C MET F 42 -13.40 -22.81 -17.10
N THR F 43 -12.52 -23.76 -16.74
CA THR F 43 -11.10 -23.48 -16.48
C THR F 43 -10.33 -22.81 -17.59
N GLU F 44 -10.74 -22.99 -18.82
CA GLU F 44 -9.98 -22.39 -19.88
C GLU F 44 -10.42 -20.96 -20.17
N THR F 45 -11.68 -20.84 -20.56
CA THR F 45 -12.25 -19.57 -20.98
C THR F 45 -12.38 -18.52 -19.88
N LEU F 46 -13.09 -18.82 -18.81
CA LEU F 46 -13.29 -17.81 -17.74
C LEU F 46 -11.97 -17.49 -17.01
N LEU F 47 -11.05 -18.42 -16.93
CA LEU F 47 -9.81 -18.09 -16.24
C LEU F 47 -9.07 -16.93 -16.92
N VAL F 48 -9.04 -16.90 -18.26
CA VAL F 48 -8.28 -15.84 -18.96
C VAL F 48 -9.02 -14.51 -19.08
N GLN F 49 -10.34 -14.52 -19.16
CA GLN F 49 -11.03 -13.27 -19.43
C GLN F 49 -11.28 -12.41 -18.20
N ASN F 50 -11.83 -13.00 -17.16
CA ASN F 50 -12.17 -12.23 -15.98
C ASN F 50 -11.06 -12.17 -14.94
N ALA F 51 -9.80 -12.34 -15.39
CA ALA F 51 -8.67 -12.31 -14.47
C ALA F 51 -7.69 -11.15 -14.66
N ASN F 52 -7.76 -10.10 -13.82
CA ASN F 52 -6.73 -9.01 -13.81
C ASN F 52 -6.25 -8.49 -15.20
N PRO F 53 -6.69 -7.37 -15.71
CA PRO F 53 -6.20 -6.91 -17.05
C PRO F 53 -4.65 -6.97 -17.24
N ASP F 54 -3.86 -7.12 -16.15
CA ASP F 54 -2.41 -7.21 -16.29
C ASP F 54 -2.04 -8.59 -16.76
N CYS F 55 -2.63 -9.60 -16.17
CA CYS F 55 -2.17 -10.93 -16.52
C CYS F 55 -2.67 -11.30 -17.88
N LYS F 56 -3.80 -10.74 -18.26
CA LYS F 56 -4.41 -11.11 -19.50
C LYS F 56 -3.42 -10.85 -20.59
N THR F 57 -2.73 -9.73 -20.54
CA THR F 57 -1.81 -9.50 -21.64
C THR F 57 -0.67 -10.56 -21.54
N ILE F 58 -0.39 -11.13 -20.35
CA ILE F 58 0.62 -12.20 -20.26
C ILE F 58 0.06 -13.55 -20.85
N LEU F 59 -1.19 -13.95 -20.48
CA LEU F 59 -1.75 -15.18 -21.00
C LEU F 59 -1.71 -15.08 -22.52
N LYS F 60 -2.00 -13.88 -23.09
CA LYS F 60 -1.99 -13.67 -24.56
C LYS F 60 -0.63 -13.91 -25.17
N ALA F 61 0.38 -13.30 -24.59
CA ALA F 61 1.73 -13.47 -25.09
C ALA F 61 2.10 -14.93 -25.07
N LEU F 62 1.88 -15.60 -23.95
CA LEU F 62 2.19 -17.02 -23.87
C LEU F 62 1.38 -17.68 -24.96
N GLY F 63 0.16 -17.20 -25.11
CA GLY F 63 -0.73 -17.66 -26.14
C GLY F 63 -1.61 -18.82 -25.69
N PRO F 64 -2.74 -19.03 -26.36
CA PRO F 64 -3.64 -20.18 -26.05
C PRO F 64 -2.94 -21.53 -26.21
N GLY F 65 -3.54 -22.57 -25.64
CA GLY F 65 -2.95 -23.89 -25.68
C GLY F 65 -1.95 -24.07 -24.52
N ALA F 66 -1.58 -22.96 -23.87
CA ALA F 66 -0.68 -23.07 -22.76
C ALA F 66 -1.47 -23.51 -21.55
N THR F 67 -0.87 -24.38 -20.76
CA THR F 67 -1.53 -24.86 -19.56
C THR F 67 -1.50 -23.82 -18.45
N LEU F 68 -2.12 -24.14 -17.35
CA LEU F 68 -2.06 -23.25 -16.25
C LEU F 68 -0.62 -23.13 -15.82
N GLU F 69 0.14 -24.19 -15.99
CA GLU F 69 1.50 -24.18 -15.51
C GLU F 69 2.22 -22.99 -16.15
N GLU F 70 2.11 -22.84 -17.47
CA GLU F 70 2.80 -21.76 -18.15
C GLU F 70 2.20 -20.40 -17.78
N MET F 71 0.88 -20.31 -17.64
CA MET F 71 0.27 -19.03 -17.25
C MET F 71 0.62 -18.69 -15.77
N MET F 72 0.92 -19.76 -14.98
CA MET F 72 1.26 -19.63 -13.55
C MET F 72 2.58 -18.94 -13.31
N THR F 73 3.63 -19.52 -13.85
CA THR F 73 4.97 -18.92 -13.72
C THR F 73 4.99 -17.51 -14.38
N ALA F 74 4.41 -17.41 -15.59
CA ALA F 74 4.45 -16.16 -16.35
C ALA F 74 3.71 -15.02 -15.72
N CYS F 75 2.51 -15.30 -15.09
CA CYS F 75 1.74 -14.20 -14.46
C CYS F 75 2.25 -13.86 -13.05
N GLN F 76 3.33 -14.50 -12.62
CA GLN F 76 3.93 -14.13 -11.35
C GLN F 76 4.48 -12.71 -11.38
N GLY F 77 4.69 -12.17 -12.59
CA GLY F 77 5.25 -10.82 -12.74
C GLY F 77 4.25 -9.68 -12.48
N VAL F 78 2.97 -9.98 -12.45
CA VAL F 78 1.95 -8.91 -12.23
C VAL F 78 2.25 -8.29 -10.89
N GLY F 79 1.87 -6.98 -10.54
CA GLY F 79 2.39 -6.51 -9.22
C GLY F 79 3.24 -5.30 -9.41
N GLY F 80 3.43 -4.43 -8.42
CA GLY F 80 4.15 -3.27 -8.85
C GLY F 80 5.66 -3.42 -9.14
N PRO F 81 6.48 -3.96 -8.23
CA PRO F 81 7.94 -4.16 -8.49
C PRO F 81 8.18 -4.97 -9.71
N GLY F 82 7.26 -5.86 -9.97
CA GLY F 82 7.37 -6.74 -11.09
C GLY F 82 6.87 -6.13 -12.38
N HIS F 83 5.58 -5.72 -12.40
CA HIS F 83 4.95 -5.23 -13.66
C HIS F 83 5.07 -3.69 -13.95
N LYS F 84 4.86 -2.75 -12.96
CA LYS F 84 4.95 -1.31 -13.33
C LYS F 84 6.37 -0.94 -13.73
N ALA F 85 7.34 -1.69 -13.26
CA ALA F 85 8.73 -1.44 -13.61
C ALA F 85 8.84 -1.39 -15.13
N ARG F 86 8.01 -2.16 -15.80
CA ARG F 86 8.02 -2.14 -17.25
C ARG F 86 7.03 -1.11 -17.86
N VAL F 87 5.75 -1.12 -17.36
CA VAL F 87 4.72 -0.23 -17.95
C VAL F 87 5.00 1.21 -17.56
N LEU F 88 5.27 1.44 -16.28
CA LEU F 88 5.52 2.81 -15.82
C LEU F 88 6.64 3.44 -16.66
N ALA F 89 7.50 2.60 -17.24
CA ALA F 89 8.54 3.10 -18.14
C ALA F 89 7.95 3.27 -19.55
N GLU F 90 7.39 2.18 -20.09
CA GLU F 90 6.81 2.26 -21.43
C GLU F 90 5.79 3.37 -21.55
N ALA F 91 4.74 3.33 -20.76
CA ALA F 91 3.70 4.34 -20.84
C ALA F 91 4.29 5.76 -20.66
N MET F 92 5.23 5.93 -19.73
CA MET F 92 5.85 7.24 -19.50
C MET F 92 6.72 7.71 -20.68
N SER F 93 7.39 6.79 -21.37
CA SER F 93 8.24 7.18 -22.48
C SER F 93 7.55 6.99 -23.84
N GLN F 94 6.37 6.37 -23.86
CA GLN F 94 5.67 6.13 -25.13
C GLN F 94 5.00 7.40 -25.54
N VAL F 95 4.30 7.99 -24.61
CA VAL F 95 3.59 9.20 -24.90
C VAL F 95 4.57 10.36 -25.06
N THR F 96 5.65 10.36 -24.27
CA THR F 96 6.60 11.48 -24.33
C THR F 96 7.58 11.44 -25.52
N ASN F 97 8.34 10.35 -25.68
CA ASN F 97 9.35 10.29 -26.75
C ASN F 97 8.90 9.72 -28.11
N THR F 98 8.22 8.56 -28.08
CA THR F 98 7.81 7.85 -29.30
C THR F 98 6.52 8.37 -29.93
N ALA F 99 5.63 8.78 -29.08
CA ALA F 99 4.30 9.26 -29.44
C ALA F 99 4.12 10.66 -28.93
N THR F 100 5.16 11.47 -29.04
CA THR F 100 5.14 12.81 -28.48
C THR F 100 3.94 13.57 -28.98
N ILE F 101 3.11 13.96 -28.02
CA ILE F 101 1.87 14.67 -28.29
C ILE F 101 2.06 16.15 -27.97
N MET F 102 1.77 17.02 -28.94
CA MET F 102 1.92 18.44 -28.73
C MET F 102 0.57 19.11 -28.52
C1 A1CCY G . 5.37 8.06 -1.75
C2 A1CCY G . 6.27 7.16 -2.20
C3 A1CCY G . 6.47 6.00 -1.44
C4 A1CCY G . 5.78 5.79 -0.26
C5 A1CCY G . 4.82 6.70 0.16
C6 A1CCY G . 4.59 7.85 -0.55
C7 A1CCY G . 3.66 9.01 -0.23
C9 A1CCY G . 4.86 9.34 -2.33
N10 A1CCY G . 2.98 10.93 -1.78
C13 A1CCY G . 1.58 10.37 -3.81
C15 A1CCY G . 2.43 10.31 -6.12
C16 A1CCY G . 1.54 9.36 -6.50
C17 A1CCY G . 0.64 8.86 -5.51
C18 A1CCY G . 0.67 9.29 -4.19
C19 A1CCY G . 1.37 8.76 -7.88
C20 A1CCY G . 1.34 7.24 -7.79
C21 A1CCY G . 2.42 9.21 -8.93
C22 A1CCY G . -0.03 9.15 -8.34
C24 A1CCY G . -1.01 12.04 -1.09
C25 A1CCY G . -2.44 11.74 -1.13
C26 A1CCY G . -3.16 12.07 -2.20
C27 A1CCY G . -2.55 12.57 -3.28
C28 A1CCY G . -1.20 12.71 -3.30
C30 A1CCY G . -3.02 10.94 0.00
C11 A1CCY G . 1.62 10.99 -2.33
C14 A1CCY G . 2.52 10.79 -4.80
C12 A1CCY G . 1.12 12.43 -2.22
N23 A1CCY G . -0.42 12.55 -2.20
O29 A1CCY G . -0.28 11.89 -0.07
F31 A1CCY G . -2.33 9.90 0.29
F32 A1CCY G . -3.13 11.73 1.10
F33 A1CCY G . -4.22 10.47 -0.25
C8 A1CCY G . 3.51 9.51 -1.66
H2 A1CCY G . 6.86 7.46 -3.06
H3 A1CCY G . 7.24 5.28 -1.64
H4 A1CCY G . 5.97 4.88 0.28
H5 A1CCY G . 4.16 6.55 1.00
H7B A1CCY G . 2.69 8.78 0.21
H7A A1CCY G . 4.06 9.83 0.39
H9A A1CCY G . 4.82 9.25 -3.43
H9B A1CCY G . 5.52 10.15 -1.99
H1 A1CCY G . 3.11 11.34 -0.86
H15 A1CCY G . 3.17 10.71 -6.79
H17 A1CCY G . -0.08 8.07 -5.63
H18 A1CCY G . -0.09 8.96 -3.50
H20B A1CCY G . 2.32 6.90 -7.41
H20C A1CCY G . 1.08 6.81 -8.77
H20A A1CCY G . 0.64 6.83 -7.03
H21C A1CCY G . 3.42 8.84 -8.61
H21A A1CCY G . 2.36 10.29 -9.17
H21B A1CCY G . 2.29 8.62 -9.87
H22B A1CCY G . 0.06 10.16 -8.79
H22C A1CCY G . -0.82 9.08 -7.58
H22A A1CCY G . -0.31 8.55 -9.24
H26 A1CCY G . -4.16 11.64 -2.35
H27 A1CCY G . -3.07 12.55 -4.24
H28 A1CCY G . -0.59 12.92 -4.19
H11 A1CCY G . 0.96 10.26 -1.82
H14 A1CCY G . 3.31 11.49 -4.58
H12B A1CCY G . 1.32 13.11 -3.08
H12A A1CCY G . 1.46 12.98 -1.31
H8 A1CCY G . 2.85 8.73 -2.07
C1 IHP H . -1.78 2.96 -2.53
C2 IHP H . -2.41 3.21 -1.11
C3 IHP H . -1.29 3.23 -0.05
C4 IHP H . -0.34 4.33 -0.36
C5 IHP H . 0.38 3.78 -1.66
C6 IHP H . -0.70 3.97 -2.85
O11 IHP H . -2.83 2.92 -3.55
P1 IHP H . -3.39 1.50 -4.07
O21 IHP H . -2.81 0.47 -3.15
O31 IHP H . -4.96 1.57 -4.13
O41 IHP H . -2.82 1.37 -5.43
O12 IHP H . -3.08 4.53 -1.09
P2 IHP H . -4.58 4.68 -0.62
O22 IHP H . -5.29 3.31 -0.57
O32 IHP H . -5.25 5.58 -1.59
O42 IHP H . -4.58 5.25 0.72
O13 IHP H . -1.84 3.38 1.19
P3 IHP H . -1.45 2.46 2.41
O23 IHP H . -2.62 1.55 2.70
O33 IHP H . -0.13 1.78 2.12
O43 IHP H . -1.35 3.51 3.52
O14 IHP H . 0.56 4.51 0.71
P4 IHP H . 1.10 5.92 1.30
O24 IHP H . 2.00 6.50 0.24
O34 IHP H . 0.05 6.90 1.75
O44 IHP H . 1.95 5.57 2.52
O15 IHP H . 1.65 4.40 -1.87
P5 IHP H . 3.03 3.61 -1.71
O25 IHP H . 4.03 4.67 -2.17
O35 IHP H . 2.96 2.35 -2.51
O45 IHP H . 3.18 3.22 -0.27
O16 IHP H . -0.05 3.62 -4.13
P6 IHP H . 0.22 4.54 -5.33
O26 IHP H . 1.01 5.77 -4.93
O36 IHP H . 1.16 3.65 -6.15
O46 IHP H . -1.03 4.95 -6.01
H1 IHP H . -1.14 2.06 -2.42
H2 IHP H . -2.98 2.30 -0.81
H3 IHP H . -0.76 2.25 -0.18
H4 IHP H . -0.94 5.23 -0.64
H5 IHP H . 0.46 2.67 -1.64
H6 IHP H . -1.09 5.01 -2.82
N GLY A 1 -33.26 8.67 -3.86
CA GLY A 1 -34.23 7.61 -3.50
C GLY A 1 -34.63 7.77 -2.08
N GLY A 2 -33.67 8.18 -1.28
CA GLY A 2 -33.86 8.47 0.11
C GLY A 2 -34.36 7.33 0.99
N SER A 3 -34.13 6.09 0.63
CA SER A 3 -34.56 5.01 1.50
C SER A 3 -33.44 4.79 2.52
N PRO A 4 -33.73 4.50 3.78
CA PRO A 4 -32.68 4.39 4.83
C PRO A 4 -31.44 3.59 4.44
N THR A 5 -30.28 4.26 4.64
CA THR A 5 -28.91 3.74 4.42
C THR A 5 -28.53 3.34 2.99
N SER A 6 -29.41 2.68 2.33
CA SER A 6 -29.09 2.09 1.07
C SER A 6 -28.77 3.00 -0.09
N ILE A 7 -29.53 4.04 -0.23
CA ILE A 7 -29.42 4.94 -1.39
C ILE A 7 -29.25 6.37 -1.16
N LEU A 8 -29.39 6.76 0.00
CA LEU A 8 -29.20 8.10 0.27
C LEU A 8 -27.74 8.35 0.12
N ASP A 9 -26.86 7.40 0.64
CA ASP A 9 -25.50 7.63 0.42
C ASP A 9 -24.68 6.45 0.05
N ILE A 10 -25.16 5.33 -0.56
CA ILE A 10 -24.15 4.31 -0.63
C ILE A 10 -23.04 4.72 -1.61
N ARG A 11 -21.78 4.75 -1.13
CA ARG A 11 -20.66 5.18 -1.98
C ARG A 11 -19.50 4.20 -2.10
N GLN A 12 -18.80 4.34 -3.24
CA GLN A 12 -17.59 3.57 -3.57
C GLN A 12 -16.35 4.37 -3.22
N GLY A 13 -15.47 3.78 -2.44
CA GLY A 13 -14.27 4.44 -2.08
C GLY A 13 -13.48 4.75 -3.32
N PRO A 14 -12.35 5.35 -3.15
CA PRO A 14 -11.47 5.66 -4.28
C PRO A 14 -10.61 4.45 -4.65
N LYS A 15 -10.06 3.80 -3.62
CA LYS A 15 -9.29 2.59 -3.87
C LYS A 15 -10.24 1.38 -3.98
N GLU A 16 -11.45 1.54 -3.32
CA GLU A 16 -12.46 0.50 -3.32
C GLU A 16 -12.93 0.29 -4.78
N PRO A 17 -12.90 -0.92 -5.34
CA PRO A 17 -13.32 -1.16 -6.75
C PRO A 17 -14.82 -1.13 -6.95
N PHE A 18 -15.18 -1.12 -8.23
CA PHE A 18 -16.57 -1.08 -8.64
C PHE A 18 -17.38 -2.26 -8.03
N ARG A 19 -16.82 -3.51 -8.03
CA ARG A 19 -17.51 -4.70 -7.44
C ARG A 19 -17.66 -4.66 -5.91
N ASP A 20 -16.62 -4.24 -5.20
CA ASP A 20 -16.75 -4.22 -3.75
C ASP A 20 -17.90 -3.33 -3.34
N TYR A 21 -18.00 -2.16 -3.98
CA TYR A 21 -19.07 -1.20 -3.69
C TYR A 21 -20.41 -1.64 -4.26
N VAL A 22 -20.43 -2.12 -5.50
CA VAL A 22 -21.70 -2.53 -6.08
C VAL A 22 -22.35 -3.55 -5.17
N ASP A 23 -21.53 -4.37 -4.54
CA ASP A 23 -22.03 -5.38 -3.65
C ASP A 23 -22.69 -4.69 -2.46
N ARG A 24 -22.07 -3.56 -1.99
CA ARG A 24 -22.60 -2.76 -0.83
C ARG A 24 -23.91 -2.10 -1.19
N PHE A 25 -23.95 -1.63 -2.41
CA PHE A 25 -25.13 -0.98 -2.93
C PHE A 25 -26.19 -1.99 -3.13
N TYR A 26 -25.82 -3.19 -3.47
CA TYR A 26 -26.86 -4.20 -3.73
C TYR A 26 -27.41 -4.72 -2.43
N LYS A 27 -26.52 -5.32 -1.64
CA LYS A 27 -26.90 -5.90 -0.37
C LYS A 27 -27.62 -4.88 0.49
N THR A 28 -27.13 -3.64 0.54
CA THR A 28 -27.82 -2.67 1.34
C THR A 28 -29.26 -2.49 0.84
N LEU A 29 -29.52 -2.72 -0.47
CA LEU A 29 -30.91 -2.58 -0.95
C LEU A 29 -31.80 -3.60 -0.27
N ARG A 30 -31.30 -4.82 -0.09
CA ARG A 30 -32.15 -5.86 0.51
C ARG A 30 -32.67 -5.46 1.87
N ALA A 31 -31.92 -4.60 2.56
CA ALA A 31 -32.31 -4.16 3.91
C ALA A 31 -33.31 -3.03 3.91
N GLU A 32 -33.51 -2.37 2.79
CA GLU A 32 -34.44 -1.26 2.81
C GLU A 32 -35.88 -1.76 2.61
N GLN A 33 -36.88 -0.96 3.02
CA GLN A 33 -38.28 -1.34 2.85
C GLN A 33 -38.82 -0.63 1.62
N ALA A 34 -38.33 -1.06 0.46
CA ALA A 34 -38.72 -0.46 -0.80
C ALA A 34 -39.50 -1.44 -1.66
N SER A 35 -40.46 -0.91 -2.42
CA SER A 35 -41.25 -1.75 -3.30
C SER A 35 -40.36 -2.27 -4.41
N GLN A 36 -40.79 -3.28 -5.11
CA GLN A 36 -39.94 -3.84 -6.15
C GLN A 36 -39.52 -2.77 -7.16
N GLU A 37 -40.46 -1.98 -7.61
CA GLU A 37 -40.13 -0.90 -8.60
C GLU A 37 -39.21 0.16 -8.00
N VAL A 38 -39.36 0.42 -6.70
CA VAL A 38 -38.54 1.42 -6.04
C VAL A 38 -37.10 1.03 -6.13
N LYS A 39 -36.80 -0.19 -5.74
CA LYS A 39 -35.44 -0.65 -5.75
C LYS A 39 -34.88 -0.62 -7.15
N ASN A 40 -35.70 -0.97 -8.13
CA ASN A 40 -35.21 -1.02 -9.49
C ASN A 40 -34.73 0.34 -9.95
N TRP A 41 -35.52 1.33 -9.62
CA TRP A 41 -35.19 2.69 -9.94
C TRP A 41 -33.86 3.13 -9.27
N MET A 42 -33.73 2.75 -8.00
CA MET A 42 -32.53 3.06 -7.22
C MET A 42 -31.26 2.49 -7.88
N THR A 43 -31.34 1.25 -8.34
CA THR A 43 -30.16 0.64 -8.91
C THR A 43 -29.57 1.46 -10.02
N GLU A 44 -30.40 2.15 -10.75
CA GLU A 44 -29.90 2.93 -11.85
C GLU A 44 -29.43 4.32 -11.43
N THR A 45 -30.34 5.09 -10.85
CA THR A 45 -30.06 6.48 -10.51
C THR A 45 -28.91 6.67 -9.51
N LEU A 46 -28.92 5.88 -8.43
CA LEU A 46 -27.88 6.04 -7.40
C LEU A 46 -26.62 5.24 -7.66
N LEU A 47 -26.67 4.17 -8.46
CA LEU A 47 -25.45 3.39 -8.66
C LEU A 47 -24.35 4.16 -9.37
N VAL A 48 -24.72 4.95 -10.37
CA VAL A 48 -23.73 5.65 -11.20
C VAL A 48 -23.28 6.98 -10.60
N GLN A 49 -24.20 7.70 -10.00
CA GLN A 49 -23.88 9.02 -9.45
C GLN A 49 -22.93 8.99 -8.25
N ASN A 50 -23.26 8.19 -7.25
CA ASN A 50 -22.47 8.14 -6.02
C ASN A 50 -21.39 7.05 -5.99
N ALA A 51 -20.75 6.74 -7.12
CA ALA A 51 -19.77 5.65 -7.14
C ALA A 51 -18.38 5.97 -7.71
N ASN A 52 -17.38 6.29 -6.84
CA ASN A 52 -15.97 6.36 -7.32
C ASN A 52 -15.71 7.03 -8.66
N PRO A 53 -15.42 8.31 -8.74
CA PRO A 53 -15.21 8.98 -10.06
C PRO A 53 -14.39 8.17 -11.08
N ASP A 54 -13.56 7.22 -10.65
CA ASP A 54 -12.81 6.43 -11.63
C ASP A 54 -13.77 5.65 -12.48
N CYS A 55 -14.73 4.98 -11.79
CA CYS A 55 -15.72 4.15 -12.51
C CYS A 55 -16.84 5.00 -13.04
N LYS A 56 -17.26 6.05 -12.27
CA LYS A 56 -18.34 6.94 -12.74
C LYS A 56 -17.99 7.55 -14.09
N THR A 57 -16.73 7.93 -14.27
CA THR A 57 -16.34 8.48 -15.55
C THR A 57 -16.48 7.40 -16.64
N ILE A 58 -16.39 6.12 -16.24
CA ILE A 58 -16.54 5.01 -17.18
C ILE A 58 -17.99 4.75 -17.47
N LEU A 59 -18.84 4.77 -16.45
CA LEU A 59 -20.26 4.50 -16.66
C LEU A 59 -20.81 5.53 -17.63
N LYS A 60 -20.34 6.79 -17.50
CA LYS A 60 -20.76 7.86 -18.46
C LYS A 60 -20.16 7.59 -19.88
N ALA A 61 -18.91 7.10 -19.88
CA ALA A 61 -18.19 6.78 -21.13
C ALA A 61 -18.82 5.63 -21.90
N LEU A 62 -19.24 4.59 -21.20
CA LEU A 62 -19.81 3.45 -21.87
C LEU A 62 -21.10 3.95 -22.57
N GLY A 63 -21.78 4.81 -21.87
CA GLY A 63 -23.01 5.38 -22.37
C GLY A 63 -24.21 4.81 -21.61
N PRO A 64 -25.24 5.59 -21.34
CA PRO A 64 -26.48 5.09 -20.62
C PRO A 64 -27.26 4.04 -21.39
N GLY A 65 -27.80 3.11 -20.64
CA GLY A 65 -28.54 1.96 -21.21
C GLY A 65 -27.64 0.69 -21.09
N ALA A 66 -26.33 0.87 -20.80
CA ALA A 66 -25.45 -0.27 -20.67
C ALA A 66 -25.81 -1.05 -19.44
N THR A 67 -25.89 -2.35 -19.58
CA THR A 67 -26.20 -3.18 -18.46
C THR A 67 -25.04 -3.22 -17.48
N LEU A 68 -25.30 -3.71 -16.29
CA LEU A 68 -24.24 -3.79 -15.29
C LEU A 68 -23.16 -4.70 -15.74
N GLU A 69 -23.48 -5.62 -16.61
CA GLU A 69 -22.48 -6.55 -17.02
C GLU A 69 -21.41 -5.71 -17.68
N GLU A 70 -21.86 -4.72 -18.46
CA GLU A 70 -20.93 -3.83 -19.15
C GLU A 70 -20.27 -2.81 -18.23
N MET A 71 -21.03 -2.20 -17.34
CA MET A 71 -20.45 -1.23 -16.42
C MET A 71 -19.37 -1.92 -15.59
N MET A 72 -19.68 -3.15 -15.16
CA MET A 72 -18.80 -3.98 -14.33
C MET A 72 -17.48 -4.33 -15.02
N THR A 73 -17.56 -5.09 -16.09
CA THR A 73 -16.36 -5.52 -16.79
C THR A 73 -15.41 -4.36 -17.06
N ALA A 74 -15.96 -3.27 -17.59
CA ALA A 74 -15.15 -2.12 -17.90
C ALA A 74 -14.53 -1.49 -16.67
N CYS A 75 -15.34 -1.35 -15.63
CA CYS A 75 -14.84 -0.66 -14.46
C CYS A 75 -13.86 -1.51 -13.65
N GLN A 76 -13.77 -2.83 -13.91
CA GLN A 76 -12.84 -3.63 -13.10
C GLN A 76 -11.43 -3.16 -13.24
N GLY A 77 -11.10 -2.53 -14.35
CA GLY A 77 -9.76 -2.05 -14.54
C GLY A 77 -9.39 -0.96 -13.48
N VAL A 78 -10.45 -0.34 -12.87
CA VAL A 78 -10.26 0.75 -11.85
C VAL A 78 -9.29 0.20 -10.91
N GLY A 79 -8.21 0.95 -10.50
CA GLY A 79 -7.17 0.16 -9.87
C GLY A 79 -5.82 0.58 -10.34
N GLY A 80 -4.71 0.03 -9.87
CA GLY A 80 -3.53 0.66 -10.34
C GLY A 80 -3.04 0.39 -11.77
N PRO A 81 -2.87 -0.82 -12.16
CA PRO A 81 -2.35 -1.13 -13.51
C PRO A 81 -3.31 -0.89 -14.68
N GLY A 82 -4.60 -1.13 -14.47
CA GLY A 82 -5.60 -1.01 -15.54
C GLY A 82 -6.09 0.40 -15.82
N HIS A 83 -6.55 1.11 -14.80
CA HIS A 83 -7.08 2.47 -15.03
C HIS A 83 -6.03 3.57 -14.80
N LYS A 84 -5.34 3.51 -13.62
CA LYS A 84 -4.30 4.47 -13.25
C LYS A 84 -3.17 4.58 -14.24
N ALA A 85 -2.81 3.48 -14.89
CA ALA A 85 -1.68 3.53 -15.84
C ALA A 85 -2.00 4.54 -16.93
N ARG A 86 -3.27 4.56 -17.31
CA ARG A 86 -3.75 5.44 -18.37
C ARG A 86 -4.03 6.85 -17.90
N VAL A 87 -4.68 7.00 -16.75
CA VAL A 87 -5.06 8.34 -16.29
C VAL A 87 -3.87 9.22 -16.04
N LEU A 88 -2.90 8.68 -15.35
CA LEU A 88 -1.74 9.46 -14.98
C LEU A 88 -0.90 9.83 -16.15
N ALA A 89 -0.57 8.83 -16.93
CA ALA A 89 0.25 9.04 -18.08
C ALA A 89 -0.38 10.12 -18.93
N GLU A 90 -1.72 10.10 -19.06
CA GLU A 90 -2.45 11.09 -19.86
C GLU A 90 -2.42 12.50 -19.28
N ALA A 91 -2.68 12.61 -18.00
CA ALA A 91 -2.69 13.92 -17.37
C ALA A 91 -1.32 14.52 -17.49
N MET A 92 -0.34 13.66 -17.33
CA MET A 92 1.03 14.06 -17.37
C MET A 92 1.46 14.58 -18.73
N SER A 93 1.11 13.82 -19.83
CA SER A 93 1.52 14.19 -21.22
C SER A 93 0.61 15.25 -21.86
N GLN A 94 -0.51 15.55 -21.24
CA GLN A 94 -1.45 16.59 -21.73
C GLN A 94 -1.01 17.96 -21.31
N VAL A 95 -0.74 18.11 -20.02
CA VAL A 95 -0.35 19.40 -19.49
C VAL A 95 0.97 19.86 -20.09
N THR A 96 1.91 18.94 -20.19
CA THR A 96 3.23 19.29 -20.70
C THR A 96 3.32 19.44 -22.23
N ASN A 97 2.82 18.47 -23.00
CA ASN A 97 2.95 18.53 -24.46
C ASN A 97 1.90 19.34 -25.25
N THR A 98 0.62 19.13 -24.97
CA THR A 98 -0.43 19.80 -25.74
C THR A 98 -0.88 21.11 -25.14
N ALA A 99 -0.97 21.07 -23.85
CA ALA A 99 -1.44 22.17 -23.05
C ALA A 99 -0.29 22.84 -22.35
N THR A 100 0.84 23.01 -23.01
CA THR A 100 2.00 23.58 -22.34
C THR A 100 1.61 24.90 -21.74
N ILE A 101 1.76 24.96 -20.43
CA ILE A 101 1.37 26.10 -19.66
C ILE A 101 2.59 26.97 -19.35
N MET A 102 2.52 28.26 -19.73
CA MET A 102 3.62 29.18 -19.48
C MET A 102 3.18 30.28 -18.52
N GLY B 1 -13.42 22.05 20.39
CA GLY B 1 -14.26 20.84 20.21
C GLY B 1 -15.15 20.65 21.44
N GLY B 2 -14.53 20.48 22.57
CA GLY B 2 -15.23 20.34 23.84
C GLY B 2 -16.15 19.08 24.01
N SER B 3 -17.17 18.84 23.18
CA SER B 3 -18.07 17.65 23.40
C SER B 3 -17.29 16.30 23.43
N PRO B 4 -17.33 15.49 24.50
CA PRO B 4 -16.59 14.18 24.56
C PRO B 4 -16.57 13.36 23.26
N THR B 5 -15.33 12.91 22.93
CA THR B 5 -14.94 12.06 21.76
C THR B 5 -15.34 12.60 20.39
N SER B 6 -16.61 12.75 20.20
CA SER B 6 -17.19 13.13 18.95
C SER B 6 -16.65 14.43 18.28
N ILE B 7 -16.58 15.52 19.01
CA ILE B 7 -16.15 16.81 18.45
C ILE B 7 -14.82 17.28 18.99
N LEU B 8 -14.35 16.69 20.04
CA LEU B 8 -13.08 17.12 20.58
C LEU B 8 -12.04 16.94 19.56
N ASP B 9 -12.08 15.79 18.89
CA ASP B 9 -11.12 15.67 17.90
C ASP B 9 -11.41 14.72 16.81
N ILE B 10 -12.69 14.46 16.35
CA ILE B 10 -12.76 13.34 15.38
C ILE B 10 -11.82 13.65 14.15
N ARG B 11 -11.13 12.65 13.55
CA ARG B 11 -10.17 12.97 12.45
C ARG B 11 -10.22 12.01 11.26
N GLN B 12 -10.01 12.59 10.06
CA GLN B 12 -9.96 11.78 8.81
C GLN B 12 -8.48 11.52 8.53
N GLY B 13 -8.12 10.26 8.43
CA GLY B 13 -6.75 9.90 8.23
C GLY B 13 -6.23 10.37 6.88
N PRO B 14 -4.93 10.28 6.72
CA PRO B 14 -4.24 10.67 5.46
C PRO B 14 -4.55 9.66 4.35
N LYS B 15 -4.50 8.40 4.70
CA LYS B 15 -4.91 7.39 3.75
C LYS B 15 -6.42 7.29 3.69
N GLU B 16 -7.07 7.76 4.74
CA GLU B 16 -8.47 7.67 4.91
C GLU B 16 -9.38 8.52 3.99
N PRO B 17 -10.44 7.95 3.37
CA PRO B 17 -11.41 8.74 2.56
C PRO B 17 -12.44 9.36 3.45
N PHE B 18 -12.89 10.47 3.00
CA PHE B 18 -13.88 11.26 3.67
C PHE B 18 -15.12 10.41 4.06
N ARG B 19 -15.33 9.23 3.47
CA ARG B 19 -16.51 8.40 3.80
C ARG B 19 -16.53 7.85 5.24
N ASP B 20 -15.51 7.08 5.56
CA ASP B 20 -15.39 6.46 6.86
C ASP B 20 -15.33 7.51 7.94
N TYR B 21 -14.62 8.59 7.66
CA TYR B 21 -14.49 9.68 8.62
C TYR B 21 -15.81 10.39 8.84
N VAL B 22 -16.49 10.75 7.75
CA VAL B 22 -17.81 11.39 7.85
C VAL B 22 -18.74 10.52 8.66
N ASP B 23 -18.53 9.21 8.57
CA ASP B 23 -19.33 8.25 9.29
C ASP B 23 -18.90 8.32 10.74
N ARG B 24 -17.59 8.52 10.97
CA ARG B 24 -17.13 8.62 12.34
C ARG B 24 -17.79 9.81 12.98
N PHE B 25 -17.87 10.89 12.21
CA PHE B 25 -18.49 12.12 12.66
C PHE B 25 -20.01 12.02 12.65
N TYR B 26 -20.56 11.16 11.82
CA TYR B 26 -22.02 11.09 11.74
C TYR B 26 -22.56 10.21 12.85
N LYS B 27 -22.05 8.99 12.94
CA LYS B 27 -22.51 8.05 13.95
C LYS B 27 -22.20 8.52 15.38
N THR B 28 -20.97 9.01 15.63
CA THR B 28 -20.58 9.39 17.00
C THR B 28 -21.39 10.57 17.57
N LEU B 29 -21.89 11.47 16.70
CA LEU B 29 -22.62 12.65 17.20
C LEU B 29 -23.80 12.24 18.09
N ARG B 30 -24.20 10.97 18.05
CA ARG B 30 -25.29 10.50 18.90
C ARG B 30 -24.76 10.23 20.30
N ALA B 31 -23.50 9.78 20.34
CA ALA B 31 -22.81 9.48 21.59
C ALA B 31 -22.56 10.73 22.42
N GLU B 32 -22.65 11.91 21.82
CA GLU B 32 -22.40 13.12 22.59
C GLU B 32 -23.69 13.61 23.29
N GLN B 33 -23.56 14.30 24.43
CA GLN B 33 -24.75 14.80 25.15
C GLN B 33 -24.96 16.28 24.83
N ALA B 34 -25.27 16.51 23.57
CA ALA B 34 -25.48 17.85 23.05
C ALA B 34 -26.94 18.22 22.95
N SER B 35 -27.16 19.50 22.82
CA SER B 35 -28.48 20.00 22.60
C SER B 35 -28.69 20.03 21.09
N GLN B 36 -29.91 20.08 20.65
CA GLN B 36 -30.12 20.08 19.23
C GLN B 36 -29.41 21.29 18.57
N GLU B 37 -29.46 22.46 19.21
CA GLU B 37 -28.84 23.65 18.63
C GLU B 37 -27.30 23.50 18.56
N VAL B 38 -26.73 22.66 19.43
CA VAL B 38 -25.27 22.40 19.47
C VAL B 38 -24.81 21.57 18.26
N LYS B 39 -25.51 20.44 18.05
CA LYS B 39 -25.13 19.50 17.00
C LYS B 39 -25.09 20.17 15.68
N ASN B 40 -26.08 21.00 15.46
CA ASN B 40 -26.11 21.73 14.22
C ASN B 40 -24.80 22.50 14.03
N TRP B 41 -24.25 23.09 15.10
CA TRP B 41 -22.95 23.80 14.97
C TRP B 41 -21.82 22.79 14.64
N MET B 42 -21.73 21.75 15.47
CA MET B 42 -20.70 20.70 15.35
C MET B 42 -20.41 20.26 13.91
N THR B 43 -21.43 20.15 13.08
CA THR B 43 -21.18 19.71 11.71
C THR B 43 -20.39 20.77 10.94
N GLU B 44 -20.90 21.98 10.98
CA GLU B 44 -20.28 23.08 10.30
C GLU B 44 -18.89 23.41 10.80
N THR B 45 -18.65 23.25 12.10
CA THR B 45 -17.31 23.57 12.59
C THR B 45 -16.32 22.39 12.56
N LEU B 46 -16.62 21.28 13.30
CA LEU B 46 -15.65 20.13 13.44
C LEU B 46 -15.46 19.22 12.20
N LEU B 47 -16.52 18.97 11.39
CA LEU B 47 -16.35 18.08 10.23
C LEU B 47 -15.33 18.59 9.16
N VAL B 48 -15.48 19.82 8.68
CA VAL B 48 -14.61 20.32 7.60
C VAL B 48 -13.20 20.59 8.07
N GLN B 49 -13.10 21.16 9.28
CA GLN B 49 -11.79 21.57 9.82
C GLN B 49 -10.86 20.42 10.22
N ASN B 50 -11.36 19.45 10.97
CA ASN B 50 -10.51 18.36 11.45
C ASN B 50 -10.53 17.12 10.52
N ALA B 51 -10.51 17.35 9.15
CA ALA B 51 -10.56 16.21 8.21
C ALA B 51 -9.65 16.23 6.92
N ASN B 52 -8.60 15.33 6.89
CA ASN B 52 -7.77 14.98 5.65
C ASN B 52 -7.32 16.09 4.69
N PRO B 53 -6.16 16.71 4.80
CA PRO B 53 -5.78 17.78 3.83
C PRO B 53 -6.09 17.53 2.35
N ASP B 54 -5.90 16.32 1.78
CA ASP B 54 -6.33 16.15 0.39
C ASP B 54 -7.79 16.44 0.24
N CYS B 55 -8.60 16.13 1.23
CA CYS B 55 -10.02 16.40 1.07
C CYS B 55 -10.38 17.86 1.52
N LYS B 56 -9.78 18.35 2.62
CA LYS B 56 -10.06 19.66 3.15
C LYS B 56 -9.73 20.72 2.12
N THR B 57 -8.59 20.54 1.45
CA THR B 57 -8.22 21.45 0.39
C THR B 57 -9.34 21.45 -0.67
N ILE B 58 -10.17 20.39 -0.70
CA ILE B 58 -11.30 20.35 -1.62
C ILE B 58 -12.48 21.04 -0.98
N LEU B 59 -12.78 20.75 0.30
CA LEU B 59 -13.93 21.39 0.96
C LEU B 59 -13.80 22.89 0.80
N LYS B 60 -12.58 23.41 0.93
CA LYS B 60 -12.34 24.85 0.70
C LYS B 60 -12.62 25.22 -0.76
N ALA B 61 -12.25 24.33 -1.71
CA ALA B 61 -12.47 24.58 -3.15
C ALA B 61 -13.96 24.66 -3.48
N LEU B 62 -14.71 23.65 -3.02
CA LEU B 62 -16.13 23.65 -3.17
C LEU B 62 -16.63 24.90 -2.45
N GLY B 63 -15.98 25.19 -1.32
CA GLY B 63 -16.25 26.37 -0.53
C GLY B 63 -17.17 26.08 0.69
N PRO B 64 -17.30 27.04 1.58
CA PRO B 64 -18.18 26.90 2.77
C PRO B 64 -19.67 27.21 2.47
N GLY B 65 -20.55 26.56 3.24
CA GLY B 65 -21.99 26.75 3.11
C GLY B 65 -22.60 25.77 2.12
N ALA B 66 -21.78 25.11 1.32
CA ALA B 66 -22.29 24.16 0.36
C ALA B 66 -22.91 23.02 1.12
N THR B 67 -23.76 22.24 0.45
CA THR B 67 -24.33 21.08 1.09
C THR B 67 -23.30 19.95 1.05
N LEU B 68 -23.44 19.01 1.98
CA LEU B 68 -22.50 17.88 2.11
C LEU B 68 -22.48 17.01 0.90
N GLU B 69 -23.56 16.96 0.19
CA GLU B 69 -23.63 16.11 -0.98
C GLU B 69 -22.45 16.55 -1.89
N GLU B 70 -22.24 17.86 -1.95
CA GLU B 70 -21.12 18.40 -2.71
C GLU B 70 -19.77 18.10 -2.02
N MET B 71 -19.72 18.13 -0.68
CA MET B 71 -18.46 17.83 0.04
C MET B 71 -18.05 16.33 -0.07
N MET B 72 -19.05 15.44 -0.25
CA MET B 72 -18.79 14.01 -0.34
C MET B 72 -18.47 13.51 -1.77
N THR B 73 -19.24 13.92 -2.76
CA THR B 73 -19.02 13.40 -4.12
C THR B 73 -17.63 13.73 -4.62
N ALA B 74 -17.15 14.88 -4.25
CA ALA B 74 -15.86 15.30 -4.72
C ALA B 74 -14.71 14.58 -4.01
N CYS B 75 -14.68 14.64 -2.63
CA CYS B 75 -13.57 14.02 -1.86
C CYS B 75 -13.52 12.52 -2.08
N GLN B 76 -14.55 11.96 -2.73
CA GLN B 76 -14.48 10.56 -3.07
C GLN B 76 -13.29 10.32 -3.97
N GLY B 77 -12.78 11.37 -4.62
CA GLY B 77 -11.63 11.19 -5.47
C GLY B 77 -10.35 11.08 -4.63
N VAL B 78 -10.34 11.71 -3.38
CA VAL B 78 -9.12 11.61 -2.40
C VAL B 78 -8.83 10.15 -2.37
N GLY B 79 -7.52 9.63 -2.44
CA GLY B 79 -7.46 8.17 -2.66
C GLY B 79 -6.71 7.92 -3.96
N GLY B 80 -5.99 6.80 -4.09
CA GLY B 80 -5.08 6.70 -5.23
C GLY B 80 -5.50 7.10 -6.62
N PRO B 81 -6.39 6.47 -7.18
CA PRO B 81 -6.79 6.79 -8.58
C PRO B 81 -7.50 8.13 -8.76
N GLY B 82 -8.19 8.62 -7.74
CA GLY B 82 -8.97 9.87 -7.95
C GLY B 82 -8.18 11.16 -7.83
N HIS B 83 -7.61 11.43 -6.64
CA HIS B 83 -6.88 12.66 -6.37
C HIS B 83 -5.42 12.50 -6.63
N LYS B 84 -4.92 11.33 -6.31
CA LYS B 84 -3.51 11.09 -6.44
C LYS B 84 -3.02 11.04 -7.84
N ALA B 85 -3.74 10.41 -8.75
CA ALA B 85 -3.31 10.40 -10.15
C ALA B 85 -2.97 11.82 -10.65
N ARG B 86 -3.64 12.79 -10.07
CA ARG B 86 -3.50 14.19 -10.47
C ARG B 86 -2.50 15.07 -9.68
N VAL B 87 -2.72 15.18 -8.34
CA VAL B 87 -1.98 16.17 -7.50
C VAL B 87 -0.45 16.20 -7.50
N LEU B 88 0.22 15.18 -7.03
CA LEU B 88 1.69 15.23 -7.01
C LEU B 88 2.16 15.11 -8.38
N ALA B 89 1.48 14.26 -9.12
CA ALA B 89 1.82 14.03 -10.45
C ALA B 89 1.96 15.43 -11.22
N GLU B 90 1.23 16.48 -10.72
CA GLU B 90 1.32 17.87 -11.22
C GLU B 90 2.43 18.62 -10.46
N ALA B 91 2.54 18.31 -9.16
CA ALA B 91 3.61 18.87 -8.31
C ALA B 91 4.99 18.45 -8.88
N MET B 92 5.02 17.37 -9.67
CA MET B 92 6.22 16.91 -10.32
C MET B 92 6.42 17.74 -11.56
N SER B 93 5.30 18.17 -12.18
CA SER B 93 5.37 19.02 -13.37
C SER B 93 5.46 20.50 -13.00
N GLN B 94 5.32 20.84 -11.70
CA GLN B 94 5.40 22.21 -11.26
C GLN B 94 6.82 22.61 -10.96
N VAL B 95 7.35 22.01 -9.89
CA VAL B 95 8.72 22.29 -9.48
C VAL B 95 9.69 22.17 -10.66
N THR B 96 9.50 21.18 -11.52
CA THR B 96 10.43 21.02 -12.63
C THR B 96 10.25 22.10 -13.71
N ASN B 97 9.03 22.31 -14.20
CA ASN B 97 8.80 23.29 -15.28
C ASN B 97 8.47 24.73 -14.84
N THR B 98 7.50 24.88 -13.95
CA THR B 98 7.03 26.22 -13.52
C THR B 98 7.89 26.89 -12.47
N ALA B 99 8.34 26.09 -11.54
CA ALA B 99 9.10 26.56 -10.40
C ALA B 99 10.52 26.02 -10.37
N THR B 100 11.18 25.93 -11.53
CA THR B 100 12.52 25.35 -11.53
C THR B 100 13.39 26.13 -10.56
N ILE B 101 13.87 25.38 -9.57
CA ILE B 101 14.64 25.96 -8.49
C ILE B 101 16.15 25.79 -8.72
N MET B 102 16.90 26.89 -8.64
CA MET B 102 18.35 26.82 -8.82
C MET B 102 19.08 27.35 -7.59
N GLY C 1 12.89 6.79 27.50
CA GLY C 1 12.58 7.36 28.83
C GLY C 1 12.78 6.31 29.93
N GLY C 2 12.78 5.04 29.56
CA GLY C 2 13.00 3.98 30.54
C GLY C 2 11.77 3.67 31.42
N SER C 3 10.57 4.05 31.00
CA SER C 3 9.37 3.76 31.81
C SER C 3 8.72 2.43 31.36
N PRO C 4 8.54 1.39 32.19
CA PRO C 4 7.97 0.06 31.73
C PRO C 4 6.82 0.16 30.74
N THR C 5 7.03 -0.45 29.56
CA THR C 5 6.08 -0.50 28.39
C THR C 5 5.54 0.84 27.86
N SER C 6 5.54 1.93 28.62
CA SER C 6 4.97 3.10 28.13
C SER C 6 5.92 4.00 27.40
N ILE C 7 6.93 4.48 28.13
CA ILE C 7 7.92 5.47 27.67
C ILE C 7 9.36 5.01 27.48
N LEU C 8 9.51 3.73 27.52
CA LEU C 8 10.80 3.11 27.24
C LEU C 8 11.14 3.55 25.88
N ASP C 9 10.13 3.57 25.02
CA ASP C 9 10.46 4.05 23.76
C ASP C 9 9.28 4.45 22.92
N ILE C 10 8.12 4.94 23.49
CA ILE C 10 6.92 4.97 22.65
C ILE C 10 7.11 5.48 21.20
N ARG C 11 6.86 4.54 20.27
CA ARG C 11 7.12 4.70 18.81
C ARG C 11 5.98 5.22 17.90
N GLN C 12 6.36 6.09 16.93
CA GLN C 12 5.42 6.56 15.88
C GLN C 12 5.74 5.92 14.48
N GLY C 13 4.75 5.20 13.89
CA GLY C 13 4.92 4.47 12.60
C GLY C 13 5.07 5.40 11.34
N PRO C 14 5.93 5.04 10.35
CA PRO C 14 6.16 5.87 9.12
C PRO C 14 4.88 5.94 8.27
N LYS C 15 4.01 4.93 8.40
CA LYS C 15 2.72 5.00 7.72
C LYS C 15 1.66 5.53 8.71
N GLU C 16 1.90 5.27 10.01
CA GLU C 16 0.99 5.65 11.08
C GLU C 16 1.00 7.19 11.26
N PRO C 17 -0.15 7.87 11.35
CA PRO C 17 -0.18 9.37 11.54
C PRO C 17 0.25 9.75 12.95
N PHE C 18 0.58 11.01 13.09
CA PHE C 18 1.01 11.51 14.38
C PHE C 18 0.00 11.14 15.45
N ARG C 19 -1.25 11.40 15.19
CA ARG C 19 -2.31 11.16 16.20
C ARG C 19 -2.41 9.76 16.77
N ASP C 20 -2.49 8.73 15.92
CA ASP C 20 -2.64 7.36 16.44
C ASP C 20 -1.56 7.10 17.48
N TYR C 21 -0.35 7.45 17.13
CA TYR C 21 0.78 7.33 18.03
C TYR C 21 0.55 8.15 19.30
N VAL C 22 0.12 9.42 19.15
CA VAL C 22 -0.08 10.25 20.35
C VAL C 22 -1.04 9.52 21.28
N ASP C 23 -2.03 8.86 20.69
CA ASP C 23 -3.01 8.09 21.44
C ASP C 23 -2.33 6.93 22.18
N ARG C 24 -1.27 6.38 21.58
CA ARG C 24 -0.54 5.28 22.21
C ARG C 24 0.21 5.78 23.41
N PHE C 25 0.90 6.89 23.19
CA PHE C 25 1.73 7.50 24.22
C PHE C 25 0.91 7.93 25.42
N TYR C 26 -0.39 8.19 25.24
CA TYR C 26 -1.15 8.65 26.40
C TYR C 26 -1.66 7.51 27.25
N LYS C 27 -2.50 6.70 26.63
CA LYS C 27 -3.09 5.54 27.29
C LYS C 27 -1.98 4.67 27.83
N THR C 28 -0.84 4.56 27.11
CA THR C 28 0.20 3.70 27.62
C THR C 28 0.76 4.34 28.87
N LEU C 29 0.79 5.66 28.91
CA LEU C 29 1.26 6.33 30.11
C LEU C 29 0.37 5.96 31.31
N ARG C 30 -0.93 5.75 31.07
CA ARG C 30 -1.83 5.33 32.15
C ARG C 30 -1.35 3.98 32.71
N ALA C 31 -0.61 3.22 31.88
CA ALA C 31 -0.04 1.94 32.31
C ALA C 31 1.21 2.12 33.19
N GLU C 32 1.87 3.30 33.13
CA GLU C 32 3.10 3.50 33.93
C GLU C 32 2.89 4.32 35.21
N GLN C 33 3.55 3.86 36.29
CA GLN C 33 3.49 4.52 37.60
C GLN C 33 4.44 5.73 37.72
N ALA C 34 4.16 6.79 36.97
CA ALA C 34 5.01 7.99 37.03
C ALA C 34 4.40 9.07 37.92
N SER C 35 5.21 10.02 38.37
CA SER C 35 4.68 11.14 39.15
C SER C 35 4.16 12.18 38.15
N GLN C 36 3.45 13.16 38.67
CA GLN C 36 2.79 14.15 37.80
C GLN C 36 3.72 14.93 36.87
N GLU C 37 4.80 15.51 37.37
CA GLU C 37 5.70 16.25 36.48
C GLU C 37 6.41 15.27 35.52
N VAL C 38 6.55 13.96 35.91
CA VAL C 38 7.18 13.00 35.00
C VAL C 38 6.32 12.88 33.76
N LYS C 39 5.06 12.39 33.88
CA LYS C 39 4.16 12.25 32.71
C LYS C 39 4.14 13.52 31.90
N ASN C 40 3.90 14.64 32.56
CA ASN C 40 3.88 15.94 31.83
C ASN C 40 5.21 16.13 31.03
N TRP C 41 6.31 15.69 31.65
CA TRP C 41 7.66 15.77 31.08
C TRP C 41 7.86 14.68 30.02
N MET C 42 7.11 13.58 30.15
CA MET C 42 7.15 12.47 29.22
C MET C 42 6.46 12.86 27.92
N THR C 43 5.57 13.84 27.97
CA THR C 43 4.83 14.19 26.76
C THR C 43 5.66 15.07 25.84
N GLU C 44 6.54 15.84 26.42
CA GLU C 44 7.40 16.75 25.67
C GLU C 44 8.76 16.13 25.26
N THR C 45 9.53 15.67 26.27
CA THR C 45 10.88 15.12 26.04
C THR C 45 10.87 13.92 25.08
N LEU C 46 9.93 13.00 25.29
CA LEU C 46 9.80 11.79 24.50
C LEU C 46 8.99 11.93 23.19
N LEU C 47 7.76 12.46 23.24
CA LEU C 47 6.90 12.54 22.02
C LEU C 47 7.66 13.06 20.78
N VAL C 48 8.19 14.27 20.88
CA VAL C 48 8.93 14.88 19.78
C VAL C 48 10.19 14.08 19.41
N GLN C 49 10.99 13.67 20.41
CA GLN C 49 12.26 12.97 20.13
C GLN C 49 12.15 11.53 19.52
N ASN C 50 11.38 10.63 20.16
CA ASN C 50 11.29 9.23 19.70
C ASN C 50 10.03 8.91 18.90
N ALA C 51 9.66 9.83 17.96
CA ALA C 51 8.44 9.60 17.17
C ALA C 51 8.42 10.01 15.68
N ASN C 52 8.70 9.03 14.78
CA ASN C 52 8.45 9.28 13.34
C ASN C 52 8.99 10.57 12.73
N PRO C 53 10.16 10.60 12.08
CA PRO C 53 10.71 11.86 11.48
C PRO C 53 9.66 12.74 10.78
N ASP C 54 8.50 12.22 10.35
CA ASP C 54 7.50 13.12 9.73
C ASP C 54 7.03 14.13 10.76
N CYS C 55 6.27 13.69 11.78
CA CYS C 55 5.82 14.64 12.81
C CYS C 55 7.01 15.15 13.59
N LYS C 56 8.06 14.39 13.65
CA LYS C 56 9.20 14.86 14.40
C LYS C 56 9.90 15.98 13.63
N THR C 57 9.76 16.01 12.29
CA THR C 57 10.34 17.10 11.51
C THR C 57 9.39 18.34 11.49
N ILE C 58 8.08 18.12 11.75
CA ILE C 58 7.12 19.25 11.83
C ILE C 58 7.15 19.80 13.24
N LEU C 59 7.41 18.95 14.23
CA LEU C 59 7.42 19.37 15.62
C LEU C 59 8.54 20.36 15.83
N LYS C 60 9.72 20.07 15.28
CA LYS C 60 10.81 21.03 15.37
C LYS C 60 10.36 22.31 14.67
N ALA C 61 9.66 22.11 13.55
CA ALA C 61 9.17 23.23 12.77
C ALA C 61 8.13 24.10 13.50
N LEU C 62 7.21 23.49 14.27
CA LEU C 62 6.18 24.28 14.92
C LEU C 62 6.83 25.28 15.83
N GLY C 63 7.87 24.83 16.47
CA GLY C 63 8.59 25.65 17.42
C GLY C 63 8.33 25.03 18.78
N PRO C 64 9.31 24.85 19.64
CA PRO C 64 9.06 24.18 20.96
C PRO C 64 7.97 24.85 21.78
N GLY C 65 7.48 24.15 22.78
CA GLY C 65 6.42 24.68 23.60
C GLY C 65 5.06 24.55 22.90
N ALA C 66 5.02 23.90 21.72
CA ALA C 66 3.75 23.75 21.02
C ALA C 66 2.90 22.70 21.71
N THR C 67 1.76 23.13 22.22
CA THR C 67 0.87 22.22 22.90
C THR C 67 0.36 21.16 21.94
N LEU C 68 -0.23 20.09 22.50
CA LEU C 68 -0.79 19.02 21.68
C LEU C 68 -1.87 19.46 20.79
N GLU C 69 -2.62 20.46 21.19
CA GLU C 69 -3.68 20.89 20.32
C GLU C 69 -3.00 21.35 19.02
N GLU C 70 -1.91 22.09 19.15
CA GLU C 70 -1.18 22.57 17.97
C GLU C 70 -0.41 21.45 17.26
N MET C 71 0.28 20.56 18.03
CA MET C 71 1.09 19.49 17.41
C MET C 71 0.17 18.58 16.62
N MET C 72 -1.00 18.41 17.15
CA MET C 72 -1.99 17.61 16.49
C MET C 72 -2.31 18.17 15.12
N THR C 73 -2.60 19.48 15.03
CA THR C 73 -3.01 20.11 13.77
C THR C 73 -1.91 20.09 12.69
N ALA C 74 -0.69 20.40 13.09
CA ALA C 74 0.44 20.46 12.16
C ALA C 74 0.72 19.13 11.51
N CYS C 75 0.69 18.15 12.33
CA CYS C 75 0.96 16.83 11.90
C CYS C 75 -0.31 16.12 11.44
N GLN C 76 -1.31 16.85 10.81
CA GLN C 76 -2.55 16.16 10.32
C GLN C 76 -2.35 15.55 8.98
N GLY C 77 -1.79 16.29 8.03
CA GLY C 77 -1.53 15.73 6.71
C GLY C 77 -0.51 14.62 6.90
N VAL C 78 0.29 14.62 8.08
CA VAL C 78 1.37 13.52 8.40
C VAL C 78 0.77 12.29 8.02
N GLY C 79 1.53 11.47 7.29
CA GLY C 79 0.69 10.59 6.65
C GLY C 79 0.90 9.41 5.91
N GLY C 80 -0.09 8.65 5.35
CA GLY C 80 0.48 7.53 4.74
C GLY C 80 1.07 8.12 3.57
N PRO C 81 0.32 8.65 2.64
CA PRO C 81 0.86 9.52 1.60
C PRO C 81 0.71 11.05 1.90
N GLY C 82 -0.22 11.46 2.80
CA GLY C 82 -0.51 12.90 3.03
C GLY C 82 0.62 13.90 3.13
N HIS C 83 1.38 13.89 4.18
CA HIS C 83 2.39 14.92 4.30
C HIS C 83 3.33 14.80 3.20
N LYS C 84 3.72 13.60 3.04
CA LYS C 84 4.70 13.28 2.05
C LYS C 84 4.52 13.92 0.62
N ALA C 85 3.32 14.44 0.32
CA ALA C 85 3.11 15.17 -0.93
C ALA C 85 4.25 16.25 -1.09
N ARG C 86 4.64 16.81 0.05
CA ARG C 86 5.70 17.82 0.09
C ARG C 86 7.10 17.20 0.20
N VAL C 87 7.20 16.03 0.80
CA VAL C 87 8.50 15.38 0.97
C VAL C 87 9.04 14.82 -0.33
N LEU C 88 8.17 14.22 -1.14
CA LEU C 88 8.57 13.60 -2.41
C LEU C 88 8.78 14.63 -3.55
N ALA C 89 7.81 15.49 -3.76
CA ALA C 89 7.90 16.48 -4.85
C ALA C 89 9.21 17.29 -4.77
N GLU C 90 9.79 17.41 -3.57
CA GLU C 90 11.04 18.19 -3.37
C GLU C 90 12.36 17.45 -3.53
N ALA C 91 12.50 16.33 -2.82
CA ALA C 91 13.76 15.59 -2.80
C ALA C 91 14.13 15.12 -4.18
N MET C 92 13.15 14.69 -4.90
CA MET C 92 13.37 14.20 -6.24
C MET C 92 14.04 15.26 -7.08
N SER C 93 13.63 16.52 -6.90
CA SER C 93 14.23 17.59 -7.70
C SER C 93 15.37 18.30 -6.98
N GLN C 94 15.53 18.07 -5.69
CA GLN C 94 16.60 18.74 -4.94
C GLN C 94 17.95 18.28 -5.42
N VAL C 95 18.04 16.99 -5.54
CA VAL C 95 19.25 16.37 -6.00
C VAL C 95 19.49 16.70 -7.47
N THR C 96 18.44 16.65 -8.28
CA THR C 96 18.58 16.87 -9.72
C THR C 96 18.75 18.34 -10.18
N ASN C 97 17.83 19.23 -9.78
CA ASN C 97 17.88 20.62 -10.27
C ASN C 97 18.77 21.65 -9.52
N THR C 98 18.72 21.71 -8.19
CA THR C 98 19.51 22.73 -7.46
C THR C 98 20.83 22.15 -6.97
N ALA C 99 20.73 20.95 -6.46
CA ALA C 99 21.86 20.21 -5.95
C ALA C 99 22.33 19.26 -7.02
N THR C 100 22.30 19.72 -8.27
CA THR C 100 22.61 18.84 -9.38
C THR C 100 23.98 18.23 -9.17
N ILE C 101 23.97 16.90 -9.20
CA ILE C 101 25.17 16.13 -8.96
C ILE C 101 25.69 15.55 -10.28
N MET C 102 26.92 15.91 -10.64
CA MET C 102 27.51 15.41 -11.88
C MET C 102 28.68 14.48 -11.59
N GLY D 1 24.03 -16.60 16.67
CA GLY D 1 23.89 -17.56 17.79
C GLY D 1 23.37 -18.88 17.27
N GLY D 2 22.40 -18.81 16.39
CA GLY D 2 21.85 -20.01 15.81
C GLY D 2 20.88 -20.75 16.72
N SER D 3 20.27 -20.11 17.72
CA SER D 3 19.34 -20.86 18.57
C SER D 3 17.92 -20.94 17.94
N PRO D 4 17.16 -22.04 18.15
CA PRO D 4 15.80 -22.27 17.52
C PRO D 4 14.88 -21.08 17.56
N THR D 5 14.42 -20.74 16.33
CA THR D 5 13.51 -19.62 16.02
C THR D 5 14.01 -18.28 16.43
N SER D 6 14.29 -18.11 17.67
CA SER D 6 14.63 -16.84 18.14
C SER D 6 15.72 -16.10 17.43
N ILE D 7 16.91 -16.66 17.15
CA ILE D 7 18.06 -15.90 16.51
C ILE D 7 18.81 -16.51 15.34
N LEU D 8 18.38 -17.64 14.87
CA LEU D 8 19.02 -18.24 13.71
C LEU D 8 18.91 -17.31 12.63
N ASP D 9 17.77 -16.67 12.54
CA ASP D 9 17.74 -15.63 11.61
C ASP D 9 16.77 -14.54 11.91
N ILE D 10 16.31 -14.23 13.21
CA ILE D 10 15.18 -13.25 13.30
C ILE D 10 15.29 -11.99 12.38
N ARG D 11 14.37 -11.91 11.44
CA ARG D 11 14.45 -10.90 10.38
C ARG D 11 13.56 -9.68 10.53
N GLN D 12 14.11 -8.52 10.07
CA GLN D 12 13.33 -7.24 9.95
C GLN D 12 12.88 -7.14 8.50
N GLY D 13 11.56 -7.21 8.28
CA GLY D 13 11.02 -7.11 6.93
C GLY D 13 11.25 -5.73 6.33
N PRO D 14 10.73 -5.47 5.14
CA PRO D 14 10.89 -4.14 4.46
C PRO D 14 9.83 -3.12 4.96
N LYS D 15 8.57 -3.55 5.03
CA LYS D 15 7.48 -2.71 5.58
C LYS D 15 7.49 -2.80 7.13
N GLU D 16 8.13 -3.86 7.67
CA GLU D 16 8.22 -4.02 9.11
C GLU D 16 9.38 -3.13 9.58
N PRO D 17 9.18 -2.12 10.42
CA PRO D 17 10.29 -1.19 10.81
C PRO D 17 11.30 -1.79 11.78
N PHE D 18 12.43 -1.11 11.88
CA PHE D 18 13.50 -1.50 12.77
C PHE D 18 12.93 -1.64 14.17
N ARG D 19 12.20 -0.63 14.61
CA ARG D 19 11.61 -0.63 15.95
C ARG D 19 10.62 -1.75 16.25
N ASP D 20 9.76 -2.08 15.30
CA ASP D 20 8.78 -3.14 15.55
C ASP D 20 9.49 -4.49 15.61
N TYR D 21 10.49 -4.63 14.75
CA TYR D 21 11.29 -5.86 14.62
C TYR D 21 12.16 -6.09 15.84
N VAL D 22 12.66 -5.00 16.48
CA VAL D 22 13.56 -5.22 17.60
C VAL D 22 12.86 -6.13 18.61
N ASP D 23 11.60 -5.89 18.89
CA ASP D 23 10.87 -6.78 19.79
C ASP D 23 10.88 -8.20 19.20
N ARG D 24 10.74 -8.31 17.89
CA ARG D 24 10.80 -9.64 17.31
C ARG D 24 12.15 -10.22 17.63
N PHE D 25 13.20 -9.40 17.76
CA PHE D 25 14.53 -9.96 18.08
C PHE D 25 14.71 -10.19 19.58
N TYR D 26 14.06 -9.38 20.40
CA TYR D 26 14.18 -9.53 21.84
C TYR D 26 13.15 -10.50 22.39
N LYS D 27 11.90 -10.10 22.26
CA LYS D 27 10.80 -10.90 22.73
C LYS D 27 10.91 -12.33 22.24
N THR D 28 11.53 -12.53 21.07
CA THR D 28 11.64 -13.91 20.59
C THR D 28 12.73 -14.61 21.42
N LEU D 29 13.86 -13.90 21.73
CA LEU D 29 14.91 -14.52 22.51
C LEU D 29 14.33 -15.12 23.78
N ARG D 30 13.32 -14.47 24.38
CA ARG D 30 12.73 -14.99 25.63
C ARG D 30 12.32 -16.43 25.40
N ALA D 31 11.81 -16.71 24.21
CA ALA D 31 11.42 -18.06 23.91
C ALA D 31 12.61 -19.03 23.90
N GLU D 32 13.79 -18.59 23.42
CA GLU D 32 14.93 -19.54 23.35
C GLU D 32 15.57 -19.81 24.72
N GLN D 33 15.92 -21.09 24.95
CA GLN D 33 16.56 -21.50 26.21
C GLN D 33 18.03 -21.07 26.24
N ALA D 34 18.28 -19.83 26.66
CA ALA D 34 19.66 -19.32 26.70
C ALA D 34 19.98 -18.69 28.07
N SER D 35 21.26 -18.63 28.37
CA SER D 35 21.73 -18.06 29.60
C SER D 35 21.89 -16.56 29.36
N GLN D 36 22.23 -15.81 30.39
CA GLN D 36 22.34 -14.36 30.22
C GLN D 36 23.34 -13.92 29.14
N GLU D 37 24.61 -14.34 29.24
CA GLU D 37 25.62 -13.98 28.21
C GLU D 37 25.29 -14.70 26.90
N VAL D 38 24.48 -15.76 26.97
CA VAL D 38 24.11 -16.42 25.74
C VAL D 38 23.21 -15.50 24.94
N LYS D 39 22.20 -14.92 25.60
CA LYS D 39 21.25 -14.04 24.89
C LYS D 39 21.86 -12.69 24.51
N ASN D 40 22.64 -12.09 25.42
CA ASN D 40 23.18 -10.77 25.12
C ASN D 40 23.97 -10.79 23.85
N TRP D 41 24.76 -11.84 23.66
CA TRP D 41 25.57 -11.95 22.46
C TRP D 41 24.68 -11.93 21.22
N MET D 42 23.61 -12.73 21.27
CA MET D 42 22.70 -12.90 20.13
C MET D 42 22.19 -11.57 19.60
N THR D 43 22.23 -10.54 20.43
CA THR D 43 21.74 -9.22 20.03
C THR D 43 22.72 -8.44 19.16
N GLU D 44 23.93 -8.24 19.61
CA GLU D 44 24.86 -7.43 18.84
C GLU D 44 25.18 -8.00 17.47
N THR D 45 25.31 -9.33 17.38
CA THR D 45 25.70 -9.95 16.12
C THR D 45 24.54 -10.22 15.17
N LEU D 46 23.59 -11.04 15.57
CA LEU D 46 22.50 -11.39 14.66
C LEU D 46 21.57 -10.21 14.36
N LEU D 47 21.50 -9.17 15.24
CA LEU D 47 20.55 -8.03 14.98
C LEU D 47 20.88 -7.24 13.69
N VAL D 48 22.11 -6.75 13.59
CA VAL D 48 22.49 -5.91 12.48
C VAL D 48 22.44 -6.64 11.15
N GLN D 49 22.99 -7.86 11.11
CA GLN D 49 23.07 -8.61 9.87
C GLN D 49 21.73 -9.06 9.29
N ASN D 50 20.92 -9.78 10.07
CA ASN D 50 19.67 -10.30 9.50
C ASN D 50 18.54 -9.26 9.49
N ALA D 51 18.86 -7.99 9.63
CA ALA D 51 17.84 -6.96 9.69
C ALA D 51 17.77 -5.98 8.51
N ASN D 52 16.67 -6.11 7.74
CA ASN D 52 16.27 -5.07 6.75
C ASN D 52 17.38 -4.32 6.01
N PRO D 53 17.87 -4.73 4.86
CA PRO D 53 18.96 -3.99 4.15
C PRO D 53 18.78 -2.44 4.13
N ASP D 54 17.55 -1.93 4.28
CA ASP D 54 17.39 -0.46 4.32
C ASP D 54 18.13 0.03 5.53
N CYS D 55 17.91 -0.69 6.61
CA CYS D 55 18.50 -0.33 7.87
C CYS D 55 19.89 -0.90 8.01
N LYS D 56 20.18 -2.08 7.51
CA LYS D 56 21.53 -2.61 7.67
C LYS D 56 22.50 -1.62 7.03
N THR D 57 22.07 -1.07 5.90
CA THR D 57 22.88 -0.06 5.25
C THR D 57 22.96 1.18 6.19
N ILE D 58 21.86 1.47 6.94
CA ILE D 58 21.85 2.59 7.93
C ILE D 58 22.84 2.35 9.05
N LEU D 59 22.82 1.15 9.63
CA LEU D 59 23.71 0.78 10.71
C LEU D 59 25.13 0.92 10.20
N LYS D 60 25.41 0.47 8.98
CA LYS D 60 26.76 0.64 8.43
C LYS D 60 27.10 2.13 8.30
N ALA D 61 26.06 2.98 8.23
CA ALA D 61 26.27 4.42 8.10
C ALA D 61 26.37 5.09 9.47
N LEU D 62 25.72 4.48 10.48
CA LEU D 62 25.68 5.03 11.83
C LEU D 62 27.00 4.90 12.55
N GLY D 63 27.98 4.24 11.94
CA GLY D 63 29.23 4.06 12.61
C GLY D 63 29.02 2.92 13.62
N PRO D 64 29.76 1.81 13.58
CA PRO D 64 29.50 0.68 14.53
C PRO D 64 29.80 0.97 15.99
N GLY D 65 29.03 0.31 16.85
CA GLY D 65 29.15 0.44 18.30
C GLY D 65 28.06 1.30 18.92
N ALA D 66 27.34 2.04 18.08
CA ALA D 66 26.27 2.91 18.55
C ALA D 66 25.15 2.10 19.16
N THR D 67 24.56 2.64 20.23
CA THR D 67 23.48 1.95 20.91
C THR D 67 22.31 1.75 19.96
N LEU D 68 21.31 1.03 20.42
CA LEU D 68 20.11 0.77 19.62
C LEU D 68 19.24 2.00 19.53
N GLU D 69 19.37 2.88 20.49
CA GLU D 69 18.58 4.07 20.46
C GLU D 69 19.00 4.81 19.19
N GLU D 70 20.30 4.81 18.90
CA GLU D 70 20.79 5.45 17.68
C GLU D 70 20.34 4.66 16.45
N MET D 71 20.41 3.33 16.51
CA MET D 71 19.96 2.53 15.37
C MET D 71 18.43 2.72 15.19
N MET D 72 17.74 3.13 16.27
CA MET D 72 16.30 3.34 16.27
C MET D 72 15.95 4.70 15.63
N THR D 73 16.54 5.78 16.14
CA THR D 73 16.21 7.10 15.62
C THR D 73 16.39 7.17 14.09
N ALA D 74 17.51 6.69 13.61
CA ALA D 74 17.80 6.74 12.18
C ALA D 74 16.96 5.78 11.33
N CYS D 75 16.80 4.55 11.79
CA CYS D 75 16.05 3.56 11.01
C CYS D 75 14.52 3.76 11.13
N GLN D 76 14.08 4.65 12.03
CA GLN D 76 12.64 4.99 12.15
C GLN D 76 12.08 5.63 10.89
N GLY D 77 12.91 6.42 10.21
CA GLY D 77 12.48 7.05 8.96
C GLY D 77 12.29 6.00 7.85
N VAL D 78 12.75 4.77 8.08
CA VAL D 78 12.59 3.68 7.05
C VAL D 78 11.12 3.65 6.88
N GLY D 79 10.59 3.50 5.62
CA GLY D 79 9.16 3.73 5.55
C GLY D 79 8.86 4.66 4.40
N GLY D 80 7.63 4.94 4.03
CA GLY D 80 7.60 5.77 2.88
C GLY D 80 8.17 7.23 3.04
N PRO D 81 8.15 7.93 4.21
CA PRO D 81 8.61 9.37 4.29
C PRO D 81 10.08 9.60 4.45
N GLY D 82 10.63 8.93 5.44
CA GLY D 82 12.00 9.15 5.78
C GLY D 82 12.93 8.61 4.75
N HIS D 83 12.88 7.32 4.55
CA HIS D 83 13.81 6.73 3.63
C HIS D 83 13.30 6.65 2.18
N LYS D 84 12.18 5.93 1.97
CA LYS D 84 11.69 5.66 0.62
C LYS D 84 11.70 6.83 -0.36
N ALA D 85 11.25 8.01 0.03
CA ALA D 85 11.26 9.11 -0.92
C ALA D 85 12.70 9.33 -1.37
N ARG D 86 13.59 9.24 -0.40
CA ARG D 86 15.01 9.43 -0.68
C ARG D 86 15.58 8.27 -1.52
N VAL D 87 15.22 7.04 -1.22
CA VAL D 87 15.80 5.94 -1.99
C VAL D 87 15.47 6.08 -3.48
N LEU D 88 14.28 6.56 -3.79
CA LEU D 88 13.91 6.74 -5.18
C LEU D 88 14.83 7.78 -5.81
N ALA D 89 15.03 8.86 -5.06
CA ALA D 89 15.89 9.97 -5.51
C ALA D 89 17.36 9.58 -5.74
N GLU D 90 17.93 8.78 -4.84
CA GLU D 90 19.34 8.39 -5.00
C GLU D 90 19.58 7.54 -6.22
N ALA D 91 18.68 6.60 -6.48
CA ALA D 91 18.84 5.77 -7.64
C ALA D 91 18.52 6.55 -8.91
N MET D 92 17.46 7.31 -8.84
CA MET D 92 16.98 8.06 -9.99
C MET D 92 17.90 9.17 -10.42
N SER D 93 18.46 9.90 -9.48
CA SER D 93 19.33 11.00 -9.85
C SER D 93 20.76 10.54 -10.13
N GLN D 94 21.06 9.28 -9.86
CA GLN D 94 22.42 8.80 -10.12
C GLN D 94 22.60 8.35 -11.54
N VAL D 95 21.81 7.37 -11.90
CA VAL D 95 21.86 6.79 -13.23
C VAL D 95 21.64 7.84 -14.31
N THR D 96 20.76 8.80 -14.09
CA THR D 96 20.48 9.80 -15.12
C THR D 96 21.53 10.91 -15.26
N ASN D 97 21.92 11.57 -14.16
CA ASN D 97 22.85 12.71 -14.29
C ASN D 97 24.36 12.40 -14.34
N THR D 98 24.88 11.60 -13.41
CA THR D 98 26.33 11.32 -13.40
C THR D 98 26.65 9.99 -14.06
N ALA D 99 25.82 9.02 -13.75
CA ALA D 99 25.97 7.68 -14.24
C ALA D 99 25.18 7.50 -15.54
N THR D 100 25.13 8.52 -16.38
CA THR D 100 24.34 8.41 -17.61
C THR D 100 24.86 7.22 -18.39
N ILE D 101 23.98 6.24 -18.49
CA ILE D 101 24.31 4.98 -19.12
C ILE D 101 23.96 5.04 -20.61
N MET D 102 24.93 4.72 -21.46
CA MET D 102 24.72 4.76 -22.91
C MET D 102 24.67 3.34 -23.48
N GLY E 1 6.47 -30.33 -10.18
CA GLY E 1 5.90 -30.37 -8.80
C GLY E 1 5.02 -31.60 -8.64
N GLY E 2 3.72 -31.37 -8.48
CA GLY E 2 2.75 -32.47 -8.38
C GLY E 2 2.48 -33.15 -7.00
N SER E 3 2.97 -32.65 -5.87
CA SER E 3 2.67 -33.28 -4.55
C SER E 3 1.35 -32.73 -3.96
N PRO E 4 0.76 -33.27 -2.91
CA PRO E 4 -0.54 -32.67 -2.43
C PRO E 4 -0.35 -31.29 -1.77
N THR E 5 -0.98 -30.25 -2.36
CA THR E 5 -0.96 -28.82 -1.89
C THR E 5 0.38 -28.21 -1.44
N SER E 6 1.49 -28.90 -1.50
CA SER E 6 2.73 -28.35 -1.03
C SER E 6 3.60 -27.76 -2.12
N ILE E 7 3.57 -28.36 -3.29
CA ILE E 7 4.45 -28.01 -4.44
C ILE E 7 3.83 -27.82 -5.84
N LEU E 8 2.62 -27.96 -5.90
CA LEU E 8 1.83 -27.84 -7.10
C LEU E 8 1.85 -26.43 -7.47
N ASP E 9 1.69 -25.61 -6.44
CA ASP E 9 1.82 -24.26 -6.70
C ASP E 9 2.30 -23.48 -5.51
N ILE E 10 3.11 -23.99 -4.51
CA ILE E 10 3.27 -23.04 -3.45
C ILE E 10 4.10 -21.89 -4.02
N ARG E 11 3.66 -20.64 -3.79
CA ARG E 11 4.38 -19.48 -4.35
C ARG E 11 4.58 -18.36 -3.34
N GLN E 12 5.45 -17.44 -3.70
CA GLN E 12 5.69 -16.25 -2.92
C GLN E 12 4.68 -15.27 -3.56
N GLY E 13 4.56 -14.05 -3.04
CA GLY E 13 3.63 -13.04 -3.57
C GLY E 13 4.43 -11.81 -3.93
N PRO E 14 3.93 -10.92 -4.75
CA PRO E 14 4.75 -9.74 -5.15
C PRO E 14 5.13 -8.91 -3.94
N LYS E 15 4.13 -8.63 -3.09
CA LYS E 15 4.35 -7.89 -1.83
C LYS E 15 4.72 -8.83 -0.70
N GLU E 16 4.46 -10.13 -0.87
CA GLU E 16 4.79 -11.07 0.18
C GLU E 16 6.32 -11.38 0.14
N PRO E 17 7.12 -11.04 1.17
CA PRO E 17 8.60 -11.29 1.13
C PRO E 17 8.93 -12.73 0.85
N PHE E 18 10.16 -12.94 0.42
CA PHE E 18 10.60 -14.28 0.16
C PHE E 18 10.44 -15.08 1.40
N ARG E 19 10.93 -14.56 2.54
CA ARG E 19 10.87 -15.30 3.80
C ARG E 19 9.48 -15.69 4.30
N ASP E 20 8.57 -14.74 4.33
CA ASP E 20 7.20 -15.01 4.81
C ASP E 20 6.62 -16.18 4.02
N TYR E 21 6.98 -16.22 2.76
CA TYR E 21 6.59 -17.27 1.84
C TYR E 21 7.39 -18.52 2.09
N VAL E 22 8.68 -18.37 2.35
CA VAL E 22 9.54 -19.53 2.63
C VAL E 22 9.05 -20.21 3.91
N ASP E 23 8.38 -19.42 4.78
CA ASP E 23 7.77 -19.97 5.98
C ASP E 23 6.60 -20.86 5.53
N ARG E 24 5.95 -20.46 4.41
CA ARG E 24 4.82 -21.24 3.85
C ARG E 24 5.36 -22.49 3.18
N PHE E 25 6.14 -22.29 2.13
CA PHE E 25 6.76 -23.38 1.39
C PHE E 25 7.36 -24.43 2.32
N TYR E 26 7.74 -24.08 3.54
CA TYR E 26 8.35 -25.07 4.43
C TYR E 26 7.30 -25.87 5.22
N LYS E 27 6.36 -25.12 5.82
CA LYS E 27 5.27 -25.73 6.61
C LYS E 27 4.38 -26.59 5.70
N THR E 28 3.94 -26.03 4.54
CA THR E 28 3.09 -26.79 3.61
C THR E 28 3.75 -28.13 3.30
N LEU E 29 5.10 -28.17 3.24
CA LEU E 29 5.80 -29.45 2.93
C LEU E 29 5.49 -30.44 4.07
N ARG E 30 5.40 -29.95 5.31
CA ARG E 30 5.18 -30.88 6.41
C ARG E 30 3.93 -31.70 6.17
N ALA E 31 2.91 -31.01 5.66
CA ALA E 31 1.61 -31.61 5.40
C ALA E 31 1.61 -32.67 4.32
N GLU E 32 2.70 -32.82 3.58
CA GLU E 32 2.73 -33.83 2.52
C GLU E 32 3.46 -35.12 2.94
N GLN E 33 2.83 -36.23 2.54
CA GLN E 33 3.33 -37.59 2.79
C GLN E 33 4.43 -37.91 1.80
N ALA E 34 5.49 -37.12 1.88
CA ALA E 34 6.61 -37.29 1.00
C ALA E 34 7.78 -37.99 1.71
N SER E 35 8.42 -38.89 0.98
CA SER E 35 9.59 -39.62 1.48
C SER E 35 10.59 -38.56 1.89
N GLN E 36 11.52 -38.91 2.74
CA GLN E 36 12.46 -37.91 3.18
C GLN E 36 13.19 -37.30 1.98
N GLU E 37 13.77 -38.11 1.09
CA GLU E 37 14.39 -37.54 -0.09
C GLU E 37 13.37 -36.84 -1.00
N VAL E 38 12.14 -37.41 -1.13
CA VAL E 38 11.11 -36.74 -1.97
C VAL E 38 10.98 -35.29 -1.51
N LYS E 39 10.88 -35.10 -0.21
CA LYS E 39 10.78 -33.75 0.30
C LYS E 39 12.04 -32.96 0.03
N ASN E 40 13.19 -33.56 0.20
CA ASN E 40 14.41 -32.80 -0.04
C ASN E 40 14.41 -32.29 -1.48
N TRP E 41 13.87 -33.10 -2.40
CA TRP E 41 13.78 -32.72 -3.83
C TRP E 41 12.88 -31.50 -4.01
N MET E 42 11.69 -31.55 -3.45
CA MET E 42 10.77 -30.46 -3.52
C MET E 42 11.30 -29.21 -2.86
N THR E 43 12.02 -29.36 -1.76
CA THR E 43 12.46 -28.16 -1.08
C THR E 43 13.24 -27.21 -2.02
N GLU E 44 14.21 -27.77 -2.77
CA GLU E 44 15.04 -26.90 -3.61
C GLU E 44 14.47 -26.60 -5.00
N THR E 45 14.02 -27.62 -5.68
CA THR E 45 13.53 -27.45 -7.04
C THR E 45 12.32 -26.54 -7.10
N LEU E 46 11.43 -26.69 -6.16
CA LEU E 46 10.19 -25.93 -6.19
C LEU E 46 10.28 -24.57 -5.50
N LEU E 47 11.30 -24.34 -4.62
CA LEU E 47 11.44 -23.02 -3.96
C LEU E 47 11.85 -21.94 -4.99
N VAL E 48 12.77 -22.27 -5.91
CA VAL E 48 13.24 -21.30 -6.89
C VAL E 48 12.33 -21.27 -8.11
N GLN E 49 11.68 -22.40 -8.40
CA GLN E 49 10.82 -22.48 -9.58
C GLN E 49 9.71 -21.45 -9.55
N ASN E 50 9.14 -21.20 -8.37
CA ASN E 50 7.99 -20.29 -8.28
C ASN E 50 8.22 -18.95 -7.54
N ALA E 51 8.85 -19.00 -6.40
CA ALA E 51 9.08 -17.81 -5.56
C ALA E 51 9.20 -16.37 -6.20
N ASN E 52 8.03 -15.60 -6.31
CA ASN E 52 8.02 -14.10 -6.67
C ASN E 52 9.09 -13.65 -7.68
N PRO E 53 8.85 -13.43 -8.95
CA PRO E 53 9.95 -13.01 -9.88
C PRO E 53 10.88 -11.92 -9.30
N ASP E 54 10.44 -11.16 -8.28
CA ASP E 54 11.34 -10.19 -7.66
C ASP E 54 12.54 -10.92 -7.15
N CYS E 55 12.28 -12.07 -6.49
CA CYS E 55 13.38 -12.84 -5.91
C CYS E 55 13.79 -13.94 -6.85
N LYS E 56 12.91 -14.42 -7.72
CA LYS E 56 13.37 -15.45 -8.66
C LYS E 56 14.51 -14.84 -9.46
N THR E 57 14.46 -13.50 -9.65
CA THR E 57 15.53 -12.83 -10.33
C THR E 57 16.76 -12.72 -9.36
N ILE E 58 16.50 -12.62 -8.04
CA ILE E 58 17.59 -12.56 -7.01
C ILE E 58 18.35 -13.88 -6.87
N LEU E 59 17.61 -15.00 -6.78
CA LEU E 59 18.21 -16.30 -6.70
C LEU E 59 19.11 -16.47 -7.93
N LYS E 60 18.78 -15.78 -9.03
CA LYS E 60 19.60 -15.81 -10.25
C LYS E 60 20.80 -14.85 -10.13
N ALA E 61 20.59 -13.69 -9.45
CA ALA E 61 21.68 -12.71 -9.26
C ALA E 61 22.81 -13.26 -8.36
N LEU E 62 22.42 -13.96 -7.27
CA LEU E 62 23.38 -14.56 -6.37
C LEU E 62 24.19 -15.61 -7.10
N GLY E 63 23.50 -16.29 -7.98
CA GLY E 63 24.13 -17.33 -8.77
C GLY E 63 24.01 -18.68 -8.05
N PRO E 64 23.71 -19.77 -8.73
CA PRO E 64 23.56 -21.11 -8.07
C PRO E 64 24.78 -21.49 -7.23
N GLY E 65 24.48 -22.35 -6.26
CA GLY E 65 25.45 -22.82 -5.28
C GLY E 65 25.31 -21.99 -4.00
N ALA E 66 24.69 -20.79 -4.11
CA ALA E 66 24.46 -19.95 -2.96
C ALA E 66 23.62 -20.72 -1.99
N THR E 67 24.04 -20.76 -0.74
CA THR E 67 23.27 -21.44 0.24
C THR E 67 22.04 -20.61 0.52
N LEU E 68 21.05 -21.23 1.17
CA LEU E 68 19.85 -20.52 1.53
C LEU E 68 20.23 -19.37 2.40
N GLU E 69 21.37 -19.44 3.06
CA GLU E 69 21.77 -18.35 3.88
C GLU E 69 21.89 -17.12 2.96
N GLU E 70 22.44 -17.34 1.78
CA GLU E 70 22.58 -16.28 0.80
C GLU E 70 21.22 -15.89 0.19
N MET E 71 20.43 -16.87 -0.31
CA MET E 71 19.12 -16.57 -0.94
C MET E 71 18.25 -15.85 0.07
N MET E 72 18.29 -16.33 1.25
CA MET E 72 17.54 -15.73 2.31
C MET E 72 17.95 -14.29 2.53
N THR E 73 19.23 -14.01 2.57
CA THR E 73 19.63 -12.65 2.79
C THR E 73 19.23 -11.74 1.61
N ALA E 74 19.56 -12.20 0.40
CA ALA E 74 19.30 -11.46 -0.85
C ALA E 74 17.83 -11.24 -1.19
N CYS E 75 17.05 -12.26 -1.04
CA CYS E 75 15.67 -12.17 -1.36
C CYS E 75 14.97 -11.24 -0.39
N GLN E 76 15.57 -11.01 0.79
CA GLN E 76 14.99 -10.04 1.72
C GLN E 76 14.99 -8.67 1.08
N GLY E 77 15.72 -8.47 -0.04
CA GLY E 77 15.70 -7.17 -0.68
C GLY E 77 14.30 -6.89 -1.21
N VAL E 78 13.51 -7.96 -1.46
CA VAL E 78 12.10 -7.83 -1.95
C VAL E 78 11.47 -6.89 -0.98
N GLY E 79 10.60 -5.94 -1.45
CA GLY E 79 10.29 -4.87 -0.48
C GLY E 79 10.52 -3.56 -1.23
N GLY E 80 10.11 -2.37 -0.74
CA GLY E 80 10.29 -1.30 -1.70
C GLY E 80 11.66 -0.59 -1.83
N PRO E 81 12.15 0.05 -0.84
CA PRO E 81 13.46 0.76 -0.97
C PRO E 81 14.60 -0.18 -1.40
N GLY E 82 14.47 -1.45 -1.06
CA GLY E 82 15.51 -2.39 -1.44
C GLY E 82 15.35 -2.90 -2.87
N HIS E 83 14.26 -3.61 -3.16
CA HIS E 83 14.06 -4.17 -4.50
C HIS E 83 13.33 -3.20 -5.45
N LYS E 84 12.29 -2.47 -4.98
CA LYS E 84 11.57 -1.54 -5.88
C LYS E 84 12.39 -0.31 -6.28
N ALA E 85 13.13 0.28 -5.36
CA ALA E 85 13.87 1.50 -5.66
C ALA E 85 14.78 1.32 -6.85
N ARG E 86 15.19 0.09 -7.07
CA ARG E 86 16.07 -0.22 -8.18
C ARG E 86 15.29 -0.59 -9.44
N VAL E 87 14.25 -1.43 -9.30
CA VAL E 87 13.47 -1.87 -10.48
C VAL E 87 12.74 -0.67 -11.11
N LEU E 88 12.16 0.16 -10.26
CA LEU E 88 11.45 1.35 -10.73
C LEU E 88 12.47 2.33 -11.29
N ALA E 89 13.67 2.31 -10.71
CA ALA E 89 14.75 3.20 -11.16
C ALA E 89 15.38 2.81 -12.54
N GLU E 90 15.56 1.50 -12.77
CA GLU E 90 16.23 1.03 -13.99
C GLU E 90 15.38 1.10 -15.25
N ALA E 91 14.19 0.55 -15.19
CA ALA E 91 13.29 0.53 -16.35
C ALA E 91 12.97 1.95 -16.83
N MET E 92 12.85 2.88 -15.90
CA MET E 92 12.56 4.25 -16.25
C MET E 92 13.76 4.93 -16.91
N SER E 93 14.95 4.68 -16.36
CA SER E 93 16.16 5.30 -16.87
C SER E 93 16.75 4.52 -18.04
N GLN E 94 16.25 3.32 -18.30
CA GLN E 94 16.73 2.55 -19.43
C GLN E 94 15.96 2.93 -20.65
N VAL E 95 14.66 2.78 -20.57
CA VAL E 95 13.82 3.08 -21.70
C VAL E 95 14.08 4.48 -22.22
N THR E 96 14.27 5.44 -21.32
CA THR E 96 14.48 6.82 -21.77
C THR E 96 15.92 7.14 -22.25
N ASN E 97 16.96 6.83 -21.45
CA ASN E 97 18.34 7.21 -21.83
C ASN E 97 19.14 6.26 -22.75
N THR E 98 19.17 4.96 -22.44
CA THR E 98 20.01 4.02 -23.22
C THR E 98 19.22 3.36 -24.34
N ALA E 99 18.05 2.95 -23.98
CA ALA E 99 17.13 2.28 -24.86
C ALA E 99 16.12 3.28 -25.37
N THR E 100 16.58 4.49 -25.66
CA THR E 100 15.65 5.54 -26.06
C THR E 100 14.86 5.05 -27.25
N ILE E 101 13.54 5.04 -27.06
CA ILE E 101 12.64 4.52 -28.05
C ILE E 101 11.95 5.67 -28.78
N MET E 102 12.14 5.76 -30.10
CA MET E 102 11.52 6.83 -30.89
C MET E 102 10.44 6.27 -31.80
N GLY F 1 -19.37 -20.23 -18.52
CA GLY F 1 -19.83 -21.52 -17.94
C GLY F 1 -21.24 -21.34 -17.40
N GLY F 2 -21.48 -20.20 -16.80
CA GLY F 2 -22.80 -19.90 -16.25
C GLY F 2 -23.07 -20.69 -14.97
N SER F 3 -22.14 -21.55 -14.54
CA SER F 3 -22.33 -22.29 -13.30
C SER F 3 -22.35 -21.26 -12.18
N PRO F 4 -23.07 -21.44 -11.11
CA PRO F 4 -23.18 -20.40 -10.03
C PRO F 4 -21.87 -19.95 -9.38
N THR F 5 -22.03 -18.83 -8.65
CA THR F 5 -20.97 -18.12 -7.87
C THR F 5 -19.78 -17.67 -8.63
N SER F 6 -18.86 -18.54 -8.96
CA SER F 6 -17.68 -18.03 -9.58
C SER F 6 -17.63 -17.98 -11.06
N ILE F 7 -17.92 -19.01 -11.80
CA ILE F 7 -17.65 -18.93 -13.25
C ILE F 7 -18.68 -18.21 -14.13
N LEU F 8 -19.51 -17.54 -13.47
CA LEU F 8 -20.43 -16.63 -14.04
C LEU F 8 -19.59 -15.45 -14.40
N ASP F 9 -18.68 -15.12 -13.46
CA ASP F 9 -17.79 -14.05 -13.75
C ASP F 9 -16.57 -13.91 -12.86
N ILE F 10 -15.84 -14.96 -12.42
CA ILE F 10 -15.00 -14.68 -11.25
C ILE F 10 -13.98 -13.47 -11.45
N ARG F 11 -13.66 -12.66 -10.37
CA ARG F 11 -12.76 -11.49 -10.55
C ARG F 11 -11.61 -11.40 -9.56
N GLN F 12 -10.49 -10.94 -10.09
CA GLN F 12 -9.24 -10.75 -9.33
C GLN F 12 -9.00 -9.28 -8.99
N GLY F 13 -8.62 -9.01 -7.75
CA GLY F 13 -8.36 -7.62 -7.34
C GLY F 13 -7.16 -7.03 -8.06
N PRO F 14 -6.81 -5.73 -7.92
CA PRO F 14 -5.64 -5.21 -8.67
C PRO F 14 -4.34 -5.61 -7.94
N LYS F 15 -4.46 -5.92 -6.62
CA LYS F 15 -3.34 -6.36 -5.80
C LYS F 15 -3.42 -7.89 -5.58
N GLU F 16 -4.61 -8.47 -5.78
CA GLU F 16 -4.76 -9.91 -5.61
C GLU F 16 -4.01 -10.56 -6.76
N PRO F 17 -2.95 -11.32 -6.53
CA PRO F 17 -2.18 -11.90 -7.66
C PRO F 17 -2.93 -12.99 -8.43
N PHE F 18 -2.38 -13.26 -9.63
CA PHE F 18 -2.94 -14.23 -10.55
C PHE F 18 -3.34 -15.53 -9.86
N ARG F 19 -2.35 -16.26 -9.24
CA ARG F 19 -2.63 -17.55 -8.53
C ARG F 19 -3.47 -17.45 -7.23
N ASP F 20 -3.43 -16.33 -6.49
CA ASP F 20 -4.26 -16.23 -5.25
C ASP F 20 -5.74 -16.23 -5.61
N TYR F 21 -6.04 -15.58 -6.73
CA TYR F 21 -7.39 -15.51 -7.27
C TYR F 21 -7.77 -16.88 -7.84
N VAL F 22 -6.83 -17.45 -8.64
CA VAL F 22 -7.04 -18.75 -9.28
C VAL F 22 -7.41 -19.83 -8.26
N ASP F 23 -6.84 -19.83 -7.06
CA ASP F 23 -7.24 -20.85 -6.08
C ASP F 23 -8.76 -20.67 -5.80
N ARG F 24 -9.22 -19.41 -5.85
CA ARG F 24 -10.65 -19.11 -5.65
C ARG F 24 -11.43 -19.64 -6.81
N PHE F 25 -10.96 -19.28 -8.01
CA PHE F 25 -11.61 -19.68 -9.24
C PHE F 25 -11.67 -21.18 -9.38
N TYR F 26 -10.74 -21.88 -8.70
CA TYR F 26 -10.69 -23.34 -8.77
C TYR F 26 -11.58 -23.99 -7.69
N LYS F 27 -11.23 -23.75 -6.43
CA LYS F 27 -11.97 -24.33 -5.30
C LYS F 27 -13.45 -24.01 -5.39
N THR F 28 -13.78 -22.85 -5.93
CA THR F 28 -15.18 -22.49 -6.10
C THR F 28 -15.88 -23.52 -7.03
N LEU F 29 -15.13 -24.07 -8.03
CA LEU F 29 -15.74 -25.03 -8.96
C LEU F 29 -16.05 -26.38 -8.27
N ARG F 30 -15.37 -26.79 -7.20
CA ARG F 30 -15.74 -28.08 -6.58
C ARG F 30 -17.18 -28.05 -6.01
N ALA F 31 -17.72 -26.83 -5.82
CA ALA F 31 -19.05 -26.67 -5.19
C ALA F 31 -20.18 -26.42 -6.16
N GLU F 32 -19.88 -26.34 -7.42
CA GLU F 32 -20.93 -26.11 -8.39
C GLU F 32 -21.38 -27.49 -8.94
N GLN F 33 -22.67 -27.66 -9.15
CA GLN F 33 -23.18 -28.99 -9.68
C GLN F 33 -22.99 -29.10 -11.25
N ALA F 34 -21.73 -29.02 -11.70
CA ALA F 34 -21.40 -29.04 -13.15
C ALA F 34 -20.77 -30.37 -13.60
N SER F 35 -21.17 -30.84 -14.79
CA SER F 35 -20.60 -32.07 -15.36
C SER F 35 -19.08 -31.93 -15.45
N GLN F 36 -18.36 -33.05 -15.25
CA GLN F 36 -16.90 -33.02 -15.27
C GLN F 36 -16.46 -32.31 -16.55
N GLU F 37 -17.13 -32.64 -17.66
CA GLU F 37 -16.86 -31.98 -18.93
C GLU F 37 -17.17 -30.49 -18.87
N VAL F 38 -18.27 -30.11 -18.22
CA VAL F 38 -18.57 -28.68 -18.17
C VAL F 38 -17.42 -27.92 -17.54
N LYS F 39 -17.16 -28.15 -16.24
CA LYS F 39 -16.09 -27.43 -15.56
C LYS F 39 -14.80 -27.48 -16.34
N ASN F 40 -14.59 -28.56 -17.07
CA ASN F 40 -13.36 -28.65 -17.81
C ASN F 40 -13.29 -27.43 -18.76
N TRP F 41 -14.36 -27.20 -19.53
CA TRP F 41 -14.36 -26.03 -20.40
C TRP F 41 -14.23 -24.78 -19.53
N MET F 42 -15.08 -24.68 -18.49
CA MET F 42 -15.10 -23.48 -17.61
C MET F 42 -13.75 -23.02 -17.14
N THR F 43 -12.94 -23.96 -16.69
CA THR F 43 -11.60 -23.65 -16.18
C THR F 43 -10.68 -23.02 -17.24
N GLU F 44 -10.99 -23.19 -18.52
CA GLU F 44 -10.13 -22.64 -19.57
C GLU F 44 -10.48 -21.19 -19.98
N THR F 45 -11.73 -20.99 -20.37
CA THR F 45 -12.22 -19.68 -20.85
C THR F 45 -12.44 -18.61 -19.74
N LEU F 46 -13.21 -18.96 -18.69
CA LEU F 46 -13.49 -18.00 -17.59
C LEU F 46 -12.23 -17.73 -16.79
N LEU F 47 -11.22 -18.57 -16.84
CA LEU F 47 -10.06 -18.22 -16.08
C LEU F 47 -9.38 -16.99 -16.70
N VAL F 48 -9.21 -17.02 -18.02
CA VAL F 48 -8.53 -15.97 -18.74
C VAL F 48 -9.35 -14.69 -18.93
N GLN F 49 -10.66 -14.80 -19.11
CA GLN F 49 -11.47 -13.63 -19.46
C GLN F 49 -11.70 -12.61 -18.36
N ASN F 50 -11.94 -13.07 -17.16
CA ASN F 50 -12.32 -12.18 -16.06
C ASN F 50 -11.29 -12.03 -14.96
N ALA F 51 -10.00 -12.12 -15.28
CA ALA F 51 -8.98 -12.05 -14.24
C ALA F 51 -7.89 -10.97 -14.33
N ASN F 52 -7.97 -9.92 -13.46
CA ASN F 52 -6.85 -8.95 -13.35
C ASN F 52 -6.24 -8.51 -14.68
N PRO F 53 -6.67 -7.45 -15.32
CA PRO F 53 -6.13 -7.07 -16.66
C PRO F 53 -4.59 -7.21 -16.84
N ASP F 54 -3.79 -7.18 -15.74
CA ASP F 54 -2.35 -7.34 -15.93
C ASP F 54 -2.07 -8.73 -16.44
N CYS F 55 -2.56 -9.71 -15.67
CA CYS F 55 -2.32 -11.10 -16.00
C CYS F 55 -3.16 -11.53 -17.13
N LYS F 56 -4.36 -10.90 -17.26
CA LYS F 56 -5.28 -11.26 -18.33
C LYS F 56 -4.63 -11.12 -19.68
N THR F 57 -3.79 -10.10 -19.82
CA THR F 57 -3.09 -9.93 -21.04
C THR F 57 -1.98 -10.99 -21.14
N ILE F 58 -1.46 -11.45 -19.99
CA ILE F 58 -0.41 -12.48 -19.99
C ILE F 58 -0.94 -13.84 -20.50
N LEU F 59 -2.07 -14.27 -19.99
CA LEU F 59 -2.59 -15.55 -20.43
C LEU F 59 -2.78 -15.52 -21.94
N LYS F 60 -3.32 -14.42 -22.50
CA LYS F 60 -3.47 -14.30 -23.97
C LYS F 60 -2.09 -14.31 -24.69
N ALA F 61 -1.17 -13.46 -24.17
CA ALA F 61 0.18 -13.28 -24.72
C ALA F 61 1.04 -14.55 -24.75
N LEU F 62 1.01 -15.36 -23.68
CA LEU F 62 1.77 -16.60 -23.70
C LEU F 62 1.21 -17.39 -24.87
N GLY F 63 -0.10 -17.30 -25.05
CA GLY F 63 -0.75 -17.94 -26.17
C GLY F 63 -1.70 -19.06 -25.70
N PRO F 64 -2.87 -19.22 -26.26
CA PRO F 64 -3.78 -20.35 -25.84
C PRO F 64 -3.17 -21.73 -26.12
N GLY F 65 -3.76 -22.76 -25.53
CA GLY F 65 -3.25 -24.12 -25.71
C GLY F 65 -2.09 -24.41 -24.76
N ALA F 66 -1.55 -23.38 -24.11
CA ALA F 66 -0.47 -23.58 -23.16
C ALA F 66 -1.07 -23.88 -21.82
N THR F 67 -0.38 -24.67 -21.04
CA THR F 67 -0.89 -25.02 -19.75
C THR F 67 -0.91 -23.85 -18.82
N LEU F 68 -1.73 -23.95 -17.82
CA LEU F 68 -1.80 -22.96 -16.81
C LEU F 68 -0.48 -22.90 -16.10
N GLU F 69 0.34 -23.96 -16.20
CA GLU F 69 1.60 -23.94 -15.52
C GLU F 69 2.36 -22.75 -16.11
N GLU F 70 2.25 -22.58 -17.44
CA GLU F 70 2.90 -21.47 -18.13
C GLU F 70 2.28 -20.15 -17.75
N MET F 71 0.97 -20.14 -17.56
CA MET F 71 0.28 -18.90 -17.16
C MET F 71 0.57 -18.56 -15.67
N MET F 72 0.88 -19.58 -14.89
CA MET F 72 1.11 -19.46 -13.43
C MET F 72 2.41 -18.80 -13.08
N THR F 73 3.49 -19.47 -13.43
CA THR F 73 4.81 -18.97 -13.11
C THR F 73 4.95 -17.53 -13.58
N ALA F 74 4.63 -17.33 -14.83
CA ALA F 74 4.78 -16.01 -15.43
C ALA F 74 4.00 -14.92 -14.73
N CYS F 75 2.70 -15.15 -14.47
CA CYS F 75 1.89 -14.06 -13.95
C CYS F 75 2.33 -13.64 -12.56
N GLN F 76 3.16 -14.44 -11.91
CA GLN F 76 3.59 -14.07 -10.57
C GLN F 76 4.26 -12.69 -10.58
N GLY F 77 4.68 -12.19 -11.77
CA GLY F 77 5.30 -10.86 -11.88
C GLY F 77 4.29 -9.71 -11.73
N VAL F 78 2.98 -9.97 -11.98
CA VAL F 78 1.90 -8.93 -11.81
C VAL F 78 2.11 -8.41 -10.42
N GLY F 79 1.99 -7.07 -10.11
CA GLY F 79 2.47 -6.74 -8.76
C GLY F 79 3.24 -5.48 -8.68
N GLY F 80 3.59 -4.93 -7.51
CA GLY F 80 4.26 -3.69 -7.67
C GLY F 80 5.71 -3.75 -8.21
N PRO F 81 6.56 -4.48 -7.60
CA PRO F 81 7.98 -4.58 -8.08
C PRO F 81 8.17 -5.23 -9.45
N GLY F 82 7.54 -6.37 -9.69
CA GLY F 82 7.74 -7.11 -10.94
C GLY F 82 7.11 -6.51 -12.21
N HIS F 83 5.81 -6.39 -12.26
CA HIS F 83 5.19 -5.92 -13.49
C HIS F 83 5.06 -4.41 -13.55
N LYS F 84 4.87 -3.79 -12.37
CA LYS F 84 4.61 -2.35 -12.33
C LYS F 84 5.76 -1.47 -12.72
N ALA F 85 6.91 -1.70 -12.14
CA ALA F 85 8.05 -0.87 -12.46
C ALA F 85 8.27 -0.91 -13.97
N ARG F 86 8.06 -2.09 -14.57
CA ARG F 86 8.24 -2.27 -16.04
C ARG F 86 7.26 -1.43 -16.88
N VAL F 87 6.00 -1.34 -16.47
CA VAL F 87 5.04 -0.53 -17.26
C VAL F 87 5.32 0.96 -17.04
N LEU F 88 5.82 1.27 -15.84
CA LEU F 88 6.06 2.68 -15.48
C LEU F 88 6.84 3.38 -16.59
N ALA F 89 7.76 2.68 -17.23
CA ALA F 89 8.52 3.25 -18.33
C ALA F 89 7.78 3.15 -19.66
N GLU F 90 7.14 2.00 -19.90
CA GLU F 90 6.44 1.74 -21.18
C GLU F 90 5.31 2.72 -21.51
N ALA F 91 4.40 2.95 -20.58
CA ALA F 91 3.29 3.87 -20.84
C ALA F 91 3.79 5.32 -20.88
N MET F 92 4.70 5.62 -19.95
CA MET F 92 5.27 6.94 -19.80
C MET F 92 6.19 7.29 -20.95
N SER F 93 6.71 6.29 -21.62
CA SER F 93 7.58 6.54 -22.76
C SER F 93 6.82 6.36 -24.08
N GLN F 94 5.59 5.84 -24.02
CA GLN F 94 4.82 5.61 -25.24
C GLN F 94 4.16 6.86 -25.74
N VAL F 95 3.83 7.73 -24.83
CA VAL F 95 3.16 8.96 -25.21
C VAL F 95 4.15 10.09 -25.49
N THR F 96 4.85 10.51 -24.44
CA THR F 96 5.79 11.62 -24.58
C THR F 96 7.03 11.25 -25.42
N ASN F 97 7.63 10.11 -25.11
CA ASN F 97 8.86 9.69 -25.80
C ASN F 97 8.69 8.99 -27.16
N THR F 98 7.52 8.43 -27.53
CA THR F 98 7.51 7.71 -28.82
C THR F 98 7.90 8.63 -29.94
N ALA F 99 7.18 9.73 -30.17
CA ALA F 99 7.69 10.68 -31.14
C ALA F 99 7.34 12.12 -30.79
N THR F 100 6.07 12.45 -30.95
CA THR F 100 5.58 13.77 -30.61
C THR F 100 4.13 13.75 -30.12
N ILE F 101 3.80 14.67 -29.23
CA ILE F 101 2.40 14.87 -28.84
C ILE F 101 2.08 16.36 -28.93
N MET F 102 1.04 16.71 -29.67
CA MET F 102 0.67 18.11 -29.82
C MET F 102 -0.85 18.28 -29.73
C1 A1CCY G . 5.42 9.05 -2.36
C2 A1CCY G . 6.34 8.17 -2.82
C3 A1CCY G . 6.74 7.14 -1.95
C4 A1CCY G . 6.23 7.02 -0.68
C5 A1CCY G . 5.24 7.91 -0.25
C6 A1CCY G . 4.83 8.93 -1.05
C7 A1CCY G . 3.83 10.06 -0.76
C9 A1CCY G . 4.73 10.20 -3.02
N10 A1CCY G . 2.79 11.69 -2.41
C13 A1CCY G . 1.22 10.77 -4.15
C15 A1CCY G . 1.78 10.47 -6.53
C16 A1CCY G . 0.94 9.41 -6.68
C17 A1CCY G . 0.22 8.98 -5.52
C18 A1CCY G . 0.37 9.58 -4.28
C19 A1CCY G . 0.66 8.63 -7.95
C20 A1CCY G . 0.79 7.14 -7.67
C21 A1CCY G . 1.52 9.02 -9.16
C22 A1CCY G . -0.81 8.85 -8.27
C24 A1CCY G . -1.17 12.56 -1.33
C25 A1CCY G . -2.56 12.14 -1.15
C26 A1CCY G . -3.45 12.28 -2.15
C27 A1CCY G . -3.01 12.68 -3.35
C28 A1CCY G . -1.69 12.93 -3.57
C30 A1CCY G . -2.92 11.47 0.14
C11 A1CCY G . 1.37 11.57 -2.78
C14 A1CCY G . 1.98 11.12 -5.31
C12 A1CCY G . 0.75 12.98 -2.78
N23 A1CCY G . -0.78 12.98 -2.58
O29 A1CCY G . -0.31 12.60 -0.41
F31 A1CCY G . -2.11 10.53 0.45
F32 A1CCY G . -2.98 12.39 1.14
F33 A1CCY G . -4.10 10.87 0.10
C8 A1CCY G . 3.47 10.34 -2.20
H2 A1CCY G . 6.79 8.40 -3.78
H3 A1CCY G . 7.56 6.46 -2.17
H4 A1CCY G . 6.57 6.21 -0.06
H5 A1CCY G . 4.71 7.81 0.69
H7B A1CCY G . 2.94 9.80 -0.16
H7A A1CCY G . 4.22 10.97 -0.29
H9A A1CCY G . 4.56 9.96 -4.08
H9B A1CCY G . 5.35 11.09 -2.87
H1 A1CCY G . 2.99 12.22 -1.58
H15 A1CCY G . 2.39 10.84 -7.34
H17 A1CCY G . -0.44 8.12 -5.46
H18 A1CCY G . -0.28 9.27 -3.47
H20B A1CCY G . 1.84 6.92 -7.39
H20C A1CCY G . 0.45 6.56 -8.55
H20A A1CCY G . 0.23 6.78 -6.77
H21C A1CCY G . 2.58 8.77 -8.96
H21A A1CCY G . 1.34 10.05 -9.53
H21B A1CCY G . 1.34 8.31 -10.01
H22B A1CCY G . -0.87 9.79 -8.84
H22C A1CCY G . -1.50 8.82 -7.39
H22A A1CCY G . -1.15 8.11 -9.03
H26 A1CCY G . -4.41 11.76 -2.12
H27 A1CCY G . -3.64 12.50 -4.23
H28 A1CCY G . -1.22 13.06 -4.54
H11 A1CCY G . 0.84 10.86 -2.10
H14 A1CCY G . 2.72 11.91 -5.28
H12B A1CCY G . 0.78 13.54 -3.73
H12A A1CCY G . 1.15 13.66 -2.00
H8 A1CCY G . 2.83 9.48 -2.42
C1 IHP H . -1.82 3.32 -1.90
C2 IHP H . -1.97 3.79 -0.40
C3 IHP H . -0.64 3.57 0.34
C4 IHP H . 0.42 4.38 -0.33
C5 IHP H . 0.63 3.59 -1.68
C6 IHP H . -0.66 4.00 -2.60
O11 IHP H . -3.08 3.50 -2.62
P1 IHP H . -4.08 2.23 -2.82
O21 IHP H . -3.54 1.13 -1.96
O31 IHP H . -5.54 2.71 -2.51
O41 IHP H . -3.94 1.91 -4.25
O12 IHP H . -2.29 5.24 -0.37
P2 IHP H . -3.53 5.78 0.42
O22 IHP H . -4.50 4.64 0.81
O32 IHP H . -4.21 6.78 -0.44
O42 IHP H . -3.04 6.40 1.65
O13 IHP H . -0.80 3.91 1.65
P3 IHP H . -0.32 3.00 2.83
O23 IHP H . -1.55 2.43 3.50
O33 IHP H . 0.69 1.98 2.31
O43 IHP H . 0.32 4.03 3.75
O14 IHP H . 1.59 4.37 0.46
P4 IHP H . 2.57 5.62 0.74
O24 IHP H . 3.29 5.91 -0.57
O34 IHP H . 1.95 6.85 1.32
O44 IHP H . 3.61 5.14 1.75
O15 IHP H . 1.90 3.86 -2.27
P5 IHP H . 3.05 2.75 -2.36
O25 IHP H . 4.12 3.50 -3.18
O35 IHP H . 2.47 1.51 -2.98
O45 IHP H . 3.48 2.40 -0.98
O16 IHP H . -0.48 3.43 -3.95
P6 IHP H . -0.33 4.19 -5.26
O26 IHP H . 0.81 5.20 -5.21
O36 IHP H . 0.13 3.06 -6.19
O46 IHP H . -1.59 4.87 -5.66
H1 IHP H . -1.41 2.28 -1.85
H2 IHP H . -2.63 3.08 0.13
H3 IHP H . -0.41 2.49 0.20
H4 IHP H . 0.01 5.39 -0.55
H5 IHP H . 0.44 2.52 -1.56
H6 IHP H . -0.77 5.11 -2.59
N GLY A 1 -35.78 7.41 -5.11
CA GLY A 1 -36.35 6.89 -3.86
C GLY A 1 -35.52 7.37 -2.76
N GLY A 2 -34.58 6.57 -2.41
CA GLY A 2 -33.66 6.90 -1.37
C GLY A 2 -34.20 6.52 0.01
N SER A 3 -34.03 5.22 0.33
CA SER A 3 -34.42 4.71 1.63
C SER A 3 -33.21 4.85 2.56
N PRO A 4 -33.39 5.03 3.84
CA PRO A 4 -32.24 5.22 4.76
C PRO A 4 -31.16 4.18 4.57
N THR A 5 -29.93 4.68 4.53
CA THR A 5 -28.71 3.89 4.36
C THR A 5 -28.52 3.31 2.99
N SER A 6 -29.54 2.74 2.45
CA SER A 6 -29.33 2.03 1.25
C SER A 6 -28.80 2.74 0.05
N ILE A 7 -29.39 3.82 -0.38
CA ILE A 7 -28.95 4.51 -1.62
C ILE A 7 -28.76 5.98 -1.56
N LEU A 8 -29.25 6.56 -0.51
CA LEU A 8 -29.07 7.94 -0.32
C LEU A 8 -27.63 8.19 -0.08
N ASP A 9 -26.92 7.35 0.76
CA ASP A 9 -25.53 7.58 0.84
C ASP A 9 -24.70 6.45 0.33
N ILE A 10 -25.21 5.43 -0.43
CA ILE A 10 -24.21 4.43 -0.64
C ILE A 10 -23.14 4.99 -1.57
N ARG A 11 -21.89 4.84 -1.16
CA ARG A 11 -20.80 5.42 -1.92
C ARG A 11 -19.59 4.49 -2.05
N GLN A 12 -18.82 4.68 -3.14
CA GLN A 12 -17.59 3.88 -3.42
C GLN A 12 -16.34 4.65 -3.02
N GLY A 13 -15.49 4.01 -2.26
CA GLY A 13 -14.26 4.63 -1.85
C GLY A 13 -13.42 4.94 -3.06
N PRO A 14 -12.32 5.59 -2.87
CA PRO A 14 -11.44 5.90 -4.01
C PRO A 14 -10.54 4.71 -4.35
N LYS A 15 -9.92 4.11 -3.33
CA LYS A 15 -9.11 2.92 -3.57
C LYS A 15 -9.98 1.69 -3.66
N GLU A 16 -11.28 1.81 -3.18
CA GLU A 16 -12.22 0.70 -3.19
C GLU A 16 -12.74 0.47 -4.64
N PRO A 17 -12.68 -0.72 -5.22
CA PRO A 17 -13.16 -0.97 -6.61
C PRO A 17 -14.66 -1.02 -6.77
N PHE A 18 -15.04 -1.01 -8.05
CA PHE A 18 -16.43 -1.04 -8.47
C PHE A 18 -17.20 -2.27 -7.86
N ARG A 19 -16.54 -3.50 -7.76
CA ARG A 19 -17.21 -4.70 -7.17
C ARG A 19 -17.47 -4.55 -5.66
N ASP A 20 -16.47 -4.06 -4.93
CA ASP A 20 -16.62 -3.92 -3.48
C ASP A 20 -17.79 -3.02 -3.13
N TYR A 21 -17.91 -1.91 -3.83
CA TYR A 21 -19.01 -0.97 -3.60
C TYR A 21 -20.31 -1.48 -4.22
N VAL A 22 -20.27 -2.00 -5.45
CA VAL A 22 -21.49 -2.48 -6.08
C VAL A 22 -22.18 -3.47 -5.14
N ASP A 23 -21.38 -4.25 -4.44
CA ASP A 23 -21.92 -5.23 -3.53
C ASP A 23 -22.60 -4.51 -2.39
N ARG A 24 -22.00 -3.35 -1.95
CA ARG A 24 -22.58 -2.53 -0.82
C ARG A 24 -23.90 -1.94 -1.23
N PHE A 25 -23.93 -1.44 -2.44
CA PHE A 25 -25.10 -0.85 -3.02
C PHE A 25 -26.15 -1.88 -3.15
N TYR A 26 -25.76 -3.10 -3.47
CA TYR A 26 -26.75 -4.13 -3.66
C TYR A 26 -27.26 -4.69 -2.34
N LYS A 27 -26.37 -5.30 -1.60
CA LYS A 27 -26.72 -5.88 -0.34
C LYS A 27 -27.42 -4.86 0.54
N THR A 28 -27.06 -3.59 0.44
CA THR A 28 -27.75 -2.63 1.28
C THR A 28 -29.18 -2.46 0.80
N LEU A 29 -29.43 -2.62 -0.51
CA LEU A 29 -30.82 -2.52 -0.98
C LEU A 29 -31.73 -3.58 -0.34
N ARG A 30 -31.28 -4.82 -0.14
CA ARG A 30 -32.19 -5.82 0.44
C ARG A 30 -32.73 -5.38 1.78
N ALA A 31 -31.93 -4.62 2.49
CA ALA A 31 -32.27 -4.17 3.84
C ALA A 31 -33.22 -3.01 3.89
N GLU A 32 -33.56 -2.43 2.76
CA GLU A 32 -34.47 -1.30 2.79
C GLU A 32 -35.92 -1.79 2.63
N GLN A 33 -36.89 -0.99 3.05
CA GLN A 33 -38.29 -1.35 2.90
C GLN A 33 -38.82 -0.66 1.66
N ALA A 34 -38.33 -1.10 0.50
CA ALA A 34 -38.72 -0.52 -0.78
C ALA A 34 -39.48 -1.51 -1.63
N SER A 35 -40.34 -0.96 -2.47
CA SER A 35 -41.13 -1.78 -3.39
C SER A 35 -40.23 -2.30 -4.50
N GLN A 36 -40.64 -3.34 -5.20
CA GLN A 36 -39.76 -3.90 -6.23
C GLN A 36 -39.33 -2.86 -7.27
N GLU A 37 -40.29 -2.09 -7.74
CA GLU A 37 -40.02 -1.04 -8.75
C GLU A 37 -39.13 0.07 -8.20
N VAL A 38 -39.28 0.34 -6.90
CA VAL A 38 -38.51 1.38 -6.24
C VAL A 38 -37.05 1.07 -6.25
N LYS A 39 -36.71 -0.14 -5.86
CA LYS A 39 -35.31 -0.50 -5.83
C LYS A 39 -34.72 -0.42 -7.21
N ASN A 40 -35.49 -0.88 -8.19
CA ASN A 40 -35.01 -0.91 -9.57
C ASN A 40 -34.56 0.46 -9.99
N TRP A 41 -35.35 1.42 -9.62
CA TRP A 41 -35.05 2.78 -9.91
C TRP A 41 -33.70 3.22 -9.28
N MET A 42 -33.53 2.88 -8.00
CA MET A 42 -32.34 3.28 -7.25
C MET A 42 -31.04 2.75 -7.91
N THR A 43 -31.10 1.53 -8.42
CA THR A 43 -29.92 0.91 -9.03
C THR A 43 -29.34 1.67 -10.18
N GLU A 44 -30.15 2.28 -10.99
CA GLU A 44 -29.62 2.99 -12.13
C GLU A 44 -29.13 4.39 -11.75
N THR A 45 -30.06 5.18 -11.21
CA THR A 45 -29.81 6.58 -10.89
C THR A 45 -28.70 6.79 -9.88
N LEU A 46 -28.74 6.08 -8.73
CA LEU A 46 -27.69 6.27 -7.69
C LEU A 46 -26.40 5.51 -7.97
N LEU A 47 -26.46 4.29 -8.60
CA LEU A 47 -25.21 3.52 -8.82
C LEU A 47 -24.14 4.30 -9.62
N VAL A 48 -24.52 5.10 -10.58
CA VAL A 48 -23.52 5.78 -11.36
C VAL A 48 -23.06 7.08 -10.71
N GLN A 49 -23.98 7.80 -10.14
CA GLN A 49 -23.66 9.12 -9.58
C GLN A 49 -22.78 9.08 -8.34
N ASN A 50 -23.14 8.29 -7.35
CA ASN A 50 -22.37 8.24 -6.08
C ASN A 50 -21.30 7.15 -6.03
N ALA A 51 -20.64 6.84 -7.16
CA ALA A 51 -19.67 5.75 -7.18
C ALA A 51 -18.29 6.05 -7.78
N ASN A 52 -17.32 6.38 -6.89
CA ASN A 52 -15.92 6.45 -7.33
C ASN A 52 -15.65 7.15 -8.63
N PRO A 53 -15.36 8.43 -8.68
CA PRO A 53 -15.14 9.14 -9.96
C PRO A 53 -14.31 8.38 -11.01
N ASP A 54 -13.46 7.41 -10.63
CA ASP A 54 -12.64 6.69 -11.63
C ASP A 54 -13.55 5.86 -12.46
N CYS A 55 -14.47 5.17 -11.79
CA CYS A 55 -15.40 4.32 -12.54
C CYS A 55 -16.52 5.17 -13.07
N LYS A 56 -16.94 6.20 -12.29
CA LYS A 56 -18.04 7.09 -12.73
C LYS A 56 -17.75 7.69 -14.09
N THR A 57 -16.51 8.14 -14.28
CA THR A 57 -16.14 8.70 -15.54
C THR A 57 -16.26 7.64 -16.65
N ILE A 58 -16.18 6.36 -16.26
CA ILE A 58 -16.33 5.25 -17.23
C ILE A 58 -17.80 4.97 -17.48
N LEU A 59 -18.60 4.93 -16.44
CA LEU A 59 -20.01 4.58 -16.62
C LEU A 59 -20.62 5.57 -17.60
N LYS A 60 -20.14 6.83 -17.56
CA LYS A 60 -20.59 7.86 -18.55
C LYS A 60 -20.01 7.58 -19.96
N ALA A 61 -18.75 7.18 -19.98
CA ALA A 61 -18.03 6.88 -21.23
C ALA A 61 -18.61 5.69 -21.98
N LEU A 62 -18.98 4.65 -21.26
CA LEU A 62 -19.53 3.49 -21.90
C LEU A 62 -20.81 3.95 -22.62
N GLY A 63 -21.55 4.81 -21.93
CA GLY A 63 -22.77 5.36 -22.47
C GLY A 63 -23.99 4.84 -21.68
N PRO A 64 -24.99 5.67 -21.36
CA PRO A 64 -26.22 5.21 -20.62
C PRO A 64 -27.03 4.18 -21.37
N GLY A 65 -27.55 3.24 -20.63
CA GLY A 65 -28.33 2.11 -21.19
C GLY A 65 -27.48 0.81 -21.11
N ALA A 66 -26.18 0.93 -20.82
CA ALA A 66 -25.36 -0.26 -20.72
C ALA A 66 -25.73 -1.04 -19.49
N THR A 67 -25.82 -2.34 -19.67
CA THR A 67 -26.16 -3.20 -18.56
C THR A 67 -25.01 -3.22 -17.57
N LEU A 68 -25.24 -3.79 -16.41
CA LEU A 68 -24.18 -3.82 -15.42
C LEU A 68 -23.05 -4.64 -15.91
N GLU A 69 -23.32 -5.62 -16.75
CA GLU A 69 -22.29 -6.49 -17.20
C GLU A 69 -21.21 -5.61 -17.82
N GLU A 70 -21.65 -4.63 -18.60
CA GLU A 70 -20.70 -3.73 -19.27
C GLU A 70 -20.09 -2.73 -18.30
N MET A 71 -20.90 -2.15 -17.44
CA MET A 71 -20.40 -1.17 -16.49
C MET A 71 -19.33 -1.80 -15.63
N MET A 72 -19.52 -3.04 -15.26
CA MET A 72 -18.55 -3.72 -14.40
C MET A 72 -17.27 -4.02 -15.17
N THR A 73 -17.34 -4.88 -16.20
CA THR A 73 -16.15 -5.28 -16.98
C THR A 73 -15.16 -4.15 -17.23
N ALA A 74 -15.68 -3.02 -17.67
CA ALA A 74 -14.85 -1.84 -17.94
C ALA A 74 -14.19 -1.26 -16.70
N CYS A 75 -14.98 -1.11 -15.65
CA CYS A 75 -14.49 -0.48 -14.44
C CYS A 75 -13.59 -1.43 -13.63
N GLN A 76 -13.51 -2.71 -14.01
CA GLN A 76 -12.65 -3.59 -13.23
C GLN A 76 -11.23 -3.08 -13.25
N GLY A 77 -10.87 -2.40 -14.33
CA GLY A 77 -9.52 -1.86 -14.47
C GLY A 77 -9.19 -0.80 -13.40
N VAL A 78 -10.24 -0.21 -12.76
CA VAL A 78 -10.03 0.87 -11.68
C VAL A 78 -9.05 0.27 -10.77
N GLY A 79 -7.93 1.00 -10.42
CA GLY A 79 -6.88 0.18 -9.81
C GLY A 79 -5.49 0.59 -10.25
N GLY A 80 -4.44 0.21 -9.57
CA GLY A 80 -3.21 0.80 -10.04
C GLY A 80 -2.66 0.41 -11.46
N PRO A 81 -2.72 -0.82 -11.89
CA PRO A 81 -2.18 -1.18 -13.21
C PRO A 81 -3.05 -0.74 -14.38
N GLY A 82 -4.37 -0.88 -14.18
CA GLY A 82 -5.32 -0.58 -15.22
C GLY A 82 -5.72 0.87 -15.34
N HIS A 83 -6.41 1.45 -14.38
CA HIS A 83 -6.85 2.82 -14.61
C HIS A 83 -5.76 3.86 -14.31
N LYS A 84 -4.99 3.64 -13.26
CA LYS A 84 -3.91 4.57 -12.94
C LYS A 84 -2.83 4.60 -14.00
N ALA A 85 -2.55 3.46 -14.63
CA ALA A 85 -1.48 3.50 -15.65
C ALA A 85 -1.84 4.53 -16.76
N ARG A 86 -3.10 4.55 -17.13
CA ARG A 86 -3.55 5.45 -18.19
C ARG A 86 -3.75 6.90 -17.76
N VAL A 87 -4.33 7.12 -16.58
CA VAL A 87 -4.63 8.49 -16.13
C VAL A 87 -3.37 9.29 -15.81
N LEU A 88 -2.48 8.71 -15.05
CA LEU A 88 -1.28 9.43 -14.64
C LEU A 88 -0.50 9.85 -15.86
N ALA A 89 -0.33 8.91 -16.74
CA ALA A 89 0.44 9.14 -17.93
C ALA A 89 -0.13 10.28 -18.75
N GLU A 90 -1.45 10.29 -18.93
CA GLU A 90 -2.11 11.34 -19.72
C GLU A 90 -2.02 12.69 -19.08
N ALA A 91 -2.31 12.74 -17.80
CA ALA A 91 -2.29 13.99 -17.07
C ALA A 91 -0.91 14.59 -17.12
N MET A 92 0.09 13.73 -17.11
CA MET A 92 1.45 14.19 -17.11
C MET A 92 1.87 14.79 -18.44
N SER A 93 1.55 14.08 -19.54
CA SER A 93 1.97 14.55 -20.89
C SER A 93 1.04 15.61 -21.49
N GLN A 94 -0.10 15.85 -20.85
CA GLN A 94 -1.08 16.87 -21.32
C GLN A 94 -0.68 18.22 -20.87
N VAL A 95 -0.58 18.33 -19.60
CA VAL A 95 -0.19 19.53 -18.97
C VAL A 95 1.21 19.91 -19.31
N THR A 96 1.97 19.12 -20.08
CA THR A 96 3.32 19.49 -20.21
C THR A 96 3.47 20.92 -20.78
N ASN A 97 3.42 21.18 -22.08
CA ASN A 97 3.45 22.59 -22.55
C ASN A 97 2.60 22.99 -23.69
N THR A 98 3.01 22.32 -24.74
CA THR A 98 2.57 22.55 -26.07
C THR A 98 1.57 21.53 -26.52
N ALA A 99 1.69 20.35 -25.96
CA ALA A 99 0.82 19.27 -26.33
C ALA A 99 -0.41 19.24 -25.43
N THR A 100 -0.75 20.38 -24.85
CA THR A 100 -1.91 20.44 -23.98
C THR A 100 -3.16 20.27 -24.78
N ILE A 101 -3.97 19.40 -24.26
CA ILE A 101 -5.21 19.06 -24.90
C ILE A 101 -6.29 20.05 -24.53
N MET A 102 -6.87 20.67 -25.55
CA MET A 102 -7.92 21.64 -25.35
C MET A 102 -9.29 20.98 -25.46
N GLY B 1 -17.64 23.40 21.16
CA GLY B 1 -18.45 22.41 21.92
C GLY B 1 -17.74 21.08 21.90
N GLY B 2 -18.52 20.02 21.72
CA GLY B 2 -17.94 18.69 21.69
C GLY B 2 -17.62 18.20 23.06
N SER B 3 -18.22 17.03 23.38
CA SER B 3 -18.02 16.32 24.64
C SER B 3 -16.88 15.36 24.38
N PRO B 4 -16.21 14.85 25.39
CA PRO B 4 -15.05 13.94 25.17
C PRO B 4 -15.29 12.86 24.10
N THR B 5 -14.35 12.79 23.16
CA THR B 5 -14.34 11.85 22.03
C THR B 5 -15.32 12.21 20.97
N SER B 6 -16.12 13.26 21.15
CA SER B 6 -17.08 13.49 20.10
C SER B 6 -16.58 14.33 18.94
N ILE B 7 -16.35 15.65 19.10
CA ILE B 7 -15.87 16.56 17.99
C ILE B 7 -14.63 17.42 18.29
N LEU B 8 -14.31 17.56 19.52
CA LEU B 8 -13.16 18.34 19.95
C LEU B 8 -11.99 17.79 19.23
N ASP B 9 -11.89 16.41 19.10
CA ASP B 9 -10.83 15.94 18.29
C ASP B 9 -11.29 15.00 17.17
N ILE B 10 -12.56 15.00 16.65
CA ILE B 10 -12.73 13.91 15.70
C ILE B 10 -11.89 14.21 14.41
N ARG B 11 -11.09 13.22 13.87
CA ARG B 11 -10.24 13.51 12.65
C ARG B 11 -10.24 12.41 11.54
N GLN B 12 -9.91 12.82 10.29
CA GLN B 12 -9.78 11.86 9.14
C GLN B 12 -8.32 11.57 8.77
N GLY B 13 -7.95 10.29 8.81
CA GLY B 13 -6.60 9.87 8.47
C GLY B 13 -6.15 10.32 7.06
N PRO B 14 -4.86 10.25 6.78
CA PRO B 14 -4.29 10.63 5.46
C PRO B 14 -4.62 9.61 4.34
N LYS B 15 -4.43 8.33 4.60
CA LYS B 15 -4.84 7.35 3.59
C LYS B 15 -6.38 7.23 3.64
N GLU B 16 -7.05 7.92 4.59
CA GLU B 16 -8.46 7.76 4.79
C GLU B 16 -9.36 8.71 4.03
N PRO B 17 -10.49 8.25 3.43
CA PRO B 17 -11.43 9.16 2.65
C PRO B 17 -12.51 9.85 3.47
N PHE B 18 -12.97 10.95 2.88
CA PHE B 18 -14.08 11.73 3.36
C PHE B 18 -15.29 10.86 3.77
N ARG B 19 -15.39 9.58 3.40
CA ARG B 19 -16.61 8.85 3.80
C ARG B 19 -16.59 8.35 5.24
N ASP B 20 -15.64 7.44 5.52
CA ASP B 20 -15.51 6.81 6.84
C ASP B 20 -15.44 7.87 7.91
N TYR B 21 -14.64 8.88 7.69
CA TYR B 21 -14.54 9.93 8.69
C TYR B 21 -15.88 10.57 8.92
N VAL B 22 -16.60 10.87 7.84
CA VAL B 22 -17.93 11.47 7.99
C VAL B 22 -18.82 10.59 8.86
N ASP B 23 -18.53 9.28 8.82
CA ASP B 23 -19.26 8.32 9.62
C ASP B 23 -18.76 8.45 11.07
N ARG B 24 -17.45 8.73 11.20
CA ARG B 24 -16.78 8.92 12.49
C ARG B 24 -17.15 10.27 13.10
N PHE B 25 -17.59 11.20 12.29
CA PHE B 25 -18.00 12.49 12.79
C PHE B 25 -19.46 12.44 13.20
N TYR B 26 -20.24 11.63 12.48
CA TYR B 26 -21.66 11.51 12.72
C TYR B 26 -21.97 10.56 13.88
N LYS B 27 -21.44 9.35 13.78
CA LYS B 27 -21.69 8.35 14.78
C LYS B 27 -21.12 8.78 16.12
N THR B 28 -19.93 9.38 16.14
CA THR B 28 -19.36 9.79 17.43
C THR B 28 -20.30 10.78 18.15
N LEU B 29 -20.98 11.66 17.37
CA LEU B 29 -21.88 12.68 17.95
C LEU B 29 -23.10 12.08 18.72
N ARG B 30 -23.75 11.00 18.27
CA ARG B 30 -24.90 10.53 19.10
C ARG B 30 -24.43 10.10 20.50
N ALA B 31 -23.12 9.97 20.70
CA ALA B 31 -22.57 9.59 22.00
C ALA B 31 -22.27 10.80 22.89
N GLU B 32 -22.46 12.01 22.37
CA GLU B 32 -22.24 13.19 23.18
C GLU B 32 -23.61 13.71 23.63
N GLN B 33 -23.59 14.63 24.60
CA GLN B 33 -24.85 15.22 25.08
C GLN B 33 -25.07 16.65 24.53
N ALA B 34 -25.71 16.75 23.38
CA ALA B 34 -25.99 18.05 22.77
C ALA B 34 -27.48 18.20 22.33
N SER B 35 -27.89 19.46 22.10
CA SER B 35 -29.23 19.76 21.60
C SER B 35 -29.15 19.90 20.06
N GLN B 36 -30.28 19.96 19.35
CA GLN B 36 -30.23 20.05 17.85
C GLN B 36 -29.51 21.32 17.31
N GLU B 37 -29.68 22.45 18.01
CA GLU B 37 -29.05 23.73 17.62
C GLU B 37 -27.52 23.65 17.77
N VAL B 38 -27.04 22.70 18.56
CA VAL B 38 -25.64 22.54 18.82
C VAL B 38 -25.00 21.56 17.88
N LYS B 39 -25.64 20.41 17.70
CA LYS B 39 -25.08 19.38 16.84
C LYS B 39 -24.95 19.95 15.45
N ASN B 40 -26.04 20.54 15.01
CA ASN B 40 -26.06 21.20 13.71
C ASN B 40 -24.82 22.14 13.57
N TRP B 41 -24.58 23.00 14.57
CA TRP B 41 -23.40 23.85 14.52
C TRP B 41 -22.10 22.98 14.50
N MET B 42 -22.02 21.91 15.32
CA MET B 42 -20.75 21.13 15.39
C MET B 42 -20.45 20.44 14.05
N THR B 43 -21.46 20.25 13.22
CA THR B 43 -21.18 19.58 11.96
C THR B 43 -20.45 20.53 11.00
N GLU B 44 -21.10 21.64 10.71
CA GLU B 44 -20.55 22.63 9.79
C GLU B 44 -19.32 23.29 10.35
N THR B 45 -19.11 23.21 11.65
CA THR B 45 -17.93 23.84 12.22
C THR B 45 -16.69 22.97 12.09
N LEU B 46 -16.72 21.79 12.69
CA LEU B 46 -15.52 20.92 12.67
C LEU B 46 -15.35 20.09 11.38
N LEU B 47 -16.43 19.34 10.99
CA LEU B 47 -16.38 18.38 9.87
C LEU B 47 -15.45 18.79 8.72
N VAL B 48 -15.34 20.09 8.41
CA VAL B 48 -14.45 20.50 7.32
C VAL B 48 -13.01 20.72 7.80
N GLN B 49 -12.89 21.48 8.89
CA GLN B 49 -11.59 21.85 9.43
C GLN B 49 -10.73 20.67 9.92
N ASN B 50 -11.32 19.70 10.61
CA ASN B 50 -10.54 18.57 11.14
C ASN B 50 -10.63 17.30 10.26
N ALA B 51 -10.59 17.43 8.90
CA ALA B 51 -10.71 16.24 8.04
C ALA B 51 -9.69 16.06 6.84
N ASN B 52 -8.62 15.22 6.98
CA ASN B 52 -7.76 14.77 5.80
C ASN B 52 -7.39 15.80 4.77
N PRO B 53 -6.31 16.51 4.89
CA PRO B 53 -5.97 17.56 3.89
C PRO B 53 -6.25 17.31 2.42
N ASP B 54 -6.17 16.08 1.89
CA ASP B 54 -6.57 15.89 0.50
C ASP B 54 -8.01 16.35 0.36
N CYS B 55 -8.84 15.88 1.29
CA CYS B 55 -10.24 16.21 1.23
C CYS B 55 -10.60 17.58 1.84
N LYS B 56 -10.05 17.93 3.00
CA LYS B 56 -10.40 19.19 3.64
C LYS B 56 -10.22 20.34 2.69
N THR B 57 -9.03 20.47 2.15
CA THR B 57 -8.74 21.53 1.20
C THR B 57 -9.80 21.59 0.10
N ILE B 58 -10.31 20.44 -0.33
CA ILE B 58 -11.31 20.43 -1.39
C ILE B 58 -12.51 21.19 -0.95
N LEU B 59 -12.90 20.98 0.29
CA LEU B 59 -14.05 21.67 0.79
C LEU B 59 -13.86 23.17 0.60
N LYS B 60 -12.68 23.71 0.92
CA LYS B 60 -12.43 25.16 0.73
C LYS B 60 -12.63 25.55 -0.73
N ALA B 61 -12.45 24.58 -1.63
CA ALA B 61 -12.60 24.83 -3.07
C ALA B 61 -14.07 24.69 -3.52
N LEU B 62 -14.93 24.14 -2.65
CA LEU B 62 -16.34 23.97 -2.99
C LEU B 62 -17.17 25.19 -2.55
N GLY B 63 -16.56 26.17 -1.89
CA GLY B 63 -17.32 27.34 -1.44
C GLY B 63 -18.06 27.01 -0.11
N PRO B 64 -17.54 27.40 1.05
CA PRO B 64 -18.19 27.07 2.37
C PRO B 64 -19.68 27.37 2.40
N GLY B 65 -20.41 26.50 3.11
CA GLY B 65 -21.87 26.60 3.21
C GLY B 65 -22.58 25.65 2.25
N ALA B 66 -21.85 25.12 1.28
CA ALA B 66 -22.46 24.20 0.35
C ALA B 66 -23.01 23.03 1.12
N THR B 67 -24.05 22.41 0.59
CA THR B 67 -24.61 21.27 1.25
C THR B 67 -23.68 20.06 1.06
N LEU B 68 -23.97 19.01 1.82
CA LEU B 68 -23.21 17.76 1.78
C LEU B 68 -23.21 17.16 0.40
N GLU B 69 -24.28 17.41 -0.35
CA GLU B 69 -24.40 16.80 -1.69
C GLU B 69 -23.10 17.15 -2.47
N GLU B 70 -22.56 18.35 -2.16
CA GLU B 70 -21.32 18.83 -2.82
C GLU B 70 -20.08 18.41 -2.04
N MET B 71 -20.12 18.45 -0.71
CA MET B 71 -18.96 18.05 0.09
C MET B 71 -18.66 16.56 -0.15
N MET B 72 -19.67 15.80 -0.58
CA MET B 72 -19.49 14.38 -0.87
C MET B 72 -18.94 14.12 -2.26
N THR B 73 -19.58 14.62 -3.31
CA THR B 73 -19.11 14.28 -4.66
C THR B 73 -17.63 14.64 -4.91
N ALA B 74 -17.32 15.93 -4.80
CA ALA B 74 -15.95 16.46 -5.06
C ALA B 74 -14.85 15.87 -4.15
N CYS B 75 -15.14 15.74 -2.86
CA CYS B 75 -14.14 15.25 -1.90
C CYS B 75 -13.93 13.76 -2.02
N GLN B 76 -14.94 13.07 -2.51
CA GLN B 76 -14.80 11.64 -2.75
C GLN B 76 -13.66 11.30 -3.67
N GLY B 77 -13.18 12.29 -4.42
CA GLY B 77 -12.04 12.08 -5.34
C GLY B 77 -10.70 11.78 -4.60
N VAL B 78 -10.59 12.13 -3.29
CA VAL B 78 -9.28 11.87 -2.49
C VAL B 78 -8.93 10.43 -2.61
N GLY B 79 -7.60 9.96 -2.48
CA GLY B 79 -7.48 8.51 -2.67
C GLY B 79 -6.69 8.14 -3.89
N GLY B 80 -6.34 6.84 -4.10
CA GLY B 80 -5.38 6.54 -5.17
C GLY B 80 -5.62 6.92 -6.62
N PRO B 81 -6.55 6.46 -7.21
CA PRO B 81 -6.79 6.82 -8.61
C PRO B 81 -7.44 8.20 -8.80
N GLY B 82 -8.18 8.65 -7.78
CA GLY B 82 -8.96 9.91 -7.94
C GLY B 82 -8.18 11.21 -7.84
N HIS B 83 -7.59 11.48 -6.69
CA HIS B 83 -6.90 12.74 -6.44
C HIS B 83 -5.44 12.64 -6.70
N LYS B 84 -4.90 11.50 -6.33
CA LYS B 84 -3.49 11.37 -6.43
C LYS B 84 -2.94 11.19 -7.81
N ALA B 85 -3.71 10.59 -8.73
CA ALA B 85 -3.28 10.51 -10.12
C ALA B 85 -2.92 11.91 -10.64
N ARG B 86 -3.59 12.91 -10.07
CA ARG B 86 -3.40 14.30 -10.46
C ARG B 86 -2.37 15.10 -9.63
N VAL B 87 -2.56 15.13 -8.28
CA VAL B 87 -1.78 16.05 -7.38
C VAL B 87 -0.25 16.00 -7.36
N LEU B 88 0.35 14.93 -6.92
CA LEU B 88 1.81 14.95 -6.87
C LEU B 88 2.33 14.92 -8.24
N ALA B 89 1.66 14.07 -9.00
CA ALA B 89 2.03 13.85 -10.31
C ALA B 89 2.19 15.23 -11.01
N GLU B 90 1.31 16.20 -10.60
CA GLU B 90 1.37 17.64 -11.02
C GLU B 90 2.50 18.37 -10.33
N ALA B 91 2.66 18.07 -9.03
CA ALA B 91 3.71 18.67 -8.20
C ALA B 91 5.08 18.43 -8.83
N MET B 92 5.17 17.42 -9.70
CA MET B 92 6.43 17.14 -10.32
C MET B 92 6.72 18.26 -11.28
N SER B 93 5.66 18.83 -11.87
CA SER B 93 5.86 19.91 -12.85
C SER B 93 5.98 21.28 -12.18
N GLN B 94 5.57 21.37 -10.92
CA GLN B 94 5.68 22.64 -10.20
C GLN B 94 7.14 22.89 -9.81
N VAL B 95 7.78 21.83 -9.36
CA VAL B 95 9.19 21.89 -8.96
C VAL B 95 10.18 22.18 -10.12
N THR B 96 9.67 22.08 -11.35
CA THR B 96 10.30 22.33 -12.66
C THR B 96 10.86 23.79 -12.87
N ASN B 97 11.35 24.50 -11.80
CA ASN B 97 11.69 25.97 -11.70
C ASN B 97 11.84 26.81 -12.97
N THR B 98 12.30 26.31 -14.07
CA THR B 98 12.32 27.12 -15.28
C THR B 98 10.87 27.60 -15.58
N ALA B 99 9.90 26.71 -15.30
CA ALA B 99 8.47 26.94 -15.54
C ALA B 99 7.54 26.76 -14.29
N THR B 100 7.98 27.07 -13.07
CA THR B 100 7.10 26.84 -11.88
C THR B 100 5.84 27.70 -11.95
N ILE B 101 4.77 27.12 -11.42
CA ILE B 101 3.48 27.76 -11.37
C ILE B 101 3.42 28.76 -10.21
N MET B 102 3.22 30.03 -10.53
CA MET B 102 3.12 31.05 -9.49
C MET B 102 1.68 31.34 -9.14
N GLY C 1 12.90 9.08 31.81
CA GLY C 1 12.04 8.29 32.71
C GLY C 1 11.57 7.08 31.94
N GLY C 2 10.26 7.02 31.75
CA GLY C 2 9.71 5.94 31.01
C GLY C 2 9.72 4.69 31.80
N SER C 3 8.52 4.29 32.19
CA SER C 3 8.30 3.08 32.94
C SER C 3 8.04 1.97 31.92
N PRO C 4 8.25 0.74 32.26
CA PRO C 4 8.03 -0.42 31.34
C PRO C 4 6.70 -0.38 30.60
N THR C 5 6.78 -0.74 29.31
CA THR C 5 5.64 -0.83 28.38
C THR C 5 5.16 0.46 27.87
N SER C 6 5.37 1.55 28.58
CA SER C 6 4.75 2.77 28.12
C SER C 6 5.49 3.69 27.18
N ILE C 7 6.63 4.23 27.60
CA ILE C 7 7.36 5.23 26.79
C ILE C 7 8.71 4.87 26.28
N LEU C 8 9.43 4.05 27.00
CA LEU C 8 10.71 3.65 26.57
C LEU C 8 10.45 2.99 25.27
N ASP C 9 9.29 2.25 25.15
CA ASP C 9 9.04 1.75 23.86
C ASP C 9 7.94 2.48 23.15
N ILE C 10 7.49 3.79 23.42
CA ILE C 10 6.34 4.15 22.58
C ILE C 10 6.87 4.42 21.15
N ARG C 11 6.10 4.07 20.06
CA ARG C 11 6.69 4.15 18.68
C ARG C 11 5.68 4.48 17.55
N GLN C 12 6.04 5.45 16.68
CA GLN C 12 5.15 5.80 15.54
C GLN C 12 5.61 5.22 14.18
N GLY C 13 4.62 4.68 13.44
CA GLY C 13 4.84 4.10 12.13
C GLY C 13 5.03 5.16 11.05
N PRO C 14 5.61 4.79 9.93
CA PRO C 14 5.90 5.74 8.81
C PRO C 14 4.63 6.10 8.04
N LYS C 15 3.70 5.17 7.95
CA LYS C 15 2.41 5.51 7.33
C LYS C 15 1.43 5.89 8.43
N GLU C 16 1.66 5.36 9.66
CA GLU C 16 0.80 5.63 10.80
C GLU C 16 0.89 7.13 11.13
N PRO C 17 -0.19 7.89 11.20
CA PRO C 17 -0.12 9.34 11.48
C PRO C 17 0.17 9.67 12.94
N PHE C 18 0.54 10.90 13.15
CA PHE C 18 0.89 11.39 14.47
C PHE C 18 -0.10 10.96 15.57
N ARG C 19 -1.34 11.41 15.50
CA ARG C 19 -2.34 11.10 16.54
C ARG C 19 -2.43 9.63 16.86
N ASP C 20 -2.59 8.79 15.86
CA ASP C 20 -2.73 7.35 16.09
C ASP C 20 -1.64 6.83 17.03
N TYR C 21 -0.47 7.43 16.96
CA TYR C 21 0.60 7.06 17.84
C TYR C 21 0.51 7.87 19.15
N VAL C 22 0.07 9.10 19.07
CA VAL C 22 -0.06 9.89 20.30
C VAL C 22 -1.03 9.17 21.27
N ASP C 23 -2.15 8.68 20.76
CA ASP C 23 -3.11 7.97 21.58
C ASP C 23 -2.43 6.80 22.26
N ARG C 24 -1.43 6.23 21.60
CA ARG C 24 -0.71 5.13 22.20
C ARG C 24 0.11 5.65 23.35
N PHE C 25 0.76 6.77 23.12
CA PHE C 25 1.59 7.36 24.14
C PHE C 25 0.74 7.86 25.28
N TYR C 26 -0.54 8.16 25.02
CA TYR C 26 -1.37 8.65 26.12
C TYR C 26 -2.00 7.54 26.89
N LYS C 27 -2.86 6.74 26.26
CA LYS C 27 -3.49 5.60 26.95
C LYS C 27 -2.41 4.76 27.63
N THR C 28 -1.20 4.72 27.05
CA THR C 28 -0.20 3.87 27.67
C THR C 28 0.35 4.55 28.92
N LEU C 29 0.49 5.91 28.92
CA LEU C 29 0.92 6.57 30.14
C LEU C 29 -0.16 6.37 31.18
N ARG C 30 -1.41 6.55 30.74
CA ARG C 30 -2.58 6.32 31.57
C ARG C 30 -2.74 4.86 31.90
N ALA C 31 -1.85 3.97 31.34
CA ALA C 31 -1.91 2.54 31.63
C ALA C 31 -0.77 2.14 32.61
N GLU C 32 0.19 3.07 32.86
CA GLU C 32 1.32 2.79 33.76
C GLU C 32 1.21 3.49 35.11
N GLN C 33 2.15 3.10 35.98
CA GLN C 33 2.29 3.65 37.34
C GLN C 33 3.47 4.64 37.42
N ALA C 34 3.41 5.74 36.67
CA ALA C 34 4.48 6.77 36.70
C ALA C 34 3.99 7.97 37.49
N SER C 35 4.88 8.60 38.23
CA SER C 35 4.49 9.77 39.01
C SER C 35 3.79 10.78 38.11
N GLN C 36 2.84 11.51 38.71
CA GLN C 36 2.03 12.44 37.95
C GLN C 36 2.90 13.33 37.08
N GLU C 37 3.94 13.92 37.68
CA GLU C 37 4.84 14.80 36.93
C GLU C 37 5.66 14.05 35.90
N VAL C 38 6.04 12.83 36.21
CA VAL C 38 6.84 12.07 35.27
C VAL C 38 6.10 12.01 33.95
N LYS C 39 4.79 11.89 34.00
CA LYS C 39 4.01 11.84 32.76
C LYS C 39 4.11 13.19 32.05
N ASN C 40 3.97 14.25 32.82
CA ASN C 40 4.09 15.61 32.29
C ASN C 40 5.46 15.75 31.56
N TRP C 41 6.44 15.11 32.17
CA TRP C 41 7.77 15.08 31.70
C TRP C 41 7.92 14.18 30.44
N MET C 42 7.25 12.99 30.40
CA MET C 42 7.39 12.09 29.23
C MET C 42 6.74 12.69 27.97
N THR C 43 5.68 13.49 28.17
CA THR C 43 4.91 14.01 27.03
C THR C 43 5.69 14.89 26.13
N GLU C 44 6.63 15.54 26.68
CA GLU C 44 7.46 16.44 25.91
C GLU C 44 8.71 15.73 25.36
N THR C 45 9.48 15.17 26.30
CA THR C 45 10.75 14.51 25.96
C THR C 45 10.64 13.23 25.09
N LEU C 46 9.83 12.25 25.50
CA LEU C 46 9.74 10.96 24.76
C LEU C 46 8.71 10.90 23.63
N LEU C 47 7.65 11.67 23.71
CA LEU C 47 6.64 11.64 22.63
C LEU C 47 7.22 11.95 21.27
N VAL C 48 7.84 13.14 21.17
CA VAL C 48 8.35 13.64 19.91
C VAL C 48 9.51 12.83 19.35
N GLN C 49 10.52 12.61 20.18
CA GLN C 49 11.75 11.94 19.74
C GLN C 49 11.56 10.55 19.14
N ASN C 50 10.74 9.73 19.80
CA ASN C 50 10.49 8.35 19.33
C ASN C 50 9.24 8.27 18.45
N ALA C 51 9.07 9.23 17.55
CA ALA C 51 7.82 9.25 16.78
C ALA C 51 7.86 9.81 15.33
N ASN C 52 7.89 8.90 14.34
CA ASN C 52 7.72 9.24 12.92
C ASN C 52 8.52 10.45 12.46
N PRO C 53 9.76 10.31 12.02
CA PRO C 53 10.57 11.47 11.56
C PRO C 53 9.77 12.41 10.65
N ASP C 54 8.71 11.92 10.00
CA ASP C 54 7.86 12.79 9.20
C ASP C 54 7.33 13.86 10.10
N CYS C 55 6.48 13.46 11.07
CA CYS C 55 5.90 14.43 12.02
C CYS C 55 6.98 15.10 12.90
N LYS C 56 8.03 14.34 13.27
CA LYS C 56 9.09 14.86 14.12
C LYS C 56 9.76 16.04 13.46
N THR C 57 9.99 15.94 12.16
CA THR C 57 10.59 17.04 11.46
C THR C 57 9.60 18.24 11.43
N ILE C 58 8.29 17.96 11.69
CA ILE C 58 7.27 19.03 11.78
C ILE C 58 7.22 19.55 13.22
N LEU C 59 7.43 18.66 14.22
CA LEU C 59 7.37 19.08 15.61
C LEU C 59 8.48 20.08 15.88
N LYS C 60 9.69 19.79 15.41
CA LYS C 60 10.78 20.76 15.56
C LYS C 60 10.41 22.04 14.81
N ALA C 61 9.79 21.87 13.66
CA ALA C 61 9.41 23.00 12.83
C ALA C 61 8.27 23.84 13.42
N LEU C 62 7.33 23.24 14.16
CA LEU C 62 6.23 24.03 14.68
C LEU C 62 6.79 25.06 15.66
N GLY C 63 7.79 24.65 16.41
CA GLY C 63 8.41 25.53 17.39
C GLY C 63 8.07 25.02 18.79
N PRO C 64 8.94 24.28 19.48
CA PRO C 64 8.67 23.70 20.84
C PRO C 64 7.78 24.56 21.75
N GLY C 65 6.95 23.88 22.51
CA GLY C 65 6.01 24.55 23.39
C GLY C 65 4.63 24.64 22.75
N ALA C 66 4.54 24.37 21.42
CA ALA C 66 3.22 24.38 20.77
C ALA C 66 2.43 23.19 21.27
N THR C 67 1.24 23.45 21.80
CA THR C 67 0.43 22.38 22.39
C THR C 67 0.21 21.22 21.44
N LEU C 68 -0.46 20.19 21.96
CA LEU C 68 -0.78 19.04 21.14
C LEU C 68 -1.69 19.44 20.06
N GLU C 69 -2.61 20.34 20.38
CA GLU C 69 -3.59 20.78 19.41
C GLU C 69 -2.88 21.21 18.12
N GLU C 70 -1.65 21.72 18.24
CA GLU C 70 -0.91 22.12 17.05
C GLU C 70 -0.21 20.90 16.40
N MET C 71 0.67 20.24 17.18
CA MET C 71 1.40 19.02 16.71
C MET C 71 0.42 18.08 16.02
N MET C 72 -0.80 18.09 16.50
CA MET C 72 -1.86 17.32 15.89
C MET C 72 -2.16 17.79 14.46
N THR C 73 -2.72 18.99 14.32
CA THR C 73 -3.11 19.46 13.00
C THR C 73 -1.94 19.45 12.01
N ALA C 74 -0.75 19.81 12.48
CA ALA C 74 0.43 19.86 11.61
C ALA C 74 0.86 18.51 11.02
N CYS C 75 0.78 17.47 11.82
CA CYS C 75 1.23 16.16 11.38
C CYS C 75 0.09 15.23 10.94
N GLN C 76 -1.17 15.62 11.14
CA GLN C 76 -2.32 14.81 10.65
C GLN C 76 -2.42 14.83 9.13
N GLY C 77 -1.75 15.78 8.49
CA GLY C 77 -1.76 15.93 7.05
C GLY C 77 -0.59 15.26 6.47
N VAL C 78 -0.09 14.17 7.11
CA VAL C 78 1.10 13.44 6.52
C VAL C 78 0.46 13.04 5.21
N GLY C 79 0.86 13.69 4.16
CA GLY C 79 -0.13 13.66 3.17
C GLY C 79 0.11 14.40 1.89
N GLY C 80 -0.64 14.37 0.85
CA GLY C 80 -0.08 15.05 -0.27
C GLY C 80 -0.13 16.51 -0.24
N PRO C 81 -1.24 17.09 -0.03
CA PRO C 81 -1.25 18.50 -0.03
C PRO C 81 -0.34 19.01 1.08
N GLY C 82 -0.20 18.19 2.13
CA GLY C 82 0.70 18.57 3.18
C GLY C 82 2.11 17.96 3.10
N HIS C 83 2.26 16.69 3.51
CA HIS C 83 3.59 16.11 3.58
C HIS C 83 4.02 15.24 2.40
N LYS C 84 3.45 14.06 2.34
CA LYS C 84 3.81 13.12 1.35
C LYS C 84 4.04 13.63 -0.07
N ALA C 85 3.45 14.76 -0.46
CA ALA C 85 3.78 15.28 -1.78
C ALA C 85 5.03 16.17 -1.68
N ARG C 86 5.03 17.00 -0.66
CA ARG C 86 6.13 17.90 -0.44
C ARG C 86 7.47 17.17 -0.34
N VAL C 87 7.49 16.02 0.32
CA VAL C 87 8.76 15.30 0.47
C VAL C 87 9.16 14.54 -0.80
N LEU C 88 8.25 13.74 -1.37
CA LEU C 88 8.60 12.97 -2.57
C LEU C 88 9.02 13.94 -3.73
N ALA C 89 8.25 14.98 -3.99
CA ALA C 89 8.62 15.89 -5.08
C ALA C 89 10.00 16.60 -4.93
N GLU C 90 10.25 17.17 -3.76
CA GLU C 90 11.46 17.96 -3.52
C GLU C 90 12.75 17.20 -3.53
N ALA C 91 12.73 16.05 -2.92
CA ALA C 91 13.92 15.25 -2.87
C ALA C 91 14.33 14.92 -4.29
N MET C 92 13.35 14.56 -5.05
CA MET C 92 13.53 14.18 -6.43
C MET C 92 14.16 15.25 -7.31
N SER C 93 13.72 16.49 -7.20
CA SER C 93 14.24 17.52 -8.09
C SER C 93 15.36 18.35 -7.48
N GLN C 94 15.56 18.23 -6.19
CA GLN C 94 16.59 19.03 -5.51
C GLN C 94 17.94 18.38 -5.70
N VAL C 95 18.05 17.18 -5.22
CA VAL C 95 19.27 16.43 -5.34
C VAL C 95 19.69 16.26 -6.81
N THR C 96 18.80 16.50 -7.79
CA THR C 96 19.21 16.13 -9.14
C THR C 96 20.53 16.74 -9.67
N ASN C 97 20.61 18.02 -10.17
CA ASN C 97 21.94 18.55 -10.63
C ASN C 97 22.57 19.71 -9.86
N THR C 98 21.93 20.88 -10.02
CA THR C 98 22.34 22.15 -9.39
C THR C 98 21.35 22.60 -8.34
N ALA C 99 20.10 22.12 -8.49
CA ALA C 99 19.06 22.44 -7.55
C ALA C 99 19.41 21.84 -6.18
N THR C 100 20.47 21.01 -6.10
CA THR C 100 20.83 20.39 -4.84
C THR C 100 21.28 21.47 -3.85
N ILE C 101 20.64 21.46 -2.68
CA ILE C 101 20.93 22.45 -1.65
C ILE C 101 22.18 22.08 -0.88
N MET C 102 23.11 23.02 -0.81
CA MET C 102 24.36 22.81 -0.11
C MET C 102 24.19 23.09 1.39
N GLY D 1 24.35 -18.85 20.14
CA GLY D 1 24.69 -19.06 18.71
C GLY D 1 23.42 -19.27 17.92
N GLY D 2 22.39 -18.55 18.34
CA GLY D 2 21.11 -18.61 17.70
C GLY D 2 20.35 -19.94 18.01
N SER D 3 19.38 -19.89 18.97
CA SER D 3 18.56 -21.06 19.34
C SER D 3 17.28 -21.06 18.50
N PRO D 4 16.65 -22.20 18.28
CA PRO D 4 15.46 -22.33 17.38
C PRO D 4 14.49 -21.15 17.43
N THR D 5 14.29 -20.59 16.22
CA THR D 5 13.42 -19.43 15.92
C THR D 5 13.83 -18.11 16.49
N SER D 6 14.63 -18.10 17.51
CA SER D 6 14.88 -16.86 18.12
C SER D 6 15.74 -15.93 17.32
N ILE D 7 16.92 -16.39 16.93
CA ILE D 7 17.90 -15.54 16.22
C ILE D 7 18.67 -16.15 15.05
N LEU D 8 18.56 -17.44 14.86
CA LEU D 8 19.21 -18.07 13.72
C LEU D 8 18.71 -17.42 12.51
N ASP D 9 17.39 -17.06 12.43
CA ASP D 9 17.01 -16.28 11.30
C ASP D 9 16.17 -15.05 11.64
N ILE D 10 16.22 -14.39 12.84
CA ILE D 10 15.16 -13.41 12.95
C ILE D 10 15.37 -12.22 11.96
N ARG D 11 14.57 -12.21 10.90
CA ARG D 11 14.71 -11.23 9.80
C ARG D 11 13.55 -10.27 9.72
N GLN D 12 13.84 -9.06 9.24
CA GLN D 12 12.83 -8.00 9.13
C GLN D 12 12.30 -7.88 7.73
N GLY D 13 11.10 -7.43 7.65
CA GLY D 13 10.52 -7.24 6.37
C GLY D 13 10.88 -5.87 5.81
N PRO D 14 10.43 -5.52 4.65
CA PRO D 14 10.66 -4.15 4.10
C PRO D 14 9.70 -3.10 4.74
N LYS D 15 8.39 -3.43 4.80
CA LYS D 15 7.38 -2.55 5.43
C LYS D 15 7.39 -2.71 6.96
N GLU D 16 8.02 -3.81 7.45
CA GLU D 16 8.09 -4.02 8.90
C GLU D 16 9.28 -3.17 9.40
N PRO D 17 9.09 -2.14 10.22
CA PRO D 17 10.21 -1.24 10.64
C PRO D 17 11.17 -1.83 11.65
N PHE D 18 12.30 -1.15 11.77
CA PHE D 18 13.34 -1.53 12.69
C PHE D 18 12.79 -1.62 14.09
N ARG D 19 11.97 -0.62 14.45
CA ARG D 19 11.33 -0.52 15.76
C ARG D 19 10.42 -1.71 16.11
N ASP D 20 9.62 -2.13 15.13
CA ASP D 20 8.67 -3.23 15.31
C ASP D 20 9.41 -4.59 15.41
N TYR D 21 10.48 -4.74 14.58
CA TYR D 21 11.30 -5.98 14.51
C TYR D 21 12.19 -6.11 15.77
N VAL D 22 12.40 -4.98 16.50
CA VAL D 22 13.23 -5.04 17.68
C VAL D 22 12.67 -6.13 18.58
N ASP D 23 11.38 -6.03 18.78
CA ASP D 23 10.65 -7.02 19.54
C ASP D 23 10.77 -8.37 18.84
N ARG D 24 10.74 -8.37 17.51
CA ARG D 24 10.85 -9.65 16.82
C ARG D 24 12.14 -10.34 17.20
N PHE D 25 13.21 -9.59 17.40
CA PHE D 25 14.45 -10.20 17.83
C PHE D 25 14.55 -10.29 19.37
N TYR D 26 13.77 -9.45 20.09
CA TYR D 26 13.78 -9.42 21.57
C TYR D 26 12.77 -10.40 22.19
N LYS D 27 11.49 -10.13 21.96
CA LYS D 27 10.42 -10.97 22.47
C LYS D 27 10.66 -12.42 22.04
N THR D 28 11.20 -12.63 20.82
CA THR D 28 11.46 -13.99 20.40
C THR D 28 12.52 -14.56 21.35
N LEU D 29 13.52 -13.72 21.74
CA LEU D 29 14.55 -14.19 22.65
C LEU D 29 13.94 -14.72 23.95
N ARG D 30 12.94 -14.03 24.54
CA ARG D 30 12.34 -14.51 25.79
C ARG D 30 11.93 -15.97 25.66
N ALA D 31 11.64 -16.37 24.45
CA ALA D 31 11.22 -17.73 24.20
C ALA D 31 12.37 -18.71 23.99
N GLU D 32 13.56 -18.27 23.61
CA GLU D 32 14.58 -19.29 23.39
C GLU D 32 15.07 -19.71 24.75
N GLN D 33 15.79 -20.81 24.83
CA GLN D 33 16.33 -21.29 26.10
C GLN D 33 17.84 -21.01 26.22
N ALA D 34 18.26 -19.72 26.17
CA ALA D 34 19.71 -19.41 26.23
C ALA D 34 20.18 -18.66 27.48
N SER D 35 21.50 -18.71 27.64
CA SER D 35 22.18 -18.02 28.73
C SER D 35 22.11 -16.53 28.44
N GLN D 36 22.18 -15.71 29.48
CA GLN D 36 22.14 -14.27 29.30
C GLN D 36 23.32 -13.82 28.36
N GLU D 37 24.47 -14.43 28.56
CA GLU D 37 25.62 -14.12 27.73
C GLU D 37 25.32 -14.61 26.33
N VAL D 38 24.60 -15.71 26.20
CA VAL D 38 24.22 -16.15 24.87
C VAL D 38 23.29 -15.15 24.16
N LYS D 39 22.26 -14.65 24.88
CA LYS D 39 21.28 -13.73 24.29
C LYS D 39 21.85 -12.35 23.97
N ASN D 40 22.50 -11.73 24.92
CA ASN D 40 23.08 -10.43 24.67
C ASN D 40 24.02 -10.53 23.48
N TRP D 41 24.69 -11.67 23.38
CA TRP D 41 25.55 -11.88 22.25
C TRP D 41 24.67 -11.85 20.98
N MET D 42 23.55 -12.62 21.04
CA MET D 42 22.61 -12.71 19.90
C MET D 42 22.14 -11.34 19.41
N THR D 43 22.14 -10.34 20.31
CA THR D 43 21.70 -8.99 19.92
C THR D 43 22.71 -8.25 19.03
N GLU D 44 23.91 -8.03 19.50
CA GLU D 44 24.85 -7.24 18.72
C GLU D 44 25.22 -7.84 17.36
N THR D 45 25.38 -9.15 17.31
CA THR D 45 25.82 -9.81 16.07
C THR D 45 24.71 -10.08 15.05
N LEU D 46 23.71 -10.85 15.42
CA LEU D 46 22.65 -11.21 14.48
C LEU D 46 21.67 -10.08 14.19
N LEU D 47 21.60 -9.02 15.06
CA LEU D 47 20.61 -7.92 14.81
C LEU D 47 20.86 -7.21 13.50
N VAL D 48 22.01 -6.59 13.41
CA VAL D 48 22.33 -5.77 12.27
C VAL D 48 22.31 -6.53 10.97
N GLN D 49 22.89 -7.72 10.92
CA GLN D 49 22.95 -8.44 9.63
C GLN D 49 21.60 -8.89 9.08
N ASN D 50 20.88 -9.69 9.83
CA ASN D 50 19.62 -10.22 9.29
C ASN D 50 18.50 -9.20 9.26
N ALA D 51 18.77 -7.98 9.67
CA ALA D 51 17.70 -6.98 9.70
C ALA D 51 17.62 -5.96 8.57
N ASN D 52 16.52 -6.07 7.84
CA ASN D 52 16.08 -5.06 6.83
C ASN D 52 17.21 -4.39 6.03
N PRO D 53 17.67 -4.87 4.88
CA PRO D 53 18.81 -4.22 4.13
C PRO D 53 18.72 -2.68 4.10
N ASP D 54 17.51 -2.10 4.24
CA ASP D 54 17.42 -0.65 4.29
C ASP D 54 18.01 -0.20 5.57
N CYS D 55 17.58 -0.78 6.68
CA CYS D 55 18.08 -0.34 7.98
C CYS D 55 19.53 -0.72 8.16
N LYS D 56 19.86 -1.90 7.66
CA LYS D 56 21.21 -2.43 7.76
C LYS D 56 22.21 -1.50 7.11
N THR D 57 21.87 -1.04 5.92
CA THR D 57 22.74 -0.11 5.25
C THR D 57 22.92 1.12 6.17
N ILE D 58 21.92 1.38 7.07
CA ILE D 58 22.03 2.51 8.04
C ILE D 58 22.75 2.07 9.27
N LEU D 59 22.69 0.80 9.59
CA LEU D 59 23.29 0.31 10.79
C LEU D 59 24.78 0.24 10.59
N LYS D 60 25.19 -0.03 9.36
CA LYS D 60 26.60 -0.02 9.03
C LYS D 60 27.04 1.41 9.11
N ALA D 61 26.12 2.32 8.62
CA ALA D 61 26.37 3.77 8.58
C ALA D 61 26.56 4.36 9.98
N LEU D 62 25.64 4.06 10.86
CA LEU D 62 25.77 4.46 12.23
C LEU D 62 27.04 3.78 12.69
N GLY D 63 27.19 2.53 12.23
CA GLY D 63 28.37 1.77 12.52
C GLY D 63 28.29 1.07 13.85
N PRO D 64 29.36 0.45 14.23
CA PRO D 64 29.40 -0.26 15.53
C PRO D 64 29.44 0.70 16.74
N GLY D 65 28.92 0.20 17.88
CA GLY D 65 28.89 0.98 19.12
C GLY D 65 27.54 1.65 19.36
N ALA D 66 26.68 1.67 18.35
CA ALA D 66 25.39 2.29 18.50
C ALA D 66 24.43 1.33 19.17
N THR D 67 23.78 1.79 20.23
CA THR D 67 22.84 0.95 20.95
C THR D 67 21.49 0.94 20.26
N LEU D 68 20.55 0.16 20.73
CA LEU D 68 19.26 0.17 20.08
C LEU D 68 18.66 1.54 20.12
N GLU D 69 18.85 2.21 21.24
CA GLU D 69 18.29 3.53 21.37
C GLU D 69 18.81 4.36 20.23
N GLU D 70 20.07 4.21 19.89
CA GLU D 70 20.56 5.03 18.79
C GLU D 70 20.05 4.49 17.47
N MET D 71 20.43 3.26 17.19
CA MET D 71 20.05 2.56 15.96
C MET D 71 18.57 2.72 15.66
N MET D 72 17.72 3.00 16.66
CA MET D 72 16.29 3.17 16.36
C MET D 72 16.01 4.56 15.79
N THR D 73 16.75 5.57 16.24
CA THR D 73 16.51 6.92 15.77
C THR D 73 16.58 7.00 14.23
N ALA D 74 17.60 6.36 13.66
CA ALA D 74 17.83 6.35 12.20
C ALA D 74 16.88 5.46 11.40
N CYS D 75 16.73 4.24 11.86
CA CYS D 75 15.91 3.28 11.13
C CYS D 75 14.39 3.52 11.33
N GLN D 76 14.02 4.63 12.03
CA GLN D 76 12.61 5.07 12.22
C GLN D 76 12.03 5.64 10.95
N GLY D 77 12.87 6.35 10.21
CA GLY D 77 12.46 6.93 8.93
C GLY D 77 12.22 5.83 7.88
N VAL D 78 12.53 4.55 8.23
CA VAL D 78 12.30 3.42 7.27
C VAL D 78 10.88 3.58 6.98
N GLY D 79 10.46 3.53 5.69
CA GLY D 79 9.13 4.06 5.51
C GLY D 79 9.02 4.80 4.22
N GLY D 80 7.85 5.30 3.78
CA GLY D 80 7.96 5.93 2.48
C GLY D 80 8.44 7.41 2.45
N PRO D 81 7.77 8.28 3.13
CA PRO D 81 8.11 9.75 3.16
C PRO D 81 9.48 10.06 3.76
N GLY D 82 9.87 9.27 4.75
CA GLY D 82 11.16 9.51 5.39
C GLY D 82 12.32 8.87 4.66
N HIS D 83 12.32 7.54 4.57
CA HIS D 83 13.43 6.87 3.91
C HIS D 83 13.22 6.74 2.40
N LYS D 84 12.02 6.31 1.92
CA LYS D 84 11.89 6.16 0.47
C LYS D 84 12.13 7.47 -0.23
N ALA D 85 11.96 8.60 0.50
CA ALA D 85 12.20 9.91 -0.09
C ALA D 85 13.66 10.03 -0.51
N ARG D 86 14.53 9.61 0.39
CA ARG D 86 15.96 9.63 0.15
C ARG D 86 16.39 8.46 -0.76
N VAL D 87 15.65 7.33 -0.68
CA VAL D 87 16.02 6.13 -1.47
C VAL D 87 15.63 6.16 -2.97
N LEU D 88 14.48 6.71 -3.33
CA LEU D 88 14.11 6.76 -4.75
C LEU D 88 14.96 7.78 -5.52
N ALA D 89 15.21 8.93 -4.87
CA ALA D 89 15.99 10.01 -5.47
C ALA D 89 17.42 9.58 -5.80
N GLU D 90 18.04 8.79 -4.91
CA GLU D 90 19.41 8.33 -5.14
C GLU D 90 19.47 7.52 -6.43
N ALA D 91 18.45 6.73 -6.65
CA ALA D 91 18.38 5.93 -7.83
C ALA D 91 18.30 6.83 -9.07
N MET D 92 17.49 7.88 -8.97
CA MET D 92 17.30 8.79 -10.09
C MET D 92 18.59 9.56 -10.42
N SER D 93 19.35 9.93 -9.41
CA SER D 93 20.54 10.69 -9.67
C SER D 93 21.69 9.78 -10.12
N GLN D 94 21.53 8.45 -9.98
CA GLN D 94 22.57 7.50 -10.40
C GLN D 94 22.43 7.20 -11.88
N VAL D 95 21.18 7.13 -12.35
CA VAL D 95 20.93 6.87 -13.76
C VAL D 95 21.28 8.09 -14.67
N THR D 96 21.50 9.26 -14.04
CA THR D 96 21.89 10.57 -14.58
C THR D 96 23.21 10.60 -15.44
N ASN D 97 23.64 9.50 -16.10
CA ASN D 97 25.01 9.34 -16.71
C ASN D 97 25.76 10.62 -17.14
N THR D 98 25.12 11.66 -17.61
CA THR D 98 25.87 12.87 -17.94
C THR D 98 26.62 13.36 -16.68
N ALA D 99 25.90 13.31 -15.57
CA ALA D 99 26.40 13.71 -14.24
C ALA D 99 26.26 12.56 -13.21
N THR D 100 26.35 11.28 -13.66
CA THR D 100 26.19 10.13 -12.73
C THR D 100 27.28 10.06 -11.67
N ILE D 101 26.86 9.64 -10.49
CA ILE D 101 27.70 9.53 -9.31
C ILE D 101 28.68 8.34 -9.37
N MET D 102 29.92 8.58 -8.94
CA MET D 102 30.94 7.53 -8.90
C MET D 102 31.53 7.40 -7.49
N GLY E 1 9.66 -32.23 -7.67
CA GLY E 1 8.78 -33.39 -7.31
C GLY E 1 7.36 -32.89 -7.23
N GLY E 2 7.14 -32.06 -6.23
CA GLY E 2 5.86 -31.43 -6.02
C GLY E 2 4.76 -32.39 -5.51
N SER E 3 4.49 -32.42 -4.19
CA SER E 3 3.42 -33.25 -3.61
C SER E 3 2.13 -32.43 -3.52
N PRO E 4 0.99 -33.05 -3.49
CA PRO E 4 -0.32 -32.32 -3.46
C PRO E 4 -0.33 -31.20 -2.44
N THR E 5 -0.69 -30.00 -2.93
CA THR E 5 -0.74 -28.75 -2.14
C THR E 5 0.57 -28.29 -1.58
N SER E 6 1.64 -29.02 -1.79
CA SER E 6 2.84 -28.61 -1.17
C SER E 6 3.70 -27.67 -1.95
N ILE E 7 4.09 -28.07 -3.15
CA ILE E 7 5.00 -27.28 -4.00
C ILE E 7 4.56 -27.10 -5.47
N LEU E 8 3.71 -27.96 -5.90
CA LEU E 8 3.24 -27.94 -7.26
C LEU E 8 2.67 -26.62 -7.52
N ASP E 9 1.96 -26.04 -6.51
CA ASP E 9 1.57 -24.71 -6.70
C ASP E 9 2.10 -23.82 -5.61
N ILE E 10 3.14 -24.17 -4.75
CA ILE E 10 3.37 -23.14 -3.80
C ILE E 10 4.02 -22.03 -4.61
N ARG E 11 3.63 -20.77 -4.40
CA ARG E 11 4.17 -19.72 -5.24
C ARG E 11 4.33 -18.42 -4.47
N GLN E 12 5.50 -17.87 -4.45
CA GLN E 12 5.66 -16.61 -3.76
C GLN E 12 4.81 -15.57 -4.46
N GLY E 13 4.16 -14.73 -3.66
CA GLY E 13 3.33 -13.66 -4.23
C GLY E 13 4.20 -12.45 -4.63
N PRO E 14 3.77 -11.65 -5.59
CA PRO E 14 4.56 -10.48 -6.05
C PRO E 14 4.87 -9.54 -4.89
N LYS E 15 3.86 -9.30 -4.04
CA LYS E 15 4.05 -8.41 -2.89
C LYS E 15 4.41 -9.19 -1.65
N GLU E 16 4.22 -10.51 -1.67
CA GLU E 16 4.48 -11.30 -0.48
C GLU E 16 6.02 -11.52 -0.39
N PRO E 17 6.70 -11.11 0.66
CA PRO E 17 8.18 -11.29 0.73
C PRO E 17 8.61 -12.74 0.59
N PHE E 18 9.87 -12.88 0.30
CA PHE E 18 10.47 -14.17 0.17
C PHE E 18 10.27 -14.92 1.49
N ARG E 19 10.37 -14.20 2.62
CA ARG E 19 10.24 -14.85 3.92
C ARG E 19 8.92 -15.53 4.17
N ASP E 20 7.83 -14.80 4.02
CA ASP E 20 6.50 -15.35 4.27
C ASP E 20 6.19 -16.53 3.41
N TYR E 21 6.52 -16.42 2.18
CA TYR E 21 6.25 -17.47 1.26
C TYR E 21 7.14 -18.70 1.48
N VAL E 22 8.42 -18.49 1.79
CA VAL E 22 9.31 -19.62 1.95
C VAL E 22 8.72 -20.52 2.98
N ASP E 23 8.19 -19.85 4.06
CA ASP E 23 7.47 -20.59 5.11
C ASP E 23 6.27 -21.32 4.49
N ARG E 24 5.57 -20.66 3.55
CA ARG E 24 4.46 -21.34 2.85
C ARG E 24 4.98 -22.57 2.07
N PHE E 25 6.23 -22.52 1.69
CA PHE E 25 6.88 -23.61 0.98
C PHE E 25 7.46 -24.65 1.98
N TYR E 26 7.78 -24.24 3.22
CA TYR E 26 8.38 -25.18 4.20
C TYR E 26 7.37 -25.98 5.04
N LYS E 27 6.48 -25.28 5.75
CA LYS E 27 5.48 -25.97 6.59
C LYS E 27 4.63 -26.89 5.72
N THR E 28 4.30 -26.40 4.52
CA THR E 28 3.50 -27.23 3.63
C THR E 28 4.30 -28.52 3.29
N LEU E 29 5.63 -28.38 3.12
CA LEU E 29 6.47 -29.61 2.89
C LEU E 29 6.25 -30.60 4.03
N ARG E 30 6.13 -30.13 5.25
CA ARG E 30 5.86 -31.04 6.36
C ARG E 30 4.50 -31.71 6.18
N ALA E 31 3.53 -30.97 5.66
CA ALA E 31 2.16 -31.47 5.49
C ALA E 31 2.00 -32.38 4.28
N GLU E 32 3.09 -32.69 3.60
CA GLU E 32 3.01 -33.60 2.48
C GLU E 32 3.56 -34.93 2.95
N GLN E 33 3.20 -35.96 2.23
CA GLN E 33 3.65 -37.32 2.56
C GLN E 33 4.81 -37.72 1.69
N ALA E 34 5.92 -36.99 1.82
CA ALA E 34 7.10 -37.27 1.03
C ALA E 34 8.23 -37.87 1.87
N SER E 35 9.18 -38.51 1.17
CA SER E 35 10.35 -39.09 1.82
C SER E 35 11.31 -37.94 2.16
N GLN E 36 12.13 -38.12 3.17
CA GLN E 36 13.03 -37.06 3.57
C GLN E 36 13.85 -36.51 2.41
N GLU E 37 14.17 -37.35 1.40
CA GLU E 37 15.01 -36.90 0.28
C GLU E 37 14.20 -36.14 -0.72
N VAL E 38 13.01 -36.67 -1.00
CA VAL E 38 12.11 -36.07 -1.97
C VAL E 38 12.03 -34.62 -1.64
N LYS E 39 11.57 -34.33 -0.44
CA LYS E 39 11.49 -32.95 0.04
C LYS E 39 12.74 -32.15 -0.23
N ASN E 40 13.84 -32.62 0.32
CA ASN E 40 15.13 -31.95 0.16
C ASN E 40 15.40 -31.67 -1.33
N TRP E 41 14.97 -32.58 -2.16
CA TRP E 41 15.13 -32.42 -3.57
C TRP E 41 14.23 -31.28 -4.02
N MET E 42 12.97 -31.30 -3.56
CA MET E 42 12.02 -30.28 -3.99
C MET E 42 12.52 -28.89 -3.58
N THR E 43 13.10 -28.76 -2.41
CA THR E 43 13.49 -27.43 -1.95
C THR E 43 14.34 -26.64 -2.93
N GLU E 44 15.49 -27.15 -3.24
CA GLU E 44 16.39 -26.43 -4.11
C GLU E 44 15.77 -26.11 -5.45
N THR E 45 15.35 -27.15 -6.13
CA THR E 45 14.79 -27.01 -7.46
C THR E 45 13.48 -26.21 -7.52
N LEU E 46 12.55 -26.53 -6.65
CA LEU E 46 11.25 -25.85 -6.74
C LEU E 46 11.29 -24.45 -6.15
N LEU E 47 11.80 -24.25 -4.93
CA LEU E 47 11.84 -22.92 -4.30
C LEU E 47 12.23 -21.78 -5.26
N VAL E 48 12.98 -22.04 -6.34
CA VAL E 48 13.39 -20.94 -7.23
C VAL E 48 12.40 -20.62 -8.35
N GLN E 49 11.91 -21.64 -9.02
CA GLN E 49 11.02 -21.39 -10.15
C GLN E 49 9.71 -20.69 -9.74
N ASN E 50 9.17 -21.06 -8.59
CA ASN E 50 7.87 -20.50 -8.15
C ASN E 50 8.00 -19.37 -7.15
N ALA E 51 9.12 -18.65 -7.11
CA ALA E 51 9.31 -17.64 -6.08
C ALA E 51 9.35 -16.14 -6.50
N ASN E 52 8.23 -15.53 -7.01
CA ASN E 52 8.22 -14.02 -7.16
C ASN E 52 9.40 -13.38 -7.94
N PRO E 53 9.26 -12.99 -9.21
CA PRO E 53 10.41 -12.40 -9.99
C PRO E 53 11.33 -11.40 -9.24
N ASP E 54 10.90 -10.77 -8.12
CA ASP E 54 11.85 -9.85 -7.43
C ASP E 54 13.03 -10.64 -6.88
N CYS E 55 12.73 -11.80 -6.29
CA CYS E 55 13.79 -12.64 -5.71
C CYS E 55 14.15 -13.77 -6.59
N LYS E 56 13.24 -14.20 -7.42
CA LYS E 56 13.56 -15.27 -8.32
C LYS E 56 14.69 -14.78 -9.22
N THR E 57 14.67 -13.49 -9.55
CA THR E 57 15.77 -12.96 -10.35
C THR E 57 17.07 -12.93 -9.49
N ILE E 58 16.92 -12.91 -8.14
CA ILE E 58 18.06 -12.93 -7.18
C ILE E 58 18.64 -14.37 -7.00
N LEU E 59 17.79 -15.38 -6.82
CA LEU E 59 18.30 -16.74 -6.65
C LEU E 59 19.12 -17.18 -7.87
N LYS E 60 18.69 -16.85 -9.11
CA LYS E 60 19.47 -17.22 -10.32
C LYS E 60 20.73 -16.37 -10.43
N ALA E 61 20.54 -15.08 -10.24
CA ALA E 61 21.62 -14.11 -10.34
C ALA E 61 22.76 -14.41 -9.38
N LEU E 62 22.46 -14.79 -8.14
CA LEU E 62 23.54 -15.11 -7.22
C LEU E 62 24.32 -16.24 -7.86
N GLY E 63 23.57 -17.15 -8.48
CA GLY E 63 24.17 -18.24 -9.19
C GLY E 63 24.04 -19.50 -8.36
N PRO E 64 23.88 -20.68 -8.97
CA PRO E 64 23.78 -21.96 -8.21
C PRO E 64 24.98 -22.22 -7.31
N GLY E 65 24.69 -23.01 -6.28
CA GLY E 65 25.62 -23.33 -5.22
C GLY E 65 25.42 -22.36 -4.05
N ALA E 66 24.71 -21.22 -4.30
CA ALA E 66 24.45 -20.24 -3.25
C ALA E 66 23.64 -20.89 -2.14
N THR E 67 24.20 -20.94 -0.96
CA THR E 67 23.47 -21.54 0.13
C THR E 67 22.25 -20.69 0.41
N LEU E 68 21.37 -21.22 1.24
CA LEU E 68 20.16 -20.50 1.58
C LEU E 68 20.47 -19.14 2.07
N GLU E 69 21.57 -19.01 2.73
CA GLU E 69 21.93 -17.73 3.23
C GLU E 69 22.09 -16.80 2.02
N GLU E 70 22.79 -17.27 1.00
CA GLU E 70 23.01 -16.43 -0.17
C GLU E 70 21.68 -16.00 -0.76
N MET E 71 20.78 -16.93 -0.94
CA MET E 71 19.48 -16.58 -1.46
C MET E 71 18.73 -15.71 -0.45
N MET E 72 18.33 -16.32 0.67
CA MET E 72 17.60 -15.65 1.77
C MET E 72 18.08 -14.23 2.00
N THR E 73 19.33 -14.09 2.39
CA THR E 73 19.83 -12.77 2.69
C THR E 73 19.60 -11.82 1.53
N ALA E 74 20.02 -12.23 0.32
CA ALA E 74 19.88 -11.36 -0.87
C ALA E 74 18.44 -10.97 -1.16
N CYS E 75 17.54 -11.93 -1.08
CA CYS E 75 16.13 -11.70 -1.36
C CYS E 75 15.50 -10.76 -0.35
N GLN E 76 16.09 -10.58 0.83
CA GLN E 76 15.49 -9.67 1.81
C GLN E 76 15.37 -8.28 1.19
N GLY E 77 16.27 -7.97 0.22
CA GLY E 77 16.27 -6.65 -0.47
C GLY E 77 14.99 -6.44 -1.31
N VAL E 78 14.17 -7.47 -1.45
CA VAL E 78 12.90 -7.36 -2.22
C VAL E 78 12.05 -6.52 -1.32
N GLY E 79 11.42 -5.44 -1.84
CA GLY E 79 10.92 -4.52 -0.82
C GLY E 79 10.83 -3.10 -1.34
N GLY E 80 9.99 -2.21 -0.82
CA GLY E 80 9.91 -1.02 -1.62
C GLY E 80 11.17 -0.15 -1.76
N PRO E 81 11.79 0.25 -0.74
CA PRO E 81 13.03 1.08 -0.87
C PRO E 81 14.22 0.24 -1.30
N GLY E 82 14.15 -1.06 -1.05
CA GLY E 82 15.27 -1.91 -1.36
C GLY E 82 15.44 -2.21 -2.84
N HIS E 83 14.49 -2.92 -3.44
CA HIS E 83 14.64 -3.32 -4.83
C HIS E 83 13.98 -2.27 -5.77
N LYS E 84 12.65 -2.00 -5.53
CA LYS E 84 11.92 -1.05 -6.36
C LYS E 84 12.70 0.24 -6.53
N ALA E 85 13.40 0.72 -5.52
CA ALA E 85 14.14 1.96 -5.71
C ALA E 85 15.17 1.86 -6.83
N ARG E 86 16.03 0.84 -6.80
CA ARG E 86 17.08 0.68 -7.82
C ARG E 86 16.52 0.47 -9.23
N VAL E 87 15.55 -0.45 -9.37
CA VAL E 87 14.96 -0.74 -10.70
C VAL E 87 14.05 0.35 -11.25
N LEU E 88 13.20 0.93 -10.37
CA LEU E 88 12.23 1.95 -10.80
C LEU E 88 12.93 2.98 -11.65
N ALA E 89 14.08 3.40 -11.19
CA ALA E 89 14.92 4.35 -11.94
C ALA E 89 15.44 3.74 -13.25
N GLU E 90 15.86 2.47 -13.22
CA GLU E 90 16.45 1.80 -14.41
C GLU E 90 15.47 1.62 -15.56
N ALA E 91 14.27 1.18 -15.25
CA ALA E 91 13.27 0.93 -16.28
C ALA E 91 12.97 2.22 -17.01
N MET E 92 13.01 3.30 -16.26
CA MET E 92 12.76 4.61 -16.82
C MET E 92 13.89 4.97 -17.76
N SER E 93 15.10 4.39 -17.52
CA SER E 93 16.26 4.76 -18.36
C SER E 93 16.52 3.80 -19.51
N GLN E 94 15.86 2.66 -19.52
CA GLN E 94 16.02 1.72 -20.62
C GLN E 94 15.15 2.15 -21.78
N VAL E 95 14.04 2.79 -21.46
CA VAL E 95 13.15 3.30 -22.48
C VAL E 95 13.66 4.64 -23.10
N THR E 96 14.60 5.29 -22.41
CA THR E 96 15.31 6.55 -22.78
C THR E 96 16.14 6.53 -24.10
N ASN E 97 15.75 5.72 -25.13
CA ASN E 97 16.54 5.35 -26.34
C ASN E 97 17.77 6.21 -26.76
N THR E 98 17.80 7.51 -26.62
CA THR E 98 19.03 8.20 -26.99
C THR E 98 20.23 7.68 -26.14
N ALA E 99 19.95 7.30 -24.89
CA ALA E 99 20.96 6.78 -23.95
C ALA E 99 20.55 5.42 -23.35
N THR E 100 19.73 4.65 -24.08
CA THR E 100 19.21 3.37 -23.58
C THR E 100 20.26 2.28 -23.45
N ILE E 101 20.03 1.45 -22.44
CA ILE E 101 20.87 0.34 -22.12
C ILE E 101 20.58 -0.85 -23.05
N MET E 102 21.60 -1.32 -23.77
CA MET E 102 21.43 -2.46 -24.68
C MET E 102 21.86 -3.74 -23.98
N GLY F 1 -20.02 -22.66 -19.26
CA GLY F 1 -21.25 -23.22 -18.63
C GLY F 1 -21.87 -22.20 -17.77
N GLY F 2 -21.08 -21.62 -16.91
CA GLY F 2 -21.57 -20.60 -16.06
C GLY F 2 -22.34 -21.17 -14.87
N SER F 3 -21.67 -21.92 -14.00
CA SER F 3 -22.33 -22.46 -12.82
C SER F 3 -22.35 -21.36 -11.74
N PRO F 4 -23.34 -21.32 -10.86
CA PRO F 4 -23.46 -20.23 -9.83
C PRO F 4 -22.17 -19.87 -9.10
N THR F 5 -21.85 -18.56 -9.10
CA THR F 5 -20.65 -17.97 -8.43
C THR F 5 -19.32 -18.60 -8.79
N SER F 6 -19.29 -19.50 -9.77
CA SER F 6 -18.06 -20.20 -10.06
C SER F 6 -17.22 -19.64 -11.23
N ILE F 7 -17.86 -19.46 -12.39
CA ILE F 7 -17.26 -18.91 -13.65
C ILE F 7 -18.01 -17.71 -14.29
N LEU F 8 -19.22 -17.58 -13.89
CA LEU F 8 -20.10 -16.55 -14.39
C LEU F 8 -19.50 -15.23 -14.11
N ASP F 9 -18.90 -15.10 -12.90
CA ASP F 9 -18.22 -13.93 -12.69
C ASP F 9 -17.03 -14.08 -11.83
N ILE F 10 -16.31 -15.26 -11.75
CA ILE F 10 -15.30 -15.14 -10.74
C ILE F 10 -14.27 -14.12 -11.23
N ARG F 11 -14.14 -12.96 -10.45
CA ARG F 11 -13.22 -11.85 -10.86
C ARG F 11 -12.13 -11.50 -9.84
N GLN F 12 -11.06 -10.86 -10.38
CA GLN F 12 -9.85 -10.45 -9.60
C GLN F 12 -9.80 -8.93 -9.28
N GLY F 13 -8.90 -8.60 -8.31
CA GLY F 13 -8.67 -7.22 -7.80
C GLY F 13 -7.35 -6.65 -8.32
N PRO F 14 -7.17 -5.33 -8.38
CA PRO F 14 -5.91 -4.77 -8.97
C PRO F 14 -4.69 -5.18 -8.12
N LYS F 15 -4.84 -5.10 -6.82
CA LYS F 15 -3.77 -5.52 -5.94
C LYS F 15 -3.91 -6.98 -5.57
N GLU F 16 -5.00 -7.65 -5.98
CA GLU F 16 -5.20 -9.04 -5.61
C GLU F 16 -4.40 -9.92 -6.59
N PRO F 17 -3.33 -10.58 -6.21
CA PRO F 17 -2.53 -11.38 -7.17
C PRO F 17 -3.18 -12.67 -7.55
N PHE F 18 -2.67 -13.19 -8.61
CA PHE F 18 -3.12 -14.45 -9.15
C PHE F 18 -3.24 -15.55 -8.05
N ARG F 19 -2.64 -15.41 -6.87
CA ARG F 19 -2.83 -16.45 -5.82
C ARG F 19 -4.11 -16.24 -5.00
N ASP F 20 -4.37 -15.00 -4.67
CA ASP F 20 -5.54 -14.64 -3.92
C ASP F 20 -6.87 -14.80 -4.68
N TYR F 21 -6.91 -14.44 -5.98
CA TYR F 21 -8.14 -14.56 -6.81
C TYR F 21 -8.29 -15.92 -7.48
N VAL F 22 -7.23 -16.42 -8.10
CA VAL F 22 -7.35 -17.66 -8.85
C VAL F 22 -7.71 -18.79 -7.97
N ASP F 23 -7.05 -18.85 -6.80
CA ASP F 23 -7.28 -19.96 -5.89
C ASP F 23 -8.77 -20.06 -5.66
N ARG F 24 -9.42 -18.89 -5.65
CA ARG F 24 -10.85 -18.85 -5.53
C ARG F 24 -11.45 -19.56 -6.72
N PHE F 25 -11.10 -19.08 -7.94
CA PHE F 25 -11.61 -19.64 -9.19
C PHE F 25 -11.64 -21.16 -9.14
N TYR F 26 -10.60 -21.76 -8.58
CA TYR F 26 -10.57 -23.21 -8.43
C TYR F 26 -11.47 -23.71 -7.29
N LYS F 27 -11.30 -23.11 -6.12
CA LYS F 27 -12.04 -23.52 -4.94
C LYS F 27 -13.55 -23.52 -5.20
N THR F 28 -14.09 -22.44 -5.75
CA THR F 28 -15.53 -22.43 -6.03
C THR F 28 -15.94 -23.44 -7.12
N LEU F 29 -15.00 -23.91 -7.97
CA LEU F 29 -15.40 -24.85 -9.07
C LEU F 29 -15.68 -26.25 -8.51
N ARG F 30 -15.12 -26.59 -7.36
CA ARG F 30 -15.39 -27.92 -6.76
C ARG F 30 -16.83 -28.03 -6.29
N ALA F 31 -17.35 -26.91 -5.80
CA ALA F 31 -18.72 -26.85 -5.26
C ALA F 31 -19.76 -26.37 -6.26
N GLU F 32 -19.33 -25.92 -7.42
CA GLU F 32 -20.30 -25.51 -8.40
C GLU F 32 -21.04 -26.73 -8.89
N GLN F 33 -22.17 -26.52 -9.57
CA GLN F 33 -22.89 -27.65 -10.16
C GLN F 33 -22.65 -27.78 -11.69
N ALA F 34 -21.40 -28.08 -12.08
CA ALA F 34 -21.09 -28.29 -13.51
C ALA F 34 -20.62 -29.75 -13.76
N SER F 35 -20.93 -30.25 -14.96
CA SER F 35 -20.53 -31.60 -15.34
C SER F 35 -19.00 -31.64 -15.44
N GLN F 36 -18.39 -32.81 -15.17
CA GLN F 36 -16.94 -32.89 -15.16
C GLN F 36 -16.38 -32.31 -16.47
N GLU F 37 -17.13 -32.47 -17.57
CA GLU F 37 -16.72 -31.91 -18.86
C GLU F 37 -16.87 -30.39 -18.86
N VAL F 38 -17.93 -29.90 -18.23
CA VAL F 38 -18.16 -28.47 -18.20
C VAL F 38 -17.03 -27.77 -17.53
N LYS F 39 -16.67 -28.17 -16.33
CA LYS F 39 -15.59 -27.51 -15.63
C LYS F 39 -14.34 -27.49 -16.51
N ASN F 40 -14.03 -28.61 -17.15
CA ASN F 40 -12.85 -28.62 -17.99
C ASN F 40 -12.99 -27.49 -19.06
N TRP F 41 -14.24 -27.25 -19.46
CA TRP F 41 -14.56 -26.26 -20.44
C TRP F 41 -14.54 -24.84 -19.81
N MET F 42 -14.98 -24.69 -18.51
CA MET F 42 -15.05 -23.36 -17.81
C MET F 42 -13.69 -22.88 -17.28
N THR F 43 -12.84 -23.81 -16.84
CA THR F 43 -11.53 -23.47 -16.29
C THR F 43 -10.62 -22.75 -17.30
N GLU F 44 -10.80 -23.03 -18.58
CA GLU F 44 -9.94 -22.41 -19.59
C GLU F 44 -10.45 -21.05 -20.05
N THR F 45 -11.71 -21.02 -20.46
CA THR F 45 -12.33 -19.81 -21.02
C THR F 45 -12.42 -18.63 -20.02
N LEU F 46 -13.17 -18.83 -18.97
CA LEU F 46 -13.33 -17.77 -17.97
C LEU F 46 -12.06 -17.45 -17.18
N LEU F 47 -11.17 -18.40 -16.90
CA LEU F 47 -10.00 -18.02 -16.11
C LEU F 47 -9.23 -16.87 -16.78
N VAL F 48 -9.06 -16.92 -18.09
CA VAL F 48 -8.30 -15.89 -18.78
C VAL F 48 -8.97 -14.51 -18.85
N GLN F 49 -10.27 -14.44 -19.12
CA GLN F 49 -10.87 -13.13 -19.37
C GLN F 49 -11.22 -12.27 -18.18
N ASN F 50 -11.95 -12.82 -17.23
CA ASN F 50 -12.41 -12.03 -16.11
C ASN F 50 -11.37 -11.90 -15.00
N ALA F 51 -10.08 -11.92 -15.35
CA ALA F 51 -9.05 -11.90 -14.31
C ALA F 51 -7.96 -10.83 -14.41
N ASN F 52 -8.09 -9.72 -13.64
CA ASN F 52 -6.98 -8.75 -13.50
C ASN F 52 -6.26 -8.38 -14.82
N PRO F 53 -6.63 -7.34 -15.52
CA PRO F 53 -6.00 -7.02 -16.84
C PRO F 53 -4.48 -7.20 -16.93
N ASP F 54 -3.73 -7.09 -15.83
CA ASP F 54 -2.29 -7.27 -15.99
C ASP F 54 -2.01 -8.66 -16.42
N CYS F 55 -2.59 -9.62 -15.71
CA CYS F 55 -2.24 -10.98 -16.02
C CYS F 55 -2.79 -11.35 -17.34
N LYS F 56 -3.93 -10.73 -17.71
CA LYS F 56 -4.59 -11.06 -18.97
C LYS F 56 -3.65 -10.81 -20.16
N THR F 57 -2.97 -9.67 -20.18
CA THR F 57 -2.02 -9.45 -21.26
C THR F 57 -0.96 -10.58 -21.25
N ILE F 58 -0.83 -11.31 -20.10
CA ILE F 58 0.09 -12.46 -20.03
C ILE F 58 -0.62 -13.80 -20.51
N LEU F 59 -1.80 -14.10 -19.99
CA LEU F 59 -2.50 -15.32 -20.40
C LEU F 59 -2.73 -15.29 -21.91
N LYS F 60 -3.03 -14.12 -22.46
CA LYS F 60 -3.19 -13.98 -23.95
C LYS F 60 -1.84 -14.08 -24.71
N ALA F 61 -0.84 -13.32 -24.22
CA ALA F 61 0.52 -13.26 -24.81
C ALA F 61 1.26 -14.61 -24.82
N LEU F 62 1.18 -15.36 -23.73
CA LEU F 62 1.83 -16.66 -23.70
C LEU F 62 1.22 -17.43 -24.85
N GLY F 63 -0.09 -17.24 -25.03
CA GLY F 63 -0.79 -17.82 -26.14
C GLY F 63 -1.71 -18.96 -25.71
N PRO F 64 -2.82 -19.19 -26.39
CA PRO F 64 -3.72 -20.34 -26.05
C PRO F 64 -2.98 -21.67 -26.18
N GLY F 65 -3.54 -22.70 -25.61
CA GLY F 65 -2.89 -24.01 -25.64
C GLY F 65 -1.91 -24.14 -24.47
N ALA F 66 -1.57 -23.02 -23.82
CA ALA F 66 -0.69 -23.08 -22.70
C ALA F 66 -1.49 -23.44 -21.48
N THR F 67 -0.89 -24.24 -20.62
CA THR F 67 -1.53 -24.65 -19.40
C THR F 67 -1.40 -23.58 -18.33
N LEU F 68 -2.04 -23.82 -17.23
CA LEU F 68 -1.96 -22.92 -16.14
C LEU F 68 -0.48 -22.85 -15.72
N GLU F 69 0.28 -23.92 -15.99
CA GLU F 69 1.65 -23.95 -15.56
C GLU F 69 2.36 -22.75 -16.15
N GLU F 70 2.16 -22.52 -17.46
CA GLU F 70 2.81 -21.41 -18.11
C GLU F 70 2.12 -20.09 -17.78
N MET F 71 0.80 -20.11 -17.59
CA MET F 71 0.08 -18.88 -17.23
C MET F 71 0.38 -18.45 -15.77
N MET F 72 -0.07 -19.24 -14.82
CA MET F 72 0.08 -18.91 -13.39
C MET F 72 1.52 -18.61 -12.91
N THR F 73 2.53 -19.36 -13.41
CA THR F 73 3.91 -19.14 -13.00
C THR F 73 4.38 -17.79 -13.48
N ALA F 74 4.10 -17.55 -14.73
CA ALA F 74 4.51 -16.32 -15.34
C ALA F 74 3.82 -15.14 -14.67
N CYS F 75 2.51 -15.28 -14.43
CA CYS F 75 1.77 -14.15 -13.92
C CYS F 75 2.23 -13.75 -12.54
N GLN F 76 3.11 -14.54 -11.91
CA GLN F 76 3.54 -14.17 -10.59
C GLN F 76 4.30 -12.84 -10.62
N GLY F 77 4.63 -12.32 -11.82
CA GLY F 77 5.37 -11.04 -11.91
C GLY F 77 4.44 -9.81 -12.10
N VAL F 78 3.12 -10.01 -11.86
CA VAL F 78 2.08 -8.93 -11.97
C VAL F 78 2.23 -8.12 -10.72
N GLY F 79 1.84 -6.76 -10.61
CA GLY F 79 2.15 -6.14 -9.29
C GLY F 79 3.04 -4.93 -9.36
N GLY F 80 3.16 -4.11 -8.34
CA GLY F 80 3.96 -2.98 -8.64
C GLY F 80 5.46 -3.25 -8.98
N PRO F 81 6.21 -3.98 -8.15
CA PRO F 81 7.65 -4.26 -8.44
C PRO F 81 7.92 -5.08 -9.70
N GLY F 82 7.06 -6.04 -10.00
CA GLY F 82 7.31 -6.90 -11.15
C GLY F 82 6.87 -6.34 -12.50
N HIS F 83 5.56 -6.17 -12.71
CA HIS F 83 5.04 -5.71 -14.03
C HIS F 83 4.89 -4.18 -14.15
N LYS F 84 4.17 -3.60 -13.19
CA LYS F 84 3.86 -2.15 -13.18
C LYS F 84 5.09 -1.26 -13.23
N ALA F 85 6.22 -1.80 -12.84
CA ALA F 85 7.45 -1.04 -12.88
C ALA F 85 7.85 -0.81 -14.35
N ARG F 86 7.71 -1.88 -15.13
CA ARG F 86 8.04 -1.87 -16.56
C ARG F 86 7.09 -1.00 -17.40
N VAL F 87 5.78 -1.07 -17.08
CA VAL F 87 4.79 -0.29 -17.85
C VAL F 87 4.99 1.15 -17.45
N LEU F 88 5.15 1.37 -16.15
CA LEU F 88 5.35 2.72 -15.64
C LEU F 88 6.55 3.32 -16.38
N ALA F 89 7.47 2.47 -16.80
CA ALA F 89 8.59 2.94 -17.55
C ALA F 89 8.17 3.24 -18.98
N GLU F 90 7.61 2.25 -19.66
CA GLU F 90 7.20 2.42 -21.05
C GLU F 90 6.15 3.47 -21.21
N ALA F 91 4.95 3.22 -20.69
CA ALA F 91 3.84 4.14 -20.83
C ALA F 91 4.23 5.60 -20.57
N MET F 92 5.07 5.81 -19.57
CA MET F 92 5.50 7.17 -19.26
C MET F 92 6.40 7.78 -20.33
N SER F 93 7.30 6.98 -20.90
CA SER F 93 8.21 7.50 -21.93
C SER F 93 7.71 7.23 -23.37
N GLN F 94 6.64 6.47 -23.51
CA GLN F 94 6.08 6.13 -24.80
C GLN F 94 5.40 7.30 -25.43
N VAL F 95 4.49 7.83 -24.69
CA VAL F 95 3.69 8.92 -25.14
C VAL F 95 4.38 10.25 -24.92
N THR F 96 5.52 10.29 -24.22
CA THR F 96 6.07 11.60 -23.88
C THR F 96 6.22 12.53 -25.07
N ASN F 97 7.22 12.33 -25.97
CA ASN F 97 7.31 13.23 -27.15
C ASN F 97 7.00 12.63 -28.53
N THR F 98 7.96 11.84 -29.01
CA THR F 98 7.89 11.19 -30.32
C THR F 98 7.91 9.67 -30.26
N ALA F 99 8.20 9.12 -29.07
CA ALA F 99 8.33 7.67 -28.91
C ALA F 99 6.99 6.94 -28.83
N THR F 100 5.89 7.58 -29.25
CA THR F 100 4.58 6.96 -29.18
C THR F 100 4.47 5.79 -30.13
N ILE F 101 3.98 4.68 -29.59
CA ILE F 101 3.82 3.49 -30.38
C ILE F 101 2.48 3.54 -31.10
N MET F 102 2.53 3.26 -32.40
CA MET F 102 1.33 3.28 -33.22
C MET F 102 0.79 1.88 -33.42
C1 A1CCY G . 5.29 7.75 -2.22
C2 A1CCY G . 6.08 6.76 -2.72
C3 A1CCY G . 6.24 5.60 -1.96
C4 A1CCY G . 5.63 5.46 -0.73
C5 A1CCY G . 4.78 6.45 -0.25
C6 A1CCY G . 4.60 7.61 -0.96
C7 A1CCY G . 3.79 8.85 -0.59
C9 A1CCY G . 4.84 9.04 -2.78
N10 A1CCY G . 3.15 10.79 -2.12
C13 A1CCY G . 1.56 10.34 -4.01
C15 A1CCY G . 2.21 10.18 -6.38
C16 A1CCY G . 1.22 9.30 -6.67
C17 A1CCY G . 0.36 8.89 -5.61
C18 A1CCY G . 0.53 9.33 -4.31
C19 A1CCY G . 0.89 8.70 -8.03
C20 A1CCY G . 0.75 7.19 -7.91
C21 A1CCY G . 1.89 9.04 -9.16
C22 A1CCY G . -0.50 9.20 -8.40
C24 A1CCY G . -0.67 12.23 -1.13
C25 A1CCY G . -2.11 12.06 -1.05
C26 A1CCY G . -2.90 12.43 -2.08
C27 A1CCY G . -2.33 12.87 -3.21
C28 A1CCY G . -0.97 12.90 -3.34
C30 A1CCY G . -2.66 11.32 0.13
C11 A1CCY G . 1.76 10.96 -2.55
C14 A1CCY G . 2.45 10.66 -5.09
C12 A1CCY G . 1.39 12.44 -2.43
N23 A1CCY G . -0.13 12.70 -2.30
O29 A1CCY G . 0.12 12.04 -0.17
F31 A1CCY G . -2.05 10.23 0.38
F32 A1CCY G . -2.62 12.14 1.22
F33 A1CCY G . -3.92 10.96 -0.03
C8 A1CCY G . 3.58 9.34 -2.02
H2 A1CCY G . 6.61 7.01 -3.63
H3 A1CCY G . 6.94 4.81 -2.21
H4 A1CCY G . 5.79 4.53 -0.18
H5 A1CCY G . 4.18 6.37 0.65
H7B A1CCY G . 2.84 8.70 -0.07
H7A A1CCY G . 4.31 9.63 -0.02
H9A A1CCY G . 4.70 8.95 -3.86
H9B A1CCY G . 5.59 9.80 -2.51
H1 A1CCY G . 3.38 11.20 -1.21
H15 A1CCY G . 2.93 10.51 -7.12
H17 A1CCY G . -0.43 8.16 -5.67
H18 A1CCY G . -0.20 9.06 -3.56
H20B A1CCY G . 1.73 6.77 -7.60
H20C A1CCY G . 0.37 6.77 -8.87
H20A A1CCY G . 0.09 6.86 -7.09
H21C A1CCY G . 2.87 8.60 -8.93
H21A A1CCY G . 1.90 10.12 -9.42
H21B A1CCY G . 1.65 8.47 -10.08
H22B A1CCY G . -0.36 10.20 -8.87
H22C A1CCY G . -1.23 9.20 -7.56
H22A A1CCY G . -0.90 8.62 -9.24
H26 A1CCY G . -3.93 12.09 -2.15
H27 A1CCY G . -2.92 12.89 -4.12
H28 A1CCY G . -0.43 13.05 -4.27
H11 A1CCY G . 1.08 10.29 -1.98
H14 A1CCY G . 3.31 11.29 -4.94
H12B A1CCY G . 1.57 13.08 -3.32
H12A A1CCY G . 1.85 12.98 -1.57
H8 A1CCY G . 2.81 8.61 -2.35
C1 IHP H . -2.41 3.40 -2.52
C2 IHP H . -2.96 3.69 -1.08
C3 IHP H . -1.86 3.44 -0.04
C4 IHP H . -0.72 4.36 -0.32
C5 IHP H . -0.13 3.76 -1.64
C6 IHP H . -1.16 4.21 -2.82
O11 IHP H . -3.45 3.62 -3.53
P1 IHP H . -4.27 2.34 -4.11
O21 IHP H . -3.89 1.18 -3.25
O31 IHP H . -5.80 2.71 -4.14
O41 IHP H . -3.74 2.19 -5.49
O12 IHP H . -3.39 5.12 -0.99
P2 IHP H . -4.82 5.51 -0.50
O22 IHP H . -5.78 4.30 -0.49
O32 IHP H . -5.32 6.58 -1.40
O42 IHP H . -4.71 6.01 0.87
O13 IHP H . -2.37 3.62 1.21
P3 IHP H . -2.15 2.60 2.37
O23 IHP H . -3.47 1.91 2.64
O33 IHP H . -0.98 1.69 2.03
O43 IHP H . -1.84 3.54 3.53
O14 IHP H . 0.20 4.32 0.75
P4 IHP H . 1.00 5.57 1.40
O24 IHP H . 1.99 6.02 0.36
O34 IHP H . 0.16 6.70 1.91
O44 IHP H . 1.77 5.01 2.60
O15 IHP H . 1.24 4.14 -1.85
P5 IHP H . 2.45 3.09 -1.74
O25 IHP H . 3.63 3.97 -2.18
O35 IHP H . 2.14 1.91 -2.62
O45 IHP H . 2.53 2.60 -0.33
O16 IHP H . -0.59 3.80 -4.12
P6 IHP H . -0.16 4.71 -5.27
O26 IHP H . 0.85 5.76 -4.82
O36 IHP H . 0.58 3.71 -6.15
O46 IHP H . -1.32 5.39 -5.91
H1 IHP H . -1.95 2.39 -2.48
H2 IHP H . -3.70 2.90 -0.82
H3 IHP H . -1.53 2.40 -0.22
H4 IHP H . -1.14 5.37 -0.54
H5 IHP H . -0.26 2.65 -1.68
H6 IHP H . -1.35 5.30 -2.72
N GLY A 1 -32.83 8.55 -4.58
CA GLY A 1 -33.73 7.42 -4.17
C GLY A 1 -34.25 7.77 -2.84
N GLY A 2 -33.32 8.06 -2.01
CA GLY A 2 -33.61 8.51 -0.72
C GLY A 2 -34.04 7.40 0.26
N SER A 3 -33.88 6.12 -0.13
CA SER A 3 -34.27 5.03 0.77
C SER A 3 -33.19 4.86 1.84
N PRO A 4 -33.52 4.60 3.10
CA PRO A 4 -32.52 4.53 4.22
C PRO A 4 -31.30 3.66 3.99
N THR A 5 -30.15 4.28 4.33
CA THR A 5 -28.78 3.73 4.27
C THR A 5 -28.26 3.32 2.91
N SER A 6 -29.00 2.52 2.25
CA SER A 6 -28.62 1.89 1.06
C SER A 6 -28.33 2.75 -0.16
N ILE A 7 -29.16 3.67 -0.48
CA ILE A 7 -29.02 4.48 -1.71
C ILE A 7 -28.87 5.94 -1.52
N LEU A 8 -29.04 6.38 -0.32
CA LEU A 8 -28.82 7.74 -0.05
C LEU A 8 -27.39 8.07 -0.10
N ASP A 9 -26.52 7.26 0.56
CA ASP A 9 -25.15 7.57 0.42
C ASP A 9 -24.28 6.42 0.05
N ILE A 10 -24.77 5.27 -0.51
CA ILE A 10 -23.74 4.28 -0.56
C ILE A 10 -22.65 4.68 -1.56
N ARG A 11 -21.42 4.70 -1.09
CA ARG A 11 -20.31 5.12 -1.92
C ARG A 11 -19.14 4.14 -1.92
N GLN A 12 -18.35 4.17 -3.03
CA GLN A 12 -17.18 3.29 -3.20
C GLN A 12 -15.88 4.00 -2.78
N GLY A 13 -15.11 3.31 -1.93
CA GLY A 13 -13.88 3.88 -1.46
C GLY A 13 -12.98 4.20 -2.62
N PRO A 14 -12.05 5.13 -2.48
CA PRO A 14 -11.14 5.50 -3.63
C PRO A 14 -10.23 4.35 -4.05
N LYS A 15 -9.63 3.71 -3.05
CA LYS A 15 -8.81 2.56 -3.32
C LYS A 15 -9.70 1.31 -3.38
N GLU A 16 -10.90 1.40 -2.78
CA GLU A 16 -11.82 0.29 -2.74
C GLU A 16 -12.28 -0.08 -4.16
N PRO A 17 -12.16 -1.35 -4.60
CA PRO A 17 -12.59 -1.76 -5.98
C PRO A 17 -14.09 -1.94 -6.13
N PHE A 18 -14.46 -1.99 -7.38
CA PHE A 18 -15.82 -2.13 -7.79
C PHE A 18 -16.46 -3.35 -7.09
N ARG A 19 -15.75 -4.45 -6.99
CA ARG A 19 -16.34 -5.62 -6.32
C ARG A 19 -16.81 -5.33 -4.88
N ASP A 20 -15.96 -4.71 -4.07
CA ASP A 20 -16.35 -4.44 -2.69
C ASP A 20 -17.56 -3.53 -2.58
N TYR A 21 -17.55 -2.40 -3.30
CA TYR A 21 -18.65 -1.47 -3.23
C TYR A 21 -19.92 -2.01 -3.87
N VAL A 22 -19.78 -2.73 -4.95
CA VAL A 22 -20.95 -3.29 -5.59
C VAL A 22 -21.68 -4.16 -4.55
N ASP A 23 -20.93 -4.98 -3.80
CA ASP A 23 -21.55 -5.81 -2.77
C ASP A 23 -22.20 -4.94 -1.69
N ARG A 24 -21.63 -3.77 -1.48
CA ARG A 24 -22.18 -2.87 -0.49
C ARG A 24 -23.46 -2.29 -0.98
N PHE A 25 -23.52 -2.04 -2.26
CA PHE A 25 -24.70 -1.48 -2.86
C PHE A 25 -25.77 -2.55 -3.04
N TYR A 26 -25.34 -3.81 -3.23
CA TYR A 26 -26.28 -4.89 -3.40
C TYR A 26 -26.85 -5.43 -2.07
N LYS A 27 -25.98 -5.67 -1.10
CA LYS A 27 -26.41 -6.20 0.19
C LYS A 27 -27.14 -5.14 0.99
N THR A 28 -26.84 -3.89 0.76
CA THR A 28 -27.54 -2.90 1.49
C THR A 28 -28.95 -2.75 0.95
N LEU A 29 -29.16 -3.01 -0.35
CA LEU A 29 -30.54 -2.92 -0.88
C LEU A 29 -31.50 -3.89 -0.19
N ARG A 30 -31.08 -5.11 0.12
CA ARG A 30 -32.01 -6.09 0.75
C ARG A 30 -32.56 -5.60 2.09
N ALA A 31 -31.80 -4.76 2.75
CA ALA A 31 -32.15 -4.26 4.11
C ALA A 31 -33.12 -3.10 4.10
N GLU A 32 -33.30 -2.47 2.97
CA GLU A 32 -34.22 -1.34 2.95
C GLU A 32 -35.61 -1.86 2.63
N GLN A 33 -36.62 -1.03 2.90
CA GLN A 33 -38.01 -1.39 2.64
C GLN A 33 -38.50 -0.78 1.33
N ALA A 34 -37.89 -1.23 0.23
CA ALA A 34 -38.26 -0.76 -1.09
C ALA A 34 -39.02 -1.85 -1.87
N SER A 35 -39.89 -1.42 -2.75
CA SER A 35 -40.64 -2.36 -3.55
C SER A 35 -39.68 -2.96 -4.54
N GLN A 36 -40.08 -4.07 -5.21
CA GLN A 36 -39.19 -4.74 -6.20
C GLN A 36 -38.78 -3.76 -7.32
N GLU A 37 -39.70 -2.91 -7.74
CA GLU A 37 -39.38 -1.96 -8.80
C GLU A 37 -38.40 -0.91 -8.29
N VAL A 38 -38.56 -0.55 -7.04
CA VAL A 38 -37.75 0.50 -6.46
C VAL A 38 -36.28 0.14 -6.44
N LYS A 39 -35.99 -1.09 -6.03
CA LYS A 39 -34.62 -1.58 -5.97
C LYS A 39 -34.01 -1.65 -7.36
N ASN A 40 -34.84 -1.98 -8.36
CA ASN A 40 -34.37 -2.02 -9.74
C ASN A 40 -33.91 -0.63 -10.22
N TRP A 41 -34.74 0.40 -9.93
CA TRP A 41 -34.44 1.79 -10.30
C TRP A 41 -33.12 2.26 -9.64
N MET A 42 -32.93 1.82 -8.41
CA MET A 42 -31.74 2.16 -7.59
C MET A 42 -30.42 1.70 -8.19
N THR A 43 -30.38 0.46 -8.69
CA THR A 43 -29.12 -0.05 -9.17
C THR A 43 -28.54 0.78 -10.29
N GLU A 44 -29.41 1.44 -11.01
CA GLU A 44 -28.99 2.21 -12.15
C GLU A 44 -28.60 3.62 -11.78
N THR A 45 -29.53 4.35 -11.21
CA THR A 45 -29.28 5.73 -10.88
C THR A 45 -28.12 5.93 -9.89
N LEU A 46 -28.12 5.18 -8.75
CA LEU A 46 -27.09 5.35 -7.69
C LEU A 46 -25.78 4.54 -7.90
N LEU A 47 -25.81 3.46 -8.66
CA LEU A 47 -24.57 2.72 -8.78
C LEU A 47 -23.52 3.50 -9.58
N VAL A 48 -23.93 4.15 -10.64
CA VAL A 48 -22.98 4.84 -11.43
C VAL A 48 -22.59 6.17 -10.82
N GLN A 49 -23.59 6.92 -10.39
CA GLN A 49 -23.33 8.26 -9.88
C GLN A 49 -22.48 8.32 -8.62
N ASN A 50 -22.73 7.46 -7.64
CA ASN A 50 -22.01 7.58 -6.34
C ASN A 50 -20.90 6.54 -6.13
N ALA A 51 -20.27 6.05 -7.21
CA ALA A 51 -19.29 4.96 -7.07
C ALA A 51 -17.85 5.20 -7.56
N ASN A 52 -16.93 5.62 -6.68
CA ASN A 52 -15.49 5.68 -7.08
C ASN A 52 -15.17 6.34 -8.42
N PRO A 53 -14.88 7.62 -8.50
CA PRO A 53 -14.64 8.26 -9.80
C PRO A 53 -13.73 7.46 -10.78
N ASP A 54 -12.91 6.48 -10.30
CA ASP A 54 -12.05 5.73 -11.25
C ASP A 54 -12.91 4.89 -12.12
N CYS A 55 -13.89 4.25 -11.50
CA CYS A 55 -14.77 3.42 -12.26
C CYS A 55 -15.87 4.22 -12.79
N LYS A 56 -16.25 5.25 -12.10
CA LYS A 56 -17.35 6.07 -12.60
C LYS A 56 -17.00 6.62 -13.98
N THR A 57 -15.73 6.99 -14.16
CA THR A 57 -15.29 7.50 -15.48
C THR A 57 -15.33 6.35 -16.49
N ILE A 58 -15.31 5.07 -16.00
CA ILE A 58 -15.44 3.88 -16.86
C ILE A 58 -16.91 3.58 -17.16
N LEU A 59 -17.79 3.75 -16.16
CA LEU A 59 -19.21 3.44 -16.32
C LEU A 59 -19.84 4.32 -17.36
N LYS A 60 -19.39 5.59 -17.48
CA LYS A 60 -19.99 6.42 -18.53
C LYS A 60 -19.35 5.99 -19.86
N ALA A 61 -18.09 5.57 -19.81
CA ALA A 61 -17.37 5.19 -21.01
C ALA A 61 -17.98 3.99 -21.67
N LEU A 62 -18.21 2.93 -20.88
CA LEU A 62 -18.83 1.69 -21.42
C LEU A 62 -20.13 2.07 -22.02
N GLY A 63 -20.77 3.10 -21.46
CA GLY A 63 -21.97 3.62 -22.04
C GLY A 63 -23.16 3.23 -21.21
N PRO A 64 -24.19 4.05 -21.14
CA PRO A 64 -25.42 3.68 -20.41
C PRO A 64 -26.11 2.51 -21.07
N GLY A 65 -26.75 1.68 -20.26
CA GLY A 65 -27.46 0.51 -20.75
C GLY A 65 -26.59 -0.73 -20.67
N ALA A 66 -25.26 -0.54 -20.49
CA ALA A 66 -24.40 -1.70 -20.44
C ALA A 66 -24.77 -2.49 -19.23
N THR A 67 -24.86 -3.84 -19.40
CA THR A 67 -25.20 -4.69 -18.27
C THR A 67 -24.12 -4.58 -17.21
N LEU A 68 -24.50 -4.87 -15.99
CA LEU A 68 -23.54 -4.78 -14.89
C LEU A 68 -22.43 -5.73 -15.10
N GLU A 69 -22.66 -6.83 -15.82
CA GLU A 69 -21.61 -7.81 -15.99
C GLU A 69 -20.44 -7.08 -16.66
N GLU A 70 -20.78 -6.26 -17.64
CA GLU A 70 -19.78 -5.50 -18.35
C GLU A 70 -19.20 -4.37 -17.49
N MET A 71 -20.05 -3.68 -16.71
CA MET A 71 -19.52 -2.56 -15.90
C MET A 71 -18.51 -3.11 -14.94
N MET A 72 -18.92 -4.22 -14.34
CA MET A 72 -18.10 -4.95 -13.39
C MET A 72 -16.81 -5.42 -14.00
N THR A 73 -16.86 -6.15 -15.10
CA THR A 73 -15.61 -6.69 -15.66
C THR A 73 -14.55 -5.62 -15.85
N ALA A 74 -14.96 -4.53 -16.53
CA ALA A 74 -14.06 -3.44 -16.87
C ALA A 74 -13.48 -2.71 -15.66
N CYS A 75 -14.32 -2.49 -14.67
CA CYS A 75 -13.89 -1.75 -13.52
C CYS A 75 -13.08 -2.57 -12.54
N GLN A 76 -12.85 -3.84 -12.83
CA GLN A 76 -11.99 -4.58 -11.94
C GLN A 76 -10.57 -4.06 -12.12
N GLY A 77 -10.28 -3.49 -13.31
CA GLY A 77 -8.94 -2.97 -13.60
C GLY A 77 -8.64 -1.69 -12.77
N VAL A 78 -9.65 -1.15 -12.07
CA VAL A 78 -9.44 0.07 -11.22
C VAL A 78 -8.37 -0.40 -10.29
N GLY A 79 -7.28 0.40 -9.96
CA GLY A 79 -6.21 -0.33 -9.32
C GLY A 79 -4.81 0.09 -9.69
N GLY A 80 -3.75 -0.40 -9.04
CA GLY A 80 -2.49 0.20 -9.42
C GLY A 80 -1.81 -0.16 -10.81
N PRO A 81 -1.79 -1.43 -11.18
CA PRO A 81 -1.17 -1.83 -12.48
C PRO A 81 -2.02 -1.51 -13.72
N GLY A 82 -3.32 -1.85 -13.67
CA GLY A 82 -4.16 -1.68 -14.84
C GLY A 82 -4.63 -0.26 -15.05
N HIS A 83 -5.46 0.23 -14.15
CA HIS A 83 -5.97 1.57 -14.34
C HIS A 83 -4.89 2.63 -14.09
N LYS A 84 -4.24 2.59 -12.95
CA LYS A 84 -3.28 3.65 -12.64
C LYS A 84 -2.15 3.76 -13.60
N ALA A 85 -1.69 2.67 -14.14
CA ALA A 85 -0.59 2.77 -15.07
C ALA A 85 -1.07 3.69 -16.21
N ARG A 86 -2.34 3.53 -16.56
CA ARG A 86 -2.96 4.34 -17.61
C ARG A 86 -3.31 5.78 -17.17
N VAL A 87 -3.74 6.03 -15.95
CA VAL A 87 -4.08 7.42 -15.61
C VAL A 87 -2.86 8.26 -15.37
N LEU A 88 -1.93 7.71 -14.65
CA LEU A 88 -0.76 8.46 -14.32
C LEU A 88 0.01 8.80 -15.55
N ALA A 89 0.22 7.79 -16.35
CA ALA A 89 1.05 7.94 -17.53
C ALA A 89 0.54 9.04 -18.44
N GLU A 90 -0.76 9.05 -18.64
CA GLU A 90 -1.37 10.03 -19.50
C GLU A 90 -1.24 11.41 -18.95
N ALA A 91 -1.64 11.57 -17.70
CA ALA A 91 -1.61 12.87 -17.08
C ALA A 91 -0.22 13.45 -17.15
N MET A 92 0.74 12.60 -16.94
CA MET A 92 2.11 13.02 -16.95
C MET A 92 2.58 13.43 -18.32
N SER A 93 2.17 12.70 -19.33
CA SER A 93 2.60 13.03 -20.68
C SER A 93 1.70 14.07 -21.33
N GLN A 94 0.58 14.39 -20.72
CA GLN A 94 -0.35 15.38 -21.33
C GLN A 94 0.01 16.82 -20.99
N VAL A 95 0.27 17.05 -19.73
CA VAL A 95 0.57 18.38 -19.26
C VAL A 95 1.96 18.84 -19.64
N THR A 96 2.81 17.90 -19.96
CA THR A 96 4.18 18.25 -20.14
C THR A 96 4.57 18.93 -21.42
N ASN A 97 4.29 18.33 -22.53
CA ASN A 97 4.83 18.86 -23.75
C ASN A 97 4.07 19.85 -24.58
N THR A 98 2.95 19.44 -25.05
CA THR A 98 2.21 20.25 -25.99
C THR A 98 0.99 20.89 -25.44
N ALA A 99 0.30 20.08 -24.70
CA ALA A 99 -0.98 20.41 -24.16
C ALA A 99 -0.90 20.99 -22.79
N THR A 100 0.14 21.74 -22.49
CA THR A 100 0.22 22.28 -21.17
C THR A 100 -0.98 23.16 -20.93
N ILE A 101 -1.63 22.90 -19.80
CA ILE A 101 -2.84 23.62 -19.46
C ILE A 101 -2.50 24.79 -18.55
N MET A 102 -2.88 25.98 -18.99
CA MET A 102 -2.62 27.18 -18.21
C MET A 102 -3.62 27.31 -17.07
N GLY B 1 -15.58 22.65 18.90
CA GLY B 1 -16.72 22.64 19.86
C GLY B 1 -16.28 22.19 21.22
N GLY B 2 -15.30 21.30 21.27
CA GLY B 2 -14.85 20.81 22.56
C GLY B 2 -15.93 19.93 23.21
N SER B 3 -17.02 19.61 22.49
CA SER B 3 -18.07 18.75 22.99
C SER B 3 -17.60 17.30 22.98
N PRO B 4 -17.78 16.50 24.03
CA PRO B 4 -17.28 15.07 24.09
C PRO B 4 -17.41 14.32 22.75
N THR B 5 -16.57 13.29 22.61
CA THR B 5 -16.49 12.46 21.39
C THR B 5 -15.97 13.27 20.21
N SER B 6 -16.22 12.78 18.99
CA SER B 6 -15.63 13.32 17.78
C SER B 6 -15.55 14.82 17.54
N ILE B 7 -16.09 15.64 18.36
CA ILE B 7 -16.03 17.10 18.12
C ILE B 7 -14.96 17.81 18.93
N LEU B 8 -14.42 17.13 19.86
CA LEU B 8 -13.33 17.61 20.62
C LEU B 8 -12.28 17.75 19.61
N ASP B 9 -12.18 16.72 18.73
CA ASP B 9 -11.33 16.98 17.62
C ASP B 9 -11.35 16.03 16.39
N ILE B 10 -12.35 15.16 16.18
CA ILE B 10 -12.12 14.02 15.24
C ILE B 10 -11.38 14.25 13.93
N ARG B 11 -10.45 13.33 13.61
CA ARG B 11 -9.62 13.49 12.42
C ARG B 11 -9.65 12.30 11.44
N GLN B 12 -9.61 12.65 10.11
CA GLN B 12 -9.62 11.69 8.99
C GLN B 12 -8.19 11.27 8.62
N GLY B 13 -7.95 9.97 8.59
CA GLY B 13 -6.63 9.45 8.26
C GLY B 13 -6.12 10.09 6.97
N PRO B 14 -4.82 9.97 6.73
CA PRO B 14 -4.16 10.57 5.54
C PRO B 14 -4.56 9.84 4.24
N LYS B 15 -4.44 8.54 4.25
CA LYS B 15 -4.92 7.76 3.11
C LYS B 15 -6.43 7.59 3.19
N GLU B 16 -6.94 7.67 4.42
CA GLU B 16 -8.32 7.47 4.72
C GLU B 16 -9.31 8.37 3.95
N PRO B 17 -10.40 7.83 3.36
CA PRO B 17 -11.38 8.65 2.62
C PRO B 17 -12.45 9.28 3.48
N PHE B 18 -12.99 10.32 2.90
CA PHE B 18 -14.06 11.14 3.45
C PHE B 18 -15.22 10.33 4.02
N ARG B 19 -15.53 9.20 3.42
CA ARG B 19 -16.66 8.39 3.89
C ARG B 19 -16.56 7.78 5.30
N ASP B 20 -15.52 7.01 5.55
CA ASP B 20 -15.35 6.35 6.85
C ASP B 20 -15.29 7.39 7.95
N TYR B 21 -14.51 8.43 7.69
CA TYR B 21 -14.35 9.49 8.66
C TYR B 21 -15.62 10.27 8.87
N VAL B 22 -16.27 10.67 7.79
CA VAL B 22 -17.53 11.38 7.93
C VAL B 22 -18.49 10.56 8.76
N ASP B 23 -18.43 9.25 8.59
CA ASP B 23 -19.28 8.36 9.36
C ASP B 23 -18.79 8.38 10.82
N ARG B 24 -17.46 8.46 10.99
CA ARG B 24 -16.92 8.47 12.35
C ARG B 24 -17.40 9.67 13.10
N PHE B 25 -17.34 10.82 12.45
CA PHE B 25 -17.79 12.07 13.00
C PHE B 25 -19.31 12.06 13.24
N TYR B 26 -20.04 11.54 12.26
CA TYR B 26 -21.50 11.52 12.33
C TYR B 26 -22.06 10.48 13.30
N LYS B 27 -21.79 9.22 13.04
CA LYS B 27 -22.34 8.16 13.84
C LYS B 27 -22.13 8.39 15.32
N THR B 28 -21.00 8.94 15.71
CA THR B 28 -20.76 9.09 17.13
C THR B 28 -21.47 10.31 17.75
N LEU B 29 -21.91 11.28 16.95
CA LEU B 29 -22.52 12.45 17.58
C LEU B 29 -23.69 12.05 18.49
N ARG B 30 -24.30 10.87 18.28
CA ARG B 30 -25.41 10.47 19.16
C ARG B 30 -24.94 10.27 20.60
N ALA B 31 -23.68 9.82 20.76
CA ALA B 31 -23.11 9.55 22.10
C ALA B 31 -22.65 10.81 22.86
N GLU B 32 -22.97 12.00 22.34
CA GLU B 32 -22.59 13.24 23.02
C GLU B 32 -23.84 13.84 23.71
N GLN B 33 -23.65 14.78 24.64
CA GLN B 33 -24.81 15.42 25.30
C GLN B 33 -25.08 16.79 24.69
N ALA B 34 -25.49 16.79 23.43
CA ALA B 34 -25.73 18.04 22.73
C ALA B 34 -27.23 18.34 22.57
N SER B 35 -27.46 19.56 22.10
CA SER B 35 -28.78 20.02 21.74
C SER B 35 -28.94 19.79 20.23
N GLN B 36 -30.15 19.88 19.73
CA GLN B 36 -30.37 19.66 18.30
C GLN B 36 -29.59 20.66 17.42
N GLU B 37 -29.43 21.91 17.88
CA GLU B 37 -28.74 22.92 17.07
C GLU B 37 -27.20 22.85 17.29
N VAL B 38 -26.78 22.20 18.40
CA VAL B 38 -25.34 21.99 18.68
C VAL B 38 -24.73 21.10 17.61
N LYS B 39 -25.39 19.93 17.40
CA LYS B 39 -24.96 18.93 16.41
C LYS B 39 -24.88 19.53 15.02
N ASN B 40 -25.87 20.31 14.67
CA ASN B 40 -25.85 20.97 13.35
C ASN B 40 -24.59 21.86 13.23
N TRP B 41 -24.34 22.62 14.29
CA TRP B 41 -23.17 23.46 14.39
C TRP B 41 -21.90 22.59 14.34
N MET B 42 -21.96 21.37 14.92
CA MET B 42 -20.77 20.50 14.94
C MET B 42 -20.26 20.13 13.57
N THR B 43 -21.18 19.83 12.66
CA THR B 43 -20.76 19.35 11.36
C THR B 43 -19.85 20.33 10.63
N GLU B 44 -20.28 21.58 10.53
CA GLU B 44 -19.54 22.59 9.77
C GLU B 44 -18.29 23.08 10.44
N THR B 45 -18.29 23.08 11.75
CA THR B 45 -17.15 23.58 12.46
C THR B 45 -16.03 22.56 12.59
N LEU B 46 -16.38 21.30 12.94
CA LEU B 46 -15.32 20.30 13.19
C LEU B 46 -14.89 19.51 11.96
N LEU B 47 -15.83 18.87 11.28
CA LEU B 47 -15.53 18.05 10.11
C LEU B 47 -14.49 18.67 9.15
N VAL B 48 -14.89 19.75 8.43
CA VAL B 48 -14.04 20.35 7.39
C VAL B 48 -12.72 20.77 7.95
N GLN B 49 -12.76 21.47 9.07
CA GLN B 49 -11.55 21.94 9.69
C GLN B 49 -10.60 20.83 10.10
N ASN B 50 -11.15 19.74 10.62
CA ASN B 50 -10.32 18.62 11.11
C ASN B 50 -10.42 17.32 10.27
N ALA B 51 -10.28 17.41 8.88
CA ALA B 51 -10.39 16.19 8.04
C ALA B 51 -9.40 15.97 6.83
N ASN B 52 -8.33 15.15 6.96
CA ASN B 52 -7.51 14.68 5.78
C ASN B 52 -7.01 15.71 4.74
N PRO B 53 -5.84 16.30 4.87
CA PRO B 53 -5.37 17.32 3.90
C PRO B 53 -5.62 17.05 2.42
N ASP B 54 -5.82 15.80 1.98
CA ASP B 54 -6.17 15.60 0.57
C ASP B 54 -7.57 16.07 0.33
N CYS B 55 -8.44 15.69 1.26
CA CYS B 55 -9.83 16.00 1.07
C CYS B 55 -10.24 17.40 1.59
N LYS B 56 -9.62 17.88 2.68
CA LYS B 56 -9.98 19.18 3.23
C LYS B 56 -9.73 20.28 2.22
N THR B 57 -8.55 20.24 1.62
CA THR B 57 -8.18 21.22 0.62
C THR B 57 -9.30 21.31 -0.45
N ILE B 58 -10.03 20.21 -0.63
CA ILE B 58 -11.16 20.20 -1.58
C ILE B 58 -12.35 20.94 -0.99
N LEU B 59 -12.68 20.73 0.31
CA LEU B 59 -13.84 21.43 0.86
C LEU B 59 -13.69 22.92 0.65
N LYS B 60 -12.51 23.48 0.96
CA LYS B 60 -12.27 24.92 0.75
C LYS B 60 -12.44 25.30 -0.73
N ALA B 61 -11.96 24.43 -1.64
CA ALA B 61 -12.08 24.69 -3.10
C ALA B 61 -13.54 24.74 -3.53
N LEU B 62 -14.31 23.77 -3.06
CA LEU B 62 -15.73 23.76 -3.29
C LEU B 62 -16.37 24.96 -2.55
N GLY B 63 -15.60 25.64 -1.68
CA GLY B 63 -16.08 26.78 -0.93
C GLY B 63 -16.73 26.34 0.39
N PRO B 64 -16.87 27.24 1.35
CA PRO B 64 -17.57 26.92 2.63
C PRO B 64 -19.09 26.90 2.40
N GLY B 65 -19.77 25.94 2.99
CA GLY B 65 -21.20 25.86 2.79
C GLY B 65 -21.54 24.96 1.60
N ALA B 66 -20.52 24.52 0.83
CA ALA B 66 -20.77 23.65 -0.30
C ALA B 66 -21.54 22.47 0.21
N THR B 67 -22.62 22.11 -0.47
CA THR B 67 -23.45 21.04 0.04
C THR B 67 -22.63 19.80 0.27
N LEU B 68 -23.14 18.98 1.16
CA LEU B 68 -22.44 17.80 1.54
C LEU B 68 -22.24 16.92 0.38
N GLU B 69 -23.26 16.81 -0.44
CA GLU B 69 -23.21 15.96 -1.60
C GLU B 69 -21.96 16.38 -2.39
N GLU B 70 -21.74 17.69 -2.41
CA GLU B 70 -20.55 18.23 -3.07
C GLU B 70 -19.28 17.97 -2.25
N MET B 71 -19.37 18.00 -0.91
CA MET B 71 -18.19 17.76 -0.03
C MET B 71 -17.76 16.27 -0.09
N MET B 72 -18.72 15.38 -0.37
CA MET B 72 -18.43 13.95 -0.46
C MET B 72 -17.90 13.57 -1.84
N THR B 73 -18.78 13.64 -2.83
CA THR B 73 -18.47 13.23 -4.21
C THR B 73 -17.13 13.75 -4.71
N ALA B 74 -16.79 14.98 -4.44
CA ALA B 74 -15.50 15.49 -4.89
C ALA B 74 -14.35 14.79 -4.17
N CYS B 75 -14.56 14.62 -2.83
CA CYS B 75 -13.54 14.04 -1.95
C CYS B 75 -13.49 12.55 -2.02
N GLN B 76 -14.50 11.93 -2.62
CA GLN B 76 -14.39 10.51 -2.77
C GLN B 76 -13.25 10.20 -3.72
N GLY B 77 -12.74 11.20 -4.46
CA GLY B 77 -11.65 10.95 -5.37
C GLY B 77 -10.34 10.83 -4.64
N VAL B 78 -10.25 11.42 -3.35
CA VAL B 78 -8.96 11.36 -2.43
C VAL B 78 -8.56 9.99 -2.61
N GLY B 79 -7.30 9.61 -2.99
CA GLY B 79 -7.22 8.22 -3.41
C GLY B 79 -6.36 8.07 -4.58
N GLY B 80 -5.58 7.04 -4.66
CA GLY B 80 -4.57 7.11 -5.68
C GLY B 80 -4.96 7.44 -7.16
N PRO B 81 -5.90 6.79 -7.75
CA PRO B 81 -6.22 7.04 -9.18
C PRO B 81 -7.05 8.31 -9.41
N GLY B 82 -7.87 8.62 -8.46
CA GLY B 82 -8.77 9.78 -8.57
C GLY B 82 -8.07 11.05 -8.21
N HIS B 83 -7.56 11.10 -6.98
CA HIS B 83 -6.90 12.30 -6.50
C HIS B 83 -5.41 12.31 -6.65
N LYS B 84 -4.75 11.25 -6.28
CA LYS B 84 -3.32 11.32 -6.32
C LYS B 84 -2.79 11.47 -7.74
N ALA B 85 -3.48 10.94 -8.74
CA ALA B 85 -3.07 11.20 -10.12
C ALA B 85 -3.12 12.71 -10.40
N ARG B 86 -4.03 13.40 -9.74
CA ARG B 86 -4.20 14.82 -9.96
C ARG B 86 -3.37 15.76 -9.06
N VAL B 87 -3.11 15.40 -7.79
CA VAL B 87 -2.48 16.41 -6.88
C VAL B 87 -0.98 16.68 -7.00
N LEU B 88 -0.12 15.76 -6.53
CA LEU B 88 1.34 15.95 -6.63
C LEU B 88 1.84 15.44 -7.95
N ALA B 89 1.08 14.54 -8.56
CA ALA B 89 1.50 14.04 -9.82
C ALA B 89 1.69 15.28 -10.80
N GLU B 90 0.94 16.37 -10.52
CA GLU B 90 0.98 17.62 -11.31
C GLU B 90 2.08 18.57 -10.90
N ALA B 91 2.30 18.72 -9.62
CA ALA B 91 3.36 19.61 -9.21
C ALA B 91 4.70 19.11 -9.78
N MET B 92 4.87 17.79 -9.82
CA MET B 92 6.10 17.22 -10.35
C MET B 92 6.36 17.77 -11.75
N SER B 93 5.30 17.91 -12.55
CA SER B 93 5.49 18.47 -13.87
C SER B 93 5.39 20.01 -13.83
N GLN B 94 4.93 20.59 -12.71
CA GLN B 94 4.87 22.05 -12.56
C GLN B 94 6.23 22.63 -12.18
N VAL B 95 6.68 22.25 -10.97
CA VAL B 95 7.93 22.77 -10.39
C VAL B 95 9.18 22.42 -11.20
N THR B 96 9.18 21.28 -11.86
CA THR B 96 10.37 20.85 -12.57
C THR B 96 10.77 21.74 -13.75
N ASN B 97 9.84 22.10 -14.63
CA ASN B 97 10.26 22.87 -15.81
C ASN B 97 10.36 24.40 -15.63
N THR B 98 9.26 25.05 -15.25
CA THR B 98 9.27 26.52 -15.10
C THR B 98 9.13 26.99 -13.66
N ALA B 99 8.23 26.34 -12.95
CA ALA B 99 7.86 26.70 -11.59
C ALA B 99 8.83 26.24 -10.53
N THR B 100 10.12 26.18 -10.79
CA THR B 100 11.01 25.72 -9.73
C THR B 100 10.91 26.69 -8.55
N ILE B 101 10.56 26.14 -7.40
CA ILE B 101 10.36 26.94 -6.20
C ILE B 101 11.60 26.90 -5.31
N MET B 102 12.14 28.08 -5.01
CA MET B 102 13.33 28.18 -4.17
C MET B 102 12.97 28.05 -2.69
N GLY C 1 14.56 8.15 28.54
CA GLY C 1 13.23 7.54 28.84
C GLY C 1 13.39 6.52 29.96
N GLY C 2 13.63 5.28 29.59
CA GLY C 2 13.86 4.24 30.57
C GLY C 2 12.67 4.00 31.52
N SER C 3 11.52 4.63 31.26
CA SER C 3 10.34 4.41 32.11
C SER C 3 9.63 3.17 31.59
N PRO C 4 9.08 2.29 32.42
CA PRO C 4 8.43 1.02 31.92
C PRO C 4 7.53 1.22 30.69
N THR C 5 7.85 0.41 29.63
CA THR C 5 7.18 0.29 28.29
C THR C 5 6.86 1.60 27.54
N SER C 6 6.17 2.47 28.18
CA SER C 6 5.72 3.68 27.60
C SER C 6 6.76 4.62 27.05
N ILE C 7 7.82 4.85 27.77
CA ILE C 7 8.86 5.82 27.36
C ILE C 7 10.27 5.30 27.18
N LEU C 8 10.39 4.02 27.30
CA LEU C 8 11.62 3.37 26.98
C LEU C 8 11.82 3.64 25.55
N ASP C 9 10.73 3.50 24.76
CA ASP C 9 10.91 3.82 23.44
C ASP C 9 9.65 4.10 22.65
N ILE C 10 8.52 4.59 23.25
CA ILE C 10 7.39 4.49 22.36
C ILE C 10 7.52 5.34 21.08
N ARG C 11 7.49 4.62 19.92
CA ARG C 11 7.70 5.27 18.62
C ARG C 11 6.54 5.18 17.61
N GLN C 12 6.40 6.29 16.85
CA GLN C 12 5.38 6.48 15.80
C GLN C 12 5.79 5.86 14.43
N GLY C 13 4.85 5.09 13.83
CA GLY C 13 5.07 4.38 12.53
C GLY C 13 5.18 5.34 11.29
N PRO C 14 5.99 4.98 10.26
CA PRO C 14 6.19 5.83 9.05
C PRO C 14 4.90 5.93 8.24
N LYS C 15 4.05 4.93 8.37
CA LYS C 15 2.73 5.01 7.76
C LYS C 15 1.72 5.46 8.86
N GLU C 16 2.06 5.16 10.14
CA GLU C 16 1.20 5.49 11.29
C GLU C 16 1.20 7.04 11.59
N PRO C 17 0.05 7.71 11.64
CA PRO C 17 -0.01 9.22 11.86
C PRO C 17 0.18 9.66 13.29
N PHE C 18 0.46 10.94 13.41
CA PHE C 18 0.62 11.57 14.71
C PHE C 18 -0.57 11.19 15.61
N ARG C 19 -1.79 11.22 15.09
CA ARG C 19 -2.95 10.87 15.92
C ARG C 19 -2.89 9.50 16.57
N ASP C 20 -2.58 8.49 15.79
CA ASP C 20 -2.54 7.14 16.33
C ASP C 20 -1.47 6.97 17.41
N TYR C 21 -0.23 7.34 17.09
CA TYR C 21 0.85 7.24 18.08
C TYR C 21 0.54 8.13 19.28
N VAL C 22 -0.04 9.31 19.08
CA VAL C 22 -0.36 10.15 20.25
C VAL C 22 -1.21 9.36 21.21
N ASP C 23 -2.15 8.59 20.66
CA ASP C 23 -3.02 7.74 21.46
C ASP C 23 -2.19 6.62 22.10
N ARG C 24 -1.11 6.21 21.43
CA ARG C 24 -0.26 5.17 22.00
C ARG C 24 0.48 5.73 23.16
N PHE C 25 1.37 6.68 22.88
CA PHE C 25 2.11 7.37 23.93
C PHE C 25 1.13 7.83 25.02
N TYR C 26 -0.14 8.09 24.69
CA TYR C 26 -1.03 8.51 25.75
C TYR C 26 -1.52 7.34 26.57
N LYS C 27 -1.87 6.24 25.91
CA LYS C 27 -2.44 5.11 26.66
C LYS C 27 -1.38 4.41 27.45
N THR C 28 -0.26 4.14 26.87
CA THR C 28 0.73 3.39 27.61
C THR C 28 1.12 4.14 28.90
N LEU C 29 0.96 5.48 28.90
CA LEU C 29 1.29 6.29 30.09
C LEU C 29 0.42 5.90 31.32
N ARG C 30 -0.89 5.64 31.14
CA ARG C 30 -1.71 5.24 32.30
C ARG C 30 -1.37 3.83 32.74
N ALA C 31 -0.71 3.05 31.86
CA ALA C 31 -0.36 1.68 32.18
C ALA C 31 0.92 1.60 32.99
N GLU C 32 1.83 2.55 32.82
CA GLU C 32 3.02 2.50 33.62
C GLU C 32 2.70 3.13 34.97
N GLN C 33 3.48 2.80 35.99
CA GLN C 33 3.23 3.40 37.34
C GLN C 33 4.11 4.65 37.57
N ALA C 34 3.90 5.67 36.76
CA ALA C 34 4.70 6.88 36.86
C ALA C 34 4.01 8.00 37.62
N SER C 35 4.75 8.63 38.52
CA SER C 35 4.21 9.76 39.27
C SER C 35 3.65 10.78 38.29
N GLN C 36 2.64 11.51 38.77
CA GLN C 36 1.91 12.47 37.95
C GLN C 36 2.84 13.30 37.09
N GLU C 37 3.85 13.87 37.71
CA GLU C 37 4.76 14.72 37.00
C GLU C 37 5.73 13.96 36.08
N VAL C 38 5.95 12.69 36.37
CA VAL C 38 6.80 11.91 35.48
C VAL C 38 6.11 11.96 34.14
N LYS C 39 4.79 11.78 34.13
CA LYS C 39 4.03 11.81 32.88
C LYS C 39 4.19 13.18 32.18
N ASN C 40 4.19 14.27 32.98
CA ASN C 40 4.37 15.62 32.42
C ASN C 40 5.72 15.68 31.63
N TRP C 41 6.71 15.07 32.22
CA TRP C 41 8.06 14.98 31.67
C TRP C 41 8.18 14.01 30.50
N MET C 42 7.47 12.88 30.59
CA MET C 42 7.54 11.84 29.57
C MET C 42 7.02 12.37 28.25
N THR C 43 6.12 13.35 28.33
CA THR C 43 5.56 13.91 27.12
C THR C 43 6.52 14.87 26.45
N GLU C 44 7.03 15.80 27.23
CA GLU C 44 7.93 16.86 26.65
C GLU C 44 9.29 16.37 26.14
N THR C 45 9.89 15.44 26.84
CA THR C 45 11.21 14.97 26.45
C THR C 45 11.15 13.89 25.38
N LEU C 46 10.35 12.85 25.60
CA LEU C 46 10.28 11.77 24.60
C LEU C 46 9.51 12.10 23.31
N LEU C 47 8.18 12.36 23.43
CA LEU C 47 7.25 12.52 22.23
C LEU C 47 7.94 13.12 21.01
N VAL C 48 8.43 14.33 21.10
CA VAL C 48 9.10 14.94 19.97
C VAL C 48 10.27 14.09 19.48
N GLN C 49 11.18 13.68 20.36
CA GLN C 49 12.36 12.91 19.94
C GLN C 49 12.05 11.50 19.34
N ASN C 50 11.07 10.79 19.89
CA ASN C 50 10.75 9.43 19.46
C ASN C 50 9.44 9.37 18.66
N ALA C 51 9.14 10.37 17.81
CA ALA C 51 7.84 10.34 17.05
C ALA C 51 7.90 10.59 15.54
N ASN C 52 8.18 9.57 14.69
CA ASN C 52 8.06 9.76 13.22
C ASN C 52 8.78 10.97 12.62
N PRO C 53 9.97 10.87 12.04
CA PRO C 53 10.69 12.05 11.45
C PRO C 53 9.73 13.02 10.69
N ASP C 54 8.59 12.50 10.18
CA ASP C 54 7.56 13.34 9.51
C ASP C 54 7.05 14.42 10.43
N CYS C 55 6.37 14.05 11.49
CA CYS C 55 5.91 15.08 12.42
C CYS C 55 7.08 15.56 13.22
N LYS C 56 8.12 14.76 13.38
CA LYS C 56 9.22 15.24 14.19
C LYS C 56 9.79 16.49 13.60
N THR C 57 9.99 16.50 12.26
CA THR C 57 10.48 17.72 11.61
C THR C 57 9.41 18.85 11.70
N ILE C 58 8.13 18.48 11.98
CA ILE C 58 7.05 19.49 12.13
C ILE C 58 7.03 20.04 13.51
N LEU C 59 7.29 19.24 14.47
CA LEU C 59 7.23 19.69 15.83
C LEU C 59 8.39 20.64 16.02
N LYS C 60 9.61 20.31 15.48
CA LYS C 60 10.73 21.25 15.64
C LYS C 60 10.37 22.55 14.89
N ALA C 61 9.44 22.45 13.90
CA ALA C 61 9.01 23.59 13.11
C ALA C 61 7.91 24.41 13.79
N LEU C 62 6.98 23.75 14.50
CA LEU C 62 5.96 24.53 15.14
C LEU C 62 6.66 25.46 16.12
N GLY C 63 7.66 24.90 16.78
CA GLY C 63 8.45 25.66 17.74
C GLY C 63 8.30 25.03 19.12
N PRO C 64 9.33 24.88 19.90
CA PRO C 64 9.17 24.24 21.24
C PRO C 64 8.10 24.91 22.08
N GLY C 65 7.50 24.12 22.95
CA GLY C 65 6.44 24.59 23.80
C GLY C 65 5.09 24.56 23.07
N ALA C 66 5.05 24.00 21.85
CA ALA C 66 3.77 23.94 21.12
C ALA C 66 2.85 22.96 21.83
N THR C 67 1.67 23.46 22.22
CA THR C 67 0.74 22.59 22.89
C THR C 67 0.46 21.40 22.00
N LEU C 68 0.20 20.25 22.61
CA LEU C 68 -0.03 19.05 21.82
C LEU C 68 -1.22 19.25 20.94
N GLU C 69 -2.22 19.95 21.47
CA GLU C 69 -3.42 20.20 20.71
C GLU C 69 -2.95 20.85 19.42
N GLU C 70 -1.97 21.75 19.52
CA GLU C 70 -1.42 22.37 18.33
C GLU C 70 -0.53 21.37 17.54
N MET C 71 0.25 20.49 18.22
CA MET C 71 1.13 19.55 17.47
C MET C 71 0.30 18.52 16.72
N MET C 72 -0.95 18.31 17.17
CA MET C 72 -1.80 17.32 16.52
C MET C 72 -2.48 17.87 15.30
N THR C 73 -2.98 19.07 15.39
CA THR C 73 -3.66 19.67 14.26
C THR C 73 -2.69 19.87 13.10
N ALA C 74 -1.47 20.31 13.43
CA ALA C 74 -0.44 20.65 12.40
C ALA C 74 0.35 19.49 11.83
N CYS C 75 0.18 18.33 12.38
CA CYS C 75 0.92 17.15 11.90
C CYS C 75 -0.12 16.19 11.33
N GLN C 76 -1.15 16.75 10.64
CA GLN C 76 -2.23 15.92 10.08
C GLN C 76 -1.92 15.36 8.72
N GLY C 77 -1.33 16.14 7.83
CA GLY C 77 -0.93 15.55 6.53
C GLY C 77 0.09 14.45 6.84
N VAL C 78 0.78 14.51 8.06
CA VAL C 78 1.78 13.45 8.47
C VAL C 78 1.05 12.26 8.28
N GLY C 79 1.57 11.41 7.44
CA GLY C 79 0.61 10.47 7.00
C GLY C 79 0.99 9.74 5.78
N GLY C 80 1.08 8.40 6.00
CA GLY C 80 1.75 7.49 5.12
C GLY C 80 1.98 7.99 3.78
N PRO C 81 1.00 8.51 3.05
CA PRO C 81 1.26 9.19 1.76
C PRO C 81 1.26 10.80 1.77
N GLY C 82 0.26 11.53 2.52
CA GLY C 82 0.02 13.08 2.58
C GLY C 82 1.20 14.10 2.72
N HIS C 83 1.77 14.17 3.94
CA HIS C 83 2.93 15.04 4.30
C HIS C 83 4.17 14.78 3.46
N LYS C 84 4.16 13.70 2.75
CA LYS C 84 5.28 13.30 1.96
C LYS C 84 5.25 13.90 0.56
N ALA C 85 4.16 14.54 0.21
CA ALA C 85 4.13 15.20 -1.03
C ALA C 85 5.25 16.26 -0.97
N ARG C 86 5.29 16.96 0.17
CA ARG C 86 6.27 18.01 0.40
C ARG C 86 7.70 17.47 0.55
N VAL C 87 7.87 16.36 1.24
CA VAL C 87 9.22 15.82 1.41
C VAL C 87 9.72 15.27 0.08
N LEU C 88 8.83 14.58 -0.61
CA LEU C 88 9.14 14.01 -1.92
C LEU C 88 9.51 15.14 -2.88
N ALA C 89 8.73 16.21 -2.87
CA ALA C 89 8.99 17.32 -3.78
C ALA C 89 10.38 17.99 -3.58
N GLU C 90 10.77 18.25 -2.34
CA GLU C 90 12.04 18.96 -2.08
C GLU C 90 13.30 18.14 -2.36
N ALA C 91 13.34 16.95 -1.82
CA ALA C 91 14.50 16.09 -2.04
C ALA C 91 14.70 15.88 -3.53
N MET C 92 13.58 15.90 -4.26
CA MET C 92 13.61 15.68 -5.69
C MET C 92 14.01 16.93 -6.52
N SER C 93 13.43 18.10 -6.23
CA SER C 93 13.75 19.29 -7.03
C SER C 93 14.95 20.09 -6.46
N GLN C 94 15.39 19.76 -5.26
CA GLN C 94 16.53 20.47 -4.65
C GLN C 94 17.86 19.92 -5.22
N VAL C 95 18.06 18.62 -5.01
CA VAL C 95 19.28 17.92 -5.45
C VAL C 95 19.41 17.80 -6.97
N THR C 96 18.30 17.81 -7.68
CA THR C 96 18.35 17.59 -9.12
C THR C 96 18.80 18.78 -9.98
N ASN C 97 18.23 19.97 -9.80
CA ASN C 97 18.59 21.04 -10.74
C ASN C 97 19.86 21.88 -10.46
N THR C 98 19.89 22.64 -9.36
CA THR C 98 21.07 23.49 -9.06
C THR C 98 21.86 23.07 -7.83
N ALA C 99 21.10 22.78 -6.79
CA ALA C 99 21.62 22.42 -5.47
C ALA C 99 22.06 20.97 -5.34
N THR C 100 22.61 20.41 -6.40
CA THR C 100 23.01 19.02 -6.37
C THR C 100 24.09 18.79 -5.33
N ILE C 101 23.85 17.76 -4.52
CA ILE C 101 24.76 17.38 -3.46
C ILE C 101 25.74 16.34 -3.98
N MET C 102 27.03 16.67 -3.88
CA MET C 102 28.06 15.77 -4.35
C MET C 102 28.28 14.63 -3.35
N GLY D 1 24.34 -17.41 15.09
CA GLY D 1 23.67 -17.64 16.41
C GLY D 1 23.17 -19.06 16.41
N GLY D 2 22.19 -19.35 15.58
CA GLY D 2 21.70 -20.71 15.44
C GLY D 2 20.78 -21.22 16.57
N SER D 3 20.42 -20.38 17.54
CA SER D 3 19.53 -20.88 18.62
C SER D 3 18.10 -21.03 18.12
N PRO D 4 17.31 -21.97 18.66
CA PRO D 4 15.91 -22.24 18.16
C PRO D 4 15.04 -21.02 18.07
N THR D 5 14.36 -20.93 16.89
CA THR D 5 13.40 -19.88 16.45
C THR D 5 13.91 -18.47 16.53
N SER D 6 14.24 -18.09 17.70
CA SER D 6 14.60 -16.75 17.93
C SER D 6 15.61 -16.17 16.99
N ILE D 7 16.65 -16.91 16.74
CA ILE D 7 17.77 -16.43 15.94
C ILE D 7 18.17 -17.29 14.73
N LEU D 8 17.47 -18.34 14.51
CA LEU D 8 17.72 -19.14 13.32
C LEU D 8 17.48 -18.28 12.12
N ASP D 9 16.44 -17.43 12.19
CA ASP D 9 16.32 -16.53 11.13
C ASP D 9 15.57 -15.24 11.43
N ILE D 10 15.51 -14.69 12.70
CA ILE D 10 14.51 -13.64 12.75
C ILE D 10 14.87 -12.38 11.89
N ARG D 11 14.18 -12.27 10.73
CA ARG D 11 14.45 -11.26 9.71
C ARG D 11 13.28 -10.32 9.57
N GLN D 12 13.58 -9.07 9.30
CA GLN D 12 12.58 -8.03 9.16
C GLN D 12 11.94 -8.04 7.78
N GLY D 13 10.75 -7.53 7.70
CA GLY D 13 10.10 -7.48 6.42
C GLY D 13 10.64 -6.31 5.61
N PRO D 14 10.53 -6.32 4.30
CA PRO D 14 11.03 -5.19 3.47
C PRO D 14 10.27 -3.89 3.81
N LYS D 15 8.93 -4.00 3.87
CA LYS D 15 8.05 -2.85 4.22
C LYS D 15 7.80 -2.79 5.72
N GLU D 16 7.97 -3.94 6.40
CA GLU D 16 7.75 -4.01 7.84
C GLU D 16 8.76 -3.07 8.52
N PRO D 17 8.37 -2.06 9.26
CA PRO D 17 9.34 -1.12 9.87
C PRO D 17 10.22 -1.76 10.91
N PHE D 18 11.29 -1.03 11.21
CA PHE D 18 12.26 -1.46 12.18
C PHE D 18 11.49 -1.91 13.41
N ARG D 19 10.68 -0.98 14.03
CA ARG D 19 9.86 -1.30 15.24
C ARG D 19 9.19 -2.66 15.25
N ASP D 20 8.43 -2.97 14.23
CA ASP D 20 7.72 -4.24 14.22
C ASP D 20 8.66 -5.43 14.36
N TYR D 21 9.75 -5.43 13.64
CA TYR D 21 10.70 -6.53 13.73
C TYR D 21 11.53 -6.48 15.03
N VAL D 22 11.88 -5.29 15.51
CA VAL D 22 12.72 -5.19 16.70
C VAL D 22 12.09 -5.93 17.87
N ASP D 23 10.79 -5.83 18.02
CA ASP D 23 10.22 -6.52 19.14
C ASP D 23 10.16 -7.99 18.80
N ARG D 24 10.21 -8.35 17.48
CA ARG D 24 10.14 -9.78 17.09
C ARG D 24 11.38 -10.52 17.48
N PHE D 25 12.55 -9.91 17.21
CA PHE D 25 13.79 -10.55 17.57
C PHE D 25 13.93 -10.63 19.09
N TYR D 26 13.22 -9.73 19.80
CA TYR D 26 13.31 -9.74 21.25
C TYR D 26 12.36 -10.73 21.90
N LYS D 27 11.06 -10.50 21.73
CA LYS D 27 10.04 -11.36 22.32
C LYS D 27 10.33 -12.81 21.99
N THR D 28 10.88 -13.06 20.81
CA THR D 28 11.19 -14.43 20.46
C THR D 28 12.35 -14.93 21.33
N LEU D 29 13.36 -14.06 21.59
CA LEU D 29 14.46 -14.47 22.45
C LEU D 29 13.94 -14.94 23.80
N ARG D 30 13.02 -14.20 24.43
CA ARG D 30 12.48 -14.62 25.73
C ARG D 30 11.96 -16.06 25.69
N ALA D 31 11.66 -16.55 24.49
CA ALA D 31 11.13 -17.90 24.33
C ALA D 31 12.17 -19.00 24.17
N GLU D 32 13.43 -18.65 23.90
CA GLU D 32 14.46 -19.68 23.70
C GLU D 32 15.36 -19.81 24.92
N GLN D 33 15.58 -21.06 25.32
CA GLN D 33 16.43 -21.37 26.47
C GLN D 33 17.89 -21.02 26.19
N ALA D 34 18.22 -19.73 26.34
CA ALA D 34 19.59 -19.28 26.07
C ALA D 34 20.14 -18.41 27.20
N SER D 35 21.32 -18.82 27.72
CA SER D 35 21.98 -18.07 28.81
C SER D 35 22.09 -16.59 28.41
N GLN D 36 22.17 -15.74 29.42
CA GLN D 36 22.23 -14.28 29.23
C GLN D 36 23.39 -13.86 28.28
N GLU D 37 24.53 -14.49 28.44
CA GLU D 37 25.66 -14.17 27.59
C GLU D 37 25.35 -14.58 26.14
N VAL D 38 24.35 -15.44 25.95
CA VAL D 38 24.00 -15.85 24.61
C VAL D 38 22.96 -14.92 24.02
N LYS D 39 21.95 -14.50 24.80
CA LYS D 39 20.93 -13.59 24.23
C LYS D 39 21.58 -12.25 23.97
N ASN D 40 22.44 -11.86 24.87
CA ASN D 40 23.18 -10.63 24.74
C ASN D 40 23.95 -10.67 23.43
N TRP D 41 24.63 -11.79 23.20
CA TRP D 41 25.37 -11.97 21.96
C TRP D 41 24.39 -11.94 20.76
N MET D 42 23.26 -12.62 20.90
CA MET D 42 22.27 -12.72 19.83
C MET D 42 21.69 -11.38 19.38
N THR D 43 21.38 -10.54 20.32
CA THR D 43 20.80 -9.24 20.00
C THR D 43 21.74 -8.39 19.20
N GLU D 44 23.01 -8.55 19.39
CA GLU D 44 23.95 -7.71 18.68
C GLU D 44 24.31 -8.29 17.33
N THR D 45 24.89 -9.47 17.33
CA THR D 45 25.34 -10.06 16.07
C THR D 45 24.22 -10.31 15.05
N LEU D 46 23.25 -11.13 15.41
CA LEU D 46 22.19 -11.50 14.45
C LEU D 46 21.29 -10.32 14.09
N LEU D 47 21.10 -9.32 15.01
CA LEU D 47 20.15 -8.19 14.69
C LEU D 47 20.59 -7.37 13.48
N VAL D 48 21.86 -6.99 13.40
CA VAL D 48 22.29 -6.16 12.29
C VAL D 48 22.28 -6.89 10.97
N GLN D 49 22.80 -8.13 10.95
CA GLN D 49 22.90 -8.90 9.70
C GLN D 49 21.58 -9.42 9.13
N ASN D 50 20.72 -10.01 9.94
CA ASN D 50 19.49 -10.59 9.37
C ASN D 50 18.37 -9.57 9.23
N ALA D 51 18.63 -8.31 9.57
CA ALA D 51 17.54 -7.31 9.54
C ALA D 51 17.48 -6.26 8.41
N ASN D 52 16.33 -6.29 7.68
CA ASN D 52 15.95 -5.19 6.71
C ASN D 52 17.11 -4.50 5.95
N PRO D 53 17.53 -4.91 4.77
CA PRO D 53 18.68 -4.23 4.10
C PRO D 53 18.54 -2.68 4.09
N ASP D 54 17.31 -2.16 4.28
CA ASP D 54 17.15 -0.71 4.36
C ASP D 54 17.93 -0.27 5.54
N CYS D 55 17.62 -0.94 6.67
CA CYS D 55 18.21 -0.58 7.94
C CYS D 55 19.62 -1.01 8.07
N LYS D 56 19.97 -2.17 7.60
CA LYS D 56 21.34 -2.66 7.73
C LYS D 56 22.30 -1.67 7.10
N THR D 57 21.94 -1.19 5.92
CA THR D 57 22.76 -0.20 5.26
C THR D 57 22.96 1.02 6.23
N ILE D 58 21.97 1.20 7.17
CA ILE D 58 22.01 2.25 8.23
C ILE D 58 22.74 1.77 9.47
N LEU D 59 22.64 0.49 9.81
CA LEU D 59 23.30 -0.03 11.01
C LEU D 59 24.80 0.02 10.78
N LYS D 60 25.26 -0.26 9.55
CA LYS D 60 26.70 -0.15 9.31
C LYS D 60 27.05 1.31 9.04
N ALA D 61 26.03 2.17 8.73
CA ALA D 61 26.30 3.61 8.52
C ALA D 61 26.61 4.25 9.89
N LEU D 62 25.70 3.99 10.82
CA LEU D 62 25.92 4.40 12.18
C LEU D 62 27.18 3.68 12.58
N GLY D 63 27.25 2.41 12.17
CA GLY D 63 28.42 1.61 12.39
C GLY D 63 28.47 0.97 13.76
N PRO D 64 29.59 0.33 14.07
CA PRO D 64 29.78 -0.35 15.38
C PRO D 64 29.92 0.61 16.58
N GLY D 65 29.46 0.11 17.76
CA GLY D 65 29.54 0.85 19.02
C GLY D 65 28.32 1.72 19.28
N ALA D 66 27.43 1.84 18.30
CA ALA D 66 26.25 2.68 18.46
C ALA D 66 25.14 1.95 19.17
N THR D 67 24.77 2.48 20.34
CA THR D 67 23.68 1.89 21.10
C THR D 67 22.47 1.80 20.21
N LEU D 68 21.55 0.92 20.55
CA LEU D 68 20.38 0.71 19.71
C LEU D 68 19.48 1.93 19.60
N GLU D 69 19.53 2.77 20.59
CA GLU D 69 18.68 3.94 20.59
C GLU D 69 19.02 4.70 19.31
N GLU D 70 20.31 4.74 18.98
CA GLU D 70 20.73 5.38 17.75
C GLU D 70 20.26 4.55 16.56
N MET D 71 20.33 3.24 16.68
CA MET D 71 19.90 2.41 15.57
C MET D 71 18.38 2.58 15.35
N MET D 72 17.63 2.98 16.38
CA MET D 72 16.18 3.12 16.18
C MET D 72 15.83 4.51 15.65
N THR D 73 16.44 5.54 16.18
CA THR D 73 16.11 6.88 15.73
C THR D 73 16.30 7.00 14.20
N ALA D 74 17.40 6.48 13.70
CA ALA D 74 17.70 6.54 12.25
C ALA D 74 16.83 5.57 11.43
N CYS D 75 16.69 4.35 11.92
CA CYS D 75 15.92 3.33 11.19
C CYS D 75 14.40 3.61 11.23
N GLN D 76 13.94 4.51 12.12
CA GLN D 76 12.52 4.88 12.18
C GLN D 76 12.02 5.54 10.89
N GLY D 77 12.88 6.35 10.26
CA GLY D 77 12.52 7.01 8.99
C GLY D 77 12.34 5.99 7.86
N VAL D 78 12.74 4.73 8.09
CA VAL D 78 12.58 3.68 7.03
C VAL D 78 11.14 3.69 6.74
N GLY D 79 10.68 3.56 5.44
CA GLY D 79 9.25 3.81 5.27
C GLY D 79 9.07 4.76 4.16
N GLY D 80 7.86 5.03 3.66
CA GLY D 80 7.91 5.93 2.57
C GLY D 80 8.48 7.36 2.87
N PRO D 81 8.27 7.99 4.02
CA PRO D 81 8.78 9.38 4.21
C PRO D 81 10.26 9.60 4.42
N GLY D 82 10.85 8.83 5.32
CA GLY D 82 12.23 9.08 5.71
C GLY D 82 13.27 8.53 4.78
N HIS D 83 13.29 7.24 4.64
CA HIS D 83 14.31 6.67 3.85
C HIS D 83 13.89 6.65 2.39
N LYS D 84 12.59 6.34 2.11
CA LYS D 84 12.16 6.24 0.71
C LYS D 84 12.28 7.54 -0.04
N ALA D 85 12.17 8.68 0.65
CA ALA D 85 12.34 9.97 -0.03
C ALA D 85 13.76 10.07 -0.57
N ARG D 86 14.70 9.61 0.27
CA ARG D 86 16.11 9.62 -0.07
C ARG D 86 16.53 8.42 -0.94
N VAL D 87 15.78 7.31 -0.88
CA VAL D 87 16.11 6.10 -1.67
C VAL D 87 15.61 6.13 -3.12
N LEU D 88 14.50 6.80 -3.35
CA LEU D 88 13.96 6.90 -4.70
C LEU D 88 14.86 7.79 -5.57
N ALA D 89 15.22 8.95 -4.99
CA ALA D 89 16.06 9.95 -5.65
C ALA D 89 17.48 9.48 -5.93
N GLU D 90 18.09 8.74 -4.99
CA GLU D 90 19.46 8.26 -5.20
C GLU D 90 19.54 7.48 -6.50
N ALA D 91 18.50 6.73 -6.78
CA ALA D 91 18.47 5.96 -8.00
C ALA D 91 18.39 6.86 -9.22
N MET D 92 17.57 7.89 -9.12
CA MET D 92 17.38 8.82 -10.24
C MET D 92 18.66 9.57 -10.53
N SER D 93 19.40 9.88 -9.49
CA SER D 93 20.64 10.60 -9.62
C SER D 93 21.80 9.65 -9.98
N GLN D 94 21.56 8.33 -10.00
CA GLN D 94 22.64 7.38 -10.33
C GLN D 94 22.75 7.23 -11.83
N VAL D 95 21.58 7.29 -12.47
CA VAL D 95 21.46 7.20 -13.92
C VAL D 95 22.06 8.40 -14.70
N THR D 96 22.62 9.41 -13.95
CA THR D 96 23.34 10.66 -14.31
C THR D 96 24.37 10.57 -15.48
N ASN D 97 23.95 10.03 -16.61
CA ASN D 97 24.77 9.63 -17.83
C ASN D 97 26.16 10.29 -18.02
N THR D 98 26.39 11.53 -17.60
CA THR D 98 27.73 12.10 -17.69
C THR D 98 28.72 11.17 -16.96
N ALA D 99 28.29 10.64 -15.81
CA ALA D 99 29.11 9.74 -14.99
C ALA D 99 28.39 8.41 -14.69
N THR D 100 27.47 7.98 -15.56
CA THR D 100 26.71 6.74 -15.32
C THR D 100 27.56 5.50 -15.41
N ILE D 101 27.22 4.55 -14.55
CA ILE D 101 27.90 3.28 -14.45
C ILE D 101 27.55 2.34 -15.61
N MET D 102 28.56 1.75 -16.24
CA MET D 102 28.34 0.82 -17.33
C MET D 102 27.93 -0.54 -16.78
N GLY E 1 7.56 -31.21 -9.80
CA GLY E 1 6.88 -31.29 -8.49
C GLY E 1 5.66 -32.21 -8.57
N GLY E 2 4.49 -31.63 -8.52
CA GLY E 2 3.23 -32.38 -8.64
C GLY E 2 2.76 -33.11 -7.37
N SER E 3 3.49 -33.10 -6.29
CA SER E 3 3.03 -33.75 -5.07
C SER E 3 1.94 -32.92 -4.45
N PRO E 4 1.10 -33.50 -3.62
CA PRO E 4 -0.04 -32.75 -3.03
C PRO E 4 0.35 -31.39 -2.47
N THR E 5 -0.44 -30.39 -2.91
CA THR E 5 -0.36 -28.95 -2.57
C THR E 5 1.02 -28.32 -2.46
N SER E 6 1.71 -28.70 -1.45
CA SER E 6 2.99 -28.15 -1.13
C SER E 6 3.94 -27.91 -2.28
N ILE E 7 3.93 -28.77 -3.28
CA ILE E 7 4.83 -28.75 -4.44
C ILE E 7 4.12 -28.73 -5.78
N LEU E 8 2.80 -28.78 -5.76
CA LEU E 8 2.03 -28.66 -7.01
C LEU E 8 2.29 -27.30 -7.53
N ASP E 9 2.29 -26.34 -6.59
CA ASP E 9 2.67 -25.08 -7.05
C ASP E 9 3.06 -24.12 -5.99
N ILE E 10 3.76 -24.44 -4.86
CA ILE E 10 3.71 -23.38 -3.89
C ILE E 10 4.43 -22.08 -4.38
N ARG E 11 3.63 -21.00 -4.72
CA ARG E 11 4.25 -19.77 -5.27
C ARG E 11 4.20 -18.60 -4.31
N GLN E 12 5.27 -17.84 -4.32
CA GLN E 12 5.36 -16.64 -3.52
C GLN E 12 4.62 -15.54 -4.20
N GLY E 13 3.86 -14.82 -3.42
CA GLY E 13 3.11 -13.69 -3.94
C GLY E 13 4.05 -12.54 -4.43
N PRO E 14 3.66 -11.78 -5.47
CA PRO E 14 4.47 -10.64 -5.98
C PRO E 14 4.75 -9.66 -4.83
N LYS E 15 3.76 -9.51 -3.93
CA LYS E 15 3.93 -8.64 -2.77
C LYS E 15 4.34 -9.48 -1.55
N GLU E 16 4.26 -10.82 -1.63
CA GLU E 16 4.57 -11.66 -0.48
C GLU E 16 6.11 -11.84 -0.42
N PRO E 17 6.82 -11.38 0.60
CA PRO E 17 8.31 -11.52 0.66
C PRO E 17 8.83 -12.94 0.71
N PHE E 18 10.14 -13.03 0.46
CA PHE E 18 10.82 -14.30 0.52
C PHE E 18 10.46 -14.96 1.86
N ARG E 19 10.54 -14.19 2.94
CA ARG E 19 10.21 -14.73 4.25
C ARG E 19 8.88 -15.46 4.30
N ASP E 20 7.83 -14.69 4.05
CA ASP E 20 6.46 -15.20 4.14
C ASP E 20 6.22 -16.43 3.34
N TYR E 21 6.64 -16.45 2.11
CA TYR E 21 6.44 -17.66 1.34
C TYR E 21 7.33 -18.76 1.89
N VAL E 22 8.57 -18.44 2.26
CA VAL E 22 9.48 -19.45 2.81
C VAL E 22 8.89 -20.15 4.03
N ASP E 23 8.05 -19.45 4.79
CA ASP E 23 7.40 -20.07 5.93
C ASP E 23 6.34 -21.07 5.42
N ARG E 24 5.82 -20.81 4.21
CA ARG E 24 4.84 -21.69 3.55
C ARG E 24 5.56 -22.89 3.02
N PHE E 25 6.49 -22.63 2.10
CA PHE E 25 7.26 -23.69 1.48
C PHE E 25 7.78 -24.68 2.48
N TYR E 26 7.98 -24.29 3.72
CA TYR E 26 8.50 -25.26 4.67
C TYR E 26 7.42 -26.12 5.32
N LYS E 27 6.48 -25.45 6.01
CA LYS E 27 5.40 -26.15 6.71
C LYS E 27 4.58 -26.95 5.71
N THR E 28 4.34 -26.41 4.56
CA THR E 28 3.58 -27.19 3.60
C THR E 28 4.38 -28.48 3.22
N LEU E 29 5.71 -28.40 3.11
CA LEU E 29 6.51 -29.63 2.79
C LEU E 29 6.24 -30.66 3.93
N ARG E 30 6.08 -30.19 5.17
CA ARG E 30 5.81 -31.10 6.29
C ARG E 30 4.50 -31.90 5.97
N ALA E 31 3.64 -31.34 5.11
CA ALA E 31 2.34 -31.97 4.77
C ALA E 31 2.38 -33.01 3.66
N GLU E 32 3.22 -32.83 2.67
CA GLU E 32 3.26 -33.84 1.64
C GLU E 32 3.88 -35.13 2.17
N GLN E 33 3.41 -36.20 1.57
CA GLN E 33 3.83 -37.57 1.93
C GLN E 33 5.10 -37.93 1.19
N ALA E 34 6.15 -37.18 1.47
CA ALA E 34 7.42 -37.43 0.81
C ALA E 34 8.46 -37.97 1.76
N SER E 35 9.36 -38.75 1.20
CA SER E 35 10.49 -39.26 1.95
C SER E 35 11.49 -38.09 2.16
N GLN E 36 12.52 -38.28 2.94
CA GLN E 36 13.45 -37.18 3.14
C GLN E 36 14.22 -36.83 1.80
N GLU E 37 14.67 -37.86 1.01
CA GLU E 37 15.40 -37.54 -0.23
C GLU E 37 14.51 -36.74 -1.19
N VAL E 38 13.21 -36.74 -0.95
CA VAL E 38 12.32 -35.99 -1.80
C VAL E 38 12.21 -34.56 -1.30
N LYS E 39 11.91 -34.37 -0.04
CA LYS E 39 11.71 -33.01 0.46
C LYS E 39 12.94 -32.20 0.18
N ASN E 40 14.07 -32.86 0.32
CA ASN E 40 15.33 -32.24 0.02
C ASN E 40 15.36 -31.75 -1.43
N TRP E 41 14.88 -32.58 -2.36
CA TRP E 41 14.83 -32.14 -3.76
C TRP E 41 13.73 -31.06 -3.90
N MET E 42 12.49 -31.47 -3.66
CA MET E 42 11.30 -30.59 -3.69
C MET E 42 11.57 -29.21 -3.12
N THR E 43 12.39 -29.14 -2.10
CA THR E 43 12.68 -27.85 -1.50
C THR E 43 13.45 -26.95 -2.43
N GLU E 44 14.48 -27.49 -3.08
CA GLU E 44 15.29 -26.65 -3.97
C GLU E 44 14.57 -26.33 -5.29
N THR E 45 13.86 -27.31 -5.84
CA THR E 45 13.22 -27.11 -7.14
C THR E 45 11.99 -26.19 -7.08
N LEU E 46 10.99 -26.58 -6.31
CA LEU E 46 9.76 -25.78 -6.24
C LEU E 46 9.98 -24.44 -5.50
N LEU E 47 11.00 -24.32 -4.59
CA LEU E 47 11.23 -23.01 -3.91
C LEU E 47 11.66 -21.92 -4.92
N VAL E 48 12.61 -22.20 -5.85
CA VAL E 48 13.07 -21.18 -6.81
C VAL E 48 12.26 -21.20 -8.11
N GLN E 49 11.59 -22.33 -8.40
CA GLN E 49 10.83 -22.43 -9.65
C GLN E 49 9.76 -21.35 -9.71
N ASN E 50 9.11 -21.07 -8.58
CA ASN E 50 8.01 -20.09 -8.57
C ASN E 50 8.33 -18.76 -7.84
N ALA E 51 8.82 -18.92 -6.68
CA ALA E 51 9.35 -17.86 -5.80
C ALA E 51 9.15 -16.32 -6.14
N ASN E 52 8.04 -15.74 -6.63
CA ASN E 52 8.05 -14.20 -6.77
C ASN E 52 9.22 -13.62 -7.64
N PRO E 53 9.06 -13.36 -8.92
CA PRO E 53 10.19 -12.85 -9.78
C PRO E 53 11.13 -11.79 -9.15
N ASP E 54 10.71 -11.02 -8.14
CA ASP E 54 11.60 -10.00 -7.57
C ASP E 54 12.81 -10.63 -6.85
N CYS E 55 12.53 -11.67 -6.04
CA CYS E 55 13.59 -12.43 -5.32
C CYS E 55 14.00 -13.60 -6.16
N LYS E 56 13.13 -14.08 -7.00
CA LYS E 56 13.49 -15.17 -7.86
C LYS E 56 14.54 -14.67 -8.84
N THR E 57 14.45 -13.37 -9.16
CA THR E 57 15.43 -12.82 -10.01
C THR E 57 16.70 -12.67 -9.17
N ILE E 58 16.55 -12.50 -7.82
CA ILE E 58 17.72 -12.44 -6.93
C ILE E 58 18.39 -13.81 -6.83
N LEU E 59 17.60 -14.89 -6.74
CA LEU E 59 18.15 -16.22 -6.59
C LEU E 59 19.06 -16.49 -7.80
N LYS E 60 18.74 -15.91 -8.97
CA LYS E 60 19.63 -16.09 -10.13
C LYS E 60 20.71 -15.03 -10.14
N ALA E 61 20.47 -13.88 -9.47
CA ALA E 61 21.48 -12.82 -9.38
C ALA E 61 22.68 -13.20 -8.46
N LEU E 62 22.38 -13.82 -7.28
CA LEU E 62 23.43 -14.22 -6.32
C LEU E 62 24.27 -15.36 -6.89
N GLY E 63 23.71 -16.09 -7.87
CA GLY E 63 24.46 -17.16 -8.50
C GLY E 63 24.10 -18.51 -7.88
N PRO E 64 23.81 -19.57 -8.64
CA PRO E 64 23.50 -20.88 -8.01
C PRO E 64 24.67 -21.41 -7.19
N GLY E 65 24.32 -22.26 -6.24
CA GLY E 65 25.27 -22.84 -5.30
C GLY E 65 25.26 -22.02 -4.00
N ALA E 66 24.71 -20.78 -4.06
CA ALA E 66 24.63 -19.96 -2.88
C ALA E 66 23.79 -20.65 -1.85
N THR E 67 24.23 -20.59 -0.61
CA THR E 67 23.46 -21.20 0.42
C THR E 67 22.18 -20.44 0.59
N LEU E 68 21.13 -21.15 0.98
CA LEU E 68 19.83 -20.54 1.17
C LEU E 68 19.92 -19.41 2.13
N GLU E 69 20.92 -19.44 2.98
CA GLU E 69 21.03 -18.39 3.92
C GLU E 69 21.18 -17.11 3.08
N GLU E 70 22.08 -17.19 2.10
CA GLU E 70 22.34 -16.08 1.20
C GLU E 70 21.10 -15.71 0.37
N MET E 71 20.35 -16.69 -0.15
CA MET E 71 19.15 -16.35 -0.95
C MET E 71 18.18 -15.58 -0.09
N MET E 72 18.02 -16.08 1.11
CA MET E 72 17.08 -15.51 2.04
C MET E 72 17.41 -14.14 2.54
N THR E 73 18.53 -14.03 3.19
CA THR E 73 18.96 -12.78 3.78
C THR E 73 18.97 -11.70 2.74
N ALA E 74 19.58 -11.99 1.62
CA ALA E 74 19.66 -11.00 0.57
C ALA E 74 18.28 -10.59 0.11
N CYS E 75 17.37 -11.55 0.00
CA CYS E 75 16.04 -11.22 -0.44
C CYS E 75 15.19 -10.68 0.71
N GLN E 76 15.78 -10.13 1.77
CA GLN E 76 14.95 -9.56 2.82
C GLN E 76 14.59 -8.09 2.45
N GLY E 77 15.19 -7.52 1.37
CA GLY E 77 14.93 -6.12 0.93
C GLY E 77 14.13 -6.06 -0.42
N VAL E 78 13.43 -7.16 -0.71
CA VAL E 78 12.67 -7.31 -2.00
C VAL E 78 11.33 -6.68 -1.80
N GLY E 79 10.58 -6.08 -2.79
CA GLY E 79 9.33 -5.55 -2.21
C GLY E 79 9.68 -4.24 -1.48
N GLY E 80 9.31 -3.20 -2.16
CA GLY E 80 9.40 -1.72 -2.03
C GLY E 80 10.71 -0.85 -1.68
N PRO E 81 11.52 -0.96 -0.66
CA PRO E 81 12.61 0.05 -0.48
C PRO E 81 13.86 -0.20 -1.29
N GLY E 82 14.31 -1.46 -1.28
CA GLY E 82 15.55 -1.82 -1.95
C GLY E 82 15.37 -2.08 -3.45
N HIS E 83 14.54 -3.07 -3.77
CA HIS E 83 14.37 -3.50 -5.15
C HIS E 83 13.73 -2.33 -5.97
N LYS E 84 12.45 -2.01 -5.60
CA LYS E 84 11.70 -0.89 -6.21
C LYS E 84 12.56 0.33 -6.50
N ALA E 85 13.40 0.71 -5.57
CA ALA E 85 14.25 1.88 -5.79
C ALA E 85 15.24 1.66 -6.93
N ARG E 86 15.94 0.54 -6.90
CA ARG E 86 16.94 0.22 -7.93
C ARG E 86 16.32 -0.02 -9.31
N VAL E 87 15.29 -0.85 -9.38
CA VAL E 87 14.66 -1.15 -10.68
C VAL E 87 14.00 0.09 -11.29
N LEU E 88 13.44 0.96 -10.42
CA LEU E 88 12.78 2.17 -10.88
C LEU E 88 13.66 2.88 -11.88
N ALA E 89 14.99 2.80 -11.62
CA ALA E 89 16.01 3.44 -12.48
C ALA E 89 16.41 2.57 -13.66
N GLU E 90 16.21 1.28 -13.55
CA GLU E 90 16.61 0.38 -14.63
C GLU E 90 15.53 0.27 -15.68
N ALA E 91 14.31 0.56 -15.30
CA ALA E 91 13.22 0.55 -16.26
C ALA E 91 12.97 1.97 -16.83
N MET E 92 12.88 2.95 -15.92
CA MET E 92 12.57 4.33 -16.32
C MET E 92 13.73 5.03 -16.97
N SER E 93 14.94 4.81 -16.44
CA SER E 93 16.07 5.55 -16.98
C SER E 93 16.81 4.80 -18.03
N GLN E 94 16.61 3.51 -18.17
CA GLN E 94 17.29 2.83 -19.26
C GLN E 94 16.68 3.31 -20.55
N VAL E 95 15.37 3.47 -20.55
CA VAL E 95 14.71 3.92 -21.76
C VAL E 95 15.08 5.38 -22.11
N THR E 96 15.24 6.25 -21.10
CA THR E 96 15.56 7.67 -21.32
C THR E 96 16.96 7.82 -21.96
N ASN E 97 17.83 6.95 -21.51
CA ASN E 97 19.26 6.76 -21.90
C ASN E 97 19.54 6.45 -23.40
N THR E 98 18.65 6.88 -24.38
CA THR E 98 18.54 6.49 -25.85
C THR E 98 19.24 5.23 -26.36
N ALA E 99 19.31 4.29 -25.46
CA ALA E 99 19.73 2.94 -25.67
C ALA E 99 18.41 2.13 -25.62
N THR E 100 17.29 2.77 -26.07
CA THR E 100 15.96 2.18 -25.98
C THR E 100 15.83 0.94 -26.83
N ILE E 101 15.17 -0.04 -26.23
CA ILE E 101 14.97 -1.32 -26.87
C ILE E 101 13.77 -1.26 -27.82
N MET E 102 14.02 -1.47 -29.10
CA MET E 102 12.94 -1.45 -30.09
C MET E 102 12.22 -2.80 -30.12
N GLY F 1 -19.44 -15.93 -18.60
CA GLY F 1 -20.26 -16.13 -17.39
C GLY F 1 -21.41 -17.05 -17.71
N GLY F 2 -22.49 -16.84 -16.99
CA GLY F 2 -23.73 -17.63 -17.10
C GLY F 2 -23.61 -19.00 -16.41
N SER F 3 -22.44 -19.67 -16.48
CA SER F 3 -22.27 -20.94 -15.76
C SER F 3 -22.56 -20.62 -14.29
N PRO F 4 -22.97 -21.50 -13.45
CA PRO F 4 -23.36 -21.08 -12.07
C PRO F 4 -22.23 -20.68 -11.12
N THR F 5 -22.62 -19.81 -10.15
CA THR F 5 -21.76 -19.30 -9.05
C THR F 5 -20.74 -18.28 -9.48
N SER F 6 -19.75 -18.05 -8.61
CA SER F 6 -18.73 -17.04 -8.76
C SER F 6 -18.06 -16.86 -10.14
N ILE F 7 -18.35 -17.72 -11.20
CA ILE F 7 -17.81 -17.75 -12.62
C ILE F 7 -18.73 -16.87 -13.52
N LEU F 8 -19.95 -16.63 -13.06
CA LEU F 8 -20.84 -15.70 -13.65
C LEU F 8 -20.05 -14.40 -13.59
N ASP F 9 -19.32 -14.20 -12.44
CA ASP F 9 -18.43 -13.10 -12.38
C ASP F 9 -16.97 -13.50 -11.96
N ILE F 10 -16.31 -14.75 -12.29
CA ILE F 10 -15.05 -14.96 -11.50
C ILE F 10 -13.89 -14.16 -12.03
N ARG F 11 -13.51 -13.10 -11.30
CA ARG F 11 -12.44 -12.25 -11.75
C ARG F 11 -11.35 -12.03 -10.70
N GLN F 12 -10.15 -11.76 -11.21
CA GLN F 12 -8.99 -11.45 -10.36
C GLN F 12 -8.94 -9.96 -10.00
N GLY F 13 -8.73 -9.65 -8.69
CA GLY F 13 -8.64 -8.27 -8.21
C GLY F 13 -7.64 -7.45 -9.03
N PRO F 14 -7.42 -6.15 -8.80
CA PRO F 14 -6.49 -5.44 -9.68
C PRO F 14 -5.07 -5.87 -9.38
N LYS F 15 -4.82 -6.12 -8.09
CA LYS F 15 -3.49 -6.52 -7.62
C LYS F 15 -3.46 -7.99 -7.20
N GLU F 16 -4.64 -8.60 -7.03
CA GLU F 16 -4.71 -9.97 -6.58
C GLU F 16 -3.86 -10.80 -7.54
N PRO F 17 -2.84 -11.52 -7.08
CA PRO F 17 -2.00 -12.29 -8.03
C PRO F 17 -2.66 -13.56 -8.54
N PHE F 18 -2.03 -14.10 -9.59
CA PHE F 18 -2.44 -15.33 -10.25
C PHE F 18 -2.65 -16.54 -9.26
N ARG F 19 -2.26 -16.44 -7.96
CA ARG F 19 -2.53 -17.53 -6.98
C ARG F 19 -3.89 -17.44 -6.27
N ASP F 20 -4.18 -16.32 -5.59
CA ASP F 20 -5.42 -16.20 -4.82
C ASP F 20 -6.64 -16.30 -5.72
N TYR F 21 -6.75 -15.37 -6.69
CA TYR F 21 -7.87 -15.35 -7.62
C TYR F 21 -8.08 -16.71 -8.19
N VAL F 22 -6.97 -17.37 -8.53
CA VAL F 22 -7.12 -18.71 -9.11
C VAL F 22 -7.60 -19.68 -8.08
N ASP F 23 -7.09 -19.57 -6.86
CA ASP F 23 -7.55 -20.49 -5.83
C ASP F 23 -9.05 -20.37 -5.68
N ARG F 24 -9.56 -19.15 -5.86
CA ARG F 24 -11.01 -18.90 -5.77
C ARG F 24 -11.69 -19.58 -6.95
N PHE F 25 -11.22 -19.24 -8.13
CA PHE F 25 -11.78 -19.78 -9.35
C PHE F 25 -11.90 -21.29 -9.29
N TYR F 26 -10.88 -21.92 -8.69
CA TYR F 26 -10.85 -23.37 -8.51
C TYR F 26 -11.72 -23.76 -7.31
N LYS F 27 -11.73 -22.93 -6.27
CA LYS F 27 -12.48 -23.27 -5.09
C LYS F 27 -13.93 -23.41 -5.42
N THR F 28 -14.44 -22.43 -6.16
CA THR F 28 -15.82 -22.46 -6.57
C THR F 28 -16.16 -23.60 -7.58
N LEU F 29 -15.24 -23.92 -8.54
CA LEU F 29 -15.54 -24.97 -9.54
C LEU F 29 -15.87 -26.35 -8.92
N ARG F 30 -15.23 -26.80 -7.85
CA ARG F 30 -15.60 -28.14 -7.32
C ARG F 30 -16.87 -28.09 -6.47
N ALA F 31 -17.41 -26.91 -6.23
CA ALA F 31 -18.62 -26.79 -5.42
C ALA F 31 -19.85 -26.49 -6.29
N GLU F 32 -19.67 -26.33 -7.59
CA GLU F 32 -20.78 -26.06 -8.48
C GLU F 32 -21.21 -27.41 -9.06
N GLN F 33 -22.51 -27.64 -9.25
CA GLN F 33 -22.94 -28.97 -9.82
C GLN F 33 -22.75 -29.02 -11.38
N ALA F 34 -21.50 -28.88 -11.83
CA ALA F 34 -21.22 -28.88 -13.28
C ALA F 34 -20.63 -30.23 -13.74
N SER F 35 -21.09 -30.70 -14.93
CA SER F 35 -20.60 -31.96 -15.48
C SER F 35 -19.09 -31.89 -15.63
N GLN F 36 -18.44 -33.06 -15.61
CA GLN F 36 -16.98 -33.10 -15.66
C GLN F 36 -16.45 -32.23 -16.81
N GLU F 37 -17.14 -32.25 -17.97
CA GLU F 37 -16.74 -31.42 -19.11
C GLU F 37 -17.06 -29.93 -18.87
N VAL F 38 -18.22 -29.66 -18.32
CA VAL F 38 -18.64 -28.28 -18.06
C VAL F 38 -17.56 -27.53 -17.30
N LYS F 39 -16.95 -28.20 -16.35
CA LYS F 39 -15.88 -27.58 -15.57
C LYS F 39 -14.68 -27.40 -16.45
N ASN F 40 -14.42 -28.38 -17.29
CA ASN F 40 -13.29 -28.26 -18.19
C ASN F 40 -13.45 -26.98 -19.03
N TRP F 41 -14.68 -26.76 -19.50
CA TRP F 41 -15.01 -25.61 -20.32
C TRP F 41 -14.93 -24.32 -19.46
N MET F 42 -15.30 -24.37 -18.18
CA MET F 42 -15.20 -23.16 -17.35
C MET F 42 -13.72 -22.78 -17.13
N THR F 43 -12.90 -23.78 -16.82
CA THR F 43 -11.49 -23.59 -16.51
C THR F 43 -10.65 -22.89 -17.57
N GLU F 44 -10.91 -23.14 -18.84
CA GLU F 44 -10.08 -22.49 -19.84
C GLU F 44 -10.50 -21.07 -20.12
N THR F 45 -11.71 -20.93 -20.62
CA THR F 45 -12.27 -19.65 -21.04
C THR F 45 -12.53 -18.68 -19.89
N LEU F 46 -13.25 -19.15 -18.86
CA LEU F 46 -13.62 -18.25 -17.74
C LEU F 46 -12.40 -17.85 -16.93
N LEU F 47 -11.28 -18.56 -17.03
CA LEU F 47 -10.12 -18.15 -16.25
C LEU F 47 -9.40 -16.95 -16.93
N VAL F 48 -9.13 -17.05 -18.23
CA VAL F 48 -8.40 -16.00 -18.96
C VAL F 48 -9.23 -14.78 -19.30
N GLN F 49 -10.45 -14.99 -19.69
CA GLN F 49 -11.26 -13.90 -20.19
C GLN F 49 -11.55 -12.82 -19.17
N ASN F 50 -11.74 -13.22 -17.93
CA ASN F 50 -12.15 -12.27 -16.91
C ASN F 50 -11.11 -12.10 -15.73
N ALA F 51 -9.82 -12.45 -15.95
CA ALA F 51 -8.82 -12.35 -14.87
C ALA F 51 -7.74 -11.28 -15.05
N ASN F 52 -7.75 -10.24 -14.20
CA ASN F 52 -6.64 -9.26 -14.14
C ASN F 52 -6.00 -8.81 -15.47
N PRO F 53 -6.42 -7.75 -16.10
CA PRO F 53 -5.88 -7.35 -17.42
C PRO F 53 -4.34 -7.43 -17.52
N ASP F 54 -3.62 -7.27 -16.42
CA ASP F 54 -2.17 -7.38 -16.53
C ASP F 54 -1.82 -8.77 -16.84
N CYS F 55 -2.32 -9.71 -16.03
CA CYS F 55 -1.96 -11.07 -16.27
C CYS F 55 -2.54 -11.49 -17.57
N LYS F 56 -3.62 -10.86 -18.00
CA LYS F 56 -4.24 -11.28 -19.23
C LYS F 56 -3.31 -11.03 -20.39
N THR F 57 -2.71 -9.85 -20.46
CA THR F 57 -1.78 -9.58 -21.53
C THR F 57 -0.66 -10.65 -21.49
N ILE F 58 -0.39 -11.22 -20.28
CA ILE F 58 0.61 -12.31 -20.20
C ILE F 58 -0.01 -13.64 -20.78
N LEU F 59 -1.26 -14.00 -20.36
CA LEU F 59 -1.92 -15.20 -20.91
C LEU F 59 -1.91 -15.10 -22.44
N LYS F 60 -2.08 -13.88 -23.03
CA LYS F 60 -2.10 -13.75 -24.53
C LYS F 60 -0.72 -13.92 -25.11
N ALA F 61 0.25 -13.26 -24.52
CA ALA F 61 1.62 -13.39 -25.00
C ALA F 61 2.05 -14.86 -24.99
N LEU F 62 1.86 -15.54 -23.85
CA LEU F 62 2.21 -16.95 -23.77
C LEU F 62 1.39 -17.63 -24.86
N GLY F 63 0.16 -17.16 -24.99
CA GLY F 63 -0.72 -17.63 -26.04
C GLY F 63 -1.60 -18.81 -25.61
N PRO F 64 -2.72 -19.02 -26.28
CA PRO F 64 -3.62 -20.19 -25.98
C PRO F 64 -2.92 -21.54 -26.18
N GLY F 65 -3.48 -22.56 -25.58
CA GLY F 65 -2.91 -23.90 -25.65
C GLY F 65 -1.89 -24.12 -24.52
N ALA F 66 -1.46 -23.04 -23.87
CA ALA F 66 -0.55 -23.20 -22.78
C ALA F 66 -1.36 -23.58 -21.56
N THR F 67 -0.76 -24.40 -20.71
CA THR F 67 -1.41 -24.87 -19.51
C THR F 67 -1.46 -23.82 -18.41
N LEU F 68 -2.16 -24.15 -17.35
CA LEU F 68 -2.22 -23.27 -16.23
C LEU F 68 -0.83 -23.19 -15.65
N GLU F 69 -0.13 -24.31 -15.65
CA GLU F 69 1.17 -24.34 -15.04
C GLU F 69 2.01 -23.26 -15.74
N GLU F 70 1.83 -23.12 -17.06
CA GLU F 70 2.57 -22.06 -17.77
C GLU F 70 2.01 -20.66 -17.57
N MET F 71 0.68 -20.47 -17.50
CA MET F 71 0.14 -19.11 -17.30
C MET F 71 0.42 -18.59 -15.87
N MET F 72 0.20 -19.42 -14.90
CA MET F 72 0.38 -19.01 -13.49
C MET F 72 1.76 -18.49 -13.16
N THR F 73 2.72 -19.43 -13.22
CA THR F 73 4.11 -19.15 -12.89
C THR F 73 4.55 -17.81 -13.45
N ALA F 74 4.38 -17.64 -14.73
CA ALA F 74 4.80 -16.41 -15.35
C ALA F 74 4.05 -15.22 -14.81
N CYS F 75 2.74 -15.37 -14.63
CA CYS F 75 1.95 -14.22 -14.22
C CYS F 75 2.15 -13.84 -12.79
N GLN F 76 3.03 -14.53 -12.07
CA GLN F 76 3.25 -14.16 -10.69
C GLN F 76 3.92 -12.77 -10.64
N GLY F 77 4.52 -12.32 -11.77
CA GLY F 77 5.18 -11.01 -11.83
C GLY F 77 4.21 -9.81 -11.73
N VAL F 78 2.87 -10.07 -11.91
CA VAL F 78 1.82 -8.99 -11.76
C VAL F 78 2.07 -8.43 -10.39
N GLY F 79 1.85 -7.09 -10.10
CA GLY F 79 2.35 -6.66 -8.78
C GLY F 79 3.20 -5.45 -8.96
N GLY F 80 3.60 -4.70 -7.92
CA GLY F 80 4.30 -3.54 -8.36
C GLY F 80 5.78 -3.72 -8.77
N PRO F 81 6.59 -4.24 -7.91
CA PRO F 81 8.04 -4.43 -8.20
C PRO F 81 8.31 -5.19 -9.50
N GLY F 82 7.52 -6.22 -9.74
CA GLY F 82 7.71 -7.04 -10.93
C GLY F 82 7.06 -6.47 -12.19
N HIS F 83 5.74 -6.32 -12.19
CA HIS F 83 5.10 -5.85 -13.40
C HIS F 83 5.03 -4.32 -13.50
N LYS F 84 4.86 -3.59 -12.37
CA LYS F 84 4.77 -2.12 -12.50
C LYS F 84 6.06 -1.55 -12.93
N ALA F 85 7.16 -2.13 -12.43
CA ALA F 85 8.48 -1.64 -12.78
C ALA F 85 8.66 -1.61 -14.29
N ARG F 86 8.08 -2.58 -15.01
CA ARG F 86 8.22 -2.60 -16.46
C ARG F 86 7.29 -1.61 -17.20
N VAL F 87 6.01 -1.50 -16.77
CA VAL F 87 5.03 -0.60 -17.46
C VAL F 87 5.29 0.88 -17.13
N LEU F 88 5.78 1.11 -15.91
CA LEU F 88 6.03 2.48 -15.46
C LEU F 88 6.89 3.19 -16.49
N ALA F 89 7.78 2.47 -17.13
CA ALA F 89 8.62 3.07 -18.18
C ALA F 89 7.89 3.10 -19.54
N GLU F 90 7.26 1.98 -19.90
CA GLU F 90 6.57 1.86 -21.20
C GLU F 90 5.50 2.91 -21.44
N ALA F 91 4.60 3.07 -20.48
CA ALA F 91 3.55 4.06 -20.65
C ALA F 91 4.13 5.45 -20.54
N MET F 92 5.02 5.67 -19.58
CA MET F 92 5.61 6.98 -19.39
C MET F 92 6.51 7.42 -20.54
N SER F 93 7.09 6.46 -21.25
CA SER F 93 8.00 6.82 -22.35
C SER F 93 7.37 6.62 -23.72
N GLN F 94 6.23 5.97 -23.82
CA GLN F 94 5.66 5.75 -25.15
C GLN F 94 5.05 7.04 -25.65
N VAL F 95 4.13 7.56 -24.87
CA VAL F 95 3.47 8.79 -25.23
C VAL F 95 4.38 10.00 -25.07
N THR F 96 5.41 9.87 -24.25
CA THR F 96 6.27 11.02 -24.02
C THR F 96 7.32 11.33 -25.10
N ASN F 97 8.12 10.36 -25.59
CA ASN F 97 9.17 10.78 -26.55
C ASN F 97 8.78 10.92 -28.04
N THR F 98 8.42 9.81 -28.70
CA THR F 98 8.07 9.88 -30.14
C THR F 98 6.60 9.55 -30.43
N ALA F 99 6.16 8.47 -29.79
CA ALA F 99 4.82 7.92 -30.00
C ALA F 99 3.72 8.66 -29.27
N THR F 100 3.81 9.98 -29.18
CA THR F 100 2.81 10.73 -28.47
C THR F 100 1.45 10.59 -29.15
N ILE F 101 0.43 10.23 -28.36
CA ILE F 101 -0.92 10.03 -28.88
C ILE F 101 -1.72 11.31 -28.69
N MET F 102 -2.21 11.86 -29.79
CA MET F 102 -2.98 13.09 -29.75
C MET F 102 -4.43 12.82 -29.37
C1 A1CCY G . 5.70 8.84 -2.55
C2 A1CCY G . 6.59 7.98 -3.10
C3 A1CCY G . 6.96 6.85 -2.36
C4 A1CCY G . 6.44 6.61 -1.10
C5 A1CCY G . 5.48 7.47 -0.56
C6 A1CCY G . 5.10 8.60 -1.25
C7 A1CCY G . 4.15 9.71 -0.83
C9 A1CCY G . 5.04 10.07 -3.06
N10 A1CCY G . 3.16 11.55 -2.28
C13 A1CCY G . 1.55 10.88 -4.11
C15 A1CCY G . 2.10 10.83 -6.51
C16 A1CCY G . 1.22 9.82 -6.76
C17 A1CCY G . 0.49 9.29 -5.66
C18 A1CCY G . 0.66 9.74 -4.37
C19 A1CCY G . 0.91 9.19 -8.11
C20 A1CCY G . 0.99 7.68 -8.00
C21 A1CCY G . 1.79 9.68 -9.29
C22 A1CCY G . -0.55 9.50 -8.40
C24 A1CCY G . -0.76 12.43 -1.10
C25 A1CCY G . -2.17 12.05 -0.95
C26 A1CCY G . -3.05 12.32 -1.93
C27 A1CCY G . -2.61 12.84 -3.08
C28 A1CCY G . -1.28 13.05 -3.27
C30 A1CCY G . -2.55 11.24 0.25
C11 A1CCY G . 1.74 11.52 -2.67
C14 A1CCY G . 2.33 11.33 -5.23
C12 A1CCY G . 1.17 12.94 -2.50
N23 A1CCY G . -0.36 12.97 -2.28
O29 A1CCY G . 0.09 12.35 -0.19
F31 A1CCY G . -1.77 10.25 0.45
F32 A1CCY G . -2.57 12.05 1.35
F33 A1CCY G . -3.75 10.70 0.16
C8 A1CCY G . 3.79 10.17 -2.24
H2 A1CCY G . 7.04 8.30 -4.03
H3 A1CCY G . 7.74 6.17 -2.66
H4 A1CCY G . 6.75 5.72 -0.58
H5 A1CCY G . 4.95 7.30 0.36
H7B A1CCY G . 3.26 9.43 -0.26
H7A A1CCY G . 4.58 10.55 -0.27
H9A A1CCY G . 4.87 9.95 -4.14
H9B A1CCY G . 5.69 10.93 -2.82
H1 A1CCY G . 3.38 11.98 -1.40
H15 A1CCY G . 2.72 11.27 -7.28
H17 A1CCY G . -0.19 8.45 -5.70
H18 A1CCY G . 0.02 9.37 -3.59
H20B A1CCY G . 2.03 7.39 -7.75
H20C A1CCY G . 0.63 7.22 -8.95
H20A A1CCY G . 0.42 7.25 -7.15
H21C A1CCY G . 2.84 9.37 -9.11
H21A A1CCY G . 1.64 10.75 -9.54
H21B A1CCY G . 1.58 9.08 -10.20
H22B A1CCY G . -0.58 10.50 -8.87
H22C A1CCY G . -1.24 9.38 -7.53
H22A A1CCY G . -0.91 8.86 -9.24
H26 A1CCY G . -4.02 11.84 -1.94
H27 A1CCY G . -3.24 12.77 -3.96
H28 A1CCY G . -0.81 13.28 -4.24
H11 A1CCY G . 1.19 10.77 -2.06
H14 A1CCY G . 3.09 12.09 -5.12
H12B A1CCY G . 1.21 13.61 -3.39
H12A A1CCY G . 1.59 13.53 -1.65
H8 A1CCY G . 3.12 9.35 -2.54
C1 IHP H . -0.94 3.04 -2.66
C2 IHP H . -1.33 2.89 -1.15
C3 IHP H . -0.05 2.74 -0.31
C4 IHP H . 0.79 3.96 -0.48
C5 IHP H . 1.30 3.81 -1.95
C6 IHP H . 0.01 4.18 -2.89
O11 IHP H . -2.15 3.17 -3.48
P1 IHP H . -2.73 1.86 -4.25
O21 IHP H . -1.96 0.69 -3.72
O31 IHP H . -4.29 1.82 -4.05
O41 IHP H . -2.40 2.11 -5.67
O12 IHP H . -2.05 4.11 -0.69
P2 IHP H . -3.46 4.00 0.02
O22 IHP H . -4.08 2.61 -0.15
O32 IHP H . -4.31 5.06 -0.56
O42 IHP H . -3.25 4.23 1.45
O13 IHP H . -0.39 2.54 1.01
P3 IHP H . 0.25 1.39 1.88
O23 IHP H . -0.82 0.35 2.11
O33 IHP H . 1.53 0.91 1.23
O43 IHP H . 0.50 2.15 3.18
O14 IHP H . 1.84 3.95 0.46
P4 IHP H . 2.42 5.22 1.30
O24 IHP H . 3.09 6.12 0.30
O34 IHP H . 1.42 5.96 2.13
O44 IHP H . 3.47 4.66 2.25
O15 IHP H . 2.49 4.56 -2.20
P5 IHP H . 3.90 3.87 -2.45
O25 IHP H . 4.76 5.10 -2.80
O35 IHP H . 3.75 2.84 -3.55
O45 IHP H . 4.32 3.16 -1.21
O16 IHP H . 0.45 4.21 -4.29
P6 IHP H . 0.48 5.42 -5.25
O26 IHP H . 1.26 6.58 -4.68
O36 IHP H . 1.30 4.83 -6.40
O46 IHP H . -0.89 5.87 -5.59
H1 IHP H . -0.27 2.19 -2.89
H2 IHP H . -1.80 1.89 -1.00
H3 IHP H . 0.49 1.87 -0.75
H4 IHP H . 0.11 4.84 -0.42
H5 IHP H . 1.42 2.74 -2.23
H6 IHP H . -0.40 5.15 -2.53
N GLY A 1 -34.24 -1.36 -1.16
CA GLY A 1 -33.55 -0.17 -1.64
C GLY A 1 -34.07 1.02 -0.91
N GLY A 2 -33.18 1.97 -0.67
CA GLY A 2 -33.55 3.21 0.00
C GLY A 2 -33.53 3.06 1.53
N SER A 3 -33.01 1.94 2.02
CA SER A 3 -32.88 1.72 3.44
C SER A 3 -31.89 2.71 3.95
N PRO A 4 -31.82 2.91 5.23
CA PRO A 4 -30.72 3.67 5.77
C PRO A 4 -29.56 2.76 5.42
N THR A 5 -28.47 3.29 4.85
CA THR A 5 -27.30 2.48 4.39
C THR A 5 -27.43 1.86 2.98
N SER A 6 -28.58 1.98 2.31
CA SER A 6 -28.71 1.28 1.01
C SER A 6 -28.39 2.00 -0.29
N ILE A 7 -28.95 3.18 -0.38
CA ILE A 7 -28.91 4.09 -1.55
C ILE A 7 -28.69 5.49 -1.27
N LEU A 8 -29.04 5.87 -0.09
CA LEU A 8 -28.89 7.21 0.29
C LEU A 8 -27.44 7.45 0.50
N ASP A 9 -26.68 6.46 1.09
CA ASP A 9 -25.29 6.66 1.09
C ASP A 9 -24.52 5.50 0.50
N ILE A 10 -25.06 4.54 -0.34
CA ILE A 10 -24.08 3.49 -0.63
C ILE A 10 -22.99 4.04 -1.54
N ARG A 11 -21.71 3.98 -1.07
CA ARG A 11 -20.59 4.59 -1.84
C ARG A 11 -19.33 3.69 -2.03
N GLN A 12 -18.73 3.82 -3.23
CA GLN A 12 -17.54 3.04 -3.60
C GLN A 12 -16.25 3.69 -3.20
N GLY A 13 -15.45 2.88 -2.52
CA GLY A 13 -14.19 3.36 -2.08
C GLY A 13 -13.30 3.67 -3.26
N PRO A 14 -12.31 4.54 -3.06
CA PRO A 14 -11.39 4.94 -4.16
C PRO A 14 -10.58 3.74 -4.60
N LYS A 15 -10.11 2.98 -3.61
CA LYS A 15 -9.35 1.76 -3.91
C LYS A 15 -10.33 0.55 -4.09
N GLU A 16 -11.53 0.68 -3.47
CA GLU A 16 -12.55 -0.33 -3.54
C GLU A 16 -12.98 -0.55 -5.02
N PRO A 17 -12.97 -1.73 -5.57
CA PRO A 17 -13.35 -1.94 -6.99
C PRO A 17 -14.82 -1.80 -7.22
N PHE A 18 -15.14 -1.67 -8.48
CA PHE A 18 -16.50 -1.51 -8.88
C PHE A 18 -17.30 -2.67 -8.30
N ARG A 19 -16.73 -3.89 -8.32
CA ARG A 19 -17.42 -5.07 -7.78
C ARG A 19 -17.69 -5.03 -6.26
N ASP A 20 -16.70 -4.70 -5.46
CA ASP A 20 -16.94 -4.74 -4.02
C ASP A 20 -18.09 -3.83 -3.64
N TYR A 21 -18.10 -2.65 -4.22
CA TYR A 21 -19.16 -1.67 -3.97
C TYR A 21 -20.47 -2.05 -4.61
N VAL A 22 -20.43 -2.52 -5.86
CA VAL A 22 -21.67 -2.91 -6.51
C VAL A 22 -22.36 -3.97 -5.66
N ASP A 23 -21.56 -4.89 -5.11
CA ASP A 23 -22.09 -5.91 -4.24
C ASP A 23 -22.72 -5.23 -2.99
N ARG A 24 -22.06 -4.22 -2.46
CA ARG A 24 -22.61 -3.55 -1.26
C ARG A 24 -23.96 -2.96 -1.56
N PHE A 25 -24.02 -2.35 -2.70
CA PHE A 25 -25.22 -1.74 -3.16
C PHE A 25 -26.26 -2.78 -3.49
N TYR A 26 -25.89 -3.93 -4.00
CA TYR A 26 -26.94 -4.86 -4.30
C TYR A 26 -27.56 -5.45 -3.03
N LYS A 27 -26.74 -6.11 -2.23
CA LYS A 27 -27.25 -6.76 -1.03
C LYS A 27 -27.97 -5.76 -0.15
N THR A 28 -27.36 -4.62 0.09
CA THR A 28 -28.02 -3.65 0.95
C THR A 28 -29.39 -3.27 0.45
N LEU A 29 -29.75 -3.47 -0.81
CA LEU A 29 -31.12 -3.04 -1.18
C LEU A 29 -32.08 -3.87 -0.35
N ARG A 30 -31.75 -5.16 -0.19
CA ARG A 30 -32.59 -6.05 0.59
C ARG A 30 -32.73 -5.61 2.03
N ALA A 31 -31.94 -4.62 2.46
CA ALA A 31 -32.03 -4.17 3.86
C ALA A 31 -33.38 -3.55 4.16
N GLU A 32 -33.98 -2.84 3.18
CA GLU A 32 -35.34 -2.29 3.37
C GLU A 32 -36.40 -3.01 2.52
N GLN A 33 -37.66 -2.72 2.80
CA GLN A 33 -38.78 -3.29 2.02
C GLN A 33 -39.30 -2.24 1.02
N ALA A 34 -38.76 -2.26 -0.21
CA ALA A 34 -39.13 -1.26 -1.22
C ALA A 34 -39.82 -1.89 -2.42
N SER A 35 -40.70 -1.13 -3.07
CA SER A 35 -41.41 -1.64 -4.23
C SER A 35 -40.38 -2.12 -5.21
N GLN A 36 -40.74 -3.10 -6.02
CA GLN A 36 -39.81 -3.68 -6.96
C GLN A 36 -39.28 -2.63 -7.95
N GLU A 37 -40.18 -1.84 -8.54
CA GLU A 37 -39.74 -0.80 -9.48
C GLU A 37 -38.96 0.26 -8.73
N VAL A 38 -39.35 0.53 -7.46
CA VAL A 38 -38.63 1.49 -6.64
C VAL A 38 -37.20 1.06 -6.47
N LYS A 39 -36.98 -0.20 -6.20
CA LYS A 39 -35.62 -0.67 -6.06
C LYS A 39 -34.91 -0.61 -7.40
N ASN A 40 -35.64 -0.84 -8.50
CA ASN A 40 -34.98 -0.84 -9.81
C ASN A 40 -34.48 0.54 -10.17
N TRP A 41 -35.30 1.53 -9.82
CA TRP A 41 -34.99 2.93 -10.05
C TRP A 41 -33.68 3.28 -9.36
N MET A 42 -33.58 2.82 -8.14
CA MET A 42 -32.39 3.00 -7.34
C MET A 42 -31.14 2.37 -7.99
N THR A 43 -31.26 1.17 -8.52
CA THR A 43 -30.10 0.55 -9.12
C THR A 43 -29.53 1.41 -10.23
N GLU A 44 -30.38 2.09 -10.96
CA GLU A 44 -29.86 2.90 -12.05
C GLU A 44 -29.32 4.25 -11.58
N THR A 45 -30.21 5.02 -10.97
CA THR A 45 -29.89 6.38 -10.55
C THR A 45 -28.74 6.46 -9.56
N LEU A 46 -28.76 5.58 -8.53
CA LEU A 46 -27.73 5.63 -7.46
C LEU A 46 -26.47 4.83 -7.74
N LEU A 47 -26.54 3.78 -8.54
CA LEU A 47 -25.34 2.98 -8.76
C LEU A 47 -24.22 3.77 -9.41
N VAL A 48 -24.57 4.62 -10.36
CA VAL A 48 -23.58 5.35 -11.11
C VAL A 48 -23.12 6.64 -10.44
N GLN A 49 -24.07 7.36 -9.86
CA GLN A 49 -23.80 8.65 -9.23
C GLN A 49 -22.88 8.62 -8.00
N ASN A 50 -23.17 7.75 -7.06
CA ASN A 50 -22.42 7.69 -5.81
C ASN A 50 -21.30 6.64 -5.81
N ALA A 51 -20.67 6.39 -6.96
CA ALA A 51 -19.67 5.33 -7.02
C ALA A 51 -18.30 5.67 -7.60
N ASN A 52 -17.30 5.89 -6.70
CA ASN A 52 -15.88 5.93 -7.15
C ASN A 52 -15.58 6.64 -8.46
N PRO A 53 -15.23 7.89 -8.48
CA PRO A 53 -14.97 8.61 -9.77
C PRO A 53 -14.15 7.80 -10.82
N ASP A 54 -13.36 6.78 -10.42
CA ASP A 54 -12.63 6.01 -11.46
C ASP A 54 -13.61 5.29 -12.31
N CYS A 55 -14.55 4.58 -11.66
CA CYS A 55 -15.57 3.83 -12.39
C CYS A 55 -16.69 4.73 -12.86
N LYS A 56 -17.00 5.79 -12.10
CA LYS A 56 -18.09 6.70 -12.53
C LYS A 56 -17.75 7.36 -13.87
N THR A 57 -16.51 7.78 -14.02
CA THR A 57 -16.09 8.36 -15.28
C THR A 57 -16.23 7.27 -16.38
N ILE A 58 -16.19 5.98 -15.97
CA ILE A 58 -16.32 4.85 -16.94
C ILE A 58 -17.77 4.58 -17.28
N LEU A 59 -18.64 4.62 -16.29
CA LEU A 59 -20.06 4.38 -16.52
C LEU A 59 -20.56 5.43 -17.48
N LYS A 60 -20.06 6.68 -17.31
CA LYS A 60 -20.45 7.80 -18.21
C LYS A 60 -19.80 7.62 -19.61
N ALA A 61 -18.58 7.09 -19.63
CA ALA A 61 -17.85 6.86 -20.87
C ALA A 61 -18.46 5.76 -21.72
N LEU A 62 -18.86 4.67 -21.08
CA LEU A 62 -19.45 3.58 -21.80
C LEU A 62 -20.68 4.13 -22.50
N GLY A 63 -21.38 4.98 -21.77
CA GLY A 63 -22.59 5.57 -22.30
C GLY A 63 -23.80 5.03 -21.52
N PRO A 64 -24.74 5.86 -21.07
CA PRO A 64 -25.92 5.36 -20.33
C PRO A 64 -26.70 4.40 -21.19
N GLY A 65 -27.31 3.44 -20.54
CA GLY A 65 -28.06 2.39 -21.22
C GLY A 65 -27.25 1.09 -21.21
N ALA A 66 -25.95 1.18 -20.92
CA ALA A 66 -25.15 -0.01 -20.87
C ALA A 66 -25.58 -0.85 -19.69
N THR A 67 -25.66 -2.13 -19.91
CA THR A 67 -26.04 -3.04 -18.87
C THR A 67 -24.90 -3.11 -17.85
N LEU A 68 -25.13 -3.82 -16.78
CA LEU A 68 -24.09 -3.96 -15.81
C LEU A 68 -23.01 -4.83 -16.37
N GLU A 69 -23.36 -5.73 -17.25
CA GLU A 69 -22.36 -6.60 -17.80
C GLU A 69 -21.29 -5.72 -18.43
N GLU A 70 -21.70 -4.57 -18.95
CA GLU A 70 -20.73 -3.64 -19.54
C GLU A 70 -20.06 -2.73 -18.50
N MET A 71 -20.83 -2.19 -17.55
CA MET A 71 -20.25 -1.31 -16.53
C MET A 71 -19.19 -2.06 -15.73
N MET A 72 -19.45 -3.31 -15.43
CA MET A 72 -18.53 -4.13 -14.65
C MET A 72 -17.25 -4.39 -15.43
N THR A 73 -17.35 -5.12 -16.55
CA THR A 73 -16.17 -5.48 -17.38
C THR A 73 -15.17 -4.32 -17.54
N ALA A 74 -15.69 -3.16 -17.97
CA ALA A 74 -14.87 -1.98 -18.16
C ALA A 74 -14.26 -1.46 -16.86
N CYS A 75 -15.05 -1.46 -15.79
CA CYS A 75 -14.56 -0.90 -14.54
C CYS A 75 -13.64 -1.89 -13.78
N GLN A 76 -13.58 -3.12 -14.23
CA GLN A 76 -12.69 -4.04 -13.54
C GLN A 76 -11.24 -3.55 -13.61
N GLY A 77 -10.95 -2.73 -14.61
CA GLY A 77 -9.60 -2.18 -14.75
C GLY A 77 -9.28 -1.18 -13.63
N VAL A 78 -10.37 -0.63 -13.01
CA VAL A 78 -10.26 0.36 -11.91
C VAL A 78 -9.34 -0.30 -10.97
N GLY A 79 -8.32 0.45 -10.45
CA GLY A 79 -7.27 -0.33 -9.85
C GLY A 79 -5.97 0.25 -10.34
N GLY A 80 -4.78 -0.22 -9.92
CA GLY A 80 -3.66 0.51 -10.43
C GLY A 80 -3.11 0.14 -11.79
N PRO A 81 -2.80 -1.07 -12.05
CA PRO A 81 -2.19 -1.39 -13.37
C PRO A 81 -3.10 -1.15 -14.56
N GLY A 82 -4.32 -1.61 -14.47
CA GLY A 82 -5.25 -1.45 -15.58
C GLY A 82 -5.68 -0.02 -15.82
N HIS A 83 -6.20 0.65 -14.78
CA HIS A 83 -6.70 2.01 -14.92
C HIS A 83 -5.64 3.09 -14.62
N LYS A 84 -4.98 3.05 -13.39
CA LYS A 84 -3.98 4.09 -13.05
C LYS A 84 -2.86 4.16 -14.06
N ALA A 85 -2.58 3.06 -14.75
CA ALA A 85 -1.51 3.14 -15.75
C ALA A 85 -1.88 4.18 -16.82
N ARG A 86 -3.16 4.17 -17.20
CA ARG A 86 -3.65 5.08 -18.22
C ARG A 86 -3.85 6.51 -17.73
N VAL A 87 -4.41 6.67 -16.53
CA VAL A 87 -4.70 8.01 -16.01
C VAL A 87 -3.43 8.81 -15.69
N LEU A 88 -2.49 8.19 -15.03
CA LEU A 88 -1.28 8.92 -14.65
C LEU A 88 -0.55 9.40 -15.89
N ALA A 89 -0.36 8.47 -16.80
CA ALA A 89 0.38 8.74 -18.01
C ALA A 89 -0.25 9.87 -18.82
N GLU A 90 -1.60 9.85 -18.90
CA GLU A 90 -2.32 10.89 -19.64
C GLU A 90 -2.18 12.26 -19.00
N ALA A 91 -2.36 12.31 -17.70
CA ALA A 91 -2.24 13.56 -17.01
C ALA A 91 -0.77 14.01 -17.02
N MET A 92 0.12 13.03 -17.05
CA MET A 92 1.56 13.28 -16.99
C MET A 92 2.14 13.71 -18.30
N SER A 93 1.44 13.42 -19.38
CA SER A 93 1.92 13.83 -20.69
C SER A 93 1.13 15.02 -21.23
N GLN A 94 0.00 15.35 -20.59
CA GLN A 94 -0.86 16.45 -21.03
C GLN A 94 -0.39 17.78 -20.58
N VAL A 95 -0.21 17.87 -19.28
CA VAL A 95 0.21 19.08 -18.60
C VAL A 95 1.66 19.42 -18.88
N THR A 96 2.39 18.50 -19.43
CA THR A 96 3.76 18.78 -19.62
C THR A 96 4.14 19.99 -20.54
N ASN A 97 4.02 19.90 -21.87
CA ASN A 97 4.49 21.04 -22.76
C ASN A 97 3.57 21.77 -23.63
N THR A 98 2.99 20.93 -24.37
CA THR A 98 1.99 21.27 -25.29
C THR A 98 0.67 21.43 -24.58
N ALA A 99 0.69 21.35 -23.27
CA ALA A 99 -0.33 21.40 -22.40
C ALA A 99 -1.10 22.59 -22.46
N THR A 100 -0.70 23.55 -23.18
CA THR A 100 -1.54 24.62 -23.22
C THR A 100 -2.69 24.10 -24.06
N ILE A 101 -3.79 23.84 -23.40
CA ILE A 101 -4.95 23.28 -24.04
C ILE A 101 -5.96 24.36 -24.20
N MET A 102 -6.34 24.61 -25.42
CA MET A 102 -7.29 25.67 -25.68
C MET A 102 -8.68 25.24 -25.23
N GLY B 1 -22.37 15.46 20.18
CA GLY B 1 -21.38 16.32 19.47
C GLY B 1 -20.62 17.15 20.49
N GLY B 2 -19.29 17.27 20.33
CA GLY B 2 -18.46 17.98 21.31
C GLY B 2 -18.08 17.03 22.48
N SER B 3 -18.37 15.71 22.33
CA SER B 3 -18.01 14.72 23.33
C SER B 3 -16.53 14.60 23.41
N PRO B 4 -16.02 13.99 24.43
CA PRO B 4 -14.61 13.65 24.41
C PRO B 4 -14.65 12.62 23.29
N THR B 5 -13.72 12.68 22.34
CA THR B 5 -13.68 11.77 21.14
C THR B 5 -14.56 12.23 19.93
N SER B 6 -15.41 13.27 20.07
CA SER B 6 -16.33 13.63 18.94
C SER B 6 -16.02 14.79 17.97
N ILE B 7 -15.63 15.90 18.52
CA ILE B 7 -15.38 17.16 17.79
C ILE B 7 -14.07 17.75 18.14
N LEU B 8 -13.83 17.72 19.39
CA LEU B 8 -12.63 18.18 19.92
C LEU B 8 -11.52 17.34 19.31
N ASP B 9 -11.72 15.97 19.07
CA ASP B 9 -10.71 15.31 18.28
C ASP B 9 -11.19 14.39 17.14
N ILE B 10 -12.46 14.39 16.59
CA ILE B 10 -12.58 13.32 15.60
C ILE B 10 -11.70 13.68 14.37
N ARG B 11 -10.86 12.76 13.84
CA ARG B 11 -9.94 13.12 12.72
C ARG B 11 -9.87 12.10 11.53
N GLN B 12 -9.69 12.64 10.27
CA GLN B 12 -9.56 11.81 9.03
C GLN B 12 -8.11 11.56 8.71
N GLY B 13 -7.77 10.29 8.56
CA GLY B 13 -6.42 9.91 8.27
C GLY B 13 -5.98 10.32 6.87
N PRO B 14 -4.68 10.22 6.62
CA PRO B 14 -4.10 10.55 5.30
C PRO B 14 -4.51 9.52 4.25
N LYS B 15 -4.34 8.24 4.57
CA LYS B 15 -4.80 7.19 3.66
C LYS B 15 -6.32 7.11 3.63
N GLU B 16 -6.95 7.66 4.67
CA GLU B 16 -8.35 7.58 4.89
C GLU B 16 -9.28 8.38 3.96
N PRO B 17 -10.41 7.83 3.51
CA PRO B 17 -11.38 8.58 2.68
C PRO B 17 -12.33 9.31 3.56
N PHE B 18 -12.74 10.43 3.06
CA PHE B 18 -13.67 11.28 3.72
C PHE B 18 -14.93 10.49 4.19
N ARG B 19 -15.23 9.31 3.59
CA ARG B 19 -16.47 8.60 4.01
C ARG B 19 -16.47 8.11 5.43
N ASP B 20 -15.52 7.22 5.73
CA ASP B 20 -15.42 6.62 7.05
C ASP B 20 -15.23 7.69 8.06
N TYR B 21 -14.42 8.67 7.74
CA TYR B 21 -14.22 9.73 8.69
C TYR B 21 -15.51 10.49 8.91
N VAL B 22 -16.15 10.91 7.82
CA VAL B 22 -17.41 11.63 7.94
C VAL B 22 -18.38 10.82 8.77
N ASP B 23 -18.34 9.52 8.58
CA ASP B 23 -19.18 8.64 9.33
C ASP B 23 -18.72 8.58 10.78
N ARG B 24 -17.40 8.66 11.00
CA ARG B 24 -16.86 8.61 12.36
C ARG B 24 -17.40 9.77 13.13
N PHE B 25 -17.27 10.96 12.55
CA PHE B 25 -17.77 12.20 13.13
C PHE B 25 -19.27 12.10 13.32
N TYR B 26 -19.98 11.65 12.33
CA TYR B 26 -21.42 11.54 12.50
C TYR B 26 -21.85 10.61 13.64
N LYS B 27 -21.27 9.42 13.72
CA LYS B 27 -21.68 8.45 14.76
C LYS B 27 -21.21 8.87 16.16
N THR B 28 -19.96 9.32 16.31
CA THR B 28 -19.47 9.70 17.63
C THR B 28 -20.22 10.86 18.23
N LEU B 29 -20.95 11.64 17.44
CA LEU B 29 -21.63 12.81 18.04
C LEU B 29 -22.65 12.25 19.02
N ARG B 30 -23.20 11.04 18.71
CA ARG B 30 -24.15 10.43 19.64
C ARG B 30 -23.48 10.10 20.99
N ALA B 31 -22.14 10.26 21.07
CA ALA B 31 -21.41 9.99 22.29
C ALA B 31 -21.75 11.01 23.41
N GLU B 32 -21.98 12.29 23.07
CA GLU B 32 -22.36 13.29 24.10
C GLU B 32 -23.78 13.90 23.94
N GLN B 33 -24.13 14.72 24.95
CA GLN B 33 -25.38 15.48 24.93
C GLN B 33 -25.12 16.99 24.62
N ALA B 34 -25.32 17.37 23.36
CA ALA B 34 -25.10 18.77 22.94
C ALA B 34 -26.42 19.44 22.53
N SER B 35 -26.38 20.75 22.33
CA SER B 35 -27.57 21.46 21.90
C SER B 35 -27.74 21.28 20.40
N GLN B 36 -28.93 21.47 19.90
CA GLN B 36 -29.13 21.27 18.48
C GLN B 36 -28.30 22.27 17.66
N GLU B 37 -28.43 23.57 17.92
CA GLU B 37 -27.61 24.51 17.20
C GLU B 37 -26.14 24.18 17.43
N VAL B 38 -25.85 23.68 18.62
CA VAL B 38 -24.48 23.26 18.93
C VAL B 38 -24.01 22.11 18.00
N LYS B 39 -24.86 21.11 17.74
CA LYS B 39 -24.44 19.98 16.89
C LYS B 39 -24.24 20.35 15.42
N ASN B 40 -24.83 21.44 14.98
CA ASN B 40 -24.66 21.85 13.58
C ASN B 40 -23.32 22.56 13.44
N TRP B 41 -23.08 23.45 14.38
CA TRP B 41 -21.80 24.15 14.52
C TRP B 41 -20.66 23.12 14.42
N MET B 42 -20.95 21.95 14.98
CA MET B 42 -20.01 20.84 15.01
C MET B 42 -19.80 20.15 13.65
N THR B 43 -20.80 20.13 12.79
CA THR B 43 -20.60 19.46 11.53
C THR B 43 -19.65 20.27 10.62
N GLU B 44 -19.83 21.58 10.61
CA GLU B 44 -19.04 22.45 9.76
C GLU B 44 -17.70 22.90 10.38
N THR B 45 -17.70 23.20 11.68
CA THR B 45 -16.49 23.72 12.34
C THR B 45 -15.35 22.71 12.52
N LEU B 46 -15.68 21.45 12.83
CA LEU B 46 -14.63 20.45 13.09
C LEU B 46 -14.27 19.66 11.84
N LEU B 47 -15.30 19.10 11.21
CA LEU B 47 -15.15 18.24 10.03
C LEU B 47 -14.05 18.72 9.06
N VAL B 48 -14.26 19.89 8.44
CA VAL B 48 -13.32 20.40 7.46
C VAL B 48 -11.95 20.65 8.06
N GLN B 49 -11.85 20.92 9.36
CA GLN B 49 -10.52 21.22 9.91
C GLN B 49 -9.72 19.95 10.19
N ASN B 50 -10.32 19.13 10.99
CA ASN B 50 -9.77 17.84 11.40
C ASN B 50 -9.98 16.71 10.36
N ALA B 51 -9.70 16.98 9.01
CA ALA B 51 -9.98 15.97 7.99
C ALA B 51 -8.95 15.70 6.80
N ASN B 52 -7.74 15.13 7.02
CA ASN B 52 -6.98 14.64 5.81
C ASN B 52 -6.66 15.65 4.65
N PRO B 53 -5.51 16.30 4.61
CA PRO B 53 -5.13 17.28 3.51
C PRO B 53 -5.46 16.93 2.07
N ASP B 54 -5.84 15.71 1.73
CA ASP B 54 -6.29 15.46 0.38
C ASP B 54 -7.67 15.97 0.20
N CYS B 55 -8.52 15.72 1.17
CA CYS B 55 -9.88 16.11 1.00
C CYS B 55 -10.14 17.57 1.46
N LYS B 56 -9.29 18.06 2.38
CA LYS B 56 -9.48 19.38 2.93
C LYS B 56 -9.25 20.41 1.86
N THR B 57 -8.19 20.21 1.09
CA THR B 57 -7.88 21.10 0.01
C THR B 57 -9.12 21.18 -0.90
N ILE B 58 -9.91 20.09 -0.93
CA ILE B 58 -11.15 20.07 -1.72
C ILE B 58 -12.25 20.86 -1.01
N LEU B 59 -12.55 20.53 0.27
CA LEU B 59 -13.66 21.20 1.00
C LEU B 59 -13.58 22.70 0.82
N LYS B 60 -12.41 23.27 1.03
CA LYS B 60 -12.22 24.72 0.86
C LYS B 60 -12.52 25.13 -0.60
N ALA B 61 -12.14 24.25 -1.56
CA ALA B 61 -12.36 24.51 -3.01
C ALA B 61 -13.84 24.51 -3.38
N LEU B 62 -14.58 23.52 -2.88
CA LEU B 62 -16.00 23.47 -3.07
C LEU B 62 -16.53 24.74 -2.42
N GLY B 63 -15.94 25.04 -1.25
CA GLY B 63 -16.22 26.24 -0.51
C GLY B 63 -17.17 26.02 0.68
N PRO B 64 -17.26 26.99 1.58
CA PRO B 64 -18.18 26.89 2.75
C PRO B 64 -19.64 27.23 2.39
N GLY B 65 -20.57 26.61 3.11
CA GLY B 65 -22.00 26.83 2.90
C GLY B 65 -22.56 25.89 1.84
N ALA B 66 -21.69 25.23 1.09
CA ALA B 66 -22.17 24.29 0.10
C ALA B 66 -22.85 23.19 0.85
N THR B 67 -23.67 22.40 0.15
CA THR B 67 -24.31 21.26 0.79
C THR B 67 -23.29 20.12 0.86
N LEU B 68 -23.48 19.20 1.81
CA LEU B 68 -22.54 18.10 1.97
C LEU B 68 -22.51 17.15 0.82
N GLU B 69 -23.55 17.13 0.05
CA GLU B 69 -23.60 16.24 -1.08
C GLU B 69 -22.39 16.62 -1.95
N GLU B 70 -22.14 17.93 -2.02
CA GLU B 70 -20.98 18.44 -2.74
C GLU B 70 -19.68 18.08 -2.00
N MET B 71 -19.68 18.12 -0.65
CA MET B 71 -18.47 17.78 0.12
C MET B 71 -18.07 16.30 -0.03
N MET B 72 -19.07 15.43 -0.17
CA MET B 72 -18.86 13.99 -0.29
C MET B 72 -18.52 13.56 -1.72
N THR B 73 -19.36 13.93 -2.66
CA THR B 73 -19.18 13.47 -4.04
C THR B 73 -17.79 13.74 -4.52
N ALA B 74 -17.26 14.85 -4.08
CA ALA B 74 -15.94 15.20 -4.52
C ALA B 74 -14.88 14.40 -3.79
N CYS B 75 -14.95 14.40 -2.45
CA CYS B 75 -13.91 13.76 -1.65
C CYS B 75 -13.85 12.28 -1.88
N GLN B 76 -14.82 11.72 -2.62
CA GLN B 76 -14.69 10.32 -2.90
C GLN B 76 -13.42 10.09 -3.67
N GLY B 77 -12.91 11.13 -4.35
CA GLY B 77 -11.70 10.95 -5.09
C GLY B 77 -10.49 10.77 -4.17
N VAL B 78 -10.57 11.28 -2.87
CA VAL B 78 -9.39 11.14 -1.87
C VAL B 78 -9.13 9.71 -1.88
N GLY B 79 -7.83 9.21 -1.83
CA GLY B 79 -7.76 7.77 -2.08
C GLY B 79 -6.81 7.50 -3.17
N GLY B 80 -6.30 6.28 -3.36
CA GLY B 80 -5.25 6.22 -4.32
C GLY B 80 -5.51 6.54 -5.83
N PRO B 81 -6.41 5.95 -6.49
CA PRO B 81 -6.57 6.24 -7.96
C PRO B 81 -7.00 7.65 -8.33
N GLY B 82 -8.03 8.18 -7.68
CA GLY B 82 -8.55 9.48 -8.10
C GLY B 82 -7.74 10.69 -7.74
N HIS B 83 -7.63 10.96 -6.46
CA HIS B 83 -6.95 12.15 -5.98
C HIS B 83 -5.55 12.18 -6.41
N LYS B 84 -4.97 11.04 -6.37
CA LYS B 84 -3.59 10.95 -6.60
C LYS B 84 -3.13 10.89 -8.02
N ALA B 85 -3.88 10.31 -8.93
CA ALA B 85 -3.45 10.30 -10.32
C ALA B 85 -3.10 11.75 -10.78
N ARG B 86 -3.76 12.71 -10.16
CA ARG B 86 -3.63 14.12 -10.49
C ARG B 86 -2.60 14.97 -9.71
N VAL B 87 -2.84 15.11 -8.39
CA VAL B 87 -2.10 16.11 -7.55
C VAL B 87 -0.56 16.13 -7.49
N LEU B 88 0.12 15.10 -7.04
CA LEU B 88 1.59 15.21 -6.97
C LEU B 88 2.18 14.88 -8.27
N ALA B 89 1.51 13.95 -8.97
CA ALA B 89 1.96 13.55 -10.26
C ALA B 89 2.16 14.86 -11.07
N GLU B 90 1.25 15.84 -10.81
CA GLU B 90 1.33 17.21 -11.33
C GLU B 90 2.43 18.02 -10.61
N ALA B 91 2.48 17.92 -9.26
CA ALA B 91 3.52 18.63 -8.49
C ALA B 91 4.94 18.27 -9.00
N MET B 92 5.04 17.18 -9.75
CA MET B 92 6.29 16.76 -10.31
C MET B 92 6.51 17.45 -11.64
N SER B 93 5.42 17.63 -12.39
CA SER B 93 5.52 18.29 -13.69
C SER B 93 5.41 19.81 -13.56
N GLN B 94 5.00 20.30 -12.39
CA GLN B 94 4.93 21.73 -12.18
C GLN B 94 6.29 22.26 -11.75
N VAL B 95 6.74 21.74 -10.62
CA VAL B 95 8.00 22.19 -10.03
C VAL B 95 9.24 21.90 -10.87
N THR B 96 9.33 20.76 -11.55
CA THR B 96 10.59 20.45 -12.24
C THR B 96 11.01 21.50 -13.30
N ASN B 97 10.14 21.82 -14.25
CA ASN B 97 10.50 22.83 -15.27
C ASN B 97 10.14 24.24 -14.82
N THR B 98 8.96 24.32 -14.25
CA THR B 98 8.34 25.55 -13.79
C THR B 98 8.73 25.90 -12.35
N ALA B 99 9.85 25.34 -11.86
CA ALA B 99 10.23 25.55 -10.46
C ALA B 99 10.23 27.05 -10.13
N THR B 100 10.50 27.89 -11.11
CA THR B 100 10.44 29.30 -10.83
C THR B 100 9.01 29.78 -10.97
N ILE B 101 8.40 30.11 -9.84
CA ILE B 101 7.02 30.60 -9.84
C ILE B 101 6.97 31.95 -9.14
N MET B 102 6.46 32.96 -9.84
CA MET B 102 6.38 34.30 -9.27
C MET B 102 5.16 34.41 -8.34
N GLY C 1 3.49 6.23 33.01
CA GLY C 1 4.51 6.87 33.88
C GLY C 1 5.87 6.19 33.72
N GLY C 2 6.22 5.76 32.52
CA GLY C 2 7.49 5.07 32.32
C GLY C 2 7.35 3.59 32.71
N SER C 3 6.11 3.08 32.67
CA SER C 3 5.84 1.68 32.94
C SER C 3 6.69 0.91 32.00
N PRO C 4 6.87 -0.36 32.21
CA PRO C 4 7.51 -1.16 31.17
C PRO C 4 6.47 -1.05 30.06
N THR C 5 6.87 -0.95 28.80
CA THR C 5 5.94 -0.75 27.66
C THR C 5 5.53 0.70 27.47
N SER C 6 5.85 1.61 28.42
CA SER C 6 5.30 2.94 28.26
C SER C 6 6.06 4.06 27.56
N ILE C 7 7.14 4.64 28.16
CA ILE C 7 7.90 5.83 27.60
C ILE C 7 9.39 5.63 27.39
N LEU C 8 9.87 4.52 27.83
CA LEU C 8 11.21 4.18 27.64
C LEU C 8 11.31 3.66 26.24
N ASP C 9 10.26 2.90 25.77
CA ASP C 9 10.30 2.58 24.39
C ASP C 9 9.15 3.18 23.64
N ILE C 10 8.47 4.33 24.00
CA ILE C 10 7.30 4.52 23.18
C ILE C 10 7.73 4.80 21.72
N ARG C 11 6.91 4.45 20.73
CA ARG C 11 7.38 4.59 19.35
C ARG C 11 6.31 4.97 18.33
N GLN C 12 6.62 5.95 17.48
CA GLN C 12 5.73 6.29 16.37
C GLN C 12 6.27 5.57 15.13
N GLY C 13 5.37 5.07 14.31
CA GLY C 13 5.76 4.34 13.11
C GLY C 13 6.09 5.29 11.93
N PRO C 14 6.56 4.72 10.77
CA PRO C 14 6.86 5.48 9.51
C PRO C 14 5.58 5.65 8.65
N LYS C 15 4.65 4.68 8.75
CA LYS C 15 3.36 4.75 8.08
C LYS C 15 2.32 5.31 9.10
N GLU C 16 2.63 5.14 10.43
CA GLU C 16 1.72 5.52 11.52
C GLU C 16 1.68 7.07 11.73
N PRO C 17 0.52 7.73 11.74
CA PRO C 17 0.43 9.22 11.89
C PRO C 17 0.48 9.70 13.33
N PHE C 18 0.66 10.99 13.47
CA PHE C 18 0.69 11.64 14.76
C PHE C 18 -0.60 11.29 15.55
N ARG C 19 -1.66 10.83 14.86
CA ARG C 19 -2.91 10.48 15.57
C ARG C 19 -2.79 9.26 16.45
N ASP C 20 -2.41 8.14 15.86
CA ASP C 20 -2.35 6.89 16.59
C ASP C 20 -1.32 6.87 17.69
N TYR C 21 -0.12 7.24 17.37
CA TYR C 21 0.95 7.22 18.33
C TYR C 21 0.72 8.13 19.53
N VAL C 22 0.33 9.39 19.27
CA VAL C 22 0.16 10.34 20.37
C VAL C 22 -0.74 9.73 21.43
N ASP C 23 -1.76 9.00 21.01
CA ASP C 23 -2.62 8.33 21.96
C ASP C 23 -1.83 7.29 22.78
N ARG C 24 -0.97 6.51 22.10
CA ARG C 24 -0.17 5.47 22.76
C ARG C 24 0.66 6.09 23.86
N PHE C 25 1.16 7.25 23.58
CA PHE C 25 1.99 7.95 24.54
C PHE C 25 1.26 8.17 25.85
N TYR C 26 0.09 8.75 25.75
CA TYR C 26 -0.68 9.08 26.94
C TYR C 26 -1.31 7.87 27.61
N LYS C 27 -2.02 7.08 26.84
CA LYS C 27 -2.68 5.91 27.41
C LYS C 27 -1.67 4.98 28.06
N THR C 28 -0.55 4.71 27.41
CA THR C 28 0.41 3.78 28.00
C THR C 28 0.95 4.37 29.27
N LEU C 29 1.02 5.70 29.37
CA LEU C 29 1.47 6.29 30.62
C LEU C 29 0.47 5.94 31.72
N ARG C 30 -0.81 5.84 31.37
CA ARG C 30 -1.78 5.46 32.38
C ARG C 30 -1.60 4.01 32.83
N ALA C 31 -0.67 3.27 32.17
CA ALA C 31 -0.42 1.88 32.54
C ALA C 31 0.18 1.82 33.93
N GLU C 32 1.00 2.83 34.26
CA GLU C 32 1.62 2.90 35.60
C GLU C 32 1.20 4.10 36.51
N GLN C 33 1.73 4.07 37.77
CA GLN C 33 1.54 5.15 38.77
C GLN C 33 2.86 5.99 38.96
N ALA C 34 3.05 7.08 38.20
CA ALA C 34 4.27 7.92 38.33
C ALA C 34 3.94 9.31 38.89
N SER C 35 5.00 10.10 39.18
CA SER C 35 4.81 11.46 39.69
C SER C 35 4.21 12.38 38.61
N GLN C 36 3.41 13.35 39.02
CA GLN C 36 2.72 14.25 38.07
C GLN C 36 3.66 15.07 37.18
N GLU C 37 4.64 15.78 37.75
CA GLU C 37 5.52 16.55 36.88
C GLU C 37 6.54 15.62 36.28
N VAL C 38 6.80 14.48 36.94
CA VAL C 38 7.69 13.55 36.32
C VAL C 38 6.97 12.81 35.21
N LYS C 39 5.60 12.90 35.14
CA LYS C 39 4.85 12.28 34.00
C LYS C 39 4.83 13.30 32.87
N ASN C 40 4.53 14.55 33.24
CA ASN C 40 4.53 15.66 32.26
C ASN C 40 5.95 15.73 31.61
N TRP C 41 6.94 15.38 32.39
CA TRP C 41 8.32 15.34 31.94
C TRP C 41 8.43 14.32 30.81
N MET C 42 7.72 13.21 30.96
CA MET C 42 7.76 12.18 29.93
C MET C 42 7.28 12.74 28.61
N THR C 43 6.18 13.48 28.63
CA THR C 43 5.64 14.00 27.40
C THR C 43 6.57 14.98 26.71
N GLU C 44 7.05 15.98 27.45
CA GLU C 44 7.91 17.02 26.85
C GLU C 44 9.26 16.56 26.31
N THR C 45 9.92 15.65 27.00
CA THR C 45 11.24 15.23 26.55
C THR C 45 11.18 14.08 25.54
N LEU C 46 10.29 13.10 25.76
CA LEU C 46 10.23 11.95 24.84
C LEU C 46 9.43 12.19 23.54
N LEU C 47 8.10 12.43 23.69
CA LEU C 47 7.15 12.51 22.50
C LEU C 47 7.78 13.09 21.25
N VAL C 48 8.27 14.31 21.33
CA VAL C 48 8.93 14.94 20.19
C VAL C 48 10.17 14.16 19.72
N GLN C 49 11.07 13.78 20.67
CA GLN C 49 12.33 13.10 20.30
C GLN C 49 12.23 11.65 19.76
N ASN C 50 11.55 10.77 20.48
CA ASN C 50 11.46 9.34 20.10
C ASN C 50 10.28 9.02 19.21
N ALA C 51 9.94 9.92 18.26
CA ALA C 51 8.77 9.63 17.42
C ALA C 51 8.79 10.04 15.93
N ASN C 52 8.79 8.99 15.05
CA ASN C 52 8.52 9.18 13.59
C ASN C 52 9.06 10.41 12.90
N PRO C 53 10.23 10.41 12.28
CA PRO C 53 10.79 11.64 11.61
C PRO C 53 9.77 12.46 10.81
N ASP C 54 8.65 11.86 10.37
CA ASP C 54 7.67 12.67 9.65
C ASP C 54 7.17 13.77 10.55
N CYS C 55 6.73 13.35 11.72
CA CYS C 55 6.25 14.32 12.69
C CYS C 55 7.38 14.97 13.43
N LYS C 56 8.48 14.29 13.60
CA LYS C 56 9.57 14.89 14.33
C LYS C 56 10.17 16.07 13.58
N THR C 57 10.31 15.92 12.26
CA THR C 57 10.86 17.02 11.48
C THR C 57 9.87 18.21 11.48
N ILE C 58 8.58 17.93 11.79
CA ILE C 58 7.51 18.96 11.88
C ILE C 58 7.42 19.53 13.29
N LEU C 59 7.70 18.70 14.30
CA LEU C 59 7.60 19.14 15.68
C LEU C 59 8.59 20.28 15.82
N LYS C 60 9.82 20.08 15.31
CA LYS C 60 10.83 21.14 15.33
C LYS C 60 10.39 22.31 14.44
N ALA C 61 9.81 21.99 13.31
CA ALA C 61 9.39 23.02 12.37
C ALA C 61 8.38 23.97 13.00
N LEU C 62 7.47 23.42 13.78
CA LEU C 62 6.45 24.21 14.44
C LEU C 62 7.04 25.23 15.41
N GLY C 63 8.31 25.09 15.72
CA GLY C 63 8.93 25.98 16.69
C GLY C 63 8.94 25.23 18.00
N PRO C 64 10.08 24.71 18.49
CA PRO C 64 10.10 23.94 19.76
C PRO C 64 9.34 24.65 20.85
N GLY C 65 8.50 23.86 21.53
CA GLY C 65 7.63 24.34 22.58
C GLY C 65 6.19 24.44 22.06
N ALA C 66 6.00 24.38 20.72
CA ALA C 66 4.66 24.42 20.17
C ALA C 66 3.86 23.31 20.80
N THR C 67 2.75 23.67 21.39
CA THR C 67 1.92 22.70 22.06
C THR C 67 1.34 21.76 21.04
N LEU C 68 0.70 20.72 21.56
CA LEU C 68 0.03 19.75 20.72
C LEU C 68 -0.96 20.42 19.80
N GLU C 69 -1.36 21.63 20.08
CA GLU C 69 -2.31 22.24 19.17
C GLU C 69 -1.56 22.37 17.82
N GLU C 70 -0.26 22.72 17.88
CA GLU C 70 0.60 22.84 16.68
C GLU C 70 1.14 21.48 16.12
N MET C 71 1.51 20.53 17.03
CA MET C 71 2.02 19.19 16.63
C MET C 71 0.85 18.37 16.00
N MET C 72 -0.39 18.57 16.50
CA MET C 72 -1.52 17.89 15.90
C MET C 72 -1.81 18.39 14.51
N THR C 73 -2.24 19.66 14.44
CA THR C 73 -2.66 20.26 13.17
C THR C 73 -1.60 20.10 12.07
N ALA C 74 -0.36 20.46 12.36
CA ALA C 74 0.68 20.37 11.34
C ALA C 74 0.94 18.94 10.89
N CYS C 75 1.03 18.03 11.84
CA CYS C 75 1.32 16.68 11.49
C CYS C 75 0.06 15.91 11.07
N GLN C 76 -0.95 16.57 10.48
CA GLN C 76 -2.14 15.80 10.08
C GLN C 76 -1.87 15.18 8.74
N GLY C 77 -1.30 15.96 7.83
CA GLY C 77 -0.95 15.40 6.53
C GLY C 77 0.17 14.41 6.75
N VAL C 78 0.82 14.31 8.01
CA VAL C 78 1.93 13.25 8.29
C VAL C 78 1.34 12.04 7.80
N GLY C 79 2.05 11.19 6.98
CA GLY C 79 1.11 10.31 6.37
C GLY C 79 1.24 9.07 5.71
N GLY C 80 0.16 8.39 5.24
CA GLY C 80 0.57 7.18 4.64
C GLY C 80 1.18 7.66 3.40
N PRO C 81 0.50 8.21 2.44
CA PRO C 81 1.14 8.95 1.31
C PRO C 81 1.17 10.57 1.41
N GLY C 82 0.12 11.24 2.07
CA GLY C 82 -0.09 12.78 2.19
C GLY C 82 1.15 13.69 2.38
N HIS C 83 1.73 13.63 3.55
CA HIS C 83 2.87 14.41 3.88
C HIS C 83 3.94 14.06 2.95
N LYS C 84 3.98 12.80 2.61
CA LYS C 84 5.01 12.40 1.76
C LYS C 84 5.04 13.15 0.40
N ALA C 85 3.97 13.89 0.08
CA ALA C 85 3.96 14.70 -1.13
C ALA C 85 5.05 15.81 -1.04
N ARG C 86 5.06 16.53 0.07
CA ARG C 86 6.04 17.62 0.25
C ARG C 86 7.45 17.08 0.26
N VAL C 87 7.59 15.88 0.77
CA VAL C 87 8.88 15.25 0.84
C VAL C 87 9.33 14.72 -0.52
N LEU C 88 8.39 14.18 -1.30
CA LEU C 88 8.74 13.61 -2.59
C LEU C 88 8.99 14.71 -3.65
N ALA C 89 8.15 15.71 -3.70
CA ALA C 89 8.29 16.80 -4.69
C ALA C 89 9.61 17.59 -4.56
N GLU C 90 10.26 17.57 -3.41
CA GLU C 90 11.50 18.36 -3.22
C GLU C 90 12.81 17.63 -3.49
N ALA C 91 13.06 16.61 -2.68
CA ALA C 91 14.32 15.87 -2.74
C ALA C 91 14.55 15.30 -4.12
N MET C 92 13.49 14.86 -4.73
CA MET C 92 13.61 14.29 -6.06
C MET C 92 14.22 15.29 -7.01
N SER C 93 13.86 16.56 -6.86
CA SER C 93 14.39 17.60 -7.74
C SER C 93 15.59 18.33 -7.12
N GLN C 94 15.80 18.17 -5.81
CA GLN C 94 16.90 18.83 -5.12
C GLN C 94 18.25 18.22 -5.50
N VAL C 95 18.27 16.91 -5.60
CA VAL C 95 19.49 16.21 -5.92
C VAL C 95 19.69 16.00 -7.43
N THR C 96 18.64 16.12 -8.26
CA THR C 96 18.86 15.82 -9.67
C THR C 96 19.74 16.85 -10.40
N ASN C 97 19.31 18.11 -10.47
CA ASN C 97 20.12 19.15 -11.12
C ASN C 97 21.02 19.90 -10.14
N THR C 98 20.41 20.21 -9.01
CA THR C 98 21.02 20.96 -7.92
C THR C 98 21.84 20.07 -6.99
N ALA C 99 22.21 18.87 -7.46
CA ALA C 99 22.93 17.94 -6.61
C ALA C 99 24.15 18.60 -6.00
N THR C 100 24.83 19.44 -6.76
CA THR C 100 25.97 20.12 -6.18
C THR C 100 25.44 21.18 -5.24
N ILE C 101 25.62 20.95 -3.95
CA ILE C 101 25.15 21.89 -2.93
C ILE C 101 26.32 22.35 -2.08
N MET C 102 26.53 23.66 -2.02
CA MET C 102 27.63 24.21 -1.24
C MET C 102 27.26 24.25 0.25
N GLY D 1 17.69 -17.29 23.51
CA GLY D 1 19.14 -17.35 23.16
C GLY D 1 19.38 -18.33 22.01
N GLY D 2 19.02 -17.90 20.81
CA GLY D 2 19.27 -18.67 19.60
C GLY D 2 18.26 -19.79 19.40
N SER D 3 17.01 -19.53 19.78
CA SER D 3 15.95 -20.53 19.64
C SER D 3 15.73 -20.73 18.18
N PRO D 4 15.08 -21.79 17.80
CA PRO D 4 14.68 -21.90 16.42
C PRO D 4 13.67 -20.77 16.35
N THR D 5 13.67 -19.96 15.28
CA THR D 5 12.76 -18.80 15.14
C THR D 5 13.23 -17.57 15.85
N SER D 6 14.16 -17.72 16.79
CA SER D 6 14.50 -16.55 17.56
C SER D 6 15.60 -15.62 17.09
N ILE D 7 16.79 -16.12 16.80
CA ILE D 7 17.96 -15.29 16.37
C ILE D 7 18.72 -15.82 15.16
N LEU D 8 18.86 -17.12 15.12
CA LEU D 8 19.53 -17.78 14.03
C LEU D 8 18.87 -17.32 12.76
N ASP D 9 17.50 -17.11 12.69
CA ASP D 9 17.03 -16.46 11.49
C ASP D 9 16.20 -15.18 11.71
N ILE D 10 16.16 -14.46 12.89
CA ILE D 10 15.12 -13.44 12.86
C ILE D 10 15.45 -12.28 11.91
N ARG D 11 14.71 -12.26 10.81
CA ARG D 11 14.91 -11.31 9.72
C ARG D 11 13.72 -10.38 9.59
N GLN D 12 14.04 -9.13 9.30
CA GLN D 12 13.04 -8.06 9.24
C GLN D 12 12.44 -7.88 7.86
N GLY D 13 11.18 -7.58 7.85
CA GLY D 13 10.49 -7.38 6.59
C GLY D 13 10.93 -6.06 5.99
N PRO D 14 10.58 -5.79 4.76
CA PRO D 14 10.92 -4.47 4.13
C PRO D 14 9.91 -3.38 4.57
N LYS D 15 8.68 -3.83 4.86
CA LYS D 15 7.57 -2.97 5.39
C LYS D 15 7.56 -3.02 6.93
N GLU D 16 8.22 -4.05 7.51
CA GLU D 16 8.27 -4.21 8.96
C GLU D 16 9.36 -3.25 9.46
N PRO D 17 9.10 -2.31 10.35
CA PRO D 17 10.15 -1.35 10.77
C PRO D 17 11.21 -1.95 11.67
N PHE D 18 12.33 -1.25 11.73
CA PHE D 18 13.43 -1.63 12.58
C PHE D 18 12.91 -1.74 14.01
N ARG D 19 12.14 -0.74 14.39
CA ARG D 19 11.56 -0.66 15.71
C ARG D 19 10.63 -1.82 16.08
N ASP D 20 9.79 -2.30 15.14
CA ASP D 20 8.85 -3.40 15.45
C ASP D 20 9.58 -4.75 15.50
N TYR D 21 10.45 -5.00 14.49
CA TYR D 21 11.22 -6.26 14.38
C TYR D 21 12.12 -6.38 15.61
N VAL D 22 12.43 -5.24 16.26
CA VAL D 22 13.26 -5.32 17.42
C VAL D 22 12.66 -6.29 18.43
N ASP D 23 11.38 -6.15 18.69
CA ASP D 23 10.72 -7.08 19.56
C ASP D 23 10.84 -8.47 18.92
N ARG D 24 10.69 -8.54 17.60
CA ARG D 24 10.78 -9.85 16.94
C ARG D 24 12.11 -10.52 17.21
N PHE D 25 13.20 -9.78 17.40
CA PHE D 25 14.45 -10.48 17.72
C PHE D 25 14.54 -10.70 19.22
N TYR D 26 13.98 -9.75 19.99
CA TYR D 26 14.05 -9.78 21.47
C TYR D 26 13.06 -10.73 22.12
N LYS D 27 11.77 -10.44 21.96
CA LYS D 27 10.74 -11.21 22.63
C LYS D 27 10.94 -12.67 22.36
N THR D 28 11.24 -12.97 21.10
CA THR D 28 11.46 -14.33 20.70
C THR D 28 12.64 -14.97 21.47
N LEU D 29 13.72 -14.22 21.83
CA LEU D 29 14.83 -14.90 22.56
C LEU D 29 14.32 -15.58 23.83
N ARG D 30 13.39 -14.95 24.54
CA ARG D 30 12.85 -15.57 25.76
C ARG D 30 12.31 -16.97 25.45
N ALA D 31 11.97 -17.20 24.18
CA ALA D 31 11.43 -18.48 23.81
C ALA D 31 12.42 -19.59 24.12
N GLU D 32 13.77 -19.38 23.96
CA GLU D 32 14.74 -20.43 24.37
C GLU D 32 15.54 -20.07 25.65
N GLN D 33 15.64 -21.04 26.56
CA GLN D 33 16.39 -20.86 27.83
C GLN D 33 17.91 -20.99 27.60
N ALA D 34 18.57 -19.86 27.44
CA ALA D 34 20.01 -19.86 27.19
C ALA D 34 20.73 -18.90 28.12
N SER D 35 22.04 -18.97 28.10
CA SER D 35 22.83 -18.12 28.94
C SER D 35 22.63 -16.66 28.57
N GLN D 36 22.55 -15.83 29.60
CA GLN D 36 22.37 -14.41 29.39
C GLN D 36 23.49 -13.91 28.45
N GLU D 37 24.71 -14.38 28.70
CA GLU D 37 25.81 -14.02 27.82
C GLU D 37 25.53 -14.58 26.45
N VAL D 38 25.02 -15.81 26.37
CA VAL D 38 24.71 -16.35 25.06
C VAL D 38 23.62 -15.52 24.36
N LYS D 39 22.75 -14.85 25.13
CA LYS D 39 21.69 -14.02 24.52
C LYS D 39 22.19 -12.64 24.08
N ASN D 40 22.71 -11.85 25.03
CA ASN D 40 23.22 -10.51 24.69
C ASN D 40 24.19 -10.59 23.50
N TRP D 41 24.86 -11.75 23.39
CA TRP D 41 25.76 -12.00 22.27
C TRP D 41 24.96 -11.92 20.98
N MET D 42 23.91 -12.71 20.99
CA MET D 42 22.99 -12.83 19.87
C MET D 42 22.28 -11.52 19.54
N THR D 43 21.97 -10.76 20.58
CA THR D 43 21.27 -9.51 20.39
C THR D 43 22.09 -8.50 19.60
N GLU D 44 23.39 -8.61 19.68
CA GLU D 44 24.24 -7.68 18.96
C GLU D 44 24.50 -8.17 17.54
N THR D 45 25.16 -9.32 17.48
CA THR D 45 25.59 -9.93 16.24
C THR D 45 24.46 -10.24 15.27
N LEU D 46 23.54 -11.11 15.66
CA LEU D 46 22.45 -11.48 14.76
C LEU D 46 21.52 -10.32 14.45
N LEU D 47 21.48 -9.27 15.30
CA LEU D 47 20.52 -8.15 15.03
C LEU D 47 20.86 -7.38 13.75
N VAL D 48 22.03 -6.79 13.71
CA VAL D 48 22.42 -5.97 12.60
C VAL D 48 22.49 -6.74 11.28
N GLN D 49 23.15 -7.90 11.32
CA GLN D 49 23.39 -8.73 10.13
C GLN D 49 22.15 -9.30 9.42
N ASN D 50 21.15 -9.80 10.15
CA ASN D 50 20.00 -10.43 9.44
C ASN D 50 18.79 -9.52 9.26
N ALA D 51 18.91 -8.23 9.58
CA ALA D 51 17.75 -7.35 9.52
C ALA D 51 17.67 -6.26 8.42
N ASN D 52 16.56 -6.33 7.67
CA ASN D 52 16.16 -5.23 6.73
C ASN D 52 17.32 -4.54 5.99
N PRO D 53 17.74 -4.95 4.83
CA PRO D 53 18.87 -4.27 4.13
C PRO D 53 18.75 -2.73 4.11
N ASP D 54 17.53 -2.20 4.31
CA ASP D 54 17.35 -0.73 4.37
C ASP D 54 18.05 -0.24 5.60
N CYS D 55 17.82 -0.99 6.67
CA CYS D 55 18.37 -0.63 7.94
C CYS D 55 19.77 -1.17 8.10
N LYS D 56 20.12 -2.30 7.58
CA LYS D 56 21.49 -2.79 7.76
C LYS D 56 22.43 -1.77 7.14
N THR D 57 22.04 -1.24 5.99
CA THR D 57 22.83 -0.20 5.35
C THR D 57 22.94 1.03 6.31
N ILE D 58 21.91 1.17 7.21
CA ILE D 58 21.88 2.23 8.26
C ILE D 58 22.68 1.80 9.50
N LEU D 59 22.76 0.51 9.76
CA LEU D 59 23.50 -0.03 10.89
C LEU D 59 24.98 0.00 10.50
N LYS D 60 25.28 -0.06 9.17
CA LYS D 60 26.66 0.01 8.68
C LYS D 60 27.02 1.49 8.46
N ALA D 61 25.99 2.32 8.14
CA ALA D 61 26.20 3.76 7.93
C ALA D 61 26.43 4.48 9.26
N LEU D 62 25.54 4.21 10.22
CA LEU D 62 25.69 4.76 11.56
C LEU D 62 27.02 4.23 12.01
N GLY D 63 27.21 2.95 11.71
CA GLY D 63 28.44 2.28 12.04
C GLY D 63 28.19 1.32 13.17
N PRO D 64 29.20 0.63 13.59
CA PRO D 64 29.12 -0.26 14.75
C PRO D 64 29.43 0.51 16.02
N GLY D 65 28.79 0.11 17.14
CA GLY D 65 29.01 0.76 18.43
C GLY D 65 27.87 1.69 18.85
N ALA D 66 26.97 1.99 17.93
CA ALA D 66 25.86 2.86 18.21
C ALA D 66 24.81 2.09 18.99
N THR D 67 24.20 2.74 19.98
CA THR D 67 23.19 2.06 20.78
C THR D 67 21.98 1.82 19.94
N LEU D 68 21.13 0.91 20.34
CA LEU D 68 19.93 0.67 19.58
C LEU D 68 19.10 1.91 19.51
N GLU D 69 19.29 2.82 20.46
CA GLU D 69 18.52 4.02 20.40
C GLU D 69 18.94 4.73 19.13
N GLU D 70 20.25 4.69 18.84
CA GLU D 70 20.73 5.31 17.62
C GLU D 70 20.27 4.53 16.38
N MET D 71 20.33 3.21 16.42
CA MET D 71 19.84 2.45 15.27
C MET D 71 18.33 2.70 15.13
N MET D 72 17.67 3.08 16.24
CA MET D 72 16.23 3.33 16.27
C MET D 72 15.90 4.69 15.62
N THR D 73 16.56 5.75 16.07
CA THR D 73 16.24 7.06 15.54
C THR D 73 16.37 7.10 14.01
N ALA D 74 17.47 6.55 13.50
CA ALA D 74 17.73 6.55 12.06
C ALA D 74 16.88 5.55 11.27
N CYS D 75 16.78 4.32 11.77
CA CYS D 75 16.01 3.30 11.05
C CYS D 75 14.48 3.48 11.24
N GLN D 76 14.06 4.58 11.91
CA GLN D 76 12.63 4.91 12.08
C GLN D 76 11.95 5.39 10.81
N GLY D 77 12.73 5.84 9.88
CA GLY D 77 12.20 6.30 8.62
C GLY D 77 12.15 5.14 7.58
N VAL D 78 12.62 3.92 7.96
CA VAL D 78 12.59 2.74 7.02
C VAL D 78 11.14 2.60 6.69
N GLY D 79 10.74 2.21 5.40
CA GLY D 79 9.32 2.46 5.13
C GLY D 79 9.29 3.43 3.95
N GLY D 80 8.12 3.93 3.46
CA GLY D 80 8.29 4.76 2.31
C GLY D 80 9.05 6.12 2.47
N PRO D 81 8.88 6.89 3.52
CA PRO D 81 9.57 8.22 3.62
C PRO D 81 11.08 8.25 3.92
N GLY D 82 11.56 7.47 4.87
CA GLY D 82 12.96 7.57 5.24
C GLY D 82 13.91 6.94 4.26
N HIS D 83 13.78 5.64 4.06
CA HIS D 83 14.70 4.96 3.19
C HIS D 83 14.20 4.93 1.75
N LYS D 84 12.93 4.57 1.52
CA LYS D 84 12.41 4.50 0.15
C LYS D 84 12.49 5.86 -0.54
N ALA D 85 12.10 6.93 0.17
CA ALA D 85 12.15 8.27 -0.44
C ALA D 85 13.61 8.67 -0.80
N ARG D 86 14.55 8.35 0.08
CA ARG D 86 15.94 8.70 -0.13
C ARG D 86 16.59 7.87 -1.25
N VAL D 87 16.27 6.59 -1.26
CA VAL D 87 16.79 5.65 -2.26
C VAL D 87 16.13 5.89 -3.63
N LEU D 88 14.87 6.31 -3.62
CA LEU D 88 14.15 6.54 -4.87
C LEU D 88 14.88 7.61 -5.67
N ALA D 89 15.32 8.66 -4.98
CA ALA D 89 16.04 9.76 -5.63
C ALA D 89 17.54 9.47 -5.80
N GLU D 90 18.18 8.76 -4.84
CA GLU D 90 19.63 8.48 -4.93
C GLU D 90 19.97 7.63 -6.14
N ALA D 91 19.20 6.59 -6.35
CA ALA D 91 19.42 5.72 -7.49
C ALA D 91 19.01 6.43 -8.80
N MET D 92 18.10 7.42 -8.67
CA MET D 92 17.63 8.20 -9.84
C MET D 92 18.62 9.32 -10.27
N SER D 93 19.26 9.98 -9.32
CA SER D 93 20.14 11.11 -9.67
C SER D 93 21.61 10.72 -9.84
N GLN D 94 21.95 9.50 -9.47
CA GLN D 94 23.31 9.03 -9.62
C GLN D 94 23.53 8.50 -11.03
N VAL D 95 22.61 7.62 -11.43
CA VAL D 95 22.67 6.95 -12.72
C VAL D 95 22.08 7.77 -13.90
N THR D 96 21.33 8.84 -13.67
CA THR D 96 20.78 9.50 -14.85
C THR D 96 21.80 10.40 -15.57
N ASN D 97 22.35 11.40 -14.88
CA ASN D 97 23.34 12.29 -15.51
C ASN D 97 24.80 11.86 -15.28
N THR D 98 25.07 11.49 -14.04
CA THR D 98 26.40 11.12 -13.56
C THR D 98 26.66 9.62 -13.58
N ALA D 99 25.85 8.88 -14.33
CA ALA D 99 25.99 7.42 -14.34
C ALA D 99 27.41 6.99 -14.65
N THR D 100 28.16 7.76 -15.39
CA THR D 100 29.51 7.33 -15.62
C THR D 100 30.25 7.50 -14.30
N ILE D 101 30.55 6.37 -13.67
CA ILE D 101 31.23 6.39 -12.39
C ILE D 101 32.49 5.55 -12.46
N MET D 102 33.63 6.15 -12.15
CA MET D 102 34.90 5.43 -12.21
C MET D 102 35.05 4.51 -11.00
N GLY E 1 6.95 -33.48 -0.20
CA GLY E 1 7.46 -33.66 -1.57
C GLY E 1 6.34 -33.72 -2.59
N GLY E 2 5.74 -32.59 -2.91
CA GLY E 2 4.76 -32.59 -3.96
C GLY E 2 3.41 -33.00 -3.45
N SER E 3 3.14 -32.75 -2.18
CA SER E 3 1.82 -33.05 -1.62
C SER E 3 0.85 -32.32 -2.43
N PRO E 4 -0.40 -32.64 -2.36
CA PRO E 4 -1.38 -31.79 -3.01
C PRO E 4 -1.21 -30.49 -2.25
N THR E 5 -0.93 -29.41 -2.98
CA THR E 5 -0.68 -28.05 -2.41
C THR E 5 0.76 -27.74 -2.00
N SER E 6 1.68 -28.68 -2.08
CA SER E 6 3.02 -28.37 -1.55
C SER E 6 4.02 -27.75 -2.46
N ILE E 7 4.13 -28.34 -3.60
CA ILE E 7 5.06 -27.98 -4.66
C ILE E 7 4.36 -27.72 -6.02
N LEU E 8 3.13 -28.14 -6.12
CA LEU E 8 2.32 -27.99 -7.31
C LEU E 8 2.01 -26.57 -7.53
N ASP E 9 1.74 -25.81 -6.45
CA ASP E 9 1.64 -24.42 -6.67
C ASP E 9 2.20 -23.58 -5.54
N ILE E 10 3.15 -24.06 -4.65
CA ILE E 10 3.40 -23.10 -3.60
C ILE E 10 4.07 -21.87 -4.24
N ARG E 11 3.39 -20.71 -4.16
CA ARG E 11 3.86 -19.52 -4.90
C ARG E 11 4.02 -18.23 -4.11
N GLN E 12 5.23 -17.72 -4.15
CA GLN E 12 5.49 -16.48 -3.48
C GLN E 12 4.72 -15.39 -4.17
N GLY E 13 3.87 -14.74 -3.41
CA GLY E 13 3.08 -13.65 -3.91
C GLY E 13 3.98 -12.51 -4.37
N PRO E 14 3.45 -11.54 -5.08
CA PRO E 14 4.23 -10.40 -5.61
C PRO E 14 4.72 -9.55 -4.46
N LYS E 15 3.88 -9.49 -3.41
CA LYS E 15 4.22 -8.77 -2.19
C LYS E 15 4.47 -9.74 -1.04
N GLU E 16 4.45 -11.04 -1.30
CA GLU E 16 4.66 -11.96 -0.20
C GLU E 16 6.18 -12.15 -0.07
N PRO E 17 6.84 -11.69 0.98
CA PRO E 17 8.30 -11.80 1.05
C PRO E 17 8.76 -13.21 0.84
N PHE E 18 9.98 -13.32 0.45
CA PHE E 18 10.57 -14.60 0.24
C PHE E 18 10.39 -15.42 1.53
N ARG E 19 10.60 -14.78 2.72
CA ARG E 19 10.52 -15.51 4.01
C ARG E 19 9.13 -16.08 4.27
N ASP E 20 8.09 -15.30 4.02
CA ASP E 20 6.73 -15.76 4.24
C ASP E 20 6.37 -16.92 3.35
N TYR E 21 6.89 -16.93 2.16
CA TYR E 21 6.56 -17.97 1.19
C TYR E 21 7.42 -19.27 1.29
N VAL E 22 8.71 -19.08 1.47
CA VAL E 22 9.64 -20.20 1.52
C VAL E 22 9.15 -21.18 2.58
N ASP E 23 8.73 -20.63 3.71
CA ASP E 23 8.15 -21.45 4.79
C ASP E 23 6.92 -22.15 4.23
N ARG E 24 6.07 -21.42 3.51
CA ARG E 24 4.91 -22.06 2.90
C ARG E 24 5.36 -23.19 1.97
N PHE E 25 6.59 -23.11 1.48
CA PHE E 25 7.13 -24.14 0.62
C PHE E 25 7.77 -25.26 1.45
N TYR E 26 8.28 -24.89 2.63
CA TYR E 26 8.96 -25.83 3.51
C TYR E 26 7.97 -26.61 4.36
N LYS E 27 7.23 -25.90 5.18
CA LYS E 27 6.24 -26.50 6.03
C LYS E 27 5.26 -27.32 5.20
N THR E 28 4.92 -26.85 4.00
CA THR E 28 4.00 -27.62 3.19
C THR E 28 4.70 -28.89 2.74
N LEU E 29 6.04 -28.87 2.63
CA LEU E 29 6.74 -30.10 2.24
C LEU E 29 6.51 -31.21 3.28
N ARG E 30 6.13 -30.81 4.51
CA ARG E 30 5.77 -31.79 5.56
C ARG E 30 4.33 -32.33 5.35
N ALA E 31 3.55 -31.66 4.48
CA ALA E 31 2.16 -32.03 4.20
C ALA E 31 2.03 -33.43 3.58
N GLU E 32 3.00 -33.87 2.75
CA GLU E 32 2.94 -35.26 2.23
C GLU E 32 4.03 -36.12 2.86
N GLN E 33 3.95 -37.45 2.67
CA GLN E 33 5.04 -38.33 3.20
C GLN E 33 6.02 -38.64 2.04
N ALA E 34 7.22 -38.00 2.05
CA ALA E 34 8.16 -38.16 0.91
C ALA E 34 9.61 -38.51 1.29
N SER E 35 10.28 -39.15 0.31
CA SER E 35 11.70 -39.50 0.43
C SER E 35 12.47 -38.22 0.65
N GLN E 36 13.63 -38.28 1.23
CA GLN E 36 14.31 -37.03 1.54
C GLN E 36 14.80 -36.30 0.29
N GLU E 37 15.66 -36.97 -0.47
CA GLU E 37 16.18 -36.38 -1.68
C GLU E 37 15.03 -36.00 -2.62
N VAL E 38 13.90 -36.74 -2.59
CA VAL E 38 12.73 -36.38 -3.42
C VAL E 38 12.37 -34.97 -3.16
N LYS E 39 12.25 -34.64 -1.88
CA LYS E 39 11.87 -33.31 -1.46
C LYS E 39 12.96 -32.32 -1.79
N ASN E 40 14.19 -32.73 -1.48
CA ASN E 40 15.34 -31.88 -1.64
C ASN E 40 15.38 -31.35 -3.07
N TRP E 41 15.07 -32.28 -3.97
CA TRP E 41 15.02 -32.10 -5.42
C TRP E 41 13.93 -31.10 -5.78
N MET E 42 12.77 -31.21 -5.11
CA MET E 42 11.70 -30.28 -5.36
C MET E 42 12.10 -28.88 -4.89
N THR E 43 13.00 -28.78 -3.92
CA THR E 43 13.32 -27.45 -3.48
C THR E 43 13.92 -26.68 -4.66
N GLU E 44 14.94 -27.24 -5.24
CA GLU E 44 15.64 -26.63 -6.36
C GLU E 44 14.76 -26.49 -7.58
N THR E 45 13.79 -27.38 -7.77
CA THR E 45 12.96 -27.23 -8.95
C THR E 45 11.90 -26.14 -8.73
N LEU E 46 11.01 -26.38 -7.78
CA LEU E 46 9.92 -25.43 -7.41
C LEU E 46 10.34 -24.14 -6.63
N LEU E 47 11.29 -24.24 -5.68
CA LEU E 47 11.55 -23.05 -4.81
C LEU E 47 11.99 -21.82 -5.59
N VAL E 48 12.88 -22.00 -6.55
CA VAL E 48 13.35 -20.87 -7.32
C VAL E 48 12.37 -20.58 -8.44
N GLN E 49 11.93 -21.62 -9.11
CA GLN E 49 11.02 -21.43 -10.23
C GLN E 49 9.68 -20.77 -9.86
N ASN E 50 9.08 -21.13 -8.71
CA ASN E 50 7.73 -20.60 -8.37
C ASN E 50 7.73 -19.53 -7.26
N ALA E 51 8.77 -18.68 -7.19
CA ALA E 51 8.85 -17.68 -6.12
C ALA E 51 9.08 -16.18 -6.52
N ASN E 52 7.98 -15.39 -6.80
CA ASN E 52 8.14 -13.89 -6.92
C ASN E 52 9.30 -13.37 -7.78
N PRO E 53 9.13 -13.01 -9.04
CA PRO E 53 10.27 -12.57 -9.91
C PRO E 53 11.30 -11.63 -9.23
N ASP E 54 10.93 -10.89 -8.15
CA ASP E 54 11.91 -10.03 -7.47
C ASP E 54 13.04 -10.86 -6.90
N CYS E 55 12.67 -11.99 -6.32
CA CYS E 55 13.68 -12.86 -5.72
C CYS E 55 14.07 -13.86 -6.73
N LYS E 56 13.17 -14.24 -7.62
CA LYS E 56 13.54 -15.23 -8.61
C LYS E 56 14.72 -14.72 -9.38
N THR E 57 14.79 -13.40 -9.54
CA THR E 57 15.92 -12.83 -10.25
C THR E 57 17.15 -12.79 -9.31
N ILE E 58 16.91 -12.78 -7.99
CA ILE E 58 17.98 -12.77 -6.94
C ILE E 58 18.63 -14.16 -6.79
N LEU E 59 17.81 -15.21 -6.75
CA LEU E 59 18.34 -16.53 -6.69
C LEU E 59 19.21 -16.69 -7.94
N LYS E 60 18.86 -15.95 -9.04
CA LYS E 60 19.66 -15.98 -10.29
C LYS E 60 20.83 -14.99 -10.22
N ALA E 61 20.69 -13.88 -9.46
CA ALA E 61 21.79 -12.90 -9.33
C ALA E 61 22.97 -13.43 -8.47
N LEU E 62 22.64 -14.09 -7.33
CA LEU E 62 23.64 -14.68 -6.44
C LEU E 62 24.39 -15.75 -7.22
N GLY E 63 23.63 -16.45 -8.02
CA GLY E 63 24.17 -17.50 -8.83
C GLY E 63 23.99 -18.82 -8.10
N PRO E 64 23.72 -19.91 -8.77
CA PRO E 64 23.54 -21.21 -8.07
C PRO E 64 24.76 -21.59 -7.25
N GLY E 65 24.48 -22.48 -6.31
CA GLY E 65 25.44 -22.95 -5.33
C GLY E 65 25.34 -22.07 -4.08
N ALA E 66 24.77 -20.86 -4.23
CA ALA E 66 24.59 -19.98 -3.10
C ALA E 66 23.69 -20.70 -2.11
N THR E 67 24.12 -20.76 -0.89
CA THR E 67 23.31 -21.42 0.09
C THR E 67 22.09 -20.57 0.31
N LEU E 68 21.06 -21.14 0.91
CA LEU E 68 19.88 -20.37 1.19
C LEU E 68 20.24 -19.25 2.14
N GLU E 69 21.34 -19.43 2.88
CA GLU E 69 21.78 -18.41 3.76
C GLU E 69 22.02 -17.18 2.87
N GLU E 70 22.52 -17.43 1.66
CA GLU E 70 22.71 -16.35 0.73
C GLU E 70 21.35 -15.96 0.13
N MET E 71 20.59 -16.92 -0.49
CA MET E 71 19.27 -16.58 -1.10
C MET E 71 18.47 -15.81 -0.13
N MET E 72 18.09 -16.44 0.95
CA MET E 72 17.28 -15.79 1.98
C MET E 72 17.77 -14.39 2.34
N THR E 73 19.08 -14.14 2.32
CA THR E 73 19.58 -12.82 2.71
C THR E 73 19.34 -11.83 1.58
N ALA E 74 19.71 -12.25 0.39
CA ALA E 74 19.60 -11.47 -0.83
C ALA E 74 18.15 -11.14 -1.15
N CYS E 75 17.30 -12.09 -0.84
CA CYS E 75 15.90 -11.95 -1.06
C CYS E 75 15.32 -10.98 -0.05
N GLN E 76 16.02 -10.71 1.08
CA GLN E 76 15.49 -9.73 2.05
C GLN E 76 15.38 -8.40 1.37
N GLY E 77 16.33 -8.15 0.44
CA GLY E 77 16.32 -6.90 -0.32
C GLY E 77 15.03 -6.80 -1.12
N VAL E 78 14.37 -7.94 -1.37
CA VAL E 78 13.05 -7.91 -2.05
C VAL E 78 12.24 -7.06 -1.16
N GLY E 79 11.40 -6.14 -1.70
CA GLY E 79 10.90 -5.15 -0.74
C GLY E 79 10.89 -3.80 -1.41
N GLY E 80 10.33 -2.71 -0.85
CA GLY E 80 10.32 -1.58 -1.74
C GLY E 80 11.61 -0.73 -1.85
N PRO E 81 12.12 -0.25 -0.78
CA PRO E 81 13.34 0.62 -0.81
C PRO E 81 14.54 -0.10 -1.36
N GLY E 82 14.60 -1.40 -1.11
CA GLY E 82 15.74 -2.15 -1.57
C GLY E 82 15.60 -2.63 -3.00
N HIS E 83 14.61 -3.50 -3.28
CA HIS E 83 14.47 -4.06 -4.62
C HIS E 83 13.64 -3.18 -5.57
N LYS E 84 12.53 -2.56 -5.10
CA LYS E 84 11.75 -1.66 -6.01
C LYS E 84 12.50 -0.37 -6.31
N ALA E 85 13.21 0.18 -5.34
CA ALA E 85 13.90 1.44 -5.55
C ALA E 85 15.00 1.33 -6.59
N ARG E 86 15.74 0.23 -6.57
CA ARG E 86 16.85 0.05 -7.50
C ARG E 86 16.33 -0.06 -8.92
N VAL E 87 15.32 -0.89 -9.10
CA VAL E 87 14.74 -1.10 -10.41
C VAL E 87 14.01 0.18 -10.92
N LEU E 88 13.19 0.83 -10.06
CA LEU E 88 12.48 2.04 -10.48
C LEU E 88 13.51 3.02 -11.04
N ALA E 89 14.70 2.99 -10.43
CA ALA E 89 15.82 3.83 -10.89
C ALA E 89 16.36 3.39 -12.27
N GLU E 90 16.37 2.08 -12.54
CA GLU E 90 16.91 1.54 -13.80
C GLU E 90 15.89 1.49 -14.96
N ALA E 91 14.75 0.83 -14.75
CA ALA E 91 13.76 0.69 -15.81
C ALA E 91 13.27 2.05 -16.31
N MET E 92 13.00 2.96 -15.39
CA MET E 92 12.53 4.30 -15.79
C MET E 92 13.59 5.04 -16.59
N SER E 93 14.85 4.89 -16.18
CA SER E 93 15.94 5.60 -16.84
C SER E 93 16.39 4.92 -18.13
N GLN E 94 15.90 3.70 -18.39
CA GLN E 94 16.22 2.97 -19.60
C GLN E 94 15.37 3.44 -20.77
N VAL E 95 14.05 3.45 -20.56
CA VAL E 95 13.12 3.92 -21.57
C VAL E 95 13.29 5.43 -21.92
N THR E 96 14.12 6.15 -21.10
CA THR E 96 14.62 7.57 -21.21
C THR E 96 15.50 7.83 -22.49
N ASN E 97 15.16 7.18 -23.64
CA ASN E 97 15.89 6.97 -24.91
C ASN E 97 17.09 7.82 -25.33
N THR E 98 17.40 8.98 -24.77
CA THR E 98 18.68 9.61 -25.12
C THR E 98 19.80 8.56 -24.77
N ALA E 99 19.50 7.69 -23.77
CA ALA E 99 20.34 6.59 -23.32
C ALA E 99 19.76 5.26 -23.84
N THR E 100 19.20 5.29 -25.06
CA THR E 100 18.53 4.09 -25.61
C THR E 100 19.48 2.91 -25.69
N ILE E 101 18.94 1.76 -25.33
CA ILE E 101 19.71 0.53 -25.30
C ILE E 101 19.56 -0.25 -26.62
N MET E 102 20.70 -0.55 -27.25
CA MET E 102 20.70 -1.30 -28.50
C MET E 102 20.42 -2.77 -28.24
N GLY F 1 -19.47 -27.12 -10.88
CA GLY F 1 -19.02 -25.90 -11.56
C GLY F 1 -20.18 -25.01 -12.01
N GLY F 2 -20.04 -23.71 -11.83
CA GLY F 2 -21.07 -22.77 -12.25
C GLY F 2 -22.21 -22.56 -11.23
N SER F 3 -21.94 -22.67 -9.92
CA SER F 3 -22.98 -22.34 -8.92
C SER F 3 -23.02 -20.84 -8.98
N PRO F 4 -24.01 -20.18 -8.45
CA PRO F 4 -23.93 -18.71 -8.37
C PRO F 4 -22.71 -18.49 -7.47
N THR F 5 -21.86 -17.50 -7.77
CA THR F 5 -20.59 -17.26 -7.00
C THR F 5 -19.43 -18.18 -7.44
N SER F 6 -19.69 -19.16 -8.28
CA SER F 6 -18.62 -20.07 -8.59
C SER F 6 -17.76 -19.68 -9.75
N ILE F 7 -18.37 -19.44 -10.92
CA ILE F 7 -17.70 -19.11 -12.19
C ILE F 7 -18.42 -18.09 -13.07
N LEU F 8 -19.72 -18.13 -13.08
CA LEU F 8 -20.47 -17.20 -13.88
C LEU F 8 -20.05 -15.82 -13.49
N ASP F 9 -19.78 -15.55 -12.10
CA ASP F 9 -19.19 -14.27 -11.85
C ASP F 9 -17.77 -14.40 -11.29
N ILE F 10 -17.01 -15.56 -11.41
CA ILE F 10 -15.81 -15.50 -10.58
C ILE F 10 -14.76 -14.52 -11.08
N ARG F 11 -14.43 -13.50 -10.27
CA ARG F 11 -13.47 -12.47 -10.70
C ARG F 11 -12.33 -12.18 -9.68
N GLN F 12 -11.18 -11.78 -10.26
CA GLN F 12 -9.90 -11.50 -9.53
C GLN F 12 -9.69 -9.99 -9.24
N GLY F 13 -8.94 -9.69 -8.15
CA GLY F 13 -8.66 -8.29 -7.74
C GLY F 13 -7.80 -7.51 -8.74
N PRO F 14 -7.56 -6.17 -8.61
CA PRO F 14 -6.70 -5.51 -9.63
C PRO F 14 -5.27 -5.99 -9.39
N LYS F 15 -4.96 -6.14 -8.09
CA LYS F 15 -3.64 -6.58 -7.62
C LYS F 15 -3.62 -8.08 -7.29
N GLU F 16 -4.80 -8.66 -7.04
CA GLU F 16 -4.88 -10.05 -6.62
C GLU F 16 -4.06 -10.91 -7.57
N PRO F 17 -3.25 -11.83 -7.09
CA PRO F 17 -2.44 -12.65 -8.00
C PRO F 17 -3.18 -13.78 -8.62
N PHE F 18 -2.50 -14.37 -9.62
CA PHE F 18 -2.97 -15.52 -10.36
C PHE F 18 -3.21 -16.73 -9.39
N ARG F 19 -2.72 -16.64 -8.12
CA ARG F 19 -2.89 -17.70 -7.13
C ARG F 19 -4.23 -17.61 -6.36
N ASP F 20 -4.52 -16.47 -5.72
CA ASP F 20 -5.76 -16.39 -4.94
C ASP F 20 -7.00 -16.56 -5.82
N TYR F 21 -7.07 -15.80 -6.91
CA TYR F 21 -8.25 -15.92 -7.78
C TYR F 21 -8.42 -17.32 -8.32
N VAL F 22 -7.33 -17.92 -8.73
CA VAL F 22 -7.39 -19.26 -9.30
C VAL F 22 -7.80 -20.39 -8.26
N ASP F 23 -7.40 -20.23 -6.97
CA ASP F 23 -7.79 -21.22 -5.95
C ASP F 23 -9.30 -21.07 -5.67
N ARG F 24 -9.77 -19.79 -5.71
CA ARG F 24 -11.18 -19.46 -5.48
C ARG F 24 -12.07 -20.16 -6.51
N PHE F 25 -11.87 -19.71 -7.76
CA PHE F 25 -12.55 -20.20 -8.95
C PHE F 25 -12.52 -21.71 -9.05
N TYR F 26 -11.49 -22.34 -8.42
CA TYR F 26 -11.37 -23.80 -8.47
C TYR F 26 -12.19 -24.48 -7.40
N LYS F 27 -11.97 -24.07 -6.16
CA LYS F 27 -12.68 -24.60 -4.99
C LYS F 27 -14.18 -24.41 -5.12
N THR F 28 -14.58 -23.28 -5.65
CA THR F 28 -16.00 -22.96 -5.79
C THR F 28 -16.68 -23.65 -6.97
N LEU F 29 -15.93 -24.18 -7.96
CA LEU F 29 -16.63 -24.93 -9.00
C LEU F 29 -17.31 -26.09 -8.28
N ARG F 30 -16.56 -26.70 -7.32
CA ARG F 30 -17.08 -27.81 -6.54
C ARG F 30 -18.38 -27.43 -5.83
N ALA F 31 -18.66 -26.15 -5.73
CA ALA F 31 -19.85 -25.73 -5.06
C ALA F 31 -21.10 -26.20 -5.81
N GLU F 32 -21.08 -26.26 -7.18
CA GLU F 32 -22.30 -26.71 -7.86
C GLU F 32 -21.89 -28.08 -8.41
N GLN F 33 -22.83 -29.02 -8.62
CA GLN F 33 -22.43 -30.33 -9.14
C GLN F 33 -22.59 -30.41 -10.67
N ALA F 34 -21.69 -29.74 -11.44
CA ALA F 34 -21.77 -29.75 -12.93
C ALA F 34 -21.14 -31.01 -13.53
N SER F 35 -21.30 -31.16 -14.86
CA SER F 35 -20.75 -32.30 -15.60
C SER F 35 -19.22 -32.18 -15.69
N GLN F 36 -18.54 -33.32 -15.80
CA GLN F 36 -17.08 -33.29 -15.85
C GLN F 36 -16.61 -32.31 -16.94
N GLU F 37 -17.21 -32.41 -18.14
CA GLU F 37 -16.87 -31.48 -19.23
C GLU F 37 -17.41 -30.08 -18.94
N VAL F 38 -18.61 -29.96 -18.40
CA VAL F 38 -19.14 -28.64 -18.11
C VAL F 38 -18.18 -27.88 -17.20
N LYS F 39 -17.58 -28.52 -16.22
CA LYS F 39 -16.63 -27.83 -15.36
C LYS F 39 -15.34 -27.50 -16.10
N ASN F 40 -14.82 -28.46 -16.90
CA ASN F 40 -13.55 -28.22 -17.62
C ASN F 40 -13.71 -26.99 -18.50
N TRP F 41 -14.80 -27.03 -19.24
CA TRP F 41 -15.29 -25.98 -20.14
C TRP F 41 -15.23 -24.63 -19.41
N MET F 42 -15.66 -24.60 -18.13
CA MET F 42 -15.55 -23.38 -17.34
C MET F 42 -14.06 -23.06 -17.08
N THR F 43 -13.32 -24.07 -16.62
CA THR F 43 -11.92 -23.87 -16.26
C THR F 43 -11.04 -23.39 -17.38
N GLU F 44 -11.42 -23.64 -18.63
CA GLU F 44 -10.59 -23.14 -19.73
C GLU F 44 -11.02 -21.74 -20.13
N THR F 45 -12.26 -21.65 -20.62
CA THR F 45 -12.87 -20.39 -21.10
C THR F 45 -13.06 -19.29 -20.04
N LEU F 46 -13.53 -19.65 -18.85
CA LEU F 46 -13.82 -18.62 -17.83
C LEU F 46 -12.60 -18.18 -17.10
N LEU F 47 -11.65 -19.07 -16.92
CA LEU F 47 -10.47 -18.70 -16.19
C LEU F 47 -9.80 -17.51 -16.85
N VAL F 48 -9.78 -17.49 -18.18
CA VAL F 48 -9.14 -16.41 -18.86
C VAL F 48 -10.07 -15.18 -19.07
N GLN F 49 -11.38 -15.42 -19.18
CA GLN F 49 -12.32 -14.29 -19.44
C GLN F 49 -12.58 -13.36 -18.25
N ASN F 50 -12.82 -13.93 -17.10
CA ASN F 50 -13.16 -13.15 -15.92
C ASN F 50 -11.99 -13.04 -14.95
N ALA F 51 -10.73 -12.97 -15.46
CA ALA F 51 -9.56 -12.96 -14.54
C ALA F 51 -8.59 -11.75 -14.52
N ASN F 52 -8.91 -10.62 -13.75
CA ASN F 52 -7.88 -9.55 -13.51
C ASN F 52 -7.17 -9.05 -14.75
N PRO F 53 -7.58 -7.99 -15.40
CA PRO F 53 -6.95 -7.55 -16.69
C PRO F 53 -5.42 -7.64 -16.72
N ASP F 54 -4.73 -7.61 -15.56
CA ASP F 54 -3.26 -7.76 -15.58
C ASP F 54 -2.87 -9.10 -16.14
N CYS F 55 -3.26 -10.18 -15.41
CA CYS F 55 -2.94 -11.53 -15.84
C CYS F 55 -3.77 -11.93 -17.02
N LYS F 56 -4.99 -11.42 -17.11
CA LYS F 56 -5.82 -11.76 -18.24
C LYS F 56 -5.11 -11.39 -19.51
N THR F 57 -4.43 -10.25 -19.52
CA THR F 57 -3.68 -9.88 -20.69
C THR F 57 -2.50 -10.87 -20.85
N ILE F 58 -1.95 -11.36 -19.72
CA ILE F 58 -0.84 -12.33 -19.79
C ILE F 58 -1.27 -13.66 -20.43
N LEU F 59 -2.39 -14.24 -19.98
CA LEU F 59 -2.80 -15.53 -20.54
C LEU F 59 -2.97 -15.41 -22.05
N LYS F 60 -3.59 -14.33 -22.52
CA LYS F 60 -3.78 -14.16 -23.96
C LYS F 60 -2.41 -14.10 -24.65
N ALA F 61 -1.51 -13.34 -24.03
CA ALA F 61 -0.15 -13.17 -24.53
C ALA F 61 0.64 -14.48 -24.58
N LEU F 62 0.50 -15.35 -23.58
CA LEU F 62 1.24 -16.60 -23.63
C LEU F 62 0.83 -17.32 -24.89
N GLY F 63 -0.45 -17.21 -25.18
CA GLY F 63 -1.00 -17.86 -26.35
C GLY F 63 -1.83 -19.04 -25.88
N PRO F 64 -3.05 -19.24 -26.34
CA PRO F 64 -3.86 -20.42 -25.87
C PRO F 64 -3.11 -21.73 -26.09
N GLY F 65 -3.61 -22.80 -25.48
CA GLY F 65 -2.92 -24.07 -25.56
C GLY F 65 -1.94 -24.22 -24.37
N ALA F 66 -1.69 -23.12 -23.64
CA ALA F 66 -0.83 -23.19 -22.48
C ALA F 66 -1.61 -23.73 -21.31
N THR F 67 -0.93 -24.45 -20.44
CA THR F 67 -1.60 -25.02 -19.28
C THR F 67 -1.64 -24.04 -18.10
N LEU F 68 -2.26 -24.47 -17.02
CA LEU F 68 -2.29 -23.65 -15.83
C LEU F 68 -0.93 -23.56 -15.26
N GLU F 69 -0.13 -24.60 -15.45
CA GLU F 69 1.19 -24.57 -14.95
C GLU F 69 1.90 -23.47 -15.75
N GLU F 70 1.53 -23.36 -17.06
CA GLU F 70 2.15 -22.35 -17.93
C GLU F 70 1.72 -20.93 -17.60
N MET F 71 0.44 -20.73 -17.38
CA MET F 71 -0.07 -19.42 -16.99
C MET F 71 0.43 -19.15 -15.57
N MET F 72 0.62 -20.21 -14.78
CA MET F 72 1.11 -20.06 -13.41
C MET F 72 2.51 -19.45 -13.36
N THR F 73 3.48 -20.05 -14.06
CA THR F 73 4.87 -19.49 -14.05
C THR F 73 4.89 -18.06 -14.59
N ALA F 74 4.21 -17.90 -15.71
CA ALA F 74 4.14 -16.62 -16.40
C ALA F 74 3.48 -15.52 -15.62
N CYS F 75 2.39 -15.86 -14.92
CA CYS F 75 1.62 -14.86 -14.20
C CYS F 75 2.06 -14.70 -12.78
N GLN F 76 3.30 -15.08 -12.47
CA GLN F 76 3.80 -14.90 -11.12
C GLN F 76 4.04 -13.44 -10.77
N GLY F 77 4.61 -12.70 -11.71
CA GLY F 77 4.98 -11.31 -11.44
C GLY F 77 3.83 -10.33 -11.21
N VAL F 78 2.59 -10.72 -11.71
CA VAL F 78 1.36 -9.84 -11.65
C VAL F 78 1.37 -9.24 -10.30
N GLY F 79 1.20 -7.89 -10.15
CA GLY F 79 1.60 -7.38 -8.84
C GLY F 79 2.43 -6.16 -9.06
N GLY F 80 2.92 -5.42 -8.03
CA GLY F 80 3.62 -4.22 -8.45
C GLY F 80 5.15 -4.24 -8.69
N PRO F 81 5.94 -4.66 -7.75
CA PRO F 81 7.44 -4.64 -7.92
C PRO F 81 7.95 -5.28 -9.24
N GLY F 82 7.45 -6.49 -9.55
CA GLY F 82 7.87 -7.19 -10.75
C GLY F 82 7.09 -6.80 -11.99
N HIS F 83 5.78 -7.01 -11.99
CA HIS F 83 5.02 -6.71 -13.18
C HIS F 83 4.92 -5.21 -13.42
N LYS F 84 4.50 -4.43 -12.41
CA LYS F 84 4.35 -2.99 -12.65
C LYS F 84 5.66 -2.30 -12.91
N ALA F 85 6.78 -2.82 -12.40
CA ALA F 85 8.06 -2.14 -12.68
C ALA F 85 8.28 -2.05 -14.20
N ARG F 86 7.96 -3.14 -14.88
CA ARG F 86 8.10 -3.21 -16.34
C ARG F 86 7.03 -2.39 -17.06
N VAL F 87 5.77 -2.46 -16.60
CA VAL F 87 4.69 -1.72 -17.25
C VAL F 87 4.87 -0.22 -17.10
N LEU F 88 5.47 0.19 -15.99
CA LEU F 88 5.61 1.61 -15.76
C LEU F 88 6.49 2.25 -16.81
N ALA F 89 7.78 1.91 -16.79
CA ALA F 89 8.72 2.48 -17.77
C ALA F 89 8.20 2.32 -19.21
N GLU F 90 7.60 1.17 -19.52
CA GLU F 90 7.09 0.95 -20.87
C GLU F 90 5.88 1.81 -21.25
N ALA F 91 4.92 1.98 -20.38
CA ALA F 91 3.74 2.77 -20.74
C ALA F 91 4.00 4.26 -20.46
N MET F 92 4.46 4.54 -19.25
CA MET F 92 4.73 5.91 -18.82
C MET F 92 5.80 6.60 -19.68
N SER F 93 6.86 5.91 -20.09
CA SER F 93 7.88 6.62 -20.88
C SER F 93 7.56 6.58 -22.40
N GLN F 94 6.64 5.71 -22.80
CA GLN F 94 6.25 5.62 -24.20
C GLN F 94 5.42 6.84 -24.55
N VAL F 95 4.63 7.26 -23.60
CA VAL F 95 3.74 8.40 -23.78
C VAL F 95 4.41 9.74 -23.46
N THR F 96 5.54 9.76 -22.77
CA THR F 96 6.10 11.08 -22.47
C THR F 96 6.71 11.75 -23.72
N ASN F 97 7.70 11.12 -24.35
CA ASN F 97 8.31 11.67 -25.57
C ASN F 97 7.64 11.16 -26.85
N THR F 98 7.42 9.85 -26.83
CA THR F 98 6.85 9.09 -27.94
C THR F 98 5.33 9.17 -28.02
N ALA F 99 4.72 10.16 -27.37
CA ALA F 99 3.26 10.26 -27.37
C ALA F 99 2.72 10.19 -28.79
N THR F 100 3.47 10.66 -29.76
CA THR F 100 3.00 10.56 -31.11
C THR F 100 3.26 9.15 -31.62
N ILE F 101 2.19 8.40 -31.81
CA ILE F 101 2.30 7.02 -32.27
C ILE F 101 1.44 6.82 -33.51
N MET F 102 2.03 6.31 -34.58
CA MET F 102 1.29 6.08 -35.82
C MET F 102 0.45 4.82 -35.71
C1 A1CCY G . 5.51 8.57 -2.89
C2 A1CCY G . 6.40 7.68 -3.41
C3 A1CCY G . 6.82 6.63 -2.57
C4 A1CCY G . 6.35 6.50 -1.28
C5 A1CCY G . 5.39 7.39 -0.79
C6 A1CCY G . 4.97 8.43 -1.55
C7 A1CCY G . 4.01 9.57 -1.20
C9 A1CCY G . 4.82 9.74 -3.49
N10 A1CCY G . 2.94 11.25 -2.77
C13 A1CCY G . 1.27 10.42 -4.46
C15 A1CCY G . 1.73 10.15 -6.87
C16 A1CCY G . 0.86 9.11 -7.00
C17 A1CCY G . 0.19 8.66 -5.83
C18 A1CCY G . 0.40 9.24 -4.59
C19 A1CCY G . 0.52 8.36 -8.27
C20 A1CCY G . 0.63 6.87 -8.03
C21 A1CCY G . 1.35 8.75 -9.52
C22 A1CCY G . -0.96 8.61 -8.53
C24 A1CCY G . -0.96 12.19 -1.51
C25 A1CCY G . -2.34 11.80 -1.28
C26 A1CCY G . -3.27 11.97 -2.24
C27 A1CCY G . -2.87 12.39 -3.45
C28 A1CCY G . -1.55 12.61 -3.71
C30 A1CCY G . -2.66 11.09 0.01
C11 A1CCY G . 1.51 11.18 -3.09
C14 A1CCY G . 1.99 10.77 -5.64
C12 A1CCY G . 0.92 12.60 -3.03
N23 A1CCY G . -0.60 12.63 -2.76
O29 A1CCY G . -0.06 12.20 -0.63
F31 A1CCY G . -1.86 10.14 0.27
F32 A1CCY G . -2.66 11.99 1.03
F33 A1CCY G . -3.86 10.52 0.01
C8 A1CCY G . 3.59 9.90 -2.62
H2 A1CCY G . 6.81 7.92 -4.37
H3 A1CCY G . 7.61 5.94 -2.84
H4 A1CCY G . 6.70 5.65 -0.69
H5 A1CCY G . 4.91 7.28 0.17
H7B A1CCY G . 3.15 9.33 -0.56
H7A A1CCY G . 4.45 10.47 -0.73
H9A A1CCY G . 4.60 9.53 -4.55
H9B A1CCY G . 5.46 10.62 -3.35
H1 A1CCY G . 3.18 11.78 -1.93
H15 A1CCY G . 2.32 10.52 -7.70
H17 A1CCY G . -0.49 7.82 -5.76
H18 A1CCY G . -0.21 8.93 -3.75
H20B A1CCY G . 1.68 6.61 -7.80
H20C A1CCY G . 0.24 6.31 -8.92
H20A A1CCY G . 0.10 6.50 -7.13
H21C A1CCY G . 2.40 8.47 -9.36
H21A A1CCY G . 1.17 9.80 -9.86
H21B A1CCY G . 1.11 8.08 -10.37
H22B A1CCY G . -1.02 9.58 -9.08
H22C A1CCY G . -1.60 8.58 -7.62
H22A A1CCY G . -1.34 7.90 -9.29
H26 A1CCY G . -4.24 11.47 -2.17
H27 A1CCY G . -3.54 12.24 -4.30
H28 A1CCY G . -1.14 12.76 -4.71
H11 A1CCY G . 0.99 10.46 -2.40
H14 A1CCY G . 2.76 11.54 -5.63
H12B A1CCY G . 0.92 13.18 -3.97
H12A A1CCY G . 1.36 13.26 -2.25
H8 A1CCY G . 2.93 9.05 -2.83
C1 IHP H . -1.79 2.98 -2.20
C2 IHP H . -1.91 3.32 -0.67
C3 IHP H . -0.56 3.04 0.02
C4 IHP H . 0.48 3.91 -0.59
C5 IHP H . 0.66 3.26 -2.02
C6 IHP H . -0.65 3.74 -2.86
O11 IHP H . -3.06 3.23 -2.87
P1 IHP H . -4.07 1.97 -3.17
O21 IHP H . -3.50 0.80 -2.42
O31 IHP H . -5.52 2.40 -2.78
O41 IHP H . -3.96 1.79 -4.63
O12 IHP H . -2.23 4.75 -0.51
P2 IHP H . -3.46 5.21 0.38
O22 IHP H . -4.42 4.04 0.67
O32 IHP H . -4.16 6.28 -0.37
O42 IHP H . -2.95 5.71 1.65
O13 IHP H . -0.68 3.26 1.36
P3 IHP H . -0.18 2.24 2.45
O23 IHP H . -1.39 1.60 3.08
O33 IHP H . 0.82 1.29 1.80
O43 IHP H . 0.47 3.19 3.44
O14 IHP H . 1.67 3.85 0.18
P4 IHP H . 2.65 5.07 0.55
O24 IHP H . 3.33 5.48 -0.75
O34 IHP H . 2.02 6.24 1.25
O44 IHP H . 3.71 4.50 1.48
O15 IHP H . 1.92 3.59 -2.60
P5 IHP H . 3.07 2.50 -2.82
O25 IHP H . 4.11 3.33 -3.58
O35 IHP H . 2.49 1.32 -3.54
O45 IHP H . 3.53 2.03 -1.49
O16 IHP H . -0.49 3.30 -4.25
P6 IHP H . -0.37 4.18 -5.50
O26 IHP H . 0.75 5.19 -5.38
O36 IHP H . 0.06 3.14 -6.53
O46 IHP H . -1.65 4.88 -5.81
H1 IHP H . -1.37 1.96 -2.26
H2 IHP H . -2.56 2.56 -0.19
H3 IHP H . -0.33 1.98 -0.22
H4 IHP H . 0.06 4.93 -0.71
H5 IHP H . 0.48 2.17 -1.99
H6 IHP H . -0.77 4.84 -2.74
#